data_9EH1
#
_entry.id   9EH1
#
_cell.length_a   1.00
_cell.length_b   1.00
_cell.length_c   1.00
_cell.angle_alpha   90.00
_cell.angle_beta   90.00
_cell.angle_gamma   90.00
#
_symmetry.space_group_name_H-M   'P 1'
#
loop_
_entity.id
_entity.type
_entity.pdbx_description
1 polymer 'DNA-directed RNA polymerase subunit'
2 polymer 'DNA-directed RNA polymerase subunit beta'
3 polymer 'DNA-directed RNA polymerase II subunit RPB3'
4 polymer 'RNA polymerase Rpb4/RPC9 core domain-containing protein'
5 polymer 'DNA-directed RNA polymerase II subunit E'
6 polymer 'DNA-directed RNA polymerases I, II, and III subunit RPABC2'
7 polymer 'DNA-directed RNA polymerase subunit'
8 polymer 'DNA-directed RNA polymerases I, II, and III subunit RPABC3'
9 polymer 'DNA-directed RNA polymerase II subunit RPB9'
10 polymer 'DNA-directed RNA polymerase I, II, and III subunit RPABC5'
11 polymer 'DNA-directed RNA polymerase II subunit RPB11-a'
12 polymer 'RNA polymerase II subunit K'
13 polymer 'Transcription elongation factor SPT6'
14 polymer 'Non-template DNA'
15 polymer 'Protein IWS1 homolog'
16 polymer RNA
17 polymer 'RNA polymerase-associated protein CTR9 homolog'
18 polymer 'RNA polymerase-associated protein RTF1 homolog'
19 polymer 'Transcription elongation factor A protein 1'
20 polymer 'Template DNA'
21 polymer 'RNA polymerase-associated protein LEO1'
22 polymer 'RNA polymerase II-associated factor 1 homolog'
23 polymer 'Superkiller complex protein 8, N-terminally processed'
24 polymer Parafibromin
25 polymer 'Transcription elongation factor SPT4'
26 polymer 'Transcription elongation factor SPT5'
27 polymer 'Histone H3'
28 polymer 'Histone H4'
29 polymer 'Histone H2A type 1'
30 polymer 'Histone H2B 1.1'
31 polymer 'Histone-lysine N-methyltransferase SETD2'
32 non-polymer 'ZINC ION'
33 non-polymer 'MAGNESIUM ION'
#
loop_
_entity_poly.entity_id
_entity_poly.type
_entity_poly.pdbx_seq_one_letter_code
_entity_poly.pdbx_strand_id
1 'polypeptide(L)'
;DSACPLRTIKRVQFGVLSPDELKRMSVTEGGIKYPETTEGGRPKLGGLMDPRQGVIERTGRCQTCAGNMTECPGHFGHIE
LAKPVFHVGFLVKTMKVLRCVCFFCSKLLVDSNNPKIKDILAKSKGQPKKRLTHVYDLCKGKNICEGGEEMDNKFGVEQP
EGDEDLTKEKGHGGCGRYQPRIRRSGLELYAEWKHVNEDSQEKKILLSPERVHEIFKRISDEECFVLGMEPRYARPEWMI
VTVLPVPPLSVRPAVVMQGSARNQDDLTHKLADIVKINNQLRRNEQNGAAAHVIAEDVKLLQFHVATMVDNELPGLPRAM
QKSGRPLKSLKQRLKGKEGRVRGNLMGKRVDFSARTVITPDPNLSIDQVGVPRSIAANMTFAEIVTPFNIDRLQELVRRG
NSQYPGAKYIIRDNGDRIDLRFHPKPSDLHLQTGYKVERHMCDGDIVIFNRQPTLHKMSMMGHRVRILPWSTFRLNLSVT
TPYNADFDGDEMNLHLPQSLETRAEIQELAMVPRMIVTPQSNRPVMGIVQDTLTAVRKFTKRDVFLERGEVMNLLMFLST
WDGKVPQPAILKPRPLWTGKQIFSLIIPGHINCIRTHSTHPDDEDSGPYKHISPGDTKVVVENGELIMGILCKKSLGTSA
GSLVHISYLEMGHDITRLFYSNIQTVINNWLLIEGHTIGIGDSIADSKTYQDIQNTIKKAKQDVIEVIEKAHNNELEPTP
GNTLRQTFENQVNRILNDARDKTGSSAQKSLSEYNNFKSMVVSGAKGSKINISQVIAVVGQQNVEGKRIPFGFKHRTLPH
FIKDDYGPESRGFVENSYLAGLTPTEFFFHAMGGREGLIDTAVKTAETGYIQRRLIKSMESVMVKYDATVRNSINQVVQL
RYGEDGLAGESVEFQNLATLKPSNKAFEKKFRFDYTNERALRRTLQEDLVKDVLSNAHIQNELEREFERMREDREVLRVI
FPTGDSKVVLPCNLLRMIWNAQKIFHINPRLPSDLHPIKVVEGVKELSKKLVIVNGDDPLSRQAQENATLLFNIHLRSTL
CSRRMAEEFRLSGEAFDWLLGEIESKFNQAIAHPGEMVGALAAQSLGEPATQMTLNTFHYAGVSAKNVTLGVPRLKELIN
ISKKPKTPSLTVFLLGQSARDAERAKDILCRLEHTTLRKVTANTAIYYDPNPQSTVVAEDQEWVNVYYEMPDFDVARISP
WLLRVELDRKHMTDRKLTMEQIAEKINAGFGDDLNCIFNDDNAEKLVLRIRIMNSDENKMQEEEEVVDKMDDDVFLRCIE
SNMLTDMTLQGIEQISKVYMHLPQTDNKKKIIITEDGEFKALQEWILETDGVSLMRVLSEKDVDPVRTTSNDIVEIFTVL
GIEAVRKALERELYHVISFDGSYVNYRHLALLCDTMTCRGHLMAITRHGVNRQDTGPLMKCSFEETVDVLMEAAAHGESD
PMKGVSENIMLGQLAPAGTGCFDLLLDAEKCKYGMEIPTNIPGLGAAGPTGMFFGSAPSPMGGISPAMTPWNQGA(TPO)
PAYGAWSPSVGSGMTPGAAGF(SEP)PSAASD
;
A
2 'polypeptide(L)'
;EITPDLWQEACWIVISSYFDEKGLVRQQLDSFDEFIQMSVQRIVEDAPPIDLQAEAQHASGEVEEPPRYLLKFEQIYLSK
PTHWERDGAPSPMMPNEARLRNLTYSAPLYVDITKTVIKEGEEQLQTQHQKTFIGKIPIMLRSTYCLLNGLTDRDLCELN
ECPLDPGGYFIINGSEKVLIAQEKMATNTVYVFAKKDSKYAYTGECRSCLENSSRPTSTIWVSMLARGGQGAKKSAIGQR
IVATLPYIKQEVPIIIVFRALGFVSDRDILEHIIYDFEDPEMMEMVKPSLDEAFVIQEQNVALNFIGSRGAKPGVTKEKR
IKYAKEVLQKEMLPHVGVSDFCETKKAYFLGYMVHRLLLAALGRRELDDRDHYGNKRLDLAGPLLAFLFRGMFKNLLKEV
RIYAQKFIDRGKDFNLELAIKTRIISDGLKYSLATGNWGDQKKAHQARAGVSQVLNRLTFASTLSHLRRLNSPIGRDGKL
AKPRQLHNTLWGMVCPAETPEGHAVGLVKNLALMAYISVGSQPSPILEFLEEWSMENLEEISPAAIADATKIFVNGCWVG
IHKDPEQLMNTLRKLRRQMDIIVSEVSMIRDIREREIRIYTDAGRICRPLLIVEKQKLLLKKRHIDQLKEREYNNYSWQD
LVASGVVEYIDTLEEETVMLAMTPDDLQEKEVAYCSTYTHCEIHPSMILGVCASIIPFPDHNQSPRNTYQSAMGKQAMGV
YITNFHVRMDTLAHVLYYPQKPLVTTRSMEYLRFRELPAGINSIVAIASYTGYNQEDSVIMNRSAVDRGFFRSVFYRSYK
EQESKKGFDQEEVFEKPTRETCQGMRHAIYDKLDDDGLIAPGVRVSGDDVIIGKTVTLPENEDELEGTNRRYTKRDCSTF
LRTSETGIVDQVMVTLNQEGYKFCKIRVRSVRIPQIGDKFASRHGQKGTCGIQYRQEDMPFTCEGITPDIIINPHAIPSR
MTIGHLIECLQGKVSANKGEIGDATPFNDAVNVQKISNLLSDYGYHLRGNEVLYNGFTGRKITSQIFIGPTYYQRLKHMV
DDKIHSRARGPIQILNRQPMEGRSRDGGLRFGEMERDCQIAHGAAQFLRERLFEASDPYQVHVCNLCGIMAIANTRTHTY
ECRGCRNKTQISLVRMPYACKLLFQELMSMSIAPRMMSV
;
B
3 'polypeptide(L)'
;PYANQPTVRITELTDENVKFIIENTDLAVANSIRRVFIAEVPIIAIDWVQIDANSSVLHDEFIAHRLGLIPLTSDDIVDK
LQYSRDCTCEEFCPECSVEFTLDVRCNEDQTRHVTSRDLISNSPRVIPVTSRNRDNDPSDYVEQDDILIVKLRKGQELRL
RAYAKKGFGKEHAKWNPTAGVAFEYDPDNALRHTVYPKPEEWPKSEYSELDEDESQAPYDPNGKPERFYYNVESCGSLRP
ETIVLSALSGLKKKLSDLQTQLSHEIQSD
;
C
4 'polypeptide(L)'
;EEDASQLIFPKEFETAETLLNSEVHMLLEHRKQQNESAEDEQELSEVFMKTLNYTARFSRFKNRETIASVRSLLLQKKLH
KFELACLANLCPETAEESKALIPSLEGRFEDEELQQILDDIQTKRS
;
D
5 'polypeptide(L)'
;DDEEETYRLWKIRKTIMQLCHDRGYLVTQDELDQTLEEFKAQFGDKPSEGRPRRTDLTVLVAHNDDPTDQMFVFFPEEPK
VGIKTIKVYCQRMQEENITRALIVVQQGMTPSAKQSLVDMAPKYILEQFLQQELLINITEHELVPEHVVMTKEEVTELLA
RYKLRENQLPRIQAGDPVARYFGIKRGQVVKIIRPSETAGRYITYRLVQ
;
E
6 'polypeptide(L)' KRITTPYMTKYERARVLGTRALQIAMCAPVMVELEGETDPLLIAMKELKARKIPIIIRRYLPDGSYEDWGVDELIISD F
7 'polypeptide(L)'
;MFYHISLEHEILLHPRYFGPNLLNTVKQKLFTEVEGTCTGKYGFVIAVTTIDNIGAGVIQPGRGFVLYPVKYKAIVFRPF
KGEVVDAVVTQVNKVGLFTEIGPMSCFISRHSIPSEMEFDPNSNPPCYKTMDEDIVIQQDDEIRLKIVGTRVDKNDIFAI
GSLMDDYLGLV
;
G
8 'polypeptide(L)'
;AGILFEDIFDVKDIDPEGKKFDRVSRLHCESESFKMDLILDVNIQIYPVDLGDKFRLVIASTLYEDGTLDDGEYNPTDDR
PSRADQFEYVMYGKVYRIEGDETSTEAATRLSAYVSYGGLLMRLQGDANNLHGFEVDSRVYLLMKKLAF
;
H
9 'polypeptide(L)'
;GFVGIRFCQECNNMLYPKEDKENRILLYACRNCDYQQEADNSCIYVNKITHEVDELTQIIADVSQDPTLPRTEDHPCQKC
GHKEAVFFQSHSARAEDAMRLYYVCTAPHCGHRWTE
;
I
10 'polypeptide(L)' MIIPVRCFTCGKIVGNKWEAYLGLLQAEYTEGDALDALGLKRYCCRRMLLAHVDLIEKLLNYAPLE J
11 'polypeptide(L)'
;MNAPPAFESFLLFEGEKKITINKDTKVPNACLFTINKEDHTLGNIIKSQLLKDPQVLFAGYKVPHPLEHKIIIRVQTTPD
YSPQEAFTNAITDLISELSLLEERFRVAIKDKQEG
;
K
12 'polypeptide(L)' QQPMIYICGECHTENEIKSRDPIRCRECGYRIMYKKRTKRLVVFDAR L
13 'polypeptide(L)'
;DQDNEIRATDLPERFQLRSIPVKGAEDDELEEEADWIYRNAFATPTISLSRKGPSTIQKIKEALGFMRNQHFEVPFIAFY
RKEYVEPELHINDLWRVWQWDEKWTQLRIRKENLTRLFEKMQAYQYEQISAIRALDTTDMERLKDVQSMDELKDVYNHFL
LYYGRDIPKKFGLTPEQFGENLRDSYQRHETEQFPAEPLELAKDTPEAVLEGARYMVALQIAREPLVRQVLRQTFQERAK
LNITPTKKGRKDVDEAHYAYSFKYLKNKPVKELRDDQFLKICLAEDEGLLTTDISIDLKGTYFEEIKQFYYRDEFSHQVQ
EWNRQRTMAIERALQQFLYVQMAKELKNKLLAEAKEYVIKACSRKLYNWLRVAPYRPDQQQGKGIRVLGIAFSSARDHPV
FCALVNGEGEVTDFLRLPHFTEEREKKAQDIETLKKFLLNKKPHVVTVAGENRDAQMLIEDVKRIVHELDQGQQLSSIGV
ELVDNELAILYMNSKKSEAEFRDYPPVLRQAVSLARRIQDPLIEFAQVCSEDILCLKFHPLQEHVVKEELLNALYCEFIN
RVNEVGVDVNRAIAHPYSQALIQYVCGLGPRKGTHLLKILKQNNTRLESRTQLVTMCHMGPKVFMNCAGFLKIDTEVLDG
SRVHPETYEWARKMAVDALEYDESAEDANPAGALEEILENPERLKDLDLDAFAEELERQGYGDKHITLYDIRAELSCRYK
DLRTAYRSPNTEEIFNMLTKETPETFYIGKLIICNVTGIAHIGVKTRLDNGVTGFIPTKFLSDKVVKRPEERVKVGMTVH
CRIMKIDIEKFSADLTCRTSDLMIAHPSFHNINFKQAEKMMETMDQGDVIIRPSSKGENHLTVTWKVSDGIYQHVDVRAT
LWINSEEFEDLDEIVARYVQPMASFARDLLNHKYYQDCSGGDRKKLEELLIKTKKEKPTFIPYFICACKELPGKFLLGYQ
PRGKPRIEYVTVTPEGFRYRGQIFPTVNGLFRWFKDHYQDPV
;
M
14 'polydeoxyribonucleotide'
;(DC)(DA)(DG)(DA)(DA)(DT)(DC)(DC)(DC)(DG)(DG)(DT)(DG)(DC)(DC)(DG)(DA)(DG)(DG)(DC)
(DC)(DG)(DC)(DT)(DC)(DA)(DA)(DT)(DT)(DG)(DG)(DT)(DC)(DG)(DT)(DA)(DG)(DA)(DC)(DA)
(DG)(DC)(DT)(DC)(DT)(DA)(DG)(DC)(DA)(DC)(DC)(DG)(DC)(DT)(DT)(DA)(DA)(DA)(DC)(DG)
(DC)(DA)(DC)(DG)(DT)(DA)(DC)(DG)(DC)(DG)(DC)(DT)(DG)(DT)(DC)(DC)(DC)(DC)(DC)(DG)
(DC)(DG)(DT)(DT)(DT)(DT)(DA)(DA)(DC)(DC)(DG)(DC)(DC)(DA)(DA)(DG)(DG)(DG)(DG)(DA)
(DT)(DT)(DA)(DC)(DT)(DC)(DC)(DC)(DT)(DA)(DG)(DT)(DC)(DT)(DC)(DC)(DA)(DG)(DG)(DC)
(DA)(DC)(DG)(DT)(DG)(DT)(DC)(DA)(DG)(DA)(DT)(DA)(DT)(DA)(DT)(DA)(DC)(DA)(DT)(DC)
(DG)(DA)(DT)(DA)(DA)(DC)(DG)(DG)(DC)(DC)(DA)(DG)(DT)(DT)(DG)(DT)(DG)(DT)(DT)(DT)
(DG)(DG)(DT)(DG)(DT)(DG)(DT)(DT)(DT)(DG)
;
N
15 'polypeptide(L)'
;SDADDVVSAMIVKMNEAAEEDRQLNNQKKPALKKLTLLPAVVMHLKKQDLKETFIDSGVMSAIKEWLSPLPDRSLPALKI
REELLKILQELPSVSQETLKHSGIGRAVMYLYKHPKESRSNKDMAGKLINEW
;
O
16 'polyribonucleotide' AAAAUUAGCUC P
17 'polypeptide(L)'
;RGSIEIPLRDTDEVIELDFDQLPEGDEVISILKQEHTQLHIWIALALEYYKQGKTEEFVKLLEAARIDGNLDYRDHEKDQ
MTCLDTLAAYYVQQARKEKNKDNKKDLITQATLLYTMADKIIMYDQNHLLGRACFCLLEGDKMDQADAQFHFVLNQSPNN
IPALLGKACISFNKKDYRGALAYYKKALRTNPGCPAEVRLGMGHCFVKLNKLEKARLAFSRALELNSKCVGALVGLAVLE
LNNKEADSIKNGVQLLSRAYTIDPSNPMVLNHLANHFFFKKDYSKVQHLALHAFHNTEVEAMQAESCYQLARSFHVQEDY
DQAFQYYYQATQFASSSFVLPFFGLGQMYIYRGDKENASQCFEKVLKAYPNNYETMKILGSLYAASEDQEKRDIAKGHLK
KVTEQYPDDVEAWIELAQILEQTDIQGALSAYGTATRILQEKVQADVPPEILNNVGALHFRLGNLGEAKKYFLASLDRAK
AEAEHDEHYYNAISVTTSYNLARLYEAMCEFHEAEKLYKNILREHPNYVDCYLRLGAMARDKGNFYEASDWFKEALQINQ
DHPDAWSLIGNLHLAKQEWGPGQKKFERILKQPSTQSDTYSMLALGNVWLQTLHQPTRDREKEKRHQDRALAIYKQVLRN
DAKNLYAANGIGAVLAHKGYFREARDVFAQVREATADISDVWLNLAHIYVEQKQYISAVQMYENCLRKFYKHQNTEVVLY
LARALFKCGKLQECKQTLLKARHVAPSDTVLMFNVALVLQRLATSVLKDEKSNLKEVLNAVKELELAHRYFSYLSKVGDK
MRFDLALAATEARQCSDLLSQAQYHVARARKQDEEERELRAKQEQEKELLRQKLLKEQEEKRLREKEEQKKLLEQRAQYV
EKTKNILMFT
;
Q
18 'polypeptide(L)'
;VSLPEELNRVRLSRHKLERWCHMPFFAKTVTGCFVRIGIGNHNSKPVYRVAEITGVVETAKVYQLGGTRTNKGLQLRHGN
DQRVFRLEFVSNQEFTESEFMKWKEAMFSAGMQLPTLDEINKKELSIKEALNYKFNDQDIEEIVKEKERFRKAPPNYAMK
KTQLLKEKAMAEDLGDQDKAKQIQDQLNELEERAEALDRQRTKNISAISYINQRNREWNIVESEKALVAESHNMKNQQMD
PFTRRQCK
;
R
19 'polypeptide(L)'
;RAPSTSDSVRLKCREMLAAALRTGDDYIAIGADEEELGSQIEEAIYQEIRNTDMKYKNRVRSRISNLKDAKNPNLRKNVL
CGNIPPDLFARMTAEEMASDELKEMRKNLTKEAIREHQMAKTGGTQTDLFTCGKCKKKNCTYTQVQTRSADEPMTTFVVC
NECGNRWKFC
;
S
20 'polydeoxyribonucleotide'
;(DC)(DA)(DA)(DA)(DC)(DA)(DC)(DA)(DC)(DC)(DA)(DA)(DA)(DC)(DA)(DC)(DA)(DA)(DG)(DA)
(DG)(DC)(DT)(DA)(DA)(DT)(DT)(DG)(DA)(DC)(DT)(DG)(DG)(DC)(DC)(DG)(DT)(DT)(DA)(DT)
(DC)(DG)(DA)(DT)(DG)(DT)(DA)(DT)(DA)(DT)(DA)(DT)(DC)(DT)(DG)(DA)(DC)(DA)(DC)(DG)
(DT)(DG)(DC)(DC)(DT)(DG)(DG)(DA)(DG)(DA)(DC)(DT)(DA)(DG)(DG)(DG)(DA)(DG)(DT)(DA)
(DA)(DT)(DC)(DC)(DC)(DC)(DT)(DT)(DG)(DG)(DC)(DG)(DG)(DT)(DT)(DA)(DA)(DA)(DA)(DC)
(DG)(DC)(DG)(DG)(DG)(DG)(DG)(DA)(DC)(DA)(DG)(DC)(DG)(DC)(DG)(DT)(DA)(DC)(DG)(DT)
(DG)(DC)(DG)(DT)(DT)(DT)(DA)(DA)(DG)(DC)(DG)(DG)(DT)(DG)(DC)(DT)(DA)(DG)(DA)(DG)
(DC)(DT)(DG)(DT)(DC)(DT)(DA)(DC)(DG)(DA)(DC)(DC)(DA)(DA)(DT)(DT)(DG)(DA)(DG)(DC)
(DG)(DG)(DC)(DC)(DT)(DC)(DG)(DG)(DC)(DA)(DC)(DC)(DG)(DG)(DG)(DA)(DT)(DT)(DC)(DT)
(DG)
;
T
21 'polypeptide(L)'
;GNDLYFVKLPNFLSVEPRPFDPQYYEDEFEEEGRTRLKLKVENNARIVKWSDGSMSLHLGNEVFDVYKAPLQGDHNHLFI
RQGTGLQGQAVFKTKLTFRPHSTDSATHRKMTLSLADRCSKTQKI
;
U
22 'polypeptide(L)'
;ERSGVVCRVKYCNSLPDIPFDPKFITYPFDQNRFVQYKATSLEKQHKHDLLTEPDLGVTIDLINPDTYRIDPNVLLDPAD
EKLLEEEIQRSQQHAKVVPWMRKTEYISTEFNKDRDSQITAIEKTFEDAQKSISQHYSKPRVTPVEVMPVSQAMIRGMMD
EEGNQFVAYFLPVEETLKKRKRDQEEEMDYAPDDVYDYKIAREYNWNVKNKASKGYEENYFFIFREGDGVYYNELETRVR
LSKR
;
V
23 'polypeptide(L)'
;YGILFKQEQAHDDAIWSVAWGTNKKENSETVVTGSLDDLVKVWKWRDERLDLQWSLEGHQLGVVSVDISHTLPIAASSSL
DAHIRLWDLENGKQIKSIDAGPVDAWTLAFSPDSQYLATGTHVGKVNIFGVESGKKEYSLDTRGKFILSIAYSPDGKYLA
SGAIDGIINIFDIATGKLLHTLEGHAMPIRSLTFSPDSQLLVTASDDGYIKIYDVQHANLAGTLSGHASWVLNVAFCPDD
THFVSSSSDKSVKVWDVGTRTCVHTFFDHQDQVWGVKYNGNGSKIVSVGDDQEIHIYDCP
;
W
24 'polypeptide(L)' VDVTRDIVSRERVWRTRTTILQSTGKNFSKNIFAILQSVKARE X
25 'polypeptide(L)'
;ALETVPKDLRHLRACLLCSLVKTIDQFEYDGCDNCDAYLQMKGNREMVYDCTSSSFDGIIAMMSPEDSWVSKWQRVSNFK
PGVYAVSVTGRLPQGIVRELKSRGVAYKSRDTAIKT
;
Y
26 'polypeptide(L)'
;DPNLWTVKCKIGEERATAISLMRKFIAYQFTDTPLQIKSVVAPEHVKGYIYVEAYKQTHVKQAIEGVGNLRLGYWNQQMV
PIKEMTDVLKVVKANLKPKSWVRLKRGIYKDDIAQVDYVEPSQNTISLKMIPRIDYDRIKAPPQRLFDAEKIRSLGGDVA
SDGDFLIFEGNRYSRKGFLFKSFAMSAVITEGVKPTLSELEKFREHNFQPGDNVEVCEGELINLQGKILSVDGNKITIMP
KHEDLKDMLEFPAQELRKYFKMGDHVKVIAGRFEGDTGLIVRVEENFVILFSDLTMHELKVLPRDLQLCSETASGVDVGG
QHEWGELVQLDPQTVGVIVRLERETFQVLNMYGKVVTVRHQAVTRKKDNRFAVALDSEQNNIHVKDIVKVIDGPHSGREG
EIRHLFRSFAFLHCKKLVENGGMFVCKTRHLVLANELIGQTVRISQGPYKGYIGVVKDATESTARVELHSTCQTISVDRQ
RLTTVGSRRPGGMTSTYGRYGSQ(TPO)PMYGSG
;
Z
27 'polypeptide(L)'
;MARTKQTARKSTGGKAPRKQLATKAARKSAPATGGVMKPHRYRPGTVALREIRRYQKSTELLIRKLPFQRLVREIAQDFK
TDLRFQSSAVMALQEASEAYLVALFEDTNLCAIHAKRVTIMPKDIQLARRIRGERA
;
a,e
28 'polypeptide(L)' DNIQGITKPAIRRLARRGGVKRISGLIYEETRGVLKVFLENVIRDAVTYTEHAKRKTVTAMDVVYALKRQGRTLYGFG b,f
29 'polypeptide(L)'
;MSGRGKQGGKTRAKAKTRSSRAGLQFPVGRVHRLLRKGNYAERVGAGAPVYLAAVLEYLTAEILELAGNAARDNKKTRII
PRHLQLAVRNDEELNKLLGRVTIAQGGVLPNIQSVLLPKKTESSKSAKSK
;
c,g
30 'polypeptide(L)'
;MAKSAPAPKKGSKKAVTKTQKKDGKKRRKTRKESYAIYVYKVLKQVHPDTGISSKAMSIMNSFVNDVFERIAGEASRLAH
YNKRSTITSREIQTAVRLLLPGELAKHAVSEGTKAVTKYTSAK
;
d,h
31 'polypeptide(L)'
;DDFRDPQRWKECAKQGKMPCYFDLIEENVYLTERKKNKSHRDIKRMQCECTPLSKDERAQGEIACGEDCLNRLLMIECSS
RCPNGDYCSNRRFQRKQHADVEVILTEKKGWGLRAAKDLPSNTFVLEYCGEVLDHKEFKARVKEYARNKNIHYYFMALKN
DEIIDATQKGNCSRFMNHSCEPNCETQKWTVNGQLRVGFFTTKLVPSGSELTFDYQFQRYGKEAQKCFCGSANCRGYLGG
ENRVSIRAAGGKMKKERSRKKDSVDGELEALMENGEGLSDKNQVLSLSRLMVRIETLEQKLTCLELIQNTHSQSCLKSFL
ERHGLSLLWIWMAELGDGRESNQKLQEEIIKTLEHLPIPTKNMLEESKVLPIIQRWSQTKTAVPPLSEGDGYSSENTSRA
HTPLNTPDPSTKLSTEADTDTPKKLMFRRLKIISENSMDSAISDATSELEGKDGKEDLDQLENVPVEEEEELQSQQLLPQ
QLPECKVDSETNIEASKLPTSEPEADAEIEPKESNGTKLEEPINEETPSQDEEEGVSDVESERSQEQPDKTVDISDLATK
LLDSWKDLKEVYRIPKKSQTEKENTTTER
;
l
#
loop_
_chem_comp.id
_chem_comp.type
_chem_comp.name
_chem_comp.formula
A RNA linking ADENOSINE-5'-MONOPHOSPHATE 'C10 H14 N5 O7 P'
C RNA linking CYTIDINE-5'-MONOPHOSPHATE 'C9 H14 N3 O8 P'
DA DNA linking 2'-DEOXYADENOSINE-5'-MONOPHOSPHATE 'C10 H14 N5 O6 P'
DC DNA linking 2'-DEOXYCYTIDINE-5'-MONOPHOSPHATE 'C9 H14 N3 O7 P'
DG DNA linking 2'-DEOXYGUANOSINE-5'-MONOPHOSPHATE 'C10 H14 N5 O7 P'
DT DNA linking THYMIDINE-5'-MONOPHOSPHATE 'C10 H15 N2 O8 P'
G RNA linking GUANOSINE-5'-MONOPHOSPHATE 'C10 H14 N5 O8 P'
MG non-polymer 'MAGNESIUM ION' 'Mg 2'
U RNA linking URIDINE-5'-MONOPHOSPHATE 'C9 H13 N2 O9 P'
ZN non-polymer 'ZINC ION' 'Zn 2'
#
# COMPACT_ATOMS: atom_id res chain seq x y z
N ASP A 1 29.99 -6.87 4.75
CA ASP A 1 31.21 -6.65 5.58
C ASP A 1 31.85 -5.30 5.27
N SER A 2 32.56 -4.75 6.25
CA SER A 2 33.30 -3.51 6.07
C SER A 2 34.73 -3.56 6.57
N ALA A 3 35.08 -4.48 7.46
CA ALA A 3 36.44 -4.58 7.99
C ALA A 3 36.89 -3.25 8.58
N CYS A 4 35.97 -2.58 9.28
CA CYS A 4 36.25 -1.31 9.91
C CYS A 4 35.70 -1.29 11.33
N PRO A 5 36.38 -0.66 12.28
CA PRO A 5 35.88 -0.66 13.65
C PRO A 5 34.50 -0.03 13.75
N LEU A 6 33.66 -0.63 14.61
CA LEU A 6 32.30 -0.17 14.84
C LEU A 6 32.24 0.62 16.15
N ARG A 7 31.81 1.87 16.08
CA ARG A 7 31.70 2.73 17.24
C ARG A 7 30.28 3.29 17.33
N THR A 8 30.02 3.99 18.44
CA THR A 8 28.73 4.61 18.71
C THR A 8 28.95 6.07 19.09
N ILE A 9 28.08 6.93 18.60
CA ILE A 9 28.24 8.37 18.80
C ILE A 9 28.12 8.69 20.28
N LYS A 10 29.23 9.06 20.91
CA LYS A 10 29.25 9.44 22.30
C LYS A 10 29.01 10.93 22.52
N ARG A 11 29.11 11.73 21.47
CA ARG A 11 28.95 13.17 21.59
C ARG A 11 28.92 13.75 20.18
N VAL A 12 28.11 14.78 20.01
CA VAL A 12 28.00 15.47 18.72
C VAL A 12 28.29 16.94 18.96
N GLN A 13 29.14 17.51 18.12
CA GLN A 13 29.58 18.89 18.24
C GLN A 13 29.08 19.69 17.05
N PHE A 14 28.47 20.83 17.33
CA PHE A 14 27.93 21.68 16.27
C PHE A 14 28.88 22.81 15.95
N GLY A 15 28.79 23.28 14.71
CA GLY A 15 29.67 24.33 14.25
C GLY A 15 29.24 24.83 12.90
N VAL A 16 30.13 25.58 12.26
CA VAL A 16 29.87 26.16 10.95
C VAL A 16 30.98 25.72 10.02
N LEU A 17 30.62 25.22 8.84
CA LEU A 17 31.60 24.80 7.85
C LEU A 17 32.38 26.01 7.35
N SER A 18 33.69 26.02 7.58
CA SER A 18 34.51 27.12 7.12
C SER A 18 34.72 27.04 5.61
N PRO A 19 34.98 28.18 4.96
CA PRO A 19 35.16 28.15 3.50
C PRO A 19 36.20 27.15 3.04
N ASP A 20 37.43 27.21 3.58
CA ASP A 20 38.46 26.28 3.14
C ASP A 20 38.07 24.84 3.46
N GLU A 21 37.50 24.61 4.64
CA GLU A 21 37.06 23.26 4.99
C GLU A 21 36.00 22.78 4.03
N LEU A 22 35.03 23.63 3.72
CA LEU A 22 33.97 23.23 2.79
C LEU A 22 34.57 22.91 1.42
N LYS A 23 35.48 23.74 0.94
CA LYS A 23 36.07 23.53 -0.37
C LYS A 23 36.83 22.21 -0.43
N ARG A 24 37.76 22.01 0.52
CA ARG A 24 38.52 20.77 0.51
C ARG A 24 37.63 19.56 0.76
N MET A 25 36.49 19.75 1.42
CA MET A 25 35.55 18.65 1.63
C MET A 25 34.77 18.33 0.36
N SER A 26 34.51 19.33 -0.47
CA SER A 26 33.75 19.11 -1.69
C SER A 26 34.49 18.15 -2.60
N VAL A 27 33.73 17.39 -3.40
CA VAL A 27 34.33 16.48 -4.37
C VAL A 27 34.25 17.04 -5.78
N THR A 28 33.42 18.03 -6.05
CA THR A 28 33.33 18.62 -7.38
C THR A 28 34.54 19.52 -7.58
N GLU A 29 35.51 19.04 -8.36
CA GLU A 29 36.70 19.83 -8.64
C GLU A 29 36.32 21.13 -9.33
N GLY A 30 36.74 22.25 -8.75
CA GLY A 30 36.45 23.54 -9.34
C GLY A 30 35.03 24.02 -9.16
N GLY A 31 34.22 23.34 -8.36
CA GLY A 31 32.86 23.79 -8.11
C GLY A 31 31.96 23.53 -9.30
N ILE A 32 30.72 23.95 -9.16
CA ILE A 32 29.74 23.83 -10.23
C ILE A 32 29.62 25.16 -10.95
N LYS A 33 29.55 25.10 -12.28
CA LYS A 33 29.40 26.29 -13.10
C LYS A 33 28.29 26.18 -14.14
N TYR A 34 27.87 24.96 -14.51
CA TYR A 34 26.91 24.78 -15.59
C TYR A 34 25.56 24.40 -15.02
N PRO A 35 24.55 25.28 -15.10
CA PRO A 35 23.22 24.89 -14.62
C PRO A 35 22.66 23.67 -15.31
N GLU A 36 22.98 23.46 -16.58
CA GLU A 36 22.41 22.36 -17.33
C GLU A 36 22.82 21.04 -16.69
N THR A 37 21.86 20.11 -16.61
CA THR A 37 22.14 18.82 -16.00
C THR A 37 22.99 17.94 -16.91
N THR A 38 22.50 17.69 -18.12
CA THR A 38 23.19 16.85 -19.09
C THR A 38 23.08 17.50 -20.46
N GLU A 39 24.22 17.70 -21.12
CA GLU A 39 24.17 18.24 -22.48
C GLU A 39 23.46 17.27 -23.41
N GLY A 40 23.64 15.97 -23.21
CA GLY A 40 22.90 14.97 -23.96
C GLY A 40 23.42 13.58 -23.67
N GLY A 41 22.50 12.63 -23.47
CA GLY A 41 22.91 11.27 -23.21
C GLY A 41 23.56 11.13 -21.85
N ARG A 42 24.76 11.72 -21.69
CA ARG A 42 25.54 11.62 -20.47
C ARG A 42 25.46 12.92 -19.66
N PRO A 43 25.63 12.85 -18.35
CA PRO A 43 25.56 14.05 -17.52
C PRO A 43 26.83 14.88 -17.64
N LYS A 44 26.72 16.12 -17.19
CA LYS A 44 27.81 17.08 -17.26
C LYS A 44 28.61 17.05 -15.97
N LEU A 45 29.93 16.96 -16.08
CA LEU A 45 30.78 16.92 -14.89
C LEU A 45 30.64 18.19 -14.08
N GLY A 46 30.60 19.34 -14.75
CA GLY A 46 30.48 20.61 -14.06
C GLY A 46 29.04 21.07 -13.95
N GLY A 47 28.13 20.14 -13.71
CA GLY A 47 26.70 20.44 -13.67
C GLY A 47 26.05 19.89 -12.42
N LEU A 48 24.79 20.31 -12.23
CA LEU A 48 24.06 19.96 -11.02
C LEU A 48 23.93 18.45 -10.89
N MET A 49 23.71 17.76 -12.01
CA MET A 49 23.63 16.30 -12.01
C MET A 49 25.02 15.69 -12.17
N ASP A 50 25.95 16.10 -11.33
CA ASP A 50 27.32 15.61 -11.46
C ASP A 50 27.38 14.14 -11.09
N PRO A 51 27.87 13.26 -11.96
CA PRO A 51 27.99 11.85 -11.57
C PRO A 51 28.92 11.65 -10.38
N ARG A 52 29.98 12.43 -10.27
CA ARG A 52 30.86 12.31 -9.12
C ARG A 52 30.14 12.63 -7.82
N GLN A 53 29.05 13.38 -7.89
CA GLN A 53 28.29 13.79 -6.72
C GLN A 53 27.17 12.80 -6.43
N GLY A 54 27.52 11.53 -6.31
CA GLY A 54 26.56 10.50 -6.02
C GLY A 54 25.93 9.92 -7.27
N VAL A 55 25.84 8.59 -7.33
CA VAL A 55 25.29 7.95 -8.51
C VAL A 55 23.82 8.32 -8.67
N ILE A 56 23.37 8.39 -9.92
CA ILE A 56 21.97 8.66 -10.22
C ILE A 56 21.32 7.57 -11.07
N GLU A 57 22.07 6.77 -11.81
CA GLU A 57 21.50 5.68 -12.58
C GLU A 57 21.40 4.43 -11.71
N ARG A 58 20.21 3.85 -11.66
CA ARG A 58 20.01 2.65 -10.88
C ARG A 58 20.92 1.53 -11.39
N THR A 59 21.44 0.73 -10.47
CA THR A 59 22.36 -0.35 -10.77
C THR A 59 23.69 0.15 -11.34
N GLY A 60 23.99 1.42 -11.16
CA GLY A 60 25.25 2.01 -11.60
C GLY A 60 26.30 1.95 -10.52
N ARG A 61 27.26 2.86 -10.60
CA ARG A 61 28.33 2.95 -9.62
C ARG A 61 28.68 4.42 -9.44
N CYS A 62 28.72 4.87 -8.20
CA CYS A 62 29.12 6.24 -7.92
C CYS A 62 30.59 6.44 -8.27
N GLN A 63 30.86 7.43 -9.13
CA GLN A 63 32.24 7.64 -9.58
C GLN A 63 33.16 7.93 -8.39
N THR A 64 32.71 8.81 -7.48
CA THR A 64 33.55 9.16 -6.35
C THR A 64 33.89 7.94 -5.51
N CYS A 65 33.06 6.91 -5.53
CA CYS A 65 33.30 5.71 -4.75
C CYS A 65 32.50 4.57 -5.35
N ALA A 66 33.17 3.47 -5.67
CA ALA A 66 32.50 2.32 -6.27
C ALA A 66 31.48 1.80 -5.29
N GLY A 67 30.21 2.11 -5.54
CA GLY A 67 29.14 1.69 -4.65
C GLY A 67 27.82 1.69 -5.38
N ASN A 68 26.93 0.79 -4.96
CA ASN A 68 25.61 0.69 -5.55
C ASN A 68 24.77 1.90 -5.18
N MET A 69 23.60 2.01 -5.83
CA MET A 69 22.70 3.11 -5.53
C MET A 69 22.33 3.17 -4.06
N THR A 70 22.29 2.01 -3.40
CA THR A 70 21.95 1.93 -1.98
C THR A 70 23.15 1.57 -1.13
N GLU A 71 24.35 1.90 -1.60
CA GLU A 71 25.58 1.62 -0.88
C GLU A 71 26.28 2.88 -0.41
N CYS A 72 26.47 3.82 -1.28
CA CYS A 72 27.24 5.00 -0.93
C CYS A 72 26.32 6.18 -0.64
N PRO A 73 26.67 7.02 0.30
CA PRO A 73 25.86 8.21 0.57
C PRO A 73 26.03 9.24 -0.53
N GLY A 74 25.44 10.40 -0.37
CA GLY A 74 25.60 11.47 -1.33
C GLY A 74 26.80 12.34 -1.03
N HIS A 75 27.74 12.39 -1.97
CA HIS A 75 28.94 13.20 -1.80
C HIS A 75 28.62 14.66 -2.06
N PHE A 76 29.17 15.54 -1.22
CA PHE A 76 28.83 16.96 -1.32
C PHE A 76 29.66 17.65 -2.38
N GLY A 77 29.18 18.83 -2.79
CA GLY A 77 29.89 19.68 -3.72
C GLY A 77 30.06 21.08 -3.15
N HIS A 78 30.33 22.06 -4.00
CA HIS A 78 30.43 23.44 -3.54
C HIS A 78 30.26 24.36 -4.73
N ILE A 79 29.91 25.61 -4.45
CA ILE A 79 29.76 26.64 -5.47
C ILE A 79 30.74 27.76 -5.15
N GLU A 80 31.60 28.08 -6.11
CA GLU A 80 32.57 29.15 -5.96
C GLU A 80 31.89 30.51 -6.10
N LEU A 81 30.94 30.75 -5.19
CA LEU A 81 30.20 32.00 -5.21
C LEU A 81 31.15 33.19 -5.13
N ALA A 82 31.19 33.99 -6.19
CA ALA A 82 32.21 35.02 -6.33
C ALA A 82 32.14 36.05 -5.21
N LYS A 83 31.04 36.79 -5.14
CA LYS A 83 30.95 37.86 -4.14
C LYS A 83 30.20 37.37 -2.91
N PRO A 84 30.80 37.45 -1.71
CA PRO A 84 30.13 36.92 -0.51
C PRO A 84 28.72 37.47 -0.35
N VAL A 85 27.93 36.85 0.53
CA VAL A 85 26.52 37.20 0.67
C VAL A 85 26.08 36.81 2.07
N PHE A 86 25.13 37.58 2.61
CA PHE A 86 24.58 37.27 3.92
C PHE A 86 23.91 35.91 3.90
N HIS A 87 23.52 35.45 5.08
CA HIS A 87 22.92 34.13 5.24
C HIS A 87 21.74 34.25 6.20
N VAL A 88 20.53 34.12 5.67
CA VAL A 88 19.36 34.18 6.54
C VAL A 88 19.52 33.16 7.65
N GLY A 89 18.89 33.43 8.77
CA GLY A 89 19.08 32.63 9.97
C GLY A 89 20.15 33.18 10.89
N PHE A 90 21.32 33.49 10.33
CA PHE A 90 22.39 34.13 11.07
C PHE A 90 22.35 35.64 10.98
N LEU A 91 21.36 36.21 10.28
CA LEU A 91 21.32 37.66 10.11
C LEU A 91 21.24 38.35 11.46
N VAL A 92 20.39 37.88 12.36
CA VAL A 92 20.31 38.48 13.68
C VAL A 92 21.61 38.30 14.45
N LYS A 93 22.21 37.11 14.37
CA LYS A 93 23.48 36.89 15.05
C LYS A 93 24.54 37.84 14.51
N THR A 94 24.58 38.02 13.20
CA THR A 94 25.55 38.94 12.61
C THR A 94 25.30 40.36 13.10
N MET A 95 24.02 40.76 13.18
CA MET A 95 23.71 42.10 13.67
C MET A 95 24.19 42.28 15.10
N LYS A 96 23.96 41.29 15.95
CA LYS A 96 24.41 41.40 17.34
C LYS A 96 25.93 41.48 17.41
N VAL A 97 26.63 40.64 16.65
CA VAL A 97 28.09 40.68 16.67
C VAL A 97 28.57 42.05 16.22
N LEU A 98 27.99 42.57 15.13
CA LEU A 98 28.39 43.87 14.62
C LEU A 98 28.19 44.95 15.68
N ARG A 99 27.06 44.91 16.38
CA ARG A 99 26.83 45.86 17.45
C ARG A 99 27.87 45.71 18.56
N CYS A 100 28.25 44.47 18.87
CA CYS A 100 29.22 44.24 19.94
C CYS A 100 30.62 44.70 19.54
N VAL A 101 31.08 44.32 18.35
CA VAL A 101 32.44 44.67 17.93
C VAL A 101 32.51 46.14 17.56
N CYS A 102 33.73 46.65 17.48
CA CYS A 102 33.98 48.05 17.15
C CYS A 102 34.16 48.20 15.66
N PHE A 103 33.25 48.94 15.02
CA PHE A 103 33.34 49.18 13.60
C PHE A 103 34.64 49.92 13.28
N PHE A 104 35.23 49.60 12.14
CA PHE A 104 36.53 50.07 11.69
C PHE A 104 37.64 49.42 12.50
N CYS A 105 37.33 48.56 13.47
CA CYS A 105 38.33 47.96 14.33
C CYS A 105 37.90 46.53 14.61
N SER A 106 38.62 45.87 15.52
CA SER A 106 38.24 44.55 16.01
C SER A 106 37.94 44.54 17.49
N LYS A 107 38.13 45.66 18.19
CA LYS A 107 37.83 45.73 19.61
C LYS A 107 36.32 45.65 19.83
N LEU A 108 35.93 45.22 21.03
CA LEU A 108 34.54 44.98 21.36
C LEU A 108 33.87 46.19 22.02
N LEU A 109 34.42 47.38 21.83
CA LEU A 109 33.93 48.59 22.45
C LEU A 109 33.95 48.52 23.98
N VAL A 110 34.58 47.48 24.54
CA VAL A 110 34.70 47.36 25.99
C VAL A 110 36.14 47.17 26.46
N ASP A 111 37.08 46.79 25.59
CA ASP A 111 38.48 46.72 25.96
C ASP A 111 38.66 45.78 27.17
N SER A 112 38.49 44.49 26.88
CA SER A 112 38.17 43.51 27.92
C SER A 112 39.35 43.38 28.87
N ASN A 113 39.49 44.40 29.72
CA ASN A 113 40.39 44.38 30.87
C ASN A 113 39.74 44.88 32.14
N ASN A 114 38.61 45.57 32.05
CA ASN A 114 37.95 46.09 33.24
C ASN A 114 37.34 44.93 34.04
N PRO A 115 37.24 45.08 35.36
CA PRO A 115 36.62 44.03 36.17
C PRO A 115 35.15 43.79 35.80
N LYS A 116 34.43 44.83 35.38
CA LYS A 116 33.01 44.68 35.07
C LYS A 116 32.80 43.62 33.99
N ILE A 117 33.56 43.72 32.91
CA ILE A 117 33.42 42.76 31.81
C ILE A 117 33.97 41.40 32.23
N LYS A 118 35.08 41.39 32.97
CA LYS A 118 35.65 40.12 33.42
C LYS A 118 34.66 39.33 34.27
N ASP A 119 33.83 40.03 35.04
CA ASP A 119 32.86 39.33 35.88
C ASP A 119 31.85 38.55 35.04
N ILE A 120 31.51 39.06 33.86
CA ILE A 120 30.56 38.34 33.00
C ILE A 120 31.10 36.97 32.65
N LEU A 121 32.37 36.91 32.21
CA LEU A 121 32.98 35.62 31.91
C LEU A 121 33.17 34.79 33.17
N ALA A 122 33.49 35.44 34.29
CA ALA A 122 33.72 34.71 35.53
C ALA A 122 32.47 33.97 35.99
N LYS A 123 31.31 34.64 35.93
CA LYS A 123 30.07 34.03 36.36
C LYS A 123 29.55 33.03 35.34
N SER A 124 29.80 33.26 34.07
CA SER A 124 29.30 32.42 32.98
C SER A 124 30.49 31.72 32.33
N LYS A 125 30.58 30.41 32.55
CA LYS A 125 31.64 29.57 31.96
C LYS A 125 30.97 28.33 31.41
N GLY A 126 30.62 28.37 30.12
CA GLY A 126 29.98 27.24 29.47
C GLY A 126 28.59 27.55 28.98
N GLN A 127 28.25 28.83 28.89
CA GLN A 127 26.95 29.30 28.39
C GLN A 127 27.21 30.35 27.33
N PRO A 128 27.67 29.96 26.14
CA PRO A 128 27.99 30.96 25.11
C PRO A 128 26.84 31.89 24.79
N LYS A 129 25.62 31.35 24.75
CA LYS A 129 24.46 32.21 24.48
C LYS A 129 24.29 33.26 25.56
N LYS A 130 24.41 32.86 26.82
CA LYS A 130 24.27 33.81 27.91
C LYS A 130 25.40 34.84 27.88
N ARG A 131 26.62 34.40 27.57
CA ARG A 131 27.73 35.34 27.46
C ARG A 131 27.48 36.37 26.37
N LEU A 132 27.03 35.91 25.20
CA LEU A 132 26.73 36.84 24.11
C LEU A 132 25.64 37.80 24.52
N THR A 133 24.59 37.30 25.18
CA THR A 133 23.52 38.18 25.61
C THR A 133 24.02 39.23 26.59
N HIS A 134 24.82 38.81 27.57
CA HIS A 134 25.30 39.74 28.58
C HIS A 134 26.19 40.81 27.96
N VAL A 135 27.12 40.40 27.09
CA VAL A 135 28.01 41.40 26.48
C VAL A 135 27.24 42.32 25.56
N TYR A 136 26.26 41.79 24.82
CA TYR A 136 25.46 42.63 23.95
C TYR A 136 24.69 43.67 24.75
N ASP A 137 24.06 43.25 25.85
CA ASP A 137 23.34 44.20 26.69
C ASP A 137 24.29 45.19 27.36
N LEU A 138 25.53 44.79 27.58
CA LEU A 138 26.49 45.67 28.24
C LEU A 138 26.78 46.91 27.39
N CYS A 139 27.09 46.71 26.12
CA CYS A 139 27.46 47.80 25.22
C CYS A 139 26.24 48.19 24.40
N LYS A 140 25.60 49.31 24.78
CA LYS A 140 24.44 49.82 24.07
C LYS A 140 24.73 51.15 23.39
N GLY A 141 25.22 52.14 24.14
CA GLY A 141 25.47 53.47 23.60
C GLY A 141 26.91 53.89 23.49
N LYS A 142 27.86 52.97 23.60
CA LYS A 142 29.27 53.34 23.59
C LYS A 142 29.71 53.74 22.19
N ASN A 143 30.72 54.60 22.14
CA ASN A 143 31.28 55.09 20.88
C ASN A 143 32.78 55.25 20.98
N GLY A 173 41.99 51.26 22.97
CA GLY A 173 42.04 52.67 22.62
C GLY A 173 40.80 53.14 21.91
N GLY A 174 40.52 54.44 21.99
CA GLY A 174 39.31 54.98 21.40
C GLY A 174 39.46 55.27 19.92
N CYS A 175 39.91 54.27 19.16
CA CYS A 175 40.14 54.45 17.73
C CYS A 175 38.82 54.65 17.02
N GLY A 176 38.64 55.82 16.42
CA GLY A 176 37.38 56.15 15.74
C GLY A 176 36.34 56.73 16.69
N ARG A 177 36.11 56.07 17.81
CA ARG A 177 35.15 56.51 18.83
C ARG A 177 33.86 57.05 18.20
N TYR A 178 33.40 56.41 17.12
CA TYR A 178 32.14 56.79 16.50
C TYR A 178 31.57 55.54 15.82
N GLN A 179 30.61 54.91 16.49
CA GLN A 179 30.03 53.68 15.94
C GLN A 179 28.70 53.98 15.27
N PRO A 180 28.36 53.24 14.23
CA PRO A 180 27.09 53.46 13.52
C PRO A 180 25.92 52.85 14.31
N ARG A 181 24.73 53.07 13.78
CA ARG A 181 23.50 52.50 14.35
C ARG A 181 22.84 51.72 13.23
N ILE A 182 23.08 50.42 13.20
CA ILE A 182 22.66 49.60 12.08
C ILE A 182 21.18 49.28 12.19
N ARG A 183 20.51 49.27 11.05
CA ARG A 183 19.08 48.98 10.96
C ARG A 183 18.86 47.93 9.89
N ARG A 184 17.80 47.15 10.04
CA ARG A 184 17.46 46.09 9.11
C ARG A 184 16.24 46.49 8.31
N SER A 185 16.33 46.34 6.98
CA SER A 185 15.23 46.66 6.08
C SER A 185 15.04 45.52 5.09
N GLY A 186 15.19 44.29 5.55
CA GLY A 186 15.01 43.12 4.71
C GLY A 186 16.14 42.13 4.83
N LEU A 187 16.86 41.92 3.73
CA LEU A 187 18.05 41.08 3.71
C LEU A 187 19.32 41.90 3.63
N GLU A 188 19.26 43.18 3.99
CA GLU A 188 20.40 44.07 3.92
C GLU A 188 20.39 44.96 5.15
N LEU A 189 21.53 45.58 5.41
CA LEU A 189 21.71 46.43 6.58
C LEU A 189 22.17 47.82 6.16
N TYR A 190 21.75 48.81 6.94
CA TYR A 190 22.09 50.20 6.70
C TYR A 190 22.67 50.79 7.97
N ALA A 191 23.75 51.56 7.83
CA ALA A 191 24.37 52.21 8.97
C ALA A 191 23.79 53.61 9.17
N GLU A 192 23.84 54.08 10.41
CA GLU A 192 23.37 55.41 10.75
C GLU A 192 24.31 56.03 11.77
N TRP A 193 25.06 57.04 11.35
CA TRP A 193 25.91 57.81 12.23
C TRP A 193 25.15 59.05 12.73
N LYS A 194 25.88 59.97 13.35
CA LYS A 194 25.29 61.23 13.82
C LYS A 194 24.40 61.87 12.76
N LYS A 203 25.09 58.84 7.58
CA LYS A 203 25.61 58.62 6.24
C LYS A 203 24.66 57.73 5.44
N LYS A 204 23.97 56.84 6.14
CA LYS A 204 22.99 55.95 5.53
C LYS A 204 23.61 55.18 4.37
N ILE A 205 24.59 54.35 4.71
CA ILE A 205 25.30 53.54 3.74
C ILE A 205 24.82 52.11 3.83
N LEU A 206 24.90 51.39 2.71
CA LEU A 206 24.50 49.99 2.64
C LEU A 206 25.68 49.12 3.02
N LEU A 207 25.47 48.23 3.99
CA LEU A 207 26.55 47.36 4.48
C LEU A 207 26.65 46.15 3.56
N SER A 208 27.65 46.16 2.67
CA SER A 208 27.84 45.04 1.78
C SER A 208 28.38 43.84 2.55
N PRO A 209 28.21 42.63 2.02
CA PRO A 209 28.79 41.46 2.69
C PRO A 209 30.29 41.56 2.87
N GLU A 210 30.98 42.20 1.92
CA GLU A 210 32.43 42.27 2.02
C GLU A 210 32.86 43.06 3.26
N ARG A 211 32.18 44.16 3.56
CA ARG A 211 32.54 44.96 4.72
C ARG A 211 32.48 44.14 5.99
N VAL A 212 31.33 43.49 6.22
CA VAL A 212 31.15 42.71 7.44
C VAL A 212 32.09 41.52 7.45
N HIS A 213 32.34 40.93 6.28
CA HIS A 213 33.28 39.81 6.22
C HIS A 213 34.65 40.23 6.69
N GLU A 214 35.14 41.37 6.18
CA GLU A 214 36.43 41.88 6.64
C GLU A 214 36.40 42.19 8.12
N ILE A 215 35.32 42.83 8.59
CA ILE A 215 35.23 43.21 10.00
C ILE A 215 35.37 41.97 10.89
N PHE A 216 34.61 40.93 10.56
CA PHE A 216 34.67 39.71 11.36
C PHE A 216 36.03 39.03 11.23
N LYS A 217 36.63 39.09 10.05
CA LYS A 217 37.95 38.51 9.87
C LYS A 217 38.96 39.19 10.81
N ARG A 218 38.84 40.50 10.99
CA ARG A 218 39.78 41.23 11.82
C ARG A 218 39.72 40.81 13.28
N ILE A 219 38.64 40.15 13.70
CA ILE A 219 38.51 39.72 15.08
C ILE A 219 39.44 38.55 15.34
N SER A 220 39.96 38.47 16.57
CA SER A 220 40.88 37.42 16.96
C SER A 220 40.16 36.40 17.85
N ASP A 221 40.84 35.27 18.06
CA ASP A 221 40.23 34.16 18.80
C ASP A 221 39.90 34.56 20.23
N GLU A 222 40.87 35.13 20.95
CA GLU A 222 40.57 35.58 22.30
C GLU A 222 39.54 36.69 22.30
N GLU A 223 39.56 37.54 21.26
CA GLU A 223 38.55 38.58 21.16
C GLU A 223 37.16 37.98 21.04
N CYS A 224 37.01 36.93 20.22
CA CYS A 224 35.69 36.35 19.98
C CYS A 224 35.27 35.39 21.08
N PHE A 225 36.20 34.90 21.91
CA PHE A 225 35.80 34.08 23.05
C PHE A 225 34.82 34.82 23.94
N VAL A 226 34.98 36.14 24.06
CA VAL A 226 34.05 36.93 24.86
C VAL A 226 32.64 36.80 24.29
N LEU A 227 32.52 36.88 22.97
CA LEU A 227 31.22 36.76 22.33
C LEU A 227 30.62 35.37 22.48
N GLY A 228 31.40 34.39 22.92
CA GLY A 228 30.90 33.04 23.11
C GLY A 228 30.82 32.25 21.82
N MET A 229 31.95 32.19 21.09
CA MET A 229 32.03 31.41 19.86
C MET A 229 33.41 30.80 19.80
N GLU A 230 33.53 29.55 20.20
CA GLU A 230 34.81 28.86 20.17
C GLU A 230 35.35 28.91 18.74
N PRO A 231 36.51 29.53 18.50
CA PRO A 231 36.98 29.68 17.12
C PRO A 231 37.17 28.36 16.42
N ARG A 232 37.52 27.30 17.16
CA ARG A 232 37.78 26.02 16.54
C ARG A 232 36.54 25.42 15.90
N TYR A 233 35.35 25.91 16.25
CA TYR A 233 34.11 25.38 15.72
C TYR A 233 33.23 26.43 15.06
N ALA A 234 33.46 27.71 15.31
CA ALA A 234 32.65 28.75 14.71
C ALA A 234 33.40 30.07 14.77
N ARG A 235 33.33 30.84 13.69
CA ARG A 235 33.97 32.13 13.61
C ARG A 235 32.96 33.16 13.13
N PRO A 236 33.09 34.42 13.56
CA PRO A 236 32.11 35.42 13.14
C PRO A 236 32.06 35.61 11.64
N GLU A 237 33.15 35.29 10.92
CA GLU A 237 33.17 35.44 9.48
C GLU A 237 32.65 34.21 8.73
N TRP A 238 32.60 33.06 9.38
CA TRP A 238 32.08 31.87 8.71
C TRP A 238 30.57 31.85 8.63
N MET A 239 29.88 32.73 9.35
CA MET A 239 28.42 32.75 9.29
C MET A 239 27.94 33.16 7.89
N ILE A 240 28.58 34.16 7.29
CA ILE A 240 28.19 34.58 5.95
C ILE A 240 28.58 33.51 4.95
N VAL A 241 27.74 33.31 3.94
CA VAL A 241 27.99 32.28 2.92
C VAL A 241 29.00 32.84 1.94
N THR A 242 30.23 32.32 2.00
CA THR A 242 31.25 32.60 1.00
C THR A 242 31.39 31.48 -0.02
N VAL A 243 31.15 30.24 0.40
CA VAL A 243 31.17 29.10 -0.51
C VAL A 243 29.90 28.30 -0.23
N LEU A 244 28.84 28.60 -0.96
CA LEU A 244 27.54 27.96 -0.80
C LEU A 244 27.62 26.49 -1.16
N PRO A 245 27.55 25.57 -0.20
CA PRO A 245 27.67 24.15 -0.53
C PRO A 245 26.42 23.61 -1.19
N VAL A 246 26.61 22.71 -2.14
CA VAL A 246 25.51 22.09 -2.87
C VAL A 246 25.30 20.69 -2.32
N PRO A 247 24.09 20.33 -1.89
CA PRO A 247 23.87 19.01 -1.33
C PRO A 247 23.92 17.95 -2.40
N PRO A 248 24.15 16.70 -2.03
CA PRO A 248 24.24 15.64 -3.04
C PRO A 248 22.90 15.35 -3.69
N LEU A 249 22.86 14.35 -4.57
CA LEU A 249 21.62 14.02 -5.25
C LEU A 249 20.63 13.33 -4.33
N SER A 250 21.12 12.61 -3.32
CA SER A 250 20.21 11.90 -2.42
C SER A 250 19.30 12.86 -1.66
N VAL A 251 19.65 14.14 -1.59
CA VAL A 251 18.77 15.10 -0.94
C VAL A 251 17.77 15.70 -1.92
N ARG A 252 18.06 15.69 -3.21
CA ARG A 252 17.19 16.25 -4.24
C ARG A 252 17.10 15.27 -5.40
N PRO A 253 16.54 14.09 -5.17
CA PRO A 253 16.48 13.10 -6.23
C PRO A 253 15.60 13.56 -7.39
N ALA A 254 15.93 13.09 -8.58
CA ALA A 254 15.18 13.39 -9.79
C ALA A 254 14.30 12.19 -10.13
N VAL A 255 13.00 12.42 -10.26
CA VAL A 255 12.06 11.35 -10.55
C VAL A 255 12.12 11.03 -12.04
N VAL A 256 12.22 9.74 -12.36
CA VAL A 256 12.28 9.33 -13.77
C VAL A 256 10.93 9.56 -14.43
N MET A 257 10.97 9.90 -15.72
CA MET A 257 9.75 10.16 -16.49
C MET A 257 8.92 11.25 -15.82
N ARG A 262 14.14 13.23 -16.88
CA ARG A 262 13.70 13.09 -15.48
C ARG A 262 13.05 14.38 -15.01
N ASN A 263 12.40 14.32 -13.85
CA ASN A 263 11.76 15.48 -13.25
C ASN A 263 12.66 16.02 -12.15
N GLN A 264 13.03 17.30 -12.27
CA GLN A 264 13.90 17.94 -11.30
C GLN A 264 13.11 18.37 -10.06
N ASP A 265 13.84 18.59 -8.97
CA ASP A 265 13.27 18.95 -7.68
C ASP A 265 13.45 20.45 -7.43
N ASP A 266 12.68 20.96 -6.46
CA ASP A 266 12.76 22.38 -6.14
C ASP A 266 14.18 22.80 -5.83
N LEU A 267 14.90 21.98 -5.06
CA LEU A 267 16.28 22.30 -4.74
C LEU A 267 17.12 22.40 -6.01
N THR A 268 16.89 21.50 -6.96
CA THR A 268 17.64 21.57 -8.21
C THR A 268 17.36 22.88 -8.94
N HIS A 269 16.10 23.32 -8.95
CA HIS A 269 15.77 24.57 -9.61
C HIS A 269 16.45 25.75 -8.91
N LYS A 270 16.42 25.77 -7.58
CA LYS A 270 17.07 26.86 -6.86
C LYS A 270 18.56 26.87 -7.13
N LEU A 271 19.19 25.69 -7.15
CA LEU A 271 20.61 25.62 -7.47
C LEU A 271 20.87 26.12 -8.87
N ALA A 272 20.01 25.76 -9.82
CA ALA A 272 20.20 26.22 -11.19
C ALA A 272 20.14 27.74 -11.25
N ASP A 273 19.17 28.33 -10.55
CA ASP A 273 19.08 29.80 -10.52
C ASP A 273 20.32 30.42 -9.89
N ILE A 274 20.78 29.84 -8.79
CA ILE A 274 21.96 30.38 -8.11
C ILE A 274 23.17 30.31 -9.03
N VAL A 275 23.33 29.19 -9.74
CA VAL A 275 24.45 29.04 -10.65
C VAL A 275 24.35 30.05 -11.78
N LYS A 276 23.14 30.24 -12.32
CA LYS A 276 22.97 31.22 -13.37
C LYS A 276 23.40 32.60 -12.90
N ILE A 277 22.90 33.03 -11.74
CA ILE A 277 23.22 34.37 -11.25
C ILE A 277 24.71 34.49 -10.99
N ASN A 278 25.32 33.46 -10.41
CA ASN A 278 26.74 33.51 -10.14
C ASN A 278 27.55 33.62 -11.42
N ASN A 279 27.20 32.84 -12.44
CA ASN A 279 27.90 32.93 -13.71
C ASN A 279 27.76 34.33 -14.28
N GLN A 280 26.54 34.87 -14.25
CA GLN A 280 26.32 36.21 -14.80
C GLN A 280 27.15 37.24 -14.05
N LEU A 281 27.17 37.16 -12.73
CA LEU A 281 27.89 38.14 -11.94
C LEU A 281 29.39 38.06 -12.21
N ARG A 282 29.94 36.84 -12.24
CA ARG A 282 31.37 36.70 -12.48
C ARG A 282 31.73 37.21 -13.87
N ARG A 283 30.92 36.87 -14.87
CA ARG A 283 31.20 37.34 -16.23
C ARG A 283 31.11 38.87 -16.29
N ASN A 284 30.12 39.46 -15.63
CA ASN A 284 29.97 40.91 -15.68
C ASN A 284 31.15 41.59 -15.01
N GLU A 285 31.48 41.20 -13.78
CA GLU A 285 32.63 41.79 -13.12
C GLU A 285 33.92 41.51 -13.87
N GLN A 286 33.98 40.45 -14.67
CA GLN A 286 35.18 40.14 -15.42
C GLN A 286 35.33 41.08 -16.61
N ASN A 287 34.29 41.18 -17.44
CA ASN A 287 34.38 41.97 -18.66
C ASN A 287 33.64 43.29 -18.57
N GLY A 288 32.34 43.27 -18.30
CA GLY A 288 31.57 44.50 -18.26
C GLY A 288 31.97 45.38 -17.09
N ALA A 289 31.72 44.91 -15.88
CA ALA A 289 32.07 45.65 -14.68
C ALA A 289 31.50 47.07 -14.71
N ALA A 290 30.19 47.14 -14.92
CA ALA A 290 29.53 48.44 -15.02
C ALA A 290 29.45 49.16 -13.69
N ALA A 291 29.59 48.44 -12.57
CA ALA A 291 29.56 48.98 -11.22
C ALA A 291 28.17 49.46 -10.81
N HIS A 292 27.19 49.40 -11.69
CA HIS A 292 25.83 49.85 -11.40
C HIS A 292 24.85 48.69 -11.34
N VAL A 293 24.84 47.83 -12.35
CA VAL A 293 24.01 46.63 -12.32
C VAL A 293 24.51 45.60 -11.33
N ILE A 294 25.75 45.75 -10.85
CA ILE A 294 26.28 44.80 -9.87
C ILE A 294 25.41 44.80 -8.62
N ALA A 295 24.88 45.97 -8.24
CA ALA A 295 24.02 46.05 -7.07
C ALA A 295 22.79 45.17 -7.26
N GLU A 296 22.12 45.29 -8.40
CA GLU A 296 20.96 44.45 -8.67
C GLU A 296 21.36 42.98 -8.70
N ASP A 297 22.53 42.68 -9.28
CA ASP A 297 22.99 41.30 -9.34
C ASP A 297 23.12 40.71 -7.95
N VAL A 298 23.78 41.43 -7.05
CA VAL A 298 23.98 40.92 -5.69
C VAL A 298 22.65 40.83 -4.95
N LYS A 299 21.76 41.79 -5.18
CA LYS A 299 20.45 41.73 -4.52
C LYS A 299 19.69 40.48 -4.95
N LEU A 300 19.69 40.19 -6.25
CA LEU A 300 19.03 38.99 -6.74
C LEU A 300 19.67 37.74 -6.17
N LEU A 301 21.00 37.72 -6.11
CA LEU A 301 21.69 36.55 -5.56
C LEU A 301 21.31 36.33 -4.10
N GLN A 302 21.29 37.41 -3.32
CA GLN A 302 20.88 37.34 -1.93
C GLN A 302 19.48 36.79 -1.81
N PHE A 303 18.55 37.32 -2.61
CA PHE A 303 17.17 36.85 -2.56
C PHE A 303 17.10 35.37 -2.89
N HIS A 304 17.81 34.94 -3.92
CA HIS A 304 17.72 33.55 -4.34
C HIS A 304 18.27 32.62 -3.27
N VAL A 305 19.38 32.98 -2.62
CA VAL A 305 19.92 32.11 -1.58
C VAL A 305 19.01 32.09 -0.37
N ALA A 306 18.48 33.25 0.03
CA ALA A 306 17.59 33.27 1.18
C ALA A 306 16.37 32.40 0.92
N THR A 307 15.79 32.50 -0.28
CA THR A 307 14.68 31.63 -0.63
C THR A 307 15.12 30.17 -0.67
N MET A 308 16.35 29.90 -1.08
CA MET A 308 16.82 28.52 -1.09
C MET A 308 16.78 27.93 0.30
N VAL A 309 17.26 28.67 1.30
CA VAL A 309 17.29 28.16 2.67
C VAL A 309 16.11 28.66 3.50
N ASP A 310 15.34 29.63 3.02
CA ASP A 310 14.12 30.05 3.70
C ASP A 310 13.17 30.63 2.66
N ASN A 311 12.15 29.85 2.29
CA ASN A 311 11.19 30.30 1.30
C ASN A 311 10.35 31.46 1.83
N GLU A 312 9.83 31.33 3.06
CA GLU A 312 8.92 32.33 3.61
C GLU A 312 9.70 33.36 4.41
N LEU A 313 9.48 34.63 4.08
CA LEU A 313 10.11 35.76 4.74
C LEU A 313 9.04 36.79 5.07
N PRO A 314 9.29 37.63 6.07
CA PRO A 314 8.30 38.66 6.43
C PRO A 314 8.28 39.78 5.41
N GLY A 315 7.20 39.85 4.64
CA GLY A 315 6.98 40.92 3.69
C GLY A 315 7.62 40.71 2.33
N LEU A 316 8.76 40.02 2.28
CA LEU A 316 9.45 39.85 1.02
C LEU A 316 8.67 38.91 0.10
N PRO A 317 8.78 39.08 -1.22
CA PRO A 317 8.04 38.22 -2.13
C PRO A 317 8.45 36.76 -1.98
N ARG A 318 7.48 35.87 -2.14
CA ARG A 318 7.72 34.44 -2.00
C ARG A 318 8.16 33.87 -3.35
N ALA A 319 9.21 33.05 -3.31
CA ALA A 319 9.66 32.38 -4.52
C ALA A 319 8.59 31.40 -4.99
N MET A 320 8.16 31.54 -6.23
CA MET A 320 7.12 30.72 -6.81
C MET A 320 7.64 30.01 -8.05
N GLN A 321 7.34 28.72 -8.17
CA GLN A 321 7.70 27.98 -9.37
C GLN A 321 6.93 28.51 -10.58
N LYS A 322 7.55 28.40 -11.74
CA LYS A 322 6.91 28.90 -12.97
C LYS A 322 5.53 28.28 -13.17
N SER A 323 5.34 27.04 -12.72
CA SER A 323 4.01 26.43 -12.80
C SER A 323 3.00 27.18 -11.96
N GLY A 324 3.44 27.81 -10.87
CA GLY A 324 2.56 28.61 -10.05
C GLY A 324 2.42 28.09 -8.62
N ARG A 325 3.46 27.46 -8.12
CA ARG A 325 3.47 26.95 -6.75
C ARG A 325 4.74 27.37 -6.03
N PRO A 326 4.68 27.54 -4.72
CA PRO A 326 5.87 27.98 -3.97
C PRO A 326 6.92 26.88 -3.90
N LEU A 327 8.18 27.30 -3.76
CA LEU A 327 9.28 26.36 -3.63
C LEU A 327 9.46 25.96 -2.17
N LYS A 328 9.73 24.68 -1.94
CA LYS A 328 9.89 24.15 -0.60
C LYS A 328 11.34 24.30 -0.17
N SER A 329 11.63 25.35 0.58
CA SER A 329 12.99 25.60 1.04
C SER A 329 13.36 24.61 2.15
N LEU A 330 14.66 24.55 2.44
CA LEU A 330 15.15 23.56 3.41
C LEU A 330 14.51 23.78 4.78
N LYS A 331 14.37 25.04 5.20
CA LYS A 331 13.67 25.32 6.45
C LYS A 331 12.30 24.67 6.46
N GLN A 332 11.52 24.87 5.39
CA GLN A 332 10.23 24.20 5.27
C GLN A 332 10.40 22.69 5.33
N ARG A 333 11.52 22.18 4.83
CA ARG A 333 11.73 20.75 4.79
C ARG A 333 11.73 20.14 6.18
N LEU A 334 12.13 20.89 7.19
CA LEU A 334 12.21 20.40 8.56
C LEU A 334 11.72 21.45 9.55
N LYS A 335 10.84 22.35 9.12
CA LYS A 335 10.38 23.40 10.01
C LYS A 335 9.60 22.82 11.19
N GLY A 336 8.66 21.93 10.91
CA GLY A 336 7.80 21.36 11.94
C GLY A 336 7.29 20.01 11.55
N LYS A 337 6.05 19.70 11.94
CA LYS A 337 5.44 18.42 11.63
C LYS A 337 5.57 18.13 10.15
N GLU A 338 5.49 16.85 9.77
CA GLU A 338 5.72 16.41 8.40
C GLU A 338 7.13 16.75 7.92
N GLY A 339 8.03 17.14 8.83
CA GLY A 339 9.37 17.51 8.46
C GLY A 339 10.33 16.35 8.62
N ARG A 340 11.55 16.64 9.03
CA ARG A 340 12.53 15.58 9.29
C ARG A 340 12.46 15.12 10.74
N VAL A 341 12.57 16.06 11.69
CA VAL A 341 12.57 15.66 13.09
C VAL A 341 11.30 14.90 13.43
N ARG A 342 10.17 15.59 13.45
CA ARG A 342 8.91 15.00 13.88
C ARG A 342 8.35 14.07 12.83
N GLY A 343 8.79 14.21 11.59
CA GLY A 343 8.25 13.43 10.49
C GLY A 343 8.99 12.14 10.23
N ASN A 344 10.30 12.11 10.50
CA ASN A 344 11.07 10.92 10.14
C ASN A 344 12.10 10.52 11.17
N LEU A 345 12.12 11.14 12.36
CA LEU A 345 13.03 10.74 13.42
C LEU A 345 12.29 10.34 14.68
N MET A 346 11.33 11.14 15.11
CA MET A 346 10.48 10.78 16.24
C MET A 346 9.27 9.95 15.81
N GLY A 347 8.80 10.16 14.59
CA GLY A 347 7.73 9.34 14.05
C GLY A 347 8.06 8.82 12.66
N LYS A 348 8.13 7.51 12.51
CA LYS A 348 8.46 6.87 11.25
C LYS A 348 7.34 5.92 10.84
N ARG A 349 7.58 5.19 9.76
CA ARG A 349 6.69 4.14 9.30
C ARG A 349 7.42 2.81 9.37
N VAL A 350 6.85 1.85 10.07
CA VAL A 350 7.53 0.61 10.37
C VAL A 350 6.90 -0.53 9.58
N ASP A 351 7.70 -1.56 9.33
CA ASP A 351 7.23 -2.75 8.67
C ASP A 351 6.62 -3.70 9.69
N PHE A 352 6.08 -4.81 9.21
CA PHE A 352 5.46 -5.80 10.08
C PHE A 352 4.33 -5.18 10.89
N SER A 353 3.53 -4.35 10.23
CA SER A 353 2.38 -3.69 10.83
C SER A 353 1.09 -4.16 10.17
N ALA A 354 -0.01 -4.07 10.91
CA ALA A 354 -1.31 -4.45 10.37
C ALA A 354 -2.37 -3.54 10.96
N ARG A 355 -3.44 -3.33 10.19
CA ARG A 355 -4.53 -2.46 10.63
C ARG A 355 -5.82 -3.04 10.06
N THR A 356 -6.69 -3.51 10.94
CA THR A 356 -7.94 -4.13 10.55
C THR A 356 -9.01 -3.76 11.55
N VAL A 357 -10.27 -3.90 11.14
CA VAL A 357 -11.36 -3.65 12.07
C VAL A 357 -11.30 -4.66 13.20
N ILE A 358 -12.01 -4.35 14.28
CA ILE A 358 -12.02 -5.19 15.47
C ILE A 358 -13.45 -5.56 15.81
N THR A 359 -13.61 -6.73 16.41
CA THR A 359 -14.90 -7.24 16.85
C THR A 359 -14.70 -7.95 18.18
N PRO A 360 -15.74 -8.02 19.00
CA PRO A 360 -15.60 -8.71 20.28
C PRO A 360 -15.41 -10.20 20.09
N ASP A 361 -14.83 -10.82 21.11
CA ASP A 361 -14.68 -12.28 21.11
C ASP A 361 -14.45 -12.78 22.52
N PRO A 362 -15.50 -12.97 23.31
CA PRO A 362 -15.29 -13.32 24.73
C PRO A 362 -14.57 -14.64 24.96
N ASN A 363 -14.59 -15.56 24.00
CA ASN A 363 -13.97 -16.86 24.23
C ASN A 363 -12.46 -16.80 24.26
N LEU A 364 -11.87 -15.66 23.90
CA LEU A 364 -10.43 -15.47 23.97
C LEU A 364 -10.05 -14.83 25.29
N SER A 365 -8.89 -15.21 25.81
CA SER A 365 -8.42 -14.64 27.06
C SER A 365 -8.01 -13.18 26.85
N ILE A 366 -7.90 -12.44 27.95
CA ILE A 366 -7.62 -11.02 27.87
C ILE A 366 -6.28 -10.77 27.19
N ASP A 367 -5.34 -11.69 27.33
CA ASP A 367 -4.03 -11.50 26.74
C ASP A 367 -3.92 -12.03 25.32
N GLN A 368 -4.96 -12.68 24.80
CA GLN A 368 -4.93 -13.18 23.44
C GLN A 368 -5.41 -12.11 22.46
N VAL A 369 -5.20 -12.38 21.17
CA VAL A 369 -5.67 -11.50 20.11
C VAL A 369 -5.97 -12.36 18.89
N GLY A 370 -7.14 -12.16 18.31
CA GLY A 370 -7.55 -12.92 17.14
C GLY A 370 -7.09 -12.35 15.82
N VAL A 371 -5.84 -12.56 15.44
CA VAL A 371 -5.37 -12.14 14.11
C VAL A 371 -6.03 -13.00 13.05
N PRO A 372 -6.17 -12.50 11.83
CA PRO A 372 -6.69 -13.31 10.74
C PRO A 372 -5.63 -14.27 10.21
N ARG A 373 -5.95 -14.91 9.08
CA ARG A 373 -4.99 -15.79 8.42
C ARG A 373 -4.15 -15.07 7.38
N SER A 374 -4.75 -14.18 6.60
CA SER A 374 -3.99 -13.49 5.57
C SER A 374 -2.85 -12.70 6.20
N ILE A 375 -3.13 -11.91 7.23
CA ILE A 375 -2.09 -11.10 7.84
C ILE A 375 -1.02 -12.01 8.46
N ALA A 376 -1.43 -13.08 9.12
CA ALA A 376 -0.44 -13.98 9.69
C ALA A 376 0.49 -14.50 8.61
N ALA A 377 -0.08 -14.95 7.49
CA ALA A 377 0.77 -15.45 6.41
C ALA A 377 1.66 -14.36 5.86
N ASN A 378 1.18 -13.12 5.80
CA ASN A 378 1.96 -12.08 5.13
C ASN A 378 3.17 -11.67 5.96
N MET A 379 3.00 -11.53 7.27
CA MET A 379 4.12 -11.16 8.12
C MET A 379 5.01 -12.38 8.37
N THR A 380 6.19 -12.11 8.92
CA THR A 380 7.17 -13.14 9.16
C THR A 380 7.92 -12.79 10.43
N PHE A 381 8.50 -13.80 11.07
CA PHE A 381 9.35 -13.61 12.22
C PHE A 381 10.67 -14.32 11.96
N ALA A 382 11.77 -13.58 12.07
CA ALA A 382 13.08 -14.17 11.83
C ALA A 382 13.46 -15.05 13.02
N GLU A 383 13.73 -16.32 12.75
CA GLU A 383 14.06 -17.28 13.80
C GLU A 383 15.40 -17.94 13.48
N ILE A 384 16.25 -18.05 14.49
CA ILE A 384 17.56 -18.63 14.29
C ILE A 384 17.45 -20.14 14.29
N VAL A 385 18.15 -20.78 13.35
CA VAL A 385 18.12 -22.23 13.30
C VAL A 385 18.94 -22.79 14.44
N THR A 386 18.56 -23.98 14.91
CA THR A 386 19.24 -24.62 16.02
C THR A 386 18.87 -26.09 16.02
N PRO A 387 19.80 -26.99 16.34
CA PRO A 387 19.46 -28.42 16.25
C PRO A 387 18.26 -28.83 17.07
N PHE A 388 17.93 -28.06 18.12
CA PHE A 388 16.74 -28.38 18.91
C PHE A 388 15.49 -28.31 18.05
N ASN A 389 15.48 -27.45 17.03
CA ASN A 389 14.30 -27.25 16.22
C ASN A 389 14.61 -27.22 14.73
N ILE A 390 15.74 -27.80 14.32
CA ILE A 390 16.09 -27.76 12.90
C ILE A 390 15.03 -28.47 12.07
N ASP A 391 14.46 -29.54 12.62
CA ASP A 391 13.46 -30.29 11.87
C ASP A 391 12.24 -29.43 11.55
N ARG A 392 11.77 -28.66 12.54
CA ARG A 392 10.57 -27.86 12.34
C ARG A 392 10.79 -26.82 11.25
N LEU A 393 11.90 -26.08 11.32
CA LEU A 393 12.18 -25.10 10.29
C LEU A 393 12.39 -25.76 8.94
N GLN A 394 13.01 -26.93 8.92
CA GLN A 394 13.16 -27.64 7.66
C GLN A 394 11.80 -27.92 7.05
N GLU A 395 10.86 -28.41 7.87
CA GLU A 395 9.53 -28.68 7.37
C GLU A 395 8.85 -27.41 6.89
N LEU A 396 9.01 -26.31 7.64
CA LEU A 396 8.38 -25.07 7.22
C LEU A 396 8.92 -24.60 5.88
N VAL A 397 10.24 -24.67 5.70
CA VAL A 397 10.84 -24.29 4.44
C VAL A 397 10.29 -25.17 3.32
N ARG A 398 10.24 -26.48 3.55
CA ARG A 398 9.74 -27.38 2.52
C ARG A 398 8.31 -27.03 2.15
N ARG A 399 7.48 -26.74 3.15
CA ARG A 399 6.12 -26.31 2.87
C ARG A 399 6.08 -24.97 2.13
N GLY A 400 7.17 -24.22 2.17
CA GLY A 400 7.25 -23.04 1.36
C GLY A 400 6.27 -21.97 1.81
N ASN A 401 6.15 -20.94 0.97
CA ASN A 401 5.30 -19.81 1.26
C ASN A 401 3.87 -19.98 0.76
N SER A 402 3.62 -20.98 -0.07
CA SER A 402 2.26 -21.19 -0.57
C SER A 402 1.30 -21.49 0.57
N GLN A 403 1.54 -22.59 1.28
CA GLN A 403 0.69 -22.99 2.39
C GLN A 403 1.09 -22.19 3.63
N TYR A 404 0.09 -21.80 4.41
CA TYR A 404 0.35 -20.84 5.49
C TYR A 404 1.41 -21.33 6.46
N PRO A 405 1.34 -22.53 7.01
CA PRO A 405 2.35 -22.92 8.00
C PRO A 405 3.69 -23.13 7.33
N GLY A 406 4.38 -22.05 7.01
CA GLY A 406 5.63 -22.13 6.29
C GLY A 406 6.52 -20.93 6.56
N ALA A 407 7.41 -20.67 5.61
CA ALA A 407 8.38 -19.60 5.72
C ALA A 407 8.32 -18.75 4.46
N LYS A 408 9.09 -17.68 4.47
CA LYS A 408 9.16 -16.78 3.33
C LYS A 408 10.57 -16.56 2.83
N TYR A 409 11.52 -16.33 3.74
CA TYR A 409 12.92 -16.15 3.40
C TYR A 409 13.77 -17.06 4.28
N ILE A 410 14.94 -17.40 3.78
CA ILE A 410 15.93 -18.16 4.51
C ILE A 410 17.26 -17.45 4.32
N ILE A 411 17.72 -16.77 5.37
CA ILE A 411 18.93 -15.97 5.29
C ILE A 411 20.11 -16.82 5.70
N ARG A 412 21.12 -16.87 4.85
CA ARG A 412 22.35 -17.59 5.16
C ARG A 412 23.17 -16.76 6.13
N ASP A 413 24.25 -17.36 6.65
CA ASP A 413 25.09 -16.65 7.61
C ASP A 413 25.73 -15.42 6.97
N ASN A 414 26.18 -15.55 5.72
CA ASN A 414 26.90 -14.45 5.07
C ASN A 414 25.98 -13.29 4.71
N GLY A 415 24.68 -13.43 4.90
CA GLY A 415 23.74 -12.37 4.60
C GLY A 415 23.00 -12.51 3.29
N ASP A 416 23.11 -13.63 2.60
CA ASP A 416 22.43 -13.85 1.33
C ASP A 416 21.07 -14.46 1.61
N ARG A 417 20.01 -13.81 1.13
CA ARG A 417 18.65 -14.24 1.36
C ARG A 417 18.12 -14.94 0.12
N ILE A 418 17.53 -16.11 0.31
CA ILE A 418 16.95 -16.88 -0.77
C ILE A 418 15.44 -16.77 -0.67
N ASP A 419 14.82 -16.16 -1.67
CA ASP A 419 13.37 -15.96 -1.65
C ASP A 419 12.69 -17.28 -2.00
N LEU A 420 11.82 -17.76 -1.11
CA LEU A 420 11.18 -19.03 -1.29
C LEU A 420 9.91 -18.95 -2.15
N ARG A 421 9.49 -17.75 -2.52
CA ARG A 421 8.28 -17.63 -3.33
C ARG A 421 8.46 -18.21 -4.72
N PHE A 422 9.68 -18.14 -5.26
CA PHE A 422 9.97 -18.58 -6.62
C PHE A 422 10.41 -20.04 -6.68
N HIS A 423 10.01 -20.85 -5.70
CA HIS A 423 10.34 -22.27 -5.65
C HIS A 423 11.77 -22.50 -6.11
N PRO A 424 12.76 -22.03 -5.35
CA PRO A 424 14.16 -22.18 -5.79
C PRO A 424 14.57 -23.63 -5.89
N LYS A 425 15.78 -23.86 -6.37
CA LYS A 425 16.26 -25.22 -6.58
C LYS A 425 16.38 -25.95 -5.24
N PRO A 426 16.33 -27.29 -5.25
CA PRO A 426 16.42 -28.03 -3.99
C PRO A 426 17.68 -27.73 -3.19
N SER A 427 18.78 -27.42 -3.86
CA SER A 427 20.03 -27.19 -3.14
C SER A 427 19.91 -26.02 -2.17
N ASP A 428 19.26 -24.94 -2.59
CA ASP A 428 19.08 -23.79 -1.71
C ASP A 428 18.10 -24.07 -0.58
N LEU A 429 17.31 -25.14 -0.69
CA LEU A 429 16.37 -25.47 0.38
C LEU A 429 17.09 -25.95 1.64
N HIS A 430 18.29 -26.50 1.48
CA HIS A 430 19.05 -27.01 2.61
C HIS A 430 19.44 -25.87 3.55
N LEU A 431 19.52 -26.19 4.83
CA LEU A 431 19.85 -25.17 5.83
C LEU A 431 20.61 -25.82 6.98
N GLN A 432 21.40 -25.00 7.67
CA GLN A 432 22.25 -25.45 8.75
C GLN A 432 22.09 -24.50 9.93
N THR A 433 22.86 -24.76 11.00
CA THR A 433 22.60 -24.12 12.28
C THR A 433 22.70 -22.60 12.19
N GLY A 434 23.66 -22.08 11.43
CA GLY A 434 23.91 -20.65 11.45
C GLY A 434 22.88 -19.82 10.73
N TYR A 435 22.00 -20.42 9.94
CA TYR A 435 21.10 -19.68 9.09
C TYR A 435 19.90 -19.18 9.87
N LYS A 436 19.07 -18.37 9.22
CA LYS A 436 17.84 -17.86 9.78
C LYS A 436 16.68 -18.20 8.85
N VAL A 437 15.54 -18.53 9.45
CA VAL A 437 14.32 -18.82 8.71
C VAL A 437 13.27 -17.82 9.16
N GLU A 438 12.67 -17.12 8.21
CA GLU A 438 11.66 -16.10 8.49
C GLU A 438 10.28 -16.75 8.36
N ARG A 439 9.92 -17.54 9.36
CA ARG A 439 8.66 -18.27 9.32
C ARG A 439 7.49 -17.30 9.46
N HIS A 440 6.31 -17.79 9.07
CA HIS A 440 5.08 -17.03 9.24
C HIS A 440 4.73 -16.89 10.72
N MET A 441 4.04 -15.80 11.04
CA MET A 441 3.51 -15.63 12.39
C MET A 441 2.59 -16.79 12.73
N CYS A 442 2.85 -17.45 13.85
CA CYS A 442 2.13 -18.65 14.24
C CYS A 442 1.51 -18.48 15.62
N ASP A 443 0.61 -19.38 15.95
CA ASP A 443 -0.08 -19.32 17.24
C ASP A 443 0.93 -19.30 18.37
N GLY A 444 0.68 -18.42 19.35
CA GLY A 444 1.54 -18.28 20.49
C GLY A 444 2.57 -17.17 20.38
N ASP A 445 2.77 -16.62 19.20
CA ASP A 445 3.75 -15.54 19.05
C ASP A 445 3.26 -14.30 19.76
N ILE A 446 4.22 -13.46 20.16
CA ILE A 446 3.94 -12.23 20.88
C ILE A 446 3.89 -11.08 19.89
N VAL A 447 2.80 -10.32 19.93
CA VAL A 447 2.69 -9.10 19.18
C VAL A 447 2.35 -7.99 20.17
N ILE A 448 2.27 -6.78 19.66
CA ILE A 448 2.00 -5.62 20.49
C ILE A 448 0.80 -4.91 19.90
N PHE A 449 -0.38 -5.13 20.46
CA PHE A 449 -1.62 -4.60 19.92
C PHE A 449 -1.81 -3.17 20.38
N ASN A 450 -2.12 -2.28 19.43
CA ASN A 450 -2.21 -0.86 19.74
C ASN A 450 -3.37 -0.21 19.00
N ARG A 451 -3.93 0.82 19.63
CA ARG A 451 -4.97 1.66 19.04
C ARG A 451 -4.40 3.04 18.75
N GLN A 452 -4.86 3.67 17.67
CA GLN A 452 -4.12 4.80 17.10
C GLN A 452 -3.91 5.93 18.08
N PRO A 453 -4.92 6.43 18.81
CA PRO A 453 -4.66 7.46 19.83
C PRO A 453 -4.16 6.80 21.11
N THR A 454 -2.87 6.93 21.39
CA THR A 454 -2.24 6.32 22.55
C THR A 454 -2.12 7.39 23.64
N LEU A 455 -3.18 7.54 24.42
CA LEU A 455 -3.21 8.59 25.44
C LEU A 455 -2.30 8.26 26.61
N HIS A 456 -2.30 7.01 27.07
CA HIS A 456 -1.60 6.65 28.29
C HIS A 456 -0.93 5.30 28.12
N LYS A 457 -0.20 4.88 29.15
CA LYS A 457 0.62 3.67 29.05
C LYS A 457 -0.23 2.47 28.66
N MET A 458 -1.43 2.35 29.22
CA MET A 458 -2.26 1.19 28.95
C MET A 458 -2.91 1.30 27.58
N SER A 459 -2.11 1.59 26.55
CA SER A 459 -2.60 1.66 25.19
C SER A 459 -1.71 0.92 24.21
N MET A 460 -0.73 0.17 24.69
CA MET A 460 0.09 -0.70 23.85
C MET A 460 0.55 -1.86 24.73
N MET A 461 -0.23 -2.93 24.74
CA MET A 461 0.08 -4.11 25.54
C MET A 461 0.30 -5.30 24.62
N GLY A 462 1.16 -6.21 25.08
CA GLY A 462 1.40 -7.43 24.33
C GLY A 462 0.20 -8.35 24.35
N HIS A 463 0.17 -9.26 23.38
CA HIS A 463 -0.87 -10.26 23.31
C HIS A 463 -0.31 -11.51 22.67
N ARG A 464 -0.89 -12.65 23.00
CA ARG A 464 -0.52 -13.90 22.36
C ARG A 464 -1.40 -14.11 21.13
N VAL A 465 -0.77 -14.58 20.06
CA VAL A 465 -1.45 -14.64 18.77
C VAL A 465 -2.35 -15.86 18.73
N ARG A 466 -3.51 -15.71 18.11
CA ARG A 466 -4.37 -16.84 17.79
C ARG A 466 -5.00 -16.57 16.44
N ILE A 467 -4.87 -17.52 15.53
CA ILE A 467 -5.36 -17.36 14.17
C ILE A 467 -6.76 -17.93 14.08
N LEU A 468 -7.67 -17.17 13.49
CA LEU A 468 -9.07 -17.53 13.35
C LEU A 468 -9.50 -17.35 11.91
N PRO A 469 -10.51 -18.07 11.47
CA PRO A 469 -10.82 -18.06 10.04
C PRO A 469 -11.09 -16.67 9.48
N TRP A 470 -12.09 -15.98 9.99
CA TRP A 470 -12.55 -14.77 9.34
C TRP A 470 -11.54 -13.64 9.57
N SER A 471 -11.70 -12.57 8.80
CA SER A 471 -10.67 -11.56 8.64
C SER A 471 -10.99 -10.33 9.49
N THR A 472 -10.80 -10.47 10.80
CA THR A 472 -11.01 -9.36 11.73
C THR A 472 -10.21 -9.61 12.99
N PHE A 473 -9.45 -8.60 13.42
CA PHE A 473 -8.84 -8.65 14.74
C PHE A 473 -9.90 -8.84 15.80
N ARG A 474 -9.58 -9.64 16.80
CA ARG A 474 -10.48 -9.89 17.92
C ARG A 474 -9.70 -9.76 19.22
N LEU A 475 -10.42 -9.43 20.29
CA LEU A 475 -9.79 -9.21 21.57
C LEU A 475 -10.88 -9.24 22.64
N ASN A 476 -10.55 -9.82 23.80
CA ASN A 476 -11.56 -9.97 24.83
C ASN A 476 -12.12 -8.62 25.22
N LEU A 477 -13.41 -8.61 25.56
CA LEU A 477 -14.11 -7.36 25.79
C LEU A 477 -13.53 -6.60 26.98
N SER A 478 -13.14 -7.32 28.03
CA SER A 478 -12.58 -6.65 29.20
C SER A 478 -11.44 -5.74 28.80
N VAL A 479 -10.64 -6.14 27.81
CA VAL A 479 -9.50 -5.34 27.37
C VAL A 479 -9.93 -4.18 26.49
N THR A 480 -11.24 -3.96 26.34
CA THR A 480 -11.69 -2.85 25.52
C THR A 480 -11.53 -1.53 26.24
N THR A 481 -11.74 -1.53 27.56
CA THR A 481 -11.73 -0.27 28.31
C THR A 481 -10.40 0.47 28.20
N PRO A 482 -9.24 -0.16 28.40
CA PRO A 482 -7.99 0.61 28.28
C PRO A 482 -7.83 1.28 26.93
N TYR A 483 -7.91 0.50 25.85
CA TYR A 483 -7.76 1.06 24.51
C TYR A 483 -8.82 2.12 24.23
N ASN A 484 -9.96 2.05 24.89
CA ASN A 484 -11.12 2.89 24.58
C ASN A 484 -11.75 2.51 23.23
N ALA A 485 -11.60 1.26 22.81
CA ALA A 485 -12.21 0.80 21.58
C ALA A 485 -13.71 0.56 21.80
N ASP A 486 -14.43 0.43 20.69
CA ASP A 486 -15.89 0.33 20.75
C ASP A 486 -16.49 -0.68 19.79
N PHE A 487 -15.68 -1.40 19.01
CA PHE A 487 -16.19 -2.39 18.06
C PHE A 487 -17.30 -1.83 17.19
N ASP A 488 -17.19 -0.56 16.80
CA ASP A 488 -18.10 0.08 15.86
C ASP A 488 -17.34 0.55 14.63
N GLY A 489 -16.47 -0.32 14.11
CA GLY A 489 -15.61 0.06 13.01
C GLY A 489 -14.28 0.65 13.44
N ASP A 490 -13.76 0.25 14.59
CA ASP A 490 -12.48 0.77 15.05
C ASP A 490 -11.35 0.22 14.19
N GLU A 491 -10.17 0.80 14.37
CA GLU A 491 -8.95 0.29 13.79
C GLU A 491 -7.89 0.24 14.87
N MET A 492 -7.12 -0.85 14.90
CA MET A 492 -6.08 -1.01 15.90
C MET A 492 -4.84 -1.61 15.24
N ASN A 493 -3.72 -0.92 15.36
CA ASN A 493 -2.49 -1.36 14.73
C ASN A 493 -1.92 -2.59 15.44
N LEU A 494 -1.04 -3.29 14.75
CA LEU A 494 -0.44 -4.51 15.29
C LEU A 494 0.98 -4.60 14.77
N HIS A 495 1.94 -4.32 15.65
CA HIS A 495 3.35 -4.43 15.33
C HIS A 495 3.89 -5.76 15.86
N LEU A 496 4.94 -6.24 15.19
CA LEU A 496 5.53 -7.54 15.50
C LEU A 496 7.02 -7.32 15.70
N PRO A 497 7.60 -7.73 16.83
CA PRO A 497 9.06 -7.63 16.97
C PRO A 497 9.76 -8.68 16.12
N GLN A 498 11.02 -8.39 15.79
CA GLN A 498 11.83 -9.26 14.95
C GLN A 498 13.13 -9.62 15.66
N SER A 499 13.02 -9.96 16.95
CA SER A 499 14.20 -10.37 17.71
C SER A 499 13.80 -11.03 19.01
N LEU A 500 14.41 -12.18 19.32
CA LEU A 500 14.12 -12.82 20.60
C LEU A 500 14.33 -11.84 21.74
N GLU A 501 15.31 -10.96 21.61
CA GLU A 501 15.57 -9.97 22.65
C GLU A 501 14.34 -9.09 22.87
N THR A 502 13.83 -8.48 21.80
CA THR A 502 12.70 -7.59 21.93
C THR A 502 11.42 -8.35 22.30
N ARG A 503 11.25 -9.55 21.76
CA ARG A 503 10.08 -10.34 22.13
C ARG A 503 10.07 -10.62 23.63
N ALA A 504 11.21 -11.05 24.18
CA ALA A 504 11.28 -11.30 25.61
C ALA A 504 11.07 -10.01 26.39
N GLU A 505 11.62 -8.90 25.90
CA GLU A 505 11.42 -7.63 26.57
C GLU A 505 9.94 -7.28 26.67
N ILE A 506 9.22 -7.38 25.56
CA ILE A 506 7.79 -7.08 25.59
C ILE A 506 7.07 -8.05 26.51
N GLN A 507 7.41 -9.34 26.42
CA GLN A 507 6.73 -10.35 27.22
C GLN A 507 6.90 -10.09 28.71
N GLU A 508 8.01 -9.49 29.10
CA GLU A 508 8.27 -9.27 30.52
C GLU A 508 7.78 -7.92 31.02
N LEU A 509 7.74 -6.90 30.16
CA LEU A 509 7.34 -5.57 30.59
C LEU A 509 5.91 -5.23 30.16
N ALA A 510 5.64 -5.23 28.87
CA ALA A 510 4.37 -4.76 28.32
C ALA A 510 3.53 -5.98 27.95
N MET A 511 2.57 -6.31 28.81
CA MET A 511 1.67 -7.41 28.55
C MET A 511 0.38 -7.13 29.31
N VAL A 512 -0.70 -7.77 28.88
CA VAL A 512 -2.01 -7.47 29.43
C VAL A 512 -2.00 -7.80 30.92
N PRO A 513 -1.79 -9.06 31.32
CA PRO A 513 -1.88 -9.37 32.75
C PRO A 513 -0.96 -8.53 33.61
N ARG A 514 0.26 -8.22 33.15
CA ARG A 514 1.14 -7.38 33.94
C ARG A 514 0.63 -5.96 34.02
N MET A 515 -0.02 -5.47 32.96
CA MET A 515 -0.56 -4.12 32.95
C MET A 515 -2.05 -4.12 33.29
N ILE A 516 -2.37 -4.56 34.50
CA ILE A 516 -3.75 -4.54 34.98
C ILE A 516 -4.04 -3.34 35.85
N VAL A 517 -3.07 -2.92 36.67
CA VAL A 517 -3.23 -1.80 37.58
C VAL A 517 -2.38 -0.65 37.07
N THR A 518 -2.97 0.51 36.97
CA THR A 518 -2.23 1.63 36.43
C THR A 518 -1.70 2.53 37.54
N PRO A 519 -0.52 3.11 37.38
CA PRO A 519 0.03 3.98 38.42
C PRO A 519 -0.61 5.36 38.47
N GLN A 520 -1.41 5.74 37.48
CA GLN A 520 -2.00 7.07 37.51
C GLN A 520 -3.04 7.17 38.62
N SER A 521 -3.70 6.07 38.95
CA SER A 521 -4.67 6.06 40.03
C SER A 521 -4.67 4.76 40.81
N ASN A 522 -3.70 3.88 40.60
CA ASN A 522 -3.49 2.70 41.42
C ASN A 522 -4.79 1.92 41.63
N ARG A 523 -5.50 1.70 40.52
CA ARG A 523 -6.72 0.93 40.52
C ARG A 523 -6.78 0.14 39.22
N PRO A 524 -7.56 -0.94 39.17
CA PRO A 524 -7.66 -1.71 37.94
C PRO A 524 -8.17 -0.85 36.80
N VAL A 525 -7.70 -1.15 35.59
CA VAL A 525 -8.20 -0.51 34.38
C VAL A 525 -9.14 -1.42 33.62
N MET A 526 -8.84 -2.71 33.56
CA MET A 526 -9.69 -3.68 32.88
C MET A 526 -10.74 -4.19 33.86
N GLY A 527 -12.01 -3.95 33.55
CA GLY A 527 -13.10 -4.46 34.36
C GLY A 527 -14.25 -4.92 33.48
N ILE A 528 -15.17 -5.65 34.10
CA ILE A 528 -16.36 -6.11 33.41
C ILE A 528 -17.30 -4.93 33.26
N VAL A 529 -17.38 -4.37 32.05
CA VAL A 529 -18.20 -3.18 31.83
C VAL A 529 -19.17 -3.39 30.69
N GLN A 530 -19.58 -4.64 30.45
CA GLN A 530 -20.55 -4.91 29.40
C GLN A 530 -21.62 -5.89 29.87
N ASP A 531 -22.43 -6.38 28.92
CA ASP A 531 -23.56 -7.24 29.28
C ASP A 531 -23.19 -8.30 30.30
N THR A 532 -21.92 -8.69 30.34
CA THR A 532 -21.49 -9.62 31.37
C THR A 532 -21.71 -9.04 32.76
N LEU A 533 -21.54 -7.73 32.92
CA LEU A 533 -21.73 -7.13 34.23
C LEU A 533 -23.18 -7.29 34.69
N THR A 534 -24.13 -6.95 33.82
CA THR A 534 -25.53 -7.12 34.17
C THR A 534 -25.84 -8.59 34.41
N ALA A 535 -25.28 -9.47 33.59
CA ALA A 535 -25.55 -10.89 33.76
C ALA A 535 -25.06 -11.37 35.12
N VAL A 536 -23.86 -10.96 35.53
CA VAL A 536 -23.33 -11.42 36.79
C VAL A 536 -24.12 -10.84 37.96
N ARG A 537 -24.54 -9.58 37.85
CA ARG A 537 -25.37 -9.03 38.92
C ARG A 537 -26.62 -9.88 39.10
N LYS A 538 -27.31 -10.17 38.00
CA LYS A 538 -28.45 -11.08 38.09
C LYS A 538 -28.02 -12.49 38.44
N PHE A 539 -26.76 -12.83 38.21
CA PHE A 539 -26.30 -14.18 38.52
C PHE A 539 -26.04 -14.38 40.00
N THR A 540 -25.96 -13.30 40.78
CA THR A 540 -25.60 -13.39 42.18
C THR A 540 -26.72 -12.98 43.12
N LYS A 541 -27.93 -12.72 42.61
CA LYS A 541 -29.00 -12.38 43.52
C LYS A 541 -29.28 -13.55 44.44
N ARG A 542 -29.89 -13.26 45.59
CA ARG A 542 -30.21 -14.33 46.52
C ARG A 542 -31.11 -15.36 45.88
N ASP A 543 -31.98 -14.92 44.97
CA ASP A 543 -33.00 -15.79 44.40
C ASP A 543 -32.56 -16.30 43.04
N VAL A 544 -31.50 -17.09 43.04
CA VAL A 544 -31.01 -17.76 41.84
C VAL A 544 -30.70 -19.20 42.18
N PHE A 545 -31.21 -20.11 41.36
CA PHE A 545 -31.04 -21.52 41.64
C PHE A 545 -30.84 -22.27 40.33
N LEU A 546 -29.97 -23.27 40.37
CA LEU A 546 -29.58 -24.02 39.18
C LEU A 546 -29.71 -25.50 39.48
N GLU A 547 -30.02 -26.28 38.46
CA GLU A 547 -30.09 -27.72 38.62
C GLU A 547 -28.74 -28.35 38.31
N ARG A 548 -28.58 -29.61 38.70
CA ARG A 548 -27.31 -30.28 38.50
C ARG A 548 -26.86 -30.16 37.05
N GLY A 549 -27.82 -30.22 36.11
CA GLY A 549 -27.45 -30.09 34.71
C GLY A 549 -26.81 -28.76 34.41
N GLU A 550 -27.43 -27.68 34.85
CA GLU A 550 -26.89 -26.36 34.55
C GLU A 550 -25.59 -26.11 35.28
N VAL A 551 -25.48 -26.57 36.53
CA VAL A 551 -24.25 -26.38 37.27
C VAL A 551 -23.12 -27.12 36.60
N MET A 552 -23.35 -28.38 36.24
CA MET A 552 -22.31 -29.15 35.59
C MET A 552 -21.95 -28.58 34.24
N ASN A 553 -22.92 -27.98 33.54
CA ASN A 553 -22.60 -27.36 32.26
C ASN A 553 -21.76 -26.12 32.43
N LEU A 554 -22.13 -25.24 33.37
CA LEU A 554 -21.36 -24.02 33.57
C LEU A 554 -19.94 -24.34 33.99
N LEU A 555 -19.76 -25.32 34.86
CA LEU A 555 -18.44 -25.70 35.32
C LEU A 555 -17.51 -25.97 34.15
N MET A 556 -18.03 -26.54 33.05
CA MET A 556 -17.19 -26.83 31.91
C MET A 556 -16.46 -25.59 31.42
N PHE A 557 -17.07 -24.42 31.59
CA PHE A 557 -16.44 -23.17 31.18
C PHE A 557 -15.65 -22.55 32.32
N LEU A 558 -14.78 -23.35 32.94
CA LEU A 558 -13.99 -22.91 34.08
C LEU A 558 -12.59 -23.50 33.93
N SER A 559 -11.60 -22.62 33.74
CA SER A 559 -10.24 -23.08 33.47
C SER A 559 -9.50 -23.48 34.73
N THR A 560 -10.07 -23.23 35.91
CA THR A 560 -9.39 -23.52 37.17
C THR A 560 -10.26 -24.36 38.08
N TRP A 561 -11.22 -25.09 37.52
CA TRP A 561 -12.02 -25.98 38.34
C TRP A 561 -11.16 -27.16 38.81
N ASP A 562 -11.15 -27.40 40.11
CA ASP A 562 -10.35 -28.50 40.65
C ASP A 562 -10.88 -29.86 40.22
N GLY A 563 -12.12 -29.94 39.77
CA GLY A 563 -12.72 -31.20 39.40
C GLY A 563 -13.66 -31.80 40.43
N LYS A 564 -14.01 -31.07 41.49
CA LYS A 564 -14.90 -31.56 42.52
C LYS A 564 -16.17 -30.71 42.52
N VAL A 565 -17.32 -31.38 42.52
CA VAL A 565 -18.61 -30.69 42.54
C VAL A 565 -18.88 -30.19 43.95
N PRO A 566 -19.15 -28.91 44.15
CA PRO A 566 -19.40 -28.41 45.50
C PRO A 566 -20.72 -28.91 46.05
N GLN A 567 -20.80 -28.97 47.38
CA GLN A 567 -22.03 -29.43 48.02
C GLN A 567 -23.15 -28.42 47.70
N PRO A 568 -24.25 -28.86 47.10
CA PRO A 568 -25.31 -27.90 46.75
C PRO A 568 -25.84 -27.21 47.99
N ALA A 569 -26.26 -25.96 47.81
CA ALA A 569 -26.81 -25.21 48.93
C ALA A 569 -28.12 -25.81 49.43
N ILE A 570 -28.76 -26.67 48.64
CA ILE A 570 -30.05 -27.23 49.02
C ILE A 570 -30.14 -28.69 48.57
N LEU A 571 -30.00 -29.62 49.51
CA LEU A 571 -30.04 -31.04 49.17
C LEU A 571 -31.47 -31.48 48.88
N LYS A 572 -32.36 -31.37 49.85
CA LYS A 572 -33.74 -31.74 49.66
C LYS A 572 -34.62 -30.49 49.62
N PRO A 573 -35.75 -30.54 48.93
CA PRO A 573 -36.32 -31.70 48.25
C PRO A 573 -35.65 -32.00 46.92
N ARG A 574 -34.75 -31.14 46.43
CA ARG A 574 -34.10 -31.40 45.16
C ARG A 574 -32.78 -30.66 45.12
N PRO A 575 -31.69 -31.29 44.67
CA PRO A 575 -30.39 -30.59 44.68
C PRO A 575 -30.42 -29.34 43.81
N LEU A 576 -30.35 -28.19 44.46
CA LEU A 576 -30.35 -26.89 43.79
C LEU A 576 -29.14 -26.12 44.25
N TRP A 577 -28.32 -25.68 43.29
CA TRP A 577 -27.20 -24.81 43.60
C TRP A 577 -27.66 -23.37 43.60
N THR A 578 -26.86 -22.50 44.21
CA THR A 578 -27.14 -21.08 44.26
C THR A 578 -26.16 -20.34 43.36
N GLY A 579 -26.55 -19.16 42.92
CA GLY A 579 -25.67 -18.38 42.09
C GLY A 579 -24.37 -18.05 42.77
N LYS A 580 -24.44 -17.57 44.02
CA LYS A 580 -23.23 -17.23 44.73
C LYS A 580 -22.35 -18.45 44.93
N GLN A 581 -22.96 -19.58 45.27
CA GLN A 581 -22.17 -20.77 45.54
C GLN A 581 -21.34 -21.16 44.31
N ILE A 582 -21.92 -21.07 43.12
CA ILE A 582 -21.16 -21.35 41.91
C ILE A 582 -20.10 -20.27 41.68
N PHE A 583 -20.48 -19.01 41.85
CA PHE A 583 -19.56 -17.92 41.56
C PHE A 583 -18.32 -17.98 42.46
N SER A 584 -18.44 -18.57 43.65
CA SER A 584 -17.28 -18.72 44.52
C SER A 584 -16.15 -19.43 43.81
N LEU A 585 -16.46 -20.56 43.18
CA LEU A 585 -15.42 -21.36 42.54
C LEU A 585 -14.64 -20.53 41.53
N ILE A 586 -15.23 -19.47 41.00
CA ILE A 586 -14.50 -18.62 40.08
C ILE A 586 -13.43 -17.82 40.80
N ILE A 587 -13.68 -17.43 42.06
CA ILE A 587 -12.76 -16.55 42.78
C ILE A 587 -11.51 -17.33 43.19
N PRO A 588 -10.31 -16.89 42.82
CA PRO A 588 -9.12 -17.71 43.04
C PRO A 588 -8.52 -17.50 44.41
N GLY A 589 -7.77 -18.50 44.85
CA GLY A 589 -7.05 -18.39 46.10
C GLY A 589 -8.00 -18.09 47.24
N HIS A 590 -7.45 -17.51 48.30
CA HIS A 590 -8.20 -17.15 49.49
C HIS A 590 -8.17 -15.63 49.61
N ILE A 591 -9.12 -14.98 48.96
CA ILE A 591 -9.23 -13.52 48.99
C ILE A 591 -10.21 -13.13 50.08
N ASN A 592 -10.06 -11.90 50.58
CA ASN A 592 -10.97 -11.36 51.58
C ASN A 592 -11.16 -9.87 51.30
N CYS A 593 -12.42 -9.45 51.14
CA CYS A 593 -12.72 -8.05 50.86
C CYS A 593 -14.20 -7.81 51.14
N ILE A 594 -14.54 -6.54 51.38
CA ILE A 594 -15.89 -6.12 51.71
C ILE A 594 -16.27 -4.96 50.81
N ARG A 595 -17.46 -5.02 50.22
CA ARG A 595 -17.93 -3.97 49.33
C ARG A 595 -19.43 -3.84 49.45
N THR A 596 -19.93 -2.67 49.03
CA THR A 596 -21.32 -2.30 49.15
C THR A 596 -21.96 -2.25 47.77
N HIS A 597 -23.12 -2.89 47.64
CA HIS A 597 -23.82 -2.93 46.38
C HIS A 597 -24.43 -1.57 46.06
N SER A 598 -24.72 -1.35 44.78
CA SER A 598 -25.18 -0.03 44.36
C SER A 598 -26.43 0.39 45.12
N THR A 599 -27.43 -0.48 45.18
CA THR A 599 -28.67 -0.21 45.90
C THR A 599 -28.56 -0.69 47.34
N HIS A 600 -27.58 -0.14 48.06
CA HIS A 600 -27.44 -0.43 49.48
C HIS A 600 -28.01 0.74 50.26
N PRO A 601 -29.13 0.57 50.96
CA PRO A 601 -29.67 1.71 51.72
C PRO A 601 -28.69 2.11 52.81
N ASP A 602 -28.42 3.41 52.90
CA ASP A 602 -27.42 3.89 53.86
C ASP A 602 -27.82 3.56 55.27
N ASP A 603 -29.10 3.74 55.61
CA ASP A 603 -29.59 3.53 56.97
C ASP A 603 -29.84 2.04 57.24
N GLU A 604 -28.80 1.25 57.03
CA GLU A 604 -28.88 -0.16 57.33
C GLU A 604 -27.77 -0.64 58.26
N ASP A 605 -26.55 -0.14 58.09
CA ASP A 605 -25.49 -0.50 59.03
C ASP A 605 -25.82 -0.02 60.43
N SER A 606 -26.38 1.18 60.56
CA SER A 606 -26.69 1.72 61.87
C SER A 606 -27.72 0.86 62.59
N GLY A 607 -28.78 0.48 61.88
CA GLY A 607 -29.86 -0.28 62.49
C GLY A 607 -29.54 -1.75 62.57
N PRO A 608 -30.47 -2.54 63.08
CA PRO A 608 -30.21 -3.98 63.21
C PRO A 608 -30.12 -4.62 61.83
N TYR A 609 -29.85 -5.91 61.77
CA TYR A 609 -29.64 -6.62 60.51
C TYR A 609 -28.38 -6.16 59.80
N LYS A 610 -27.41 -5.58 60.52
CA LYS A 610 -26.21 -5.09 59.86
C LYS A 610 -25.49 -6.21 59.13
N HIS A 611 -25.39 -7.37 59.77
CA HIS A 611 -24.69 -8.51 59.20
C HIS A 611 -25.60 -9.48 58.46
N ILE A 612 -26.90 -9.18 58.38
CA ILE A 612 -27.84 -10.01 57.64
C ILE A 612 -28.81 -9.09 56.93
N SER A 613 -28.54 -8.79 55.69
CA SER A 613 -29.23 -7.67 55.06
C SER A 613 -30.46 -8.14 54.30
N PRO A 614 -31.64 -7.56 54.53
CA PRO A 614 -32.81 -7.97 53.75
C PRO A 614 -32.63 -7.77 52.26
N GLY A 615 -31.92 -6.73 51.85
CA GLY A 615 -31.74 -6.45 50.45
C GLY A 615 -30.61 -7.18 49.78
N ASP A 616 -29.94 -8.08 50.51
CA ASP A 616 -28.78 -8.79 49.98
C ASP A 616 -27.77 -7.81 49.39
N THR A 617 -27.18 -7.03 50.29
CA THR A 617 -26.10 -6.10 49.97
C THR A 617 -24.95 -6.37 50.96
N LYS A 618 -24.02 -5.42 51.04
CA LYS A 618 -22.86 -5.59 51.90
C LYS A 618 -22.08 -6.83 51.48
N VAL A 619 -21.53 -6.75 50.27
CA VAL A 619 -20.76 -7.86 49.72
C VAL A 619 -19.66 -8.22 50.70
N VAL A 620 -19.63 -9.49 51.10
CA VAL A 620 -18.62 -9.99 52.01
C VAL A 620 -18.02 -11.24 51.40
N VAL A 621 -16.70 -11.22 51.18
CA VAL A 621 -15.97 -12.35 50.63
C VAL A 621 -14.95 -12.78 51.66
N GLU A 622 -14.93 -14.07 51.98
CA GLU A 622 -13.95 -14.63 52.88
C GLU A 622 -13.37 -15.90 52.27
N ASN A 623 -12.07 -16.11 52.45
CA ASN A 623 -11.41 -17.27 51.88
C ASN A 623 -11.80 -17.45 50.41
N GLY A 624 -11.99 -16.34 49.71
CA GLY A 624 -12.36 -16.40 48.30
C GLY A 624 -13.66 -17.13 48.04
N GLU A 625 -14.70 -16.86 48.85
CA GLU A 625 -16.01 -17.45 48.66
C GLU A 625 -17.06 -16.39 48.90
N LEU A 626 -17.88 -16.10 47.90
CA LEU A 626 -18.90 -15.08 48.04
C LEU A 626 -19.97 -15.54 49.03
N ILE A 627 -20.26 -14.71 50.02
CA ILE A 627 -21.15 -15.06 51.12
C ILE A 627 -22.43 -14.23 51.09
N MET A 628 -22.30 -12.92 50.87
CA MET A 628 -23.45 -12.04 50.90
C MET A 628 -23.36 -11.07 49.73
N GLY A 629 -24.45 -10.36 49.49
CA GLY A 629 -24.44 -9.22 48.59
C GLY A 629 -24.55 -9.63 47.13
N ILE A 630 -24.74 -8.61 46.29
CA ILE A 630 -24.87 -8.76 44.86
C ILE A 630 -23.72 -8.02 44.21
N LEU A 631 -23.01 -8.69 43.31
CA LEU A 631 -21.86 -8.07 42.67
C LEU A 631 -22.30 -7.08 41.60
N CYS A 632 -21.66 -5.92 41.58
CA CYS A 632 -21.93 -4.89 40.60
C CYS A 632 -20.61 -4.22 40.26
N LYS A 633 -20.68 -3.08 39.57
CA LYS A 633 -19.43 -2.39 39.21
C LYS A 633 -18.63 -2.02 40.45
N LYS A 634 -19.30 -1.73 41.57
CA LYS A 634 -18.59 -1.34 42.78
C LYS A 634 -17.65 -2.44 43.25
N SER A 635 -17.93 -3.69 42.88
CA SER A 635 -17.14 -4.82 43.32
C SER A 635 -16.35 -5.48 42.23
N LEU A 636 -16.78 -5.38 40.98
CA LEU A 636 -16.07 -5.95 39.85
C LEU A 636 -15.55 -4.92 38.85
N GLY A 637 -16.04 -3.69 38.91
CA GLY A 637 -15.61 -2.68 37.98
C GLY A 637 -14.21 -2.19 38.31
N THR A 638 -13.88 -1.06 37.70
CA THR A 638 -12.59 -0.41 37.91
C THR A 638 -12.74 0.60 39.03
N SER A 639 -12.53 0.15 40.26
CA SER A 639 -12.62 1.03 41.42
C SER A 639 -11.68 0.55 42.49
N ALA A 640 -11.10 1.50 43.23
CA ALA A 640 -10.13 1.17 44.25
C ALA A 640 -10.74 0.20 45.25
N GLY A 641 -10.02 -0.89 45.52
CA GLY A 641 -10.53 -1.91 46.40
C GLY A 641 -11.60 -2.79 45.79
N SER A 642 -11.80 -2.72 44.47
CA SER A 642 -12.69 -3.66 43.81
C SER A 642 -12.17 -5.08 43.98
N LEU A 643 -13.06 -6.04 43.75
CA LEU A 643 -12.67 -7.44 43.96
C LEU A 643 -11.48 -7.81 43.08
N VAL A 644 -11.45 -7.37 41.83
CA VAL A 644 -10.34 -7.70 40.96
C VAL A 644 -9.06 -7.05 41.45
N HIS A 645 -9.16 -5.83 41.96
CA HIS A 645 -7.98 -5.17 42.49
C HIS A 645 -7.38 -6.00 43.60
N ILE A 646 -8.22 -6.48 44.50
CA ILE A 646 -7.74 -7.34 45.57
C ILE A 646 -7.13 -8.61 45.00
N SER A 647 -7.77 -9.19 43.99
CA SER A 647 -7.24 -10.42 43.42
C SER A 647 -5.86 -10.21 42.83
N TYR A 648 -5.66 -9.10 42.12
CA TYR A 648 -4.36 -8.80 41.54
C TYR A 648 -3.32 -8.55 42.63
N LEU A 649 -3.69 -7.79 43.65
CA LEU A 649 -2.71 -7.48 44.70
C LEU A 649 -2.32 -8.73 45.47
N GLU A 650 -3.29 -9.59 45.77
CA GLU A 650 -3.00 -10.80 46.54
C GLU A 650 -2.42 -11.89 45.64
N MET A 651 -3.19 -12.34 44.66
CA MET A 651 -2.71 -13.39 43.79
C MET A 651 -1.90 -12.78 42.65
N GLY A 652 -1.22 -13.65 41.91
CA GLY A 652 -0.36 -13.19 40.84
C GLY A 652 -1.16 -12.64 39.68
N HIS A 653 -0.45 -11.98 38.76
CA HIS A 653 -1.13 -11.41 37.60
C HIS A 653 -1.83 -12.50 36.79
N ASP A 654 -1.15 -13.62 36.57
CA ASP A 654 -1.76 -14.71 35.81
C ASP A 654 -3.03 -15.21 36.49
N ILE A 655 -3.02 -15.25 37.82
CA ILE A 655 -4.23 -15.65 38.53
C ILE A 655 -5.36 -14.69 38.19
N THR A 656 -5.06 -13.40 38.12
CA THR A 656 -6.10 -12.43 37.77
C THR A 656 -6.57 -12.60 36.34
N ARG A 657 -5.66 -12.91 35.41
CA ARG A 657 -6.07 -13.18 34.03
C ARG A 657 -7.03 -14.37 33.98
N LEU A 658 -6.68 -15.45 34.67
CA LEU A 658 -7.58 -16.59 34.74
C LEU A 658 -8.91 -16.19 35.37
N PHE A 659 -8.87 -15.31 36.37
CA PHE A 659 -10.10 -14.88 37.02
C PHE A 659 -11.02 -14.20 36.03
N TYR A 660 -10.49 -13.24 35.27
CA TYR A 660 -11.29 -12.57 34.24
C TYR A 660 -11.86 -13.56 33.24
N SER A 661 -11.00 -14.42 32.70
CA SER A 661 -11.45 -15.36 31.68
C SER A 661 -12.59 -16.22 32.21
N ASN A 662 -12.41 -16.77 33.40
CA ASN A 662 -13.43 -17.63 33.97
C ASN A 662 -14.73 -16.86 34.21
N ILE A 663 -14.63 -15.64 34.73
CA ILE A 663 -15.83 -14.85 34.99
C ILE A 663 -16.63 -14.68 33.72
N GLN A 664 -16.00 -14.22 32.65
CA GLN A 664 -16.74 -13.98 31.41
C GLN A 664 -17.29 -15.28 30.85
N THR A 665 -16.44 -16.29 30.74
CA THR A 665 -16.85 -17.54 30.09
C THR A 665 -17.95 -18.25 30.84
N VAL A 666 -18.09 -18.02 32.15
CA VAL A 666 -19.18 -18.62 32.88
C VAL A 666 -20.43 -17.75 32.83
N ILE A 667 -20.27 -16.43 32.95
CA ILE A 667 -21.43 -15.57 33.05
C ILE A 667 -22.17 -15.49 31.73
N ASN A 668 -21.48 -15.49 30.59
CA ASN A 668 -22.20 -15.47 29.32
C ASN A 668 -22.95 -16.78 29.11
N ASN A 669 -22.29 -17.91 29.39
CA ASN A 669 -22.96 -19.19 29.20
C ASN A 669 -24.18 -19.30 30.10
N TRP A 670 -24.13 -18.68 31.28
CA TRP A 670 -25.34 -18.63 32.08
C TRP A 670 -26.35 -17.61 31.58
N LEU A 671 -25.88 -16.51 30.97
CA LEU A 671 -26.79 -15.54 30.40
C LEU A 671 -27.60 -16.15 29.28
N LEU A 672 -27.04 -17.14 28.59
CA LEU A 672 -27.80 -17.89 27.59
C LEU A 672 -29.10 -18.39 28.19
N ILE A 673 -29.01 -19.01 29.36
CA ILE A 673 -30.20 -19.49 30.04
C ILE A 673 -31.02 -18.31 30.56
N GLU A 674 -30.37 -17.27 31.05
CA GLU A 674 -31.11 -16.18 31.69
C GLU A 674 -31.72 -15.25 30.65
N GLY A 675 -30.89 -14.66 29.79
CA GLY A 675 -31.40 -13.78 28.77
C GLY A 675 -31.62 -12.37 29.26
N HIS A 676 -31.20 -11.40 28.48
CA HIS A 676 -31.36 -9.99 28.79
C HIS A 676 -31.89 -9.29 27.56
N THR A 677 -32.62 -8.20 27.77
CA THR A 677 -33.23 -7.51 26.65
C THR A 677 -33.72 -6.15 27.11
N ILE A 678 -34.41 -5.45 26.21
CA ILE A 678 -34.98 -4.15 26.49
C ILE A 678 -36.05 -3.92 25.44
N GLY A 679 -37.12 -3.25 25.83
CA GLY A 679 -38.23 -3.04 24.92
C GLY A 679 -39.25 -2.11 25.54
N ILE A 680 -40.26 -1.78 24.73
CA ILE A 680 -41.25 -0.81 25.18
C ILE A 680 -41.82 -1.21 26.52
N GLY A 681 -42.02 -2.50 26.74
CA GLY A 681 -42.52 -2.94 28.03
C GLY A 681 -41.66 -2.45 29.18
N ASP A 682 -40.39 -2.20 28.92
CA ASP A 682 -39.48 -1.70 29.93
C ASP A 682 -39.40 -0.18 29.96
N SER A 683 -40.21 0.50 29.14
CA SER A 683 -40.23 1.96 29.08
C SER A 683 -41.56 2.57 29.50
N ILE A 684 -42.58 1.75 29.72
CA ILE A 684 -43.93 2.21 30.04
C ILE A 684 -44.08 2.35 31.55
N ALA A 685 -44.87 3.33 31.96
CA ALA A 685 -45.12 3.58 33.38
C ALA A 685 -46.34 2.75 33.82
N ASP A 686 -46.91 3.10 34.97
CA ASP A 686 -48.07 2.41 35.51
C ASP A 686 -49.35 3.23 35.44
N SER A 687 -49.36 4.33 34.70
CA SER A 687 -50.60 5.06 34.43
C SER A 687 -51.04 5.89 35.63
N LYS A 688 -50.36 5.71 36.76
CA LYS A 688 -50.43 6.63 37.88
C LYS A 688 -49.22 7.54 37.93
N THR A 689 -48.04 6.97 37.66
CA THR A 689 -46.85 7.81 37.57
C THR A 689 -47.06 8.92 36.57
N TYR A 690 -47.82 8.66 35.51
CA TYR A 690 -48.14 9.73 34.58
C TYR A 690 -48.93 10.83 35.25
N GLN A 691 -49.89 10.46 36.11
CA GLN A 691 -50.66 11.48 36.81
C GLN A 691 -49.76 12.32 37.70
N ASP A 692 -48.87 11.68 38.46
CA ASP A 692 -47.97 12.42 39.32
C ASP A 692 -47.07 13.34 38.50
N ILE A 693 -46.56 12.84 37.38
CA ILE A 693 -45.68 13.66 36.57
C ILE A 693 -46.42 14.86 36.02
N GLN A 694 -47.64 14.64 35.55
CA GLN A 694 -48.43 15.76 35.03
C GLN A 694 -48.72 16.77 36.13
N ASN A 695 -49.08 16.31 37.31
CA ASN A 695 -49.35 17.24 38.41
C ASN A 695 -48.10 18.03 38.77
N THR A 696 -46.96 17.35 38.83
CA THR A 696 -45.72 18.03 39.17
C THR A 696 -45.36 19.07 38.12
N ILE A 697 -45.52 18.73 36.85
CA ILE A 697 -45.18 19.69 35.80
C ILE A 697 -46.13 20.87 35.85
N LYS A 698 -47.42 20.61 36.10
CA LYS A 698 -48.36 21.73 36.20
C LYS A 698 -48.02 22.64 37.38
N LYS A 699 -47.65 22.05 38.51
CA LYS A 699 -47.22 22.86 39.63
C LYS A 699 -46.00 23.68 39.27
N ALA A 700 -45.05 23.08 38.58
CA ALA A 700 -43.85 23.82 38.19
C ALA A 700 -44.21 24.98 37.28
N LYS A 701 -45.09 24.76 36.31
CA LYS A 701 -45.51 25.83 35.43
C LYS A 701 -46.19 26.94 36.21
N GLN A 702 -47.08 26.57 37.13
CA GLN A 702 -47.76 27.58 37.93
C GLN A 702 -46.75 28.40 38.73
N ASP A 703 -45.77 27.73 39.33
CA ASP A 703 -44.79 28.43 40.14
C ASP A 703 -43.97 29.38 39.30
N VAL A 704 -43.54 28.96 38.13
CA VAL A 704 -42.75 29.85 37.29
C VAL A 704 -43.60 31.04 36.85
N ILE A 705 -44.90 30.80 36.61
CA ILE A 705 -45.77 31.91 36.25
C ILE A 705 -45.89 32.90 37.40
N GLU A 706 -46.03 32.39 38.62
CA GLU A 706 -46.10 33.29 39.77
C GLU A 706 -44.81 34.08 39.91
N VAL A 707 -43.67 33.43 39.71
CA VAL A 707 -42.40 34.15 39.79
C VAL A 707 -42.35 35.24 38.74
N ILE A 708 -42.79 34.93 37.53
CA ILE A 708 -42.79 35.95 36.47
C ILE A 708 -43.70 37.10 36.85
N GLU A 709 -44.87 36.79 37.45
CA GLU A 709 -45.78 37.85 37.85
C GLU A 709 -45.14 38.76 38.88
N LYS A 710 -44.50 38.16 39.88
CA LYS A 710 -43.85 38.97 40.90
C LYS A 710 -42.76 39.83 40.30
N ALA A 711 -41.98 39.26 39.37
CA ALA A 711 -40.94 40.06 38.71
C ALA A 711 -41.56 41.20 37.92
N HIS A 712 -42.66 40.94 37.23
CA HIS A 712 -43.31 41.96 36.43
C HIS A 712 -43.82 43.10 37.31
N ASN A 713 -44.36 42.77 38.48
CA ASN A 713 -44.89 43.78 39.39
C ASN A 713 -43.83 44.32 40.34
N ASN A 714 -42.57 43.94 40.18
CA ASN A 714 -41.50 44.41 41.04
C ASN A 714 -41.69 44.02 42.50
N GLU A 715 -41.78 42.71 42.76
CA GLU A 715 -41.75 42.20 44.12
C GLU A 715 -40.56 41.30 44.40
N LEU A 716 -40.00 40.68 43.37
CA LEU A 716 -38.83 39.82 43.56
C LEU A 716 -37.61 40.69 43.83
N GLU A 717 -37.14 40.71 45.09
CA GLU A 717 -35.99 41.52 45.44
C GLU A 717 -34.69 40.84 44.98
N PRO A 718 -33.70 41.63 44.56
CA PRO A 718 -32.46 41.02 44.05
C PRO A 718 -31.80 40.19 45.13
N THR A 719 -31.51 38.93 44.79
CA THR A 719 -30.78 38.08 45.71
C THR A 719 -29.37 38.62 45.89
N PRO A 720 -28.78 38.49 47.08
CA PRO A 720 -27.46 39.07 47.31
C PRO A 720 -26.43 38.56 46.30
N GLY A 721 -25.59 39.47 45.83
CA GLY A 721 -24.55 39.15 44.89
C GLY A 721 -24.99 39.00 43.46
N ASN A 722 -26.28 39.20 43.17
CA ASN A 722 -26.81 39.00 41.83
C ASN A 722 -27.78 40.11 41.49
N THR A 723 -27.87 40.43 40.19
CA THR A 723 -28.83 41.40 39.73
C THR A 723 -30.22 40.76 39.65
N LEU A 724 -31.22 41.61 39.40
CA LEU A 724 -32.59 41.15 39.40
C LEU A 724 -32.80 40.06 38.35
N ARG A 725 -32.32 40.29 37.13
CA ARG A 725 -32.44 39.27 36.09
C ARG A 725 -31.72 38.00 36.50
N GLN A 726 -30.53 38.13 37.10
CA GLN A 726 -29.77 36.96 37.49
C GLN A 726 -30.53 36.14 38.53
N THR A 727 -31.08 36.80 39.55
CA THR A 727 -31.81 36.05 40.57
C THR A 727 -33.08 35.45 40.00
N PHE A 728 -33.76 36.15 39.10
CA PHE A 728 -34.94 35.61 38.45
C PHE A 728 -34.61 34.32 37.70
N GLU A 729 -33.54 34.37 36.90
CA GLU A 729 -33.11 33.19 36.17
C GLU A 729 -32.72 32.07 37.12
N ASN A 730 -32.01 32.41 38.20
CA ASN A 730 -31.59 31.38 39.14
C ASN A 730 -32.78 30.70 39.79
N GLN A 731 -33.78 31.49 40.19
CA GLN A 731 -34.97 30.90 40.80
C GLN A 731 -35.71 30.01 39.80
N VAL A 732 -35.86 30.46 38.57
CA VAL A 732 -36.56 29.65 37.57
C VAL A 732 -35.82 28.35 37.34
N ASN A 733 -34.49 28.42 37.22
CA ASN A 733 -33.71 27.21 37.00
C ASN A 733 -33.83 26.26 38.17
N ARG A 734 -33.79 26.79 39.39
CA ARG A 734 -33.93 25.93 40.56
C ARG A 734 -35.30 25.27 40.57
N ILE A 735 -36.35 26.01 40.23
CA ILE A 735 -37.68 25.44 40.21
C ILE A 735 -37.77 24.31 39.18
N LEU A 736 -37.25 24.55 37.97
CA LEU A 736 -37.32 23.54 36.94
C LEU A 736 -36.49 22.32 37.28
N ASN A 737 -35.30 22.53 37.84
CA ASN A 737 -34.47 21.39 38.24
C ASN A 737 -35.14 20.59 39.34
N ASP A 738 -35.76 21.27 40.31
CA ASP A 738 -36.48 20.56 41.35
C ASP A 738 -37.62 19.75 40.77
N ALA A 739 -38.35 20.33 39.81
CA ALA A 739 -39.44 19.60 39.18
C ALA A 739 -38.94 18.37 38.45
N ARG A 740 -37.85 18.54 37.69
CA ARG A 740 -37.28 17.39 36.98
C ARG A 740 -36.83 16.31 37.95
N ASP A 741 -36.19 16.71 39.05
CA ASP A 741 -35.74 15.73 40.03
C ASP A 741 -36.91 15.00 40.64
N LYS A 742 -37.96 15.73 41.01
CA LYS A 742 -39.12 15.09 41.63
C LYS A 742 -39.75 14.09 40.65
N THR A 743 -39.90 14.50 39.39
CA THR A 743 -40.46 13.60 38.40
C THR A 743 -39.58 12.37 38.22
N GLY A 744 -38.26 12.56 38.14
CA GLY A 744 -37.37 11.43 37.99
C GLY A 744 -37.45 10.47 39.17
N SER A 745 -37.46 11.02 40.38
CA SER A 745 -37.60 10.19 41.57
C SER A 745 -38.90 9.41 41.52
N SER A 746 -40.00 10.08 41.15
CA SER A 746 -41.29 9.40 41.08
C SER A 746 -41.26 8.28 40.04
N ALA A 747 -40.64 8.54 38.89
CA ALA A 747 -40.52 7.51 37.87
C ALA A 747 -39.68 6.35 38.36
N GLN A 748 -38.56 6.64 39.02
CA GLN A 748 -37.70 5.58 39.51
C GLN A 748 -38.44 4.69 40.50
N LYS A 749 -39.09 5.30 41.49
CA LYS A 749 -39.80 4.53 42.51
C LYS A 749 -40.94 3.73 41.92
N SER A 750 -41.37 4.05 40.71
CA SER A 750 -42.51 3.42 40.09
C SER A 750 -42.12 2.26 39.17
N LEU A 751 -40.84 1.91 39.11
CA LEU A 751 -40.41 0.82 38.26
C LEU A 751 -40.61 -0.51 38.98
N SER A 752 -40.44 -1.60 38.23
CA SER A 752 -40.55 -2.95 38.75
C SER A 752 -39.20 -3.63 38.65
N GLU A 753 -38.97 -4.56 39.57
CA GLU A 753 -37.69 -5.27 39.58
C GLU A 753 -37.41 -5.91 38.23
N TYR A 754 -38.44 -6.35 37.52
CA TYR A 754 -38.26 -6.97 36.21
C TYR A 754 -37.92 -5.97 35.11
N ASN A 755 -38.09 -4.68 35.36
CA ASN A 755 -37.75 -3.69 34.36
C ASN A 755 -36.27 -3.79 34.01
N ASN A 756 -35.96 -3.54 32.74
CA ASN A 756 -34.59 -3.75 32.26
C ASN A 756 -33.72 -2.51 32.37
N PHE A 757 -34.30 -1.32 32.16
CA PHE A 757 -33.53 -0.11 32.39
C PHE A 757 -32.97 -0.09 33.80
N LYS A 758 -33.80 -0.39 34.78
CA LYS A 758 -33.35 -0.38 36.16
C LYS A 758 -32.26 -1.42 36.38
N SER A 759 -32.40 -2.60 35.77
CA SER A 759 -31.40 -3.63 35.94
C SER A 759 -30.05 -3.16 35.41
N MET A 760 -30.04 -2.60 34.20
CA MET A 760 -28.78 -2.16 33.64
C MET A 760 -28.20 -0.99 34.42
N VAL A 761 -29.04 -0.07 34.91
CA VAL A 761 -28.50 1.05 35.67
C VAL A 761 -27.92 0.59 36.99
N VAL A 762 -28.66 -0.22 37.76
CA VAL A 762 -28.15 -0.65 39.05
C VAL A 762 -26.88 -1.47 38.87
N SER A 763 -26.85 -2.36 37.88
CA SER A 763 -25.62 -3.07 37.62
C SER A 763 -24.53 -2.14 37.15
N GLY A 764 -24.87 -0.92 36.76
CA GLY A 764 -23.88 0.05 36.33
C GLY A 764 -23.22 -0.27 35.02
N ALA A 765 -23.68 -1.30 34.31
CA ALA A 765 -23.04 -1.67 33.05
C ALA A 765 -23.11 -0.52 32.05
N LYS A 766 -24.29 0.06 31.88
CA LYS A 766 -24.45 1.14 30.91
C LYS A 766 -25.75 1.88 31.23
N GLY A 767 -25.65 3.17 31.50
CA GLY A 767 -26.80 4.02 31.73
C GLY A 767 -26.67 4.80 33.01
N SER A 768 -27.78 5.36 33.46
CA SER A 768 -27.81 6.12 34.69
C SER A 768 -29.26 6.48 34.98
N LYS A 769 -29.52 6.86 36.23
CA LYS A 769 -30.88 7.20 36.64
C LYS A 769 -31.41 8.37 35.82
N ILE A 770 -30.54 9.30 35.44
CA ILE A 770 -30.98 10.45 34.65
C ILE A 770 -31.46 10.01 33.28
N ASN A 771 -30.84 8.98 32.69
CA ASN A 771 -31.32 8.48 31.41
C ASN A 771 -32.74 7.96 31.53
N ILE A 772 -33.02 7.18 32.56
CA ILE A 772 -34.38 6.69 32.76
C ILE A 772 -35.33 7.85 32.96
N SER A 773 -34.93 8.83 33.77
CA SER A 773 -35.83 9.96 34.02
C SER A 773 -36.17 10.67 32.71
N GLN A 774 -35.17 10.90 31.86
CA GLN A 774 -35.44 11.55 30.58
C GLN A 774 -36.31 10.68 29.69
N VAL A 775 -36.08 9.36 29.69
CA VAL A 775 -36.84 8.49 28.82
C VAL A 775 -38.31 8.47 29.22
N ILE A 776 -38.58 8.40 30.52
CA ILE A 776 -39.96 8.29 31.00
C ILE A 776 -40.49 9.63 31.46
N ALA A 777 -39.93 10.16 32.54
CA ALA A 777 -40.53 11.31 33.20
C ALA A 777 -40.58 12.56 32.32
N VAL A 778 -39.42 13.11 31.97
CA VAL A 778 -39.36 14.37 31.24
C VAL A 778 -37.92 14.65 30.86
N VAL A 779 -37.70 15.21 29.68
CA VAL A 779 -36.33 15.46 29.23
C VAL A 779 -35.66 16.50 30.11
N GLY A 780 -36.24 17.70 30.17
CA GLY A 780 -35.77 18.75 31.04
C GLY A 780 -35.38 19.96 30.25
N GLN A 781 -34.60 20.84 30.89
CA GLN A 781 -34.18 22.09 30.29
C GLN A 781 -33.08 21.83 29.27
N GLN A 782 -33.11 22.59 28.17
CA GLN A 782 -32.12 22.46 27.09
C GLN A 782 -31.23 23.70 27.09
N ASN A 783 -30.20 23.69 27.92
CA ASN A 783 -29.34 24.85 28.06
C ASN A 783 -28.29 24.91 26.95
N VAL A 784 -27.87 26.12 26.63
CA VAL A 784 -26.76 26.37 25.73
C VAL A 784 -25.85 27.41 26.36
N GLU A 785 -24.54 27.17 26.27
CA GLU A 785 -23.56 28.06 26.89
C GLU A 785 -23.89 28.27 28.37
N GLY A 786 -24.32 27.20 29.03
CA GLY A 786 -24.64 27.26 30.44
C GLY A 786 -25.79 28.18 30.78
N LYS A 787 -26.61 28.55 29.81
CA LYS A 787 -27.77 29.38 30.06
C LYS A 787 -28.95 28.81 29.28
N ARG A 788 -30.13 29.37 29.51
CA ARG A 788 -31.31 28.94 28.79
C ARG A 788 -31.23 29.40 27.34
N ILE A 789 -32.15 28.90 26.53
CA ILE A 789 -32.12 29.24 25.10
C ILE A 789 -32.18 30.75 24.95
N PRO A 790 -31.34 31.36 24.11
CA PRO A 790 -31.35 32.82 23.98
C PRO A 790 -32.49 33.29 23.09
N PHE A 791 -32.52 34.60 22.87
CA PHE A 791 -33.48 35.22 21.95
C PHE A 791 -32.76 35.45 20.63
N GLY A 792 -32.83 34.45 19.75
CA GLY A 792 -32.25 34.62 18.42
C GLY A 792 -32.94 35.72 17.63
N PHE A 793 -34.26 35.74 17.67
CA PHE A 793 -35.02 36.81 17.04
C PHE A 793 -35.11 37.99 18.00
N LYS A 794 -35.88 39.01 17.63
CA LYS A 794 -36.02 40.20 18.49
C LYS A 794 -36.86 39.83 19.70
N HIS A 795 -36.19 39.64 20.84
CA HIS A 795 -36.85 39.43 22.13
C HIS A 795 -37.80 38.24 22.09
N ARG A 796 -37.37 37.15 21.46
CA ARG A 796 -38.15 35.92 21.51
C ARG A 796 -37.36 34.82 20.83
N THR A 797 -37.61 33.59 21.26
CA THR A 797 -36.82 32.47 20.79
C THR A 797 -37.18 32.12 19.35
N LEU A 798 -38.44 31.78 19.12
CA LEU A 798 -38.90 31.35 17.81
C LEU A 798 -40.12 32.15 17.39
N PRO A 799 -40.39 32.23 16.08
CA PRO A 799 -41.52 33.07 15.63
C PRO A 799 -42.84 32.66 16.23
N HIS A 800 -43.00 31.40 16.60
CA HIS A 800 -44.25 30.95 17.19
C HIS A 800 -44.54 31.70 18.47
N PHE A 801 -43.57 31.73 19.38
CA PHE A 801 -43.79 32.33 20.68
C PHE A 801 -43.85 33.84 20.58
N ILE A 802 -44.50 34.44 21.55
CA ILE A 802 -44.68 35.89 21.56
C ILE A 802 -43.47 36.54 22.21
N LYS A 803 -43.31 37.84 22.02
CA LYS A 803 -42.17 38.54 22.60
C LYS A 803 -42.24 38.51 24.12
N ASP A 804 -41.07 38.55 24.74
CA ASP A 804 -40.98 38.64 26.19
C ASP A 804 -41.75 37.49 26.85
N ASP A 805 -41.52 36.29 26.35
CA ASP A 805 -42.13 35.08 26.89
C ASP A 805 -41.02 34.26 27.52
N TYR A 806 -40.77 34.51 28.80
CA TYR A 806 -39.74 33.79 29.54
C TYR A 806 -40.23 32.45 30.07
N GLY A 807 -41.46 32.08 29.76
CA GLY A 807 -42.03 30.85 30.27
C GLY A 807 -41.14 29.67 30.00
N PRO A 808 -41.42 28.55 30.64
CA PRO A 808 -40.50 27.42 30.53
C PRO A 808 -40.43 26.85 29.12
N GLU A 809 -41.58 26.60 28.51
CA GLU A 809 -41.60 26.03 27.16
C GLU A 809 -41.12 27.03 26.12
N SER A 810 -41.26 28.32 26.38
CA SER A 810 -40.80 29.32 25.43
C SER A 810 -39.30 29.53 25.47
N ARG A 811 -38.60 28.91 26.41
CA ARG A 811 -37.16 29.06 26.55
C ARG A 811 -36.43 27.73 26.46
N GLY A 812 -37.13 26.62 26.34
CA GLY A 812 -36.46 25.36 26.11
C GLY A 812 -36.96 24.19 26.94
N PHE A 813 -37.81 24.44 27.93
CA PHE A 813 -38.15 23.37 28.84
C PHE A 813 -38.93 22.28 28.12
N VAL A 814 -38.29 21.16 27.85
CA VAL A 814 -38.92 20.04 27.14
C VAL A 814 -39.81 19.30 28.13
N GLU A 815 -41.10 19.62 28.11
CA GLU A 815 -42.02 19.06 29.09
C GLU A 815 -42.38 17.62 28.82
N ASN A 816 -42.31 17.18 27.57
CA ASN A 816 -42.66 15.82 27.21
C ASN A 816 -41.51 14.88 27.56
N SER A 817 -41.62 13.64 27.11
CA SER A 817 -40.57 12.64 27.32
C SER A 817 -40.33 11.87 26.04
N TYR A 818 -39.15 11.26 25.94
CA TYR A 818 -38.77 10.60 24.70
C TYR A 818 -39.74 9.50 24.29
N LEU A 819 -40.52 8.97 25.22
CA LEU A 819 -41.50 7.95 24.83
C LEU A 819 -42.72 8.56 24.16
N ALA A 820 -43.11 9.76 24.58
CA ALA A 820 -44.32 10.40 24.08
C ALA A 820 -44.01 11.43 22.99
N GLY A 821 -42.82 11.37 22.42
CA GLY A 821 -42.47 12.30 21.37
C GLY A 821 -42.24 13.70 21.87
N LEU A 822 -41.86 14.61 20.98
CA LEU A 822 -41.55 15.98 21.35
C LEU A 822 -42.30 16.95 20.44
N THR A 823 -42.78 18.03 21.03
CA THR A 823 -43.33 19.14 20.26
C THR A 823 -42.23 19.72 19.38
N PRO A 824 -42.57 20.29 18.22
CA PRO A 824 -41.52 20.80 17.33
C PRO A 824 -40.59 21.81 17.97
N THR A 825 -41.12 22.75 18.75
CA THR A 825 -40.26 23.78 19.31
C THR A 825 -39.20 23.17 20.22
N GLU A 826 -39.63 22.30 21.14
CA GLU A 826 -38.67 21.67 22.02
C GLU A 826 -37.77 20.71 21.26
N PHE A 827 -38.24 20.16 20.15
CA PHE A 827 -37.36 19.34 19.32
C PHE A 827 -36.20 20.18 18.77
N PHE A 828 -36.51 21.38 18.28
CA PHE A 828 -35.46 22.27 17.81
C PHE A 828 -34.50 22.62 18.93
N PHE A 829 -35.02 22.91 20.11
CA PHE A 829 -34.15 23.27 21.23
C PHE A 829 -33.25 22.10 21.63
N HIS A 830 -33.79 20.88 21.61
CA HIS A 830 -32.97 19.71 21.87
C HIS A 830 -31.87 19.58 20.82
N ALA A 831 -32.20 19.89 19.57
CA ALA A 831 -31.17 19.88 18.54
C ALA A 831 -30.07 20.87 18.87
N MET A 832 -30.44 22.06 19.34
CA MET A 832 -29.43 23.05 19.70
C MET A 832 -28.52 22.54 20.79
N GLY A 833 -29.10 21.91 21.82
CA GLY A 833 -28.29 21.35 22.88
C GLY A 833 -27.31 20.31 22.37
N GLY A 834 -27.79 19.39 21.54
CA GLY A 834 -26.90 18.40 20.96
C GLY A 834 -25.78 19.02 20.16
N ARG A 835 -26.09 20.07 19.40
CA ARG A 835 -25.07 20.73 18.60
C ARG A 835 -24.00 21.34 19.50
N GLU A 836 -24.41 21.98 20.59
CA GLU A 836 -23.44 22.51 21.54
C GLU A 836 -22.52 21.40 22.04
N GLY A 837 -23.11 20.26 22.41
CA GLY A 837 -22.29 19.16 22.88
C GLY A 837 -21.27 18.73 21.85
N LEU A 838 -21.68 18.60 20.59
CA LEU A 838 -20.75 18.16 19.56
C LEU A 838 -19.62 19.15 19.36
N ILE A 839 -19.93 20.45 19.35
CA ILE A 839 -18.89 21.46 19.21
C ILE A 839 -17.88 21.35 20.34
N ASP A 840 -18.38 21.20 21.57
CA ASP A 840 -17.47 21.08 22.71
C ASP A 840 -16.58 19.86 22.54
N THR A 841 -17.16 18.74 22.08
CA THR A 841 -16.35 17.54 21.87
C THR A 841 -15.24 17.82 20.87
N ALA A 842 -15.56 18.47 19.76
CA ALA A 842 -14.55 18.70 18.73
C ALA A 842 -13.42 19.59 19.25
N VAL A 843 -13.77 20.68 19.94
CA VAL A 843 -12.72 21.59 20.41
C VAL A 843 -11.87 20.91 21.48
N LYS A 844 -12.50 20.10 22.33
CA LYS A 844 -11.71 19.37 23.33
C LYS A 844 -10.73 18.42 22.66
N THR A 845 -11.20 17.65 21.66
CA THR A 845 -10.29 16.75 20.96
C THR A 845 -9.15 17.51 20.31
N ALA A 846 -9.42 18.71 19.80
CA ALA A 846 -8.37 19.48 19.14
C ALA A 846 -7.36 20.02 20.13
N GLU A 847 -7.82 20.42 21.33
CA GLU A 847 -6.93 21.11 22.26
C GLU A 847 -6.18 20.16 23.19
N THR A 848 -6.87 19.18 23.77
CA THR A 848 -6.25 18.38 24.82
C THR A 848 -4.96 17.73 24.35
N GLY A 849 -4.89 17.34 23.07
CA GLY A 849 -3.70 16.66 22.59
C GLY A 849 -2.46 17.52 22.65
N TYR A 850 -2.60 18.80 22.28
CA TYR A 850 -1.46 19.71 22.35
C TYR A 850 -0.95 19.84 23.78
N ILE A 851 -1.86 19.94 24.74
CA ILE A 851 -1.48 19.98 26.15
C ILE A 851 -0.67 18.73 26.50
N GLN A 852 -1.18 17.56 26.11
CA GLN A 852 -0.50 16.32 26.47
C GLN A 852 0.88 16.25 25.84
N ARG A 853 1.00 16.68 24.59
CA ARG A 853 2.31 16.71 23.95
C ARG A 853 3.27 17.60 24.73
N ARG A 854 2.84 18.84 25.02
CA ARG A 854 3.73 19.76 25.71
C ARG A 854 4.17 19.20 27.06
N LEU A 855 3.25 18.60 27.80
CA LEU A 855 3.61 17.99 29.07
C LEU A 855 4.66 16.90 28.87
N ILE A 856 4.44 16.04 27.88
CA ILE A 856 5.32 14.88 27.72
C ILE A 856 6.73 15.32 27.35
N LYS A 857 6.84 16.35 26.50
CA LYS A 857 8.15 16.77 26.03
C LYS A 857 8.96 17.45 27.13
N SER A 858 8.29 17.96 28.16
CA SER A 858 8.96 18.69 29.22
C SER A 858 9.55 17.79 30.28
N MET A 859 9.13 16.53 30.33
CA MET A 859 9.59 15.58 31.33
C MET A 859 9.84 14.23 30.70
N GLU A 860 10.38 14.23 29.48
CA GLU A 860 10.58 12.98 28.76
C GLU A 860 11.82 12.23 29.20
N SER A 861 12.76 12.90 29.89
CA SER A 861 14.02 12.29 30.26
C SER A 861 14.18 12.07 31.76
N VAL A 862 13.30 12.62 32.59
CA VAL A 862 13.40 12.37 34.02
C VAL A 862 13.29 10.89 34.28
N MET A 863 14.08 10.38 35.22
CA MET A 863 14.06 8.96 35.53
C MET A 863 14.65 8.75 36.92
N VAL A 864 14.54 7.51 37.39
CA VAL A 864 15.02 7.12 38.72
C VAL A 864 16.32 6.36 38.52
N LYS A 865 17.44 7.01 38.84
CA LYS A 865 18.74 6.38 38.72
C LYS A 865 18.97 5.41 39.88
N TYR A 866 19.96 4.52 39.70
CA TYR A 866 20.21 3.48 40.68
C TYR A 866 20.66 4.04 42.02
N ASP A 867 20.96 5.32 42.12
CA ASP A 867 21.18 5.94 43.41
C ASP A 867 19.88 6.18 44.16
N ALA A 868 18.76 5.69 43.63
CA ALA A 868 17.46 5.88 44.24
C ALA A 868 17.14 7.36 44.39
N THR A 869 17.30 8.10 43.29
CA THR A 869 16.97 9.52 43.25
C THR A 869 16.48 9.85 41.85
N VAL A 870 15.71 10.92 41.75
CA VAL A 870 15.07 11.31 40.50
C VAL A 870 15.89 12.43 39.87
N ARG A 871 16.37 12.17 38.67
CA ARG A 871 17.19 13.13 37.94
C ARG A 871 16.77 13.14 36.49
N ASN A 872 17.22 14.15 35.77
CA ASN A 872 16.93 14.30 34.35
C ASN A 872 18.22 14.10 33.56
N SER A 873 18.18 14.44 32.27
CA SER A 873 19.32 14.17 31.41
C SER A 873 20.57 14.89 31.89
N ILE A 874 20.42 16.03 32.54
CA ILE A 874 21.57 16.83 32.95
C ILE A 874 22.03 16.38 34.34
N ASN A 875 21.52 15.25 34.79
CA ASN A 875 21.85 14.69 36.11
C ASN A 875 21.49 15.62 37.25
N GLN A 876 20.69 16.65 36.99
CA GLN A 876 20.22 17.51 38.05
C GLN A 876 19.19 16.76 38.88
N VAL A 877 19.36 16.79 40.21
CA VAL A 877 18.43 16.08 41.09
C VAL A 877 17.14 16.88 41.19
N VAL A 878 16.02 16.20 40.97
CA VAL A 878 14.71 16.84 41.02
C VAL A 878 14.00 16.43 42.31
N GLN A 879 14.27 15.22 42.77
CA GLN A 879 13.70 14.72 44.01
C GLN A 879 14.68 13.73 44.61
N LEU A 880 15.01 13.91 45.89
CA LEU A 880 15.93 12.97 46.52
C LEU A 880 15.34 11.57 46.58
N ARG A 881 14.04 11.44 46.42
CA ARG A 881 13.38 10.14 46.34
C ARG A 881 12.14 10.29 45.47
N TYR A 882 11.83 9.25 44.71
CA TYR A 882 10.68 9.32 43.81
C TYR A 882 9.41 9.59 44.59
N GLY A 883 8.68 10.63 44.21
CA GLY A 883 7.44 10.96 44.88
C GLY A 883 7.59 11.30 46.34
N GLU A 884 8.77 11.71 46.77
CA GLU A 884 9.10 12.01 48.15
C GLU A 884 9.02 10.79 49.05
N ASP A 885 8.73 9.60 48.49
CA ASP A 885 8.75 8.38 49.30
C ASP A 885 9.57 7.25 48.70
N GLY A 886 9.73 7.16 47.39
CA GLY A 886 10.52 6.10 46.81
C GLY A 886 9.73 4.81 46.67
N LEU A 887 8.52 4.91 46.14
CA LEU A 887 7.62 3.77 45.99
C LEU A 887 6.87 3.85 44.67
N ALA A 888 6.73 2.72 44.01
CA ALA A 888 5.99 2.68 42.76
C ALA A 888 4.52 2.94 43.01
N GLY A 889 3.89 3.71 42.11
CA GLY A 889 2.49 4.04 42.27
C GLY A 889 1.54 2.89 42.03
N GLU A 890 2.06 1.73 41.59
CA GLU A 890 1.20 0.58 41.36
C GLU A 890 0.73 -0.04 42.66
N SER A 891 1.66 -0.34 43.57
CA SER A 891 1.34 -1.08 44.79
C SER A 891 1.12 -0.10 45.94
N VAL A 892 0.04 0.66 45.83
CA VAL A 892 -0.35 1.59 46.87
C VAL A 892 -1.88 1.62 46.92
N GLU A 893 -2.44 1.43 48.11
CA GLU A 893 -3.88 1.39 48.31
C GLU A 893 -4.28 2.45 49.31
N PHE A 894 -5.52 2.92 49.21
CA PHE A 894 -6.05 3.83 50.21
C PHE A 894 -6.17 3.14 51.56
N GLN A 895 -6.02 3.91 52.63
CA GLN A 895 -6.18 3.38 53.98
C GLN A 895 -6.61 4.51 54.90
N ASN A 896 -6.76 4.18 56.18
CA ASN A 896 -7.21 5.15 57.18
C ASN A 896 -6.28 5.12 58.37
N LEU A 897 -6.10 6.28 59.01
CA LEU A 897 -5.21 6.44 60.15
C LEU A 897 -6.06 6.39 61.41
N ALA A 898 -6.00 5.25 62.10
CA ALA A 898 -6.88 5.05 63.25
C ALA A 898 -6.64 6.08 64.33
N THR A 899 -5.38 6.44 64.57
CA THR A 899 -5.04 7.30 65.69
C THR A 899 -5.26 8.79 65.42
N LEU A 900 -5.65 9.14 64.20
CA LEU A 900 -5.99 10.51 63.86
C LEU A 900 -7.46 10.75 64.13
N LYS A 901 -7.79 11.99 64.44
CA LYS A 901 -9.14 12.42 64.76
C LYS A 901 -9.91 11.45 65.65
N PRO A 902 -9.32 10.94 66.72
CA PRO A 902 -10.14 10.34 67.77
C PRO A 902 -10.48 11.41 68.77
N SER A 903 -11.06 11.05 69.91
CA SER A 903 -11.14 11.94 71.06
C SER A 903 -10.10 11.51 72.07
N ASN A 904 -9.42 12.49 72.67
CA ASN A 904 -8.38 12.19 73.66
C ASN A 904 -8.78 11.01 74.53
N LYS A 905 -10.00 11.05 75.06
CA LYS A 905 -10.44 9.96 75.93
C LYS A 905 -10.52 8.65 75.17
N ALA A 906 -11.14 8.67 73.99
CA ALA A 906 -11.18 7.46 73.18
C ALA A 906 -9.78 7.00 72.83
N PHE A 907 -8.91 7.95 72.47
CA PHE A 907 -7.56 7.57 72.10
C PHE A 907 -6.86 6.87 73.24
N GLU A 908 -7.01 7.40 74.46
CA GLU A 908 -6.37 6.77 75.61
C GLU A 908 -6.94 5.39 75.86
N LYS A 909 -8.26 5.23 75.72
CA LYS A 909 -8.86 3.94 76.05
C LYS A 909 -8.90 3.00 74.86
N LYS A 910 -8.21 3.31 73.78
CA LYS A 910 -8.09 2.38 72.67
C LYS A 910 -6.66 2.00 72.34
N PHE A 911 -5.66 2.68 72.91
CA PHE A 911 -4.26 2.36 72.60
C PHE A 911 -3.37 2.32 73.84
N ARG A 912 -3.94 2.21 75.03
CA ARG A 912 -3.14 2.28 76.24
C ARG A 912 -2.75 0.92 76.80
N PHE A 913 -3.55 -0.11 76.53
CA PHE A 913 -3.32 -1.43 77.09
C PHE A 913 -3.14 -1.34 78.60
N ASP A 914 -4.20 -0.95 79.27
CA ASP A 914 -4.20 -0.92 80.73
C ASP A 914 -3.79 -2.28 81.27
N TYR A 915 -2.81 -2.28 82.15
CA TYR A 915 -2.28 -3.51 82.74
C TYR A 915 -2.68 -3.65 84.21
N THR A 916 -3.85 -3.14 84.57
CA THR A 916 -4.36 -3.24 85.93
C THR A 916 -5.56 -4.16 86.07
N ASN A 917 -6.50 -4.12 85.12
CA ASN A 917 -7.70 -4.94 85.20
C ASN A 917 -7.29 -6.37 84.88
N GLU A 918 -6.99 -7.15 85.92
CA GLU A 918 -6.55 -8.52 85.67
C GLU A 918 -7.64 -9.32 84.95
N ARG A 919 -8.91 -8.98 85.18
CA ARG A 919 -9.98 -9.74 84.56
C ARG A 919 -9.92 -9.62 83.04
N ALA A 920 -9.79 -8.40 82.53
CA ALA A 920 -9.67 -8.23 81.09
C ALA A 920 -8.52 -9.04 80.54
N LEU A 921 -7.37 -9.01 81.21
CA LEU A 921 -6.23 -9.74 80.71
C LEU A 921 -6.52 -11.23 80.65
N ARG A 922 -7.15 -11.78 81.69
CA ARG A 922 -7.51 -13.19 81.65
C ARG A 922 -8.44 -13.45 80.47
N ARG A 923 -9.28 -12.49 80.13
CA ARG A 923 -10.18 -12.68 78.99
C ARG A 923 -9.43 -12.66 77.67
N THR A 924 -8.46 -11.75 77.52
CA THR A 924 -7.74 -11.58 76.26
C THR A 924 -6.49 -12.44 76.20
N LEU A 925 -5.57 -12.26 77.15
CA LEU A 925 -4.36 -13.06 77.19
C LEU A 925 -4.57 -14.29 78.07
N GLN A 926 -3.66 -15.25 77.96
CA GLN A 926 -3.75 -16.49 78.72
C GLN A 926 -3.13 -16.32 80.11
N GLU A 927 -3.45 -17.26 80.99
CA GLU A 927 -3.02 -17.15 82.38
C GLU A 927 -1.50 -17.04 82.49
N ASP A 928 -0.77 -17.82 81.69
CA ASP A 928 0.67 -17.78 81.80
C ASP A 928 1.27 -16.46 81.36
N LEU A 929 0.45 -15.54 80.87
CA LEU A 929 0.93 -14.21 80.48
C LEU A 929 0.40 -13.11 81.36
N VAL A 930 -0.77 -13.30 81.98
CA VAL A 930 -1.32 -12.26 82.84
C VAL A 930 -0.41 -12.03 84.04
N LYS A 931 0.06 -13.11 84.66
CA LYS A 931 0.97 -12.95 85.78
C LYS A 931 2.25 -12.26 85.36
N ASP A 932 2.74 -12.57 84.16
CA ASP A 932 3.96 -11.93 83.66
C ASP A 932 3.75 -10.43 83.47
N VAL A 933 2.65 -10.05 82.82
CA VAL A 933 2.41 -8.64 82.56
C VAL A 933 2.01 -7.89 83.82
N LEU A 934 1.63 -8.60 84.88
CA LEU A 934 1.33 -7.94 86.14
C LEU A 934 2.59 -7.75 86.99
N SER A 935 3.25 -8.86 87.31
CA SER A 935 4.43 -8.79 88.18
C SER A 935 5.53 -7.94 87.55
N ASN A 936 5.90 -8.26 86.31
CA ASN A 936 7.03 -7.58 85.69
C ASN A 936 6.74 -6.09 85.54
N ALA A 937 7.72 -5.28 85.91
CA ALA A 937 7.62 -3.84 85.71
C ALA A 937 8.29 -3.41 84.42
N HIS A 938 9.26 -4.18 83.93
CA HIS A 938 9.89 -3.84 82.66
C HIS A 938 8.85 -3.83 81.55
N ILE A 939 7.95 -4.81 81.53
CA ILE A 939 6.90 -4.83 80.51
C ILE A 939 6.02 -3.61 80.63
N GLN A 940 5.67 -3.24 81.87
CA GLN A 940 4.82 -2.07 82.03
C GLN A 940 5.52 -0.82 81.53
N ASN A 941 6.81 -0.67 81.82
CA ASN A 941 7.53 0.49 81.31
C ASN A 941 7.56 0.48 79.80
N GLU A 942 7.78 -0.69 79.20
CA GLU A 942 7.84 -0.76 77.74
C GLU A 942 6.51 -0.37 77.13
N LEU A 943 5.40 -0.85 77.69
CA LEU A 943 4.09 -0.49 77.16
C LEU A 943 3.80 0.99 77.36
N GLU A 944 4.23 1.54 78.48
CA GLU A 944 4.07 2.98 78.67
C GLU A 944 4.85 3.75 77.62
N ARG A 945 6.07 3.31 77.33
CA ARG A 945 6.87 3.98 76.30
C ARG A 945 6.20 3.85 74.95
N GLU A 946 5.61 2.69 74.66
CA GLU A 946 4.88 2.51 73.42
C GLU A 946 3.72 3.49 73.32
N PHE A 947 2.95 3.62 74.39
CA PHE A 947 1.85 4.58 74.36
C PHE A 947 2.37 5.99 74.16
N GLU A 948 3.50 6.31 74.78
CA GLU A 948 4.06 7.64 74.62
C GLU A 948 4.47 7.90 73.18
N ARG A 949 5.12 6.92 72.55
CA ARG A 949 5.48 7.09 71.15
C ARG A 949 4.23 7.21 70.29
N MET A 950 3.17 6.49 70.65
CA MET A 950 1.92 6.60 69.92
C MET A 950 1.34 8.00 70.02
N ARG A 951 1.37 8.58 71.21
CA ARG A 951 0.87 9.95 71.38
C ARG A 951 1.73 10.93 70.58
N GLU A 952 3.05 10.73 70.60
CA GLU A 952 3.92 11.60 69.82
C GLU A 952 3.58 11.52 68.34
N ASP A 953 3.35 10.30 67.84
CA ASP A 953 2.98 10.14 66.44
C ASP A 953 1.63 10.78 66.16
N ARG A 954 0.69 10.66 67.08
CA ARG A 954 -0.61 11.32 66.91
C ARG A 954 -0.45 12.81 66.77
N GLU A 955 0.40 13.40 67.61
CA GLU A 955 0.67 14.83 67.49
C GLU A 955 1.28 15.16 66.13
N VAL A 956 2.24 14.34 65.69
CA VAL A 956 2.88 14.60 64.40
C VAL A 956 1.84 14.58 63.28
N LEU A 957 0.99 13.56 63.28
CA LEU A 957 -0.05 13.50 62.26
C LEU A 957 -0.93 14.74 62.30
N ARG A 958 -1.42 15.09 63.49
CA ARG A 958 -2.34 16.22 63.58
C ARG A 958 -1.70 17.49 63.04
N VAL A 959 -0.39 17.65 63.26
CA VAL A 959 0.29 18.81 62.68
C VAL A 959 0.67 18.60 61.23
N ILE A 960 0.53 17.39 60.70
CA ILE A 960 0.89 17.10 59.31
C ILE A 960 -0.35 16.98 58.43
N PHE A 961 -1.44 16.42 58.95
CA PHE A 961 -2.68 16.31 58.19
C PHE A 961 -3.76 17.18 58.82
N PRO A 962 -3.69 18.50 58.72
CA PRO A 962 -4.76 19.34 59.26
C PRO A 962 -6.07 19.01 58.56
N THR A 963 -7.17 19.35 59.22
CA THR A 963 -8.52 19.08 58.74
C THR A 963 -8.92 17.63 58.96
N GLY A 964 -8.08 16.83 59.61
CA GLY A 964 -8.45 15.47 59.95
C GLY A 964 -8.99 14.66 58.79
N ASP A 965 -8.11 14.32 57.85
CA ASP A 965 -8.48 13.49 56.70
C ASP A 965 -7.83 12.12 56.91
N SER A 966 -8.61 11.18 57.46
CA SER A 966 -8.05 9.87 57.75
C SER A 966 -7.68 9.12 56.48
N LYS A 967 -8.27 9.45 55.34
CA LYS A 967 -8.02 8.73 54.11
C LYS A 967 -6.61 9.05 53.60
N VAL A 968 -5.75 8.03 53.50
CA VAL A 968 -4.38 8.22 53.05
C VAL A 968 -3.90 6.99 52.29
N VAL A 969 -2.87 7.21 51.47
CA VAL A 969 -2.33 6.21 50.56
C VAL A 969 -1.03 5.66 51.14
N LEU A 970 -0.93 4.34 51.23
CA LEU A 970 0.21 3.67 51.84
C LEU A 970 0.40 2.32 51.16
N PRO A 971 1.63 1.79 51.16
CA PRO A 971 1.91 0.59 50.37
C PRO A 971 1.11 -0.64 50.76
N CYS A 972 1.17 -1.04 52.02
CA CYS A 972 0.60 -2.29 52.47
C CYS A 972 -0.72 -2.06 53.18
N ASN A 973 -1.71 -2.89 52.89
CA ASN A 973 -3.03 -2.77 53.50
C ASN A 973 -3.03 -3.64 54.75
N LEU A 974 -2.69 -3.03 55.89
CA LEU A 974 -2.48 -3.83 57.09
C LEU A 974 -3.75 -4.54 57.52
N LEU A 975 -4.90 -3.88 57.38
CA LEU A 975 -6.15 -4.51 57.80
C LEU A 975 -6.43 -5.77 57.00
N ARG A 976 -6.25 -5.70 55.67
CA ARG A 976 -6.46 -6.89 54.85
C ARG A 976 -5.46 -7.98 55.22
N MET A 977 -4.21 -7.61 55.50
CA MET A 977 -3.24 -8.60 55.92
C MET A 977 -3.68 -9.29 57.20
N ILE A 978 -4.15 -8.50 58.18
CA ILE A 978 -4.57 -9.09 59.45
C ILE A 978 -5.75 -10.01 59.23
N TRP A 979 -6.68 -9.60 58.38
CA TRP A 979 -7.82 -10.44 58.08
C TRP A 979 -7.37 -11.75 57.43
N ASN A 980 -6.40 -11.67 56.51
CA ASN A 980 -5.89 -12.88 55.87
C ASN A 980 -5.22 -13.79 56.89
N ALA A 981 -4.45 -13.21 57.81
CA ALA A 981 -3.83 -14.02 58.85
C ALA A 981 -4.90 -14.70 59.69
N GLN A 982 -5.93 -13.96 60.07
CA GLN A 982 -6.99 -14.53 60.88
C GLN A 982 -7.64 -15.70 60.18
N LYS A 983 -7.98 -15.51 58.90
CA LYS A 983 -8.66 -16.57 58.16
C LYS A 983 -7.75 -17.75 57.86
N ILE A 984 -6.44 -17.55 57.79
CA ILE A 984 -5.53 -18.66 57.49
C ILE A 984 -5.26 -19.47 58.74
N PHE A 985 -4.84 -18.80 59.82
CA PHE A 985 -4.50 -19.50 61.04
C PHE A 985 -5.69 -19.80 61.93
N HIS A 986 -6.92 -19.52 61.48
CA HIS A 986 -8.12 -19.84 62.23
C HIS A 986 -8.02 -19.27 63.65
N ILE A 987 -7.94 -17.95 63.71
CA ILE A 987 -7.70 -17.29 65.00
C ILE A 987 -8.86 -17.51 65.95
N ASN A 988 -10.08 -17.59 65.42
CA ASN A 988 -11.25 -17.76 66.27
C ASN A 988 -11.24 -16.71 67.36
N PRO A 989 -11.53 -15.46 67.04
CA PRO A 989 -11.37 -14.38 68.02
C PRO A 989 -12.37 -14.46 69.16
N ARG A 990 -12.36 -15.56 69.89
CA ARG A 990 -13.19 -15.68 71.08
C ARG A 990 -12.39 -16.23 72.25
N LEU A 991 -11.40 -17.06 71.95
CA LEU A 991 -10.59 -17.66 72.98
C LEU A 991 -9.42 -16.75 73.34
N PRO A 992 -8.89 -16.86 74.55
CA PRO A 992 -7.72 -16.04 74.91
C PRO A 992 -6.53 -16.41 74.06
N SER A 993 -5.83 -15.41 73.55
CA SER A 993 -4.72 -15.65 72.65
C SER A 993 -3.40 -15.73 73.40
N ASP A 994 -2.40 -16.31 72.74
CA ASP A 994 -1.05 -16.46 73.27
C ASP A 994 -0.13 -15.57 72.46
N LEU A 995 -0.08 -14.30 72.83
CA LEU A 995 0.78 -13.35 72.12
C LEU A 995 1.19 -12.28 73.13
N HIS A 996 2.32 -12.49 73.78
CA HIS A 996 2.78 -11.53 74.76
C HIS A 996 2.98 -10.18 74.09
N PRO A 997 2.46 -9.09 74.66
CA PRO A 997 2.63 -7.78 74.01
C PRO A 997 4.08 -7.44 73.71
N ILE A 998 5.00 -7.86 74.56
CA ILE A 998 6.41 -7.57 74.31
C ILE A 998 6.82 -8.14 72.96
N LYS A 999 6.31 -9.31 72.60
CA LYS A 999 6.58 -9.85 71.27
C LYS A 999 6.16 -8.85 70.20
N VAL A 1000 4.97 -8.26 70.37
CA VAL A 1000 4.49 -7.29 69.39
C VAL A 1000 5.41 -6.08 69.35
N VAL A 1001 5.81 -5.58 70.51
CA VAL A 1001 6.63 -4.36 70.53
C VAL A 1001 7.95 -4.61 69.83
N GLU A 1002 8.64 -5.68 70.20
CA GLU A 1002 9.94 -5.97 69.61
C GLU A 1002 9.79 -6.27 68.12
N GLY A 1003 8.74 -7.00 67.74
CA GLY A 1003 8.53 -7.28 66.33
C GLY A 1003 8.32 -6.02 65.53
N VAL A 1004 7.54 -5.09 66.06
CA VAL A 1004 7.30 -3.84 65.34
C VAL A 1004 8.59 -3.06 65.19
N LYS A 1005 9.41 -3.01 66.26
CA LYS A 1005 10.67 -2.30 66.14
C LYS A 1005 11.57 -2.94 65.09
N GLU A 1006 11.68 -4.27 65.12
CA GLU A 1006 12.53 -4.94 64.15
C GLU A 1006 12.05 -4.68 62.74
N LEU A 1007 10.73 -4.73 62.53
CA LEU A 1007 10.22 -4.46 61.19
C LEU A 1007 10.52 -3.03 60.76
N SER A 1008 10.33 -2.07 61.67
CA SER A 1008 10.69 -0.71 61.35
C SER A 1008 12.13 -0.63 60.88
N LYS A 1009 13.00 -1.42 61.51
CA LYS A 1009 14.40 -1.43 61.09
C LYS A 1009 14.57 -2.03 59.71
N LYS A 1010 13.87 -3.12 59.42
CA LYS A 1010 14.08 -3.81 58.15
C LYS A 1010 13.64 -2.93 56.98
N LEU A 1011 12.54 -2.20 57.12
CA LEU A 1011 12.03 -1.39 56.02
C LEU A 1011 12.90 -0.15 55.86
N VAL A 1012 13.78 -0.18 54.85
CA VAL A 1012 14.77 0.87 54.63
C VAL A 1012 14.55 1.46 53.26
N ILE A 1013 14.71 2.78 53.16
CA ILE A 1013 14.70 3.47 51.87
C ILE A 1013 16.02 4.18 51.60
N VAL A 1014 16.59 4.85 52.59
CA VAL A 1014 17.86 5.56 52.43
C VAL A 1014 18.91 4.73 53.15
N ASN A 1015 19.53 3.82 52.41
CA ASN A 1015 20.53 2.94 53.00
C ASN A 1015 21.74 3.76 53.42
N GLY A 1016 22.37 3.33 54.52
CA GLY A 1016 23.56 3.99 55.01
C GLY A 1016 23.42 4.38 56.46
N ASP A 1017 24.49 4.23 57.23
CA ASP A 1017 24.47 4.50 58.65
C ASP A 1017 24.81 5.95 58.99
N ASP A 1018 25.05 6.78 57.99
CA ASP A 1018 25.40 8.17 58.25
C ASP A 1018 24.26 8.86 58.99
N PRO A 1019 24.57 9.79 59.90
CA PRO A 1019 23.50 10.50 60.59
C PRO A 1019 22.55 11.19 59.64
N LEU A 1020 23.06 11.77 58.57
CA LEU A 1020 22.20 12.31 57.53
C LEU A 1020 21.38 11.21 56.86
N SER A 1021 22.02 10.08 56.56
CA SER A 1021 21.30 8.97 55.96
C SER A 1021 20.20 8.47 56.89
N ARG A 1022 20.49 8.35 58.19
CA ARG A 1022 19.47 7.88 59.11
C ARG A 1022 18.34 8.89 59.24
N GLN A 1023 18.67 10.18 59.27
CA GLN A 1023 17.61 11.19 59.31
C GLN A 1023 16.70 11.06 58.09
N ALA A 1024 17.30 10.90 56.91
CA ALA A 1024 16.49 10.81 55.70
C ALA A 1024 15.67 9.51 55.69
N GLN A 1025 16.25 8.41 56.14
CA GLN A 1025 15.50 7.16 56.22
C GLN A 1025 14.28 7.34 57.11
N GLU A 1026 14.47 7.95 58.27
CA GLU A 1026 13.35 8.14 59.18
C GLU A 1026 12.30 9.07 58.57
N ASN A 1027 12.74 10.14 57.92
CA ASN A 1027 11.78 11.07 57.34
C ASN A 1027 10.97 10.42 56.23
N ALA A 1028 11.64 9.66 55.36
CA ALA A 1028 10.94 9.07 54.22
C ALA A 1028 9.89 8.06 54.69
N THR A 1029 10.29 7.13 55.53
CA THR A 1029 9.39 6.10 56.04
C THR A 1029 8.85 6.48 57.41
N LEU A 1030 8.28 7.69 57.50
CA LEU A 1030 7.72 8.16 58.76
C LEU A 1030 6.24 7.82 58.85
N LEU A 1031 5.46 8.28 57.87
CA LEU A 1031 4.02 8.10 57.91
C LEU A 1031 3.66 6.62 57.93
N PHE A 1032 4.30 5.82 57.08
CA PHE A 1032 4.02 4.39 57.09
C PHE A 1032 4.37 3.77 58.43
N ASN A 1033 5.48 4.21 59.04
CA ASN A 1033 5.80 3.72 60.37
C ASN A 1033 4.71 4.08 61.37
N ILE A 1034 4.19 5.31 61.30
CA ILE A 1034 3.15 5.72 62.22
C ILE A 1034 1.92 4.83 62.04
N HIS A 1035 1.52 4.61 60.81
CA HIS A 1035 0.37 3.75 60.56
C HIS A 1035 0.63 2.35 61.08
N LEU A 1036 1.84 1.85 60.88
CA LEU A 1036 2.16 0.50 61.33
C LEU A 1036 2.02 0.39 62.84
N ARG A 1037 2.55 1.36 63.57
CA ARG A 1037 2.42 1.32 65.02
C ARG A 1037 0.97 1.46 65.45
N SER A 1038 0.22 2.36 64.78
CA SER A 1038 -1.17 2.58 65.16
C SER A 1038 -1.99 1.31 64.97
N THR A 1039 -1.77 0.59 63.88
CA THR A 1039 -2.53 -0.63 63.66
C THR A 1039 -2.04 -1.76 64.56
N LEU A 1040 -0.74 -1.85 64.78
CA LEU A 1040 -0.17 -2.92 65.60
C LEU A 1040 0.20 -2.34 66.95
N CYS A 1041 -0.75 -2.36 67.88
CA CYS A 1041 -0.53 -1.93 69.24
C CYS A 1041 -0.80 -3.08 70.19
N SER A 1042 -0.35 -2.94 71.43
CA SER A 1042 -0.60 -3.99 72.40
C SER A 1042 -2.09 -4.20 72.60
N ARG A 1043 -2.84 -3.12 72.82
CA ARG A 1043 -4.26 -3.29 73.11
C ARG A 1043 -4.99 -3.85 71.90
N ARG A 1044 -4.84 -3.21 70.74
CA ARG A 1044 -5.56 -3.68 69.57
C ARG A 1044 -5.18 -5.11 69.24
N MET A 1045 -3.90 -5.43 69.31
CA MET A 1045 -3.49 -6.78 69.02
C MET A 1045 -4.03 -7.78 70.04
N ALA A 1046 -4.51 -7.30 71.18
CA ALA A 1046 -5.02 -8.18 72.23
C ALA A 1046 -6.49 -7.94 72.54
N GLU A 1047 -7.20 -7.24 71.69
CA GLU A 1047 -8.64 -7.12 71.86
C GLU A 1047 -9.42 -7.34 70.57
N GLU A 1048 -8.92 -6.84 69.44
CA GLU A 1048 -9.64 -6.86 68.19
C GLU A 1048 -9.12 -7.89 67.20
N PHE A 1049 -7.85 -8.29 67.31
CA PHE A 1049 -7.24 -9.21 66.37
C PHE A 1049 -6.89 -10.55 66.99
N ARG A 1050 -6.34 -10.57 68.19
CA ARG A 1050 -6.09 -11.81 68.92
C ARG A 1050 -5.07 -12.70 68.24
N LEU A 1051 -4.24 -12.14 67.36
CA LEU A 1051 -3.36 -12.98 66.56
C LEU A 1051 -2.46 -13.83 67.45
N SER A 1052 -2.22 -15.06 67.02
CA SER A 1052 -1.30 -15.93 67.72
C SER A 1052 0.13 -15.66 67.26
N GLY A 1053 1.09 -16.20 67.99
CA GLY A 1053 2.49 -15.92 67.69
C GLY A 1053 2.84 -16.26 66.25
N GLU A 1054 2.43 -17.45 65.81
CA GLU A 1054 2.69 -17.83 64.44
C GLU A 1054 2.02 -16.87 63.47
N ALA A 1055 0.79 -16.50 63.75
CA ALA A 1055 0.10 -15.54 62.88
C ALA A 1055 0.85 -14.23 62.84
N PHE A 1056 1.34 -13.76 63.97
CA PHE A 1056 1.99 -12.45 63.99
C PHE A 1056 3.31 -12.48 63.24
N ASP A 1057 4.10 -13.55 63.40
CA ASP A 1057 5.33 -13.65 62.62
C ASP A 1057 5.04 -13.72 61.13
N TRP A 1058 4.02 -14.49 60.75
CA TRP A 1058 3.64 -14.52 59.35
C TRP A 1058 3.26 -13.13 58.87
N LEU A 1059 2.56 -12.37 59.72
CA LEU A 1059 2.15 -11.02 59.35
C LEU A 1059 3.37 -10.14 59.10
N LEU A 1060 4.36 -10.22 59.98
CA LEU A 1060 5.57 -9.43 59.80
C LEU A 1060 6.27 -9.79 58.51
N GLY A 1061 6.39 -11.08 58.23
CA GLY A 1061 7.02 -11.51 56.98
C GLY A 1061 6.29 -10.96 55.77
N GLU A 1062 4.96 -11.08 55.77
CA GLU A 1062 4.18 -10.59 54.65
C GLU A 1062 4.37 -9.09 54.47
N ILE A 1063 4.35 -8.35 55.58
CA ILE A 1063 4.46 -6.89 55.48
C ILE A 1063 5.81 -6.51 54.90
N GLU A 1064 6.90 -7.15 55.37
CA GLU A 1064 8.20 -6.76 54.85
C GLU A 1064 8.30 -7.11 53.37
N SER A 1065 7.83 -8.29 52.97
CA SER A 1065 7.94 -8.66 51.56
C SER A 1065 7.15 -7.71 50.68
N LYS A 1066 5.92 -7.39 51.08
CA LYS A 1066 5.12 -6.47 50.28
C LYS A 1066 5.74 -5.08 50.24
N PHE A 1067 6.27 -4.61 51.37
CA PHE A 1067 6.88 -3.29 51.36
C PHE A 1067 8.08 -3.26 50.42
N ASN A 1068 8.89 -4.32 50.43
CA ASN A 1068 10.01 -4.36 49.51
C ASN A 1068 9.54 -4.34 48.07
N GLN A 1069 8.56 -5.18 47.72
CA GLN A 1069 8.07 -5.17 46.35
C GLN A 1069 7.50 -3.81 45.97
N ALA A 1070 7.01 -3.06 46.97
CA ALA A 1070 6.44 -1.75 46.70
C ALA A 1070 7.48 -0.69 46.40
N ILE A 1071 8.77 -1.01 46.55
CA ILE A 1071 9.82 -0.05 46.28
C ILE A 1071 9.84 0.28 44.79
N ALA A 1072 10.30 1.49 44.47
CA ALA A 1072 10.35 1.93 43.08
C ALA A 1072 11.57 1.32 42.39
N HIS A 1073 11.34 0.73 41.22
CA HIS A 1073 12.43 0.10 40.48
C HIS A 1073 13.28 1.17 39.81
N PRO A 1074 14.59 1.24 40.10
CA PRO A 1074 15.42 2.23 39.40
C PRO A 1074 15.39 2.02 37.90
N GLY A 1075 15.45 3.14 37.18
CA GLY A 1075 15.36 3.10 35.73
C GLY A 1075 13.97 3.17 35.17
N GLU A 1076 13.01 3.67 35.94
CA GLU A 1076 11.62 3.78 35.48
C GLU A 1076 11.34 5.23 35.12
N MET A 1077 10.88 5.46 33.89
CA MET A 1077 10.75 6.80 33.34
C MET A 1077 9.55 7.48 33.98
N VAL A 1078 9.73 7.93 35.22
CA VAL A 1078 8.60 8.49 35.94
C VAL A 1078 8.13 9.78 35.29
N GLY A 1079 8.98 10.43 34.48
CA GLY A 1079 8.54 11.61 33.76
C GLY A 1079 7.44 11.30 32.76
N ALA A 1080 7.63 10.28 31.94
CA ALA A 1080 6.60 9.91 30.97
C ALA A 1080 5.32 9.48 31.68
N LEU A 1081 5.45 8.69 32.75
CA LEU A 1081 4.26 8.28 33.49
C LEU A 1081 3.52 9.49 34.02
N ALA A 1082 4.25 10.48 34.54
CA ALA A 1082 3.60 11.67 35.06
C ALA A 1082 2.88 12.42 33.94
N ALA A 1083 3.53 12.55 32.78
CA ALA A 1083 2.90 13.25 31.68
C ALA A 1083 1.62 12.55 31.25
N GLN A 1084 1.67 11.22 31.10
CA GLN A 1084 0.47 10.48 30.73
C GLN A 1084 -0.60 10.61 31.79
N SER A 1085 -0.24 10.47 33.06
CA SER A 1085 -1.23 10.47 34.12
C SER A 1085 -1.92 11.82 34.23
N LEU A 1086 -1.20 12.89 33.92
CA LEU A 1086 -1.84 14.21 33.92
C LEU A 1086 -2.46 14.56 32.58
N GLY A 1087 -2.22 13.78 31.54
CA GLY A 1087 -2.84 14.07 30.26
C GLY A 1087 -4.14 13.33 30.06
N GLU A 1088 -4.18 12.06 30.47
CA GLU A 1088 -5.35 11.24 30.19
C GLU A 1088 -6.63 11.85 30.74
N PRO A 1089 -6.72 12.23 32.01
CA PRO A 1089 -7.96 12.89 32.48
C PRO A 1089 -8.21 14.23 31.82
N ALA A 1090 -7.21 14.87 31.23
CA ALA A 1090 -7.48 16.10 30.49
C ALA A 1090 -8.39 15.84 29.29
N THR A 1091 -8.33 14.65 28.70
CA THR A 1091 -9.16 14.35 27.55
C THR A 1091 -10.63 14.18 27.93
N GLN A 1092 -10.92 13.85 29.18
CA GLN A 1092 -12.30 13.61 29.60
C GLN A 1092 -12.95 14.82 30.26
N MET A 1093 -12.17 15.69 30.89
CA MET A 1093 -12.74 16.86 31.53
C MET A 1093 -13.27 17.83 30.48
N THR A 1094 -14.21 18.67 30.90
CA THR A 1094 -14.86 19.63 30.02
C THR A 1094 -13.84 20.54 29.34
N LYS A 1106 -18.03 32.68 42.12
CA LYS A 1106 -18.98 32.77 41.01
C LYS A 1106 -18.45 32.04 39.79
N ASN A 1107 -17.45 32.64 39.14
CA ASN A 1107 -16.84 32.08 37.94
C ASN A 1107 -15.41 31.65 38.27
N VAL A 1108 -15.08 30.41 37.93
CA VAL A 1108 -13.75 29.88 38.20
C VAL A 1108 -13.07 29.29 36.97
N THR A 1109 -13.81 28.91 35.93
CA THR A 1109 -13.21 28.45 34.68
C THR A 1109 -12.27 27.26 34.93
N LEU A 1110 -12.86 26.17 35.42
CA LEU A 1110 -12.09 24.96 35.62
C LEU A 1110 -11.98 24.17 34.32
N GLY A 1111 -11.07 23.21 34.32
CA GLY A 1111 -10.92 22.34 33.17
C GLY A 1111 -9.78 22.75 32.26
N VAL A 1112 -9.91 22.45 30.97
CA VAL A 1112 -8.78 22.63 30.05
C VAL A 1112 -8.26 24.06 30.07
N PRO A 1113 -9.10 25.09 30.08
CA PRO A 1113 -8.54 26.46 30.13
C PRO A 1113 -7.69 26.71 31.37
N ARG A 1114 -8.14 26.29 32.54
CA ARG A 1114 -7.37 26.51 33.75
C ARG A 1114 -6.07 25.72 33.74
N LEU A 1115 -6.13 24.47 33.26
CA LEU A 1115 -4.92 23.68 33.12
C LEU A 1115 -3.93 24.38 32.20
N LYS A 1116 -4.40 24.90 31.08
CA LYS A 1116 -3.52 25.60 30.16
C LYS A 1116 -2.92 26.83 30.82
N GLU A 1117 -3.72 27.59 31.56
CA GLU A 1117 -3.19 28.76 32.24
C GLU A 1117 -2.10 28.35 33.24
N LEU A 1118 -2.36 27.32 34.03
CA LEU A 1118 -1.38 26.90 35.02
C LEU A 1118 -0.09 26.44 34.37
N ILE A 1119 -0.21 25.65 33.30
CA ILE A 1119 0.97 25.18 32.60
C ILE A 1119 1.72 26.35 31.97
N ASN A 1120 1.01 27.18 31.23
CA ASN A 1120 1.60 28.36 30.60
C ASN A 1120 1.46 29.51 31.59
N ILE A 1121 2.52 29.77 32.35
CA ILE A 1121 2.47 30.81 33.37
C ILE A 1121 2.27 32.14 32.67
N SER A 1122 1.08 32.73 32.81
CA SER A 1122 0.73 33.96 32.13
C SER A 1122 0.71 35.12 33.11
N LYS A 1123 0.98 36.31 32.58
CA LYS A 1123 0.95 37.53 33.39
C LYS A 1123 -0.48 37.93 33.72
N LYS A 1124 -1.47 37.43 33.00
CA LYS A 1124 -2.87 37.77 33.23
C LYS A 1124 -3.72 36.50 33.09
N PRO A 1125 -4.16 35.91 34.20
CA PRO A 1125 -5.08 34.77 34.09
C PRO A 1125 -6.47 35.21 33.69
N LYS A 1126 -7.40 34.28 33.54
CA LYS A 1126 -8.76 34.62 33.15
C LYS A 1126 -9.63 35.00 34.36
N THR A 1127 -9.50 34.29 35.47
CA THR A 1127 -10.30 34.54 36.67
C THR A 1127 -9.40 34.59 37.89
N PRO A 1128 -8.56 35.61 37.98
CA PRO A 1128 -7.79 35.81 39.22
C PRO A 1128 -8.70 36.10 40.39
N SER A 1129 -8.32 35.58 41.57
CA SER A 1129 -9.11 35.84 42.76
C SER A 1129 -8.34 35.37 43.99
N LEU A 1130 -8.67 35.99 45.13
CA LEU A 1130 -8.10 35.64 46.43
C LEU A 1130 -9.18 35.07 47.32
N THR A 1131 -8.76 34.31 48.33
CA THR A 1131 -9.65 33.82 49.38
C THR A 1131 -9.12 34.37 50.69
N VAL A 1132 -9.55 35.57 51.05
CA VAL A 1132 -9.10 36.23 52.26
C VAL A 1132 -9.85 35.66 53.45
N PHE A 1133 -9.12 35.23 54.46
CA PHE A 1133 -9.72 34.72 55.70
C PHE A 1133 -9.60 35.80 56.77
N LEU A 1134 -10.74 36.25 57.29
CA LEU A 1134 -10.73 37.19 58.39
C LEU A 1134 -10.11 36.55 59.63
N LEU A 1135 -9.44 37.37 60.42
CA LEU A 1135 -8.75 36.90 61.62
C LEU A 1135 -9.47 37.27 62.90
N GLY A 1136 -9.69 38.56 63.13
CA GLY A 1136 -10.25 39.02 64.39
C GLY A 1136 -11.66 38.51 64.62
N GLN A 1137 -12.40 39.20 65.48
CA GLN A 1137 -13.79 38.83 65.71
C GLN A 1137 -14.61 38.95 64.45
N SER A 1138 -14.12 39.68 63.45
CA SER A 1138 -14.86 39.83 62.20
C SER A 1138 -15.13 38.49 61.53
N ALA A 1139 -14.36 37.46 61.88
CA ALA A 1139 -14.57 36.15 61.28
C ALA A 1139 -15.93 35.57 61.61
N ARG A 1140 -16.59 36.04 62.67
CA ARG A 1140 -17.88 35.50 63.08
C ARG A 1140 -19.05 36.36 62.59
N ASP A 1141 -19.08 37.64 62.96
CA ASP A 1141 -20.24 38.48 62.67
C ASP A 1141 -20.03 39.22 61.36
N ALA A 1142 -21.01 39.11 60.47
CA ALA A 1142 -20.93 39.78 59.18
C ALA A 1142 -20.80 41.29 59.34
N GLU A 1143 -21.33 41.84 60.43
CA GLU A 1143 -21.37 43.27 60.58
C GLU A 1143 -19.96 43.86 60.53
N ARG A 1144 -19.01 43.21 61.20
CA ARG A 1144 -17.64 43.68 61.21
C ARG A 1144 -16.81 43.16 60.05
N ALA A 1145 -17.41 42.36 59.16
CA ALA A 1145 -16.75 41.95 57.93
C ALA A 1145 -17.16 42.81 56.74
N LYS A 1146 -18.34 43.42 56.79
CA LYS A 1146 -18.77 44.29 55.70
C LYS A 1146 -17.79 45.44 55.53
N ASP A 1147 -17.36 46.03 56.65
CA ASP A 1147 -16.38 47.13 56.58
C ASP A 1147 -15.07 46.65 55.98
N ILE A 1148 -14.62 45.45 56.37
CA ILE A 1148 -13.39 44.92 55.81
C ILE A 1148 -13.51 44.75 54.31
N LEU A 1149 -14.64 44.18 53.87
CA LEU A 1149 -14.86 44.01 52.45
C LEU A 1149 -14.86 45.35 51.74
N CYS A 1150 -15.51 46.35 52.33
CA CYS A 1150 -15.54 47.67 51.73
C CYS A 1150 -14.14 48.25 51.61
N ARG A 1151 -13.31 48.07 52.64
CA ARG A 1151 -11.96 48.63 52.61
C ARG A 1151 -11.03 47.86 51.69
N LEU A 1152 -11.35 46.62 51.37
CA LEU A 1152 -10.60 45.87 50.37
C LEU A 1152 -11.13 46.07 48.95
N GLU A 1153 -12.33 46.62 48.81
CA GLU A 1153 -12.95 46.79 47.52
C GLU A 1153 -12.71 48.20 47.01
N HIS A 1154 -12.33 48.31 45.75
CA HIS A 1154 -11.96 49.60 45.19
C HIS A 1154 -13.22 50.44 45.00
N THR A 1155 -13.19 51.65 45.54
CA THR A 1155 -14.30 52.58 45.40
C THR A 1155 -13.78 53.89 44.83
N THR A 1156 -14.55 54.49 43.93
CA THR A 1156 -14.16 55.68 43.22
C THR A 1156 -15.37 56.61 43.11
N LEU A 1157 -15.12 57.87 42.75
CA LEU A 1157 -16.20 58.83 42.67
C LEU A 1157 -17.35 58.30 41.82
N ARG A 1158 -17.02 57.66 40.69
CA ARG A 1158 -18.06 57.16 39.82
C ARG A 1158 -18.97 56.18 40.55
N LYS A 1159 -18.44 55.47 41.54
CA LYS A 1159 -19.27 54.52 42.28
C LYS A 1159 -20.16 55.19 43.30
N VAL A 1160 -19.82 56.40 43.75
CA VAL A 1160 -20.63 57.10 44.74
C VAL A 1160 -21.34 58.32 44.18
N THR A 1161 -20.94 58.81 43.00
CA THR A 1161 -21.57 59.98 42.41
C THR A 1161 -22.82 59.59 41.65
N ALA A 1162 -23.76 60.53 41.56
CA ALA A 1162 -24.97 60.36 40.78
C ALA A 1162 -25.06 61.33 39.62
N ASN A 1163 -24.84 62.62 39.84
CA ASN A 1163 -24.88 63.62 38.78
C ASN A 1163 -23.72 64.58 38.95
N THR A 1164 -23.32 65.19 37.84
CA THR A 1164 -22.22 66.13 37.83
C THR A 1164 -22.52 67.24 36.84
N ALA A 1165 -22.85 68.42 37.36
CA ALA A 1165 -23.20 69.58 36.55
C ALA A 1165 -22.17 70.67 36.82
N ILE A 1166 -21.64 71.26 35.77
CA ILE A 1166 -20.75 72.40 35.90
C ILE A 1166 -21.56 73.68 35.69
N TYR A 1167 -21.26 74.70 36.48
CA TYR A 1167 -21.94 75.98 36.37
C TYR A 1167 -20.93 77.11 36.37
N TYR A 1168 -21.23 78.18 35.63
CA TYR A 1168 -20.42 79.39 35.67
C TYR A 1168 -21.10 80.42 36.55
N ASP A 1169 -21.14 80.11 37.84
CA ASP A 1169 -21.69 80.98 38.85
C ASP A 1169 -20.70 82.10 39.13
N PRO A 1170 -20.97 83.33 38.67
CA PRO A 1170 -19.97 84.39 38.84
C PRO A 1170 -19.61 84.63 40.29
N ASN A 1171 -20.59 84.98 41.10
CA ASN A 1171 -20.30 85.35 42.48
C ASN A 1171 -20.62 84.18 43.39
N PRO A 1172 -19.67 83.72 44.20
CA PRO A 1172 -19.95 82.55 45.04
C PRO A 1172 -21.19 82.69 45.88
N GLN A 1173 -21.43 83.85 46.47
CA GLN A 1173 -22.62 84.02 47.29
C GLN A 1173 -23.89 84.10 46.45
N SER A 1174 -23.76 84.36 45.15
CA SER A 1174 -24.93 84.41 44.30
C SER A 1174 -25.63 83.05 44.28
N THR A 1175 -24.86 81.99 44.01
CA THR A 1175 -25.37 80.62 44.13
C THR A 1175 -26.60 80.44 43.23
N VAL A 1176 -26.38 80.53 41.93
CA VAL A 1176 -27.45 80.44 40.95
C VAL A 1176 -28.44 79.34 41.36
N VAL A 1177 -27.94 78.31 42.01
CA VAL A 1177 -28.78 77.23 42.53
C VAL A 1177 -29.14 77.51 43.97
N ALA A 1178 -30.33 77.05 44.38
CA ALA A 1178 -30.90 77.37 45.69
C ALA A 1178 -30.33 76.40 46.72
N GLU A 1179 -29.25 76.80 47.38
CA GLU A 1179 -28.62 75.97 48.40
C GLU A 1179 -28.02 76.87 49.47
N ASP A 1180 -28.48 76.70 50.71
CA ASP A 1180 -28.03 77.53 51.83
C ASP A 1180 -26.88 76.86 52.57
N GLN A 1181 -25.78 76.69 51.84
CA GLN A 1181 -24.56 76.10 52.39
C GLN A 1181 -23.31 76.92 52.10
N GLU A 1182 -23.32 77.78 51.09
CA GLU A 1182 -22.16 78.60 50.78
C GLU A 1182 -22.08 79.82 51.69
N TRP A 1183 -23.22 80.49 51.89
CA TRP A 1183 -23.23 81.68 52.72
C TRP A 1183 -22.71 81.37 54.12
N VAL A 1184 -23.13 80.24 54.69
CA VAL A 1184 -22.62 79.86 56.01
C VAL A 1184 -21.11 79.67 55.95
N ASN A 1185 -20.62 79.03 54.89
CA ASN A 1185 -19.18 78.79 54.79
C ASN A 1185 -18.40 80.08 54.61
N VAL A 1186 -19.00 81.07 53.96
CA VAL A 1186 -18.33 82.34 53.72
C VAL A 1186 -19.03 83.45 54.49
N SER A 1199 -13.23 82.03 41.87
CA SER A 1199 -13.37 81.90 40.43
C SER A 1199 -14.83 81.74 40.01
N PRO A 1200 -15.23 82.38 38.90
CA PRO A 1200 -16.64 82.48 38.53
C PRO A 1200 -17.23 81.22 37.92
N TRP A 1201 -16.98 80.08 38.56
CA TRP A 1201 -17.48 78.81 38.05
C TRP A 1201 -17.18 77.73 39.07
N LEU A 1202 -17.98 76.67 39.04
CA LEU A 1202 -17.88 75.62 40.04
C LEU A 1202 -18.52 74.35 39.49
N LEU A 1203 -18.28 73.25 40.19
CA LEU A 1203 -18.84 71.94 39.85
C LEU A 1203 -19.67 71.48 41.03
N ARG A 1204 -20.95 71.17 40.78
CA ARG A 1204 -21.84 70.68 41.81
C ARG A 1204 -21.94 69.17 41.64
N VAL A 1205 -21.03 68.46 42.28
CA VAL A 1205 -20.92 67.00 42.14
C VAL A 1205 -21.72 66.40 43.30
N GLU A 1206 -23.02 66.19 43.05
CA GLU A 1206 -23.90 65.63 44.06
C GLU A 1206 -23.69 64.12 44.15
N LEU A 1207 -23.70 63.59 45.37
CA LEU A 1207 -23.36 62.20 45.63
C LEU A 1207 -24.58 61.39 45.99
N ASP A 1208 -24.55 60.11 45.65
CA ASP A 1208 -25.61 59.21 46.04
C ASP A 1208 -25.50 58.88 47.52
N ARG A 1209 -26.66 58.66 48.14
CA ARG A 1209 -26.71 58.31 49.55
C ARG A 1209 -26.64 56.81 49.76
N LYS A 1210 -27.43 56.04 49.03
CA LYS A 1210 -27.45 54.60 49.24
C LYS A 1210 -26.07 54.01 49.05
N HIS A 1211 -25.38 54.38 47.96
CA HIS A 1211 -24.05 53.85 47.71
C HIS A 1211 -23.07 54.28 48.79
N MET A 1212 -23.09 55.56 49.16
CA MET A 1212 -22.16 56.05 50.16
C MET A 1212 -22.38 55.34 51.50
N THR A 1213 -23.65 55.18 51.89
CA THR A 1213 -23.95 54.43 53.11
C THR A 1213 -23.44 53.01 53.01
N ASP A 1214 -23.66 52.37 51.86
CA ASP A 1214 -23.24 50.98 51.67
C ASP A 1214 -21.75 50.85 51.86
N ARG A 1215 -20.97 51.75 51.27
CA ARG A 1215 -19.53 51.77 51.47
C ARG A 1215 -19.14 52.47 52.77
N LYS A 1216 -20.07 53.18 53.40
CA LYS A 1216 -19.86 53.79 54.72
C LYS A 1216 -18.67 54.77 54.68
N LEU A 1217 -18.85 55.81 53.88
CA LEU A 1217 -17.91 56.92 53.80
C LEU A 1217 -18.56 58.17 54.37
N THR A 1218 -17.76 59.23 54.46
CA THR A 1218 -18.22 60.51 54.98
C THR A 1218 -17.64 61.62 54.12
N MET A 1219 -18.38 62.73 53.99
CA MET A 1219 -17.91 63.80 53.12
C MET A 1219 -16.59 64.38 53.60
N GLU A 1220 -16.30 64.27 54.90
CA GLU A 1220 -15.05 64.81 55.43
C GLU A 1220 -13.85 64.17 54.76
N GLN A 1221 -13.79 62.84 54.76
CA GLN A 1221 -12.65 62.15 54.18
C GLN A 1221 -12.60 62.35 52.67
N ILE A 1222 -13.76 62.34 52.02
CA ILE A 1222 -13.81 62.57 50.58
C ILE A 1222 -13.19 63.92 50.25
N ALA A 1223 -13.59 64.95 51.00
CA ALA A 1223 -13.05 66.28 50.76
C ALA A 1223 -11.56 66.35 51.04
N GLU A 1224 -11.12 65.72 52.12
CA GLU A 1224 -9.69 65.71 52.41
C GLU A 1224 -8.93 65.07 51.26
N LYS A 1225 -9.42 63.94 50.76
CA LYS A 1225 -8.73 63.22 49.70
C LYS A 1225 -8.72 64.03 48.41
N ILE A 1226 -9.87 64.63 48.05
CA ILE A 1226 -9.95 65.37 46.81
C ILE A 1226 -9.05 66.59 46.87
N ASN A 1227 -8.99 67.24 48.03
CA ASN A 1227 -8.12 68.40 48.18
C ASN A 1227 -6.66 67.99 48.10
N ALA A 1228 -6.28 66.92 48.82
CA ALA A 1228 -4.89 66.53 48.88
C ALA A 1228 -4.39 66.01 47.53
N GLY A 1229 -5.21 65.22 46.85
CA GLY A 1229 -4.74 64.62 45.61
C GLY A 1229 -4.34 65.65 44.57
N PHE A 1230 -5.11 66.73 44.47
CA PHE A 1230 -4.82 67.79 43.51
C PHE A 1230 -4.12 68.96 44.17
N GLY A 1231 -3.64 68.80 45.39
CA GLY A 1231 -2.92 69.86 46.05
C GLY A 1231 -3.83 70.99 46.50
N ASP A 1232 -3.19 72.06 46.98
CA ASP A 1232 -3.92 73.23 47.45
C ASP A 1232 -4.21 74.18 46.28
N ASP A 1233 -4.89 73.63 45.28
CA ASP A 1233 -5.29 74.38 44.10
C ASP A 1233 -6.79 74.50 43.96
N LEU A 1234 -7.56 73.70 44.68
CA LEU A 1234 -9.01 73.77 44.68
C LEU A 1234 -9.50 73.98 46.12
N ASN A 1235 -10.81 74.10 46.26
CA ASN A 1235 -11.43 74.33 47.56
C ASN A 1235 -12.78 73.63 47.55
N CYS A 1236 -12.80 72.39 48.02
CA CYS A 1236 -14.03 71.61 48.01
C CYS A 1236 -14.85 71.97 49.24
N ILE A 1237 -15.97 72.63 49.03
CA ILE A 1237 -16.88 73.00 50.11
C ILE A 1237 -17.88 71.86 50.21
N PHE A 1238 -17.56 70.88 51.03
CA PHE A 1238 -18.47 69.76 51.22
C PHE A 1238 -19.77 70.25 51.85
N ASN A 1239 -20.66 69.32 52.15
CA ASN A 1239 -21.94 69.63 52.73
C ASN A 1239 -22.16 68.79 53.99
N ASP A 1240 -22.99 69.32 54.89
CA ASP A 1240 -23.32 68.60 56.10
C ASP A 1240 -24.11 67.33 55.77
N ASP A 1241 -24.02 66.36 56.67
CA ASP A 1241 -24.65 65.06 56.46
C ASP A 1241 -26.10 65.02 56.94
N ASN A 1242 -26.72 66.18 57.08
CA ASN A 1242 -28.12 66.27 57.47
C ASN A 1242 -29.04 66.59 56.31
N ALA A 1243 -28.57 67.33 55.31
CA ALA A 1243 -29.41 67.69 54.20
C ALA A 1243 -29.73 66.47 53.35
N GLU A 1244 -30.89 66.51 52.70
CA GLU A 1244 -31.31 65.40 51.86
C GLU A 1244 -30.33 65.20 50.70
N LYS A 1245 -29.97 66.29 50.03
CA LYS A 1245 -29.08 66.22 48.88
C LYS A 1245 -27.63 66.31 49.33
N LEU A 1246 -26.80 65.43 48.80
CA LEU A 1246 -25.40 65.33 49.22
C LEU A 1246 -24.50 66.13 48.29
N VAL A 1247 -24.87 67.39 48.12
CA VAL A 1247 -24.21 68.22 47.11
C VAL A 1247 -22.78 68.50 47.52
N LEU A 1248 -21.97 68.86 46.53
CA LEU A 1248 -20.63 69.36 46.76
C LEU A 1248 -20.43 70.61 45.91
N ARG A 1249 -19.29 71.26 46.10
CA ARG A 1249 -18.95 72.44 45.33
C ARG A 1249 -17.43 72.45 45.19
N ILE A 1250 -16.95 72.18 44.00
CA ILE A 1250 -15.53 72.20 43.70
C ILE A 1250 -15.23 73.46 42.90
N ARG A 1251 -14.29 74.25 43.40
CA ARG A 1251 -13.93 75.49 42.74
C ARG A 1251 -12.41 75.55 42.67
N ILE A 1252 -11.92 76.28 41.68
CA ILE A 1252 -10.49 76.42 41.45
C ILE A 1252 -10.11 77.88 41.62
N MET A 1253 -9.05 78.14 42.38
CA MET A 1253 -8.57 79.50 42.59
C MET A 1253 -7.06 79.53 42.38
N ASN A 1254 -6.55 80.73 42.15
CA ASN A 1254 -5.11 80.92 41.96
C ASN A 1254 -4.72 82.35 42.30
N ASP A 1271 -9.20 78.03 28.03
CA ASP A 1271 -8.52 76.84 28.52
C ASP A 1271 -8.99 76.49 29.93
N ASP A 1272 -9.30 77.52 30.72
CA ASP A 1272 -9.78 77.28 32.08
C ASP A 1272 -11.13 76.57 32.07
N ASP A 1273 -11.94 76.79 31.05
CA ASP A 1273 -13.22 76.11 30.96
C ASP A 1273 -13.04 74.61 30.80
N VAL A 1274 -12.21 74.21 29.83
CA VAL A 1274 -11.98 72.80 29.59
C VAL A 1274 -11.14 72.18 30.70
N PHE A 1275 -10.47 73.00 31.51
CA PHE A 1275 -9.70 72.47 32.62
C PHE A 1275 -10.61 71.76 33.62
N LEU A 1276 -11.75 72.37 33.92
CA LEU A 1276 -12.70 71.71 34.82
C LEU A 1276 -13.19 70.41 34.21
N ARG A 1277 -13.48 70.42 32.91
CA ARG A 1277 -13.92 69.18 32.27
C ARG A 1277 -12.86 68.09 32.41
N CYS A 1278 -11.61 68.43 32.12
CA CYS A 1278 -10.54 67.45 32.17
C CYS A 1278 -10.36 66.92 33.58
N ILE A 1279 -10.36 67.82 34.57
CA ILE A 1279 -10.12 67.40 35.94
C ILE A 1279 -11.27 66.54 36.44
N GLU A 1280 -12.51 66.95 36.16
CA GLU A 1280 -13.64 66.15 36.59
C GLU A 1280 -13.60 64.79 35.93
N SER A 1281 -13.28 64.74 34.63
CA SER A 1281 -13.22 63.47 33.93
C SER A 1281 -12.18 62.56 34.58
N ASN A 1282 -10.98 63.06 34.80
CA ASN A 1282 -9.91 62.20 35.29
C ASN A 1282 -10.14 61.80 36.75
N MET A 1283 -10.77 62.66 37.55
CA MET A 1283 -11.04 62.27 38.93
C MET A 1283 -12.18 61.26 38.99
N LEU A 1284 -13.24 61.48 38.23
CA LEU A 1284 -14.34 60.54 38.21
C LEU A 1284 -13.88 59.18 37.73
N THR A 1285 -13.00 59.17 36.73
CA THR A 1285 -12.52 57.91 36.18
C THR A 1285 -11.78 57.09 37.22
N ASP A 1286 -11.03 57.75 38.09
CA ASP A 1286 -10.21 57.04 39.07
C ASP A 1286 -9.76 58.01 40.14
N MET A 1287 -10.19 57.78 41.38
CA MET A 1287 -9.78 58.62 42.49
C MET A 1287 -9.31 57.77 43.66
N THR A 1288 -9.82 56.55 43.78
CA THR A 1288 -9.49 55.65 44.88
C THR A 1288 -9.83 56.30 46.22
N LEU A 1289 -11.13 56.53 46.41
CA LEU A 1289 -11.59 57.07 47.69
C LEU A 1289 -11.25 56.13 48.83
N GLN A 1290 -11.55 54.84 48.65
CA GLN A 1290 -11.37 53.88 49.74
C GLN A 1290 -11.20 52.50 49.13
N GLY A 1291 -10.03 51.93 49.30
CA GLY A 1291 -9.74 50.60 48.82
C GLY A 1291 -8.42 50.58 48.10
N ILE A 1292 -8.14 49.47 47.44
CA ILE A 1292 -6.93 49.29 46.65
C ILE A 1292 -7.34 49.16 45.20
N GLU A 1293 -6.35 49.16 44.32
CA GLU A 1293 -6.60 48.98 42.89
C GLU A 1293 -6.75 47.49 42.61
N GLN A 1294 -6.81 47.13 41.33
CA GLN A 1294 -6.93 45.73 40.93
C GLN A 1294 -8.23 45.12 41.46
N ILE A 1295 -8.39 45.06 42.78
CA ILE A 1295 -9.59 44.46 43.35
C ILE A 1295 -10.80 45.27 42.89
N SER A 1296 -11.63 44.67 42.05
CA SER A 1296 -12.81 45.36 41.53
C SER A 1296 -13.97 45.27 42.52
N LYS A 1297 -14.48 44.06 42.74
CA LYS A 1297 -15.53 43.83 43.72
C LYS A 1297 -15.18 42.57 44.49
N VAL A 1298 -15.70 42.50 45.71
CA VAL A 1298 -15.37 41.42 46.64
C VAL A 1298 -16.68 40.78 47.10
N TYR A 1299 -16.72 39.46 47.08
CA TYR A 1299 -17.89 38.75 47.59
C TYR A 1299 -17.68 38.44 49.06
N MET A 1300 -18.67 37.81 49.68
CA MET A 1300 -18.62 37.50 51.10
C MET A 1300 -19.46 36.24 51.31
N HIS A 1301 -18.81 35.08 51.22
CA HIS A 1301 -19.52 33.81 51.19
C HIS A 1301 -19.11 32.94 52.36
N LEU A 1302 -20.09 32.46 53.11
CA LEU A 1302 -19.80 31.50 54.14
C LEU A 1302 -19.32 30.19 53.51
N PRO A 1303 -18.46 29.45 54.18
CA PRO A 1303 -18.01 28.17 53.62
C PRO A 1303 -19.02 27.08 53.87
N GLN A 1304 -19.24 26.26 52.83
CA GLN A 1304 -20.13 25.12 52.92
C GLN A 1304 -19.40 23.80 53.03
N THR A 1305 -18.16 23.73 52.56
CA THR A 1305 -17.36 22.52 52.61
C THR A 1305 -16.15 22.74 53.50
N ASP A 1306 -15.59 21.64 53.98
CA ASP A 1306 -14.44 21.71 54.87
C ASP A 1306 -13.28 22.46 54.25
N ASN A 1307 -13.20 22.52 52.91
CA ASN A 1307 -12.04 23.10 52.26
C ASN A 1307 -11.80 24.53 52.66
N LYS A 1308 -12.84 25.23 53.12
CA LYS A 1308 -12.70 26.62 53.54
C LYS A 1308 -13.12 26.87 54.97
N LYS A 1309 -13.75 25.91 55.63
CA LYS A 1309 -14.10 26.09 57.02
C LYS A 1309 -12.85 26.05 57.89
N LYS A 1310 -12.83 26.92 58.89
CA LYS A 1310 -11.73 26.94 59.84
C LYS A 1310 -11.73 25.64 60.65
N ILE A 1311 -10.53 25.15 60.96
CA ILE A 1311 -10.37 23.91 61.72
C ILE A 1311 -9.51 24.20 62.92
N ILE A 1312 -10.00 23.86 64.10
CA ILE A 1312 -9.28 24.09 65.35
C ILE A 1312 -9.42 22.86 66.23
N ILE A 1313 -8.30 22.32 66.70
CA ILE A 1313 -8.34 21.18 67.61
C ILE A 1313 -8.93 21.63 68.93
N THR A 1314 -10.01 20.98 69.34
CA THR A 1314 -10.66 21.32 70.59
C THR A 1314 -9.98 20.62 71.75
N GLU A 1315 -10.04 21.27 72.92
CA GLU A 1315 -9.38 20.72 74.10
C GLU A 1315 -9.78 19.27 74.34
N ASP A 1316 -11.03 18.93 74.05
CA ASP A 1316 -11.45 17.53 74.15
C ASP A 1316 -10.65 16.67 73.19
N GLY A 1317 -10.38 17.18 71.99
CA GLY A 1317 -9.58 16.45 71.03
C GLY A 1317 -10.15 16.47 69.62
N GLU A 1318 -11.47 16.55 69.51
CA GLU A 1318 -12.10 16.57 68.20
C GLU A 1318 -11.66 17.80 67.41
N PHE A 1319 -11.99 17.80 66.12
CA PHE A 1319 -11.63 18.93 65.27
C PHE A 1319 -12.71 20.01 65.28
N LYS A 1320 -13.98 19.63 65.13
CA LYS A 1320 -15.09 20.57 65.26
C LYS A 1320 -14.87 21.79 64.36
N ALA A 1321 -14.89 21.53 63.06
CA ALA A 1321 -14.77 22.60 62.07
C ALA A 1321 -15.71 23.75 62.41
N LEU A 1322 -15.20 24.97 62.23
CA LEU A 1322 -15.95 26.18 62.53
C LEU A 1322 -16.28 26.92 61.23
N GLN A 1323 -17.42 27.61 61.23
CA GLN A 1323 -17.90 28.33 60.08
C GLN A 1323 -17.63 29.81 60.27
N GLU A 1324 -16.82 30.38 59.38
CA GLU A 1324 -16.37 31.76 59.53
C GLU A 1324 -16.42 32.48 58.19
N TRP A 1325 -16.71 33.77 58.24
CA TRP A 1325 -16.79 34.56 57.03
C TRP A 1325 -15.45 34.57 56.31
N ILE A 1326 -15.52 34.54 54.99
CA ILE A 1326 -14.35 34.55 54.12
C ILE A 1326 -14.70 35.40 52.91
N LEU A 1327 -13.71 36.12 52.40
CA LEU A 1327 -13.94 37.01 51.28
C LEU A 1327 -13.39 36.39 50.01
N GLU A 1328 -14.06 36.68 48.90
CA GLU A 1328 -13.69 36.19 47.58
C GLU A 1328 -13.56 37.41 46.68
N THR A 1329 -12.34 37.68 46.23
CA THR A 1329 -12.10 38.86 45.43
C THR A 1329 -12.11 38.50 43.95
N ASP A 1330 -11.85 39.50 43.12
CA ASP A 1330 -11.79 39.34 41.68
C ASP A 1330 -10.51 39.92 41.09
N GLY A 1331 -9.60 40.40 41.93
CA GLY A 1331 -8.32 40.90 41.45
C GLY A 1331 -7.17 40.18 42.11
N VAL A 1332 -5.95 40.65 41.90
CA VAL A 1332 -4.76 40.02 42.47
C VAL A 1332 -3.86 41.12 43.00
N SER A 1333 -3.87 41.33 44.30
CA SER A 1333 -2.88 42.20 44.93
C SER A 1333 -2.10 41.49 46.02
N LEU A 1334 -2.75 40.65 46.81
CA LEU A 1334 -2.09 39.86 47.83
C LEU A 1334 -1.25 40.73 48.77
N MET A 1335 -0.18 41.31 48.24
CA MET A 1335 0.76 42.04 49.08
C MET A 1335 0.05 43.09 49.91
N ARG A 1336 -0.72 43.95 49.25
CA ARG A 1336 -1.47 44.96 49.98
C ARG A 1336 -2.59 44.34 50.82
N VAL A 1337 -3.01 43.12 50.51
CA VAL A 1337 -4.12 42.53 51.25
C VAL A 1337 -3.65 41.96 52.58
N LEU A 1338 -2.50 41.29 52.61
CA LEU A 1338 -2.06 40.66 53.84
C LEU A 1338 -1.72 41.69 54.90
N SER A 1339 -1.30 42.89 54.49
CA SER A 1339 -0.95 43.92 55.45
C SER A 1339 -2.15 44.44 56.22
N GLU A 1340 -3.35 44.35 55.65
CA GLU A 1340 -4.53 44.89 56.31
C GLU A 1340 -4.83 44.13 57.59
N LYS A 1341 -5.21 44.85 58.63
CA LYS A 1341 -5.53 44.24 59.90
C LYS A 1341 -6.77 43.35 59.78
N ASP A 1342 -6.97 42.52 60.79
CA ASP A 1342 -8.13 41.62 60.84
C ASP A 1342 -8.12 40.65 59.67
N VAL A 1343 -7.00 40.52 58.98
CA VAL A 1343 -6.86 39.64 57.82
C VAL A 1343 -5.85 38.59 58.19
N ASP A 1344 -6.28 37.34 58.27
CA ASP A 1344 -5.37 36.27 58.65
C ASP A 1344 -4.20 36.24 57.67
N PRO A 1345 -2.98 36.57 58.11
CA PRO A 1345 -1.83 36.50 57.21
C PRO A 1345 -1.21 35.10 57.09
N VAL A 1346 -1.92 34.05 57.49
CA VAL A 1346 -1.38 32.71 57.43
C VAL A 1346 -2.15 31.79 56.49
N ARG A 1347 -3.40 32.12 56.15
CA ARG A 1347 -4.23 31.27 55.31
C ARG A 1347 -4.73 31.98 54.07
N THR A 1348 -4.43 33.26 53.90
CA THR A 1348 -4.91 34.03 52.76
C THR A 1348 -4.04 33.71 51.56
N THR A 1349 -4.44 32.69 50.81
CA THR A 1349 -3.74 32.34 49.58
C THR A 1349 -4.08 33.36 48.51
N SER A 1350 -3.71 33.07 47.26
CA SER A 1350 -3.91 34.00 46.16
C SER A 1350 -4.53 33.40 44.93
N ASN A 1351 -4.51 32.08 44.75
CA ASN A 1351 -5.03 31.40 43.57
C ASN A 1351 -4.19 31.65 42.33
N ASP A 1352 -3.24 32.56 42.37
CA ASP A 1352 -2.40 32.89 41.22
C ASP A 1352 -1.00 32.37 41.46
N ILE A 1353 -0.31 32.04 40.36
CA ILE A 1353 1.04 31.50 40.46
C ILE A 1353 2.05 32.64 40.45
N VAL A 1354 2.08 33.43 39.38
CA VAL A 1354 3.13 34.43 39.24
C VAL A 1354 3.11 35.39 40.42
N GLU A 1355 1.92 35.71 40.92
CA GLU A 1355 1.84 36.65 42.03
C GLU A 1355 2.57 36.11 43.26
N ILE A 1356 2.35 34.83 43.58
CA ILE A 1356 2.93 34.28 44.80
C ILE A 1356 4.45 34.34 44.74
N PHE A 1357 5.03 34.05 43.58
CA PHE A 1357 6.48 34.00 43.46
C PHE A 1357 7.12 35.32 43.82
N THR A 1358 6.45 36.43 43.55
CA THR A 1358 6.95 37.74 43.90
C THR A 1358 6.62 38.14 45.33
N VAL A 1359 5.77 37.38 46.02
CA VAL A 1359 5.40 37.71 47.39
C VAL A 1359 6.00 36.69 48.33
N LEU A 1360 5.62 35.42 48.18
CA LEU A 1360 6.03 34.42 49.16
C LEU A 1360 7.39 33.82 48.84
N GLY A 1361 7.51 33.08 47.75
CA GLY A 1361 8.78 32.50 47.38
C GLY A 1361 8.60 31.18 46.67
N ILE A 1362 9.69 30.75 46.01
CA ILE A 1362 9.59 29.68 45.03
C ILE A 1362 8.97 28.44 45.65
N GLU A 1363 9.31 28.14 46.90
CA GLU A 1363 8.71 26.99 47.58
C GLU A 1363 7.21 27.21 47.75
N ALA A 1364 6.81 28.42 48.14
CA ALA A 1364 5.40 28.73 48.24
C ALA A 1364 4.72 28.56 46.88
N VAL A 1365 5.40 28.97 45.81
CA VAL A 1365 4.80 28.83 44.48
C VAL A 1365 4.61 27.36 44.15
N ARG A 1366 5.57 26.53 44.51
CA ARG A 1366 5.40 25.09 44.28
C ARG A 1366 4.19 24.57 45.01
N LYS A 1367 4.05 24.91 46.29
CA LYS A 1367 2.91 24.41 47.05
C LYS A 1367 1.59 24.89 46.44
N ALA A 1368 1.53 26.17 46.08
CA ALA A 1368 0.31 26.72 45.50
C ALA A 1368 -0.01 26.06 44.18
N LEU A 1369 1.01 25.84 43.35
CA LEU A 1369 0.79 25.19 42.07
C LEU A 1369 0.22 23.80 42.28
N GLU A 1370 0.78 23.07 43.24
CA GLU A 1370 0.26 21.73 43.52
C GLU A 1370 -1.21 21.81 43.92
N ARG A 1371 -1.55 22.75 44.80
CA ARG A 1371 -2.95 22.83 45.25
C ARG A 1371 -3.87 23.18 44.09
N GLU A 1372 -3.48 24.13 43.24
CA GLU A 1372 -4.33 24.49 42.12
C GLU A 1372 -4.50 23.32 41.16
N LEU A 1373 -3.43 22.61 40.86
CA LEU A 1373 -3.51 21.49 39.95
C LEU A 1373 -4.41 20.41 40.53
N TYR A 1374 -4.26 20.12 41.82
CA TYR A 1374 -5.12 19.13 42.45
C TYR A 1374 -6.57 19.58 42.39
N HIS A 1375 -6.83 20.87 42.59
CA HIS A 1375 -8.18 21.37 42.57
C HIS A 1375 -8.81 21.20 41.18
N VAL A 1376 -8.05 21.51 40.13
CA VAL A 1376 -8.64 21.44 38.79
C VAL A 1376 -8.65 20.02 38.25
N ILE A 1377 -7.91 19.11 38.85
CA ILE A 1377 -7.94 17.72 38.39
C ILE A 1377 -8.93 16.89 39.18
N SER A 1378 -9.26 17.29 40.41
CA SER A 1378 -10.21 16.55 41.23
C SER A 1378 -11.61 17.17 41.22
N PHE A 1379 -11.82 18.23 40.46
CA PHE A 1379 -13.14 18.86 40.43
C PHE A 1379 -14.19 17.93 39.86
N ASP A 1380 -13.87 17.24 38.77
CA ASP A 1380 -14.80 16.29 38.16
C ASP A 1380 -14.84 14.96 38.90
N GLY A 1381 -14.26 14.90 40.10
CA GLY A 1381 -14.25 13.71 40.90
C GLY A 1381 -13.13 12.75 40.60
N SER A 1382 -12.43 12.92 39.49
CA SER A 1382 -11.36 12.00 39.16
C SER A 1382 -10.24 12.09 40.19
N TYR A 1383 -9.43 11.06 40.23
CA TYR A 1383 -8.34 10.95 41.19
C TYR A 1383 -7.05 10.68 40.45
N VAL A 1384 -6.02 11.47 40.75
CA VAL A 1384 -4.70 11.29 40.18
C VAL A 1384 -3.73 11.15 41.33
N ASN A 1385 -2.93 10.08 41.32
CA ASN A 1385 -2.03 9.83 42.42
C ASN A 1385 -1.13 11.04 42.61
N TYR A 1386 -0.82 11.37 43.86
CA TYR A 1386 -0.10 12.60 44.16
C TYR A 1386 1.30 12.62 43.56
N ARG A 1387 1.90 11.46 43.32
CA ARG A 1387 3.28 11.41 42.86
C ARG A 1387 3.45 12.18 41.57
N HIS A 1388 2.55 11.98 40.62
CA HIS A 1388 2.71 12.66 39.34
C HIS A 1388 2.58 14.17 39.49
N LEU A 1389 1.66 14.63 40.32
CA LEU A 1389 1.56 16.06 40.57
C LEU A 1389 2.84 16.61 41.18
N ALA A 1390 3.39 15.89 42.17
CA ALA A 1390 4.63 16.36 42.79
C ALA A 1390 5.76 16.41 41.78
N LEU A 1391 5.86 15.39 40.93
CA LEU A 1391 6.94 15.35 39.97
C LEU A 1391 6.82 16.49 38.96
N LEU A 1392 5.60 16.76 38.49
CA LEU A 1392 5.45 17.89 37.58
C LEU A 1392 5.76 19.20 38.28
N CYS A 1393 5.30 19.36 39.52
CA CYS A 1393 5.56 20.61 40.24
C CYS A 1393 7.06 20.83 40.42
N ASP A 1394 7.80 19.80 40.82
CA ASP A 1394 9.23 19.96 41.01
C ASP A 1394 9.93 20.31 39.71
N THR A 1395 9.60 19.60 38.63
CA THR A 1395 10.24 19.88 37.35
C THR A 1395 9.99 21.32 36.94
N MET A 1396 8.84 21.87 37.30
CA MET A 1396 8.54 23.26 36.99
C MET A 1396 9.24 24.23 37.93
N THR A 1397 9.73 23.78 39.08
CA THR A 1397 10.35 24.64 40.08
C THR A 1397 11.71 24.09 40.51
N CYS A 1398 12.47 23.59 39.56
CA CYS A 1398 13.80 23.06 39.84
C CYS A 1398 14.89 24.09 39.60
N ARG A 1399 14.68 25.02 38.67
CA ARG A 1399 15.64 26.08 38.38
C ARG A 1399 15.32 27.37 39.10
N GLY A 1400 14.53 27.33 40.17
CA GLY A 1400 14.29 28.55 40.93
C GLY A 1400 13.24 29.46 40.33
N HIS A 1401 13.34 29.73 39.04
CA HIS A 1401 12.32 30.48 38.33
C HIS A 1401 11.30 29.55 37.72
N LEU A 1402 10.08 30.07 37.53
CA LEU A 1402 9.00 29.27 36.98
C LEU A 1402 9.19 29.03 35.49
N MET A 1403 9.78 27.89 35.13
CA MET A 1403 9.95 27.57 33.72
C MET A 1403 8.60 27.19 33.13
N ALA A 1404 8.18 27.92 32.10
CA ALA A 1404 6.97 27.56 31.40
C ALA A 1404 7.18 26.26 30.64
N ILE A 1405 6.10 25.47 30.52
CA ILE A 1405 6.16 24.25 29.74
C ILE A 1405 6.17 24.54 28.24
N THR A 1406 5.98 25.79 27.84
CA THR A 1406 5.97 26.13 26.43
C THR A 1406 7.38 26.09 25.86
N ARG A 1407 7.49 26.36 24.56
CA ARG A 1407 8.81 26.44 23.94
C ARG A 1407 9.66 27.53 24.59
N HIS A 1408 9.03 28.57 25.09
CA HIS A 1408 9.78 29.68 25.69
C HIS A 1408 10.31 29.35 27.07
N GLY A 1409 9.95 28.20 27.64
CA GLY A 1409 10.37 27.84 28.97
C GLY A 1409 11.25 26.60 29.05
N VAL A 1410 11.07 25.66 28.14
CA VAL A 1410 11.87 24.44 28.17
C VAL A 1410 13.13 24.57 27.30
N ASN A 1411 13.05 25.29 26.18
CA ASN A 1411 14.22 25.47 25.35
C ASN A 1411 15.27 26.36 26.00
N ARG A 1412 14.88 27.17 27.00
CA ARG A 1412 15.86 28.01 27.69
C ARG A 1412 16.77 27.18 28.58
N GLN A 1413 16.30 26.03 29.03
CA GLN A 1413 17.13 25.13 29.82
C GLN A 1413 18.28 24.61 28.96
N ASP A 1414 19.40 24.32 29.61
CA ASP A 1414 20.58 23.82 28.92
C ASP A 1414 20.55 22.31 28.77
N THR A 1415 19.48 21.78 28.17
CA THR A 1415 19.37 20.33 28.00
C THR A 1415 20.24 19.85 26.85
N GLY A 1416 20.03 20.39 25.66
CA GLY A 1416 20.81 20.05 24.50
C GLY A 1416 20.08 20.41 23.22
N PRO A 1417 20.80 20.85 22.19
CA PRO A 1417 20.10 21.24 20.95
C PRO A 1417 19.28 20.11 20.35
N LEU A 1418 19.80 18.88 20.41
CA LEU A 1418 19.07 17.75 19.84
C LEU A 1418 17.76 17.49 20.57
N MET A 1419 17.65 17.91 21.83
CA MET A 1419 16.40 17.76 22.55
C MET A 1419 15.48 18.94 22.35
N LYS A 1420 16.02 20.15 22.25
CA LYS A 1420 15.17 21.31 22.00
C LYS A 1420 14.52 21.22 20.63
N CYS A 1421 15.28 20.84 19.60
CA CYS A 1421 14.71 20.84 18.26
C CYS A 1421 13.56 19.85 18.15
N SER A 1422 13.57 18.78 18.94
CA SER A 1422 12.47 17.82 18.89
C SER A 1422 11.14 18.51 19.20
N PHE A 1423 11.09 19.25 20.31
CA PHE A 1423 9.85 19.87 20.77
C PHE A 1423 9.35 20.94 19.79
N GLU A 1424 10.11 22.02 19.64
CA GLU A 1424 9.71 23.16 18.83
C GLU A 1424 10.98 23.92 18.47
N GLU A 1425 10.83 24.92 17.61
CA GLU A 1425 11.95 25.78 17.22
C GLU A 1425 13.13 24.97 16.68
N THR A 1426 12.85 24.07 15.74
CA THR A 1426 13.90 23.20 15.22
C THR A 1426 15.04 24.00 14.61
N VAL A 1427 14.77 24.69 13.50
CA VAL A 1427 15.84 25.36 12.77
C VAL A 1427 16.46 26.44 13.64
N ASP A 1428 15.63 27.10 14.45
CA ASP A 1428 16.14 28.18 15.29
C ASP A 1428 17.16 27.67 16.30
N VAL A 1429 16.82 26.63 17.06
CA VAL A 1429 17.74 26.13 18.07
C VAL A 1429 18.97 25.54 17.40
N LEU A 1430 18.78 24.83 16.29
CA LEU A 1430 19.92 24.25 15.60
C LEU A 1430 20.88 25.34 15.10
N MET A 1431 20.33 26.42 14.54
CA MET A 1431 21.17 27.53 14.09
C MET A 1431 21.90 28.17 15.25
N GLU A 1432 21.22 28.36 16.39
CA GLU A 1432 21.88 28.97 17.53
C GLU A 1432 23.02 28.09 18.04
N ALA A 1433 22.79 26.77 18.14
CA ALA A 1433 23.84 25.87 18.55
C ALA A 1433 25.02 25.93 17.59
N ALA A 1434 24.74 25.87 16.28
CA ALA A 1434 25.82 25.91 15.31
C ALA A 1434 26.64 27.18 15.45
N ALA A 1435 25.96 28.32 15.59
CA ALA A 1435 26.66 29.59 15.72
C ALA A 1435 27.53 29.59 16.97
N HIS A 1436 26.98 29.15 18.10
CA HIS A 1436 27.71 29.18 19.35
C HIS A 1436 28.57 27.94 19.57
N GLY A 1437 28.48 26.96 18.68
CA GLY A 1437 29.33 25.79 18.81
C GLY A 1437 29.06 25.00 20.06
N GLU A 1438 27.79 24.85 20.43
CA GLU A 1438 27.44 24.08 21.62
C GLU A 1438 27.83 22.62 21.41
N SER A 1439 27.63 21.83 22.46
CA SER A 1439 27.93 20.41 22.45
C SER A 1439 26.77 19.66 23.09
N ASP A 1440 26.49 18.48 22.57
CA ASP A 1440 25.46 17.63 23.13
C ASP A 1440 26.11 16.43 23.81
N PRO A 1441 25.94 16.23 25.12
CA PRO A 1441 26.57 15.09 25.78
C PRO A 1441 26.04 13.75 25.33
N MET A 1442 24.92 13.72 24.61
CA MET A 1442 24.30 12.48 24.16
C MET A 1442 23.83 11.65 25.37
N LYS A 1443 22.94 12.25 26.16
CA LYS A 1443 22.34 11.55 27.30
C LYS A 1443 20.82 11.58 27.32
N GLY A 1444 20.17 12.49 26.60
CA GLY A 1444 18.73 12.51 26.58
C GLY A 1444 18.17 11.36 25.76
N VAL A 1445 16.93 10.97 26.08
CA VAL A 1445 16.30 9.87 25.35
C VAL A 1445 16.12 10.24 23.88
N SER A 1446 15.70 11.48 23.62
CA SER A 1446 15.53 11.92 22.23
C SER A 1446 16.85 11.80 21.47
N GLU A 1447 17.96 12.15 22.12
CA GLU A 1447 19.24 12.15 21.44
C GLU A 1447 19.59 10.76 20.93
N ASN A 1448 19.49 9.76 21.80
CA ASN A 1448 19.79 8.40 21.37
C ASN A 1448 18.77 7.89 20.37
N ILE A 1449 17.52 8.33 20.48
CA ILE A 1449 16.50 7.88 19.52
C ILE A 1449 16.84 8.37 18.12
N MET A 1450 17.24 9.64 18.00
CA MET A 1450 17.56 10.16 16.67
C MET A 1450 18.68 9.37 16.02
N LEU A 1451 19.71 9.05 16.78
CA LEU A 1451 20.85 8.30 16.28
C LEU A 1451 20.60 6.79 16.32
N GLY A 1452 19.39 6.35 16.64
CA GLY A 1452 19.12 4.94 16.65
C GLY A 1452 19.87 4.15 17.70
N GLN A 1453 20.36 4.80 18.74
CA GLN A 1453 21.08 4.10 19.79
C GLN A 1453 20.14 3.77 20.95
N LEU A 1454 20.52 2.75 21.70
CA LEU A 1454 19.73 2.27 22.82
C LEU A 1454 19.62 3.38 23.86
N ALA A 1455 18.46 4.01 23.94
CA ALA A 1455 18.28 5.11 24.87
C ALA A 1455 18.38 4.61 26.31
N PRO A 1456 18.79 5.48 27.25
CA PRO A 1456 18.96 5.05 28.64
C PRO A 1456 17.67 5.18 29.46
N ALA A 1457 16.61 4.51 28.99
CA ALA A 1457 15.31 4.52 29.68
C ALA A 1457 14.81 3.10 29.82
N GLY A 1458 15.23 2.42 30.88
CA GLY A 1458 14.70 1.11 31.16
C GLY A 1458 15.32 0.11 30.21
N THR A 1459 15.91 -0.95 30.73
CA THR A 1459 16.64 -1.91 29.91
C THR A 1459 17.77 -1.28 29.12
N GLY A 1460 18.10 -0.01 29.39
CA GLY A 1460 19.14 0.68 28.67
C GLY A 1460 19.99 1.58 29.54
N CYS A 1461 19.73 1.58 30.85
CA CYS A 1461 20.48 2.38 31.80
C CYS A 1461 21.55 1.56 32.51
N PHE A 1462 21.98 0.46 31.90
CA PHE A 1462 23.03 -0.39 32.45
C PHE A 1462 23.55 -1.26 31.32
N ASP A 1463 24.60 -2.00 31.61
CA ASP A 1463 25.20 -2.90 30.63
C ASP A 1463 25.42 -4.26 31.26
N LEU A 1464 25.35 -5.30 30.45
CA LEU A 1464 25.60 -6.67 30.90
C LEU A 1464 27.00 -7.09 30.52
N LEU A 1465 27.53 -8.05 31.27
CA LEU A 1465 28.85 -8.60 31.02
C LEU A 1465 28.78 -10.10 31.14
N LEU A 1466 29.62 -10.79 30.39
CA LEU A 1466 29.68 -12.24 30.44
C LEU A 1466 30.58 -12.66 31.59
N ASP A 1467 30.06 -13.58 32.41
CA ASP A 1467 30.75 -14.04 33.61
C ASP A 1467 31.59 -15.26 33.24
N ALA A 1468 32.86 -15.03 32.90
CA ALA A 1468 33.72 -16.13 32.49
C ALA A 1468 33.74 -17.23 33.54
N GLU A 1469 33.83 -16.84 34.81
CA GLU A 1469 33.94 -17.82 35.88
C GLU A 1469 32.73 -18.75 35.92
N LYS A 1470 31.53 -18.19 35.71
CA LYS A 1470 30.31 -18.98 35.83
C LYS A 1470 30.16 -19.97 34.67
N CYS A 1471 30.73 -19.65 33.51
CA CYS A 1471 30.57 -20.51 32.34
C CYS A 1471 31.21 -21.87 32.54
N LYS A 1472 32.06 -22.03 33.55
CA LYS A 1472 32.76 -23.30 33.73
C LYS A 1472 31.83 -24.45 34.04
N TYR A 1473 30.57 -24.19 34.37
CA TYR A 1473 29.60 -25.22 34.69
C TYR A 1473 28.65 -25.41 33.52
N GLY A 1474 27.71 -26.33 33.68
CA GLY A 1474 26.72 -26.59 32.67
C GLY A 1474 27.22 -27.48 31.54
N MET A 1475 26.31 -27.78 30.63
CA MET A 1475 26.61 -28.63 29.48
C MET A 1475 25.92 -28.11 28.24
N GLY A 1514 23.06 -33.42 27.53
CA GLY A 1514 23.04 -34.83 27.23
C GLY A 1514 22.34 -35.64 28.30
N ALA A 1515 22.11 -36.93 28.03
CA ALA A 1515 21.41 -37.80 28.96
C ALA A 1515 22.37 -38.36 30.02
N TPO A 1516 23.61 -37.89 30.02
CA TPO A 1516 24.60 -38.33 30.99
CB TPO A 1516 25.62 -39.25 30.33
CG2 TPO A 1516 24.92 -40.51 29.81
OG1 TPO A 1516 26.25 -38.58 29.25
P TPO A 1516 27.84 -38.78 29.44
O1P TPO A 1516 28.15 -40.22 29.57
O2P TPO A 1516 28.62 -38.19 28.17
O3P TPO A 1516 28.31 -38.01 30.77
C TPO A 1516 25.30 -37.14 31.63
O TPO A 1516 26.49 -36.91 31.41
N PRO A 1517 24.56 -36.35 32.43
CA PRO A 1517 25.12 -35.16 33.08
C PRO A 1517 26.17 -35.51 34.14
N ALA A 1518 26.89 -34.50 34.62
CA ALA A 1518 27.92 -34.72 35.61
C ALA A 1518 27.33 -35.36 36.85
N TYR A 1519 27.98 -36.42 37.35
CA TYR A 1519 27.56 -37.12 38.55
C TYR A 1519 28.43 -36.81 39.76
N GLY A 1520 29.73 -36.64 39.56
CA GLY A 1520 30.64 -36.32 40.65
C GLY A 1520 30.68 -34.86 41.03
N ALA A 1521 30.01 -33.99 40.28
CA ALA A 1521 29.98 -32.56 40.59
C ALA A 1521 28.87 -32.20 41.57
N TRP A 1522 27.99 -33.14 41.90
CA TRP A 1522 26.90 -32.87 42.82
C TRP A 1522 27.44 -32.61 44.23
N SER A 1523 26.84 -31.65 44.93
CA SER A 1523 27.26 -31.32 46.28
C SER A 1523 26.47 -32.16 47.28
N PRO A 1524 27.12 -33.04 48.05
CA PRO A 1524 26.36 -33.89 48.98
C PRO A 1524 25.82 -33.13 50.17
N SER A 1525 24.51 -32.90 50.19
CA SER A 1525 23.87 -32.19 51.29
C SER A 1525 23.77 -33.09 52.52
N VAL A 1526 24.13 -32.55 53.68
CA VAL A 1526 24.08 -33.27 54.95
C VAL A 1526 22.80 -32.89 55.68
N GLY A 1527 22.12 -33.90 56.22
CA GLY A 1527 20.90 -33.66 56.97
C GLY A 1527 21.18 -33.33 58.42
N SER A 1528 20.41 -32.40 58.96
CA SER A 1528 20.53 -31.97 60.34
C SER A 1528 19.45 -32.61 61.21
N GLY A 1529 19.65 -32.55 62.51
CA GLY A 1529 18.69 -33.09 63.45
C GLY A 1529 19.21 -33.00 64.87
N MET A 1530 18.40 -33.54 65.78
CA MET A 1530 18.74 -33.56 67.19
C MET A 1530 18.41 -34.93 67.76
N THR A 1531 19.33 -35.46 68.56
CA THR A 1531 19.16 -36.78 69.18
C THR A 1531 19.91 -36.81 70.50
N PRO A 1532 19.31 -36.27 71.56
CA PRO A 1532 19.99 -36.26 72.88
C PRO A 1532 20.09 -37.65 73.47
N GLY A 1533 20.98 -38.48 72.93
CA GLY A 1533 21.18 -39.83 73.41
C GLY A 1533 22.41 -39.96 74.29
N ALA A 1534 22.47 -41.09 75.01
CA ALA A 1534 23.57 -41.37 75.91
C ALA A 1534 24.68 -42.11 75.18
N ALA A 1535 25.84 -42.20 75.83
CA ALA A 1535 27.01 -42.87 75.26
C ALA A 1535 26.99 -44.33 75.70
N GLY A 1536 26.47 -45.20 74.83
CA GLY A 1536 26.41 -46.62 75.12
C GLY A 1536 26.68 -47.49 73.91
N PHE A 1537 27.30 -46.92 72.88
CA PHE A 1537 27.55 -47.64 71.64
C PHE A 1537 28.87 -48.41 71.72
N SEP A 1538 29.20 -49.13 70.64
CA SEP A 1538 30.38 -49.96 70.60
CB SEP A 1538 30.31 -50.96 69.46
OG SEP A 1538 30.16 -50.30 68.21
C SEP A 1538 31.66 -49.11 70.47
O SEP A 1538 31.61 -48.02 69.93
P SEP A 1538 30.00 -51.36 67.02
O1P SEP A 1538 28.70 -52.29 67.29
O2P SEP A 1538 29.80 -50.59 65.62
O3P SEP A 1538 31.31 -52.28 66.92
N PRO A 1539 32.80 -49.62 70.98
CA PRO A 1539 34.05 -48.87 70.86
C PRO A 1539 34.56 -48.78 69.43
N SER A 1540 35.77 -48.24 69.26
CA SER A 1540 36.41 -48.13 67.96
C SER A 1540 37.36 -49.31 67.75
N ALA A 1541 38.14 -49.26 66.68
CA ALA A 1541 39.09 -50.33 66.35
C ALA A 1541 40.42 -49.70 65.98
N ALA A 1542 41.43 -50.56 65.81
CA ALA A 1542 42.77 -50.13 65.45
C ALA A 1542 42.92 -50.08 63.93
N SER A 1543 43.60 -49.05 63.44
CA SER A 1543 43.79 -48.88 62.01
C SER A 1543 44.75 -49.91 61.43
N ASP A 1544 45.61 -50.51 62.25
CA ASP A 1544 46.57 -51.49 61.78
C ASP A 1544 47.42 -50.93 60.64
N GLU B 1 -65.28 26.82 2.50
CA GLU B 1 -65.59 26.51 3.91
C GLU B 1 -64.36 25.96 4.62
N ILE B 2 -64.11 26.46 5.84
CA ILE B 2 -62.93 26.05 6.61
C ILE B 2 -62.90 24.52 6.75
N THR B 3 -61.71 23.99 7.08
CA THR B 3 -61.44 22.55 7.10
C THR B 3 -61.11 22.07 8.50
N PRO B 4 -62.08 21.87 9.37
CA PRO B 4 -61.77 21.51 10.76
C PRO B 4 -61.60 20.02 10.97
N ASP B 5 -60.42 19.68 11.47
CA ASP B 5 -60.13 18.36 12.02
C ASP B 5 -60.02 17.32 10.90
N LEU B 6 -60.34 17.72 9.67
CA LEU B 6 -59.94 16.93 8.50
C LEU B 6 -58.75 17.54 7.79
N TRP B 7 -57.65 17.74 8.51
CA TRP B 7 -56.58 18.60 8.04
C TRP B 7 -55.23 17.91 7.94
N GLN B 8 -55.04 16.75 8.55
CA GLN B 8 -53.81 16.00 8.32
C GLN B 8 -53.68 15.63 6.84
N GLU B 9 -54.77 15.15 6.24
CA GLU B 9 -54.72 14.78 4.84
C GLU B 9 -54.58 16.01 3.95
N ALA B 10 -55.42 17.02 4.18
CA ALA B 10 -55.33 18.22 3.36
C ALA B 10 -54.00 18.91 3.53
N CYS B 11 -53.29 18.64 4.62
CA CYS B 11 -52.00 19.28 4.83
C CYS B 11 -50.95 18.77 3.85
N TRP B 12 -51.06 17.51 3.41
CA TRP B 12 -50.03 16.94 2.57
C TRP B 12 -50.34 17.04 1.09
N ILE B 13 -51.57 17.36 0.71
CA ILE B 13 -51.84 17.65 -0.69
C ILE B 13 -51.09 18.90 -1.13
N VAL B 14 -51.08 19.94 -0.30
CA VAL B 14 -50.35 21.14 -0.68
C VAL B 14 -48.86 20.83 -0.81
N ILE B 15 -48.34 20.01 0.10
CA ILE B 15 -46.93 19.63 0.02
C ILE B 15 -46.67 18.88 -1.28
N SER B 16 -47.56 17.97 -1.64
CA SER B 16 -47.39 17.22 -2.88
C SER B 16 -47.43 18.15 -4.08
N SER B 17 -48.34 19.11 -4.08
CA SER B 17 -48.40 20.04 -5.21
C SER B 17 -47.12 20.86 -5.30
N TYR B 18 -46.59 21.31 -4.17
CA TYR B 18 -45.35 22.07 -4.20
C TYR B 18 -44.22 21.22 -4.75
N PHE B 19 -44.03 20.02 -4.20
CA PHE B 19 -42.92 19.20 -4.66
C PHE B 19 -43.11 18.73 -6.09
N ASP B 20 -44.35 18.75 -6.60
CA ASP B 20 -44.54 18.43 -8.01
C ASP B 20 -44.18 19.62 -8.88
N GLU B 21 -44.63 20.81 -8.52
CA GLU B 21 -44.35 21.98 -9.36
C GLU B 21 -42.88 22.32 -9.34
N LYS B 22 -42.27 22.37 -8.16
CA LYS B 22 -40.86 22.69 -8.01
C LYS B 22 -40.14 21.47 -7.48
N GLY B 23 -39.05 21.10 -8.15
CA GLY B 23 -38.27 19.94 -7.76
C GLY B 23 -37.49 20.20 -6.48
N LEU B 24 -36.68 19.21 -6.12
CA LEU B 24 -35.84 19.34 -4.94
C LEU B 24 -34.67 20.28 -5.18
N VAL B 25 -34.16 20.30 -6.40
CA VAL B 25 -32.95 21.04 -6.72
C VAL B 25 -33.32 22.27 -7.52
N ARG B 26 -34.56 22.73 -7.38
CA ARG B 26 -35.06 23.83 -8.20
C ARG B 26 -34.22 25.08 -8.04
N GLN B 27 -33.66 25.33 -6.85
CA GLN B 27 -32.91 26.55 -6.64
C GLN B 27 -31.67 26.59 -7.53
N GLN B 28 -30.98 25.45 -7.67
CA GLN B 28 -29.81 25.41 -8.53
C GLN B 28 -30.18 25.74 -9.97
N LEU B 29 -31.22 25.10 -10.48
CA LEU B 29 -31.62 25.34 -11.86
C LEU B 29 -32.06 26.77 -12.07
N ASP B 30 -32.82 27.33 -11.13
CA ASP B 30 -33.26 28.71 -11.26
C ASP B 30 -32.06 29.66 -11.26
N SER B 31 -31.13 29.45 -10.34
CA SER B 31 -29.96 30.33 -10.28
C SER B 31 -29.17 30.27 -11.58
N PHE B 32 -28.93 29.06 -12.08
CA PHE B 32 -28.16 28.94 -13.30
C PHE B 32 -28.89 29.54 -14.48
N ASP B 33 -30.20 29.32 -14.57
CA ASP B 33 -30.95 29.89 -15.68
C ASP B 33 -30.91 31.42 -15.61
N GLU B 34 -31.08 31.99 -14.43
CA GLU B 34 -31.03 33.44 -14.32
C GLU B 34 -29.67 33.95 -14.73
N PHE B 35 -28.61 33.25 -14.33
CA PHE B 35 -27.28 33.60 -14.82
C PHE B 35 -27.26 33.66 -16.33
N ILE B 36 -27.57 32.54 -16.98
CA ILE B 36 -27.51 32.46 -18.43
C ILE B 36 -28.51 33.39 -19.11
N GLN B 37 -29.49 33.88 -18.36
CA GLN B 37 -30.53 34.71 -18.96
C GLN B 37 -30.17 36.19 -18.90
N MET B 38 -29.58 36.63 -17.81
CA MET B 38 -29.33 38.04 -17.62
C MET B 38 -27.89 38.35 -17.25
N SER B 39 -27.27 37.55 -16.37
CA SER B 39 -25.97 37.95 -15.84
C SER B 39 -24.96 38.12 -16.95
N VAL B 40 -24.92 37.18 -17.90
CA VAL B 40 -23.93 37.25 -18.96
C VAL B 40 -24.14 38.50 -19.80
N GLN B 41 -25.38 38.75 -20.20
CA GLN B 41 -25.67 39.95 -20.99
C GLN B 41 -25.28 41.19 -20.21
N ARG B 42 -25.58 41.23 -18.91
CA ARG B 42 -25.22 42.40 -18.11
C ARG B 42 -23.72 42.61 -18.12
N ILE B 43 -22.95 41.56 -17.89
CA ILE B 43 -21.51 41.70 -17.81
C ILE B 43 -20.94 42.15 -19.14
N VAL B 44 -21.41 41.56 -20.24
CA VAL B 44 -20.86 41.94 -21.54
C VAL B 44 -21.28 43.34 -21.94
N GLU B 45 -22.43 43.83 -21.46
CA GLU B 45 -22.87 45.15 -21.87
C GLU B 45 -22.20 46.24 -21.04
N ASP B 46 -22.11 46.06 -19.72
CA ASP B 46 -21.59 47.13 -18.88
C ASP B 46 -20.10 47.35 -19.05
N ALA B 47 -19.39 46.44 -19.69
CA ALA B 47 -17.96 46.64 -19.90
C ALA B 47 -17.74 47.84 -20.81
N PRO B 48 -16.81 48.74 -20.48
CA PRO B 48 -16.65 49.95 -21.27
C PRO B 48 -16.07 49.65 -22.64
N PRO B 49 -16.25 50.54 -23.62
CA PRO B 49 -15.57 50.35 -24.90
C PRO B 49 -14.07 50.39 -24.73
N ILE B 50 -13.36 50.15 -25.84
CA ILE B 50 -11.91 50.12 -25.86
C ILE B 50 -11.41 51.06 -26.94
N ASP B 51 -10.42 51.88 -26.62
CA ASP B 51 -9.85 52.84 -27.54
C ASP B 51 -8.33 52.81 -27.46
N LEU B 52 -7.69 53.27 -28.52
CA LEU B 52 -6.23 53.38 -28.56
C LEU B 52 -5.79 54.59 -29.39
N PRO B 66 -2.28 58.90 -32.63
CA PRO B 66 -2.62 57.91 -33.66
C PRO B 66 -4.12 57.65 -33.77
N PRO B 67 -4.57 57.20 -34.94
CA PRO B 67 -6.01 56.90 -35.10
C PRO B 67 -6.43 55.79 -34.15
N ARG B 68 -7.67 55.88 -33.68
CA ARG B 68 -8.20 54.97 -32.68
C ARG B 68 -9.51 54.37 -33.20
N TYR B 69 -10.15 53.60 -32.33
CA TYR B 69 -11.33 52.83 -32.70
C TYR B 69 -12.13 52.54 -31.44
N LEU B 70 -13.40 52.17 -31.63
CA LEU B 70 -14.30 51.96 -30.50
C LEU B 70 -14.41 50.48 -30.12
N LEU B 71 -14.84 49.63 -31.07
CA LEU B 71 -14.89 48.18 -30.86
C LEU B 71 -15.80 47.83 -29.68
N LYS B 72 -17.09 48.05 -29.88
CA LYS B 72 -18.09 47.81 -28.86
C LYS B 72 -18.75 46.45 -29.04
N PHE B 73 -19.17 45.85 -27.93
CA PHE B 73 -19.81 44.54 -27.91
C PHE B 73 -21.29 44.67 -27.57
N GLU B 74 -22.07 43.66 -27.98
CA GLU B 74 -23.44 43.50 -27.51
C GLU B 74 -24.10 42.25 -28.08
N GLN B 75 -25.31 41.94 -27.61
CA GLN B 75 -26.19 40.95 -28.22
C GLN B 75 -25.52 39.57 -28.29
N ILE B 76 -25.31 38.99 -27.12
CA ILE B 76 -24.77 37.64 -27.03
C ILE B 76 -25.76 36.64 -27.62
N TYR B 77 -25.23 35.48 -28.03
CA TYR B 77 -26.03 34.34 -28.42
C TYR B 77 -25.42 33.09 -27.82
N LEU B 78 -26.26 32.10 -27.52
CA LEU B 78 -25.82 30.86 -26.91
C LEU B 78 -26.61 29.72 -27.53
N SER B 79 -25.90 28.78 -28.15
CA SER B 79 -26.54 27.64 -28.81
C SER B 79 -26.51 26.40 -27.94
N LYS B 80 -27.11 25.33 -28.47
CA LYS B 80 -27.19 24.08 -27.73
C LYS B 80 -25.86 23.36 -27.75
N PRO B 81 -25.64 22.43 -26.81
CA PRO B 81 -24.35 21.74 -26.75
C PRO B 81 -24.07 20.96 -28.04
N THR B 82 -22.81 20.98 -28.44
CA THR B 82 -22.38 20.31 -29.65
C THR B 82 -20.94 19.84 -29.46
N HIS B 83 -20.57 18.81 -30.22
CA HIS B 83 -19.23 18.22 -30.08
C HIS B 83 -18.26 18.84 -31.09
N TRP B 84 -18.57 18.73 -32.37
CA TRP B 84 -17.72 19.27 -33.43
C TRP B 84 -18.34 20.55 -33.99
N GLU B 85 -18.45 21.55 -33.11
CA GLU B 85 -18.99 22.84 -33.50
C GLU B 85 -18.16 23.46 -34.62
N ASP B 87 -12.11 16.32 -37.47
CA ASP B 87 -12.57 15.52 -38.58
C ASP B 87 -14.00 15.06 -38.36
N GLY B 88 -14.83 15.96 -37.83
CA GLY B 88 -16.20 15.60 -37.51
C GLY B 88 -17.16 16.74 -37.72
N ALA B 89 -18.37 16.42 -38.16
CA ALA B 89 -19.40 17.41 -38.34
C ALA B 89 -20.06 17.74 -37.00
N PRO B 90 -20.65 18.93 -36.88
CA PRO B 90 -21.37 19.26 -35.64
C PRO B 90 -22.47 18.26 -35.37
N SER B 91 -22.67 17.94 -34.10
CA SER B 91 -23.71 17.01 -33.68
C SER B 91 -24.02 17.28 -32.22
N PRO B 92 -25.26 17.09 -31.79
CA PRO B 92 -25.58 17.38 -30.39
C PRO B 92 -25.03 16.33 -29.44
N MET B 93 -24.11 16.72 -28.57
CA MET B 93 -23.54 15.79 -27.60
C MET B 93 -24.51 15.60 -26.45
N MET B 94 -24.84 14.37 -26.19
CA MET B 94 -25.73 14.07 -25.08
C MET B 94 -24.94 13.96 -23.79
N PRO B 95 -25.54 14.25 -22.64
CA PRO B 95 -24.77 14.19 -21.40
C PRO B 95 -24.14 12.84 -21.14
N ASN B 96 -24.82 11.73 -21.44
CA ASN B 96 -24.18 10.44 -21.22
C ASN B 96 -22.96 10.29 -22.11
N GLU B 97 -23.04 10.72 -23.36
CA GLU B 97 -21.89 10.64 -24.23
C GLU B 97 -20.71 11.37 -23.62
N ALA B 98 -20.93 12.62 -23.19
CA ALA B 98 -19.84 13.40 -22.61
C ALA B 98 -19.32 12.74 -21.34
N ARG B 99 -20.20 12.21 -20.51
CA ARG B 99 -19.74 11.55 -19.29
C ARG B 99 -18.88 10.34 -19.61
N LEU B 100 -19.27 9.57 -20.61
CA LEU B 100 -18.58 8.33 -20.93
C LEU B 100 -17.28 8.56 -21.71
N ARG B 101 -17.15 9.70 -22.37
CA ARG B 101 -15.95 10.02 -23.14
C ARG B 101 -15.09 11.10 -22.50
N ASN B 102 -15.33 11.43 -21.24
CA ASN B 102 -14.58 12.47 -20.55
C ASN B 102 -14.56 13.76 -21.36
N LEU B 103 -15.75 14.25 -21.70
CA LEU B 103 -15.87 15.50 -22.43
C LEU B 103 -16.50 16.58 -21.57
N THR B 104 -16.24 17.82 -21.94
CA THR B 104 -16.77 18.98 -21.24
C THR B 104 -18.13 19.30 -21.84
N TYR B 105 -19.19 19.01 -21.09
CA TYR B 105 -20.55 19.22 -21.57
C TYR B 105 -20.84 20.72 -21.54
N SER B 106 -20.51 21.38 -22.65
CA SER B 106 -20.65 22.81 -22.78
C SER B 106 -21.21 23.16 -24.15
N ALA B 107 -21.58 24.43 -24.31
CA ALA B 107 -22.08 24.94 -25.57
C ALA B 107 -21.32 26.20 -25.96
N PRO B 108 -21.23 26.50 -27.25
CA PRO B 108 -20.51 27.70 -27.65
C PRO B 108 -21.27 28.96 -27.26
N LEU B 109 -20.51 30.04 -27.11
CA LEU B 109 -21.06 31.34 -26.77
C LEU B 109 -20.65 32.34 -27.84
N TYR B 110 -21.61 33.08 -28.37
CA TYR B 110 -21.33 34.08 -29.39
C TYR B 110 -21.77 35.46 -28.93
N VAL B 111 -21.12 36.47 -29.50
CA VAL B 111 -21.45 37.85 -29.22
C VAL B 111 -21.27 38.65 -30.49
N ASP B 112 -22.26 39.48 -30.81
CA ASP B 112 -22.19 40.35 -31.97
C ASP B 112 -21.36 41.58 -31.63
N ILE B 113 -20.28 41.79 -32.39
CA ILE B 113 -19.34 42.86 -32.11
C ILE B 113 -19.36 43.85 -33.26
N THR B 114 -19.30 45.14 -32.92
CA THR B 114 -19.31 46.23 -33.88
C THR B 114 -17.96 46.94 -33.78
N LYS B 115 -17.08 46.67 -34.75
CA LYS B 115 -15.78 47.31 -34.79
C LYS B 115 -15.90 48.62 -35.57
N THR B 116 -15.55 49.72 -34.92
CA THR B 116 -15.59 51.05 -35.55
C THR B 116 -14.26 51.75 -35.28
N VAL B 117 -13.52 52.03 -36.35
CA VAL B 117 -12.24 52.72 -36.29
C VAL B 117 -12.40 54.06 -36.98
N ILE B 118 -11.93 55.12 -36.32
CA ILE B 118 -12.00 56.47 -36.86
C ILE B 118 -10.60 57.03 -36.92
N LYS B 119 -10.27 57.64 -38.05
CA LYS B 119 -8.96 58.27 -38.22
C LYS B 119 -9.13 59.66 -38.80
N GLU B 120 -8.02 60.33 -39.12
CA GLU B 120 -8.10 61.64 -39.73
C GLU B 120 -8.89 61.53 -41.04
N GLY B 121 -9.43 62.67 -41.47
CA GLY B 121 -10.20 62.71 -42.69
C GLY B 121 -11.67 62.35 -42.53
N GLU B 122 -12.14 62.14 -41.31
CA GLU B 122 -13.55 61.87 -41.05
C GLU B 122 -14.02 60.67 -41.87
N GLU B 123 -13.47 59.50 -41.54
CA GLU B 123 -13.83 58.27 -42.22
C GLU B 123 -13.78 57.12 -41.23
N GLN B 124 -14.94 56.56 -40.91
CA GLN B 124 -15.05 55.41 -40.04
C GLN B 124 -16.06 54.44 -40.64
N LEU B 125 -15.95 53.19 -40.24
CA LEU B 125 -16.82 52.14 -40.77
C LEU B 125 -17.17 51.18 -39.65
N GLN B 126 -18.44 50.81 -39.57
CA GLN B 126 -18.92 49.89 -38.54
C GLN B 126 -18.83 48.47 -39.06
N THR B 127 -17.59 48.03 -39.28
CA THR B 127 -17.30 46.70 -39.79
C THR B 127 -17.60 45.66 -38.70
N GLN B 128 -18.90 45.55 -38.39
CA GLN B 128 -19.34 44.62 -37.37
C GLN B 128 -19.18 43.18 -37.84
N HIS B 129 -19.02 42.28 -36.88
CA HIS B 129 -18.87 40.86 -37.14
C HIS B 129 -19.95 40.12 -36.36
N GLN B 130 -20.77 39.34 -37.06
CA GLN B 130 -21.87 38.64 -36.42
C GLN B 130 -21.40 37.33 -35.81
N LYS B 131 -21.88 37.05 -34.60
CA LYS B 131 -21.69 35.76 -33.95
C LYS B 131 -20.22 35.37 -33.92
N THR B 132 -19.39 36.28 -33.41
CA THR B 132 -17.97 36.00 -33.26
C THR B 132 -17.80 35.03 -32.09
N PHE B 133 -17.42 33.80 -32.39
CA PHE B 133 -17.25 32.80 -31.35
C PHE B 133 -16.34 33.33 -30.27
N ILE B 134 -16.74 33.16 -29.02
CA ILE B 134 -15.96 33.59 -27.86
C ILE B 134 -15.37 32.40 -27.11
N GLY B 135 -16.22 31.51 -26.63
CA GLY B 135 -15.76 30.37 -25.90
C GLY B 135 -16.86 29.36 -25.73
N LYS B 136 -16.66 28.47 -24.77
CA LYS B 136 -17.67 27.47 -24.40
C LYS B 136 -18.03 27.62 -22.93
N ILE B 137 -19.31 27.60 -22.65
CA ILE B 137 -19.83 27.69 -21.29
C ILE B 137 -20.43 26.34 -20.93
N PRO B 138 -20.01 25.72 -19.83
CA PRO B 138 -20.65 24.45 -19.43
C PRO B 138 -22.11 24.67 -19.04
N ILE B 139 -22.95 23.69 -19.34
CA ILE B 139 -24.40 23.77 -19.15
C ILE B 139 -24.83 22.72 -18.14
N MET B 140 -25.61 23.14 -17.14
CA MET B 140 -26.11 22.23 -16.13
C MET B 140 -27.21 21.34 -16.70
N LEU B 141 -27.21 20.08 -16.30
CA LEU B 141 -28.21 19.15 -16.81
C LEU B 141 -29.60 19.56 -16.34
N ARG B 142 -30.58 19.39 -17.22
CA ARG B 142 -31.97 19.76 -16.94
C ARG B 142 -32.07 21.25 -16.58
N SER B 143 -31.66 22.07 -17.53
CA SER B 143 -31.76 23.52 -17.42
C SER B 143 -32.67 24.03 -18.52
N THR B 144 -32.71 25.35 -18.66
CA THR B 144 -33.43 25.91 -19.79
C THR B 144 -32.63 25.82 -21.08
N TYR B 145 -31.37 25.41 -21.02
CA TYR B 145 -30.51 25.35 -22.20
C TYR B 145 -29.76 24.02 -22.30
N CYS B 146 -30.25 22.98 -21.66
CA CYS B 146 -29.70 21.64 -21.79
C CYS B 146 -30.53 20.86 -22.80
N LEU B 147 -30.01 19.69 -23.19
CA LEU B 147 -30.72 18.89 -24.18
C LEU B 147 -31.90 18.15 -23.58
N LEU B 148 -32.03 18.09 -22.26
CA LEU B 148 -33.14 17.40 -21.62
C LEU B 148 -34.15 18.37 -21.01
N ASN B 149 -34.24 19.58 -21.54
CA ASN B 149 -35.15 20.57 -21.00
C ASN B 149 -36.58 20.15 -21.30
N GLY B 150 -37.34 19.81 -20.27
CA GLY B 150 -38.73 19.46 -20.43
C GLY B 150 -38.93 18.31 -21.40
N LEU B 151 -38.13 17.27 -21.26
CA LEU B 151 -38.19 16.10 -22.13
C LEU B 151 -38.89 14.97 -21.41
N THR B 152 -39.67 14.19 -22.17
CA THR B 152 -40.46 13.11 -21.59
C THR B 152 -39.57 11.97 -21.13
N ASP B 153 -40.06 11.20 -20.16
CA ASP B 153 -39.28 10.10 -19.63
C ASP B 153 -38.94 9.07 -20.70
N ARG B 154 -39.77 8.98 -21.75
CA ARG B 154 -39.46 8.05 -22.83
C ARG B 154 -38.11 8.36 -23.44
N ASP B 155 -37.92 9.60 -23.88
CA ASP B 155 -36.67 9.96 -24.53
C ASP B 155 -35.51 9.86 -23.56
N LEU B 156 -35.72 10.25 -22.30
CA LEU B 156 -34.66 10.10 -21.31
C LEU B 156 -34.22 8.66 -21.20
N CYS B 157 -35.17 7.73 -21.13
CA CYS B 157 -34.81 6.33 -21.07
C CYS B 157 -34.10 5.90 -22.33
N GLU B 158 -34.54 6.40 -23.49
CA GLU B 158 -33.84 6.08 -24.72
C GLU B 158 -32.45 6.70 -24.81
N LEU B 159 -32.19 7.77 -24.05
CA LEU B 159 -30.88 8.39 -24.01
C LEU B 159 -30.03 7.90 -22.84
N ASN B 160 -30.28 6.69 -22.35
CA ASN B 160 -29.49 6.10 -21.29
C ASN B 160 -29.41 7.03 -20.07
N GLU B 161 -30.54 7.65 -19.76
CA GLU B 161 -30.65 8.51 -18.59
C GLU B 161 -31.94 8.16 -17.88
N CYS B 162 -31.99 8.48 -16.59
CA CYS B 162 -33.17 8.15 -15.81
C CYS B 162 -33.94 9.42 -15.46
N PRO B 163 -35.28 9.36 -15.47
CA PRO B 163 -36.06 10.55 -15.14
C PRO B 163 -35.91 10.99 -13.70
N LEU B 164 -35.35 10.17 -12.83
CA LEU B 164 -35.21 10.51 -11.42
C LEU B 164 -33.99 11.37 -11.13
N ASP B 165 -33.03 11.42 -12.03
CA ASP B 165 -31.81 12.15 -11.75
C ASP B 165 -32.15 13.62 -11.50
N PRO B 166 -31.86 14.17 -10.32
CA PRO B 166 -32.23 15.57 -10.09
C PRO B 166 -31.62 16.52 -11.08
N GLY B 167 -30.42 16.24 -11.56
CA GLY B 167 -29.74 17.17 -12.42
C GLY B 167 -29.09 18.29 -11.63
N GLY B 168 -28.90 19.42 -12.30
CA GLY B 168 -28.29 20.56 -11.68
C GLY B 168 -26.85 20.32 -11.26
N TYR B 169 -26.07 19.70 -12.14
CA TYR B 169 -24.65 19.47 -11.86
C TYR B 169 -23.90 19.41 -13.18
N PHE B 170 -22.80 20.14 -13.28
CA PHE B 170 -22.07 20.26 -14.53
C PHE B 170 -21.34 18.95 -14.84
N ILE B 171 -20.86 18.84 -16.08
CA ILE B 171 -20.04 17.72 -16.50
C ILE B 171 -18.76 18.28 -17.10
N ILE B 172 -17.67 18.18 -16.34
CA ILE B 172 -16.35 18.60 -16.78
C ILE B 172 -15.48 17.36 -16.86
N ASN B 173 -14.74 17.20 -17.95
CA ASN B 173 -13.83 16.08 -18.11
C ASN B 173 -14.51 14.75 -17.79
N GLY B 174 -15.83 14.70 -17.94
CA GLY B 174 -16.59 13.52 -17.56
C GLY B 174 -16.66 13.26 -16.07
N SER B 175 -16.81 14.32 -15.28
CA SER B 175 -17.01 14.20 -13.84
C SER B 175 -18.17 15.11 -13.47
N GLU B 176 -19.00 14.66 -12.53
CA GLU B 176 -20.12 15.48 -12.08
C GLU B 176 -19.61 16.48 -11.06
N LYS B 177 -19.61 17.76 -11.43
CA LYS B 177 -19.18 18.83 -10.55
C LYS B 177 -20.40 19.59 -10.09
N VAL B 178 -20.46 19.88 -8.80
CA VAL B 178 -21.56 20.59 -8.18
C VAL B 178 -21.00 21.80 -7.47
N LEU B 179 -21.71 22.91 -7.52
CA LEU B 179 -21.29 24.12 -6.83
C LEU B 179 -21.97 24.19 -5.47
N ILE B 180 -21.17 24.21 -4.42
CA ILE B 180 -21.68 24.37 -3.06
C ILE B 180 -22.06 25.83 -2.84
N ALA B 181 -23.26 26.05 -2.33
CA ALA B 181 -23.72 27.42 -2.08
C ALA B 181 -22.93 28.02 -0.92
N GLN B 182 -22.05 28.95 -1.23
CA GLN B 182 -21.34 29.69 -0.18
C GLN B 182 -22.28 30.72 0.43
N GLU B 183 -21.93 31.17 1.64
CA GLU B 183 -22.70 32.21 2.31
C GLU B 183 -21.76 33.32 2.79
N LYS B 184 -22.32 34.51 2.90
CA LYS B 184 -21.55 35.68 3.32
C LYS B 184 -22.50 36.69 3.94
N MET B 185 -21.94 37.79 4.42
CA MET B 185 -22.73 38.85 5.03
C MET B 185 -23.51 39.60 3.95
N ALA B 186 -24.77 39.90 4.25
CA ALA B 186 -25.58 40.63 3.30
C ALA B 186 -24.98 41.99 3.02
N THR B 187 -24.99 42.40 1.75
CA THR B 187 -24.41 43.68 1.40
C THR B 187 -25.43 44.80 1.57
N ASN B 188 -24.92 46.03 1.56
CA ASN B 188 -25.76 47.21 1.63
C ASN B 188 -26.63 47.23 2.87
N THR B 189 -26.12 46.66 3.97
CA THR B 189 -26.83 46.70 5.23
C THR B 189 -25.86 47.08 6.34
N VAL B 190 -26.30 47.97 7.22
CA VAL B 190 -25.47 48.53 8.27
C VAL B 190 -25.50 47.57 9.45
N TYR B 191 -24.33 47.15 9.91
CA TYR B 191 -24.19 46.35 11.12
C TYR B 191 -23.40 47.15 12.14
N VAL B 192 -23.83 47.10 13.39
CA VAL B 192 -23.14 47.76 14.49
C VAL B 192 -22.68 46.67 15.45
N PHE B 193 -21.42 46.26 15.29
CA PHE B 193 -20.78 45.34 16.21
C PHE B 193 -20.08 46.12 17.32
N ALA B 194 -19.68 45.39 18.36
CA ALA B 194 -19.06 45.98 19.54
C ALA B 194 -17.76 45.26 19.87
N LYS B 195 -16.91 45.05 18.86
CA LYS B 195 -15.62 44.43 19.09
C LYS B 195 -14.93 45.06 20.29
N LYS B 196 -14.57 44.24 21.26
CA LYS B 196 -13.91 44.71 22.48
C LYS B 196 -12.40 44.61 22.41
N ASP B 197 -11.86 43.62 21.70
CA ASP B 197 -10.42 43.45 21.57
C ASP B 197 -9.87 44.46 20.55
N SER B 198 -10.07 45.74 20.86
CA SER B 198 -9.62 46.82 20.00
C SER B 198 -9.82 48.13 20.76
N LYS B 199 -9.43 49.22 20.12
CA LYS B 199 -9.53 50.55 20.70
C LYS B 199 -10.89 51.18 20.49
N TYR B 200 -11.74 50.60 19.64
CA TYR B 200 -13.05 51.15 19.32
C TYR B 200 -14.12 50.46 20.15
N ALA B 201 -14.98 51.26 20.78
CA ALA B 201 -16.10 50.70 21.54
C ALA B 201 -17.11 50.06 20.61
N TYR B 202 -17.31 50.65 19.43
CA TYR B 202 -18.31 50.20 18.48
C TYR B 202 -17.77 50.38 17.07
N THR B 203 -18.33 49.63 16.13
CA THR B 203 -17.89 49.67 14.73
C THR B 203 -19.10 49.54 13.83
N GLY B 204 -19.35 50.54 13.00
CA GLY B 204 -20.54 50.54 12.16
C GLY B 204 -20.34 49.93 10.78
N GLU B 205 -20.10 48.63 10.69
CA GLU B 205 -19.68 48.03 9.43
C GLU B 205 -20.81 48.05 8.40
N CYS B 206 -20.44 48.24 7.13
CA CYS B 206 -21.39 48.32 6.03
C CYS B 206 -20.70 47.86 4.75
N ARG B 207 -21.07 46.69 4.24
CA ARG B 207 -20.49 46.16 3.01
C ARG B 207 -21.32 46.62 1.83
N SER B 208 -20.81 47.58 1.09
CA SER B 208 -21.53 48.14 -0.06
C SER B 208 -21.02 47.53 -1.36
N CYS B 209 -21.96 47.26 -2.27
CA CYS B 209 -21.65 46.74 -3.60
C CYS B 209 -22.83 47.07 -4.48
N LEU B 210 -22.60 47.81 -5.58
CA LEU B 210 -23.73 48.37 -6.31
C LEU B 210 -24.65 47.30 -6.87
N GLU B 211 -24.20 46.60 -7.91
CA GLU B 211 -24.92 45.42 -8.39
C GLU B 211 -23.95 44.63 -9.26
N ASN B 212 -23.36 43.57 -8.70
CA ASN B 212 -22.47 42.71 -9.47
C ASN B 212 -21.50 43.55 -10.30
N SER B 213 -21.08 44.69 -9.76
CA SER B 213 -20.26 45.60 -10.52
C SER B 213 -18.86 45.03 -10.73
N SER B 214 -18.11 45.65 -11.63
CA SER B 214 -16.74 45.22 -11.87
C SER B 214 -15.91 45.37 -10.60
N ARG B 215 -16.04 46.48 -9.90
CA ARG B 215 -15.29 46.68 -8.67
C ARG B 215 -15.81 45.77 -7.57
N PRO B 216 -14.94 45.32 -6.66
CA PRO B 216 -15.41 44.51 -5.53
C PRO B 216 -16.13 45.37 -4.50
N THR B 217 -16.85 44.68 -3.62
CA THR B 217 -17.60 45.37 -2.58
C THR B 217 -16.66 46.19 -1.70
N SER B 218 -17.07 47.42 -1.40
CA SER B 218 -16.33 48.30 -0.52
C SER B 218 -16.93 48.24 0.89
N THR B 219 -16.06 48.38 1.89
CA THR B 219 -16.45 48.32 3.28
C THR B 219 -16.25 49.70 3.91
N ILE B 220 -17.23 50.14 4.68
CA ILE B 220 -17.15 51.39 5.42
C ILE B 220 -17.34 51.07 6.88
N TRP B 221 -16.31 51.32 7.67
CA TRP B 221 -16.35 51.13 9.11
C TRP B 221 -16.42 52.49 9.77
N VAL B 222 -17.56 52.81 10.35
CA VAL B 222 -17.73 54.03 11.12
C VAL B 222 -17.69 53.63 12.58
N SER B 223 -16.52 53.74 13.19
CA SER B 223 -16.25 53.31 14.55
C SER B 223 -16.16 54.51 15.47
N MET B 224 -16.04 54.23 16.76
CA MET B 224 -15.94 55.28 17.78
C MET B 224 -14.88 54.88 18.79
N LEU B 225 -13.99 55.83 19.10
CA LEU B 225 -12.96 55.58 20.10
C LEU B 225 -13.60 55.39 21.47
N ALA B 226 -13.02 54.49 22.26
CA ALA B 226 -13.57 54.20 23.58
C ALA B 226 -13.15 55.27 24.60
N ARG B 227 -11.85 55.39 24.85
CA ARG B 227 -11.33 56.33 25.83
C ARG B 227 -12.11 56.26 27.14
N ILE B 237 -11.35 64.05 26.72
CA ILE B 237 -12.43 64.38 25.80
C ILE B 237 -13.36 63.19 25.70
N GLY B 238 -12.97 62.18 24.93
CA GLY B 238 -13.73 60.96 24.82
C GLY B 238 -14.82 61.04 23.75
N GLN B 239 -15.22 59.85 23.29
CA GLN B 239 -16.30 59.72 22.31
C GLN B 239 -15.99 60.54 21.06
N ARG B 240 -14.89 60.18 20.42
CA ARG B 240 -14.47 60.79 19.16
C ARG B 240 -14.71 59.77 18.06
N ILE B 241 -15.58 60.10 17.14
CA ILE B 241 -15.99 59.18 16.08
C ILE B 241 -14.97 59.22 14.96
N VAL B 242 -14.77 58.09 14.31
CA VAL B 242 -13.85 57.98 13.20
C VAL B 242 -14.50 57.16 12.08
N ALA B 243 -13.79 57.06 10.96
CA ALA B 243 -14.25 56.34 9.79
C ALA B 243 -13.06 55.71 9.10
N THR B 244 -13.33 54.65 8.34
CA THR B 244 -12.29 53.95 7.60
C THR B 244 -12.75 53.84 6.14
N LEU B 245 -12.46 54.89 5.38
CA LEU B 245 -12.83 54.89 3.97
C LEU B 245 -11.91 53.95 3.19
N PRO B 246 -12.36 53.45 2.05
CA PRO B 246 -11.49 52.60 1.23
C PRO B 246 -10.33 53.39 0.67
N TYR B 247 -9.20 52.69 0.49
CA TYR B 247 -7.97 53.27 -0.05
C TYR B 247 -7.40 54.38 0.83
N ILE B 248 -7.80 54.44 2.09
CA ILE B 248 -7.24 55.40 3.04
C ILE B 248 -6.69 54.59 4.21
N LYS B 249 -5.37 54.62 4.38
CA LYS B 249 -4.76 53.82 5.44
C LYS B 249 -5.11 54.37 6.82
N GLN B 250 -5.14 55.68 6.96
CA GLN B 250 -5.47 56.28 8.24
C GLN B 250 -6.98 56.45 8.35
N GLU B 251 -7.43 56.88 9.52
CA GLU B 251 -8.82 57.15 9.79
C GLU B 251 -9.10 58.63 9.62
N VAL B 252 -10.36 58.97 9.47
CA VAL B 252 -10.76 60.37 9.30
C VAL B 252 -11.94 60.64 10.21
N PRO B 253 -12.00 61.80 10.88
CA PRO B 253 -13.20 62.12 11.65
C PRO B 253 -14.38 62.34 10.73
N ILE B 254 -15.57 61.95 11.19
CA ILE B 254 -16.74 61.99 10.32
C ILE B 254 -17.02 63.40 9.85
N ILE B 255 -16.81 64.39 10.72
CA ILE B 255 -17.17 65.76 10.38
C ILE B 255 -16.40 66.23 9.15
N ILE B 256 -15.11 65.89 9.09
CA ILE B 256 -14.31 66.27 7.93
C ILE B 256 -14.90 65.65 6.68
N VAL B 257 -15.30 64.38 6.76
CA VAL B 257 -15.89 63.72 5.60
C VAL B 257 -17.14 64.46 5.15
N PHE B 258 -18.02 64.78 6.09
CA PHE B 258 -19.25 65.49 5.73
C PHE B 258 -18.93 66.81 5.04
N ARG B 259 -17.98 67.56 5.61
CA ARG B 259 -17.60 68.82 4.98
C ARG B 259 -17.05 68.59 3.58
N ALA B 260 -16.25 67.53 3.40
CA ALA B 260 -15.72 67.21 2.09
C ALA B 260 -16.84 66.90 1.12
N LEU B 261 -17.95 66.35 1.59
CA LEU B 261 -19.09 66.08 0.74
C LEU B 261 -19.82 67.34 0.32
N GLY B 262 -19.47 68.50 0.89
CA GLY B 262 -20.07 69.74 0.47
C GLY B 262 -21.06 70.29 1.48
N PHE B 263 -20.73 70.17 2.77
CA PHE B 263 -21.59 70.67 3.85
C PHE B 263 -20.72 71.53 4.77
N VAL B 264 -20.61 72.80 4.41
CA VAL B 264 -19.86 73.73 5.25
C VAL B 264 -20.61 73.96 6.56
N SER B 265 -21.90 74.25 6.48
CA SER B 265 -22.65 74.62 7.66
C SER B 265 -22.66 73.47 8.66
N ASP B 266 -22.56 73.80 9.93
CA ASP B 266 -22.60 72.79 10.97
C ASP B 266 -24.02 72.29 11.19
N ARG B 267 -24.98 73.20 11.14
CA ARG B 267 -26.38 72.81 11.36
C ARG B 267 -26.81 71.75 10.35
N ASP B 268 -26.42 71.92 9.08
CA ASP B 268 -26.80 70.94 8.07
C ASP B 268 -26.21 69.57 8.38
N ILE B 269 -24.93 69.54 8.79
CA ILE B 269 -24.31 68.26 9.12
C ILE B 269 -25.07 67.59 10.25
N LEU B 270 -25.37 68.35 11.30
CA LEU B 270 -26.10 67.75 12.42
C LEU B 270 -27.47 67.26 11.98
N GLU B 271 -28.15 68.03 11.14
CA GLU B 271 -29.48 67.62 10.68
C GLU B 271 -29.40 66.30 9.93
N HIS B 272 -28.40 66.15 9.07
CA HIS B 272 -28.24 64.88 8.37
C HIS B 272 -27.94 63.75 9.35
N ILE B 273 -27.15 64.02 10.39
CA ILE B 273 -26.76 62.97 11.31
C ILE B 273 -27.87 62.72 12.33
N ILE B 274 -28.22 63.73 13.10
CA ILE B 274 -29.30 63.62 14.07
C ILE B 274 -30.56 64.17 13.45
N TYR B 275 -31.69 63.49 13.68
CA TYR B 275 -32.96 63.89 13.09
C TYR B 275 -33.79 64.79 13.99
N ASP B 276 -33.58 64.72 15.30
CA ASP B 276 -34.31 65.54 16.26
C ASP B 276 -33.33 66.25 17.17
N PHE B 277 -33.53 67.56 17.35
CA PHE B 277 -32.69 68.35 18.24
C PHE B 277 -33.28 68.51 19.63
N GLU B 278 -34.44 67.91 19.90
CA GLU B 278 -35.09 68.08 21.19
C GLU B 278 -34.57 67.12 22.25
N ASP B 279 -33.67 66.22 21.91
CA ASP B 279 -33.11 65.29 22.88
C ASP B 279 -31.65 65.62 23.10
N PRO B 280 -31.33 66.62 23.92
CA PRO B 280 -29.91 67.01 24.08
C PRO B 280 -29.06 65.84 24.54
N GLU B 281 -29.66 64.82 25.14
CA GLU B 281 -28.88 63.68 25.59
C GLU B 281 -28.08 63.08 24.45
N MET B 282 -28.61 63.12 23.23
CA MET B 282 -27.86 62.60 22.09
C MET B 282 -26.84 63.61 21.60
N MET B 283 -27.17 64.90 21.65
CA MET B 283 -26.24 65.92 21.18
C MET B 283 -24.92 65.88 21.93
N GLU B 284 -24.97 65.59 23.24
CA GLU B 284 -23.75 65.56 24.03
C GLU B 284 -22.78 64.50 23.52
N MET B 285 -23.29 63.49 22.83
CA MET B 285 -22.41 62.45 22.32
C MET B 285 -21.64 62.89 21.09
N VAL B 286 -22.20 63.80 20.30
CA VAL B 286 -21.53 64.25 19.08
C VAL B 286 -20.73 65.52 19.29
N LYS B 287 -21.03 66.30 20.33
CA LYS B 287 -20.25 67.50 20.59
C LYS B 287 -18.75 67.24 20.63
N PRO B 288 -18.25 66.21 21.27
CA PRO B 288 -16.81 65.98 21.27
C PRO B 288 -16.24 65.87 19.87
N SER B 289 -16.74 64.89 19.12
CA SER B 289 -16.24 64.68 17.77
C SER B 289 -16.49 65.91 16.90
N LEU B 290 -17.58 66.63 17.15
CA LEU B 290 -17.86 67.84 16.38
C LEU B 290 -16.80 68.90 16.62
N ASP B 291 -16.55 69.23 17.89
CA ASP B 291 -15.54 70.25 18.20
C ASP B 291 -14.14 69.78 17.83
N GLU B 292 -13.93 68.48 17.72
CA GLU B 292 -12.59 67.98 17.43
C GLU B 292 -12.07 68.57 16.12
N ALA B 293 -12.87 68.52 15.07
CA ALA B 293 -12.46 69.05 13.77
C ALA B 293 -13.08 70.44 13.61
N PHE B 294 -12.48 71.42 14.29
CA PHE B 294 -12.91 72.80 14.21
C PHE B 294 -12.07 73.64 13.28
N VAL B 295 -11.01 73.07 12.68
CA VAL B 295 -10.11 73.81 11.80
C VAL B 295 -10.34 73.44 10.35
N ILE B 296 -11.52 72.91 10.03
CA ILE B 296 -11.88 72.53 8.67
C ILE B 296 -13.26 73.09 8.40
N GLN B 297 -13.32 74.16 7.61
CA GLN B 297 -14.60 74.76 7.23
C GLN B 297 -14.81 74.71 5.73
N GLU B 298 -13.86 75.16 4.93
CA GLU B 298 -14.01 75.11 3.50
C GLU B 298 -13.89 73.68 3.00
N GLN B 299 -14.41 73.44 1.80
CA GLN B 299 -14.38 72.11 1.21
C GLN B 299 -12.99 71.75 0.72
N ASN B 300 -12.26 72.71 0.16
CA ASN B 300 -10.96 72.42 -0.41
C ASN B 300 -10.03 71.84 0.63
N VAL B 301 -9.98 72.45 1.82
CA VAL B 301 -9.09 71.97 2.86
C VAL B 301 -9.50 70.57 3.30
N ALA B 302 -10.81 70.32 3.37
CA ALA B 302 -11.28 68.98 3.73
C ALA B 302 -10.79 67.96 2.72
N LEU B 303 -10.94 68.27 1.43
CA LEU B 303 -10.46 67.36 0.40
C LEU B 303 -8.97 67.11 0.53
N ASN B 304 -8.20 68.19 0.74
CA ASN B 304 -6.76 68.04 0.90
C ASN B 304 -6.45 67.11 2.06
N PHE B 305 -7.13 67.30 3.19
CA PHE B 305 -6.90 66.46 4.34
C PHE B 305 -7.20 65.01 4.02
N ILE B 306 -8.32 64.76 3.35
CA ILE B 306 -8.67 63.39 3.01
C ILE B 306 -7.65 62.81 2.03
N GLY B 307 -7.29 63.58 0.99
CA GLY B 307 -6.37 63.06 0.00
C GLY B 307 -4.98 62.81 0.54
N SER B 308 -4.57 63.57 1.56
CA SER B 308 -3.23 63.44 2.10
C SER B 308 -2.98 62.04 2.65
N ARG B 309 -4.02 61.37 3.14
CA ARG B 309 -3.89 60.03 3.66
C ARG B 309 -3.99 58.97 2.57
N GLY B 310 -4.20 59.37 1.32
CA GLY B 310 -4.41 58.39 0.27
C GLY B 310 -3.21 57.48 0.10
N ALA B 311 -3.47 56.30 -0.47
CA ALA B 311 -2.39 55.34 -0.70
C ALA B 311 -1.36 55.91 -1.66
N LYS B 312 -1.81 56.58 -2.72
CA LYS B 312 -0.91 57.20 -3.69
C LYS B 312 -0.99 58.72 -3.53
N PRO B 313 -0.35 59.29 -2.51
CA PRO B 313 -0.47 60.73 -2.29
C PRO B 313 0.07 61.51 -3.49
N GLY B 314 -0.79 62.35 -4.06
CA GLY B 314 -0.39 63.18 -5.17
C GLY B 314 0.77 64.08 -4.79
N VAL B 315 1.80 64.12 -5.63
CA VAL B 315 2.97 64.96 -5.32
C VAL B 315 2.55 66.41 -5.17
N THR B 316 1.48 66.81 -5.86
CA THR B 316 0.98 68.17 -5.81
C THR B 316 -0.39 68.21 -5.16
N LYS B 317 -0.88 69.43 -4.96
CA LYS B 317 -2.16 69.64 -4.27
C LYS B 317 -3.34 69.25 -5.15
N GLU B 318 -3.29 69.64 -6.43
CA GLU B 318 -4.40 69.35 -7.32
C GLU B 318 -4.62 67.85 -7.47
N LYS B 319 -3.53 67.09 -7.59
CA LYS B 319 -3.67 65.64 -7.71
C LYS B 319 -4.32 65.05 -6.47
N ARG B 320 -3.93 65.53 -5.29
CA ARG B 320 -4.55 65.03 -4.06
C ARG B 320 -6.03 65.37 -4.01
N ILE B 321 -6.40 66.58 -4.42
CA ILE B 321 -7.82 66.95 -4.44
C ILE B 321 -8.59 66.04 -5.39
N LYS B 322 -8.04 65.83 -6.59
CA LYS B 322 -8.73 64.97 -7.55
C LYS B 322 -8.87 63.57 -7.00
N TYR B 323 -7.81 63.04 -6.39
CA TYR B 323 -7.85 61.70 -5.83
C TYR B 323 -8.90 61.61 -4.73
N ALA B 324 -8.95 62.63 -3.85
CA ALA B 324 -9.93 62.62 -2.77
C ALA B 324 -11.35 62.64 -3.32
N LYS B 325 -11.61 63.51 -4.30
CA LYS B 325 -12.95 63.58 -4.88
C LYS B 325 -13.34 62.26 -5.51
N GLU B 326 -12.42 61.65 -6.27
CA GLU B 326 -12.72 60.39 -6.93
C GLU B 326 -13.02 59.31 -5.90
N VAL B 327 -12.21 59.21 -4.85
CA VAL B 327 -12.42 58.15 -3.87
C VAL B 327 -13.70 58.40 -3.08
N LEU B 328 -14.08 59.66 -2.88
CA LEU B 328 -15.32 59.95 -2.15
C LEU B 328 -16.56 59.86 -3.01
N GLN B 329 -16.41 59.77 -4.34
CA GLN B 329 -17.57 59.67 -5.21
C GLN B 329 -17.66 58.34 -5.95
N LYS B 330 -16.66 57.46 -5.81
CA LYS B 330 -16.71 56.17 -6.50
C LYS B 330 -16.35 54.97 -5.62
N GLU B 331 -15.68 55.14 -4.50
CA GLU B 331 -15.25 54.01 -3.68
C GLU B 331 -16.11 53.79 -2.45
N MET B 332 -16.55 54.87 -1.79
CA MET B 332 -17.37 54.74 -0.59
C MET B 332 -18.84 54.70 -0.96
N LEU B 333 -19.55 53.71 -0.42
CA LEU B 333 -20.99 53.59 -0.62
C LEU B 333 -21.37 53.67 -2.10
N PRO B 334 -20.87 52.76 -2.93
CA PRO B 334 -21.27 52.79 -4.34
C PRO B 334 -22.76 52.59 -4.55
N HIS B 335 -23.42 51.81 -3.71
CA HIS B 335 -24.77 51.38 -4.04
C HIS B 335 -25.75 52.53 -4.06
N VAL B 336 -25.55 53.54 -3.21
CA VAL B 336 -26.49 54.65 -3.20
C VAL B 336 -26.46 55.37 -4.54
N GLY B 337 -25.27 55.50 -5.14
CA GLY B 337 -25.13 56.16 -6.42
C GLY B 337 -23.70 56.58 -6.68
N VAL B 338 -23.25 56.46 -7.93
CA VAL B 338 -21.90 56.83 -8.31
C VAL B 338 -21.92 57.86 -9.45
N SER B 339 -23.03 58.58 -9.60
CA SER B 339 -23.16 59.51 -10.71
C SER B 339 -22.44 60.81 -10.37
N ASP B 340 -22.60 61.82 -11.24
CA ASP B 340 -21.92 63.09 -11.03
C ASP B 340 -22.47 63.82 -9.81
N PHE B 341 -23.79 63.79 -9.63
CA PHE B 341 -24.46 64.55 -8.57
C PHE B 341 -25.28 63.59 -7.73
N CYS B 342 -24.61 62.94 -6.78
CA CYS B 342 -25.30 62.11 -5.79
C CYS B 342 -24.79 62.40 -4.39
N GLU B 343 -24.11 63.52 -4.18
CA GLU B 343 -23.55 63.79 -2.86
C GLU B 343 -24.64 63.87 -1.81
N THR B 344 -25.84 64.34 -2.16
CA THR B 344 -26.90 64.48 -1.16
C THR B 344 -27.30 63.13 -0.59
N LYS B 345 -27.58 62.16 -1.45
CA LYS B 345 -28.00 60.86 -0.95
C LYS B 345 -26.87 60.17 -0.17
N LYS B 346 -25.63 60.31 -0.64
CA LYS B 346 -24.53 59.73 0.09
C LYS B 346 -24.43 60.32 1.49
N ALA B 347 -24.58 61.64 1.59
CA ALA B 347 -24.53 62.28 2.90
C ALA B 347 -25.67 61.80 3.78
N TYR B 348 -26.87 61.64 3.21
CA TYR B 348 -27.98 61.13 4.01
C TYR B 348 -27.70 59.73 4.52
N PHE B 349 -27.13 58.89 3.67
CA PHE B 349 -26.82 57.53 4.09
C PHE B 349 -25.75 57.53 5.19
N LEU B 350 -24.71 58.34 5.03
CA LEU B 350 -23.67 58.42 6.05
C LEU B 350 -24.24 58.91 7.37
N GLY B 351 -25.08 59.94 7.30
CA GLY B 351 -25.74 60.42 8.51
C GLY B 351 -26.57 59.32 9.14
N TYR B 352 -27.22 58.50 8.31
CA TYR B 352 -27.97 57.38 8.86
C TYR B 352 -27.06 56.40 9.58
N MET B 353 -25.91 56.09 9.00
CA MET B 353 -24.99 55.17 9.66
C MET B 353 -24.55 55.74 10.99
N VAL B 354 -24.22 57.03 11.02
CA VAL B 354 -23.82 57.67 12.27
C VAL B 354 -24.95 57.63 13.28
N HIS B 355 -26.18 57.89 12.82
CA HIS B 355 -27.33 57.88 13.71
C HIS B 355 -27.51 56.50 14.33
N ARG B 356 -27.34 55.46 13.52
CA ARG B 356 -27.43 54.11 14.04
C ARG B 356 -26.33 53.85 15.05
N LEU B 357 -25.11 54.32 14.76
CA LEU B 357 -24.02 54.10 15.70
C LEU B 357 -24.31 54.78 17.03
N LEU B 358 -24.81 56.01 16.98
CA LEU B 358 -25.15 56.72 18.22
C LEU B 358 -26.27 56.02 18.96
N LEU B 359 -27.26 55.51 18.24
CA LEU B 359 -28.33 54.77 18.91
C LEU B 359 -27.78 53.51 19.57
N ALA B 360 -26.87 52.82 18.92
CA ALA B 360 -26.26 51.64 19.53
C ALA B 360 -25.47 52.02 20.78
N ALA B 361 -24.70 53.11 20.71
CA ALA B 361 -23.91 53.52 21.86
C ALA B 361 -24.82 53.86 23.04
N LEU B 362 -25.88 54.61 22.77
CA LEU B 362 -26.80 54.95 23.85
C LEU B 362 -27.51 53.72 24.39
N GLY B 363 -27.44 52.60 23.68
CA GLY B 363 -28.13 51.41 24.11
C GLY B 363 -29.61 51.41 23.81
N ARG B 364 -30.13 52.48 23.19
CA ARG B 364 -31.55 52.52 22.87
C ARG B 364 -31.94 51.43 21.88
N ARG B 365 -30.97 50.85 21.18
CA ARG B 365 -31.22 49.81 20.20
C ARG B 365 -30.12 48.78 20.27
N GLU B 366 -30.49 47.55 20.63
CA GLU B 366 -29.52 46.49 20.78
C GLU B 366 -28.69 46.32 19.51
N LEU B 367 -27.50 45.75 19.68
CA LEU B 367 -26.59 45.52 18.57
C LEU B 367 -27.12 44.41 17.68
N ASP B 368 -26.60 44.39 16.45
CA ASP B 368 -27.01 43.41 15.45
C ASP B 368 -26.18 42.14 15.61
N ASP B 369 -26.87 40.99 15.69
CA ASP B 369 -26.18 39.72 15.78
C ASP B 369 -25.45 39.44 14.47
N ARG B 370 -24.31 38.74 14.59
CA ARG B 370 -23.50 38.44 13.42
C ARG B 370 -23.93 37.14 12.75
N ASP B 371 -24.59 36.25 13.48
CA ASP B 371 -25.01 34.96 12.94
C ASP B 371 -26.49 34.91 12.58
N HIS B 372 -27.18 36.04 12.59
CA HIS B 372 -28.60 36.07 12.25
C HIS B 372 -28.73 36.00 10.73
N TYR B 373 -29.34 34.94 10.22
CA TYR B 373 -29.36 34.73 8.79
C TYR B 373 -30.05 35.86 8.05
N GLY B 374 -30.85 36.66 8.75
CA GLY B 374 -31.40 37.84 8.11
C GLY B 374 -30.33 38.75 7.55
N ASN B 375 -29.15 38.71 8.14
CA ASN B 375 -27.99 39.46 7.64
C ASN B 375 -27.05 38.57 6.84
N LYS B 376 -27.59 37.55 6.17
CA LYS B 376 -26.80 36.66 5.34
C LYS B 376 -27.51 36.39 4.03
N ARG B 377 -26.70 36.13 3.00
CA ARG B 377 -27.17 35.86 1.65
C ARG B 377 -26.40 34.67 1.10
N LEU B 378 -27.03 33.93 0.21
CA LEU B 378 -26.46 32.71 -0.33
C LEU B 378 -26.09 32.91 -1.80
N ASP B 379 -24.84 32.60 -2.13
CA ASP B 379 -24.34 32.72 -3.49
C ASP B 379 -24.45 31.36 -4.16
N LEU B 380 -25.42 31.23 -5.06
CA LEU B 380 -25.64 29.97 -5.77
C LEU B 380 -24.76 29.92 -7.00
N ALA B 381 -24.99 28.94 -7.87
CA ALA B 381 -24.18 28.80 -9.08
C ALA B 381 -24.16 30.09 -9.88
N GLY B 382 -25.25 30.85 -9.87
CA GLY B 382 -25.33 32.06 -10.64
C GLY B 382 -24.25 33.06 -10.29
N PRO B 383 -24.33 33.65 -9.10
CA PRO B 383 -23.30 34.62 -8.72
C PRO B 383 -21.90 34.03 -8.70
N LEU B 384 -21.78 32.76 -8.33
CA LEU B 384 -20.46 32.14 -8.31
C LEU B 384 -19.84 32.12 -9.70
N LEU B 385 -20.62 31.79 -10.72
CA LEU B 385 -20.08 31.84 -12.07
C LEU B 385 -19.91 33.27 -12.55
N ALA B 386 -20.79 34.18 -12.14
CA ALA B 386 -20.67 35.56 -12.58
C ALA B 386 -19.38 36.19 -12.09
N PHE B 387 -18.99 35.88 -10.85
CA PHE B 387 -17.75 36.42 -10.32
C PHE B 387 -16.58 36.08 -11.22
N LEU B 388 -16.43 34.79 -11.57
CA LEU B 388 -15.33 34.38 -12.44
C LEU B 388 -15.50 34.91 -13.85
N PHE B 389 -16.74 34.99 -14.31
CA PHE B 389 -16.99 35.41 -15.68
C PHE B 389 -16.52 36.85 -15.88
N ARG B 390 -16.78 37.72 -14.90
CA ARG B 390 -16.33 39.09 -15.02
C ARG B 390 -14.81 39.16 -15.20
N GLY B 391 -14.08 38.44 -14.34
CA GLY B 391 -12.63 38.48 -14.42
C GLY B 391 -12.11 37.92 -15.74
N MET B 392 -12.68 36.80 -16.19
CA MET B 392 -12.21 36.23 -17.45
C MET B 392 -12.51 37.16 -18.61
N PHE B 393 -13.67 37.82 -18.57
CA PHE B 393 -13.98 38.77 -19.62
C PHE B 393 -13.02 39.95 -19.61
N LYS B 394 -12.66 40.44 -18.43
CA LYS B 394 -11.66 41.50 -18.35
C LYS B 394 -10.33 41.03 -18.92
N ASN B 395 -9.94 39.80 -18.61
CA ASN B 395 -8.71 39.27 -19.16
C ASN B 395 -8.77 39.26 -20.68
N LEU B 396 -9.90 38.83 -21.23
CA LEU B 396 -10.05 38.83 -22.68
C LEU B 396 -9.90 40.22 -23.25
N LEU B 397 -10.53 41.20 -22.59
CA LEU B 397 -10.42 42.57 -23.04
C LEU B 397 -8.97 43.03 -23.06
N LYS B 398 -8.23 42.74 -21.99
CA LYS B 398 -6.83 43.14 -21.92
C LYS B 398 -6.03 42.48 -23.03
N GLU B 399 -6.30 41.20 -23.29
CA GLU B 399 -5.60 40.50 -24.35
C GLU B 399 -5.82 41.17 -25.69
N VAL B 400 -7.08 41.46 -26.03
CA VAL B 400 -7.33 42.08 -27.32
C VAL B 400 -6.71 43.48 -27.35
N ARG B 401 -6.73 44.18 -26.22
CA ARG B 401 -6.13 45.51 -26.19
C ARG B 401 -4.66 45.44 -26.58
N ILE B 402 -3.90 44.56 -25.92
CA ILE B 402 -2.49 44.48 -26.22
C ILE B 402 -2.27 43.99 -27.65
N TYR B 403 -3.10 43.07 -28.10
CA TYR B 403 -2.97 42.56 -29.45
C TYR B 403 -3.10 43.69 -30.47
N ALA B 404 -4.18 44.47 -30.37
CA ALA B 404 -4.38 45.59 -31.28
C ALA B 404 -3.25 46.59 -31.16
N GLN B 405 -2.85 46.91 -29.93
CA GLN B 405 -1.77 47.85 -29.73
C GLN B 405 -0.53 47.43 -30.50
N LYS B 406 -0.13 46.18 -30.33
CA LYS B 406 1.04 45.69 -31.06
C LYS B 406 0.82 45.80 -32.56
N PHE B 407 -0.38 45.50 -33.04
CA PHE B 407 -0.60 45.55 -34.48
C PHE B 407 -0.59 46.98 -34.99
N ILE B 408 -1.26 47.89 -34.31
CA ILE B 408 -1.33 49.26 -34.81
C ILE B 408 0.05 49.93 -34.76
N ASP B 409 0.91 49.52 -33.82
CA ASP B 409 2.24 50.12 -33.73
C ASP B 409 2.99 50.02 -35.05
N ARG B 410 2.78 48.93 -35.80
CA ARG B 410 3.34 48.83 -37.13
C ARG B 410 2.52 49.60 -38.16
N GLY B 411 1.44 50.24 -37.73
CA GLY B 411 0.58 51.00 -38.62
C GLY B 411 -0.42 50.16 -39.39
N LYS B 412 -0.37 48.84 -39.26
CA LYS B 412 -1.27 47.97 -39.97
C LYS B 412 -2.56 47.77 -39.18
N ASP B 413 -3.59 47.34 -39.88
CA ASP B 413 -4.85 47.04 -39.22
C ASP B 413 -4.81 45.65 -38.61
N PHE B 414 -5.39 45.53 -37.43
CA PHE B 414 -5.45 44.24 -36.74
C PHE B 414 -6.73 43.51 -37.11
N ASN B 415 -6.70 42.20 -36.91
CA ASN B 415 -7.86 41.34 -37.12
C ASN B 415 -8.35 40.87 -35.75
N LEU B 416 -9.59 41.23 -35.41
CA LEU B 416 -10.14 40.80 -34.14
C LEU B 416 -10.27 39.29 -34.06
N GLU B 417 -10.39 38.62 -35.21
CA GLU B 417 -10.53 37.17 -35.20
C GLU B 417 -9.36 36.52 -34.48
N LEU B 418 -8.14 36.99 -34.76
CA LEU B 418 -6.97 36.49 -34.06
C LEU B 418 -6.76 37.19 -32.72
N ALA B 419 -7.44 38.32 -32.49
CA ALA B 419 -7.25 39.06 -31.26
C ALA B 419 -7.90 38.36 -30.09
N ILE B 420 -9.10 37.83 -30.28
CA ILE B 420 -9.80 37.10 -29.23
C ILE B 420 -9.15 35.73 -29.05
N LYS B 421 -8.88 35.37 -27.81
CA LYS B 421 -8.29 34.08 -27.49
C LYS B 421 -9.36 33.21 -26.85
N THR B 422 -9.64 32.06 -27.47
CA THR B 422 -10.64 31.17 -26.91
C THR B 422 -10.16 30.49 -25.63
N ARG B 423 -8.86 30.38 -25.43
CA ARG B 423 -8.30 29.69 -24.27
C ARG B 423 -8.44 30.49 -22.97
N ILE B 424 -9.30 31.51 -22.94
CA ILE B 424 -9.51 32.28 -21.72
C ILE B 424 -10.80 31.80 -21.07
N ILE B 425 -11.91 31.93 -21.80
CA ILE B 425 -13.22 31.62 -21.23
C ILE B 425 -13.34 30.12 -20.98
N SER B 426 -13.22 29.33 -22.03
CA SER B 426 -13.43 27.89 -21.90
C SER B 426 -12.43 27.28 -20.93
N ASP B 427 -11.14 27.58 -21.13
CA ASP B 427 -10.13 27.02 -20.24
C ASP B 427 -10.33 27.52 -18.82
N GLY B 428 -10.65 28.79 -18.64
CA GLY B 428 -10.84 29.31 -17.30
C GLY B 428 -11.97 28.62 -16.57
N LEU B 429 -13.12 28.46 -17.24
CA LEU B 429 -14.26 27.79 -16.62
C LEU B 429 -13.93 26.34 -16.30
N LYS B 430 -13.29 25.64 -17.25
CA LYS B 430 -12.92 24.25 -17.01
C LYS B 430 -12.03 24.16 -15.78
N TYR B 431 -11.01 25.01 -15.69
CA TYR B 431 -10.10 24.96 -14.56
C TYR B 431 -10.85 25.22 -13.25
N SER B 432 -11.66 26.28 -13.21
CA SER B 432 -12.32 26.64 -11.96
C SER B 432 -13.26 25.53 -11.51
N LEU B 433 -14.07 25.00 -12.41
CA LEU B 433 -15.00 23.94 -12.03
C LEU B 433 -14.32 22.61 -11.74
N ALA B 434 -13.12 22.37 -12.27
CA ALA B 434 -12.48 21.07 -12.05
C ALA B 434 -11.59 21.07 -10.81
N THR B 435 -10.64 22.01 -10.74
CA THR B 435 -9.76 22.06 -9.58
C THR B 435 -10.53 22.46 -8.33
N GLY B 436 -11.57 23.26 -8.50
CA GLY B 436 -12.30 23.81 -7.39
C GLY B 436 -11.75 25.12 -6.88
N ASN B 437 -10.54 25.50 -7.30
CA ASN B 437 -9.96 26.77 -6.86
C ASN B 437 -10.69 27.89 -7.57
N TRP B 438 -11.58 28.57 -6.84
CA TRP B 438 -12.44 29.58 -7.45
C TRP B 438 -11.61 30.85 -7.67
N GLY B 439 -10.78 30.80 -8.69
CA GLY B 439 -9.92 31.92 -9.01
C GLY B 439 -9.07 31.59 -10.22
N ASP B 440 -8.09 32.44 -10.46
CA ASP B 440 -7.20 32.25 -11.61
C ASP B 440 -6.15 31.19 -11.31
N GLN B 441 -5.61 30.60 -12.38
CA GLN B 441 -4.63 29.53 -12.23
C GLN B 441 -3.36 30.04 -11.55
N LYS B 442 -2.89 31.24 -11.94
CA LYS B 442 -1.62 31.74 -11.41
C LYS B 442 -1.69 32.04 -9.93
N LYS B 443 -2.85 32.49 -9.45
CA LYS B 443 -3.05 32.84 -8.04
C LYS B 443 -4.10 31.94 -7.41
N ALA B 444 -4.08 30.65 -7.78
CA ALA B 444 -5.10 29.73 -7.29
C ALA B 444 -5.06 29.61 -5.77
N HIS B 445 -3.86 29.51 -5.19
CA HIS B 445 -3.76 29.36 -3.74
C HIS B 445 -4.41 30.52 -3.01
N GLN B 446 -4.43 31.71 -3.62
CA GLN B 446 -5.01 32.88 -2.97
C GLN B 446 -6.53 32.85 -2.97
N ALA B 447 -7.16 32.01 -3.79
CA ALA B 447 -8.60 31.94 -3.88
C ALA B 447 -9.14 30.86 -2.95
N ARG B 448 -10.46 30.73 -2.91
CA ARG B 448 -11.10 29.74 -2.05
C ARG B 448 -10.89 28.33 -2.61
N ALA B 449 -11.22 27.34 -1.79
CA ALA B 449 -11.02 25.94 -2.13
C ALA B 449 -12.29 25.16 -1.83
N GLY B 450 -12.50 24.09 -2.59
CA GLY B 450 -13.65 23.24 -2.39
C GLY B 450 -14.95 23.81 -2.89
N VAL B 451 -14.92 24.93 -3.60
CA VAL B 451 -16.17 25.53 -4.06
C VAL B 451 -16.91 24.57 -4.97
N SER B 452 -16.19 23.83 -5.81
CA SER B 452 -16.77 22.82 -6.68
C SER B 452 -16.25 21.46 -6.25
N GLN B 453 -17.16 20.53 -5.99
CA GLN B 453 -16.84 19.21 -5.47
C GLN B 453 -17.34 18.14 -6.42
N VAL B 454 -16.84 16.93 -6.23
CA VAL B 454 -17.30 15.79 -7.01
C VAL B 454 -18.60 15.27 -6.43
N LEU B 455 -19.64 15.18 -7.26
CA LEU B 455 -20.95 14.76 -6.80
C LEU B 455 -20.90 13.32 -6.32
N ASN B 456 -21.26 13.10 -5.06
CA ASN B 456 -21.15 11.79 -4.44
C ASN B 456 -22.33 10.93 -4.84
N ARG B 457 -22.16 10.11 -5.86
CA ARG B 457 -23.21 9.20 -6.34
C ARG B 457 -23.14 7.85 -5.65
N LEU B 458 -23.20 7.83 -4.32
CA LEU B 458 -23.18 6.57 -3.60
C LEU B 458 -24.57 6.06 -3.25
N THR B 459 -25.56 6.93 -3.19
CA THR B 459 -26.93 6.53 -2.93
C THR B 459 -27.81 7.75 -3.08
N PHE B 460 -29.03 7.53 -3.60
CA PHE B 460 -29.84 8.66 -4.06
C PHE B 460 -29.93 9.74 -3.00
N ALA B 461 -30.10 9.35 -1.74
CA ALA B 461 -30.15 10.33 -0.67
C ALA B 461 -28.88 11.15 -0.64
N SER B 462 -27.73 10.51 -0.77
CA SER B 462 -26.48 11.26 -0.77
C SER B 462 -26.43 12.24 -1.92
N THR B 463 -26.87 11.82 -3.10
CA THR B 463 -26.89 12.74 -4.23
C THR B 463 -27.74 13.96 -3.92
N LEU B 464 -28.95 13.76 -3.40
CA LEU B 464 -29.80 14.89 -3.07
C LEU B 464 -29.14 15.80 -2.05
N SER B 465 -28.66 15.23 -0.96
CA SER B 465 -28.03 16.05 0.07
C SER B 465 -26.93 16.90 -0.55
N HIS B 466 -26.09 16.28 -1.36
CA HIS B 466 -24.97 17.02 -1.94
C HIS B 466 -25.46 18.18 -2.79
N LEU B 467 -26.48 17.95 -3.60
CA LEU B 467 -26.96 18.99 -4.49
C LEU B 467 -27.58 20.14 -3.74
N ARG B 468 -27.83 19.98 -2.44
CA ARG B 468 -28.55 20.98 -1.67
C ARG B 468 -27.79 21.36 -0.42
N ARG B 469 -26.48 21.57 -0.54
CA ARG B 469 -25.61 21.72 0.61
C ARG B 469 -25.02 23.12 0.65
N LEU B 470 -24.62 23.53 1.85
CA LEU B 470 -24.01 24.83 2.08
C LEU B 470 -22.63 24.67 2.68
N ASN B 471 -21.90 25.77 2.75
CA ASN B 471 -20.54 25.75 3.27
C ASN B 471 -20.14 27.17 3.64
N SER B 472 -19.79 27.37 4.90
CA SER B 472 -19.41 28.69 5.37
C SER B 472 -17.95 28.98 5.02
N PRO B 473 -17.60 30.23 4.75
CA PRO B 473 -16.22 30.56 4.38
C PRO B 473 -15.29 30.71 5.57
N ILE B 474 -15.79 30.63 6.80
CA ILE B 474 -14.93 30.81 7.96
C ILE B 474 -13.81 29.77 7.91
N GLY B 475 -12.67 30.14 8.47
CA GLY B 475 -11.52 29.25 8.44
C GLY B 475 -11.82 27.92 9.12
N ARG B 476 -11.19 26.88 8.60
CA ARG B 476 -11.37 25.54 9.15
C ARG B 476 -10.80 25.48 10.57
N ASP B 477 -11.51 24.79 11.45
CA ASP B 477 -11.07 24.53 12.82
C ASP B 477 -10.71 25.84 13.52
N GLY B 478 -11.69 26.72 13.63
CA GLY B 478 -11.52 27.98 14.33
C GLY B 478 -11.75 27.82 15.83
N LYS B 479 -10.98 28.59 16.61
CA LYS B 479 -11.08 28.50 18.06
C LYS B 479 -12.45 28.95 18.56
N LEU B 480 -13.09 29.88 17.85
CA LEU B 480 -14.40 30.36 18.26
C LEU B 480 -15.45 29.26 18.11
N ALA B 481 -16.57 29.44 18.80
CA ALA B 481 -17.66 28.48 18.78
C ALA B 481 -19.03 29.11 18.54
N LYS B 482 -19.11 30.41 18.31
CA LYS B 482 -20.40 31.02 18.02
C LYS B 482 -20.91 30.61 16.64
N PRO B 483 -20.08 30.60 15.59
CA PRO B 483 -20.63 30.34 14.26
C PRO B 483 -21.03 28.89 14.04
N ARG B 484 -20.48 27.95 14.81
CA ARG B 484 -20.86 26.56 14.64
C ARG B 484 -22.20 26.24 15.28
N GLN B 485 -22.54 26.92 16.37
CA GLN B 485 -23.77 26.60 17.10
C GLN B 485 -24.99 26.86 16.22
N LEU B 486 -25.98 25.99 16.34
CA LEU B 486 -27.21 26.10 15.55
C LEU B 486 -28.02 27.28 16.04
N HIS B 487 -28.00 28.36 15.28
CA HIS B 487 -28.69 29.59 15.65
C HIS B 487 -30.20 29.40 15.57
N ASN B 488 -30.94 30.19 16.35
CA ASN B 488 -32.38 30.03 16.39
C ASN B 488 -33.02 30.33 15.04
N THR B 489 -32.45 31.27 14.30
CA THR B 489 -33.08 31.74 13.09
C THR B 489 -33.13 30.66 12.02
N LEU B 490 -32.39 29.57 12.19
CA LEU B 490 -32.38 28.49 11.20
C LEU B 490 -33.57 27.54 11.41
N TRP B 491 -34.76 28.12 11.45
CA TRP B 491 -35.98 27.37 11.66
C TRP B 491 -36.68 27.20 10.33
N GLY B 492 -36.72 25.97 9.84
CA GLY B 492 -37.38 25.70 8.57
C GLY B 492 -36.59 26.11 7.36
N MET B 493 -35.38 26.63 7.53
CA MET B 493 -34.48 26.90 6.42
C MET B 493 -33.37 25.86 6.30
N VAL B 494 -32.72 25.52 7.41
CA VAL B 494 -31.60 24.59 7.42
C VAL B 494 -31.94 23.43 8.34
N CYS B 495 -31.62 22.23 7.90
CA CYS B 495 -31.90 21.05 8.70
C CYS B 495 -31.14 21.14 10.02
N PRO B 496 -31.83 21.06 11.16
CA PRO B 496 -31.12 21.15 12.44
C PRO B 496 -30.43 19.86 12.85
N ALA B 497 -30.62 18.78 12.11
CA ALA B 497 -30.05 17.49 12.44
C ALA B 497 -28.91 17.08 11.53
N GLU B 498 -29.04 17.31 10.23
CA GLU B 498 -28.00 16.88 9.30
C GLU B 498 -26.81 17.83 9.37
N THR B 499 -25.64 17.28 9.64
CA THR B 499 -24.39 18.03 9.63
C THR B 499 -23.25 17.06 9.85
N PRO B 500 -22.04 17.37 9.40
CA PRO B 500 -20.89 16.49 9.69
C PRO B 500 -20.58 16.51 11.17
N GLU B 501 -19.77 15.53 11.58
CA GLU B 501 -19.35 15.41 12.98
C GLU B 501 -17.85 15.51 13.15
N GLY B 502 -17.10 15.79 12.09
CA GLY B 502 -15.67 16.00 12.18
C GLY B 502 -15.33 17.43 12.55
N HIS B 503 -14.14 17.86 12.13
CA HIS B 503 -13.69 19.21 12.46
C HIS B 503 -14.65 20.26 11.91
N ALA B 504 -15.39 19.94 10.85
CA ALA B 504 -16.26 20.88 10.18
C ALA B 504 -17.68 20.89 10.76
N VAL B 505 -17.88 20.30 11.94
CA VAL B 505 -19.22 20.25 12.52
C VAL B 505 -19.79 21.65 12.64
N GLY B 506 -21.03 21.82 12.18
CA GLY B 506 -21.72 23.08 12.29
C GLY B 506 -21.50 24.04 11.13
N LEU B 507 -20.43 23.86 10.37
CA LEU B 507 -20.15 24.76 9.25
C LEU B 507 -20.88 24.31 7.99
N VAL B 508 -20.84 23.01 7.70
CA VAL B 508 -21.60 22.47 6.57
C VAL B 508 -23.06 22.34 6.96
N LYS B 509 -23.95 22.80 6.07
CA LYS B 509 -25.37 22.85 6.35
C LYS B 509 -26.15 22.41 5.12
N ASN B 510 -27.37 21.93 5.34
CA ASN B 510 -28.24 21.47 4.26
C ASN B 510 -29.58 22.19 4.32
N LEU B 511 -30.09 22.53 3.14
CA LEU B 511 -31.39 23.20 3.06
C LEU B 511 -32.48 22.28 3.57
N ALA B 512 -33.51 22.89 4.15
CA ALA B 512 -34.70 22.14 4.54
C ALA B 512 -35.51 21.79 3.30
N LEU B 513 -36.29 20.70 3.41
CA LEU B 513 -37.01 20.22 2.24
C LEU B 513 -37.79 21.34 1.58
N MET B 514 -38.42 22.18 2.38
CA MET B 514 -39.25 23.26 1.88
C MET B 514 -38.46 24.55 1.63
N ALA B 515 -37.20 24.60 2.06
CA ALA B 515 -36.42 25.81 1.85
C ALA B 515 -36.34 26.14 0.37
N TYR B 516 -36.41 27.43 0.06
CA TYR B 516 -36.25 27.92 -1.29
C TYR B 516 -35.45 29.21 -1.24
N ILE B 517 -34.64 29.44 -2.27
CA ILE B 517 -33.74 30.59 -2.32
C ILE B 517 -34.23 31.55 -3.40
N SER B 518 -34.26 32.83 -3.05
CA SER B 518 -34.68 33.83 -4.01
C SER B 518 -33.65 33.92 -5.14
N VAL B 519 -34.13 33.93 -6.37
CA VAL B 519 -33.23 33.99 -7.52
C VAL B 519 -32.81 35.41 -7.81
N GLY B 520 -33.61 36.39 -7.42
CA GLY B 520 -33.30 37.78 -7.67
C GLY B 520 -34.30 38.44 -8.61
N SER B 521 -34.41 39.76 -8.53
CA SER B 521 -35.34 40.51 -9.37
C SER B 521 -34.76 41.90 -9.57
N GLN B 522 -35.60 42.83 -10.01
CA GLN B 522 -35.18 44.21 -10.20
C GLN B 522 -35.96 45.13 -9.27
N PRO B 523 -35.34 46.20 -8.77
CA PRO B 523 -36.06 47.14 -7.91
C PRO B 523 -36.89 48.18 -8.67
N SER B 524 -36.67 48.33 -9.97
CA SER B 524 -37.30 49.43 -10.70
C SER B 524 -38.82 49.43 -10.58
N PRO B 525 -39.53 48.32 -10.77
CA PRO B 525 -40.98 48.38 -10.62
C PRO B 525 -41.39 48.85 -9.23
N ILE B 526 -40.69 48.40 -8.20
CA ILE B 526 -41.01 48.84 -6.85
C ILE B 526 -40.70 50.32 -6.69
N LEU B 527 -39.59 50.78 -7.25
CA LEU B 527 -39.27 52.20 -7.14
C LEU B 527 -40.35 53.05 -7.79
N GLU B 528 -40.83 52.65 -8.97
CA GLU B 528 -41.90 53.41 -9.61
C GLU B 528 -43.18 53.35 -8.77
N PHE B 529 -43.55 52.15 -8.32
CA PHE B 529 -44.78 52.02 -7.56
C PHE B 529 -44.74 52.89 -6.31
N LEU B 530 -43.62 52.89 -5.61
CA LEU B 530 -43.50 53.74 -4.44
C LEU B 530 -43.51 55.21 -4.82
N GLU B 531 -42.87 55.55 -5.93
CA GLU B 531 -42.80 56.96 -6.32
C GLU B 531 -44.20 57.51 -6.54
N GLU B 532 -45.09 56.70 -7.10
CA GLU B 532 -46.44 57.20 -7.38
C GLU B 532 -47.16 57.58 -6.10
N TRP B 533 -47.01 56.79 -5.04
CA TRP B 533 -47.69 57.12 -3.80
C TRP B 533 -47.15 58.41 -3.21
N SER B 534 -47.85 58.92 -2.21
CA SER B 534 -47.42 60.15 -1.56
C SER B 534 -46.20 59.82 -0.72
N MET B 535 -45.07 59.60 -1.38
CA MET B 535 -43.80 59.27 -0.74
C MET B 535 -42.79 60.33 -1.15
N GLU B 536 -42.58 61.32 -0.28
CA GLU B 536 -41.62 62.36 -0.59
C GLU B 536 -40.26 61.72 -0.86
N ASN B 537 -39.59 62.21 -1.91
CA ASN B 537 -38.28 61.70 -2.26
C ASN B 537 -37.21 62.28 -1.34
N LEU B 538 -36.15 61.52 -1.14
CA LEU B 538 -35.12 61.93 -0.20
C LEU B 538 -34.39 63.18 -0.65
N GLU B 539 -34.24 63.39 -1.96
CA GLU B 539 -33.41 64.49 -2.42
C GLU B 539 -34.05 65.84 -2.10
N GLU B 540 -35.37 65.94 -2.10
CA GLU B 540 -36.08 67.17 -1.77
C GLU B 540 -37.02 66.86 -0.60
N ILE B 541 -36.58 67.21 0.60
CA ILE B 541 -37.36 66.98 1.80
C ILE B 541 -36.76 67.80 2.92
N SER B 542 -37.62 68.45 3.69
CA SER B 542 -37.15 69.19 4.86
C SER B 542 -36.53 68.21 5.85
N PRO B 543 -35.28 68.41 6.27
CA PRO B 543 -34.70 67.48 7.24
C PRO B 543 -35.52 67.35 8.50
N ALA B 544 -36.15 68.44 8.95
CA ALA B 544 -36.91 68.39 10.19
C ALA B 544 -38.08 67.43 10.10
N ALA B 545 -38.47 67.03 8.89
CA ALA B 545 -39.62 66.16 8.69
C ALA B 545 -39.28 64.68 8.76
N ILE B 546 -38.00 64.33 8.90
CA ILE B 546 -37.63 62.93 8.96
C ILE B 546 -38.08 62.29 10.26
N ALA B 547 -38.13 63.07 11.35
CA ALA B 547 -38.38 62.50 12.66
C ALA B 547 -39.70 61.75 12.70
N ASP B 548 -40.81 62.47 12.54
CA ASP B 548 -42.14 61.88 12.61
C ASP B 548 -42.48 61.27 11.25
N ALA B 549 -41.80 60.18 10.94
CA ALA B 549 -41.92 59.53 9.63
C ALA B 549 -41.21 58.19 9.72
N THR B 550 -41.23 57.45 8.61
CA THR B 550 -40.62 56.14 8.51
C THR B 550 -39.69 56.10 7.30
N LYS B 551 -38.49 55.58 7.50
CA LYS B 551 -37.50 55.53 6.44
C LYS B 551 -37.64 54.22 5.67
N ILE B 552 -37.76 54.34 4.35
CA ILE B 552 -37.98 53.21 3.46
C ILE B 552 -36.63 52.84 2.84
N PHE B 553 -36.17 51.61 3.09
CA PHE B 553 -34.95 51.12 2.46
C PHE B 553 -35.30 50.01 1.48
N VAL B 554 -34.76 50.12 0.27
CA VAL B 554 -34.89 49.10 -0.76
C VAL B 554 -33.48 48.64 -1.11
N ASN B 555 -33.24 47.34 -0.98
CA ASN B 555 -31.91 46.78 -1.22
C ASN B 555 -30.83 47.56 -0.49
N GLY B 556 -31.18 48.15 0.65
CA GLY B 556 -30.24 48.94 1.40
C GLY B 556 -30.05 50.35 0.90
N CYS B 557 -30.90 50.83 0.01
CA CYS B 557 -30.83 52.20 -0.47
C CYS B 557 -31.90 53.01 0.26
N TRP B 558 -31.48 53.93 1.12
CA TRP B 558 -32.43 54.80 1.78
C TRP B 558 -32.99 55.78 0.77
N VAL B 559 -34.17 55.51 0.24
CA VAL B 559 -34.79 56.35 -0.77
C VAL B 559 -36.19 56.69 -0.34
N GLY B 560 -36.56 57.96 -0.46
CA GLY B 560 -37.90 58.40 -0.15
C GLY B 560 -38.27 58.19 1.30
N ILE B 561 -39.34 58.85 1.73
CA ILE B 561 -39.79 58.84 3.11
C ILE B 561 -41.31 58.84 3.09
N HIS B 562 -41.92 58.06 3.97
CA HIS B 562 -43.37 57.95 3.99
C HIS B 562 -43.92 58.40 5.33
N LYS B 563 -45.20 58.77 5.33
CA LYS B 563 -45.87 59.27 6.52
C LYS B 563 -47.01 58.36 6.96
N ASP B 564 -47.06 57.14 6.44
CA ASP B 564 -48.17 56.25 6.74
C ASP B 564 -47.74 54.80 6.55
N PRO B 565 -46.81 54.32 7.36
CA PRO B 565 -46.34 52.95 7.18
C PRO B 565 -47.44 51.91 7.26
N GLU B 566 -48.44 52.14 8.12
CA GLU B 566 -49.47 51.14 8.33
C GLU B 566 -50.24 50.84 7.06
N GLN B 567 -50.48 51.86 6.23
CA GLN B 567 -51.19 51.66 4.98
C GLN B 567 -50.27 51.20 3.86
N LEU B 568 -49.05 51.74 3.84
CA LEU B 568 -48.10 51.36 2.80
C LEU B 568 -47.78 49.88 2.88
N MET B 569 -47.54 49.37 4.08
CA MET B 569 -47.24 47.96 4.23
C MET B 569 -48.41 47.10 3.78
N ASN B 570 -49.63 47.51 4.12
CA ASN B 570 -50.80 46.75 3.70
C ASN B 570 -50.93 46.71 2.19
N THR B 571 -50.77 47.87 1.54
CA THR B 571 -50.87 47.90 0.08
C THR B 571 -49.80 47.02 -0.54
N LEU B 572 -48.58 47.09 -0.02
CA LEU B 572 -47.50 46.25 -0.54
C LEU B 572 -47.83 44.78 -0.38
N ARG B 573 -48.34 44.38 0.77
CA ARG B 573 -48.64 42.98 1.00
C ARG B 573 -49.74 42.51 0.05
N LYS B 574 -50.81 43.28 -0.08
CA LYS B 574 -51.87 42.89 -1.01
C LYS B 574 -51.33 42.77 -2.42
N LEU B 575 -50.50 43.72 -2.83
CA LEU B 575 -49.95 43.71 -4.17
C LEU B 575 -49.14 42.44 -4.40
N ARG B 576 -48.30 42.07 -3.44
CA ARG B 576 -47.54 40.84 -3.58
C ARG B 576 -48.45 39.63 -3.63
N ARG B 577 -49.48 39.61 -2.80
CA ARG B 577 -50.41 38.48 -2.83
C ARG B 577 -51.02 38.30 -4.20
N GLN B 578 -51.43 39.40 -4.83
CA GLN B 578 -52.06 39.29 -6.15
C GLN B 578 -51.04 38.92 -7.24
N MET B 579 -49.75 39.16 -7.01
CA MET B 579 -48.71 38.85 -7.98
C MET B 579 -48.90 39.63 -9.28
N ASP B 580 -48.81 40.95 -9.17
CA ASP B 580 -48.96 41.79 -10.35
C ASP B 580 -47.80 42.75 -10.57
N ILE B 581 -47.30 43.39 -9.52
CA ILE B 581 -46.18 44.30 -9.67
C ILE B 581 -44.95 43.84 -8.91
N ILE B 582 -45.09 43.03 -7.87
CA ILE B 582 -43.98 42.61 -7.03
C ILE B 582 -43.94 41.09 -7.05
N VAL B 583 -42.82 40.52 -7.52
CA VAL B 583 -42.71 39.08 -7.57
C VAL B 583 -42.83 38.52 -6.16
N SER B 584 -43.01 37.20 -6.08
CA SER B 584 -43.25 36.58 -4.79
C SER B 584 -42.00 36.51 -3.93
N GLU B 585 -40.80 36.65 -4.51
CA GLU B 585 -39.58 36.55 -3.71
C GLU B 585 -39.28 37.82 -2.93
N VAL B 586 -39.69 38.97 -3.44
CA VAL B 586 -39.46 40.20 -2.69
C VAL B 586 -39.99 40.02 -1.28
N SER B 587 -39.43 40.76 -0.34
CA SER B 587 -39.82 40.70 1.05
C SER B 587 -39.90 42.11 1.60
N MET B 588 -40.98 42.41 2.31
CA MET B 588 -41.11 43.69 2.99
C MET B 588 -41.07 43.47 4.49
N ILE B 589 -40.15 44.17 5.14
CA ILE B 589 -39.93 44.08 6.58
C ILE B 589 -40.41 45.39 7.20
N ARG B 590 -41.32 45.29 8.16
CA ARG B 590 -41.81 46.45 8.88
C ARG B 590 -41.14 46.48 10.25
N ASP B 591 -40.36 47.52 10.50
CA ASP B 591 -39.70 47.70 11.80
C ASP B 591 -40.56 48.65 12.62
N ILE B 592 -41.22 48.12 13.64
CA ILE B 592 -42.16 48.92 14.42
C ILE B 592 -41.40 49.86 15.35
N ARG B 593 -40.54 49.31 16.21
CA ARG B 593 -39.94 50.10 17.27
C ARG B 593 -39.28 51.36 16.72
N GLU B 594 -38.54 51.22 15.61
CA GLU B 594 -38.02 52.36 14.88
C GLU B 594 -38.63 52.35 13.50
N ARG B 595 -39.14 53.50 13.08
CA ARG B 595 -39.96 53.55 11.88
C ARG B 595 -39.08 53.34 10.67
N GLU B 596 -38.86 52.08 10.29
CA GLU B 596 -38.07 51.74 9.11
C GLU B 596 -38.70 50.58 8.39
N ILE B 597 -39.00 50.76 7.11
CA ILE B 597 -39.50 49.72 6.23
C ILE B 597 -38.38 49.36 5.28
N ARG B 598 -37.83 48.16 5.40
CA ARG B 598 -36.72 47.71 4.58
C ARG B 598 -37.19 46.58 3.67
N ILE B 599 -37.09 46.80 2.36
CA ILE B 599 -37.52 45.85 1.34
C ILE B 599 -36.29 45.33 0.63
N TYR B 600 -36.21 44.02 0.46
CA TYR B 600 -35.07 43.37 -0.19
C TYR B 600 -35.53 42.58 -1.39
N THR B 601 -34.77 42.66 -2.48
CA THR B 601 -35.08 41.94 -3.71
C THR B 601 -33.90 41.18 -4.28
N ASP B 602 -32.69 41.38 -3.78
CA ASP B 602 -31.51 40.70 -4.30
C ASP B 602 -31.60 39.19 -4.02
N ALA B 603 -30.75 38.44 -4.72
CA ALA B 603 -30.82 37.00 -4.67
C ALA B 603 -30.08 36.45 -3.46
N GLY B 604 -30.38 35.20 -3.13
CA GLY B 604 -29.78 34.51 -2.00
C GLY B 604 -30.63 34.50 -0.75
N ARG B 605 -31.62 35.40 -0.64
CA ARG B 605 -32.41 35.50 0.57
C ARG B 605 -33.19 34.21 0.72
N ILE B 606 -32.64 33.32 1.56
CA ILE B 606 -33.32 32.05 1.79
C ILE B 606 -34.68 32.30 2.40
N CYS B 607 -35.69 31.64 1.87
CA CYS B 607 -37.06 31.84 2.31
C CYS B 607 -37.82 30.54 2.20
N ARG B 608 -39.07 30.57 2.63
CA ARG B 608 -39.92 29.39 2.61
C ARG B 608 -41.37 29.85 2.56
N PRO B 609 -42.29 28.99 2.11
CA PRO B 609 -43.70 29.35 2.04
C PRO B 609 -44.49 28.99 3.28
N LEU B 610 -45.49 29.83 3.57
CA LEU B 610 -46.36 29.65 4.72
C LEU B 610 -47.78 29.97 4.29
N LEU B 611 -48.74 29.49 5.06
CA LEU B 611 -50.13 29.85 4.82
C LEU B 611 -50.46 31.18 5.48
N ILE B 612 -51.41 31.88 4.93
CA ILE B 612 -51.84 33.15 5.47
C ILE B 612 -53.05 32.90 6.36
N VAL B 613 -53.24 33.77 7.34
CA VAL B 613 -54.30 33.65 8.33
C VAL B 613 -54.80 35.06 8.59
N GLU B 614 -55.98 35.39 8.08
CA GLU B 614 -56.44 36.78 8.18
C GLU B 614 -56.72 37.19 9.63
N LYS B 615 -57.75 36.63 10.26
CA LYS B 615 -58.07 37.01 11.64
C LYS B 615 -57.87 35.86 12.62
N GLN B 616 -58.58 34.76 12.44
CA GLN B 616 -58.28 33.55 13.20
C GLN B 616 -58.50 32.32 12.35
N LYS B 617 -58.55 32.49 11.04
CA LYS B 617 -59.04 31.47 10.13
C LYS B 617 -58.19 31.50 8.88
N LEU B 618 -57.93 30.33 8.33
CA LEU B 618 -57.01 30.25 7.19
C LEU B 618 -57.72 30.65 5.91
N LEU B 619 -56.93 31.04 4.93
CA LEU B 619 -57.47 31.26 3.59
C LEU B 619 -57.55 29.98 2.80
N LEU B 620 -56.88 28.92 3.24
CA LEU B 620 -56.91 27.64 2.55
C LEU B 620 -58.20 26.91 2.93
N LYS B 621 -59.24 27.13 2.14
CA LYS B 621 -60.55 26.55 2.38
C LYS B 621 -60.74 25.30 1.55
N LYS B 622 -61.87 24.62 1.76
CA LYS B 622 -62.13 23.35 1.07
C LYS B 622 -62.10 23.52 -0.44
N ARG B 623 -62.51 24.69 -0.94
CA ARG B 623 -62.47 24.91 -2.38
C ARG B 623 -61.08 24.64 -2.93
N HIS B 624 -60.06 25.24 -2.31
CA HIS B 624 -58.70 25.07 -2.77
C HIS B 624 -58.27 23.62 -2.69
N ILE B 625 -58.56 22.97 -1.58
CA ILE B 625 -58.15 21.58 -1.42
C ILE B 625 -58.79 20.73 -2.51
N ASP B 626 -60.06 20.96 -2.80
CA ASP B 626 -60.72 20.18 -3.83
C ASP B 626 -60.07 20.41 -5.18
N GLN B 627 -59.95 21.66 -5.59
CA GLN B 627 -59.36 21.93 -6.90
C GLN B 627 -57.98 21.31 -7.00
N LEU B 628 -57.21 21.33 -5.92
CA LEU B 628 -55.86 20.82 -5.95
C LEU B 628 -55.83 19.30 -5.96
N LYS B 629 -56.77 18.66 -5.28
CA LYS B 629 -56.81 17.22 -5.25
C LYS B 629 -57.10 16.65 -6.63
N GLU B 630 -57.72 17.45 -7.50
CA GLU B 630 -57.98 17.04 -8.88
C GLU B 630 -56.88 17.48 -9.81
N ARG B 631 -55.70 17.78 -9.27
CA ARG B 631 -54.60 18.17 -10.12
C ARG B 631 -54.12 16.96 -10.90
N GLU B 632 -53.22 17.21 -11.86
CA GLU B 632 -52.63 16.14 -12.66
C GLU B 632 -53.66 15.58 -13.63
N TYR B 633 -54.92 15.98 -13.47
CA TYR B 633 -55.96 15.70 -14.44
C TYR B 633 -56.28 16.94 -15.26
N ASN B 634 -56.48 18.09 -14.62
CA ASN B 634 -56.74 19.29 -15.43
C ASN B 634 -55.51 20.16 -15.64
N ASN B 635 -55.18 21.02 -14.69
CA ASN B 635 -53.92 21.77 -14.75
C ASN B 635 -53.47 22.34 -13.41
N TYR B 636 -54.20 22.05 -12.34
CA TYR B 636 -54.05 22.83 -11.12
C TYR B 636 -52.71 22.54 -10.47
N SER B 637 -52.09 23.56 -9.88
CA SER B 637 -50.75 23.40 -9.33
C SER B 637 -50.50 24.43 -8.24
N TRP B 638 -49.27 24.42 -7.73
CA TRP B 638 -48.89 25.32 -6.66
C TRP B 638 -49.04 26.78 -7.09
N GLN B 639 -48.69 27.08 -8.34
CA GLN B 639 -48.78 28.47 -8.79
C GLN B 639 -50.19 29.00 -8.60
N ASP B 640 -51.21 28.16 -8.72
CA ASP B 640 -52.57 28.62 -8.48
C ASP B 640 -52.72 29.09 -7.04
N LEU B 641 -52.20 28.31 -6.09
CA LEU B 641 -52.28 28.73 -4.70
C LEU B 641 -51.53 30.03 -4.47
N VAL B 642 -50.33 30.15 -5.04
CA VAL B 642 -49.56 31.37 -4.82
C VAL B 642 -50.30 32.58 -5.39
N ALA B 643 -50.92 32.41 -6.55
CA ALA B 643 -51.64 33.53 -7.16
C ALA B 643 -52.91 33.86 -6.41
N SER B 644 -53.64 32.85 -5.95
CA SER B 644 -54.91 33.09 -5.28
C SER B 644 -54.73 33.89 -4.01
N GLY B 645 -53.53 33.88 -3.44
CA GLY B 645 -53.27 34.60 -2.22
C GLY B 645 -53.58 33.78 -0.99
N VAL B 646 -53.18 32.51 -0.99
CA VAL B 646 -53.35 31.65 0.18
C VAL B 646 -52.00 31.33 0.82
N VAL B 647 -50.95 31.18 0.03
CA VAL B 647 -49.61 30.95 0.55
C VAL B 647 -48.75 32.18 0.24
N GLU B 648 -47.56 32.20 0.81
CA GLU B 648 -46.74 33.39 0.75
C GLU B 648 -45.33 33.04 1.20
N TYR B 649 -44.34 33.51 0.45
CA TYR B 649 -42.96 33.24 0.79
C TYR B 649 -42.44 34.30 1.75
N ILE B 650 -42.04 33.88 2.94
CA ILE B 650 -41.43 34.76 3.93
C ILE B 650 -39.95 34.39 4.03
N ASP B 651 -39.10 35.40 3.93
CA ASP B 651 -37.66 35.18 4.12
C ASP B 651 -37.30 35.39 5.58
N THR B 652 -36.15 34.84 5.96
CA THR B 652 -35.76 34.82 7.36
C THR B 652 -35.78 36.21 7.97
N LEU B 653 -35.37 37.22 7.20
CA LEU B 653 -35.33 38.57 7.75
C LEU B 653 -36.72 39.12 7.99
N GLU B 654 -37.72 38.64 7.25
CA GLU B 654 -39.10 38.99 7.51
C GLU B 654 -39.76 38.06 8.51
N GLU B 655 -39.25 36.85 8.67
CA GLU B 655 -39.87 35.90 9.60
C GLU B 655 -39.80 36.40 11.03
N GLU B 656 -38.94 37.37 11.33
CA GLU B 656 -38.83 37.84 12.71
C GLU B 656 -39.99 38.75 13.11
N THR B 657 -40.84 39.14 12.18
CA THR B 657 -41.96 40.03 12.48
C THR B 657 -43.28 39.41 12.07
N VAL B 658 -43.49 38.15 12.40
CA VAL B 658 -44.75 37.48 12.07
C VAL B 658 -45.06 36.45 13.15
N MET B 659 -46.27 36.52 13.69
CA MET B 659 -46.69 35.63 14.77
C MET B 659 -47.08 34.29 14.16
N LEU B 660 -46.08 33.46 13.93
CA LEU B 660 -46.31 32.18 13.28
C LEU B 660 -47.12 31.25 14.17
N ALA B 661 -47.74 30.24 13.56
CA ALA B 661 -48.53 29.27 14.29
C ALA B 661 -48.27 27.87 13.74
N MET B 662 -48.30 26.87 14.62
CA MET B 662 -47.82 25.54 14.28
C MET B 662 -48.84 24.75 13.46
N THR B 663 -50.02 24.52 14.03
CA THR B 663 -51.08 23.82 13.32
C THR B 663 -52.35 24.66 13.35
N PRO B 664 -53.13 24.64 12.29
CA PRO B 664 -54.22 25.61 12.21
C PRO B 664 -55.24 25.43 13.32
N ASP B 665 -55.81 24.23 13.40
CA ASP B 665 -56.89 24.00 14.33
C ASP B 665 -56.43 24.21 15.77
N ASP B 666 -55.33 23.55 16.15
CA ASP B 666 -55.00 23.44 17.56
C ASP B 666 -54.77 24.80 18.20
N LEU B 667 -54.07 25.69 17.50
CA LEU B 667 -53.60 26.93 18.12
C LEU B 667 -54.53 28.11 17.90
N GLN B 668 -55.78 27.87 17.51
CA GLN B 668 -56.65 28.99 17.21
C GLN B 668 -58.06 28.88 17.77
N GLU B 669 -58.46 27.75 18.37
CA GLU B 669 -59.88 27.56 18.60
C GLU B 669 -60.44 28.60 19.58
N LYS B 670 -60.18 28.40 20.87
CA LYS B 670 -60.46 29.40 21.89
C LYS B 670 -59.92 28.91 23.23
N GLU B 671 -59.00 29.64 23.84
CA GLU B 671 -58.47 29.24 25.13
C GLU B 671 -58.06 30.49 25.88
N VAL B 672 -57.27 30.33 26.95
CA VAL B 672 -56.60 31.46 27.54
C VAL B 672 -55.99 32.30 26.43
N ALA B 673 -56.19 33.61 26.52
CA ALA B 673 -55.80 34.47 25.41
C ALA B 673 -54.28 34.56 25.32
N TYR B 674 -53.68 33.71 24.48
CA TYR B 674 -52.24 33.76 24.29
C TYR B 674 -51.84 34.90 23.37
N CYS B 675 -52.04 34.75 22.06
CA CYS B 675 -51.74 35.83 21.14
C CYS B 675 -52.97 36.19 20.33
N SER B 676 -53.77 35.19 19.95
CA SER B 676 -55.02 35.43 19.24
C SER B 676 -54.84 36.43 18.10
N THR B 677 -53.62 36.54 17.58
CA THR B 677 -53.33 37.48 16.50
C THR B 677 -52.38 36.88 15.48
N TYR B 678 -52.44 35.58 15.26
CA TYR B 678 -51.55 34.94 14.30
C TYR B 678 -51.67 35.59 12.93
N THR B 679 -50.56 35.63 12.20
CA THR B 679 -50.56 36.12 10.84
C THR B 679 -50.28 35.04 9.81
N HIS B 680 -49.51 34.02 10.14
CA HIS B 680 -49.28 32.89 9.26
C HIS B 680 -49.47 31.60 10.05
N CYS B 681 -49.29 30.47 9.38
CA CYS B 681 -49.43 29.17 10.02
C CYS B 681 -48.70 28.14 9.18
N GLU B 682 -47.78 27.42 9.81
CA GLU B 682 -46.89 26.54 9.08
C GLU B 682 -47.67 25.39 8.46
N ILE B 683 -47.18 24.93 7.31
CA ILE B 683 -47.81 23.82 6.60
C ILE B 683 -47.75 22.57 7.45
N HIS B 684 -46.55 22.10 7.75
CA HIS B 684 -46.39 20.95 8.59
C HIS B 684 -45.09 21.09 9.35
N PRO B 685 -45.09 20.88 10.67
CA PRO B 685 -43.84 21.07 11.43
C PRO B 685 -42.70 20.19 10.92
N SER B 686 -42.99 18.97 10.49
CA SER B 686 -41.93 18.06 10.06
C SER B 686 -41.17 18.61 8.87
N MET B 687 -41.70 19.61 8.19
CA MET B 687 -41.02 20.21 7.05
C MET B 687 -39.78 20.99 7.43
N ILE B 688 -39.42 21.07 8.71
CA ILE B 688 -38.14 21.66 9.08
C ILE B 688 -37.00 20.74 8.70
N LEU B 689 -37.20 19.44 8.85
CA LEU B 689 -36.13 18.48 8.60
C LEU B 689 -35.59 18.62 7.18
N GLY B 690 -34.41 18.06 6.97
CA GLY B 690 -33.77 18.11 5.69
C GLY B 690 -34.00 16.87 4.86
N VAL B 691 -33.01 16.50 4.06
CA VAL B 691 -33.12 15.38 3.13
C VAL B 691 -32.73 14.11 3.86
N CYS B 692 -31.53 14.08 4.43
CA CYS B 692 -31.09 12.87 5.13
C CYS B 692 -31.79 12.70 6.47
N ALA B 693 -32.23 13.81 7.08
CA ALA B 693 -32.96 13.69 8.34
C ALA B 693 -34.36 13.12 8.14
N SER B 694 -35.01 13.51 7.05
CA SER B 694 -36.44 13.21 6.90
C SER B 694 -36.68 11.71 6.92
N ILE B 695 -35.80 10.93 6.32
CA ILE B 695 -35.99 9.48 6.30
C ILE B 695 -35.85 8.85 7.68
N ILE B 696 -35.53 9.64 8.71
CA ILE B 696 -35.48 9.12 10.07
C ILE B 696 -36.90 8.99 10.58
N PRO B 697 -37.37 7.80 10.94
CA PRO B 697 -38.72 7.68 11.51
C PRO B 697 -38.72 8.09 12.97
N PHE B 698 -39.71 8.89 13.34
CA PHE B 698 -39.86 9.32 14.71
C PHE B 698 -38.62 10.04 15.19
N PRO B 699 -38.09 11.00 14.42
CA PRO B 699 -36.89 11.69 14.89
C PRO B 699 -37.07 12.34 16.24
N ASP B 700 -38.28 12.78 16.57
CA ASP B 700 -38.49 13.44 17.85
C ASP B 700 -38.41 12.47 19.02
N HIS B 701 -38.34 11.17 18.78
CA HIS B 701 -38.16 10.18 19.83
C HIS B 701 -36.70 9.79 20.04
N ASN B 702 -35.76 10.57 19.54
CA ASN B 702 -34.35 10.24 19.67
C ASN B 702 -33.57 11.46 20.11
N GLN B 703 -32.48 11.20 20.83
CA GLN B 703 -31.59 12.29 21.23
C GLN B 703 -30.92 12.87 19.99
N SER B 704 -30.81 14.19 19.97
CA SER B 704 -30.33 14.87 18.76
C SER B 704 -29.02 14.31 18.24
N PRO B 705 -28.02 13.98 19.07
CA PRO B 705 -26.78 13.47 18.50
C PRO B 705 -26.98 12.24 17.64
N ARG B 706 -27.89 11.35 18.03
CA ARG B 706 -28.11 10.15 17.22
C ARG B 706 -28.84 10.48 15.93
N ASN B 707 -29.75 11.46 15.96
CA ASN B 707 -30.34 11.92 14.70
C ASN B 707 -29.26 12.44 13.76
N THR B 708 -28.32 13.22 14.29
CA THR B 708 -27.26 13.76 13.44
C THR B 708 -26.36 12.65 12.90
N TYR B 709 -25.99 11.70 13.75
CA TYR B 709 -25.18 10.58 13.27
C TYR B 709 -25.91 9.82 12.19
N GLN B 710 -27.22 9.63 12.33
CA GLN B 710 -27.97 8.97 11.29
C GLN B 710 -27.97 9.80 10.00
N SER B 711 -28.14 11.11 10.13
CA SER B 711 -28.14 11.95 8.94
C SER B 711 -26.84 11.76 8.17
N ALA B 712 -25.71 11.77 8.87
CA ALA B 712 -24.44 11.56 8.18
C ALA B 712 -24.33 10.15 7.62
N MET B 713 -24.73 9.13 8.40
CA MET B 713 -24.53 7.76 7.97
C MET B 713 -25.46 7.35 6.83
N GLY B 714 -26.58 8.04 6.67
CA GLY B 714 -27.46 7.74 5.55
C GLY B 714 -26.77 7.91 4.22
N LYS B 715 -25.97 8.97 4.08
CA LYS B 715 -25.24 9.20 2.84
C LYS B 715 -24.25 8.09 2.53
N GLN B 716 -23.90 7.26 3.52
CA GLN B 716 -23.00 6.14 3.33
C GLN B 716 -23.73 4.82 3.15
N ALA B 717 -25.03 4.84 2.89
CA ALA B 717 -25.80 3.61 2.76
C ALA B 717 -25.73 3.09 1.33
N MET B 718 -25.73 1.77 1.19
CA MET B 718 -25.73 1.14 -0.12
C MET B 718 -27.15 0.90 -0.61
N GLY B 719 -27.26 0.64 -1.89
CA GLY B 719 -28.53 0.44 -2.57
C GLY B 719 -28.38 0.82 -4.02
N VAL B 720 -29.53 0.94 -4.69
CA VAL B 720 -29.56 1.34 -6.10
C VAL B 720 -29.43 2.87 -6.13
N TYR B 721 -28.25 3.35 -6.49
CA TYR B 721 -28.04 4.80 -6.48
C TYR B 721 -28.63 5.47 -7.71
N ILE B 722 -28.82 4.75 -8.80
CA ILE B 722 -29.43 5.34 -9.99
C ILE B 722 -29.86 4.21 -10.91
N THR B 723 -31.02 4.37 -11.56
CA THR B 723 -31.57 3.27 -12.33
C THR B 723 -30.64 2.83 -13.45
N ASN B 724 -30.07 3.79 -14.18
CA ASN B 724 -29.21 3.46 -15.30
C ASN B 724 -27.78 3.24 -14.84
N PHE B 725 -27.60 2.42 -13.81
CA PHE B 725 -26.27 2.21 -13.28
C PHE B 725 -25.43 1.35 -14.22
N HIS B 726 -26.06 0.52 -15.06
CA HIS B 726 -25.29 -0.34 -15.93
C HIS B 726 -24.62 0.41 -17.06
N VAL B 727 -24.97 1.68 -17.28
CA VAL B 727 -24.37 2.47 -18.35
C VAL B 727 -23.27 3.34 -17.78
N ARG B 728 -23.41 3.75 -16.53
CA ARG B 728 -22.39 4.56 -15.90
C ARG B 728 -21.09 3.79 -15.78
N MET B 729 -19.98 4.52 -15.91
CA MET B 729 -18.65 3.96 -15.71
C MET B 729 -17.96 4.67 -14.55
N ASP B 730 -18.72 5.18 -13.60
CA ASP B 730 -18.14 5.87 -12.47
C ASP B 730 -17.21 4.93 -11.70
N THR B 731 -16.37 5.53 -10.86
CA THR B 731 -15.47 4.80 -10.00
C THR B 731 -16.15 4.55 -8.67
N LEU B 732 -15.96 3.35 -8.11
CA LEU B 732 -16.45 3.04 -6.78
C LEU B 732 -17.97 3.23 -6.70
N ALA B 733 -18.68 2.41 -7.46
CA ALA B 733 -20.14 2.37 -7.40
C ALA B 733 -20.56 1.07 -6.73
N HIS B 734 -21.36 1.19 -5.67
CA HIS B 734 -21.94 0.05 -4.98
C HIS B 734 -23.40 -0.10 -5.38
N VAL B 735 -23.87 -1.35 -5.45
CA VAL B 735 -25.27 -1.62 -5.73
C VAL B 735 -25.69 -2.83 -4.92
N LEU B 736 -26.87 -2.75 -4.31
CA LEU B 736 -27.39 -3.82 -3.48
C LEU B 736 -28.33 -4.70 -4.28
N TYR B 737 -28.38 -5.98 -3.93
CA TYR B 737 -29.19 -6.94 -4.68
C TYR B 737 -30.67 -6.69 -4.46
N TYR B 738 -31.12 -6.77 -3.21
CA TYR B 738 -32.54 -6.71 -2.90
C TYR B 738 -32.83 -5.53 -1.99
N PRO B 739 -32.80 -4.32 -2.50
CA PRO B 739 -33.10 -3.15 -1.65
C PRO B 739 -34.59 -3.00 -1.41
N GLN B 740 -35.12 -3.65 -0.38
CA GLN B 740 -36.54 -3.50 -0.06
C GLN B 740 -36.87 -2.08 0.34
N LYS B 741 -38.13 -1.83 0.62
CA LYS B 741 -38.63 -0.54 1.03
C LYS B 741 -38.88 -0.53 2.52
N PRO B 742 -38.76 0.62 3.19
CA PRO B 742 -39.05 0.64 4.64
C PRO B 742 -40.45 0.17 4.91
N LEU B 743 -40.60 -0.67 5.94
CA LEU B 743 -41.94 -1.00 6.39
C LEU B 743 -42.61 0.19 7.05
N VAL B 744 -41.84 1.16 7.51
CA VAL B 744 -42.40 2.38 8.08
C VAL B 744 -41.72 3.56 7.41
N THR B 745 -42.50 4.35 6.68
CA THR B 745 -42.02 5.45 5.88
C THR B 745 -42.66 6.73 6.36
N THR B 746 -41.89 7.81 6.43
CA THR B 746 -42.47 9.10 6.75
C THR B 746 -43.17 9.68 5.53
N ARG B 747 -44.22 10.46 5.77
CA ARG B 747 -44.93 11.09 4.67
C ARG B 747 -44.03 11.98 3.85
N SER B 748 -42.93 12.46 4.44
CA SER B 748 -42.05 13.36 3.73
C SER B 748 -41.23 12.66 2.67
N MET B 749 -40.81 11.42 2.92
CA MET B 749 -39.96 10.73 1.96
C MET B 749 -40.71 10.28 0.72
N GLU B 750 -42.03 10.39 0.70
CA GLU B 750 -42.75 10.15 -0.54
C GLU B 750 -42.20 11.02 -1.67
N TYR B 751 -41.81 12.25 -1.35
CA TYR B 751 -41.32 13.19 -2.33
C TYR B 751 -39.81 13.14 -2.45
N LEU B 752 -39.14 12.63 -1.41
CA LEU B 752 -37.69 12.42 -1.48
C LEU B 752 -37.32 11.30 -2.42
N ARG B 753 -38.30 10.56 -2.94
CA ARG B 753 -38.10 9.52 -3.94
C ARG B 753 -37.46 8.28 -3.31
N PHE B 754 -37.36 8.23 -2.00
CA PHE B 754 -36.70 7.12 -1.34
C PHE B 754 -37.38 5.80 -1.68
N ARG B 755 -38.71 5.79 -1.73
CA ARG B 755 -39.44 4.53 -1.87
C ARG B 755 -39.20 3.88 -3.22
N GLU B 756 -38.75 4.63 -4.22
CA GLU B 756 -38.42 4.02 -5.51
C GLU B 756 -36.99 3.52 -5.56
N LEU B 757 -36.10 4.09 -4.75
CA LEU B 757 -34.68 3.73 -4.71
C LEU B 757 -34.25 3.58 -3.27
N PRO B 758 -34.75 2.57 -2.58
CA PRO B 758 -34.41 2.41 -1.16
C PRO B 758 -32.98 1.97 -0.97
N ALA B 759 -32.52 2.08 0.27
CA ALA B 759 -31.13 1.83 0.61
C ALA B 759 -31.01 0.96 1.84
N GLY B 760 -31.81 -0.10 1.91
CA GLY B 760 -31.75 -0.99 3.04
C GLY B 760 -32.79 -2.09 2.89
N ILE B 761 -32.83 -2.96 3.89
CA ILE B 761 -33.74 -4.09 3.89
C ILE B 761 -34.44 -4.15 5.24
N ASN B 762 -35.67 -4.66 5.24
CA ASN B 762 -36.43 -4.83 6.47
C ASN B 762 -36.10 -6.19 7.06
N SER B 763 -35.42 -6.19 8.20
CA SER B 763 -34.94 -7.42 8.82
C SER B 763 -35.59 -7.59 10.19
N ILE B 764 -35.78 -8.85 10.57
CA ILE B 764 -36.43 -9.18 11.83
C ILE B 764 -35.40 -9.05 12.95
N VAL B 765 -35.32 -7.87 13.55
CA VAL B 765 -34.28 -7.57 14.52
C VAL B 765 -34.76 -7.98 15.91
N ALA B 766 -33.89 -8.64 16.67
CA ALA B 766 -34.17 -9.05 18.04
C ALA B 766 -33.14 -8.38 18.95
N ILE B 767 -33.59 -7.40 19.74
CA ILE B 767 -32.70 -6.73 20.68
C ILE B 767 -32.50 -7.65 21.87
N ALA B 768 -31.27 -8.15 22.04
CA ALA B 768 -30.97 -9.08 23.11
C ALA B 768 -29.47 -9.36 23.06
N SER B 769 -28.99 -10.06 24.09
CA SER B 769 -27.62 -10.52 24.17
C SER B 769 -27.68 -12.02 24.14
N TYR B 770 -27.67 -12.58 22.93
CA TYR B 770 -27.74 -14.02 22.78
C TYR B 770 -26.49 -14.69 23.34
N THR B 771 -25.34 -14.50 22.68
CA THR B 771 -24.12 -15.19 23.03
C THR B 771 -23.08 -14.28 23.67
N GLY B 772 -22.88 -13.09 23.13
CA GLY B 772 -21.89 -12.18 23.67
C GLY B 772 -21.13 -11.48 22.58
N TYR B 773 -21.10 -12.08 21.38
CA TYR B 773 -20.39 -11.47 20.27
C TYR B 773 -21.05 -10.20 19.76
N ASN B 774 -22.12 -9.73 20.40
CA ASN B 774 -22.75 -8.46 20.05
C ASN B 774 -22.87 -7.57 21.27
N GLN B 775 -21.80 -7.45 22.04
CA GLN B 775 -21.95 -6.79 23.33
C GLN B 775 -21.61 -5.31 23.28
N GLU B 776 -20.51 -4.92 22.65
CA GLU B 776 -20.14 -3.51 22.61
C GLU B 776 -20.38 -2.98 21.20
N ASP B 777 -21.64 -2.67 20.92
CA ASP B 777 -22.04 -2.06 19.66
C ASP B 777 -21.70 -2.96 18.47
N SER B 778 -22.22 -4.18 18.52
CA SER B 778 -22.00 -5.15 17.46
C SER B 778 -23.28 -5.95 17.26
N VAL B 779 -23.33 -6.68 16.15
CA VAL B 779 -24.53 -7.40 15.79
C VAL B 779 -24.18 -8.83 15.40
N ILE B 780 -25.17 -9.69 15.48
CA ILE B 780 -25.07 -11.09 15.06
C ILE B 780 -26.04 -11.27 13.90
N MET B 781 -25.52 -11.63 12.74
CA MET B 781 -26.36 -11.83 11.57
C MET B 781 -26.65 -13.31 11.38
N ASN B 782 -27.64 -13.58 10.56
CA ASN B 782 -28.09 -14.93 10.30
C ASN B 782 -27.32 -15.47 9.10
N ARG B 783 -26.54 -16.53 9.31
CA ARG B 783 -25.77 -17.08 8.22
C ARG B 783 -26.69 -17.55 7.10
N SER B 784 -27.79 -18.19 7.45
CA SER B 784 -28.74 -18.62 6.42
C SER B 784 -29.33 -17.42 5.70
N ALA B 785 -29.63 -16.35 6.44
CA ALA B 785 -30.16 -15.16 5.79
C ALA B 785 -29.20 -14.68 4.70
N VAL B 786 -27.91 -14.65 5.03
CA VAL B 786 -26.92 -14.24 4.05
C VAL B 786 -26.87 -15.21 2.88
N ASP B 787 -26.89 -16.52 3.17
CA ASP B 787 -26.90 -17.51 2.10
C ASP B 787 -28.04 -17.26 1.13
N ARG B 788 -29.19 -16.85 1.65
CA ARG B 788 -30.36 -16.60 0.82
C ARG B 788 -30.28 -15.27 0.07
N GLY B 789 -29.26 -14.46 0.35
CA GLY B 789 -29.15 -13.16 -0.28
C GLY B 789 -29.60 -12.02 0.61
N PHE B 790 -29.19 -12.06 1.88
CA PHE B 790 -29.51 -11.00 2.84
C PHE B 790 -28.44 -9.92 2.70
N PHE B 791 -28.86 -8.73 2.24
CA PHE B 791 -27.97 -7.58 2.13
C PHE B 791 -26.82 -7.83 1.16
N ARG B 792 -26.95 -8.80 0.27
CA ARG B 792 -25.85 -9.11 -0.63
C ARG B 792 -25.74 -8.00 -1.68
N SER B 793 -24.63 -7.28 -1.67
CA SER B 793 -24.44 -6.15 -2.57
C SER B 793 -23.31 -6.45 -3.54
N VAL B 794 -23.05 -5.50 -4.44
CA VAL B 794 -22.02 -5.67 -5.45
C VAL B 794 -21.12 -4.44 -5.46
N PHE B 795 -19.85 -4.65 -5.81
CA PHE B 795 -18.86 -3.60 -5.81
C PHE B 795 -18.25 -3.47 -7.21
N TYR B 796 -18.43 -2.31 -7.82
CA TYR B 796 -17.83 -2.01 -9.11
C TYR B 796 -16.59 -1.16 -8.91
N ARG B 797 -15.69 -1.22 -9.88
CA ARG B 797 -14.50 -0.36 -9.89
C ARG B 797 -14.11 -0.12 -11.35
N SER B 798 -14.23 1.13 -11.78
CA SER B 798 -13.92 1.49 -13.16
C SER B 798 -12.44 1.81 -13.32
N TYR B 799 -11.99 1.81 -14.57
CA TYR B 799 -10.61 2.17 -14.89
C TYR B 799 -10.57 3.07 -16.12
N LYS B 800 -9.66 4.03 -16.12
CA LYS B 800 -9.50 4.96 -17.22
C LYS B 800 -8.06 4.89 -17.70
N GLU B 801 -7.88 4.78 -19.02
CA GLU B 801 -6.56 4.69 -19.61
C GLU B 801 -6.67 5.01 -21.10
N GLN B 802 -5.78 5.86 -21.59
CA GLN B 802 -5.73 6.18 -23.00
C GLN B 802 -4.28 6.33 -23.41
N GLU B 803 -4.03 6.14 -24.70
CA GLU B 803 -2.70 6.31 -25.27
C GLU B 803 -2.51 7.75 -25.72
N SER B 804 -1.25 8.17 -25.80
CA SER B 804 -0.93 9.54 -26.17
C SER B 804 0.48 9.57 -26.72
N LYS B 805 0.80 10.67 -27.40
CA LYS B 805 2.13 10.88 -27.97
C LYS B 805 2.99 11.52 -26.91
N LYS B 806 3.75 10.69 -26.20
CA LYS B 806 4.63 11.20 -25.15
C LYS B 806 5.66 12.16 -25.70
N GLY B 807 6.28 11.82 -26.82
CA GLY B 807 7.30 12.67 -27.41
C GLY B 807 7.53 12.27 -28.84
N PHE B 808 8.54 12.91 -29.44
CA PHE B 808 8.82 12.66 -30.85
C PHE B 808 9.19 11.20 -31.08
N ASP B 809 9.99 10.62 -30.19
CA ASP B 809 10.32 9.20 -30.26
C ASP B 809 9.45 8.34 -29.35
N GLN B 810 8.93 8.91 -28.26
CA GLN B 810 8.10 8.14 -27.33
C GLN B 810 6.66 8.09 -27.82
N GLU B 811 6.04 6.92 -27.72
CA GLU B 811 4.69 6.72 -28.19
C GLU B 811 4.11 5.47 -27.56
N GLU B 812 2.83 5.54 -27.16
CA GLU B 812 2.16 4.41 -26.53
C GLU B 812 1.22 3.74 -27.51
N VAL B 813 0.93 2.46 -27.26
CA VAL B 813 0.06 1.68 -28.13
C VAL B 813 -0.38 0.45 -27.37
N PHE B 814 -1.61 0.01 -27.62
CA PHE B 814 -2.15 -1.18 -26.96
C PHE B 814 -1.65 -2.42 -27.69
N GLU B 815 -1.00 -3.31 -26.96
CA GLU B 815 -0.44 -4.49 -27.59
C GLU B 815 0.06 -5.43 -26.51
N LYS B 816 -0.10 -6.71 -26.73
CA LYS B 816 0.33 -7.67 -25.72
C LYS B 816 1.83 -7.60 -25.56
N PRO B 817 2.34 -7.22 -24.40
CA PRO B 817 3.81 -7.19 -24.25
C PRO B 817 4.37 -8.60 -24.17
N THR B 818 5.07 -9.02 -25.22
CA THR B 818 5.61 -10.37 -25.25
C THR B 818 6.85 -10.45 -24.37
N ARG B 819 7.38 -11.67 -24.24
CA ARG B 819 8.52 -11.95 -23.38
C ARG B 819 9.85 -11.60 -24.01
N GLU B 820 9.87 -11.19 -25.28
CA GLU B 820 11.12 -10.99 -26.01
C GLU B 820 11.38 -9.51 -26.30
N THR B 821 10.46 -8.83 -26.96
CA THR B 821 10.72 -7.46 -27.38
C THR B 821 10.63 -6.48 -26.22
N CYS B 822 9.68 -6.68 -25.31
CA CYS B 822 9.50 -5.76 -24.20
C CYS B 822 10.57 -6.00 -23.14
N GLN B 823 11.37 -4.98 -22.87
CA GLN B 823 12.40 -5.09 -21.84
C GLN B 823 11.79 -4.91 -20.45
N GLY B 824 11.23 -3.74 -20.19
CA GLY B 824 10.48 -3.53 -18.95
C GLY B 824 9.22 -4.38 -18.98
N MET B 825 9.05 -5.24 -17.98
CA MET B 825 7.92 -6.15 -17.95
C MET B 825 7.72 -6.63 -16.53
N ARG B 826 6.47 -6.94 -16.20
CA ARG B 826 6.12 -7.44 -14.88
C ARG B 826 6.14 -8.97 -14.87
N HIS B 827 6.23 -9.53 -13.67
CA HIS B 827 6.22 -10.97 -13.49
C HIS B 827 4.79 -11.46 -13.27
N ALA B 828 3.93 -11.15 -14.24
CA ALA B 828 2.51 -11.49 -14.18
C ALA B 828 2.07 -12.08 -15.50
N ILE B 829 0.91 -12.73 -15.48
CA ILE B 829 0.34 -13.33 -16.68
C ILE B 829 -0.18 -12.23 -17.59
N TYR B 830 0.10 -12.36 -18.88
CA TYR B 830 -0.41 -11.44 -19.87
C TYR B 830 -1.34 -12.07 -20.88
N ASP B 831 -1.21 -13.37 -21.14
CA ASP B 831 -2.05 -14.00 -22.14
C ASP B 831 -3.53 -13.97 -21.75
N LYS B 832 -3.84 -13.57 -20.52
CA LYS B 832 -5.23 -13.56 -20.09
C LYS B 832 -6.09 -12.65 -20.95
N LEU B 833 -5.51 -11.56 -21.45
CA LEU B 833 -6.24 -10.66 -22.34
C LEU B 833 -6.04 -11.08 -23.80
N ASP B 834 -6.90 -10.55 -24.66
CA ASP B 834 -6.84 -10.87 -26.07
C ASP B 834 -5.79 -10.03 -26.77
N ASP B 835 -5.62 -10.26 -28.07
CA ASP B 835 -4.57 -9.60 -28.84
C ASP B 835 -4.74 -8.09 -28.85
N ASP B 836 -5.97 -7.60 -28.84
CA ASP B 836 -6.18 -6.16 -28.90
C ASP B 836 -5.63 -5.45 -27.67
N GLY B 837 -5.39 -6.18 -26.58
CA GLY B 837 -4.79 -5.63 -25.39
C GLY B 837 -5.76 -5.29 -24.29
N LEU B 838 -7.06 -5.38 -24.53
CA LEU B 838 -8.08 -5.09 -23.53
C LEU B 838 -8.68 -6.40 -23.06
N ILE B 839 -8.68 -6.61 -21.74
CA ILE B 839 -9.22 -7.85 -21.20
C ILE B 839 -10.69 -7.94 -21.56
N ALA B 840 -11.10 -9.09 -22.08
CA ALA B 840 -12.48 -9.27 -22.50
C ALA B 840 -13.39 -9.34 -21.28
N PRO B 841 -14.67 -9.00 -21.44
CA PRO B 841 -15.60 -9.06 -20.30
C PRO B 841 -15.82 -10.47 -19.81
N GLY B 842 -16.23 -10.57 -18.56
CA GLY B 842 -16.53 -11.86 -17.97
C GLY B 842 -15.33 -12.77 -17.85
N VAL B 843 -14.21 -12.23 -17.39
CA VAL B 843 -12.98 -12.99 -17.22
C VAL B 843 -12.52 -12.84 -15.77
N ARG B 844 -12.18 -13.96 -15.16
CA ARG B 844 -11.66 -13.92 -13.80
C ARG B 844 -10.37 -13.11 -13.76
N VAL B 845 -10.29 -12.21 -12.77
CA VAL B 845 -9.09 -11.44 -12.52
C VAL B 845 -8.79 -11.51 -11.03
N SER B 846 -7.54 -11.24 -10.68
CA SER B 846 -7.12 -11.18 -9.30
C SER B 846 -6.15 -10.01 -9.14
N GLY B 847 -5.67 -9.82 -7.92
CA GLY B 847 -4.74 -8.74 -7.66
C GLY B 847 -3.46 -8.91 -8.46
N ASP B 848 -2.90 -7.77 -8.86
CA ASP B 848 -1.64 -7.76 -9.62
C ASP B 848 -1.78 -8.57 -10.92
N ASP B 849 -2.77 -8.21 -11.73
CA ASP B 849 -2.98 -8.80 -13.04
C ASP B 849 -3.14 -7.69 -14.07
N VAL B 850 -2.64 -7.94 -15.27
CA VAL B 850 -2.66 -6.93 -16.32
C VAL B 850 -4.08 -6.81 -16.85
N ILE B 851 -4.59 -5.58 -16.89
CA ILE B 851 -5.93 -5.32 -17.40
C ILE B 851 -5.89 -4.64 -18.78
N ILE B 852 -4.84 -3.89 -19.08
CA ILE B 852 -4.71 -3.22 -20.36
C ILE B 852 -3.29 -3.42 -20.86
N GLY B 853 -3.14 -3.74 -22.14
CA GLY B 853 -1.85 -4.03 -22.71
C GLY B 853 -1.14 -2.84 -23.32
N LYS B 854 -0.91 -1.80 -22.53
CA LYS B 854 -0.21 -0.61 -23.00
C LYS B 854 1.29 -0.86 -22.99
N THR B 855 1.96 -0.53 -24.10
CA THR B 855 3.40 -0.57 -24.21
C THR B 855 3.87 0.71 -24.88
N VAL B 856 4.96 1.27 -24.37
CA VAL B 856 5.53 2.49 -24.90
C VAL B 856 6.90 2.16 -25.50
N THR B 857 7.11 2.57 -26.74
CA THR B 857 8.37 2.32 -27.42
C THR B 857 9.44 3.27 -26.90
N LEU B 858 10.63 2.72 -26.68
CA LEU B 858 11.75 3.51 -26.16
C LEU B 858 12.29 4.46 -27.23
N THR B 873 12.94 -3.09 -26.46
CA THR B 873 12.54 -2.04 -27.40
C THR B 873 11.32 -1.29 -26.86
N LYS B 874 10.38 -2.03 -26.29
CA LYS B 874 9.18 -1.45 -25.68
C LYS B 874 9.22 -1.64 -24.17
N ARG B 875 8.61 -0.70 -23.47
CA ARG B 875 8.50 -0.73 -22.02
C ARG B 875 7.04 -0.99 -21.66
N ASP B 876 6.82 -1.90 -20.71
CA ASP B 876 5.47 -2.30 -20.31
C ASP B 876 4.91 -1.28 -19.33
N CYS B 877 4.42 -0.17 -19.88
CA CYS B 877 3.79 0.89 -19.10
C CYS B 877 2.27 0.68 -19.05
N SER B 878 1.88 -0.44 -18.46
CA SER B 878 0.48 -0.89 -18.46
C SER B 878 -0.04 -0.97 -17.03
N THR B 879 -1.34 -0.79 -16.86
CA THR B 879 -1.92 -0.79 -15.53
C THR B 879 -2.38 -2.19 -15.13
N PHE B 880 -2.34 -2.44 -13.83
CA PHE B 880 -2.74 -3.71 -13.26
C PHE B 880 -3.85 -3.48 -12.25
N LEU B 881 -4.66 -4.51 -12.04
CA LEU B 881 -5.69 -4.45 -11.01
C LEU B 881 -5.05 -4.28 -9.64
N ARG B 882 -5.65 -3.43 -8.82
CA ARG B 882 -5.13 -3.16 -7.49
C ARG B 882 -5.07 -4.45 -6.67
N THR B 883 -4.11 -4.52 -5.76
CA THR B 883 -3.99 -5.70 -4.91
C THR B 883 -5.23 -5.87 -4.06
N SER B 884 -5.63 -7.13 -3.85
CA SER B 884 -6.78 -7.46 -3.01
C SER B 884 -8.08 -6.89 -3.60
N GLU B 885 -8.30 -7.14 -4.89
CA GLU B 885 -9.55 -6.75 -5.53
C GLU B 885 -10.35 -7.96 -5.99
N THR B 886 -9.76 -8.85 -6.78
CA THR B 886 -10.32 -10.16 -7.04
C THR B 886 -11.76 -10.05 -7.55
N GLY B 887 -11.89 -9.44 -8.73
CA GLY B 887 -13.20 -9.21 -9.31
C GLY B 887 -13.43 -9.94 -10.62
N ILE B 888 -14.44 -9.51 -11.37
CA ILE B 888 -14.72 -10.04 -12.71
C ILE B 888 -15.08 -8.87 -13.61
N VAL B 889 -14.63 -8.91 -14.86
CA VAL B 889 -14.76 -7.77 -15.76
C VAL B 889 -16.20 -7.69 -16.26
N ASP B 890 -16.84 -6.55 -16.04
CA ASP B 890 -18.22 -6.37 -16.43
C ASP B 890 -18.34 -6.05 -17.91
N GLN B 891 -17.79 -4.93 -18.32
CA GLN B 891 -17.82 -4.54 -19.72
C GLN B 891 -16.61 -3.67 -20.01
N VAL B 892 -16.25 -3.61 -21.29
CA VAL B 892 -15.08 -2.87 -21.74
C VAL B 892 -15.54 -1.84 -22.75
N MET B 893 -15.22 -0.58 -22.50
CA MET B 893 -15.64 0.51 -23.36
C MET B 893 -14.41 1.11 -24.02
N VAL B 894 -14.48 1.26 -25.33
CA VAL B 894 -13.39 1.85 -26.10
C VAL B 894 -13.95 2.98 -26.94
N THR B 895 -13.26 4.12 -26.94
CA THR B 895 -13.70 5.28 -27.70
C THR B 895 -12.51 6.20 -27.91
N LEU B 896 -12.78 7.38 -28.44
CA LEU B 896 -11.77 8.39 -28.72
C LEU B 896 -12.03 9.61 -27.86
N ASN B 897 -11.00 10.08 -27.17
CA ASN B 897 -11.12 11.26 -26.34
C ASN B 897 -11.14 12.50 -27.22
N GLN B 898 -11.18 13.67 -26.58
CA GLN B 898 -11.19 14.92 -27.34
C GLN B 898 -9.94 15.02 -28.20
N GLU B 899 -8.79 14.57 -27.68
CA GLU B 899 -7.56 14.61 -28.46
C GLU B 899 -7.58 13.64 -29.62
N GLY B 900 -8.47 12.65 -29.61
CA GLY B 900 -8.58 11.71 -30.70
C GLY B 900 -7.81 10.42 -30.51
N TYR B 901 -7.17 10.22 -29.37
CA TYR B 901 -6.43 8.99 -29.13
C TYR B 901 -7.38 7.90 -28.62
N LYS B 902 -6.90 6.67 -28.64
CA LYS B 902 -7.71 5.54 -28.20
C LYS B 902 -7.86 5.57 -26.69
N PHE B 903 -9.07 5.84 -26.21
CA PHE B 903 -9.35 5.94 -24.80
C PHE B 903 -10.36 4.87 -24.43
N CYS B 904 -10.01 4.05 -23.45
CA CYS B 904 -10.81 2.89 -23.08
C CYS B 904 -11.10 2.92 -21.59
N LYS B 905 -12.26 2.42 -21.21
CA LYS B 905 -12.63 2.30 -19.80
C LYS B 905 -13.09 0.89 -19.51
N ILE B 906 -12.65 0.37 -18.38
CA ILE B 906 -12.95 -0.99 -17.97
C ILE B 906 -13.46 -0.92 -16.54
N ARG B 907 -14.51 -1.66 -16.24
CA ARG B 907 -15.04 -1.76 -14.89
C ARG B 907 -15.16 -3.21 -14.50
N VAL B 908 -14.77 -3.49 -13.26
CA VAL B 908 -14.79 -4.84 -12.71
C VAL B 908 -15.80 -4.86 -11.59
N ARG B 909 -16.65 -5.87 -11.58
CA ARG B 909 -17.63 -6.05 -10.53
C ARG B 909 -17.14 -7.09 -9.54
N SER B 910 -17.65 -7.02 -8.32
CA SER B 910 -17.29 -7.98 -7.29
C SER B 910 -18.49 -8.21 -6.40
N VAL B 911 -18.85 -9.47 -6.20
CA VAL B 911 -19.96 -9.84 -5.34
C VAL B 911 -19.46 -9.86 -3.90
N ARG B 912 -19.90 -8.90 -3.11
CA ARG B 912 -19.47 -8.78 -1.72
C ARG B 912 -20.49 -9.45 -0.82
N ILE B 913 -20.23 -10.69 -0.44
CA ILE B 913 -21.08 -11.39 0.53
C ILE B 913 -20.90 -10.71 1.89
N PRO B 914 -21.98 -10.47 2.64
CA PRO B 914 -21.81 -9.93 4.01
C PRO B 914 -21.04 -10.89 4.89
N GLN B 915 -19.92 -10.40 5.44
CA GLN B 915 -19.09 -11.16 6.36
C GLN B 915 -18.85 -10.34 7.61
N ILE B 916 -18.24 -10.97 8.61
CA ILE B 916 -18.01 -10.27 9.87
C ILE B 916 -17.05 -9.12 9.63
N GLY B 917 -17.20 -8.08 10.44
CA GLY B 917 -16.46 -6.85 10.26
C GLY B 917 -17.17 -5.82 9.42
N ASP B 918 -18.15 -6.22 8.61
CA ASP B 918 -18.90 -5.26 7.81
C ASP B 918 -19.69 -4.33 8.72
N LYS B 919 -19.78 -3.07 8.35
CA LYS B 919 -20.39 -2.06 9.20
C LYS B 919 -21.84 -1.82 8.76
N PHE B 920 -22.78 -2.11 9.65
CA PHE B 920 -24.20 -1.86 9.44
C PHE B 920 -24.65 -0.71 10.33
N ALA B 921 -25.87 -0.24 10.08
CA ALA B 921 -26.45 0.80 10.93
C ALA B 921 -27.93 0.88 10.64
N SER B 922 -28.71 1.05 11.70
CA SER B 922 -30.14 1.28 11.56
C SER B 922 -30.36 2.75 11.21
N ARG B 923 -31.62 3.19 11.23
CA ARG B 923 -31.96 4.57 10.92
C ARG B 923 -31.97 5.46 12.16
N HIS B 924 -31.29 5.04 13.22
CA HIS B 924 -31.32 5.77 14.48
C HIS B 924 -29.92 5.95 15.06
N GLY B 925 -28.87 5.74 14.28
CA GLY B 925 -27.53 5.93 14.75
C GLY B 925 -26.92 4.77 15.48
N GLN B 926 -27.55 3.60 15.44
CA GLN B 926 -27.05 2.42 16.15
C GLN B 926 -26.07 1.66 15.25
N LYS B 927 -24.97 2.32 14.93
CA LYS B 927 -23.97 1.70 14.09
C LYS B 927 -23.44 0.44 14.76
N GLY B 928 -22.71 -0.35 14.01
CA GLY B 928 -22.13 -1.57 14.53
C GLY B 928 -21.51 -2.39 13.43
N THR B 929 -20.77 -3.41 13.84
CA THR B 929 -20.08 -4.29 12.92
C THR B 929 -20.45 -5.73 13.22
N CYS B 930 -20.79 -6.47 12.16
CA CYS B 930 -21.16 -7.87 12.33
C CYS B 930 -20.06 -8.61 13.06
N GLY B 931 -20.37 -9.12 14.24
CA GLY B 931 -19.38 -9.78 15.05
C GLY B 931 -19.19 -11.22 14.63
N ILE B 932 -20.27 -11.99 14.66
CA ILE B 932 -20.25 -13.38 14.25
C ILE B 932 -21.58 -13.69 13.57
N GLN B 933 -21.57 -14.73 12.75
CA GLN B 933 -22.76 -15.16 12.03
C GLN B 933 -23.07 -16.60 12.42
N TYR B 934 -24.33 -16.88 12.73
CA TYR B 934 -24.79 -18.21 13.08
C TYR B 934 -25.75 -18.74 12.04
N ARG B 935 -25.77 -20.06 11.89
CA ARG B 935 -26.74 -20.71 11.02
C ARG B 935 -28.11 -20.79 11.70
N GLN B 936 -29.15 -20.92 10.88
CA GLN B 936 -30.51 -20.89 11.40
C GLN B 936 -30.70 -21.89 12.54
N GLU B 937 -30.09 -23.05 12.43
CA GLU B 937 -30.21 -24.05 13.48
C GLU B 937 -29.77 -23.50 14.81
N ASP B 938 -28.88 -22.52 14.82
CA ASP B 938 -28.30 -21.99 16.05
C ASP B 938 -28.96 -20.70 16.52
N MET B 939 -29.47 -19.87 15.62
CA MET B 939 -30.15 -18.67 16.05
C MET B 939 -31.38 -19.05 16.86
N PRO B 940 -31.77 -18.23 17.83
CA PRO B 940 -32.98 -18.53 18.60
C PRO B 940 -34.21 -18.53 17.71
N PHE B 941 -35.38 -18.81 18.26
CA PHE B 941 -36.58 -18.81 17.44
C PHE B 941 -37.80 -18.57 18.32
N THR B 942 -38.82 -17.97 17.72
CA THR B 942 -40.08 -17.71 18.40
C THR B 942 -40.88 -19.00 18.51
N CYS B 943 -42.13 -18.89 18.95
CA CYS B 943 -42.98 -20.07 19.01
C CYS B 943 -43.07 -20.75 17.65
N GLU B 944 -43.03 -19.97 16.58
CA GLU B 944 -42.92 -20.49 15.24
C GLU B 944 -41.56 -20.14 14.67
N GLY B 945 -41.24 -20.73 13.52
CA GLY B 945 -39.89 -20.67 13.02
C GLY B 945 -39.47 -19.32 12.49
N ILE B 946 -39.46 -18.31 13.35
CA ILE B 946 -39.08 -16.95 12.96
C ILE B 946 -37.78 -16.66 13.68
N THR B 947 -36.68 -16.91 13.01
CA THR B 947 -35.39 -16.67 13.64
C THR B 947 -34.94 -15.23 13.35
N PRO B 948 -34.51 -14.47 14.36
CA PRO B 948 -34.12 -13.09 14.10
C PRO B 948 -33.03 -13.05 13.05
N ASP B 949 -32.94 -11.92 12.36
CA ASP B 949 -31.90 -11.74 11.36
C ASP B 949 -30.75 -10.86 11.85
N ILE B 950 -31.00 -10.02 12.85
CA ILE B 950 -29.98 -9.18 13.45
C ILE B 950 -30.26 -9.11 14.95
N ILE B 951 -29.19 -9.06 15.74
CA ILE B 951 -29.29 -9.01 17.20
C ILE B 951 -28.34 -7.93 17.67
N ILE B 952 -28.90 -6.77 18.07
CA ILE B 952 -28.08 -5.68 18.59
C ILE B 952 -27.94 -5.84 20.10
N ASN B 953 -27.08 -5.03 20.68
CA ASN B 953 -26.87 -5.07 22.13
C ASN B 953 -27.96 -4.27 22.83
N PRO B 954 -28.65 -4.84 23.82
CA PRO B 954 -29.61 -4.02 24.58
C PRO B 954 -28.96 -2.81 25.21
N HIS B 955 -27.72 -2.92 25.68
CA HIS B 955 -27.09 -1.81 26.38
C HIS B 955 -26.90 -0.59 25.51
N ALA B 956 -27.04 -0.73 24.19
CA ALA B 956 -26.92 0.42 23.31
C ALA B 956 -28.09 1.39 23.44
N ILE B 957 -29.21 0.95 24.00
CA ILE B 957 -30.42 1.77 24.04
C ILE B 957 -30.34 2.80 25.17
N PRO B 958 -30.16 2.39 26.43
CA PRO B 958 -30.34 3.36 27.53
C PRO B 958 -29.40 4.53 27.49
N SER B 959 -28.11 4.29 27.21
CA SER B 959 -27.17 5.40 27.17
C SER B 959 -27.50 6.36 26.04
N ARG B 960 -27.90 5.82 24.89
CA ARG B 960 -28.11 6.65 23.71
C ARG B 960 -29.52 7.20 23.60
N MET B 961 -30.48 6.63 24.32
CA MET B 961 -31.84 7.15 24.31
C MET B 961 -32.37 7.24 22.88
N THR B 962 -32.56 6.06 22.28
CA THR B 962 -33.05 5.99 20.91
C THR B 962 -34.41 5.30 20.87
N ILE B 963 -35.30 5.69 21.77
CA ILE B 963 -36.62 5.09 21.87
C ILE B 963 -37.29 5.04 20.50
N GLY B 964 -36.95 6.00 19.64
CA GLY B 964 -37.49 5.98 18.30
C GLY B 964 -37.25 4.66 17.61
N HIS B 965 -36.10 4.03 17.87
CA HIS B 965 -35.82 2.73 17.30
C HIS B 965 -36.85 1.69 17.76
N LEU B 966 -37.16 1.70 19.05
CA LEU B 966 -38.14 0.75 19.57
C LEU B 966 -39.53 1.01 18.98
N ILE B 967 -39.91 2.28 18.89
CA ILE B 967 -41.21 2.59 18.29
C ILE B 967 -41.24 2.10 16.85
N GLU B 968 -40.15 2.30 16.12
CA GLU B 968 -40.08 1.81 14.75
C GLU B 968 -40.29 0.31 14.71
N CYS B 969 -39.62 -0.43 15.59
CA CYS B 969 -39.75 -1.87 15.56
C CYS B 969 -41.18 -2.31 15.86
N LEU B 970 -41.81 -1.70 16.87
CA LEU B 970 -43.18 -2.08 17.21
C LEU B 970 -44.11 -1.81 16.05
N GLN B 971 -44.07 -0.59 15.52
CA GLN B 971 -44.96 -0.25 14.42
C GLN B 971 -44.67 -1.09 13.19
N GLY B 972 -43.41 -1.49 13.00
CA GLY B 972 -43.09 -2.35 11.87
C GLY B 972 -43.73 -3.71 12.01
N LYS B 973 -43.69 -4.29 13.21
CA LYS B 973 -44.38 -5.55 13.44
C LYS B 973 -45.87 -5.41 13.14
N VAL B 974 -46.47 -4.32 13.61
CA VAL B 974 -47.89 -4.12 13.36
C VAL B 974 -48.16 -4.03 11.86
N SER B 975 -47.37 -3.23 11.16
CA SER B 975 -47.60 -3.06 9.73
C SER B 975 -47.45 -4.38 9.00
N ALA B 976 -46.41 -5.14 9.33
CA ALA B 976 -46.24 -6.45 8.70
C ALA B 976 -47.48 -7.29 8.87
N ASN B 977 -47.99 -7.39 10.10
CA ASN B 977 -49.15 -8.25 10.33
C ASN B 977 -50.38 -7.73 9.58
N LYS B 978 -50.68 -6.43 9.73
CA LYS B 978 -51.83 -5.87 9.04
C LYS B 978 -51.70 -6.07 7.54
N GLY B 979 -50.57 -5.66 6.99
CA GLY B 979 -50.31 -5.87 5.58
C GLY B 979 -50.22 -4.57 4.81
N GLU B 980 -49.84 -3.49 5.47
CA GLU B 980 -49.70 -2.23 4.77
C GLU B 980 -48.75 -1.33 5.54
N ILE B 981 -48.11 -0.42 4.79
CA ILE B 981 -47.05 0.40 5.34
C ILE B 981 -47.60 1.35 6.39
N GLY B 982 -46.88 1.46 7.51
CA GLY B 982 -47.27 2.34 8.60
C GLY B 982 -46.61 3.71 8.48
N ASP B 983 -47.12 4.64 9.28
CA ASP B 983 -46.70 6.02 9.22
C ASP B 983 -45.82 6.35 10.41
N ALA B 984 -44.79 7.18 10.17
CA ALA B 984 -43.87 7.61 11.21
C ALA B 984 -43.47 9.07 11.04
N THR B 985 -44.40 9.89 10.57
CA THR B 985 -44.13 11.31 10.46
C THR B 985 -43.75 11.87 11.82
N PRO B 986 -42.79 12.80 11.91
CA PRO B 986 -42.32 13.26 13.21
C PRO B 986 -43.43 13.70 14.15
N PHE B 987 -44.16 14.74 13.80
CA PHE B 987 -45.17 15.33 14.67
C PHE B 987 -46.54 15.01 14.09
N ASN B 988 -47.21 14.03 14.68
CA ASN B 988 -48.47 13.53 14.15
C ASN B 988 -49.63 13.69 15.11
N ASP B 989 -49.38 13.76 16.42
CA ASP B 989 -50.39 13.89 17.46
C ASP B 989 -51.39 12.75 17.47
N ALA B 990 -51.25 11.77 16.58
CA ALA B 990 -52.20 10.66 16.53
C ALA B 990 -51.49 9.31 16.46
N VAL B 991 -50.19 9.28 16.74
CA VAL B 991 -49.42 8.04 16.79
C VAL B 991 -48.70 8.03 18.13
N ASN B 992 -49.27 7.37 19.12
CA ASN B 992 -48.60 7.12 20.38
C ASN B 992 -48.28 5.64 20.48
N VAL B 993 -47.66 5.27 21.60
CA VAL B 993 -47.33 3.87 21.81
C VAL B 993 -48.54 3.10 22.27
N GLN B 994 -49.45 3.72 23.03
CA GLN B 994 -50.57 2.98 23.57
C GLN B 994 -51.46 2.45 22.45
N LYS B 995 -51.77 3.30 21.47
CA LYS B 995 -52.61 2.87 20.37
C LYS B 995 -51.93 1.80 19.52
N ILE B 996 -50.64 1.97 19.24
CA ILE B 996 -49.93 0.97 18.45
C ILE B 996 -49.95 -0.37 19.18
N SER B 997 -49.70 -0.35 20.48
CA SER B 997 -49.79 -1.59 21.25
C SER B 997 -51.18 -2.19 21.15
N ASN B 998 -52.21 -1.37 21.35
CA ASN B 998 -53.58 -1.88 21.29
C ASN B 998 -53.80 -2.61 19.97
N LEU B 999 -53.33 -2.03 18.87
CA LEU B 999 -53.48 -2.69 17.59
C LEU B 999 -52.74 -4.03 17.58
N LEU B 1000 -51.48 -4.02 18.00
CA LEU B 1000 -50.69 -5.25 17.95
C LEU B 1000 -51.35 -6.36 18.76
N SER B 1001 -51.98 -6.01 19.87
CA SER B 1001 -52.57 -7.03 20.73
C SER B 1001 -53.69 -7.78 20.04
N ASP B 1002 -54.20 -7.27 18.92
CA ASP B 1002 -55.24 -7.95 18.16
C ASP B 1002 -54.67 -8.92 17.13
N TYR B 1003 -53.41 -9.35 17.30
CA TYR B 1003 -52.86 -10.39 16.44
C TYR B 1003 -52.17 -11.49 17.22
N GLY B 1004 -52.56 -11.71 18.48
CA GLY B 1004 -51.95 -12.78 19.25
C GLY B 1004 -50.52 -12.51 19.61
N TYR B 1005 -50.14 -11.24 19.76
CA TYR B 1005 -48.79 -10.87 20.14
C TYR B 1005 -48.83 -9.96 21.36
N HIS B 1006 -47.78 -10.05 22.17
CA HIS B 1006 -47.70 -9.21 23.35
C HIS B 1006 -47.85 -7.76 22.94
N LEU B 1007 -48.70 -7.02 23.65
CA LEU B 1007 -48.97 -5.64 23.27
C LEU B 1007 -47.72 -4.79 23.22
N ARG B 1008 -46.66 -5.19 23.92
CA ARG B 1008 -45.42 -4.43 23.94
C ARG B 1008 -44.39 -4.94 22.95
N GLY B 1009 -44.66 -6.01 22.22
CA GLY B 1009 -43.76 -6.51 21.20
C GLY B 1009 -42.83 -7.62 21.66
N ASN B 1010 -42.63 -7.79 22.95
CA ASN B 1010 -41.80 -8.88 23.45
C ASN B 1010 -42.40 -10.22 23.05
N GLU B 1011 -41.54 -11.21 22.88
CA GLU B 1011 -41.98 -12.58 22.64
C GLU B 1011 -41.07 -13.54 23.36
N VAL B 1012 -41.52 -14.79 23.45
CA VAL B 1012 -40.78 -15.84 24.12
C VAL B 1012 -39.96 -16.57 23.09
N LEU B 1013 -38.64 -16.51 23.23
CA LEU B 1013 -37.74 -17.19 22.30
C LEU B 1013 -37.29 -18.51 22.91
N TYR B 1014 -36.49 -19.24 22.14
CA TYR B 1014 -35.98 -20.52 22.55
C TYR B 1014 -34.48 -20.54 22.31
N ASN B 1015 -33.72 -20.97 23.31
CA ASN B 1015 -32.27 -21.07 23.15
C ASN B 1015 -31.99 -21.91 21.93
N GLY B 1016 -31.36 -21.31 20.91
CA GLY B 1016 -31.11 -22.05 19.69
C GLY B 1016 -30.36 -23.34 19.91
N PHE B 1017 -29.46 -23.37 20.90
CA PHE B 1017 -28.61 -24.54 21.09
C PHE B 1017 -29.36 -25.67 21.77
N THR B 1018 -29.80 -25.45 23.01
CA THR B 1018 -30.40 -26.51 23.80
C THR B 1018 -31.90 -26.62 23.62
N GLY B 1019 -32.56 -25.56 23.18
CA GLY B 1019 -34.01 -25.59 23.04
C GLY B 1019 -34.77 -25.21 24.28
N ARG B 1020 -34.12 -24.69 25.30
CA ARG B 1020 -34.79 -24.23 26.49
C ARG B 1020 -35.26 -22.80 26.28
N LYS B 1021 -36.47 -22.51 26.72
CA LYS B 1021 -36.97 -21.15 26.69
C LYS B 1021 -35.98 -20.22 27.37
N ILE B 1022 -36.01 -18.95 26.98
CA ILE B 1022 -35.21 -17.93 27.63
C ILE B 1022 -36.07 -17.28 28.70
N THR B 1023 -35.54 -17.18 29.92
CA THR B 1023 -36.34 -16.68 31.02
C THR B 1023 -36.88 -15.29 30.71
N SER B 1024 -36.05 -14.40 30.20
CA SER B 1024 -36.52 -13.09 29.81
C SER B 1024 -37.23 -13.16 28.47
N GLN B 1025 -38.20 -12.26 28.26
CA GLN B 1025 -38.95 -12.23 27.02
C GLN B 1025 -38.28 -11.27 26.05
N ILE B 1026 -37.63 -11.83 25.03
CA ILE B 1026 -36.89 -11.00 24.09
C ILE B 1026 -37.82 -10.10 23.32
N PHE B 1027 -37.27 -9.00 22.81
CA PHE B 1027 -38.02 -8.02 22.03
C PHE B 1027 -37.60 -8.15 20.58
N ILE B 1028 -38.47 -8.71 19.75
CA ILE B 1028 -38.15 -9.03 18.37
C ILE B 1028 -39.21 -8.42 17.47
N GLY B 1029 -38.78 -7.87 16.34
CA GLY B 1029 -39.69 -7.34 15.35
C GLY B 1029 -39.01 -6.89 14.07
N PRO B 1030 -39.81 -6.56 13.04
CA PRO B 1030 -39.23 -5.99 11.83
C PRO B 1030 -38.66 -4.60 12.07
N THR B 1031 -37.54 -4.33 11.41
CA THR B 1031 -36.90 -3.02 11.52
C THR B 1031 -35.96 -2.83 10.34
N TYR B 1032 -35.90 -1.61 9.85
CA TYR B 1032 -35.24 -1.30 8.60
C TYR B 1032 -33.76 -1.05 8.87
N TYR B 1033 -32.90 -1.87 8.27
CA TYR B 1033 -31.46 -1.76 8.47
C TYR B 1033 -30.76 -1.45 7.15
N GLN B 1034 -29.69 -0.69 7.25
CA GLN B 1034 -28.87 -0.29 6.11
C GLN B 1034 -27.56 -1.04 6.13
N ARG B 1035 -26.78 -0.86 5.08
CA ARG B 1035 -25.42 -1.40 5.03
C ARG B 1035 -24.51 -0.31 4.48
N LEU B 1036 -23.51 0.06 5.26
CA LEU B 1036 -22.57 1.08 4.82
C LEU B 1036 -21.55 0.45 3.88
N LYS B 1037 -20.81 1.31 3.19
CA LYS B 1037 -19.81 0.81 2.26
C LYS B 1037 -18.54 0.34 2.96
N HIS B 1038 -18.40 0.58 4.25
CA HIS B 1038 -17.15 0.28 4.93
C HIS B 1038 -16.98 -1.23 5.08
N MET B 1039 -16.70 -1.92 3.98
CA MET B 1039 -16.41 -3.34 4.05
C MET B 1039 -15.07 -3.55 4.77
N VAL B 1040 -14.91 -4.74 5.32
CA VAL B 1040 -13.64 -5.07 5.97
C VAL B 1040 -12.54 -5.25 4.94
N ASP B 1041 -12.82 -5.94 3.84
CA ASP B 1041 -11.78 -6.28 2.89
C ASP B 1041 -11.14 -5.05 2.28
N ASP B 1042 -11.81 -3.90 2.30
CA ASP B 1042 -11.22 -2.68 1.79
C ASP B 1042 -10.33 -1.99 2.81
N LYS B 1043 -10.31 -2.45 4.06
CA LYS B 1043 -9.50 -1.83 5.10
C LYS B 1043 -8.37 -2.73 5.61
N ILE B 1044 -8.52 -4.05 5.51
CA ILE B 1044 -7.48 -4.94 6.01
C ILE B 1044 -6.18 -4.66 5.26
N HIS B 1045 -5.07 -4.69 5.99
CA HIS B 1045 -3.78 -4.34 5.42
C HIS B 1045 -2.68 -4.99 6.25
N SER B 1046 -1.54 -5.22 5.60
CA SER B 1046 -0.38 -5.79 6.27
C SER B 1046 0.86 -5.37 5.50
N ARG B 1047 2.03 -5.68 6.07
CA ARG B 1047 3.27 -5.32 5.42
C ARG B 1047 4.42 -6.13 5.99
N ALA B 1048 5.37 -6.47 5.11
CA ALA B 1048 6.64 -7.07 5.53
C ALA B 1048 7.68 -6.64 4.49
N ARG B 1049 8.44 -5.61 4.83
CA ARG B 1049 9.51 -5.10 3.97
C ARG B 1049 8.99 -4.82 2.56
N GLY B 1050 8.10 -3.85 2.47
CA GLY B 1050 7.50 -3.49 1.20
C GLY B 1050 8.36 -2.51 0.44
N PRO B 1051 7.80 -1.86 -0.58
CA PRO B 1051 8.55 -0.84 -1.30
C PRO B 1051 8.87 0.33 -0.39
N ILE B 1052 9.92 1.07 -0.75
CA ILE B 1052 10.46 2.15 0.06
C ILE B 1052 10.38 3.45 -0.74
N GLN B 1053 10.34 4.56 -0.02
CA GLN B 1053 10.32 5.86 -0.68
C GLN B 1053 11.68 6.16 -1.30
N ILE B 1054 11.74 7.25 -2.05
CA ILE B 1054 12.95 7.61 -2.78
C ILE B 1054 13.70 8.70 -2.03
N LEU B 1055 12.98 9.58 -1.35
CA LEU B 1055 13.63 10.68 -0.65
C LEU B 1055 14.24 10.22 0.67
N ASN B 1056 13.41 9.75 1.59
CA ASN B 1056 13.87 9.15 2.84
C ASN B 1056 13.52 7.67 2.80
N ARG B 1057 14.52 6.82 2.95
CA ARG B 1057 14.31 5.40 2.68
C ARG B 1057 13.48 4.76 3.77
N GLN B 1058 12.19 5.05 3.76
CA GLN B 1058 11.23 4.55 4.72
C GLN B 1058 10.03 3.96 3.99
N PRO B 1059 9.31 3.04 4.62
CA PRO B 1059 8.17 2.41 3.96
C PRO B 1059 7.20 3.42 3.35
N MET B 1060 6.39 2.96 2.40
CA MET B 1060 5.43 3.82 1.74
C MET B 1060 4.23 4.05 2.66
N GLU B 1061 3.30 4.90 2.21
CA GLU B 1061 2.11 5.22 2.97
C GLU B 1061 0.88 4.90 2.13
N GLY B 1062 -0.12 4.33 2.78
CA GLY B 1062 -1.39 4.05 2.11
C GLY B 1062 -1.53 2.57 1.78
N ARG B 1063 -2.74 2.06 1.97
CA ARG B 1063 -3.00 0.66 1.64
C ARG B 1063 -2.78 0.40 0.17
N SER B 1064 -3.23 1.30 -0.69
CA SER B 1064 -3.12 1.08 -2.13
C SER B 1064 -1.67 0.99 -2.57
N ARG B 1065 -0.82 1.85 -2.03
CA ARG B 1065 0.60 1.84 -2.35
C ARG B 1065 1.37 0.76 -1.60
N ASP B 1066 0.69 -0.06 -0.80
CA ASP B 1066 1.32 -1.14 -0.03
C ASP B 1066 2.37 -0.57 0.93
N GLY B 1067 1.91 0.35 1.79
CA GLY B 1067 2.77 1.02 2.73
C GLY B 1067 2.62 0.48 4.15
N GLY B 1068 3.41 1.06 5.05
CA GLY B 1068 3.42 0.63 6.43
C GLY B 1068 2.81 1.64 7.37
N LEU B 1069 2.33 1.18 8.52
CA LEU B 1069 1.68 2.05 9.47
C LEU B 1069 2.69 2.99 10.11
N ARG B 1070 2.22 4.17 10.51
CA ARG B 1070 3.06 5.17 11.13
C ARG B 1070 3.19 4.88 12.62
N PHE B 1071 4.40 4.98 13.13
CA PHE B 1071 4.67 4.83 14.55
C PHE B 1071 4.80 6.24 15.14
N GLY B 1072 3.65 6.84 15.41
CA GLY B 1072 3.60 8.25 15.74
C GLY B 1072 4.35 8.58 17.02
N GLU B 1073 4.50 9.88 17.24
CA GLU B 1073 5.21 10.35 18.43
C GLU B 1073 4.54 9.82 19.71
N MET B 1074 3.22 9.78 19.73
CA MET B 1074 2.53 9.33 20.92
C MET B 1074 2.86 7.86 21.22
N GLU B 1075 3.02 7.05 20.18
CA GLU B 1075 3.46 5.67 20.40
C GLU B 1075 4.86 5.65 20.99
N ARG B 1076 5.74 6.52 20.52
CA ARG B 1076 7.08 6.60 21.09
C ARG B 1076 7.02 6.93 22.57
N ASP B 1077 6.18 7.89 22.95
CA ASP B 1077 6.07 8.25 24.36
C ASP B 1077 5.51 7.09 25.17
N CYS B 1078 4.53 6.37 24.62
CA CYS B 1078 4.01 5.21 25.33
C CYS B 1078 5.11 4.17 25.55
N GLN B 1079 5.92 3.91 24.52
CA GLN B 1079 6.98 2.93 24.68
C GLN B 1079 8.04 3.39 25.66
N ILE B 1080 8.37 4.69 25.65
CA ILE B 1080 9.30 5.23 26.64
C ILE B 1080 8.75 5.01 28.03
N ALA B 1081 7.47 5.28 28.22
CA ALA B 1081 6.85 5.05 29.52
C ALA B 1081 6.98 3.59 29.92
N HIS B 1082 6.76 2.68 28.98
CA HIS B 1082 6.98 1.27 29.28
C HIS B 1082 8.44 0.97 29.60
N GLY B 1083 9.37 1.81 29.16
CA GLY B 1083 10.77 1.56 29.39
C GLY B 1083 11.36 0.46 28.53
N ALA B 1084 10.66 0.02 27.49
CA ALA B 1084 11.18 -0.99 26.57
C ALA B 1084 12.04 -0.31 25.51
N ALA B 1085 13.23 0.13 25.94
CA ALA B 1085 14.10 0.87 25.03
C ALA B 1085 14.47 0.04 23.82
N GLN B 1086 14.72 -1.26 24.02
CA GLN B 1086 15.12 -2.11 22.90
C GLN B 1086 14.03 -2.14 21.83
N PHE B 1087 12.77 -2.31 22.26
CA PHE B 1087 11.68 -2.32 21.30
C PHE B 1087 11.57 -0.98 20.57
N LEU B 1088 11.73 0.12 21.29
CA LEU B 1088 11.62 1.43 20.66
C LEU B 1088 12.70 1.59 19.60
N ARG B 1089 13.95 1.23 19.93
CA ARG B 1089 15.00 1.35 18.93
C ARG B 1089 14.76 0.42 17.77
N GLU B 1090 14.22 -0.77 18.00
CA GLU B 1090 13.90 -1.66 16.89
C GLU B 1090 12.89 -1.01 15.96
N ARG B 1091 11.77 -0.54 16.51
CA ARG B 1091 10.74 0.06 15.68
C ARG B 1091 11.26 1.26 14.92
N LEU B 1092 12.16 2.05 15.53
CA LEU B 1092 12.58 3.28 14.89
C LEU B 1092 13.79 3.11 13.97
N PHE B 1093 14.60 2.09 14.18
CA PHE B 1093 15.83 1.92 13.40
C PHE B 1093 15.88 0.60 12.65
N GLU B 1094 15.64 -0.52 13.33
CA GLU B 1094 15.82 -1.81 12.68
C GLU B 1094 14.79 -2.04 11.59
N ALA B 1095 13.52 -1.74 11.89
CA ALA B 1095 12.44 -1.99 10.94
C ALA B 1095 11.93 -0.71 10.27
N SER B 1096 12.70 0.37 10.33
CA SER B 1096 12.33 1.62 9.65
C SER B 1096 13.31 1.97 8.54
N ASP B 1097 14.59 2.13 8.83
CA ASP B 1097 15.55 2.49 7.78
C ASP B 1097 16.98 2.23 8.21
N PRO B 1098 17.40 0.97 8.31
CA PRO B 1098 18.79 0.67 8.67
C PRO B 1098 19.75 1.28 7.65
N TYR B 1099 20.89 1.78 8.14
CA TYR B 1099 21.88 2.40 7.28
C TYR B 1099 23.20 2.52 8.02
N GLN B 1100 24.30 2.51 7.26
CA GLN B 1100 25.63 2.66 7.80
C GLN B 1100 26.36 3.79 7.08
N VAL B 1101 27.18 4.51 7.84
CA VAL B 1101 27.99 5.60 7.31
C VAL B 1101 29.33 5.57 8.00
N HIS B 1102 30.40 5.76 7.23
CA HIS B 1102 31.75 5.85 7.77
C HIS B 1102 32.05 7.30 8.11
N VAL B 1103 32.51 7.53 9.34
CA VAL B 1103 32.76 8.88 9.84
C VAL B 1103 34.21 9.02 10.19
N CYS B 1104 34.83 10.09 9.71
CA CYS B 1104 36.20 10.42 10.10
C CYS B 1104 36.26 10.63 11.61
N ASN B 1105 37.35 10.17 12.21
CA ASN B 1105 37.49 10.31 13.67
C ASN B 1105 38.04 11.68 14.04
N LEU B 1106 38.96 12.22 13.24
CA LEU B 1106 39.47 13.56 13.50
C LEU B 1106 38.37 14.59 13.40
N CYS B 1107 37.63 14.58 12.30
CA CYS B 1107 36.51 15.49 12.09
C CYS B 1107 35.24 14.66 11.99
N GLY B 1108 34.17 15.18 12.59
CA GLY B 1108 32.93 14.42 12.69
C GLY B 1108 32.16 14.28 11.40
N ILE B 1109 32.58 14.97 10.34
CA ILE B 1109 31.88 14.88 9.07
C ILE B 1109 32.01 13.48 8.50
N MET B 1110 30.97 13.04 7.79
CA MET B 1110 30.99 11.74 7.17
C MET B 1110 32.08 11.67 6.10
N ALA B 1111 32.78 10.55 6.04
CA ALA B 1111 33.89 10.37 5.14
C ALA B 1111 33.53 9.40 4.02
N ILE B 1112 34.26 9.50 2.92
CA ILE B 1112 34.03 8.66 1.75
C ILE B 1112 34.61 7.27 2.01
N ALA B 1113 33.88 6.24 1.60
CA ALA B 1113 34.31 4.87 1.80
C ALA B 1113 33.94 4.04 0.58
N ASN B 1114 34.62 2.92 0.44
CA ASN B 1114 34.34 1.98 -0.66
C ASN B 1114 34.79 0.60 -0.20
N THR B 1115 33.83 -0.27 0.11
CA THR B 1115 34.18 -1.61 0.58
C THR B 1115 34.92 -2.40 -0.49
N ARG B 1116 34.73 -2.07 -1.77
CA ARG B 1116 35.39 -2.83 -2.83
C ARG B 1116 36.91 -2.78 -2.67
N THR B 1117 37.49 -1.60 -2.81
CA THR B 1117 38.94 -1.44 -2.69
C THR B 1117 39.38 -1.11 -1.27
N HIS B 1118 38.45 -0.94 -0.34
CA HIS B 1118 38.79 -0.64 1.05
C HIS B 1118 39.70 0.59 1.13
N THR B 1119 39.15 1.71 0.69
CA THR B 1119 39.91 2.96 0.62
C THR B 1119 39.19 4.03 1.44
N TYR B 1120 38.81 3.69 2.66
CA TYR B 1120 38.16 4.64 3.55
C TYR B 1120 39.05 5.88 3.70
N GLU B 1121 38.56 7.02 3.25
CA GLU B 1121 39.32 8.24 3.29
C GLU B 1121 38.38 9.40 3.61
N CYS B 1122 38.97 10.51 4.06
CA CYS B 1122 38.22 11.70 4.40
C CYS B 1122 38.91 12.90 3.77
N ARG B 1123 38.25 13.54 2.81
CA ARG B 1123 38.80 14.72 2.19
C ARG B 1123 38.94 15.84 3.22
N GLY B 1124 39.99 16.64 3.07
CA GLY B 1124 40.30 17.70 4.00
C GLY B 1124 41.16 17.26 5.17
N CYS B 1125 41.00 16.03 5.63
CA CYS B 1125 41.83 15.49 6.70
C CYS B 1125 42.97 14.64 6.18
N ARG B 1126 42.80 13.96 5.06
CA ARG B 1126 43.78 13.03 4.54
C ARG B 1126 44.11 11.93 5.54
N ASN B 1127 43.18 11.66 6.46
CA ASN B 1127 43.45 10.70 7.51
C ASN B 1127 43.74 9.33 6.92
N LYS B 1128 42.74 8.75 6.26
CA LYS B 1128 42.88 7.48 5.55
C LYS B 1128 43.43 6.36 6.42
N THR B 1129 43.60 6.57 7.73
CA THR B 1129 44.14 5.52 8.59
C THR B 1129 43.33 5.27 9.85
N GLN B 1130 42.48 6.20 10.30
CA GLN B 1130 41.65 6.01 11.48
C GLN B 1130 40.21 6.38 11.13
N ILE B 1131 39.43 5.38 10.74
CA ILE B 1131 38.04 5.57 10.34
C ILE B 1131 37.17 4.57 11.09
N SER B 1132 35.95 5.00 11.40
CA SER B 1132 34.98 4.16 12.10
C SER B 1132 33.61 4.39 11.50
N LEU B 1133 32.87 3.30 11.31
CA LEU B 1133 31.50 3.38 10.82
C LEU B 1133 30.52 3.34 11.99
N VAL B 1134 29.38 3.99 11.79
CA VAL B 1134 28.36 4.11 12.82
C VAL B 1134 27.00 3.88 12.17
N ARG B 1135 26.17 3.07 12.82
CA ARG B 1135 24.84 2.77 12.31
C ARG B 1135 23.87 3.85 12.76
N MET B 1136 23.16 4.43 11.81
CA MET B 1136 22.17 5.45 12.11
C MET B 1136 21.02 5.31 11.12
N PRO B 1137 19.82 5.75 11.50
CA PRO B 1137 18.72 5.73 10.54
C PRO B 1137 19.03 6.59 9.34
N TYR B 1138 18.61 6.13 8.15
CA TYR B 1138 18.85 6.91 6.95
C TYR B 1138 18.24 8.29 7.07
N ALA B 1139 17.14 8.43 7.82
CA ALA B 1139 16.55 9.75 8.00
C ALA B 1139 17.50 10.67 8.75
N CYS B 1140 18.18 10.15 9.77
CA CYS B 1140 19.14 10.97 10.49
C CYS B 1140 20.28 11.41 9.57
N LYS B 1141 20.74 10.50 8.70
CA LYS B 1141 21.77 10.86 7.75
C LYS B 1141 21.28 11.97 6.81
N LEU B 1142 20.05 11.85 6.34
CA LEU B 1142 19.50 12.89 5.47
C LEU B 1142 19.42 14.22 6.21
N LEU B 1143 19.03 14.18 7.49
CA LEU B 1143 18.96 15.41 8.26
C LEU B 1143 20.34 16.04 8.39
N PHE B 1144 21.36 15.24 8.69
CA PHE B 1144 22.70 15.79 8.77
C PHE B 1144 23.13 16.39 7.44
N GLN B 1145 22.86 15.68 6.34
CA GLN B 1145 23.25 16.20 5.04
C GLN B 1145 22.55 17.52 4.74
N GLU B 1146 21.29 17.63 5.12
CA GLU B 1146 20.59 18.90 4.95
C GLU B 1146 21.22 19.99 5.81
N LEU B 1147 21.60 19.66 7.04
CA LEU B 1147 22.20 20.66 7.91
C LEU B 1147 23.53 21.15 7.36
N MET B 1148 24.36 20.23 6.86
CA MET B 1148 25.60 20.66 6.22
C MET B 1148 25.30 21.55 5.02
N SER B 1149 24.30 21.18 4.22
CA SER B 1149 23.93 22.03 3.10
C SER B 1149 23.47 23.40 3.56
N MET B 1150 23.11 23.55 4.83
CA MET B 1150 22.72 24.84 5.40
C MET B 1150 23.86 25.49 6.18
N SER B 1151 25.10 25.07 5.94
CA SER B 1151 26.26 25.62 6.64
C SER B 1151 26.17 25.34 8.13
N ILE B 1152 25.82 24.10 8.47
CA ILE B 1152 25.86 23.62 9.86
C ILE B 1152 26.68 22.34 9.86
N ALA B 1153 27.70 22.29 10.71
CA ALA B 1153 28.64 21.18 10.73
C ALA B 1153 28.39 20.32 11.95
N PRO B 1154 27.55 19.30 11.86
CA PRO B 1154 27.36 18.39 12.99
C PRO B 1154 28.50 17.40 13.15
N ARG B 1155 29.60 17.82 13.75
CA ARG B 1155 30.72 16.91 13.97
C ARG B 1155 30.31 15.80 14.92
N MET B 1156 30.15 14.59 14.41
CA MET B 1156 29.81 13.43 15.23
C MET B 1156 31.11 12.83 15.78
N MET B 1157 31.62 13.46 16.83
CA MET B 1157 32.83 12.97 17.47
C MET B 1157 32.56 11.60 18.08
N SER B 1158 33.10 10.55 17.46
CA SER B 1158 32.88 9.21 17.95
C SER B 1158 33.57 8.95 19.28
N VAL B 1159 34.46 9.84 19.72
CA VAL B 1159 35.19 9.65 20.96
C VAL B 1159 35.26 10.96 21.74
N PRO C 1 -31.01 -46.70 33.74
CA PRO C 1 -29.81 -46.33 32.99
C PRO C 1 -29.92 -46.65 31.51
N TYR C 2 -31.06 -46.33 30.92
CA TYR C 2 -31.28 -46.58 29.50
C TYR C 2 -32.14 -45.45 28.95
N ALA C 3 -32.60 -45.63 27.71
CA ALA C 3 -33.34 -44.59 27.01
C ALA C 3 -34.82 -44.67 27.40
N ASN C 4 -35.65 -43.94 26.67
CA ASN C 4 -37.09 -43.86 26.96
C ASN C 4 -37.90 -44.32 25.76
N GLN C 5 -39.20 -44.47 25.99
CA GLN C 5 -40.11 -44.98 25.00
C GLN C 5 -41.01 -43.86 24.51
N PRO C 6 -40.51 -42.98 23.65
CA PRO C 6 -41.33 -41.85 23.19
C PRO C 6 -42.52 -42.32 22.36
N THR C 7 -43.57 -41.52 22.40
CA THR C 7 -44.77 -41.75 21.61
C THR C 7 -44.97 -40.57 20.67
N VAL C 8 -45.67 -40.82 19.58
CA VAL C 8 -45.89 -39.81 18.56
C VAL C 8 -47.36 -39.79 18.20
N ARG C 9 -47.85 -38.61 17.84
CA ARG C 9 -49.24 -38.48 17.43
C ARG C 9 -49.35 -37.29 16.49
N ILE C 10 -49.75 -37.57 15.25
CA ILE C 10 -49.91 -36.52 14.24
C ILE C 10 -51.26 -35.86 14.47
N THR C 11 -51.31 -34.55 14.37
CA THR C 11 -52.58 -33.85 14.45
C THR C 11 -53.05 -33.32 13.11
N GLU C 12 -52.14 -33.01 12.19
CA GLU C 12 -52.54 -32.44 10.91
C GLU C 12 -51.51 -32.83 9.87
N LEU C 13 -51.90 -33.71 8.97
CA LEU C 13 -51.05 -34.15 7.87
C LEU C 13 -51.59 -33.56 6.58
N THR C 14 -50.77 -32.78 5.90
CA THR C 14 -51.09 -32.30 4.57
C THR C 14 -49.86 -32.46 3.71
N ASP C 15 -49.99 -32.10 2.43
CA ASP C 15 -48.88 -32.16 1.50
C ASP C 15 -47.98 -30.95 1.60
N GLU C 16 -48.22 -30.07 2.57
CA GLU C 16 -47.50 -28.82 2.71
C GLU C 16 -46.80 -28.67 4.05
N ASN C 17 -47.37 -29.20 5.13
CA ASN C 17 -46.72 -29.16 6.43
C ASN C 17 -47.32 -30.25 7.30
N VAL C 18 -46.58 -30.64 8.34
CA VAL C 18 -47.03 -31.64 9.28
C VAL C 18 -46.94 -31.07 10.68
N LYS C 19 -48.01 -31.22 11.45
CA LYS C 19 -48.02 -30.88 12.86
C LYS C 19 -48.17 -32.17 13.66
N PHE C 20 -47.16 -32.51 14.44
CA PHE C 20 -47.23 -33.68 15.28
C PHE C 20 -46.83 -33.30 16.70
N ILE C 21 -46.78 -34.32 17.55
CA ILE C 21 -46.47 -34.17 18.97
C ILE C 21 -45.59 -35.34 19.37
N ILE C 22 -44.55 -35.07 20.16
CA ILE C 22 -43.74 -36.11 20.75
C ILE C 22 -43.85 -36.00 22.26
N GLU C 23 -44.13 -37.14 22.91
CA GLU C 23 -44.30 -37.23 24.34
C GLU C 23 -43.25 -38.17 24.91
N ASN C 24 -42.97 -38.01 26.20
CA ASN C 24 -42.01 -38.87 26.89
C ASN C 24 -40.68 -38.87 26.15
N THR C 25 -40.11 -37.69 26.02
CA THR C 25 -38.74 -37.56 25.51
C THR C 25 -38.12 -36.32 26.11
N ASP C 26 -36.80 -36.30 26.09
CA ASP C 26 -36.04 -35.23 26.72
C ASP C 26 -35.99 -34.00 25.81
N LEU C 27 -35.81 -32.84 26.41
CA LEU C 27 -35.73 -31.60 25.64
C LEU C 27 -34.57 -31.64 24.66
N ALA C 28 -33.43 -32.17 25.09
CA ALA C 28 -32.26 -32.20 24.23
C ALA C 28 -32.56 -32.95 22.94
N VAL C 29 -33.23 -34.09 23.06
CA VAL C 29 -33.57 -34.88 21.88
C VAL C 29 -34.49 -34.10 20.96
N ALA C 30 -35.48 -33.42 21.53
CA ALA C 30 -36.43 -32.66 20.71
C ALA C 30 -35.72 -31.58 19.93
N ASN C 31 -34.94 -30.75 20.62
CA ASN C 31 -34.28 -29.64 19.95
C ASN C 31 -33.24 -30.14 18.96
N SER C 32 -32.58 -31.25 19.28
CA SER C 32 -31.62 -31.82 18.33
C SER C 32 -32.31 -32.28 17.05
N ILE C 33 -33.47 -32.94 17.18
CA ILE C 33 -34.22 -33.33 15.99
C ILE C 33 -34.61 -32.09 15.19
N ARG C 34 -34.95 -31.01 15.89
CA ARG C 34 -35.25 -29.76 15.18
C ARG C 34 -34.06 -29.29 14.37
N ARG C 35 -32.91 -29.18 15.02
CA ARG C 35 -31.73 -28.66 14.33
C ARG C 35 -31.35 -29.56 13.18
N VAL C 36 -31.63 -30.85 13.28
CA VAL C 36 -31.40 -31.75 12.16
C VAL C 36 -32.40 -31.48 11.04
N PHE C 37 -33.67 -31.23 11.38
CA PHE C 37 -34.63 -30.83 10.37
C PHE C 37 -34.11 -29.65 9.57
N ILE C 38 -33.67 -28.60 10.25
CA ILE C 38 -33.28 -27.38 9.54
C ILE C 38 -31.97 -27.58 8.79
N ALA C 39 -30.99 -28.21 9.43
CA ALA C 39 -29.61 -28.17 8.95
C ALA C 39 -29.21 -29.43 8.18
N GLU C 40 -29.29 -30.59 8.81
CA GLU C 40 -28.81 -31.84 8.22
C GLU C 40 -29.98 -32.63 7.66
N VAL C 41 -30.40 -32.24 6.47
CA VAL C 41 -31.38 -33.02 5.70
C VAL C 41 -30.92 -33.08 4.26
N PRO C 42 -30.55 -34.25 3.73
CA PRO C 42 -30.13 -34.32 2.33
C PRO C 42 -31.22 -33.79 1.43
N ILE C 43 -30.81 -33.15 0.33
CA ILE C 43 -31.75 -32.61 -0.64
C ILE C 43 -30.98 -32.25 -1.89
N ILE C 44 -31.66 -32.22 -3.03
CA ILE C 44 -31.04 -31.83 -4.28
C ILE C 44 -31.22 -30.34 -4.48
N ALA C 45 -30.27 -29.72 -5.18
CA ALA C 45 -30.35 -28.29 -5.47
C ALA C 45 -29.26 -27.94 -6.46
N ILE C 46 -29.45 -26.86 -7.19
CA ILE C 46 -28.49 -26.40 -8.18
C ILE C 46 -27.25 -25.92 -7.46
N ASP C 47 -26.08 -26.33 -7.93
CA ASP C 47 -24.83 -26.00 -7.26
C ASP C 47 -23.68 -25.67 -8.19
N TRP C 48 -23.87 -25.74 -9.49
CA TRP C 48 -22.80 -25.52 -10.46
C TRP C 48 -23.45 -25.00 -11.73
N VAL C 49 -23.30 -23.71 -11.97
CA VAL C 49 -23.94 -23.04 -13.11
C VAL C 49 -22.88 -22.54 -14.05
N GLN C 50 -22.94 -22.99 -15.30
CA GLN C 50 -22.04 -22.56 -16.36
C GLN C 50 -22.84 -21.69 -17.32
N ILE C 51 -22.53 -20.41 -17.35
CA ILE C 51 -23.27 -19.45 -18.15
C ILE C 51 -22.51 -19.22 -19.44
N ASP C 52 -23.20 -19.43 -20.57
CA ASP C 52 -22.61 -19.31 -21.89
C ASP C 52 -22.90 -17.97 -22.55
N ALA C 53 -24.11 -17.44 -22.39
CA ALA C 53 -24.45 -16.16 -22.99
C ALA C 53 -25.59 -15.55 -22.19
N ASN C 54 -25.32 -14.45 -21.49
CA ASN C 54 -26.30 -13.79 -20.64
C ASN C 54 -26.34 -12.31 -21.01
N SER C 55 -27.38 -11.91 -21.73
CA SER C 55 -27.60 -10.53 -22.10
C SER C 55 -28.70 -9.88 -21.29
N SER C 56 -29.14 -10.51 -20.20
CA SER C 56 -30.15 -9.92 -19.34
C SER C 56 -29.60 -8.68 -18.66
N VAL C 57 -30.44 -8.02 -17.88
CA VAL C 57 -30.00 -6.81 -17.19
C VAL C 57 -29.39 -7.11 -15.83
N LEU C 58 -29.55 -8.32 -15.31
CA LEU C 58 -28.95 -8.66 -14.03
C LEU C 58 -27.51 -9.15 -14.21
N HIS C 59 -26.78 -9.19 -13.11
CA HIS C 59 -25.40 -9.64 -13.13
C HIS C 59 -25.32 -11.05 -13.66
N ASP C 60 -24.09 -11.51 -13.91
CA ASP C 60 -23.89 -12.91 -14.22
C ASP C 60 -24.12 -13.76 -12.98
N GLU C 61 -23.62 -13.31 -11.83
CA GLU C 61 -23.76 -14.09 -10.61
C GLU C 61 -25.17 -14.05 -10.06
N PHE C 62 -25.97 -13.04 -10.42
CA PHE C 62 -27.34 -12.98 -9.94
C PHE C 62 -28.13 -14.18 -10.44
N ILE C 63 -27.95 -14.55 -11.70
CA ILE C 63 -28.68 -15.70 -12.24
C ILE C 63 -28.29 -16.96 -11.49
N ALA C 64 -26.99 -17.18 -11.30
CA ALA C 64 -26.55 -18.37 -10.59
C ALA C 64 -27.07 -18.37 -9.16
N HIS C 65 -27.03 -17.22 -8.49
CA HIS C 65 -27.54 -17.16 -7.12
C HIS C 65 -29.00 -17.56 -7.08
N ARG C 66 -29.82 -16.92 -7.91
CA ARG C 66 -31.24 -17.25 -7.89
C ARG C 66 -31.44 -18.72 -8.19
N LEU C 67 -30.80 -19.23 -9.24
CA LEU C 67 -30.95 -20.64 -9.60
C LEU C 67 -30.53 -21.53 -8.45
N GLY C 68 -29.65 -21.05 -7.58
CA GLY C 68 -29.30 -21.83 -6.41
C GLY C 68 -30.47 -22.04 -5.46
N LEU C 69 -31.44 -21.12 -5.48
CA LEU C 69 -32.53 -21.13 -4.51
C LEU C 69 -33.81 -21.77 -5.03
N ILE C 70 -33.84 -22.29 -6.24
CA ILE C 70 -35.06 -22.90 -6.76
C ILE C 70 -35.17 -24.32 -6.24
N PRO C 71 -36.20 -24.66 -5.48
CA PRO C 71 -36.27 -26.01 -4.92
C PRO C 71 -36.47 -27.05 -6.03
N LEU C 72 -36.08 -28.29 -5.72
CA LEU C 72 -36.17 -29.39 -6.67
C LEU C 72 -36.72 -30.60 -5.95
N THR C 73 -37.76 -31.21 -6.52
CA THR C 73 -38.37 -32.37 -5.87
C THR C 73 -37.38 -33.53 -5.82
N SER C 74 -37.14 -34.04 -4.62
CA SER C 74 -36.17 -35.09 -4.40
C SER C 74 -36.76 -36.18 -3.52
N ASP C 75 -38.01 -36.55 -3.81
CA ASP C 75 -38.70 -37.50 -2.94
C ASP C 75 -37.98 -38.84 -2.89
N ASP C 76 -37.51 -39.32 -4.04
CA ASP C 76 -36.91 -40.65 -4.12
C ASP C 76 -35.56 -40.64 -4.81
N ILE C 77 -35.01 -39.47 -5.12
CA ILE C 77 -33.71 -39.40 -5.78
C ILE C 77 -32.59 -39.06 -4.80
N VAL C 78 -32.86 -38.27 -3.76
CA VAL C 78 -31.78 -37.88 -2.85
C VAL C 78 -31.18 -39.11 -2.20
N ASP C 79 -32.02 -40.06 -1.82
CA ASP C 79 -31.53 -41.27 -1.17
C ASP C 79 -30.62 -42.08 -2.08
N LYS C 80 -30.81 -41.99 -3.39
CA LYS C 80 -30.04 -42.81 -4.32
C LYS C 80 -28.71 -42.16 -4.70
N LEU C 81 -28.69 -40.85 -4.92
CA LEU C 81 -27.49 -40.18 -5.36
C LEU C 81 -26.44 -40.18 -4.26
N GLN C 82 -25.19 -39.92 -4.66
CA GLN C 82 -24.08 -39.82 -3.74
C GLN C 82 -23.49 -38.41 -3.80
N TYR C 83 -22.99 -37.95 -2.66
CA TYR C 83 -22.38 -36.63 -2.61
C TYR C 83 -21.30 -36.51 -3.67
N SER C 84 -21.32 -35.41 -4.42
CA SER C 84 -20.32 -35.23 -5.47
C SER C 84 -18.91 -35.39 -4.92
N ARG C 85 -18.67 -34.93 -3.68
CA ARG C 85 -17.34 -35.01 -3.11
C ARG C 85 -16.87 -36.45 -3.01
N ASP C 86 -17.79 -37.36 -2.70
CA ASP C 86 -17.45 -38.77 -2.53
C ASP C 86 -17.63 -39.59 -3.81
N CYS C 87 -18.07 -38.96 -4.90
CA CYS C 87 -18.15 -39.70 -6.15
C CYS C 87 -16.77 -40.20 -6.54
N THR C 88 -16.75 -41.27 -7.33
CA THR C 88 -15.51 -41.88 -7.77
C THR C 88 -15.36 -41.72 -9.27
N CYS C 89 -15.71 -40.53 -9.77
CA CYS C 89 -15.58 -40.26 -11.19
C CYS C 89 -15.33 -38.77 -11.37
N GLU C 90 -15.05 -38.38 -12.61
CA GLU C 90 -14.73 -37.01 -12.97
C GLU C 90 -15.91 -36.42 -13.69
N GLU C 91 -16.06 -35.10 -13.59
CA GLU C 91 -17.22 -34.42 -14.16
C GLU C 91 -18.48 -34.89 -13.43
N PHE C 92 -19.53 -34.09 -13.50
CA PHE C 92 -20.78 -34.45 -12.85
C PHE C 92 -21.44 -35.63 -13.55
N CYS C 93 -21.17 -36.83 -13.07
CA CYS C 93 -21.83 -38.01 -13.63
C CYS C 93 -23.32 -38.00 -13.28
N PRO C 94 -24.18 -38.49 -14.16
CA PRO C 94 -25.60 -38.58 -13.80
C PRO C 94 -25.85 -39.41 -12.57
N GLU C 95 -25.00 -40.41 -12.30
CA GLU C 95 -25.16 -41.19 -11.09
C GLU C 95 -25.01 -40.33 -9.83
N CYS C 96 -24.35 -39.18 -9.94
CA CYS C 96 -24.05 -38.36 -8.78
C CYS C 96 -24.41 -36.90 -9.02
N SER C 97 -25.38 -36.64 -9.89
CA SER C 97 -25.79 -35.27 -10.16
C SER C 97 -26.93 -35.29 -11.17
N VAL C 98 -27.62 -34.16 -11.28
CA VAL C 98 -28.71 -33.99 -12.21
C VAL C 98 -28.49 -32.71 -12.98
N GLU C 99 -28.48 -32.80 -14.29
CA GLU C 99 -28.09 -31.72 -15.18
C GLU C 99 -29.29 -30.89 -15.55
N PHE C 100 -29.08 -29.60 -15.75
CA PHE C 100 -30.14 -28.70 -16.15
C PHE C 100 -29.68 -27.82 -17.29
N THR C 101 -30.63 -27.44 -18.12
CA THR C 101 -30.39 -26.59 -19.27
C THR C 101 -31.45 -25.52 -19.29
N LEU C 102 -31.04 -24.32 -19.70
CA LEU C 102 -31.98 -23.22 -19.87
C LEU C 102 -31.51 -22.43 -21.07
N ASP C 103 -32.42 -22.16 -22.00
CA ASP C 103 -32.11 -21.38 -23.18
C ASP C 103 -33.37 -20.62 -23.57
N VAL C 104 -33.41 -19.33 -23.24
CA VAL C 104 -34.55 -18.49 -23.59
C VAL C 104 -34.05 -17.24 -24.27
N ARG C 105 -34.84 -16.74 -25.21
CA ARG C 105 -34.49 -15.54 -25.95
C ARG C 105 -35.77 -14.79 -26.30
N CYS C 106 -35.88 -13.56 -25.82
CA CYS C 106 -37.08 -12.76 -26.04
C CYS C 106 -37.06 -12.23 -27.47
N ASN C 107 -37.89 -12.81 -28.33
CA ASN C 107 -38.03 -12.38 -29.71
C ASN C 107 -39.22 -11.44 -29.91
N GLU C 108 -40.39 -11.83 -29.43
CA GLU C 108 -41.57 -11.00 -29.56
C GLU C 108 -41.39 -9.70 -28.78
N ASP C 109 -42.35 -8.80 -28.95
CA ASP C 109 -42.24 -7.47 -28.37
C ASP C 109 -42.52 -7.47 -26.87
N GLN C 110 -43.46 -8.30 -26.43
CA GLN C 110 -43.81 -8.31 -25.02
C GLN C 110 -42.69 -8.95 -24.20
N THR C 111 -42.44 -8.37 -23.04
CA THR C 111 -41.34 -8.83 -22.20
C THR C 111 -41.57 -10.27 -21.77
N ARG C 112 -40.52 -11.07 -21.83
CA ARG C 112 -40.60 -12.45 -21.37
C ARG C 112 -40.50 -12.51 -19.86
N HIS C 113 -40.98 -13.62 -19.31
CA HIS C 113 -40.82 -13.94 -17.89
C HIS C 113 -40.19 -15.33 -17.83
N VAL C 114 -38.86 -15.37 -17.76
CA VAL C 114 -38.17 -16.64 -17.67
C VAL C 114 -38.47 -17.24 -16.30
N THR C 115 -39.34 -18.23 -16.26
CA THR C 115 -39.72 -18.87 -15.01
C THR C 115 -39.03 -20.22 -14.89
N SER C 116 -39.16 -20.83 -13.71
CA SER C 116 -38.51 -22.11 -13.47
C SER C 116 -38.95 -23.17 -14.47
N ARG C 117 -40.10 -22.97 -15.11
CA ARG C 117 -40.57 -23.93 -16.10
C ARG C 117 -39.61 -24.04 -17.28
N ASP C 118 -38.71 -23.08 -17.47
CA ASP C 118 -37.73 -23.18 -18.54
C ASP C 118 -36.58 -24.11 -18.20
N LEU C 119 -36.44 -24.52 -16.95
CA LEU C 119 -35.35 -25.41 -16.60
C LEU C 119 -35.63 -26.82 -17.08
N ILE C 120 -35.20 -27.15 -18.28
CA ILE C 120 -35.48 -28.48 -18.82
C ILE C 120 -34.47 -29.43 -18.20
N SER C 121 -34.93 -30.24 -17.26
CA SER C 121 -34.09 -31.24 -16.62
C SER C 121 -33.96 -32.47 -17.50
N ASN C 122 -32.82 -33.13 -17.40
CA ASN C 122 -32.65 -34.39 -18.10
C ASN C 122 -33.46 -35.50 -17.44
N SER C 123 -33.39 -35.59 -16.11
CA SER C 123 -34.14 -36.63 -15.41
C SER C 123 -35.62 -36.26 -15.32
N PRO C 124 -36.51 -37.24 -15.28
CA PRO C 124 -37.94 -36.92 -15.23
C PRO C 124 -38.39 -36.47 -13.85
N ARG C 125 -37.90 -37.16 -12.81
CA ARG C 125 -38.40 -36.91 -11.48
C ARG C 125 -37.78 -35.69 -10.81
N VAL C 126 -36.58 -35.30 -11.21
CA VAL C 126 -35.90 -34.16 -10.59
C VAL C 126 -36.27 -32.94 -11.41
N ILE C 127 -37.34 -32.27 -11.00
CA ILE C 127 -37.78 -31.04 -11.66
C ILE C 127 -38.09 -30.00 -10.59
N PRO C 128 -38.06 -28.71 -10.92
CA PRO C 128 -38.53 -27.71 -9.98
C PRO C 128 -39.97 -27.98 -9.61
N VAL C 129 -40.50 -27.17 -8.70
CA VAL C 129 -41.85 -27.39 -8.22
C VAL C 129 -42.87 -26.73 -9.14
N THR C 130 -43.37 -27.50 -10.11
CA THR C 130 -44.43 -27.03 -10.98
C THR C 130 -45.41 -28.14 -11.35
N SER C 131 -45.22 -29.36 -10.82
CA SER C 131 -46.03 -30.48 -11.27
C SER C 131 -47.51 -30.21 -11.03
N ARG C 132 -47.88 -29.83 -9.80
CA ARG C 132 -49.27 -29.55 -9.48
C ARG C 132 -49.37 -28.42 -8.46
N GLN C 144 -51.11 -21.18 -8.81
CA GLN C 144 -49.77 -21.70 -8.54
C GLN C 144 -48.83 -21.41 -9.70
N ASP C 145 -48.30 -20.19 -9.73
CA ASP C 145 -47.33 -19.81 -10.75
C ASP C 145 -46.00 -20.51 -10.48
N ASP C 146 -44.99 -20.12 -11.26
CA ASP C 146 -43.66 -20.67 -11.14
C ASP C 146 -42.67 -19.59 -10.70
N ILE C 147 -41.56 -20.03 -10.12
CA ILE C 147 -40.60 -19.10 -9.54
C ILE C 147 -40.03 -18.23 -10.64
N LEU C 148 -40.23 -16.93 -10.52
CA LEU C 148 -39.72 -16.00 -11.51
C LEU C 148 -38.21 -15.88 -11.37
N ILE C 149 -37.48 -16.11 -12.45
CA ILE C 149 -36.02 -16.03 -12.42
C ILE C 149 -35.60 -14.61 -12.80
N VAL C 150 -35.85 -14.23 -14.05
CA VAL C 150 -35.46 -12.94 -14.59
C VAL C 150 -36.41 -12.56 -15.71
N LYS C 151 -36.43 -11.28 -16.06
CA LYS C 151 -37.26 -10.77 -17.14
C LYS C 151 -36.39 -10.32 -18.29
N LEU C 152 -36.69 -10.81 -19.48
CA LEU C 152 -35.93 -10.49 -20.68
C LEU C 152 -36.77 -9.61 -21.59
N ARG C 153 -36.08 -8.73 -22.31
CA ARG C 153 -36.73 -7.86 -23.27
C ARG C 153 -36.25 -8.23 -24.67
N LYS C 154 -37.09 -7.92 -25.65
CA LYS C 154 -36.78 -8.24 -27.04
C LYS C 154 -35.32 -7.96 -27.35
N GLY C 155 -34.62 -8.99 -27.82
CA GLY C 155 -33.23 -8.88 -28.20
C GLY C 155 -32.27 -9.48 -27.20
N GLN C 156 -32.69 -9.67 -25.96
CA GLN C 156 -31.85 -10.25 -24.93
C GLN C 156 -32.00 -11.76 -24.95
N GLU C 157 -31.09 -12.44 -24.26
CA GLU C 157 -31.10 -13.89 -24.24
C GLU C 157 -30.38 -14.37 -23.00
N LEU C 158 -30.57 -15.64 -22.69
CA LEU C 158 -29.99 -16.23 -21.49
C LEU C 158 -29.79 -17.71 -21.77
N ARG C 159 -28.55 -18.12 -22.02
CA ARG C 159 -28.24 -19.51 -22.30
C ARG C 159 -27.24 -20.00 -21.27
N LEU C 160 -27.51 -21.14 -20.70
CA LEU C 160 -26.67 -21.68 -19.64
C LEU C 160 -27.09 -23.12 -19.40
N ARG C 161 -26.27 -23.83 -18.65
CA ARG C 161 -26.67 -25.12 -18.14
C ARG C 161 -26.05 -25.25 -16.76
N ALA C 162 -26.78 -25.89 -15.86
CA ALA C 162 -26.30 -26.04 -14.50
C ALA C 162 -26.52 -27.48 -14.07
N TYR C 163 -25.71 -27.91 -13.12
CA TYR C 163 -25.84 -29.24 -12.54
C TYR C 163 -26.29 -29.09 -11.11
N ALA C 164 -26.98 -30.11 -10.61
CA ALA C 164 -27.43 -30.16 -9.24
C ALA C 164 -26.68 -31.26 -8.50
N LYS C 165 -26.54 -31.10 -7.19
CA LYS C 165 -25.88 -32.11 -6.38
C LYS C 165 -26.49 -32.14 -5.00
N LYS C 166 -26.30 -33.25 -4.31
CA LYS C 166 -26.88 -33.47 -3.00
C LYS C 166 -26.09 -32.70 -1.96
N GLY C 167 -26.80 -32.00 -1.07
CA GLY C 167 -26.16 -31.33 0.05
C GLY C 167 -27.15 -31.26 1.20
N PHE C 168 -26.75 -30.56 2.26
CA PHE C 168 -27.62 -30.35 3.39
C PHE C 168 -27.50 -28.90 3.85
N GLY C 169 -28.51 -28.46 4.58
CA GLY C 169 -28.59 -27.05 4.92
C GLY C 169 -27.34 -26.52 5.60
N LYS C 170 -26.66 -27.36 6.38
CA LYS C 170 -25.49 -26.91 7.12
C LYS C 170 -24.47 -26.26 6.20
N GLU C 171 -24.29 -26.79 4.99
CA GLU C 171 -23.30 -26.23 4.08
C GLU C 171 -23.77 -24.89 3.53
N HIS C 172 -25.06 -24.80 3.19
CA HIS C 172 -25.61 -23.59 2.61
C HIS C 172 -27.12 -23.64 2.80
N ALA C 173 -27.78 -22.50 2.62
CA ALA C 173 -29.22 -22.46 2.83
C ALA C 173 -29.97 -23.18 1.72
N LYS C 174 -29.41 -23.24 0.52
CA LYS C 174 -30.13 -23.83 -0.60
C LYS C 174 -30.58 -25.24 -0.26
N TRP C 175 -29.83 -25.96 0.55
CA TRP C 175 -30.19 -27.30 0.99
C TRP C 175 -31.05 -27.29 2.24
N ASN C 176 -31.88 -26.26 2.43
CA ASN C 176 -32.71 -26.14 3.62
C ASN C 176 -34.16 -26.49 3.29
N PRO C 177 -34.56 -27.75 3.41
CA PRO C 177 -35.92 -28.11 2.97
C PRO C 177 -37.04 -27.43 3.74
N THR C 178 -36.88 -27.23 5.05
CA THR C 178 -38.00 -26.71 5.83
C THR C 178 -38.10 -25.21 5.70
N ALA C 179 -39.32 -24.72 5.46
CA ALA C 179 -39.55 -23.29 5.50
C ALA C 179 -39.37 -22.75 6.91
N GLY C 180 -40.20 -23.20 7.84
CA GLY C 180 -40.05 -22.77 9.21
C GLY C 180 -40.56 -23.80 10.20
N VAL C 181 -39.70 -24.21 11.11
CA VAL C 181 -40.08 -25.20 12.11
C VAL C 181 -40.64 -24.46 13.32
N ALA C 182 -41.87 -24.77 13.67
CA ALA C 182 -42.51 -24.21 14.87
C ALA C 182 -42.35 -25.24 15.97
N PHE C 183 -41.39 -25.00 16.86
CA PHE C 183 -41.13 -25.88 17.99
C PHE C 183 -41.54 -25.16 19.26
N GLU C 184 -42.26 -25.88 20.12
CA GLU C 184 -42.85 -25.29 21.31
C GLU C 184 -43.27 -26.41 22.23
N TYR C 185 -43.01 -26.24 23.53
CA TYR C 185 -43.33 -27.26 24.51
C TYR C 185 -43.86 -26.59 25.76
N ASP C 186 -44.68 -27.33 26.50
CA ASP C 186 -45.20 -26.83 27.75
C ASP C 186 -45.90 -25.50 27.48
N PRO C 187 -47.02 -25.52 26.75
CA PRO C 187 -47.65 -24.25 26.36
C PRO C 187 -48.05 -23.39 27.53
N ASP C 188 -48.71 -23.95 28.53
CA ASP C 188 -48.79 -23.29 29.82
C ASP C 188 -47.39 -23.21 30.39
N ASN C 189 -47.04 -22.06 30.95
CA ASN C 189 -45.70 -21.89 31.51
C ASN C 189 -45.64 -22.62 32.85
N ALA C 190 -45.78 -23.94 32.80
CA ALA C 190 -45.86 -24.73 34.02
C ALA C 190 -44.50 -24.93 34.66
N LEU C 191 -43.46 -25.06 33.86
CA LEU C 191 -42.11 -25.21 34.38
C LEU C 191 -41.43 -23.87 34.62
N ARG C 192 -42.12 -22.77 34.39
CA ARG C 192 -41.60 -21.46 34.71
C ARG C 192 -40.31 -21.16 33.96
N HIS C 193 -40.01 -21.93 32.92
CA HIS C 193 -38.78 -21.68 32.18
C HIS C 193 -38.70 -20.25 31.70
N THR C 194 -39.83 -19.57 31.63
CA THR C 194 -39.90 -18.14 31.38
C THR C 194 -40.74 -17.53 32.48
N VAL C 195 -40.39 -16.33 32.91
CA VAL C 195 -41.11 -15.64 33.97
C VAL C 195 -41.78 -14.41 33.36
N TYR C 196 -43.10 -14.43 33.33
CA TYR C 196 -43.85 -13.31 32.78
C TYR C 196 -43.96 -12.20 33.82
N PRO C 197 -43.47 -11.00 33.55
CA PRO C 197 -43.71 -9.90 34.51
C PRO C 197 -45.18 -9.65 34.75
N LYS C 198 -46.02 -9.79 33.73
CA LYS C 198 -47.46 -9.61 33.85
C LYS C 198 -48.17 -10.70 33.05
N PRO C 199 -48.36 -11.87 33.65
CA PRO C 199 -48.91 -13.00 32.88
C PRO C 199 -50.22 -12.69 32.19
N GLU C 200 -51.08 -11.88 32.82
CA GLU C 200 -52.38 -11.59 32.21
C GLU C 200 -52.22 -10.96 30.83
N GLU C 201 -51.11 -10.27 30.57
CA GLU C 201 -50.96 -9.54 29.32
C GLU C 201 -50.61 -10.42 28.13
N TRP C 202 -50.35 -11.65 28.33
CA TRP C 202 -49.87 -12.48 27.24
C TRP C 202 -50.99 -13.33 26.67
N PRO C 203 -50.99 -13.59 25.36
CA PRO C 203 -52.06 -14.40 24.77
C PRO C 203 -51.77 -15.87 24.92
N LYS C 204 -52.85 -16.64 25.08
CA LYS C 204 -52.70 -18.07 25.31
C LYS C 204 -52.10 -18.75 24.10
N SER C 205 -51.26 -19.75 24.35
CA SER C 205 -50.66 -20.47 23.25
C SER C 205 -51.71 -21.29 22.52
N GLU C 206 -51.41 -21.60 21.26
CA GLU C 206 -52.35 -22.39 20.48
C GLU C 206 -52.63 -23.72 21.14
N TYR C 207 -51.63 -24.30 21.80
CA TYR C 207 -51.77 -25.59 22.44
C TYR C 207 -52.17 -25.48 23.89
N SER C 208 -52.58 -24.30 24.34
CA SER C 208 -52.92 -24.12 25.74
C SER C 208 -54.20 -24.84 26.08
N GLU C 209 -54.14 -25.74 27.06
CA GLU C 209 -55.33 -26.35 27.63
C GLU C 209 -55.95 -25.49 28.71
N LEU C 210 -55.25 -24.46 29.16
CA LEU C 210 -55.72 -23.68 30.29
C LEU C 210 -56.94 -22.86 29.90
N ASP C 211 -57.90 -22.77 30.81
CA ASP C 211 -59.11 -22.03 30.56
C ASP C 211 -58.79 -20.54 30.40
N GLU C 212 -59.80 -19.77 30.02
CA GLU C 212 -59.60 -18.34 29.75
C GLU C 212 -59.52 -17.50 31.01
N ASP C 213 -59.91 -18.04 32.16
CA ASP C 213 -59.81 -17.29 33.40
C ASP C 213 -58.37 -17.20 33.87
N GLU C 214 -57.78 -18.35 34.17
CA GLU C 214 -56.42 -18.39 34.67
C GLU C 214 -55.43 -17.98 33.59
N SER C 215 -54.30 -17.40 34.01
CA SER C 215 -53.32 -16.89 33.07
C SER C 215 -52.27 -17.92 32.71
N GLN C 216 -51.74 -18.63 33.69
CA GLN C 216 -50.72 -19.63 33.44
C GLN C 216 -50.82 -20.69 34.53
N ALA C 217 -50.47 -21.92 34.17
CA ALA C 217 -50.69 -23.03 35.06
C ALA C 217 -49.87 -22.84 36.34
N PRO C 218 -50.32 -23.43 37.44
CA PRO C 218 -49.56 -23.32 38.68
C PRO C 218 -48.21 -24.01 38.55
N TYR C 219 -47.25 -23.51 39.33
CA TYR C 219 -45.91 -24.07 39.29
C TYR C 219 -45.95 -25.58 39.51
N ASP C 220 -44.91 -26.25 39.04
CA ASP C 220 -44.79 -27.71 39.16
C ASP C 220 -43.33 -28.05 39.44
N PRO C 221 -42.97 -28.29 40.70
CA PRO C 221 -41.55 -28.57 41.00
C PRO C 221 -41.03 -29.80 40.28
N ASN C 222 -41.59 -30.96 40.60
CA ASN C 222 -41.14 -32.20 40.00
C ASN C 222 -41.83 -32.34 38.66
N GLY C 223 -41.37 -31.54 37.70
CA GLY C 223 -41.92 -31.57 36.37
C GLY C 223 -40.86 -31.45 35.30
N LYS C 224 -40.83 -32.41 34.40
CA LYS C 224 -39.90 -32.47 33.29
C LYS C 224 -40.59 -32.06 32.00
N PRO C 225 -39.90 -31.48 31.03
CA PRO C 225 -40.56 -31.13 29.77
C PRO C 225 -40.90 -32.36 28.95
N GLU C 226 -42.18 -32.51 28.61
CA GLU C 226 -42.63 -33.51 27.66
C GLU C 226 -43.60 -32.82 26.70
N ARG C 227 -44.20 -33.60 25.81
CA ARG C 227 -45.20 -33.08 24.88
C ARG C 227 -44.63 -31.90 24.10
N PHE C 228 -43.68 -32.23 23.23
CA PHE C 228 -43.12 -31.25 22.31
C PHE C 228 -44.00 -31.14 21.08
N TYR C 229 -44.36 -29.91 20.70
CA TYR C 229 -45.21 -29.66 19.54
C TYR C 229 -44.37 -29.21 18.37
N TYR C 230 -44.52 -29.88 17.23
CA TYR C 230 -43.77 -29.60 16.02
C TYR C 230 -44.74 -29.15 14.94
N ASN C 231 -44.28 -28.25 14.07
CA ASN C 231 -45.03 -27.84 12.90
C ASN C 231 -44.12 -27.73 11.67
N VAL C 232 -43.31 -28.76 11.43
CA VAL C 232 -42.42 -28.74 10.27
C VAL C 232 -43.22 -28.33 9.04
N GLU C 233 -42.64 -27.44 8.24
CA GLU C 233 -43.30 -26.90 7.05
C GLU C 233 -42.37 -27.07 5.86
N SER C 234 -42.69 -27.98 4.95
CA SER C 234 -41.83 -28.20 3.81
C SER C 234 -41.86 -27.01 2.87
N CYS C 235 -40.70 -26.67 2.33
CA CYS C 235 -40.63 -25.64 1.30
C CYS C 235 -41.24 -26.12 0.00
N GLY C 236 -41.43 -27.43 -0.16
CA GLY C 236 -41.99 -27.97 -1.38
C GLY C 236 -41.06 -28.98 -2.03
N SER C 237 -39.80 -28.99 -1.61
CA SER C 237 -38.86 -29.96 -2.17
C SER C 237 -39.21 -31.37 -1.73
N LEU C 238 -39.22 -31.61 -0.43
CA LEU C 238 -39.59 -32.90 0.12
C LEU C 238 -40.94 -32.80 0.81
N ARG C 239 -41.63 -33.93 0.93
CA ARG C 239 -42.84 -33.98 1.74
C ARG C 239 -42.47 -33.90 3.21
N PRO C 240 -43.29 -33.24 4.03
CA PRO C 240 -42.91 -33.05 5.44
C PRO C 240 -42.61 -34.35 6.17
N GLU C 241 -43.52 -35.32 6.15
CA GLU C 241 -43.21 -36.59 6.78
C GLU C 241 -41.92 -37.18 6.23
N THR C 242 -41.64 -36.94 4.95
CA THR C 242 -40.37 -37.39 4.40
C THR C 242 -39.21 -36.63 5.05
N ILE C 243 -39.39 -35.34 5.34
CA ILE C 243 -38.34 -34.61 6.04
C ILE C 243 -38.08 -35.23 7.41
N VAL C 244 -39.15 -35.55 8.13
CA VAL C 244 -38.98 -36.12 9.46
C VAL C 244 -38.25 -37.46 9.36
N LEU C 245 -38.68 -38.31 8.43
CA LEU C 245 -38.04 -39.61 8.32
C LEU C 245 -36.57 -39.47 7.96
N SER C 246 -36.25 -38.58 7.02
CA SER C 246 -34.87 -38.39 6.63
C SER C 246 -34.03 -37.87 7.78
N ALA C 247 -34.58 -36.92 8.55
CA ALA C 247 -33.84 -36.38 9.69
C ALA C 247 -33.57 -37.45 10.74
N LEU C 248 -34.58 -38.26 11.03
CA LEU C 248 -34.36 -39.35 11.98
C LEU C 248 -33.29 -40.31 11.47
N SER C 249 -33.36 -40.69 10.21
CA SER C 249 -32.37 -41.60 9.66
C SER C 249 -30.98 -40.99 9.69
N GLY C 250 -30.86 -39.71 9.37
CA GLY C 250 -29.56 -39.06 9.37
C GLY C 250 -28.95 -38.98 10.75
N LEU C 251 -29.76 -38.62 11.76
CA LEU C 251 -29.26 -38.60 13.12
C LEU C 251 -28.84 -39.98 13.58
N LYS C 252 -29.65 -41.00 13.24
CA LYS C 252 -29.27 -42.36 13.59
C LYS C 252 -27.93 -42.71 12.97
N LYS C 253 -27.73 -42.33 11.71
CA LYS C 253 -26.47 -42.65 11.04
C LYS C 253 -25.30 -41.92 11.69
N LYS C 254 -25.47 -40.65 12.05
CA LYS C 254 -24.39 -39.92 12.69
C LYS C 254 -23.99 -40.58 14.01
N LEU C 255 -24.99 -40.96 14.81
CA LEU C 255 -24.67 -41.66 16.05
C LEU C 255 -23.96 -42.97 15.77
N SER C 256 -24.41 -43.70 14.75
CA SER C 256 -23.77 -44.98 14.44
C SER C 256 -22.30 -44.78 14.08
N ASP C 257 -22.02 -43.78 13.24
CA ASP C 257 -20.64 -43.52 12.86
C ASP C 257 -19.80 -43.12 14.06
N LEU C 258 -20.35 -42.27 14.93
CA LEU C 258 -19.61 -41.87 16.11
C LEU C 258 -19.30 -43.06 17.00
N GLN C 259 -20.29 -43.94 17.17
CA GLN C 259 -20.08 -45.13 17.98
C GLN C 259 -18.99 -46.00 17.40
N THR C 260 -18.99 -46.16 16.07
CA THR C 260 -17.93 -46.95 15.43
C THR C 260 -16.56 -46.32 15.65
N GLN C 261 -16.46 -45.01 15.48
CA GLN C 261 -15.18 -44.34 15.68
C GLN C 261 -14.69 -44.48 17.11
N LEU C 262 -15.58 -44.30 18.08
CA LEU C 262 -15.20 -44.47 19.47
C LEU C 262 -14.74 -45.89 19.73
N SER C 263 -15.45 -46.88 19.17
CA SER C 263 -15.04 -48.26 19.37
C SER C 263 -13.64 -48.50 18.82
N HIS C 264 -13.37 -47.99 17.62
CA HIS C 264 -12.05 -48.16 17.04
C HIS C 264 -11.00 -47.47 17.91
N GLU C 265 -11.31 -46.28 18.40
CA GLU C 265 -10.36 -45.55 19.24
C GLU C 265 -10.04 -46.33 20.51
N ILE C 266 -11.07 -46.86 21.18
CA ILE C 266 -10.84 -47.62 22.40
C ILE C 266 -10.03 -48.87 22.10
N GLN C 267 -10.40 -49.59 21.04
CA GLN C 267 -9.68 -50.82 20.70
C GLN C 267 -8.22 -50.52 20.42
N SER C 268 -7.95 -49.43 19.70
CA SER C 268 -6.57 -49.08 19.39
C SER C 268 -5.77 -48.83 20.66
N ASP C 269 -6.38 -48.17 21.63
CA ASP C 269 -5.71 -47.86 22.89
C ASP C 269 -5.41 -49.13 23.68
N GLU D 1 60.80 13.43 8.98
CA GLU D 1 61.38 13.96 10.25
C GLU D 1 61.89 12.83 11.13
N GLU D 2 61.25 11.66 11.04
CA GLU D 2 61.60 10.51 11.85
C GLU D 2 62.96 9.98 11.40
N ASP D 3 63.99 10.27 12.19
CA ASP D 3 65.35 9.82 11.88
C ASP D 3 66.00 9.41 13.19
N ALA D 4 66.30 8.12 13.32
CA ALA D 4 66.94 7.64 14.53
C ALA D 4 68.32 8.28 14.74
N SER D 5 68.94 8.76 13.66
CA SER D 5 70.27 9.34 13.79
C SER D 5 70.26 10.54 14.72
N GLN D 6 69.26 11.40 14.61
CA GLN D 6 69.15 12.58 15.45
C GLN D 6 68.32 12.32 16.71
N LEU D 7 68.10 11.06 17.06
CA LEU D 7 67.44 10.70 18.31
C LEU D 7 66.06 11.35 18.41
N ILE D 8 65.21 11.03 17.45
CA ILE D 8 63.83 11.50 17.42
C ILE D 8 62.94 10.35 17.01
N PHE D 9 61.86 10.15 17.75
CA PHE D 9 60.93 9.06 17.50
C PHE D 9 59.55 9.47 17.98
N PRO D 10 58.50 8.79 17.51
CA PRO D 10 57.15 9.12 17.97
C PRO D 10 57.00 8.88 19.46
N LYS D 11 56.03 9.59 20.04
CA LYS D 11 55.82 9.52 21.49
C LYS D 11 55.57 8.09 21.93
N GLU D 12 54.75 7.36 21.19
CA GLU D 12 54.49 5.97 21.54
C GLU D 12 55.77 5.15 21.51
N PHE D 13 56.59 5.35 20.49
CA PHE D 13 57.82 4.59 20.36
C PHE D 13 58.90 5.05 21.33
N GLU D 14 58.81 6.27 21.84
CA GLU D 14 59.81 6.76 22.78
C GLU D 14 59.86 5.90 24.03
N THR D 15 58.70 5.48 24.52
CA THR D 15 58.59 4.69 25.73
C THR D 15 58.69 3.19 25.46
N ALA D 16 59.35 2.80 24.38
CA ALA D 16 59.47 1.39 24.05
C ALA D 16 60.61 0.75 24.85
N GLU D 17 60.72 -0.57 24.74
CA GLU D 17 61.74 -1.35 25.42
C GLU D 17 62.65 -1.97 24.37
N THR D 18 63.92 -1.54 24.36
CA THR D 18 64.86 -2.03 23.37
C THR D 18 65.11 -3.52 23.57
N LEU D 19 65.41 -4.19 22.46
CA LEU D 19 65.72 -5.61 22.47
C LEU D 19 67.00 -5.87 21.69
N LEU D 20 67.76 -6.85 22.15
CA LEU D 20 69.00 -7.24 21.49
C LEU D 20 68.77 -8.49 20.63
N ASN D 21 69.67 -8.66 19.66
CA ASN D 21 69.52 -9.76 18.71
C ASN D 21 69.48 -11.10 19.44
N SER D 22 70.42 -11.32 20.36
CA SER D 22 70.42 -12.56 21.13
C SER D 22 69.16 -12.66 21.98
N GLU D 23 68.73 -11.54 22.58
CA GLU D 23 67.52 -11.56 23.39
C GLU D 23 66.32 -12.02 22.58
N VAL D 24 66.10 -11.41 21.43
CA VAL D 24 64.97 -11.79 20.58
C VAL D 24 65.14 -13.22 20.11
N HIS D 25 66.37 -13.60 19.77
CA HIS D 25 66.60 -14.95 19.27
C HIS D 25 66.18 -15.99 20.31
N MET D 26 66.62 -15.81 21.55
CA MET D 26 66.27 -16.77 22.59
C MET D 26 64.79 -16.71 22.91
N LEU D 27 64.18 -15.51 22.87
CA LEU D 27 62.75 -15.43 23.09
C LEU D 27 62.00 -16.26 22.06
N LEU D 28 62.34 -16.08 20.79
CA LEU D 28 61.69 -16.84 19.73
C LEU D 28 61.98 -18.31 19.87
N GLU D 29 63.21 -18.66 20.27
CA GLU D 29 63.56 -20.05 20.45
C GLU D 29 62.67 -20.68 21.52
N HIS D 30 62.51 -20.00 22.65
CA HIS D 30 61.67 -20.53 23.71
C HIS D 30 60.21 -20.62 23.26
N ARG D 31 59.75 -19.62 22.51
CA ARG D 31 58.38 -19.68 22.02
C ARG D 31 58.19 -20.88 21.11
N LYS D 32 59.15 -21.13 20.23
CA LYS D 32 59.07 -22.30 19.37
C LYS D 32 59.08 -23.57 20.18
N GLN D 33 59.93 -23.63 21.22
CA GLN D 33 59.99 -24.82 22.05
C GLN D 33 58.66 -25.08 22.74
N GLN D 34 58.01 -24.01 23.19
CA GLN D 34 56.70 -24.17 23.81
C GLN D 34 55.65 -24.57 22.79
N ASN D 35 55.72 -24.00 21.59
CA ASN D 35 54.66 -24.22 20.60
C ASN D 35 54.77 -25.62 19.99
N GLU D 36 55.98 -26.08 19.73
CA GLU D 36 56.16 -27.40 19.14
C GLU D 36 55.49 -28.47 19.99
N SER D 37 55.63 -28.36 21.32
CA SER D 37 54.92 -29.26 22.22
C SER D 37 53.42 -28.94 22.18
N ALA D 38 52.66 -29.62 23.03
CA ALA D 38 51.22 -29.41 23.11
C ALA D 38 50.59 -29.62 21.74
N GLU D 39 50.68 -30.87 21.28
CA GLU D 39 50.22 -31.25 19.95
C GLU D 39 48.78 -30.78 19.72
N ASP D 40 48.36 -30.79 18.46
CA ASP D 40 47.10 -30.16 18.07
C ASP D 40 47.21 -28.65 18.30
N GLU D 41 48.23 -28.03 17.71
CA GLU D 41 48.43 -26.60 17.79
C GLU D 41 48.87 -26.08 16.44
N GLN D 42 48.41 -24.88 16.09
CA GLN D 42 48.75 -24.30 14.79
C GLN D 42 50.26 -24.07 14.71
N GLU D 43 50.85 -24.55 13.62
CA GLU D 43 52.30 -24.51 13.50
C GLU D 43 52.79 -23.10 13.17
N LEU D 44 54.08 -22.89 13.39
CA LEU D 44 54.66 -21.58 13.15
C LEU D 44 54.51 -21.19 11.69
N SER D 45 54.58 -19.89 11.44
CA SER D 45 54.44 -19.34 10.11
C SER D 45 55.82 -19.04 9.52
N GLU D 46 55.84 -18.82 8.21
CA GLU D 46 57.09 -18.48 7.54
C GLU D 46 57.74 -17.26 8.18
N VAL D 47 56.95 -16.33 8.70
CA VAL D 47 57.50 -15.16 9.36
C VAL D 47 58.37 -15.59 10.53
N PHE D 48 57.86 -16.51 11.34
CA PHE D 48 58.63 -16.99 12.49
C PHE D 48 59.93 -17.64 12.04
N MET D 49 59.86 -18.48 11.01
CA MET D 49 61.05 -19.19 10.56
C MET D 49 62.09 -18.22 10.02
N LYS D 50 61.66 -17.26 9.20
CA LYS D 50 62.60 -16.30 8.63
C LYS D 50 63.22 -15.43 9.72
N THR D 51 62.42 -14.99 10.68
CA THR D 51 62.98 -14.22 11.78
C THR D 51 63.97 -15.05 12.58
N LEU D 52 63.64 -16.33 12.82
CA LEU D 52 64.53 -17.19 13.59
C LEU D 52 65.87 -17.35 12.90
N ASN D 53 65.85 -17.73 11.63
CA ASN D 53 67.11 -17.92 10.91
C ASN D 53 67.83 -16.59 10.69
N TYR D 54 67.11 -15.47 10.68
CA TYR D 54 67.76 -14.18 10.56
C TYR D 54 68.50 -13.82 11.83
N THR D 55 67.83 -13.92 12.97
CA THR D 55 68.46 -13.59 14.24
C THR D 55 69.49 -14.63 14.64
N ALA D 56 69.33 -15.88 14.19
CA ALA D 56 70.29 -16.91 14.53
C ALA D 56 71.67 -16.61 13.96
N ARG D 57 71.73 -15.86 12.87
CA ARG D 57 72.99 -15.57 12.19
C ARG D 57 73.73 -14.39 12.80
N PHE D 58 73.22 -13.83 13.90
CA PHE D 58 73.87 -12.68 14.52
C PHE D 58 73.87 -12.79 16.03
N SER D 59 73.85 -14.01 16.56
CA SER D 59 73.85 -14.25 18.00
C SER D 59 75.27 -14.11 18.50
N ARG D 60 75.65 -12.88 18.87
CA ARG D 60 77.00 -12.64 19.37
C ARG D 60 77.29 -13.46 20.61
N PHE D 61 76.26 -13.91 21.33
CA PHE D 61 76.46 -14.69 22.54
C PHE D 61 75.17 -15.43 22.84
N LYS D 62 75.31 -16.67 23.30
CA LYS D 62 74.15 -17.50 23.61
C LYS D 62 73.74 -17.41 25.07
N ASN D 63 74.65 -17.04 25.96
CA ASN D 63 74.37 -17.09 27.38
C ASN D 63 73.49 -15.92 27.76
N ARG D 64 72.31 -16.21 28.29
CA ARG D 64 71.46 -15.15 28.80
C ARG D 64 72.19 -14.30 29.82
N GLU D 65 73.06 -14.92 30.62
CA GLU D 65 73.82 -14.18 31.60
C GLU D 65 74.74 -13.17 30.92
N THR D 66 75.32 -13.54 29.78
CA THR D 66 76.12 -12.58 29.03
C THR D 66 75.27 -11.39 28.63
N ILE D 67 74.04 -11.64 28.20
CA ILE D 67 73.13 -10.56 27.84
C ILE D 67 72.88 -9.65 29.03
N ALA D 68 72.58 -10.27 30.18
CA ALA D 68 72.31 -9.49 31.38
C ALA D 68 73.52 -8.64 31.73
N SER D 69 74.71 -9.24 31.68
CA SER D 69 75.91 -8.51 32.03
C SER D 69 76.13 -7.33 31.09
N VAL D 70 75.98 -7.55 29.78
CA VAL D 70 76.24 -6.46 28.84
C VAL D 70 75.24 -5.33 29.05
N ARG D 71 73.96 -5.67 29.22
CA ARG D 71 72.98 -4.61 29.42
C ARG D 71 73.23 -3.88 30.72
N SER D 72 73.59 -4.62 31.78
CA SER D 72 73.83 -3.99 33.07
C SER D 72 75.01 -3.03 33.01
N LEU D 73 76.11 -3.47 32.41
CA LEU D 73 77.26 -2.59 32.32
C LEU D 73 76.99 -1.42 31.41
N LEU D 74 76.10 -1.57 30.43
CA LEU D 74 75.83 -0.45 29.53
C LEU D 74 74.92 0.57 30.18
N LEU D 75 73.86 0.11 30.85
CA LEU D 75 72.85 1.02 31.39
C LEU D 75 73.43 2.00 32.39
N GLN D 76 74.59 1.67 32.99
CA GLN D 76 75.18 2.56 33.98
C GLN D 76 75.58 3.89 33.36
N LYS D 77 75.63 3.98 32.03
CA LYS D 77 76.03 5.21 31.37
C LYS D 77 74.83 6.13 31.16
N LYS D 78 75.09 7.26 30.50
CA LYS D 78 74.09 8.28 30.26
C LYS D 78 73.54 8.24 28.84
N LEU D 79 73.75 7.13 28.13
CA LEU D 79 73.29 7.02 26.76
C LEU D 79 71.82 6.60 26.71
N HIS D 80 71.14 7.04 25.65
CA HIS D 80 69.73 6.73 25.50
C HIS D 80 69.53 5.25 25.19
N LYS D 81 68.26 4.83 25.25
CA LYS D 81 67.93 3.43 24.98
C LYS D 81 68.32 3.05 23.56
N PHE D 82 68.09 3.94 22.60
CA PHE D 82 68.45 3.64 21.21
C PHE D 82 69.91 3.24 21.10
N GLU D 83 70.79 3.91 21.84
CA GLU D 83 72.20 3.59 21.80
C GLU D 83 72.50 2.23 22.42
N LEU D 84 71.54 1.64 23.13
CA LEU D 84 71.77 0.36 23.79
C LEU D 84 71.63 -0.83 22.85
N ALA D 85 70.90 -0.68 21.75
CA ALA D 85 70.66 -1.81 20.85
C ALA D 85 71.69 -1.87 19.73
N CYS D 86 71.81 -0.79 18.95
CA CYS D 86 72.71 -0.81 17.81
C CYS D 86 74.15 -1.07 18.23
N LEU D 87 74.63 -0.30 19.20
CA LEU D 87 76.03 -0.45 19.61
C LEU D 87 76.28 -1.84 20.16
N ALA D 88 75.33 -2.37 20.93
CA ALA D 88 75.46 -3.69 21.49
C ALA D 88 75.36 -4.78 20.43
N ASN D 89 74.75 -4.49 19.29
CA ASN D 89 74.53 -5.49 18.26
C ASN D 89 75.68 -5.54 17.25
N LEU D 90 76.06 -4.38 16.72
CA LEU D 90 77.10 -4.35 15.70
C LEU D 90 78.44 -4.80 16.25
N CYS D 91 78.79 -4.35 17.45
CA CYS D 91 80.09 -4.65 18.06
C CYS D 91 81.22 -4.13 17.17
N PRO D 92 81.30 -2.82 16.97
CA PRO D 92 82.41 -2.28 16.17
C PRO D 92 83.75 -2.48 16.87
N GLU D 93 84.79 -2.60 16.05
CA GLU D 93 86.12 -2.89 16.59
C GLU D 93 86.70 -1.69 17.32
N THR D 94 86.65 -0.52 16.70
CA THR D 94 87.33 0.66 17.20
C THR D 94 86.34 1.80 17.41
N ALA D 95 86.66 2.70 18.34
CA ALA D 95 85.77 3.82 18.64
C ALA D 95 85.53 4.67 17.40
N GLU D 96 86.53 4.80 16.53
CA GLU D 96 86.33 5.57 15.32
C GLU D 96 85.21 4.98 14.48
N GLU D 97 85.22 3.66 14.31
CA GLU D 97 84.21 3.00 13.51
C GLU D 97 82.83 3.18 14.12
N SER D 98 82.72 3.04 15.45
CA SER D 98 81.44 3.25 16.12
C SER D 98 80.94 4.67 15.90
N LYS D 99 81.82 5.65 16.11
CA LYS D 99 81.43 7.04 15.94
C LYS D 99 80.98 7.31 14.50
N ALA D 100 81.70 6.75 13.54
CA ALA D 100 81.32 6.92 12.14
C ALA D 100 79.96 6.30 11.87
N LEU D 101 79.74 5.09 12.38
CA LEU D 101 78.48 4.40 12.12
C LEU D 101 77.31 5.12 12.81
N ILE D 102 77.52 5.54 14.05
CA ILE D 102 76.50 6.25 14.82
C ILE D 102 76.95 7.70 14.96
N PRO D 103 76.34 8.65 14.24
CA PRO D 103 76.77 10.05 14.39
C PRO D 103 76.52 10.61 15.77
N SER D 104 75.60 10.03 16.54
CA SER D 104 75.29 10.59 17.86
C SER D 104 76.50 10.58 18.77
N LEU D 105 77.33 9.54 18.67
CA LEU D 105 78.50 9.43 19.52
C LEU D 105 79.51 10.53 19.27
N GLU D 106 79.46 11.19 18.12
CA GLU D 106 80.44 12.21 17.78
C GLU D 106 80.38 13.34 18.80
N GLY D 107 81.42 13.45 19.62
CA GLY D 107 81.48 14.47 20.65
C GLY D 107 80.69 14.17 21.89
N ARG D 108 79.89 13.09 21.89
CA ARG D 108 79.12 12.75 23.07
C ARG D 108 79.99 12.18 24.17
N PHE D 109 81.12 11.57 23.81
CA PHE D 109 81.98 10.92 24.79
C PHE D 109 83.41 10.92 24.28
N GLU D 110 84.34 10.63 25.20
CA GLU D 110 85.75 10.62 24.88
C GLU D 110 86.12 9.37 24.07
N ASP D 111 87.24 9.48 23.35
CA ASP D 111 87.67 8.39 22.49
C ASP D 111 88.06 7.16 23.29
N GLU D 112 88.89 7.33 24.32
CA GLU D 112 89.27 6.20 25.15
C GLU D 112 88.07 5.66 25.92
N GLU D 113 87.19 6.55 26.38
CA GLU D 113 86.03 6.14 27.14
C GLU D 113 85.16 5.19 26.32
N LEU D 114 85.00 5.49 25.03
CA LEU D 114 84.26 4.61 24.14
C LEU D 114 85.07 3.39 23.73
N GLN D 115 86.37 3.56 23.52
CA GLN D 115 87.19 2.45 23.07
C GLN D 115 87.24 1.34 24.12
N GLN D 116 87.36 1.72 25.39
CA GLN D 116 87.35 0.73 26.45
C GLN D 116 86.04 -0.04 26.45
N ILE D 117 84.92 0.66 26.23
CA ILE D 117 83.63 -0.02 26.19
C ILE D 117 83.59 -0.99 25.01
N LEU D 118 84.08 -0.55 23.85
CA LEU D 118 84.10 -1.42 22.68
C LEU D 118 84.94 -2.65 22.94
N ASP D 119 86.11 -2.47 23.54
CA ASP D 119 86.97 -3.61 23.85
C ASP D 119 86.27 -4.56 24.81
N ASP D 120 85.62 -4.02 25.84
CA ASP D 120 84.90 -4.86 26.78
C ASP D 120 83.82 -5.65 26.06
N ILE D 121 83.09 -4.99 25.17
CA ILE D 121 82.03 -5.66 24.42
C ILE D 121 82.62 -6.79 23.60
N GLN D 122 83.71 -6.50 22.87
CA GLN D 122 84.33 -7.51 22.04
C GLN D 122 84.74 -8.72 22.88
N THR D 123 85.35 -8.46 24.04
CA THR D 123 85.73 -9.56 24.92
C THR D 123 84.52 -10.37 25.36
N LYS D 124 83.42 -9.67 25.71
CA LYS D 124 82.23 -10.37 26.17
C LYS D 124 81.68 -11.29 25.10
N ARG D 125 81.95 -10.99 23.83
CA ARG D 125 81.51 -11.86 22.76
C ARG D 125 82.07 -13.27 22.95
N SER D 126 81.26 -14.26 22.62
CA SER D 126 81.70 -15.66 22.69
C SER D 126 82.34 -16.07 21.36
N ASP E 1 -1.99 59.77 58.11
CA ASP E 1 -2.69 59.31 59.34
C ASP E 1 -1.71 59.17 60.49
N ASP E 2 -2.23 59.20 61.72
CA ASP E 2 -1.41 59.02 62.92
C ASP E 2 -1.51 57.61 63.46
N GLU E 3 -2.71 57.17 63.85
CA GLU E 3 -2.83 55.86 64.47
C GLU E 3 -2.37 54.77 63.51
N GLU E 4 -2.78 54.85 62.24
CA GLU E 4 -2.39 53.84 61.28
C GLU E 4 -0.88 53.81 61.11
N GLU E 5 -0.26 54.98 61.06
CA GLU E 5 1.19 55.03 60.90
C GLU E 5 1.89 54.37 62.09
N THR E 6 1.40 54.64 63.30
CA THR E 6 1.98 53.99 64.48
C THR E 6 1.82 52.48 64.40
N TYR E 7 0.64 52.03 63.99
CA TYR E 7 0.44 50.59 63.85
C TYR E 7 1.42 50.00 62.84
N ARG E 8 1.59 50.69 61.71
CA ARG E 8 2.50 50.19 60.68
C ARG E 8 3.92 50.11 61.22
N LEU E 9 4.35 51.13 61.95
CA LEU E 9 5.71 51.12 62.50
C LEU E 9 5.89 49.98 63.47
N TRP E 10 4.90 49.75 64.35
CA TRP E 10 5.01 48.66 65.30
C TRP E 10 5.08 47.33 64.58
N LYS E 11 4.25 47.14 63.55
CA LYS E 11 4.28 45.89 62.81
C LYS E 11 5.64 45.69 62.13
N ILE E 12 6.18 46.75 61.55
CA ILE E 12 7.49 46.65 60.90
C ILE E 12 8.54 46.25 61.91
N ARG E 13 8.52 46.87 63.09
CA ARG E 13 9.52 46.55 64.10
C ARG E 13 9.40 45.10 64.55
N LYS E 14 8.16 44.64 64.77
CA LYS E 14 7.97 43.25 65.16
C LYS E 14 8.50 42.31 64.08
N THR E 15 8.23 42.63 62.82
CA THR E 15 8.72 41.82 61.72
C THR E 15 10.24 41.74 61.72
N ILE E 16 10.88 42.89 61.89
CA ILE E 16 12.35 42.94 61.87
C ILE E 16 12.91 42.14 63.05
N MET E 17 12.29 42.27 64.22
CA MET E 17 12.78 41.52 65.38
C MET E 17 12.66 40.03 65.14
N GLN E 18 11.51 39.58 64.63
CA GLN E 18 11.37 38.16 64.31
C GLN E 18 12.41 37.73 63.30
N LEU E 19 12.69 38.59 62.31
CA LEU E 19 13.68 38.27 61.29
C LEU E 19 15.06 38.09 61.91
N CYS E 20 15.49 39.06 62.70
CA CYS E 20 16.79 38.96 63.35
C CYS E 20 16.87 37.71 64.20
N HIS E 21 15.79 37.40 64.93
CA HIS E 21 15.80 36.19 65.74
C HIS E 21 15.95 34.95 64.88
N ASP E 22 15.27 34.92 63.74
CA ASP E 22 15.36 33.77 62.85
C ASP E 22 16.78 33.61 62.32
N ARG E 23 17.43 34.72 61.98
CA ARG E 23 18.78 34.64 61.44
C ARG E 23 19.75 34.08 62.46
N GLY E 24 19.63 34.48 63.72
CA GLY E 24 20.49 33.96 64.77
C GLY E 24 20.85 35.00 65.81
N TYR E 25 20.61 36.28 65.51
CA TYR E 25 20.95 37.33 66.46
C TYR E 25 20.07 37.22 67.70
N LEU E 26 20.68 37.39 68.86
CA LEU E 26 19.94 37.27 70.11
C LEU E 26 19.03 38.47 70.31
N VAL E 27 17.79 38.22 70.73
CA VAL E 27 16.82 39.27 70.98
C VAL E 27 15.98 38.90 72.20
N THR E 28 15.48 39.93 72.89
CA THR E 28 14.61 39.71 74.03
C THR E 28 13.38 38.91 73.63
N GLN E 29 13.02 37.96 74.47
CA GLN E 29 11.71 37.34 74.30
C GLN E 29 10.60 38.36 74.47
N ASP E 30 10.88 39.46 75.17
CA ASP E 30 9.88 40.50 75.33
C ASP E 30 9.65 41.24 74.02
N GLU E 31 10.70 41.91 73.51
CA GLU E 31 10.53 42.68 72.28
C GLU E 31 10.15 41.80 71.10
N LEU E 32 10.46 40.51 71.16
CA LEU E 32 10.10 39.62 70.07
C LEU E 32 8.60 39.62 69.85
N ASP E 33 7.83 39.68 70.94
CA ASP E 33 6.37 39.61 70.86
C ASP E 33 5.75 40.71 71.71
N GLN E 34 6.29 41.92 71.63
CA GLN E 34 5.71 43.02 72.39
C GLN E 34 4.45 43.51 71.70
N THR E 35 3.42 43.76 72.50
CA THR E 35 2.15 44.22 71.94
C THR E 35 2.34 45.63 71.42
N LEU E 36 1.26 46.27 71.03
CA LEU E 36 1.33 47.65 70.58
C LEU E 36 1.21 48.65 71.73
N GLU E 37 0.55 48.27 72.83
CA GLU E 37 0.35 49.22 73.92
C GLU E 37 1.70 49.71 74.46
N GLU E 38 2.59 48.79 74.82
CA GLU E 38 3.89 49.21 75.30
C GLU E 38 4.64 49.99 74.24
N PHE E 39 4.39 49.70 72.96
CA PHE E 39 5.04 50.47 71.91
C PHE E 39 4.62 51.93 71.98
N LYS E 40 3.31 52.18 72.07
CA LYS E 40 2.84 53.54 72.26
C LYS E 40 3.48 54.16 73.49
N ALA E 41 3.39 53.46 74.63
CA ALA E 41 3.88 54.02 75.87
C ALA E 41 5.37 54.29 75.83
N GLN E 42 6.10 53.57 74.98
CA GLN E 42 7.53 53.77 74.88
C GLN E 42 7.87 55.00 74.04
N PHE E 43 7.24 55.12 72.86
CA PHE E 43 7.70 56.15 71.94
C PHE E 43 6.86 57.42 71.99
N GLY E 44 5.53 57.29 72.06
CA GLY E 44 4.69 58.46 72.20
C GLY E 44 3.44 58.40 71.37
N ASP E 45 3.43 57.54 70.35
CA ASP E 45 2.24 57.31 69.54
C ASP E 45 1.82 58.56 68.78
N LYS E 46 2.75 59.48 68.56
CA LYS E 46 2.50 60.68 67.77
C LYS E 46 3.54 60.74 66.67
N PRO E 47 3.52 59.78 65.75
CA PRO E 47 4.47 59.81 64.63
C PRO E 47 4.35 61.06 63.79
N SER E 48 3.16 61.63 63.70
CA SER E 48 2.94 62.80 62.86
C SER E 48 3.65 63.99 63.47
N GLU E 49 4.92 64.18 63.11
CA GLU E 49 5.71 65.30 63.63
C GLU E 49 5.77 65.25 65.15
N GLY E 50 6.09 64.07 65.68
CA GLY E 50 6.18 63.90 67.12
C GLY E 50 7.29 62.96 67.55
N ARG E 51 7.17 62.45 68.78
CA ARG E 51 8.27 61.69 69.35
C ARG E 51 8.59 60.43 68.56
N PRO E 52 7.64 59.55 68.26
CA PRO E 52 7.99 58.35 67.51
C PRO E 52 8.35 58.70 66.07
N ARG E 53 9.51 59.31 65.87
CA ARG E 53 9.98 59.69 64.56
C ARG E 53 11.04 58.70 64.08
N ARG E 54 11.05 58.46 62.77
CA ARG E 54 11.95 57.47 62.21
C ARG E 54 13.40 57.82 62.52
N THR E 55 14.29 56.84 62.34
CA THR E 55 15.71 57.01 62.60
C THR E 55 16.00 57.05 64.09
N ASP E 56 14.95 57.14 64.91
CA ASP E 56 15.10 57.09 66.35
C ASP E 56 14.75 55.73 66.92
N LEU E 57 13.95 54.96 66.20
CA LEU E 57 13.56 53.61 66.60
C LEU E 57 14.43 52.54 65.97
N THR E 58 15.55 52.92 65.34
CA THR E 58 16.48 51.93 64.85
C THR E 58 16.95 51.03 65.99
N VAL E 59 17.31 49.81 65.65
CA VAL E 59 17.75 48.83 66.64
C VAL E 59 19.02 48.16 66.16
N LEU E 60 19.99 48.04 67.05
CA LEU E 60 21.25 47.34 66.78
C LEU E 60 21.27 46.08 67.63
N VAL E 61 21.51 44.94 66.99
CA VAL E 61 21.52 43.65 67.66
C VAL E 61 22.77 42.90 67.27
N ALA E 62 23.39 42.23 68.23
CA ALA E 62 24.60 41.46 68.00
C ALA E 62 24.25 39.99 67.79
N HIS E 63 25.11 39.30 67.04
CA HIS E 63 24.86 37.90 66.77
C HIS E 63 24.88 37.10 68.05
N ASN E 64 24.27 35.92 68.00
CA ASN E 64 24.19 35.08 69.19
C ASN E 64 25.58 34.67 69.67
N ASP E 65 26.32 33.95 68.83
CA ASP E 65 27.61 33.41 69.26
C ASP E 65 28.77 34.37 69.08
N ASP E 66 28.71 35.24 68.06
CA ASP E 66 29.75 36.23 67.81
C ASP E 66 29.26 37.57 68.32
N PRO E 67 29.53 37.92 69.59
CA PRO E 67 29.08 39.23 70.09
C PRO E 67 29.69 40.39 69.34
N THR E 68 30.74 40.16 68.55
CA THR E 68 31.38 41.22 67.79
C THR E 68 30.62 41.60 66.52
N ASP E 69 29.67 40.79 66.08
CA ASP E 69 28.98 41.03 64.82
C ASP E 69 27.59 41.60 65.09
N GLN E 70 27.31 42.74 64.49
CA GLN E 70 26.03 43.42 64.67
C GLN E 70 25.46 43.78 63.30
N MET E 71 24.34 44.50 63.29
CA MET E 71 23.78 44.97 62.03
C MET E 71 22.77 46.05 62.33
N PHE E 72 22.87 47.16 61.61
CA PHE E 72 21.94 48.25 61.84
C PHE E 72 20.63 48.01 61.12
N VAL E 73 19.61 48.75 61.55
CA VAL E 73 18.29 48.74 60.92
C VAL E 73 17.87 50.20 60.83
N PHE E 74 18.18 50.86 59.72
CA PHE E 74 17.87 52.27 59.56
C PHE E 74 16.45 52.44 59.06
N PHE E 75 15.99 53.69 59.06
CA PHE E 75 14.64 54.02 58.61
C PHE E 75 14.65 55.43 58.04
N PRO E 76 15.26 55.63 56.89
CA PRO E 76 15.37 56.98 56.34
C PRO E 76 14.00 57.59 56.11
N GLU E 77 13.92 58.90 56.35
CA GLU E 77 12.66 59.62 56.16
C GLU E 77 12.36 59.94 54.71
N GLU E 78 13.37 59.91 53.85
CA GLU E 78 13.15 60.31 52.47
C GLU E 78 12.29 59.27 51.76
N PRO E 79 11.11 59.63 51.24
CA PRO E 79 10.33 58.62 50.50
C PRO E 79 11.12 58.00 49.37
N LYS E 80 11.87 58.81 48.64
CA LYS E 80 12.71 58.35 47.54
C LYS E 80 14.15 58.51 48.00
N VAL E 81 14.66 57.50 48.72
CA VAL E 81 16.00 57.58 49.26
C VAL E 81 17.02 57.75 48.13
N GLY E 82 17.96 58.66 48.32
CA GLY E 82 19.03 58.90 47.37
C GLY E 82 20.29 58.12 47.70
N ILE E 83 21.43 58.65 47.26
CA ILE E 83 22.72 58.02 47.55
C ILE E 83 23.38 58.76 48.72
N LYS E 84 23.11 60.05 48.83
CA LYS E 84 23.69 60.83 49.91
C LYS E 84 23.33 60.24 51.25
N THR E 85 22.07 59.84 51.43
CA THR E 85 21.63 59.26 52.69
C THR E 85 22.38 57.97 52.98
N ILE E 86 22.40 57.04 52.01
CA ILE E 86 23.15 55.81 52.22
C ILE E 86 24.63 56.12 52.39
N LYS E 87 25.13 57.13 51.70
CA LYS E 87 26.53 57.49 51.84
C LYS E 87 26.84 57.88 53.29
N VAL E 88 26.01 58.74 53.87
CA VAL E 88 26.24 59.16 55.24
C VAL E 88 26.05 57.99 56.20
N TYR E 89 25.05 57.14 55.93
CA TYR E 89 24.87 55.97 56.78
C TYR E 89 26.13 55.12 56.80
N CYS E 90 26.66 54.79 55.62
CA CYS E 90 27.86 53.97 55.55
C CYS E 90 29.02 54.66 56.25
N GLN E 91 29.19 55.96 56.01
CA GLN E 91 30.26 56.69 56.69
C GLN E 91 30.14 56.54 58.19
N ARG E 92 28.94 56.77 58.73
CA ARG E 92 28.74 56.66 60.18
C ARG E 92 28.87 55.23 60.64
N MET E 93 28.55 54.26 59.79
CA MET E 93 28.81 52.87 60.15
C MET E 93 30.30 52.59 60.23
N GLN E 94 31.10 53.23 59.38
CA GLN E 94 32.51 52.90 59.29
C GLN E 94 33.22 53.04 60.62
N GLU E 95 32.71 53.89 61.51
CA GLU E 95 33.39 54.11 62.79
C GLU E 95 33.50 52.81 63.57
N GLU E 96 32.43 52.04 63.60
CA GLU E 96 32.44 50.74 64.25
C GLU E 96 32.85 49.66 63.26
N ASN E 97 33.15 48.49 63.79
CA ASN E 97 33.56 47.34 62.99
C ASN E 97 32.40 46.62 62.38
N ILE E 98 31.17 47.12 62.58
CA ILE E 98 30.01 46.46 62.02
C ILE E 98 30.17 46.33 60.52
N THR E 99 29.57 45.29 59.96
CA THR E 99 29.67 45.05 58.53
C THR E 99 28.32 44.91 57.86
N ARG E 100 27.34 44.29 58.53
CA ARG E 100 26.02 44.09 57.97
C ARG E 100 25.07 45.18 58.43
N ALA E 101 24.00 45.37 57.68
CA ALA E 101 22.99 46.36 58.01
C ALA E 101 21.72 45.99 57.28
N LEU E 102 20.67 46.79 57.48
CA LEU E 102 19.39 46.53 56.83
C LEU E 102 18.67 47.86 56.71
N ILE E 103 18.30 48.23 55.50
CA ILE E 103 17.66 49.51 55.23
C ILE E 103 16.17 49.27 55.02
N VAL E 104 15.36 50.10 55.63
CA VAL E 104 13.92 50.10 55.44
C VAL E 104 13.57 51.40 54.74
N VAL E 105 13.23 51.32 53.47
CA VAL E 105 12.92 52.49 52.68
C VAL E 105 11.41 52.64 52.59
N GLN E 106 10.93 53.87 52.72
CA GLN E 106 9.51 54.13 52.50
C GLN E 106 9.09 53.63 51.13
N GLN E 107 9.59 54.29 50.08
CA GLN E 107 9.34 53.88 48.71
C GLN E 107 10.65 53.40 48.09
N GLY E 108 10.53 52.75 46.95
CA GLY E 108 11.68 52.16 46.28
C GLY E 108 12.81 53.15 46.08
N MET E 109 14.04 52.73 46.40
CA MET E 109 15.19 53.59 46.20
C MET E 109 15.49 53.78 44.71
N THR E 110 16.06 54.93 44.38
CA THR E 110 16.37 55.22 42.98
C THR E 110 17.37 54.21 42.44
N PRO E 111 17.32 53.91 41.14
CA PRO E 111 18.29 52.94 40.60
C PRO E 111 19.73 53.33 40.84
N SER E 112 20.03 54.64 40.82
CA SER E 112 21.39 55.08 41.10
C SER E 112 21.84 54.62 42.48
N ALA E 113 20.90 54.45 43.41
CA ALA E 113 21.26 54.05 44.76
C ALA E 113 21.67 52.58 44.82
N LYS E 114 20.99 51.72 44.07
CA LYS E 114 21.32 50.30 44.10
C LYS E 114 22.76 50.07 43.63
N GLN E 115 23.20 50.85 42.65
CA GLN E 115 24.58 50.72 42.18
C GLN E 115 25.56 50.97 43.32
N SER E 116 25.34 52.04 44.07
CA SER E 116 26.19 52.32 45.23
C SER E 116 26.08 51.20 46.26
N LEU E 117 24.87 50.71 46.51
CA LEU E 117 24.69 49.67 47.50
C LEU E 117 25.52 48.43 47.16
N VAL E 118 25.42 47.97 45.92
CA VAL E 118 26.19 46.81 45.51
C VAL E 118 27.66 47.13 45.49
N ASP E 119 28.03 48.38 45.20
CA ASP E 119 29.44 48.72 45.06
C ASP E 119 30.20 48.50 46.37
N MET E 120 29.63 48.94 47.49
CA MET E 120 30.26 48.74 48.78
C MET E 120 30.05 47.33 49.31
N ALA E 121 29.59 46.41 48.47
CA ALA E 121 29.14 45.11 48.95
C ALA E 121 30.23 44.32 49.67
N PRO E 122 31.39 44.06 49.07
CA PRO E 122 32.35 43.18 49.74
C PRO E 122 32.82 43.71 51.08
N LYS E 123 32.80 45.03 51.27
CA LYS E 123 33.30 45.65 52.49
C LYS E 123 32.21 45.88 53.53
N TYR E 124 30.99 46.19 53.10
CA TYR E 124 29.90 46.45 54.02
C TYR E 124 28.62 45.91 53.38
N ILE E 125 28.12 44.79 53.90
CA ILE E 125 26.91 44.19 53.36
C ILE E 125 25.72 45.01 53.86
N LEU E 126 24.92 45.49 52.93
CA LEU E 126 23.71 46.21 53.29
C LEU E 126 22.66 45.93 52.24
N GLU E 127 21.43 45.68 52.69
CA GLU E 127 20.32 45.32 51.84
C GLU E 127 19.11 46.17 52.22
N GLN E 128 18.13 46.18 51.34
CA GLN E 128 16.98 47.06 51.48
C GLN E 128 15.69 46.25 51.55
N PHE E 129 14.70 46.83 52.21
CA PHE E 129 13.39 46.21 52.34
C PHE E 129 12.35 47.32 52.27
N LEU E 130 11.30 47.12 51.48
CA LEU E 130 10.19 48.04 51.49
C LEU E 130 9.30 47.75 52.69
N GLN E 131 8.91 48.79 53.40
CA GLN E 131 8.00 48.59 54.52
C GLN E 131 6.79 47.78 54.09
N GLN E 132 6.29 48.03 52.88
CA GLN E 132 5.18 47.25 52.38
C GLN E 132 5.50 45.76 52.40
N GLU E 133 6.77 45.40 52.26
CA GLU E 133 7.18 44.01 52.32
C GLU E 133 7.43 43.51 53.73
N LEU E 134 7.48 44.41 54.72
CA LEU E 134 7.75 44.04 56.10
C LEU E 134 6.50 43.99 56.96
N LEU E 135 5.37 44.52 56.47
CA LEU E 135 4.16 44.55 57.28
C LEU E 135 3.65 43.16 57.60
N ILE E 136 4.13 42.14 56.90
CA ILE E 136 3.74 40.76 57.12
C ILE E 136 4.99 39.91 57.14
N ASN E 137 4.99 38.89 57.98
CA ASN E 137 6.11 37.96 58.09
C ASN E 137 5.78 36.73 57.24
N ILE E 138 6.40 36.63 56.07
CA ILE E 138 6.04 35.55 55.14
C ILE E 138 6.32 34.20 55.77
N THR E 139 7.44 34.06 56.47
CA THR E 139 7.85 32.74 56.95
C THR E 139 6.77 32.04 57.76
N GLU E 140 5.82 32.78 58.32
CA GLU E 140 4.73 32.15 59.04
C GLU E 140 3.66 31.61 58.10
N HIS E 141 3.68 31.99 56.83
CA HIS E 141 2.59 31.67 55.93
C HIS E 141 2.45 30.15 55.79
N GLU E 142 1.21 29.73 55.53
CA GLU E 142 0.92 28.30 55.45
C GLU E 142 1.70 27.65 54.32
N LEU E 143 1.78 28.31 53.17
CA LEU E 143 2.48 27.75 52.02
C LEU E 143 3.98 27.68 52.25
N VAL E 144 4.59 28.77 52.74
CA VAL E 144 6.04 28.84 52.90
C VAL E 144 6.47 27.86 53.96
N PRO E 145 7.17 26.78 53.62
CA PRO E 145 7.59 25.82 54.62
C PRO E 145 8.68 26.43 55.48
N GLU E 146 9.35 25.58 56.25
CA GLU E 146 10.37 26.02 57.19
C GLU E 146 11.75 25.89 56.56
N HIS E 147 12.47 27.00 56.48
CA HIS E 147 13.83 27.01 55.94
C HIS E 147 14.85 26.92 57.07
N VAL E 148 16.04 26.39 56.74
CA VAL E 148 17.14 26.29 57.69
C VAL E 148 18.44 26.52 56.91
N VAL E 149 19.05 27.68 57.12
CA VAL E 149 20.31 27.98 56.45
C VAL E 149 21.38 27.03 56.96
N MET E 150 22.09 26.38 56.04
CA MET E 150 23.06 25.38 56.42
C MET E 150 24.47 25.96 56.48
N THR E 151 25.29 25.35 57.32
CA THR E 151 26.69 25.74 57.46
C THR E 151 27.53 25.03 56.40
N LYS E 152 28.69 25.61 56.11
CA LYS E 152 29.49 25.08 55.01
C LYS E 152 29.89 23.64 55.27
N GLU E 153 30.25 23.30 56.51
CA GLU E 153 30.68 21.96 56.80
C GLU E 153 29.62 20.94 56.41
N GLU E 154 28.38 21.16 56.85
CA GLU E 154 27.33 20.20 56.54
C GLU E 154 26.98 20.21 55.06
N VAL E 155 27.13 21.35 54.38
CA VAL E 155 26.91 21.36 52.94
C VAL E 155 27.90 20.42 52.26
N THR E 156 29.16 20.51 52.65
CA THR E 156 30.16 19.59 52.12
C THR E 156 29.83 18.15 52.50
N GLU E 157 29.34 17.94 53.71
CA GLU E 157 28.97 16.60 54.14
C GLU E 157 27.87 16.04 53.24
N LEU E 158 26.86 16.84 52.97
CA LEU E 158 25.77 16.42 52.10
C LEU E 158 26.28 16.08 50.71
N LEU E 159 27.02 17.02 50.10
CA LEU E 159 27.51 16.79 48.75
C LEU E 159 28.36 15.53 48.68
N ALA E 160 29.19 15.29 49.71
CA ALA E 160 30.03 14.11 49.72
C ALA E 160 29.23 12.85 49.98
N ARG E 161 28.10 12.97 50.68
CA ARG E 161 27.25 11.80 50.90
C ARG E 161 26.59 11.37 49.60
N TYR E 162 25.90 12.29 48.93
CA TYR E 162 25.21 11.93 47.71
C TYR E 162 26.11 11.93 46.49
N LYS E 163 27.42 12.15 46.66
CA LYS E 163 28.36 12.14 45.54
C LYS E 163 27.89 13.06 44.43
N LEU E 164 27.16 14.10 44.81
CA LEU E 164 26.47 14.96 43.87
C LEU E 164 27.13 16.33 43.87
N ARG E 165 27.42 16.83 42.67
CA ARG E 165 28.05 18.13 42.56
C ARG E 165 27.05 19.23 42.92
N GLU E 166 27.50 20.21 43.70
CA GLU E 166 26.60 21.25 44.17
C GLU E 166 25.93 21.96 43.00
N ASN E 167 26.55 21.92 41.82
CA ASN E 167 25.91 22.49 40.65
C ASN E 167 24.64 21.74 40.26
N GLN E 168 24.51 20.49 40.70
CA GLN E 168 23.36 19.66 40.34
C GLN E 168 22.17 19.85 41.28
N LEU E 169 22.35 20.52 42.41
CA LEU E 169 21.23 20.73 43.31
C LEU E 169 20.26 21.74 42.71
N PRO E 170 19.00 21.74 43.15
CA PRO E 170 18.06 22.76 42.70
C PRO E 170 18.60 24.15 42.97
N ARG E 171 17.98 25.14 42.34
CA ARG E 171 18.41 26.52 42.43
C ARG E 171 17.33 27.36 43.12
N ILE E 172 17.77 28.47 43.71
CA ILE E 172 16.88 29.48 44.25
C ILE E 172 17.56 30.82 44.12
N GLN E 173 17.02 31.70 43.30
CA GLN E 173 17.69 32.98 43.08
C GLN E 173 17.69 33.80 44.36
N ALA E 174 18.74 34.61 44.52
CA ALA E 174 18.87 35.43 45.71
C ALA E 174 17.69 36.39 45.85
N GLY E 175 17.10 36.83 44.73
CA GLY E 175 16.01 37.79 44.81
C GLY E 175 14.79 37.27 45.53
N ASP E 176 14.69 35.97 45.72
CA ASP E 176 13.50 35.38 46.30
C ASP E 176 13.23 35.98 47.67
N PRO E 177 11.98 36.33 47.99
CA PRO E 177 11.73 36.96 49.29
C PRO E 177 12.24 36.15 50.47
N VAL E 178 12.15 34.82 50.42
CA VAL E 178 12.68 34.03 51.52
C VAL E 178 14.19 34.17 51.61
N ALA E 179 14.87 34.16 50.46
CA ALA E 179 16.31 34.34 50.47
C ALA E 179 16.69 35.66 51.13
N ARG E 180 16.09 36.76 50.65
CA ARG E 180 16.42 38.05 51.23
C ARG E 180 16.05 38.10 52.70
N TYR E 181 14.99 37.40 53.11
CA TYR E 181 14.63 37.38 54.52
C TYR E 181 15.73 36.74 55.35
N PHE E 182 16.27 35.61 54.89
CA PHE E 182 17.32 34.96 55.65
C PHE E 182 18.69 35.56 55.42
N GLY E 183 18.85 36.44 54.44
CA GLY E 183 20.16 37.01 54.20
C GLY E 183 21.15 36.08 53.57
N ILE E 184 20.71 34.91 53.11
CA ILE E 184 21.61 34.03 52.36
C ILE E 184 22.11 34.78 51.13
N LYS E 185 23.28 34.39 50.67
CA LYS E 185 23.87 34.96 49.46
C LYS E 185 24.28 33.84 48.53
N ARG E 186 24.80 34.22 47.37
CA ARG E 186 25.19 33.24 46.37
C ARG E 186 26.09 32.17 46.98
N GLY E 187 26.08 30.99 46.38
CA GLY E 187 26.93 29.91 46.84
C GLY E 187 26.66 29.49 48.26
N GLN E 188 25.41 29.11 48.56
CA GLN E 188 25.04 28.73 49.91
C GLN E 188 23.72 27.96 49.86
N VAL E 189 23.64 26.86 50.60
CA VAL E 189 22.55 25.91 50.45
C VAL E 189 21.55 26.07 51.58
N VAL E 190 20.26 26.05 51.23
CA VAL E 190 19.19 26.24 52.19
C VAL E 190 18.39 24.96 52.29
N LYS E 191 18.20 24.46 53.50
CA LYS E 191 17.46 23.25 53.72
C LYS E 191 15.97 23.55 53.79
N ILE E 192 15.17 22.72 53.13
CA ILE E 192 13.73 22.87 53.10
C ILE E 192 13.10 21.62 53.68
N ILE E 193 12.19 21.82 54.64
CA ILE E 193 11.45 20.75 55.27
C ILE E 193 9.99 20.95 54.95
N ARG E 194 9.38 19.98 54.27
CA ARG E 194 7.98 20.07 53.92
C ARG E 194 7.21 18.90 54.52
N PRO E 195 6.01 19.13 55.03
CA PRO E 195 5.15 17.99 55.38
C PRO E 195 4.75 17.23 54.13
N SER E 196 5.17 15.98 54.00
CA SER E 196 4.80 15.18 52.85
C SER E 196 3.57 14.35 53.16
N GLU E 197 2.55 14.49 52.31
CA GLU E 197 1.30 13.76 52.52
C GLU E 197 1.43 12.28 52.20
N THR E 198 2.48 11.87 51.49
CA THR E 198 2.74 10.47 51.23
C THR E 198 3.91 9.93 52.03
N ALA E 199 4.71 10.79 52.67
CA ALA E 199 5.84 10.32 53.46
C ALA E 199 5.94 11.02 54.80
N GLY E 200 4.94 11.79 55.21
CA GLY E 200 5.01 12.43 56.50
C GLY E 200 5.85 13.69 56.46
N ARG E 201 7.15 13.52 56.28
CA ARG E 201 8.08 14.62 56.16
C ARG E 201 9.01 14.37 54.98
N TYR E 202 9.42 15.45 54.33
CA TYR E 202 10.36 15.35 53.21
C TYR E 202 11.30 16.53 53.26
N ILE E 203 12.61 16.24 53.22
CA ILE E 203 13.64 17.26 53.32
C ILE E 203 14.34 17.36 51.98
N THR E 204 14.48 18.58 51.47
CA THR E 204 15.19 18.85 50.22
C THR E 204 16.15 20.01 50.44
N TYR E 205 17.00 20.25 49.45
CA TYR E 205 18.00 21.30 49.53
C TYR E 205 18.01 22.14 48.26
N ARG E 206 18.34 23.41 48.43
CA ARG E 206 18.35 24.34 47.30
C ARG E 206 19.58 25.22 47.41
N LEU E 207 20.42 25.18 46.40
CA LEU E 207 21.61 26.02 46.36
C LEU E 207 21.26 27.36 45.75
N VAL E 208 21.64 28.43 46.42
CA VAL E 208 21.38 29.77 45.91
C VAL E 208 22.32 30.03 44.74
N GLN E 209 21.76 30.53 43.64
CA GLN E 209 22.55 30.86 42.46
C GLN E 209 21.67 31.51 41.41
N LYS F 1 31.08 -2.70 49.08
CA LYS F 1 30.47 -1.39 49.44
C LYS F 1 29.40 -0.99 48.45
N ARG F 2 28.59 -1.96 48.02
CA ARG F 2 27.55 -1.70 47.03
C ARG F 2 26.31 -1.17 47.72
N ILE F 3 25.75 -0.10 47.17
CA ILE F 3 24.58 0.55 47.77
C ILE F 3 23.33 0.34 46.93
N THR F 4 23.43 -0.26 45.75
CA THR F 4 22.27 -0.44 44.91
C THR F 4 21.32 -1.46 45.52
N THR F 5 20.04 -1.33 45.17
CA THR F 5 19.04 -2.20 45.75
C THR F 5 19.36 -3.65 45.46
N PRO F 6 19.21 -4.56 46.43
CA PRO F 6 19.57 -5.97 46.21
C PRO F 6 18.54 -6.76 45.43
N TYR F 7 17.54 -6.12 44.86
CA TYR F 7 16.51 -6.80 44.09
C TYR F 7 16.72 -6.52 42.60
N MET F 8 16.31 -7.47 41.78
CA MET F 8 16.45 -7.35 40.34
C MET F 8 15.28 -6.54 39.80
N THR F 9 15.57 -5.35 39.28
CA THR F 9 14.53 -4.55 38.68
C THR F 9 13.95 -5.25 37.47
N LYS F 10 12.64 -5.12 37.29
CA LYS F 10 11.97 -5.82 36.20
C LYS F 10 12.67 -5.55 34.87
N TYR F 11 13.15 -4.33 34.67
CA TYR F 11 13.89 -4.04 33.45
C TYR F 11 15.07 -4.98 33.29
N GLU F 12 15.87 -5.11 34.36
CA GLU F 12 17.02 -5.99 34.30
C GLU F 12 16.62 -7.42 34.03
N ARG F 13 15.54 -7.89 34.65
CA ARG F 13 15.10 -9.26 34.44
C ARG F 13 14.71 -9.48 32.99
N ALA F 14 13.95 -8.55 32.43
CA ALA F 14 13.54 -8.68 31.03
C ALA F 14 14.76 -8.73 30.12
N ARG F 15 15.69 -7.78 30.30
CA ARG F 15 16.84 -7.74 29.40
C ARG F 15 17.71 -8.97 29.56
N VAL F 16 17.92 -9.42 30.80
CA VAL F 16 18.74 -10.60 31.02
C VAL F 16 18.11 -11.81 30.34
N LEU F 17 16.80 -11.99 30.51
CA LEU F 17 16.12 -13.10 29.85
C LEU F 17 16.28 -12.99 28.34
N GLY F 18 16.06 -11.81 27.79
CA GLY F 18 16.15 -11.66 26.35
C GLY F 18 17.53 -12.01 25.84
N THR F 19 18.56 -11.48 26.50
CA THR F 19 19.91 -11.71 26.03
C THR F 19 20.30 -13.16 26.17
N ARG F 20 19.95 -13.80 27.29
CA ARG F 20 20.30 -15.20 27.43
C ARG F 20 19.59 -16.04 26.39
N ALA F 21 18.33 -15.71 26.09
CA ALA F 21 17.63 -16.42 25.03
C ALA F 21 18.36 -16.24 23.71
N LEU F 22 18.77 -15.02 23.41
CA LEU F 22 19.47 -14.77 22.16
C LEU F 22 20.75 -15.59 22.09
N GLN F 23 21.46 -15.69 23.21
CA GLN F 23 22.68 -16.48 23.21
C GLN F 23 22.39 -17.95 22.99
N ILE F 24 21.33 -18.47 23.62
CA ILE F 24 21.00 -19.88 23.44
C ILE F 24 20.64 -20.15 21.99
N ALA F 25 19.84 -19.26 21.39
CA ALA F 25 19.45 -19.44 20.00
C ALA F 25 20.66 -19.50 19.08
N MET F 26 21.77 -18.88 19.47
CA MET F 26 22.99 -18.93 18.69
C MET F 26 23.86 -20.12 19.07
N CYS F 27 23.26 -21.16 19.66
CA CYS F 27 23.95 -22.40 19.97
C CYS F 27 25.07 -22.16 21.00
N ALA F 28 24.67 -21.63 22.15
CA ALA F 28 25.56 -21.46 23.27
C ALA F 28 25.23 -22.50 24.34
N PRO F 29 26.22 -22.95 25.11
CA PRO F 29 25.94 -24.02 26.07
C PRO F 29 24.93 -23.57 27.11
N VAL F 30 24.06 -24.49 27.50
CA VAL F 30 23.06 -24.22 28.50
C VAL F 30 23.66 -24.46 29.88
N MET F 31 22.97 -23.96 30.90
CA MET F 31 23.40 -24.09 32.28
C MET F 31 22.34 -24.77 33.13
N VAL F 32 21.57 -25.67 32.52
CA VAL F 32 20.56 -26.41 33.26
C VAL F 32 20.08 -27.56 32.39
N GLU F 33 19.75 -28.69 33.02
CA GLU F 33 19.26 -29.83 32.27
C GLU F 33 17.96 -29.45 31.57
N LEU F 34 17.85 -29.82 30.30
CA LEU F 34 16.65 -29.58 29.53
C LEU F 34 15.69 -30.74 29.72
N GLU F 35 14.45 -30.43 30.09
CA GLU F 35 13.44 -31.46 30.31
C GLU F 35 12.75 -31.89 29.01
N GLY F 36 13.15 -31.33 27.87
CA GLY F 36 12.53 -31.68 26.60
C GLY F 36 11.91 -30.49 25.89
N GLU F 37 12.44 -29.30 26.13
CA GLU F 37 11.91 -28.08 25.53
C GLU F 37 12.92 -27.46 24.60
N THR F 38 12.42 -26.68 23.64
CA THR F 38 13.26 -26.14 22.58
C THR F 38 13.21 -24.63 22.43
N ASP F 39 12.22 -23.96 23.01
CA ASP F 39 12.16 -22.52 22.88
C ASP F 39 13.34 -21.90 23.60
N PRO F 40 14.17 -21.09 22.95
CA PRO F 40 15.27 -20.46 23.67
C PRO F 40 14.81 -19.60 24.83
N LEU F 41 13.67 -18.92 24.68
CA LEU F 41 13.19 -18.05 25.75
C LEU F 41 12.78 -18.87 26.98
N LEU F 42 12.12 -20.00 26.77
CA LEU F 42 11.76 -20.86 27.90
C LEU F 42 12.99 -21.39 28.61
N ILE F 43 14.00 -21.80 27.84
CA ILE F 43 15.24 -22.25 28.46
C ILE F 43 15.86 -21.13 29.28
N ALA F 44 15.85 -19.92 28.74
CA ALA F 44 16.40 -18.78 29.47
C ALA F 44 15.62 -18.54 30.76
N MET F 45 14.30 -18.65 30.71
CA MET F 45 13.50 -18.48 31.92
C MET F 45 13.81 -19.56 32.94
N LYS F 46 13.93 -20.80 32.50
CA LYS F 46 14.25 -21.88 33.43
C LYS F 46 15.61 -21.64 34.07
N GLU F 47 16.58 -21.21 33.27
CA GLU F 47 17.89 -20.89 33.84
C GLU F 47 17.77 -19.77 34.87
N LEU F 48 16.99 -18.73 34.56
CA LEU F 48 16.84 -17.62 35.51
C LEU F 48 16.26 -18.13 36.82
N LYS F 49 15.28 -19.02 36.75
CA LYS F 49 14.75 -19.62 37.97
C LYS F 49 15.83 -20.38 38.71
N ALA F 50 16.62 -21.17 38.00
CA ALA F 50 17.65 -21.97 38.64
C ALA F 50 18.83 -21.13 39.10
N ARG F 51 18.86 -19.84 38.77
CA ARG F 51 19.95 -18.96 39.15
C ARG F 51 21.28 -19.53 38.66
N LYS F 52 21.38 -19.65 37.34
CA LYS F 52 22.61 -20.13 36.72
C LYS F 52 22.98 -19.31 35.49
N ILE F 53 22.38 -18.15 35.30
CA ILE F 53 22.63 -17.39 34.09
C ILE F 53 24.04 -16.81 34.19
N PRO F 54 24.94 -17.15 33.28
CA PRO F 54 26.28 -16.57 33.38
C PRO F 54 26.32 -15.14 32.84
N ILE F 55 25.69 -14.23 33.56
CA ILE F 55 25.70 -12.81 33.23
C ILE F 55 25.78 -12.02 34.53
N ILE F 56 26.53 -10.92 34.50
CA ILE F 56 26.64 -9.99 35.62
C ILE F 56 26.23 -8.61 35.14
N ILE F 57 25.34 -7.98 35.88
CA ILE F 57 24.80 -6.68 35.51
C ILE F 57 25.72 -5.60 36.04
N ARG F 58 25.90 -4.54 35.25
CA ARG F 58 26.67 -3.37 35.65
C ARG F 58 25.71 -2.20 35.80
N ARG F 59 25.41 -1.83 37.04
CA ARG F 59 24.55 -0.69 37.30
C ARG F 59 25.39 0.57 37.40
N TYR F 60 25.15 1.53 36.51
CA TYR F 60 25.86 2.79 36.57
C TYR F 60 25.12 3.76 37.50
N LEU F 61 25.89 4.43 38.34
CA LEU F 61 25.38 5.45 39.25
C LEU F 61 25.48 6.82 38.61
N PRO F 62 24.76 7.80 39.13
CA PRO F 62 24.81 9.14 38.51
C PRO F 62 26.19 9.74 38.47
N ASP F 63 26.99 9.54 39.52
CA ASP F 63 28.31 10.18 39.58
C ASP F 63 29.21 9.69 38.46
N GLY F 64 29.16 8.40 38.17
CA GLY F 64 30.01 7.80 37.17
C GLY F 64 30.48 6.43 37.59
N SER F 65 30.49 6.19 38.90
CA SER F 65 30.89 4.88 39.39
C SER F 65 29.89 3.82 38.93
N TYR F 66 30.17 2.58 39.27
CA TYR F 66 29.31 1.48 38.86
C TYR F 66 29.48 0.33 39.83
N GLU F 67 28.55 -0.61 39.78
CA GLU F 67 28.59 -1.81 40.60
C GLU F 67 28.26 -3.01 39.74
N ASP F 68 29.01 -4.08 39.92
CA ASP F 68 28.82 -5.31 39.17
C ASP F 68 28.10 -6.31 40.05
N TRP F 69 26.88 -6.64 39.68
CA TRP F 69 26.09 -7.65 40.37
C TRP F 69 26.00 -8.88 39.49
N GLY F 70 26.08 -10.05 40.13
CA GLY F 70 25.91 -11.32 39.45
C GLY F 70 24.48 -11.80 39.60
N VAL F 71 23.91 -12.25 38.49
CA VAL F 71 22.52 -12.68 38.51
C VAL F 71 22.28 -13.66 39.65
N ASP F 72 23.27 -14.50 39.94
CA ASP F 72 23.13 -15.42 41.06
C ASP F 72 23.30 -14.77 42.38
N GLU F 73 23.59 -13.46 42.44
CA GLU F 73 23.82 -12.78 43.70
C GLU F 73 22.58 -12.09 44.26
N LEU F 74 21.80 -11.44 43.41
CA LEU F 74 20.67 -10.65 43.88
C LEU F 74 19.37 -11.42 43.76
N ILE F 75 18.38 -10.98 44.52
CA ILE F 75 17.11 -11.69 44.61
C ILE F 75 16.27 -11.39 43.39
N ILE F 76 15.63 -12.42 42.84
CA ILE F 76 14.80 -12.28 41.65
C ILE F 76 13.39 -11.97 42.06
N SER F 77 12.82 -10.90 41.49
CA SER F 77 11.48 -10.48 41.86
C SER F 77 10.44 -11.53 41.47
N ASP F 78 10.46 -11.97 40.21
CA ASP F 78 9.47 -12.92 39.71
C ASP F 78 10.13 -14.21 39.26
N MET G 1 64.03 -2.08 14.06
CA MET G 1 64.64 -2.63 15.30
C MET G 1 63.58 -3.26 16.18
N PHE G 2 63.89 -4.41 16.75
CA PHE G 2 62.92 -5.13 17.57
C PHE G 2 62.73 -4.44 18.91
N TYR G 3 61.49 -4.44 19.37
CA TYR G 3 61.14 -3.79 20.63
C TYR G 3 60.04 -4.60 21.32
N HIS G 4 59.91 -4.39 22.62
CA HIS G 4 58.92 -5.07 23.43
C HIS G 4 58.02 -4.02 24.07
N ILE G 5 56.81 -3.86 23.52
CA ILE G 5 55.86 -2.87 24.01
C ILE G 5 54.55 -3.58 24.31
N SER G 6 53.70 -2.90 25.07
CA SER G 6 52.40 -3.42 25.46
C SER G 6 51.35 -2.85 24.53
N LEU G 7 50.60 -3.74 23.87
CA LEU G 7 49.56 -3.32 22.95
C LEU G 7 48.21 -3.83 23.42
N GLU G 8 47.16 -3.19 22.91
CA GLU G 8 45.79 -3.53 23.25
C GLU G 8 45.03 -3.90 21.99
N HIS G 9 44.06 -4.80 22.14
CA HIS G 9 43.26 -5.23 21.01
C HIS G 9 42.01 -5.87 21.56
N GLU G 10 40.93 -5.80 20.80
CA GLU G 10 39.65 -6.36 21.18
C GLU G 10 39.21 -7.35 20.12
N ILE G 11 38.61 -8.45 20.57
CA ILE G 11 38.16 -9.49 19.68
C ILE G 11 36.77 -9.93 20.10
N LEU G 12 35.82 -9.90 19.17
CA LEU G 12 34.50 -10.43 19.41
C LEU G 12 34.58 -11.95 19.47
N LEU G 13 33.83 -12.54 20.38
CA LEU G 13 33.81 -13.99 20.55
C LEU G 13 32.39 -14.48 20.30
N HIS G 14 32.24 -15.39 19.35
CA HIS G 14 30.91 -15.90 19.05
C HIS G 14 30.37 -16.69 20.25
N PRO G 15 29.07 -16.61 20.51
CA PRO G 15 28.53 -17.28 21.70
C PRO G 15 28.77 -18.78 21.71
N ARG G 16 28.98 -19.41 20.55
CA ARG G 16 29.20 -20.84 20.55
C ARG G 16 30.43 -21.21 21.37
N TYR G 17 31.35 -20.28 21.58
CA TYR G 17 32.57 -20.54 22.30
C TYR G 17 32.44 -20.40 23.81
N PHE G 18 31.31 -19.91 24.31
CA PHE G 18 31.15 -19.85 25.76
C PHE G 18 31.28 -21.25 26.32
N GLY G 19 31.89 -21.34 27.50
CA GLY G 19 32.08 -22.61 28.15
C GLY G 19 33.31 -22.63 29.03
N PRO G 20 33.68 -23.81 29.50
CA PRO G 20 34.83 -23.89 30.41
C PRO G 20 36.12 -23.38 29.81
N ASN G 21 36.26 -23.41 28.49
CA ASN G 21 37.49 -22.96 27.84
C ASN G 21 37.34 -21.58 27.21
N LEU G 22 36.55 -20.71 27.85
CA LEU G 22 36.32 -19.37 27.29
C LEU G 22 37.63 -18.60 27.20
N LEU G 23 38.37 -18.53 28.30
CA LEU G 23 39.62 -17.77 28.30
C LEU G 23 40.64 -18.39 27.36
N ASN G 24 40.73 -19.72 27.34
CA ASN G 24 41.65 -20.37 26.43
C ASN G 24 41.31 -20.04 24.99
N THR G 25 40.02 -20.07 24.64
CA THR G 25 39.62 -19.72 23.29
C THR G 25 39.94 -18.27 22.98
N VAL G 26 39.72 -17.37 23.94
CA VAL G 26 40.05 -15.97 23.70
C VAL G 26 41.52 -15.81 23.40
N LYS G 27 42.37 -16.46 24.20
CA LYS G 27 43.80 -16.40 23.93
C LYS G 27 44.13 -16.96 22.56
N GLN G 28 43.57 -18.12 22.23
CA GLN G 28 43.88 -18.72 20.94
C GLN G 28 43.53 -17.78 19.82
N LYS G 29 42.35 -17.16 19.90
CA LYS G 29 41.97 -16.21 18.87
C LYS G 29 42.96 -15.05 18.82
N LEU G 30 43.40 -14.58 19.98
CA LEU G 30 44.34 -13.47 19.98
C LEU G 30 45.64 -13.86 19.28
N PHE G 31 46.17 -15.04 19.57
CA PHE G 31 47.43 -15.45 18.97
C PHE G 31 47.33 -15.42 17.44
N THR G 32 46.30 -16.05 16.90
CA THR G 32 46.12 -16.17 15.46
C THR G 32 45.49 -14.92 14.86
N GLU G 33 45.52 -13.80 15.56
CA GLU G 33 44.96 -12.56 15.07
C GLU G 33 45.98 -11.45 14.94
N VAL G 34 46.92 -11.37 15.87
CA VAL G 34 47.85 -10.24 15.94
C VAL G 34 49.28 -10.72 15.79
N GLU G 35 49.48 -11.83 15.08
CA GLU G 35 50.80 -12.40 14.85
C GLU G 35 51.16 -12.25 13.39
N GLY G 36 52.31 -11.64 13.12
CA GLY G 36 52.80 -11.48 11.77
C GLY G 36 52.26 -10.30 11.02
N THR G 37 51.20 -9.65 11.50
CA THR G 37 50.63 -8.55 10.76
C THR G 37 51.55 -7.34 10.83
N CYS G 38 51.14 -6.26 10.18
CA CYS G 38 51.89 -5.02 10.19
C CYS G 38 50.91 -3.85 10.23
N THR G 39 51.36 -2.76 10.82
CA THR G 39 50.57 -1.54 10.89
C THR G 39 51.50 -0.35 10.71
N GLY G 40 50.95 0.73 10.17
CA GLY G 40 51.74 1.93 9.97
C GLY G 40 52.02 2.70 11.24
N LYS G 41 51.32 2.42 12.33
CA LYS G 41 51.52 3.13 13.59
C LYS G 41 52.63 2.49 14.41
N TYR G 42 52.49 1.21 14.74
CA TYR G 42 53.48 0.49 15.50
C TYR G 42 54.44 -0.30 14.64
N GLY G 43 54.13 -0.51 13.37
CA GLY G 43 55.00 -1.23 12.47
C GLY G 43 54.64 -2.70 12.38
N PHE G 44 55.67 -3.49 12.07
CA PHE G 44 55.52 -4.93 11.87
C PHE G 44 55.70 -5.66 13.19
N VAL G 45 54.76 -6.55 13.51
CA VAL G 45 54.77 -7.31 14.75
C VAL G 45 55.28 -8.71 14.45
N ILE G 46 56.18 -9.20 15.29
CA ILE G 46 56.76 -10.54 15.10
C ILE G 46 55.83 -11.57 15.73
N ALA G 47 55.63 -11.47 17.04
CA ALA G 47 54.82 -12.45 17.75
C ALA G 47 54.47 -11.88 19.10
N VAL G 48 53.70 -12.64 19.86
CA VAL G 48 53.21 -12.24 21.17
C VAL G 48 53.92 -13.07 22.23
N THR G 49 54.46 -12.40 23.24
CA THR G 49 55.13 -13.05 24.35
C THR G 49 54.15 -13.49 25.43
N THR G 50 53.39 -12.54 25.96
CA THR G 50 52.47 -12.83 27.04
C THR G 50 51.33 -11.82 27.01
N ILE G 51 50.28 -12.13 27.77
CA ILE G 51 49.06 -11.34 27.81
C ILE G 51 48.94 -10.73 29.19
N ASP G 52 48.59 -9.44 29.23
CA ASP G 52 48.49 -8.75 30.51
C ASP G 52 47.26 -9.18 31.28
N ASN G 53 46.08 -8.99 30.69
CA ASN G 53 44.84 -9.35 31.36
C ASN G 53 43.74 -9.40 30.31
N ILE G 54 42.63 -9.99 30.71
CA ILE G 54 41.42 -10.07 29.88
C ILE G 54 40.40 -9.11 30.47
N GLY G 55 39.95 -8.16 29.67
CA GLY G 55 38.97 -7.19 30.13
C GLY G 55 37.67 -7.86 30.51
N ALA G 56 36.64 -7.07 30.81
CA ALA G 56 35.31 -7.59 31.11
C ALA G 56 34.53 -7.63 29.80
N GLY G 57 34.20 -8.84 29.35
CA GLY G 57 33.43 -8.98 28.12
C GLY G 57 32.14 -8.19 28.20
N VAL G 58 31.96 -7.25 27.28
CA VAL G 58 30.76 -6.43 27.20
C VAL G 58 29.88 -7.03 26.13
N ILE G 59 28.83 -7.76 26.53
CA ILE G 59 27.90 -8.32 25.57
C ILE G 59 27.15 -7.18 24.88
N GLN G 60 27.19 -7.16 23.56
CA GLN G 60 26.56 -6.10 22.82
C GLN G 60 25.04 -6.22 22.90
N PRO G 61 24.31 -5.12 22.73
CA PRO G 61 22.84 -5.21 22.73
C PRO G 61 22.33 -5.84 21.44
N GLY G 62 21.49 -6.85 21.58
CA GLY G 62 20.85 -7.46 20.44
C GLY G 62 21.76 -8.29 19.56
N ARG G 63 23.00 -8.53 19.98
CA ARG G 63 23.93 -9.36 19.25
C ARG G 63 24.66 -10.25 20.24
N GLY G 64 24.77 -11.53 19.91
CA GLY G 64 25.40 -12.47 20.82
C GLY G 64 26.88 -12.27 20.97
N PHE G 65 27.54 -11.69 19.97
CA PHE G 65 28.97 -11.48 20.03
C PHE G 65 29.33 -10.61 21.22
N VAL G 66 30.33 -11.03 21.98
CA VAL G 66 30.82 -10.30 23.14
C VAL G 66 32.29 -9.98 22.91
N LEU G 67 32.66 -8.72 23.12
CA LEU G 67 34.00 -8.25 22.78
C LEU G 67 34.84 -8.11 24.04
N TYR G 68 36.07 -8.60 23.97
CA TYR G 68 36.99 -8.58 25.10
C TYR G 68 38.16 -7.65 24.80
N PRO G 69 38.25 -6.47 25.43
CA PRO G 69 39.44 -5.62 25.21
C PRO G 69 40.66 -6.15 25.95
N VAL G 70 41.33 -7.12 25.33
CA VAL G 70 42.51 -7.73 25.92
C VAL G 70 43.72 -6.84 25.66
N LYS G 71 44.63 -6.78 26.63
CA LYS G 71 45.91 -6.11 26.49
C LYS G 71 47.01 -7.15 26.57
N TYR G 72 47.85 -7.21 25.54
CA TYR G 72 48.89 -8.22 25.43
C TYR G 72 50.26 -7.55 25.35
N LYS G 73 51.24 -8.22 25.91
CA LYS G 73 52.63 -7.76 25.91
C LYS G 73 53.37 -8.51 24.81
N ALA G 74 53.51 -7.88 23.65
CA ALA G 74 54.13 -8.49 22.48
C ALA G 74 55.31 -7.65 22.01
N ILE G 75 56.06 -8.21 21.07
CA ILE G 75 57.21 -7.54 20.49
C ILE G 75 56.83 -7.01 19.12
N VAL G 76 57.55 -5.98 18.69
CA VAL G 76 57.28 -5.31 17.41
C VAL G 76 58.62 -5.01 16.75
N PHE G 77 58.56 -4.82 15.43
CA PHE G 77 59.72 -4.47 14.63
C PHE G 77 59.34 -3.32 13.71
N ARG G 78 59.80 -2.11 14.03
CA ARG G 78 59.46 -0.90 13.29
C ARG G 78 60.75 -0.14 12.98
N PRO G 79 61.45 -0.51 11.91
CA PRO G 79 62.71 0.17 11.60
C PRO G 79 62.47 1.65 11.28
N PHE G 80 63.44 2.48 11.64
CA PHE G 80 63.39 3.90 11.40
C PHE G 80 64.53 4.33 10.51
N LYS G 81 64.40 5.54 9.96
CA LYS G 81 65.42 6.08 9.07
C LYS G 81 66.69 6.40 9.85
N GLY G 82 67.83 6.22 9.21
CA GLY G 82 69.11 6.51 9.81
C GLY G 82 69.70 5.38 10.62
N GLU G 83 68.92 4.35 10.92
CA GLU G 83 69.42 3.22 11.68
C GLU G 83 70.32 2.35 10.81
N VAL G 84 71.33 1.76 11.44
CA VAL G 84 72.30 0.89 10.78
C VAL G 84 72.12 -0.52 11.32
N VAL G 85 71.95 -1.48 10.42
CA VAL G 85 71.73 -2.87 10.78
C VAL G 85 72.57 -3.75 9.88
N ASP G 86 72.77 -4.99 10.32
CA ASP G 86 73.58 -5.98 9.61
C ASP G 86 72.64 -7.01 8.99
N ALA G 87 72.49 -6.98 7.68
CA ALA G 87 71.63 -7.89 6.94
C ALA G 87 72.49 -8.82 6.08
N VAL G 88 71.83 -9.80 5.46
CA VAL G 88 72.50 -10.81 4.66
C VAL G 88 72.09 -10.62 3.21
N VAL G 89 73.08 -10.61 2.32
CA VAL G 89 72.81 -10.39 0.91
C VAL G 89 72.15 -11.63 0.33
N THR G 90 70.97 -11.46 -0.25
CA THR G 90 70.21 -12.56 -0.83
C THR G 90 70.56 -12.80 -2.29
N GLN G 91 70.66 -11.72 -3.08
CA GLN G 91 70.92 -11.83 -4.51
C GLN G 91 71.73 -10.63 -4.98
N VAL G 92 72.55 -10.85 -5.99
CA VAL G 92 73.35 -9.80 -6.62
C VAL G 92 72.92 -9.68 -8.07
N ASN G 93 72.46 -8.49 -8.45
CA ASN G 93 72.06 -8.20 -9.82
C ASN G 93 72.67 -6.88 -10.24
N LYS G 94 72.87 -6.73 -11.56
CA LYS G 94 73.41 -5.48 -12.07
C LYS G 94 72.51 -4.30 -11.72
N VAL G 95 71.20 -4.51 -11.67
CA VAL G 95 70.27 -3.43 -11.35
C VAL G 95 70.50 -2.94 -9.93
N GLY G 96 70.72 -3.87 -9.00
CA GLY G 96 70.95 -3.51 -7.62
C GLY G 96 71.11 -4.76 -6.78
N LEU G 97 71.35 -4.54 -5.48
CA LEU G 97 71.56 -5.63 -4.54
C LEU G 97 70.29 -5.87 -3.73
N PHE G 98 70.03 -7.13 -3.41
CA PHE G 98 68.88 -7.52 -2.60
C PHE G 98 69.34 -8.17 -1.31
N THR G 99 68.84 -7.66 -0.19
CA THR G 99 69.13 -8.20 1.13
C THR G 99 67.83 -8.63 1.81
N GLU G 100 67.94 -9.04 3.08
CA GLU G 100 66.78 -9.47 3.85
C GLU G 100 66.98 -8.98 5.28
N ILE G 101 66.29 -7.91 5.64
CA ILE G 101 66.31 -7.40 7.02
C ILE G 101 65.16 -8.09 7.74
N GLY G 102 65.42 -9.32 8.19
CA GLY G 102 64.43 -10.10 8.88
C GLY G 102 63.11 -10.12 8.14
N PRO G 103 62.05 -9.59 8.75
CA PRO G 103 60.75 -9.58 8.07
C PRO G 103 60.63 -8.55 6.96
N MET G 104 61.72 -7.87 6.60
CA MET G 104 61.71 -6.85 5.57
C MET G 104 62.87 -7.07 4.61
N SER G 105 62.69 -6.64 3.36
CA SER G 105 63.70 -6.73 2.32
C SER G 105 63.96 -5.34 1.76
N CYS G 106 65.24 -4.96 1.74
CA CYS G 106 65.68 -3.68 1.20
C CYS G 106 66.30 -3.91 -0.18
N PHE G 107 66.91 -2.86 -0.73
CA PHE G 107 67.52 -2.92 -2.05
C PHE G 107 68.42 -1.71 -2.22
N ILE G 108 69.62 -1.95 -2.75
CA ILE G 108 70.61 -0.89 -2.96
C ILE G 108 70.96 -0.86 -4.45
N SER G 109 71.13 0.33 -4.98
CA SER G 109 71.42 0.55 -6.39
C SER G 109 72.92 0.72 -6.58
N ARG G 110 73.39 0.40 -7.79
CA ARG G 110 74.82 0.56 -8.07
C ARG G 110 75.28 1.97 -7.81
N HIS G 111 74.38 2.95 -7.99
CA HIS G 111 74.74 4.34 -7.71
C HIS G 111 75.15 4.52 -6.25
N SER G 112 74.38 3.91 -5.33
CA SER G 112 74.77 3.94 -3.92
C SER G 112 76.12 3.26 -3.73
N ILE G 113 76.33 2.15 -4.41
CA ILE G 113 77.61 1.43 -4.33
C ILE G 113 78.70 2.31 -4.93
N PRO G 114 79.87 2.42 -4.31
CA PRO G 114 80.96 3.18 -4.93
C PRO G 114 81.33 2.58 -6.28
N SER G 115 82.16 3.32 -7.02
CA SER G 115 82.59 2.85 -8.32
C SER G 115 83.56 1.68 -8.21
N GLU G 116 84.23 1.52 -7.07
CA GLU G 116 85.25 0.48 -6.94
C GLU G 116 84.66 -0.91 -7.12
N MET G 117 83.42 -1.12 -6.67
CA MET G 117 82.79 -2.44 -6.73
C MET G 117 82.17 -2.60 -8.11
N GLU G 118 82.92 -3.23 -9.00
CA GLU G 118 82.47 -3.43 -10.38
C GLU G 118 81.56 -4.66 -10.45
N PHE G 119 81.11 -5.00 -11.65
CA PHE G 119 80.28 -6.17 -11.89
C PHE G 119 81.12 -7.33 -12.37
N ASP G 120 80.62 -8.54 -12.14
CA ASP G 120 81.28 -9.77 -12.59
C ASP G 120 80.24 -10.66 -13.28
N PRO G 121 79.66 -10.19 -14.39
CA PRO G 121 78.70 -11.03 -15.12
C PRO G 121 79.33 -12.25 -15.76
N ASN G 122 80.62 -12.19 -16.13
CA ASN G 122 81.27 -13.33 -16.75
C ASN G 122 81.29 -14.53 -15.81
N SER G 123 81.60 -14.29 -14.53
CA SER G 123 81.57 -15.36 -13.55
C SER G 123 80.13 -15.80 -13.31
N ASN G 124 79.95 -17.11 -13.10
CA ASN G 124 78.60 -17.65 -12.89
C ASN G 124 77.89 -17.00 -11.72
N PRO G 125 78.49 -16.90 -10.53
CA PRO G 125 77.82 -16.24 -9.42
C PRO G 125 77.91 -14.73 -9.56
N PRO G 126 76.79 -14.03 -9.69
CA PRO G 126 76.85 -12.56 -9.77
C PRO G 126 77.48 -11.99 -8.50
N CYS G 127 78.61 -11.32 -8.68
CA CYS G 127 79.36 -10.77 -7.55
C CYS G 127 80.06 -9.49 -8.01
N TYR G 128 80.50 -8.71 -7.03
CA TYR G 128 81.22 -7.46 -7.28
C TYR G 128 82.56 -7.52 -6.56
N LYS G 129 83.61 -7.08 -7.26
CA LYS G 129 84.96 -7.04 -6.71
C LYS G 129 85.59 -5.72 -7.10
N THR G 130 86.83 -5.53 -6.69
CA THR G 130 87.60 -4.34 -6.99
C THR G 130 88.59 -4.63 -8.11
N MET G 131 89.35 -3.61 -8.49
CA MET G 131 90.46 -3.84 -9.42
C MET G 131 91.44 -4.85 -8.86
N ASP G 132 91.76 -4.75 -7.57
CA ASP G 132 92.73 -5.63 -6.95
C ASP G 132 92.10 -6.91 -6.40
N GLU G 133 90.79 -7.07 -6.55
CA GLU G 133 90.07 -8.29 -6.19
C GLU G 133 90.40 -8.76 -4.77
N ASP G 134 90.80 -7.82 -3.90
CA ASP G 134 91.11 -8.19 -2.52
C ASP G 134 89.83 -8.37 -1.72
N ILE G 135 88.90 -7.43 -1.85
CA ILE G 135 87.60 -7.52 -1.19
C ILE G 135 86.59 -8.10 -2.16
N VAL G 136 85.85 -9.10 -1.70
CA VAL G 136 84.85 -9.79 -2.51
C VAL G 136 83.53 -9.77 -1.75
N ILE G 137 82.45 -9.47 -2.45
CA ILE G 137 81.12 -9.43 -1.85
C ILE G 137 80.17 -10.24 -2.73
N GLN G 138 79.40 -11.12 -2.11
CA GLN G 138 78.50 -12.03 -2.82
C GLN G 138 77.23 -12.18 -1.99
N GLN G 139 76.45 -13.21 -2.28
CA GLN G 139 75.23 -13.48 -1.53
C GLN G 139 75.56 -14.20 -0.22
N ASP G 140 74.56 -14.29 0.65
CA ASP G 140 74.68 -15.03 1.91
C ASP G 140 75.86 -14.53 2.73
N ASP G 141 76.07 -13.22 2.73
CA ASP G 141 77.15 -12.59 3.48
C ASP G 141 76.55 -11.57 4.44
N GLU G 142 77.07 -11.55 5.67
CA GLU G 142 76.60 -10.61 6.66
C GLU G 142 77.13 -9.22 6.35
N ILE G 143 76.42 -8.49 5.50
CA ILE G 143 76.85 -7.16 5.07
C ILE G 143 75.94 -6.12 5.70
N ARG G 144 76.55 -5.10 6.30
CA ARG G 144 75.81 -4.03 6.94
C ARG G 144 75.32 -3.02 5.91
N LEU G 145 74.45 -2.14 6.36
CA LEU G 145 73.83 -1.13 5.51
C LEU G 145 73.17 -0.10 6.41
N LYS G 146 72.62 0.94 5.79
CA LYS G 146 71.94 2.01 6.50
C LYS G 146 70.54 2.21 5.92
N ILE G 147 69.55 2.31 6.80
CA ILE G 147 68.16 2.48 6.39
C ILE G 147 67.96 3.97 6.16
N VAL G 148 67.98 4.38 4.89
CA VAL G 148 67.82 5.77 4.51
C VAL G 148 66.42 6.08 4.03
N GLY G 149 65.55 5.07 3.91
CA GLY G 149 64.19 5.30 3.50
C GLY G 149 63.30 4.17 3.96
N THR G 150 62.03 4.48 4.19
CA THR G 150 61.07 3.52 4.69
C THR G 150 59.84 3.53 3.81
N ARG G 151 59.10 2.42 3.85
CA ARG G 151 57.88 2.31 3.08
C ARG G 151 57.05 1.15 3.63
N VAL G 152 55.73 1.34 3.65
CA VAL G 152 54.78 0.33 4.12
C VAL G 152 53.83 0.05 2.96
N ASP G 153 53.93 -1.13 2.38
CA ASP G 153 53.07 -1.49 1.25
C ASP G 153 51.87 -2.29 1.78
N LYS G 154 50.93 -1.54 2.36
CA LYS G 154 49.68 -2.11 2.87
C LYS G 154 49.96 -3.21 3.89
N ASN G 155 50.61 -2.81 4.98
CA ASN G 155 51.05 -3.74 6.01
C ASN G 155 52.22 -4.60 5.51
N ASP G 156 53.01 -4.06 4.59
CA ASP G 156 54.19 -4.74 4.07
C ASP G 156 55.31 -3.72 4.00
N ILE G 157 56.17 -3.72 5.01
CA ILE G 157 57.27 -2.77 5.07
C ILE G 157 58.33 -3.15 4.04
N PHE G 158 58.87 -2.14 3.34
CA PHE G 158 59.96 -2.36 2.40
C PHE G 158 60.83 -1.11 2.40
N ALA G 159 61.90 -1.13 3.19
CA ALA G 159 62.80 0.01 3.29
C ALA G 159 63.80 -0.02 2.14
N ILE G 160 64.72 0.94 2.17
CA ILE G 160 65.76 1.08 1.16
C ILE G 160 67.08 1.30 1.87
N GLY G 161 68.13 0.61 1.41
CA GLY G 161 69.44 0.68 2.01
C GLY G 161 70.33 1.71 1.32
N SER G 162 71.60 1.69 1.70
CA SER G 162 72.58 2.63 1.17
C SER G 162 73.96 2.14 1.55
N LEU G 163 74.93 2.38 0.66
CA LEU G 163 76.30 1.89 0.85
C LEU G 163 77.28 3.01 0.56
N MET G 164 77.05 4.18 1.15
CA MET G 164 77.96 5.30 0.98
C MET G 164 78.89 5.49 2.17
N ASP G 165 78.41 5.27 3.39
CA ASP G 165 79.26 5.45 4.56
C ASP G 165 80.33 4.35 4.63
N ASP G 166 81.51 4.75 5.09
CA ASP G 166 82.60 3.80 5.22
C ASP G 166 82.27 2.75 6.28
N TYR G 167 83.09 1.71 6.34
CA TYR G 167 82.89 0.61 7.27
C TYR G 167 81.51 -0.02 7.09
N LEU G 168 81.27 -0.50 5.87
CA LEU G 168 80.03 -1.20 5.51
C LEU G 168 80.43 -2.38 4.64
N GLY G 169 80.62 -3.54 5.25
CA GLY G 169 81.01 -4.73 4.54
C GLY G 169 81.33 -5.89 5.46
N LEU G 170 82.44 -6.57 5.21
CA LEU G 170 82.85 -7.69 6.05
C LEU G 170 83.44 -7.17 7.36
N VAL G 171 83.04 -7.80 8.46
CA VAL G 171 83.54 -7.44 9.77
C VAL G 171 84.92 -8.05 10.01
N ALA H 1 -22.97 -38.07 67.24
CA ALA H 1 -24.23 -37.26 67.20
C ALA H 1 -24.10 -36.09 66.21
N GLY H 2 -23.38 -35.05 66.62
CA GLY H 2 -23.20 -33.90 65.76
C GLY H 2 -24.38 -32.96 65.71
N ILE H 3 -25.35 -33.08 66.62
CA ILE H 3 -26.50 -32.21 66.63
C ILE H 3 -26.12 -30.91 67.32
N LEU H 4 -25.68 -29.93 66.54
CA LEU H 4 -25.25 -28.68 67.15
C LEU H 4 -26.41 -27.92 67.79
N PHE H 5 -27.63 -28.20 67.36
CA PHE H 5 -28.79 -27.53 67.91
C PHE H 5 -30.04 -28.25 67.42
N GLU H 6 -31.12 -28.14 68.19
CA GLU H 6 -32.34 -28.87 67.89
C GLU H 6 -33.47 -28.23 68.69
N ASP H 7 -34.57 -27.91 68.03
CA ASP H 7 -35.64 -27.20 68.72
C ASP H 7 -36.83 -27.01 67.80
N ILE H 8 -38.01 -26.84 68.40
CA ILE H 8 -39.23 -26.56 67.66
C ILE H 8 -39.44 -25.05 67.58
N PHE H 9 -39.83 -24.57 66.41
CA PHE H 9 -40.05 -23.15 66.16
C PHE H 9 -41.45 -22.96 65.60
N ASP H 10 -41.89 -21.72 65.53
CA ASP H 10 -43.16 -21.42 64.91
C ASP H 10 -43.05 -20.08 64.20
N VAL H 11 -43.55 -20.03 62.96
CA VAL H 11 -43.50 -18.81 62.17
C VAL H 11 -44.39 -17.75 62.82
N LYS H 12 -43.91 -16.51 62.81
CA LYS H 12 -44.70 -15.41 63.36
C LYS H 12 -44.71 -14.16 62.51
N ASP H 13 -43.98 -14.13 61.39
CA ASP H 13 -44.05 -13.02 60.46
C ASP H 13 -43.16 -13.37 59.27
N ILE H 14 -43.59 -12.97 58.08
CA ILE H 14 -42.83 -13.22 56.86
C ILE H 14 -42.55 -11.89 56.18
N ASP H 15 -41.32 -11.72 55.72
CA ASP H 15 -40.88 -10.53 55.01
C ASP H 15 -41.54 -9.29 55.56
N PRO H 16 -41.28 -8.93 56.82
CA PRO H 16 -41.98 -7.77 57.40
C PRO H 16 -41.78 -6.50 56.59
N GLU H 17 -40.63 -6.37 55.93
CA GLU H 17 -40.28 -5.17 55.20
C GLU H 17 -40.70 -5.24 53.74
N GLY H 18 -41.54 -6.19 53.38
CA GLY H 18 -41.96 -6.34 52.00
C GLY H 18 -41.08 -7.30 51.24
N LYS H 19 -41.69 -8.33 50.66
CA LYS H 19 -40.94 -9.36 49.97
C LYS H 19 -40.03 -8.73 48.91
N LYS H 20 -38.72 -8.91 49.09
CA LYS H 20 -37.76 -8.31 48.17
C LYS H 20 -37.57 -9.16 46.93
N PHE H 21 -37.27 -10.44 47.12
CA PHE H 21 -37.03 -11.35 46.00
C PHE H 21 -38.32 -12.04 45.62
N ASP H 22 -38.22 -13.07 44.76
CA ASP H 22 -39.38 -13.81 44.30
C ASP H 22 -39.38 -15.27 44.71
N ARG H 23 -38.25 -15.81 45.14
CA ARG H 23 -38.19 -17.20 45.56
C ARG H 23 -37.63 -17.35 46.97
N VAL H 24 -37.42 -16.25 47.68
CA VAL H 24 -36.91 -16.28 49.05
C VAL H 24 -37.62 -15.20 49.84
N SER H 25 -37.97 -15.53 51.09
CA SER H 25 -38.63 -14.57 51.97
C SER H 25 -38.16 -14.80 53.39
N ARG H 26 -38.12 -13.72 54.17
CA ARG H 26 -37.72 -13.83 55.56
C ARG H 26 -38.76 -14.63 56.34
N LEU H 27 -38.28 -15.38 57.34
CA LEU H 27 -39.13 -16.17 58.23
C LEU H 27 -38.78 -15.79 59.66
N HIS H 28 -39.36 -14.71 60.16
CA HIS H 28 -39.08 -14.29 61.54
C HIS H 28 -39.81 -15.25 62.49
N CYS H 29 -39.17 -16.37 62.75
CA CYS H 29 -39.75 -17.38 63.63
C CYS H 29 -39.34 -17.12 65.07
N GLU H 30 -39.97 -17.85 65.97
CA GLU H 30 -39.56 -17.93 67.37
C GLU H 30 -39.46 -19.40 67.76
N SER H 31 -38.78 -19.65 68.87
CA SER H 31 -38.72 -21.00 69.42
C SER H 31 -39.93 -21.23 70.33
N GLU H 32 -39.94 -22.36 71.01
CA GLU H 32 -41.01 -22.67 71.96
C GLU H 32 -40.44 -22.98 73.34
N SER H 33 -39.25 -23.57 73.37
CA SER H 33 -38.64 -23.99 74.62
C SER H 33 -37.44 -23.13 74.99
N PHE H 34 -36.46 -23.01 74.10
CA PHE H 34 -35.27 -22.25 74.40
C PHE H 34 -35.44 -20.75 74.22
N LYS H 35 -36.56 -20.30 73.67
CA LYS H 35 -36.86 -18.89 73.51
C LYS H 35 -35.74 -18.17 72.76
N MET H 36 -35.50 -18.64 71.53
CA MET H 36 -34.49 -18.09 70.65
C MET H 36 -35.15 -17.59 69.37
N ASP H 37 -34.66 -16.46 68.87
CA ASP H 37 -35.15 -15.92 67.62
C ASP H 37 -34.58 -16.71 66.45
N LEU H 38 -35.13 -16.46 65.26
CA LEU H 38 -34.70 -17.12 64.04
C LEU H 38 -35.11 -16.26 62.85
N ILE H 39 -34.21 -16.06 61.90
CA ILE H 39 -34.51 -15.23 60.74
C ILE H 39 -34.28 -16.00 59.44
N LEU H 40 -34.41 -17.32 59.50
CA LEU H 40 -34.10 -18.18 58.36
C LEU H 40 -34.70 -17.63 57.08
N ASP H 41 -34.08 -17.98 55.95
CA ASP H 41 -34.57 -17.63 54.62
C ASP H 41 -34.63 -18.88 53.77
N VAL H 42 -35.83 -19.37 53.52
CA VAL H 42 -36.03 -20.59 52.79
C VAL H 42 -36.49 -20.28 51.38
N ASN H 43 -36.43 -21.26 50.50
CA ASN H 43 -36.88 -21.10 49.12
C ASN H 43 -38.39 -21.30 49.11
N ILE H 44 -39.12 -20.20 49.26
CA ILE H 44 -40.58 -20.30 49.38
C ILE H 44 -41.16 -21.03 48.20
N GLN H 45 -40.55 -20.89 47.02
CA GLN H 45 -41.14 -21.46 45.81
C GLN H 45 -41.26 -22.97 45.92
N ILE H 46 -40.17 -23.65 46.26
CA ILE H 46 -40.19 -25.10 46.30
C ILE H 46 -40.69 -25.64 47.63
N TYR H 47 -40.60 -24.86 48.70
CA TYR H 47 -41.05 -25.29 50.02
C TYR H 47 -41.88 -24.16 50.63
N PRO H 48 -43.13 -24.01 50.18
CA PRO H 48 -43.96 -22.93 50.71
C PRO H 48 -44.17 -23.10 52.21
N VAL H 49 -44.24 -21.97 52.91
CA VAL H 49 -44.51 -21.97 54.33
C VAL H 49 -45.38 -20.77 54.65
N ASP H 50 -46.37 -20.99 55.49
CA ASP H 50 -47.33 -19.97 55.90
C ASP H 50 -47.21 -19.69 57.38
N LEU H 51 -47.86 -18.63 57.82
CA LEU H 51 -47.78 -18.22 59.21
C LEU H 51 -48.35 -19.31 60.11
N GLY H 52 -47.86 -19.35 61.35
CA GLY H 52 -48.34 -20.28 62.33
C GLY H 52 -47.78 -21.68 62.22
N ASP H 53 -47.08 -21.99 61.13
CA ASP H 53 -46.58 -23.34 60.95
C ASP H 53 -45.44 -23.62 61.92
N LYS H 54 -45.44 -24.81 62.49
CA LYS H 54 -44.38 -25.24 63.37
C LYS H 54 -43.49 -26.25 62.65
N PHE H 55 -42.19 -26.17 62.91
CA PHE H 55 -41.24 -27.07 62.29
C PHE H 55 -40.09 -27.36 63.25
N ARG H 56 -39.51 -28.56 63.10
CA ARG H 56 -38.44 -29.03 63.96
C ARG H 56 -37.12 -28.74 63.28
N LEU H 57 -36.52 -27.60 63.62
CA LEU H 57 -35.24 -27.19 63.07
C LEU H 57 -34.11 -27.88 63.83
N VAL H 58 -33.15 -28.43 63.10
CA VAL H 58 -32.05 -29.16 63.72
C VAL H 58 -30.75 -28.86 62.96
N ILE H 59 -29.94 -27.95 63.51
CA ILE H 59 -28.64 -27.65 62.95
C ILE H 59 -27.69 -28.79 63.28
N ALA H 60 -27.19 -29.47 62.26
CA ALA H 60 -26.29 -30.59 62.48
C ALA H 60 -25.00 -30.35 61.70
N SER H 61 -23.91 -30.88 62.25
CA SER H 61 -22.61 -30.78 61.61
C SER H 61 -22.40 -31.83 60.54
N THR H 62 -23.26 -32.85 60.48
CA THR H 62 -23.11 -33.89 59.48
C THR H 62 -24.43 -34.64 59.35
N LEU H 63 -24.61 -35.23 58.17
CA LEU H 63 -25.85 -35.93 57.88
C LEU H 63 -25.79 -37.41 58.22
N TYR H 64 -24.65 -37.91 58.68
CA TYR H 64 -24.51 -39.31 59.02
C TYR H 64 -24.78 -39.52 60.50
N GLU H 65 -25.50 -40.60 60.82
CA GLU H 65 -25.82 -40.89 62.22
C GLU H 65 -24.56 -41.18 63.00
N ASP H 66 -23.68 -42.01 62.45
CA ASP H 66 -22.42 -42.30 63.12
C ASP H 66 -21.52 -41.08 63.21
N GLY H 67 -21.77 -40.06 62.39
CA GLY H 67 -21.01 -38.83 62.46
C GLY H 67 -19.59 -38.97 61.98
N THR H 68 -19.42 -39.29 60.69
CA THR H 68 -18.10 -39.50 60.13
C THR H 68 -17.47 -38.23 59.56
N LEU H 69 -18.14 -37.07 59.70
CA LEU H 69 -17.54 -35.80 59.32
C LEU H 69 -17.15 -35.79 57.84
N ASP H 70 -18.18 -35.87 57.00
CA ASP H 70 -17.96 -35.89 55.56
C ASP H 70 -17.09 -34.71 55.14
N ASP H 71 -16.25 -34.97 54.14
CA ASP H 71 -15.39 -33.91 53.61
C ASP H 71 -16.22 -32.75 53.07
N GLY H 72 -17.27 -33.06 52.33
CA GLY H 72 -18.09 -32.03 51.70
C GLY H 72 -17.93 -32.05 50.20
N GLU H 73 -18.91 -32.63 49.52
CA GLU H 73 -18.92 -32.73 48.06
C GLU H 73 -20.16 -33.51 47.68
N TYR H 74 -20.70 -33.18 46.51
CA TYR H 74 -21.93 -33.82 46.04
C TYR H 74 -21.58 -35.22 45.55
N ASN H 75 -21.97 -36.22 46.31
CA ASN H 75 -21.76 -37.63 45.96
C ASN H 75 -23.08 -38.36 46.14
N PRO H 76 -24.02 -38.16 45.21
CA PRO H 76 -25.34 -38.80 45.37
C PRO H 76 -25.24 -40.31 45.49
N THR H 77 -24.34 -40.94 44.77
CA THR H 77 -24.19 -42.39 44.81
C THR H 77 -23.60 -42.78 46.15
N ASP H 78 -24.45 -42.78 47.17
CA ASP H 78 -24.06 -43.16 48.53
C ASP H 78 -25.24 -43.86 49.18
N ASP H 79 -25.01 -45.09 49.64
CA ASP H 79 -26.04 -45.88 50.31
C ASP H 79 -26.03 -45.73 51.82
N ARG H 80 -25.09 -44.96 52.37
CA ARG H 80 -24.97 -44.87 53.81
C ARG H 80 -26.20 -44.19 54.41
N PRO H 81 -26.55 -44.52 55.65
CA PRO H 81 -27.68 -43.83 56.29
C PRO H 81 -27.43 -42.33 56.35
N SER H 82 -28.49 -41.57 56.18
CA SER H 82 -28.42 -40.12 56.21
C SER H 82 -29.58 -39.59 57.02
N ARG H 83 -29.32 -38.53 57.79
CA ARG H 83 -30.39 -37.94 58.58
C ARG H 83 -31.40 -37.20 57.72
N ALA H 84 -31.06 -36.88 56.47
CA ALA H 84 -32.00 -36.17 55.62
C ALA H 84 -33.24 -36.98 55.33
N ASP H 85 -33.20 -38.29 55.55
CA ASP H 85 -34.33 -39.14 55.18
C ASP H 85 -35.61 -38.73 55.89
N GLN H 86 -35.52 -38.03 57.02
CA GLN H 86 -36.69 -37.58 57.76
C GLN H 86 -36.71 -36.05 57.87
N PHE H 87 -36.46 -35.36 56.77
CA PHE H 87 -36.61 -33.92 56.73
C PHE H 87 -36.97 -33.51 55.32
N GLU H 88 -37.90 -32.58 55.21
CA GLU H 88 -38.42 -32.17 53.91
C GLU H 88 -37.64 -31.00 53.32
N TYR H 89 -36.67 -30.44 54.04
CA TYR H 89 -35.98 -29.25 53.55
C TYR H 89 -34.63 -29.15 54.24
N VAL H 90 -33.56 -29.43 53.48
CA VAL H 90 -32.21 -29.49 54.04
C VAL H 90 -31.31 -28.55 53.27
N MET H 91 -30.47 -27.81 53.98
CA MET H 91 -29.54 -26.87 53.38
C MET H 91 -28.17 -27.05 54.01
N TYR H 92 -27.14 -26.63 53.28
CA TYR H 92 -25.76 -26.79 53.70
C TYR H 92 -25.07 -25.44 53.58
N GLY H 93 -24.67 -24.87 54.71
CA GLY H 93 -24.08 -23.55 54.71
C GLY H 93 -22.86 -23.52 55.59
N LYS H 94 -22.30 -22.34 55.84
CA LYS H 94 -21.05 -22.22 56.58
C LYS H 94 -21.16 -21.00 57.49
N VAL H 95 -21.35 -21.25 58.78
CA VAL H 95 -21.49 -20.16 59.74
C VAL H 95 -20.34 -19.19 59.56
N TYR H 96 -20.66 -17.89 59.54
CA TYR H 96 -19.66 -16.88 59.22
C TYR H 96 -19.55 -15.74 60.20
N ARG H 97 -20.35 -15.71 61.26
CA ARG H 97 -20.18 -14.66 62.27
C ARG H 97 -20.90 -15.10 63.54
N ILE H 98 -20.20 -15.08 64.68
CA ILE H 98 -20.83 -15.42 65.94
C ILE H 98 -20.81 -14.20 66.85
N GLU H 99 -21.85 -13.39 66.75
CA GLU H 99 -21.95 -12.17 67.55
C GLU H 99 -22.56 -12.49 68.91
N GLY H 100 -22.21 -11.67 69.89
CA GLY H 100 -22.72 -11.87 71.23
C GLY H 100 -22.63 -10.60 72.04
N ASP H 101 -23.21 -10.66 73.24
CA ASP H 101 -23.19 -9.54 74.19
C ASP H 101 -22.08 -9.69 75.22
N GLU H 102 -20.86 -9.96 74.75
CA GLU H 102 -19.71 -10.04 75.63
C GLU H 102 -19.36 -8.66 76.17
N THR H 103 -18.47 -8.64 77.15
CA THR H 103 -17.95 -7.40 77.72
C THR H 103 -16.46 -7.56 77.93
N SER H 104 -15.83 -6.50 78.44
CA SER H 104 -14.39 -6.57 78.73
C SER H 104 -14.10 -7.50 79.90
N THR H 105 -15.06 -7.69 80.81
CA THR H 105 -14.81 -8.43 82.04
C THR H 105 -15.56 -9.75 82.10
N GLU H 106 -16.87 -9.73 81.95
CA GLU H 106 -17.69 -10.92 82.15
C GLU H 106 -18.14 -11.48 80.82
N ALA H 107 -18.09 -12.81 80.70
CA ALA H 107 -18.39 -13.48 79.45
C ALA H 107 -19.78 -13.09 78.97
N ALA H 108 -20.04 -13.39 77.69
CA ALA H 108 -21.33 -13.07 77.10
C ALA H 108 -22.40 -14.05 77.56
N THR H 109 -23.66 -13.62 77.46
CA THR H 109 -24.80 -14.42 77.84
C THR H 109 -25.69 -14.80 76.67
N ARG H 110 -25.72 -13.99 75.62
CA ARG H 110 -26.55 -14.22 74.45
C ARG H 110 -25.68 -14.12 73.21
N LEU H 111 -25.60 -15.19 72.44
CA LEU H 111 -24.85 -15.23 71.20
C LEU H 111 -25.82 -15.12 70.02
N SER H 112 -25.26 -15.04 68.81
CA SER H 112 -26.06 -14.84 67.61
C SER H 112 -25.30 -15.48 66.45
N ALA H 113 -25.60 -16.74 66.17
CA ALA H 113 -24.91 -17.42 65.08
C ALA H 113 -25.49 -16.96 63.75
N TYR H 114 -24.67 -16.28 62.95
CA TYR H 114 -25.02 -15.92 61.58
C TYR H 114 -24.41 -16.96 60.67
N VAL H 115 -25.25 -17.63 59.90
CA VAL H 115 -24.81 -18.65 58.95
C VAL H 115 -25.39 -18.31 57.60
N SER H 116 -24.59 -18.50 56.55
CA SER H 116 -25.01 -18.23 55.19
C SER H 116 -24.97 -19.52 54.39
N TYR H 117 -26.13 -19.91 53.85
CA TYR H 117 -26.25 -21.15 53.09
C TYR H 117 -26.01 -20.86 51.61
N GLY H 118 -24.78 -20.43 51.32
CA GLY H 118 -24.47 -20.04 49.95
C GLY H 118 -25.34 -18.94 49.44
N GLY H 119 -25.68 -17.98 50.28
CA GLY H 119 -26.50 -16.85 49.89
C GLY H 119 -27.69 -16.67 50.80
N LEU H 120 -28.26 -17.77 51.28
CA LEU H 120 -29.42 -17.72 52.15
C LEU H 120 -28.94 -17.60 53.59
N LEU H 121 -29.44 -16.59 54.30
CA LEU H 121 -28.93 -16.21 55.60
C LEU H 121 -29.85 -16.70 56.71
N MET H 122 -29.28 -16.81 57.91
CA MET H 122 -30.05 -17.32 59.05
C MET H 122 -29.37 -16.90 60.33
N ARG H 123 -30.10 -16.23 61.20
CA ARG H 123 -29.55 -15.69 62.44
C ARG H 123 -30.24 -16.32 63.63
N LEU H 124 -29.54 -17.22 64.31
CA LEU H 124 -30.12 -17.99 65.40
C LEU H 124 -29.75 -17.31 66.71
N GLN H 125 -30.51 -16.27 67.05
CA GLN H 125 -30.19 -15.45 68.21
C GLN H 125 -30.84 -16.00 69.48
N GLY H 126 -30.08 -15.99 70.56
CA GLY H 126 -30.59 -16.52 71.82
C GLY H 126 -29.54 -16.47 72.91
N ASP H 127 -29.76 -17.28 73.94
CA ASP H 127 -28.82 -17.36 75.06
C ASP H 127 -27.50 -17.95 74.62
N ALA H 128 -26.48 -17.76 75.45
CA ALA H 128 -25.13 -18.23 75.15
C ALA H 128 -24.86 -19.64 75.64
N ASN H 129 -25.90 -20.39 76.01
CA ASN H 129 -25.69 -21.74 76.51
C ASN H 129 -25.84 -22.81 75.43
N ASN H 130 -26.81 -22.65 74.54
CA ASN H 130 -27.11 -23.67 73.54
C ASN H 130 -26.33 -23.50 72.25
N LEU H 131 -25.50 -22.46 72.14
CA LEU H 131 -24.76 -22.21 70.91
C LEU H 131 -23.30 -22.61 71.02
N HIS H 132 -22.95 -23.43 72.01
CA HIS H 132 -21.55 -23.82 72.19
C HIS H 132 -21.00 -24.54 70.98
N GLY H 133 -21.86 -25.14 70.16
CA GLY H 133 -21.40 -25.89 69.01
C GLY H 133 -21.08 -25.05 67.79
N PHE H 134 -21.31 -23.75 67.84
CA PHE H 134 -21.10 -22.89 66.67
C PHE H 134 -19.74 -22.22 66.80
N GLU H 135 -18.89 -22.48 65.82
CA GLU H 135 -17.61 -21.79 65.69
C GLU H 135 -17.50 -21.24 64.27
N VAL H 136 -17.00 -20.02 64.17
CA VAL H 136 -16.88 -19.38 62.87
C VAL H 136 -16.13 -20.29 61.92
N ASP H 137 -16.49 -20.24 60.64
CA ASP H 137 -15.87 -21.03 59.59
C ASP H 137 -16.00 -22.53 59.88
N SER H 138 -17.26 -22.97 59.93
CA SER H 138 -17.56 -24.38 60.12
C SER H 138 -18.79 -24.73 59.29
N ARG H 139 -18.73 -25.87 58.61
CA ARG H 139 -19.85 -26.32 57.81
C ARG H 139 -20.97 -26.85 58.70
N VAL H 140 -22.21 -26.59 58.31
CA VAL H 140 -23.38 -27.03 59.06
C VAL H 140 -24.54 -27.25 58.10
N TYR H 141 -25.56 -27.95 58.57
CA TYR H 141 -26.76 -28.24 57.81
C TYR H 141 -27.96 -27.64 58.54
N LEU H 142 -29.13 -27.73 57.90
CA LEU H 142 -30.34 -27.14 58.45
C LEU H 142 -31.37 -28.18 58.84
N LEU H 143 -31.76 -29.07 57.93
CA LEU H 143 -32.56 -30.21 58.34
C LEU H 143 -33.81 -29.77 59.11
N MET H 144 -34.74 -29.12 58.44
CA MET H 144 -36.00 -28.71 59.05
C MET H 144 -37.15 -29.50 58.46
N LYS H 145 -38.09 -29.91 59.30
CA LYS H 145 -39.27 -30.63 58.88
C LYS H 145 -40.50 -29.97 59.46
N LYS H 146 -41.47 -29.67 58.62
CA LYS H 146 -42.70 -29.06 59.09
C LYS H 146 -43.51 -30.08 59.90
N LEU H 147 -44.13 -29.61 60.97
CA LEU H 147 -44.93 -30.46 61.84
C LEU H 147 -46.39 -30.36 61.42
N ALA H 148 -47.02 -31.53 61.24
CA ALA H 148 -48.44 -31.54 60.93
C ALA H 148 -49.28 -31.13 62.12
N PHE H 149 -48.85 -31.45 63.34
CA PHE H 149 -49.60 -31.17 64.56
C PHE H 149 -51.09 -31.42 64.39
N GLY I 1 -32.33 69.04 34.50
CA GLY I 1 -32.04 69.98 33.38
C GLY I 1 -30.92 69.50 32.48
N PHE I 2 -30.94 69.93 31.23
CA PHE I 2 -29.91 69.57 30.26
C PHE I 2 -29.48 70.83 29.52
N VAL I 3 -28.62 70.65 28.52
CA VAL I 3 -28.14 71.74 27.69
C VAL I 3 -28.22 71.30 26.23
N GLY I 4 -28.82 72.14 25.40
CA GLY I 4 -28.99 71.86 23.99
C GLY I 4 -28.16 72.81 23.15
N ILE I 5 -27.63 72.29 22.04
CA ILE I 5 -26.75 73.09 21.21
C ILE I 5 -27.51 74.26 20.61
N ARG I 6 -26.88 75.43 20.58
CA ARG I 6 -27.44 76.61 19.95
C ARG I 6 -26.48 77.11 18.88
N PHE I 7 -26.95 77.14 17.63
CA PHE I 7 -26.07 77.43 16.52
C PHE I 7 -26.00 78.92 16.24
N CYS I 8 -24.95 79.32 15.53
CA CYS I 8 -24.76 80.72 15.22
C CYS I 8 -25.90 81.22 14.34
N GLN I 9 -26.02 82.54 14.29
CA GLN I 9 -27.06 83.18 13.49
C GLN I 9 -26.59 83.44 12.07
N GLU I 10 -25.34 83.84 11.90
CA GLU I 10 -24.81 84.09 10.57
C GLU I 10 -24.14 82.85 10.00
N CYS I 11 -23.15 82.30 10.71
CA CYS I 11 -22.42 81.15 10.21
C CYS I 11 -23.10 79.83 10.50
N ASN I 12 -24.06 79.80 11.42
CA ASN I 12 -24.82 78.59 11.73
C ASN I 12 -23.88 77.43 12.07
N ASN I 13 -23.16 77.61 13.17
CA ASN I 13 -22.19 76.64 13.62
C ASN I 13 -22.37 76.42 15.11
N MET I 14 -21.52 75.55 15.66
CA MET I 14 -21.52 75.33 17.09
C MET I 14 -21.06 76.58 17.82
N LEU I 15 -21.82 76.99 18.84
CA LEU I 15 -21.45 78.13 19.67
C LEU I 15 -20.85 77.64 20.97
N TYR I 16 -19.59 77.97 21.20
CA TYR I 16 -18.93 77.62 22.45
C TYR I 16 -19.31 78.63 23.55
N PRO I 17 -19.11 78.27 24.81
CA PRO I 17 -19.33 79.23 25.90
C PRO I 17 -18.11 80.11 26.16
N LYS I 18 -18.37 81.26 26.79
CA LYS I 18 -17.32 82.20 27.14
C LYS I 18 -17.77 83.02 28.33
N GLU I 19 -16.90 83.16 29.34
CA GLU I 19 -17.18 83.94 30.52
C GLU I 19 -16.67 85.36 30.30
N ASP I 20 -17.58 86.33 30.27
CA ASP I 20 -17.20 87.72 30.02
C ASP I 20 -16.45 88.26 31.23
N LYS I 21 -15.13 88.33 31.10
CA LYS I 21 -14.32 88.82 32.21
C LYS I 21 -14.65 90.27 32.55
N GLU I 22 -15.08 91.05 31.58
CA GLU I 22 -15.35 92.46 31.81
C GLU I 22 -16.68 92.64 32.53
N ASN I 23 -17.77 92.21 31.90
CA ASN I 23 -19.08 92.32 32.52
C ASN I 23 -19.40 91.15 33.44
N ARG I 24 -18.51 90.17 33.55
CA ARG I 24 -18.67 89.07 34.50
C ARG I 24 -19.98 88.36 34.27
N ILE I 25 -20.15 87.87 33.05
CA ILE I 25 -21.38 87.19 32.65
C ILE I 25 -21.01 86.05 31.72
N LEU I 26 -22.02 85.30 31.27
CA LEU I 26 -21.80 84.14 30.42
C LEU I 26 -22.24 84.45 28.99
N LEU I 27 -21.34 84.23 28.04
CA LEU I 27 -21.60 84.48 26.64
C LEU I 27 -21.35 83.23 25.81
N TYR I 28 -21.98 83.19 24.64
CA TYR I 28 -21.78 82.15 23.65
C TYR I 28 -21.22 82.78 22.39
N ALA I 29 -20.03 82.37 21.98
CA ALA I 29 -19.38 82.90 20.79
C ALA I 29 -19.37 81.84 19.70
N CYS I 30 -18.94 82.27 18.52
CA CYS I 30 -18.75 81.40 17.37
C CYS I 30 -17.25 81.32 17.08
N ARG I 31 -16.77 80.11 16.79
CA ARG I 31 -15.37 79.96 16.47
C ARG I 31 -15.01 80.78 15.24
N ASN I 32 -15.84 80.71 14.20
CA ASN I 32 -15.57 81.44 12.97
C ASN I 32 -16.12 82.86 13.03
N CYS I 33 -17.44 82.98 13.19
CA CYS I 33 -18.02 84.31 13.27
C CYS I 33 -17.71 84.94 14.61
N ASP I 34 -17.88 86.26 14.67
CA ASP I 34 -17.71 87.01 15.90
C ASP I 34 -19.04 87.25 16.59
N TYR I 35 -20.00 86.36 16.37
CA TYR I 35 -21.32 86.52 16.92
C TYR I 35 -21.31 86.23 18.41
N GLN I 36 -21.96 87.11 19.17
CA GLN I 36 -22.06 86.95 20.61
C GLN I 36 -23.54 87.00 20.98
N GLN I 37 -23.87 86.34 22.08
CA GLN I 37 -25.24 86.41 22.60
C GLN I 37 -25.20 86.08 24.08
N GLU I 38 -26.01 86.81 24.85
CA GLU I 38 -26.02 86.63 26.29
C GLU I 38 -26.73 85.34 26.64
N ALA I 39 -26.06 84.50 27.44
CA ALA I 39 -26.62 83.21 27.80
C ALA I 39 -27.73 83.38 28.84
N ASP I 40 -28.59 82.37 28.92
CA ASP I 40 -29.71 82.39 29.86
C ASP I 40 -29.80 81.14 30.72
N ASN I 41 -29.31 80.00 30.26
CA ASN I 41 -29.47 78.77 31.04
C ASN I 41 -28.54 78.71 32.24
N SER I 42 -27.39 79.39 32.18
CA SER I 42 -26.43 79.40 33.27
C SER I 42 -25.97 77.98 33.63
N CYS I 43 -25.87 77.13 32.62
CA CYS I 43 -25.26 75.80 32.79
C CYS I 43 -24.53 75.45 31.51
N ILE I 44 -23.49 74.64 31.63
CA ILE I 44 -22.62 74.30 30.51
C ILE I 44 -22.64 72.81 30.21
N TYR I 45 -22.46 71.99 31.23
CA TYR I 45 -22.36 70.56 31.01
C TYR I 45 -22.88 69.82 32.23
N VAL I 46 -23.64 68.76 31.97
CA VAL I 46 -24.21 67.96 33.04
C VAL I 46 -24.00 66.49 32.69
N ASN I 47 -23.64 65.69 33.68
CA ASN I 47 -23.43 64.27 33.50
C ASN I 47 -24.39 63.51 34.40
N LYS I 48 -25.02 62.48 33.86
CA LYS I 48 -25.94 61.64 34.60
C LYS I 48 -25.25 60.29 34.78
N ILE I 49 -24.60 60.12 35.92
CA ILE I 49 -23.89 58.87 36.18
C ILE I 49 -24.88 57.71 36.22
N THR I 50 -26.00 57.90 36.92
CA THR I 50 -27.02 56.87 37.01
C THR I 50 -27.74 56.65 35.69
N HIS I 51 -27.67 57.61 34.77
CA HIS I 51 -28.34 57.52 33.48
C HIS I 51 -29.83 57.20 33.67
N GLU I 52 -30.47 57.99 34.53
CA GLU I 52 -31.89 57.80 34.81
C GLU I 52 -32.73 58.30 33.64
N VAL I 53 -32.98 57.43 32.66
CA VAL I 53 -33.71 57.78 31.46
C VAL I 53 -35.11 57.18 31.55
N ASP I 54 -36.12 57.99 31.23
CA ASP I 54 -37.51 57.55 31.25
C ASP I 54 -37.80 56.80 29.97
N GLU I 55 -38.04 55.49 30.08
CA GLU I 55 -38.32 54.68 28.90
C GLU I 55 -39.59 55.14 28.18
N LEU I 56 -40.53 55.73 28.92
CA LEU I 56 -41.77 56.20 28.29
C LEU I 56 -41.48 57.22 27.21
N THR I 57 -40.48 58.07 27.40
CA THR I 57 -40.13 59.06 26.38
C THR I 57 -39.63 58.40 25.11
N GLN I 58 -39.11 57.17 25.20
CA GLN I 58 -38.66 56.46 24.02
C GLN I 58 -39.76 55.65 23.34
N ILE I 59 -40.70 55.11 24.13
CA ILE I 59 -41.78 54.32 23.54
C ILE I 59 -42.59 55.20 22.60
N ILE I 60 -43.11 54.60 21.54
CA ILE I 60 -43.93 55.32 20.56
C ILE I 60 -45.28 54.63 20.46
N ALA I 61 -46.28 55.42 20.04
CA ALA I 61 -47.63 54.90 19.94
C ALA I 61 -47.74 53.80 18.90
N ASP I 62 -46.92 53.86 17.85
CA ASP I 62 -47.07 52.94 16.74
C ASP I 62 -46.89 51.48 17.17
N VAL I 63 -46.23 51.24 18.30
CA VAL I 63 -46.01 49.86 18.74
C VAL I 63 -47.33 49.13 18.90
N SER I 64 -48.40 49.88 19.16
CA SER I 64 -49.70 49.26 19.40
C SER I 64 -50.09 48.31 18.28
N GLN I 65 -49.93 48.74 17.03
CA GLN I 65 -50.34 47.95 15.86
C GLN I 65 -49.27 46.93 15.49
N ASP I 66 -48.87 46.12 16.46
CA ASP I 66 -47.83 45.11 16.27
C ASP I 66 -48.43 43.72 16.39
N PRO I 67 -48.31 42.87 15.37
CA PRO I 67 -48.95 41.55 15.44
C PRO I 67 -48.23 40.54 16.29
N THR I 68 -47.04 40.84 16.78
CA THR I 68 -46.25 39.88 17.54
C THR I 68 -45.99 40.39 18.95
N LEU I 69 -46.98 41.06 19.53
CA LEU I 69 -46.84 41.72 20.83
C LEU I 69 -48.04 41.27 21.66
N PRO I 70 -47.84 40.87 22.91
CA PRO I 70 -48.96 40.34 23.69
C PRO I 70 -50.02 41.39 23.95
N ARG I 71 -51.22 40.93 24.23
CA ARG I 71 -52.34 41.81 24.52
C ARG I 71 -53.06 41.33 25.76
N THR I 72 -53.50 42.29 26.57
CA THR I 72 -54.25 42.03 27.79
C THR I 72 -55.41 43.00 27.86
N GLU I 73 -56.40 42.65 28.69
CA GLU I 73 -57.54 43.52 28.94
C GLU I 73 -57.59 44.03 30.37
N ASP I 74 -56.70 43.54 31.23
CA ASP I 74 -56.78 43.84 32.65
C ASP I 74 -56.17 45.19 33.00
N HIS I 75 -55.68 45.92 32.01
CA HIS I 75 -55.02 47.20 32.23
C HIS I 75 -55.59 48.20 31.23
N PRO I 76 -56.84 48.59 31.40
CA PRO I 76 -57.46 49.51 30.45
C PRO I 76 -56.76 50.86 30.45
N CYS I 77 -56.87 51.54 29.33
CA CYS I 77 -56.29 52.86 29.23
C CYS I 77 -56.90 53.79 30.28
N GLN I 78 -56.29 54.96 30.43
CA GLN I 78 -56.80 56.00 31.31
C GLN I 78 -57.60 57.04 30.56
N LYS I 79 -56.96 57.73 29.62
CA LYS I 79 -57.63 58.81 28.90
C LYS I 79 -58.86 58.28 28.19
N CYS I 80 -58.66 57.36 27.25
CA CYS I 80 -59.80 56.83 26.50
C CYS I 80 -60.52 55.74 27.28
N GLY I 81 -59.84 55.10 28.23
CA GLY I 81 -60.48 54.05 28.97
C GLY I 81 -60.75 52.79 28.18
N HIS I 82 -60.03 52.57 27.10
CA HIS I 82 -60.24 51.36 26.32
C HIS I 82 -59.75 50.15 27.10
N LYS I 83 -60.19 48.97 26.67
CA LYS I 83 -59.87 47.74 27.37
C LYS I 83 -58.57 47.11 26.86
N GLU I 84 -58.49 46.87 25.55
CA GLU I 84 -57.30 46.23 25.00
C GLU I 84 -56.06 47.08 25.22
N ALA I 85 -54.95 46.41 25.51
CA ALA I 85 -53.67 47.10 25.64
C ALA I 85 -52.54 46.08 25.49
N VAL I 86 -51.37 46.59 25.12
CA VAL I 86 -50.19 45.77 24.94
C VAL I 86 -49.21 46.07 26.05
N PHE I 87 -48.26 45.15 26.24
CA PHE I 87 -47.25 45.32 27.27
C PHE I 87 -45.97 44.66 26.81
N PHE I 88 -44.84 45.22 27.25
CA PHE I 88 -43.54 44.69 26.88
C PHE I 88 -42.51 45.29 27.82
N GLN I 89 -41.31 44.71 27.80
CA GLN I 89 -40.23 45.14 28.67
C GLN I 89 -39.54 46.37 28.08
N SER I 90 -38.48 46.84 28.74
CA SER I 90 -37.79 48.03 28.26
C SER I 90 -37.28 47.84 26.84
N HIS I 91 -36.93 46.61 26.47
CA HIS I 91 -36.41 46.32 25.13
C HIS I 91 -35.24 47.21 24.78
N SER I 92 -34.58 47.77 25.79
CA SER I 92 -33.46 48.67 25.60
C SER I 92 -32.22 48.04 26.21
N ALA I 93 -31.12 48.05 25.46
CA ALA I 93 -29.87 47.56 25.99
C ALA I 93 -29.49 48.33 27.25
N ARG I 94 -28.50 47.81 27.96
CA ARG I 94 -28.01 48.45 29.18
C ARG I 94 -29.12 48.57 30.23
N ALA I 95 -30.09 47.68 30.18
CA ALA I 95 -31.12 47.62 31.22
C ALA I 95 -30.46 47.28 32.54
N GLU I 96 -30.48 48.19 33.50
CA GLU I 96 -29.68 48.03 34.70
C GLU I 96 -30.10 46.78 35.44
N ASP I 97 -31.29 46.80 36.05
CA ASP I 97 -31.93 45.57 36.50
C ASP I 97 -33.42 45.88 36.68
N ALA I 98 -34.23 45.50 35.70
CA ALA I 98 -35.67 45.71 35.81
C ALA I 98 -36.37 45.02 34.66
N MET I 99 -37.50 44.37 34.95
CA MET I 99 -38.44 43.92 33.93
C MET I 99 -39.77 44.63 34.06
N ARG I 100 -39.77 45.82 34.66
CA ARG I 100 -40.99 46.61 34.76
C ARG I 100 -41.57 46.83 33.37
N LEU I 101 -42.86 46.55 33.22
CA LEU I 101 -43.49 46.63 31.91
C LEU I 101 -43.74 48.07 31.52
N TYR I 102 -44.24 48.24 30.29
CA TYR I 102 -44.72 49.53 29.82
C TYR I 102 -45.96 49.25 28.97
N TYR I 103 -47.12 49.35 29.59
CA TYR I 103 -48.37 49.16 28.88
C TYR I 103 -48.58 50.29 27.88
N VAL I 104 -49.11 49.95 26.71
CA VAL I 104 -49.49 50.94 25.71
C VAL I 104 -50.90 50.64 25.24
N CYS I 105 -51.75 51.66 25.27
CA CYS I 105 -53.14 51.48 24.89
C CYS I 105 -53.24 51.07 23.43
N THR I 106 -54.20 50.21 23.14
CA THR I 106 -54.40 49.65 21.81
C THR I 106 -55.67 50.26 21.23
N ALA I 107 -55.53 51.41 20.60
CA ALA I 107 -56.66 52.06 19.93
C ALA I 107 -56.16 53.27 19.15
N PRO I 108 -56.78 53.58 18.02
CA PRO I 108 -56.34 54.73 17.24
C PRO I 108 -56.60 56.03 17.97
N HIS I 109 -55.77 57.03 17.67
CA HIS I 109 -55.91 58.39 18.16
C HIS I 109 -55.69 58.53 19.65
N CYS I 110 -55.26 57.47 20.34
CA CYS I 110 -54.99 57.55 21.77
C CYS I 110 -53.50 57.45 22.07
N GLY I 111 -52.84 56.41 21.59
CA GLY I 111 -51.41 56.30 21.74
C GLY I 111 -50.95 56.45 23.18
N HIS I 112 -51.83 56.16 24.13
CA HIS I 112 -51.48 56.39 25.52
C HIS I 112 -50.55 55.30 26.02
N ARG I 113 -49.65 55.69 26.93
CA ARG I 113 -48.68 54.80 27.51
C ARG I 113 -48.65 55.04 29.01
N TRP I 114 -48.39 53.99 29.76
CA TRP I 114 -48.31 54.10 31.21
C TRP I 114 -47.58 52.87 31.72
N THR I 115 -47.20 52.91 33.00
CA THR I 115 -46.54 51.79 33.63
C THR I 115 -47.19 51.54 34.99
N GLU I 116 -47.19 50.28 35.38
CA GLU I 116 -47.67 49.90 36.70
C GLU I 116 -46.60 49.07 37.37
N MET J 1 -34.34 -5.29 -6.71
CA MET J 1 -34.51 -5.11 -8.18
C MET J 1 -35.43 -6.17 -8.75
N ILE J 2 -35.51 -7.32 -8.10
CA ILE J 2 -36.42 -8.39 -8.49
C ILE J 2 -36.85 -9.11 -7.22
N ILE J 3 -38.06 -9.67 -7.26
CA ILE J 3 -38.56 -10.35 -6.07
C ILE J 3 -37.59 -11.45 -5.68
N PRO J 4 -37.16 -11.56 -4.42
CA PRO J 4 -36.26 -12.64 -4.05
C PRO J 4 -36.88 -13.98 -4.39
N VAL J 5 -36.11 -15.04 -4.16
CA VAL J 5 -36.64 -16.38 -4.37
C VAL J 5 -37.18 -16.98 -3.07
N ARG J 6 -36.55 -16.67 -1.93
CA ARG J 6 -36.99 -17.22 -0.66
C ARG J 6 -37.03 -16.12 0.39
N CYS J 7 -37.90 -16.30 1.38
CA CYS J 7 -37.93 -15.39 2.52
C CYS J 7 -36.64 -15.51 3.32
N PHE J 8 -35.99 -14.37 3.57
CA PHE J 8 -34.70 -14.39 4.23
C PHE J 8 -34.80 -15.10 5.58
N THR J 9 -35.76 -14.70 6.40
CA THR J 9 -35.88 -15.26 7.73
C THR J 9 -36.44 -16.67 7.68
N CYS J 10 -37.63 -16.83 7.09
CA CYS J 10 -38.29 -18.12 7.11
C CYS J 10 -37.61 -19.10 6.15
N GLY J 11 -37.62 -18.79 4.86
CA GLY J 11 -37.17 -19.70 3.82
C GLY J 11 -38.29 -20.16 2.89
N LYS J 12 -39.54 -19.82 3.17
CA LYS J 12 -40.63 -20.22 2.31
C LYS J 12 -40.50 -19.54 0.95
N ILE J 13 -40.75 -20.32 -0.10
CA ILE J 13 -40.64 -19.79 -1.44
C ILE J 13 -41.63 -18.65 -1.60
N VAL J 14 -41.13 -17.47 -1.96
CA VAL J 14 -41.97 -16.31 -2.19
C VAL J 14 -41.80 -15.73 -3.57
N GLY J 15 -40.78 -16.16 -4.32
CA GLY J 15 -40.54 -15.59 -5.63
C GLY J 15 -41.71 -15.82 -6.59
N ASN J 16 -42.36 -16.97 -6.48
CA ASN J 16 -43.44 -17.32 -7.38
C ASN J 16 -44.76 -16.70 -6.99
N LYS J 17 -44.75 -15.68 -6.14
CA LYS J 17 -45.98 -15.06 -5.67
C LYS J 17 -46.11 -13.60 -6.02
N TRP J 18 -45.15 -13.00 -6.72
CA TRP J 18 -45.25 -11.58 -7.02
C TRP J 18 -46.36 -11.30 -8.03
N GLU J 19 -46.42 -12.07 -9.12
CA GLU J 19 -47.46 -11.83 -10.10
C GLU J 19 -48.83 -12.08 -9.51
N ALA J 20 -48.98 -13.15 -8.73
CA ALA J 20 -50.26 -13.42 -8.08
C ALA J 20 -50.65 -12.29 -7.14
N TYR J 21 -49.69 -11.80 -6.35
CA TYR J 21 -50.00 -10.73 -5.42
C TYR J 21 -50.45 -9.49 -6.18
N LEU J 22 -49.78 -9.17 -7.27
CA LEU J 22 -50.20 -8.01 -8.05
C LEU J 22 -51.59 -8.21 -8.63
N GLY J 23 -51.88 -9.40 -9.16
CA GLY J 23 -53.21 -9.64 -9.68
C GLY J 23 -54.29 -9.51 -8.63
N LEU J 24 -54.03 -10.07 -7.45
CA LEU J 24 -55.01 -9.98 -6.37
C LEU J 24 -55.22 -8.55 -5.93
N LEU J 25 -54.14 -7.78 -5.84
CA LEU J 25 -54.31 -6.37 -5.52
C LEU J 25 -55.09 -5.66 -6.62
N GLN J 26 -54.90 -6.05 -7.87
CA GLN J 26 -55.53 -5.33 -8.97
C GLN J 26 -57.02 -5.61 -9.01
N ALA J 27 -57.43 -6.86 -8.86
CA ALA J 27 -58.84 -7.17 -9.09
C ALA J 27 -59.70 -6.41 -8.10
N GLU J 28 -59.70 -6.82 -6.83
CA GLU J 28 -60.32 -6.02 -5.78
C GLU J 28 -59.60 -6.06 -4.46
N TYR J 29 -58.83 -7.10 -4.15
CA TYR J 29 -58.41 -7.34 -2.79
C TYR J 29 -57.55 -6.20 -2.28
N THR J 30 -57.46 -6.12 -0.96
CA THR J 30 -56.49 -5.25 -0.29
C THR J 30 -55.30 -6.07 0.19
N GLU J 31 -54.21 -5.36 0.49
CA GLU J 31 -52.96 -6.04 0.82
C GLU J 31 -53.16 -6.99 1.99
N GLY J 32 -53.73 -6.50 3.08
CA GLY J 32 -53.88 -7.34 4.25
C GLY J 32 -54.65 -8.60 3.97
N ASP J 33 -55.58 -8.54 3.01
CA ASP J 33 -56.34 -9.73 2.65
C ASP J 33 -55.63 -10.55 1.58
N ALA J 34 -55.02 -9.90 0.60
CA ALA J 34 -54.32 -10.64 -0.45
C ALA J 34 -53.21 -11.48 0.15
N LEU J 35 -52.49 -10.93 1.13
CA LEU J 35 -51.35 -11.63 1.69
C LEU J 35 -51.76 -12.96 2.27
N ASP J 36 -52.82 -12.98 3.09
CA ASP J 36 -53.28 -14.25 3.65
C ASP J 36 -54.03 -15.09 2.63
N ALA J 37 -54.54 -14.47 1.57
CA ALA J 37 -55.12 -15.26 0.48
C ALA J 37 -54.06 -16.09 -0.22
N LEU J 38 -52.85 -15.54 -0.35
CA LEU J 38 -51.75 -16.29 -0.93
C LEU J 38 -51.22 -17.34 0.03
N GLY J 39 -51.41 -17.15 1.33
CA GLY J 39 -50.99 -18.15 2.30
C GLY J 39 -49.74 -17.75 3.05
N LEU J 40 -49.56 -16.47 3.32
CA LEU J 40 -48.38 -15.98 4.03
C LEU J 40 -48.77 -15.69 5.48
N LYS J 41 -48.64 -16.71 6.32
CA LYS J 41 -49.03 -16.55 7.72
C LYS J 41 -48.02 -15.71 8.48
N ARG J 42 -46.78 -16.19 8.58
CA ARG J 42 -45.79 -15.50 9.39
C ARG J 42 -45.55 -14.09 8.86
N TYR J 43 -45.49 -13.12 9.79
CA TYR J 43 -45.25 -11.74 9.39
C TYR J 43 -43.86 -11.56 8.80
N CYS J 44 -42.97 -12.53 9.00
CA CYS J 44 -41.62 -12.40 8.45
C CYS J 44 -41.64 -12.51 6.93
N CYS J 45 -42.53 -13.35 6.39
CA CYS J 45 -42.61 -13.53 4.94
C CYS J 45 -43.44 -12.46 4.24
N ARG J 46 -44.26 -11.72 4.99
CA ARG J 46 -45.09 -10.69 4.37
C ARG J 46 -44.27 -9.48 3.95
N ARG J 47 -43.23 -9.16 4.71
CA ARG J 47 -42.40 -8.03 4.33
C ARG J 47 -41.80 -8.23 2.95
N MET J 48 -41.71 -9.47 2.48
CA MET J 48 -41.19 -9.72 1.15
C MET J 48 -42.05 -9.09 0.08
N LEU J 49 -43.37 -9.21 0.21
CA LEU J 49 -44.27 -8.66 -0.79
C LEU J 49 -44.67 -7.23 -0.49
N LEU J 50 -44.69 -6.82 0.77
CA LEU J 50 -45.06 -5.44 1.06
C LEU J 50 -43.93 -4.49 0.78
N ALA J 51 -42.74 -4.80 1.26
CA ALA J 51 -41.62 -3.88 1.18
C ALA J 51 -40.89 -3.95 -0.16
N HIS J 52 -41.02 -5.04 -0.90
CA HIS J 52 -40.23 -5.21 -2.10
C HIS J 52 -40.55 -4.11 -3.11
N VAL J 53 -39.49 -3.55 -3.69
CA VAL J 53 -39.59 -2.55 -4.74
C VAL J 53 -39.26 -3.23 -6.06
N ASP J 54 -39.94 -2.83 -7.11
CA ASP J 54 -39.81 -3.46 -8.42
C ASP J 54 -39.07 -2.50 -9.35
N LEU J 55 -37.74 -2.56 -9.31
CA LEU J 55 -36.91 -1.74 -10.20
C LEU J 55 -36.61 -2.41 -11.53
N ILE J 56 -36.83 -3.72 -11.65
CA ILE J 56 -36.46 -4.39 -12.89
C ILE J 56 -37.19 -3.76 -14.06
N GLU J 57 -38.37 -3.19 -13.82
CA GLU J 57 -39.07 -2.50 -14.90
C GLU J 57 -38.24 -1.33 -15.42
N LYS J 58 -37.82 -0.44 -14.52
CA LYS J 58 -36.99 0.68 -14.95
C LYS J 58 -35.77 0.19 -15.69
N LEU J 59 -35.21 -0.94 -15.25
CA LEU J 59 -34.04 -1.49 -15.93
C LEU J 59 -34.39 -1.95 -17.33
N LEU J 60 -35.57 -2.53 -17.51
CA LEU J 60 -35.95 -3.00 -18.84
C LEU J 60 -36.27 -1.86 -19.79
N ASN J 61 -36.58 -0.67 -19.27
CA ASN J 61 -36.82 0.46 -20.17
C ASN J 61 -35.61 0.75 -21.03
N TYR J 62 -34.41 0.48 -20.53
CA TYR J 62 -33.18 0.72 -21.29
C TYR J 62 -32.87 -0.49 -22.16
N ALA J 63 -33.76 -0.71 -23.11
CA ALA J 63 -33.60 -1.82 -24.04
C ALA J 63 -32.27 -1.66 -24.78
N PRO J 64 -31.43 -2.70 -24.83
CA PRO J 64 -30.18 -2.57 -25.58
C PRO J 64 -30.44 -2.27 -27.06
N LEU J 65 -31.18 -3.15 -27.73
CA LEU J 65 -31.48 -2.99 -29.15
C LEU J 65 -32.99 -2.95 -29.36
N GLU J 66 -33.43 -2.12 -30.28
CA GLU J 66 -34.84 -1.97 -30.59
C GLU J 66 -35.65 -1.67 -29.33
N MET K 1 -12.46 -12.44 1.99
CA MET K 1 -11.36 -13.12 1.25
C MET K 1 -10.82 -14.32 2.02
N ASN K 2 -10.83 -14.21 3.35
CA ASN K 2 -10.38 -15.30 4.22
C ASN K 2 -11.55 -16.13 4.73
N ALA K 3 -12.74 -15.93 4.19
CA ALA K 3 -13.88 -16.74 4.63
C ALA K 3 -13.57 -18.20 4.40
N PRO K 4 -13.70 -19.05 5.41
CA PRO K 4 -13.46 -20.48 5.21
C PRO K 4 -14.55 -21.10 4.36
N PRO K 5 -14.27 -22.20 3.68
CA PRO K 5 -15.31 -22.85 2.87
C PRO K 5 -16.35 -23.51 3.76
N ALA K 6 -17.50 -23.78 3.16
CA ALA K 6 -18.62 -24.32 3.93
C ALA K 6 -18.41 -25.79 4.30
N PHE K 7 -17.54 -26.51 3.60
CA PHE K 7 -17.38 -27.93 3.86
C PHE K 7 -16.48 -28.21 5.05
N GLU K 8 -15.82 -27.20 5.60
CA GLU K 8 -14.92 -27.43 6.72
C GLU K 8 -15.66 -27.65 8.04
N SER K 9 -16.97 -27.45 8.07
CA SER K 9 -17.68 -27.59 9.33
C SER K 9 -18.03 -29.04 9.66
N PHE K 10 -18.15 -29.90 8.65
CA PHE K 10 -18.57 -31.28 8.89
C PHE K 10 -17.58 -32.29 8.31
N LEU K 11 -16.92 -31.96 7.21
CA LEU K 11 -16.03 -32.91 6.56
C LEU K 11 -14.69 -32.97 7.28
N LEU K 12 -14.24 -34.18 7.59
CA LEU K 12 -12.96 -34.35 8.23
C LEU K 12 -11.84 -33.96 7.28
N PHE K 13 -10.76 -33.41 7.85
CA PHE K 13 -9.56 -33.14 7.10
C PHE K 13 -8.59 -34.32 7.26
N GLU K 14 -7.78 -34.54 6.23
CA GLU K 14 -6.86 -35.67 6.24
C GLU K 14 -5.98 -35.60 7.49
N GLY K 15 -5.99 -36.69 8.25
CA GLY K 15 -5.16 -36.81 9.44
C GLY K 15 -5.87 -36.47 10.74
N GLU K 16 -6.98 -35.75 10.68
CA GLU K 16 -7.72 -35.40 11.89
C GLU K 16 -8.58 -36.56 12.34
N LYS K 17 -8.54 -36.87 13.63
CA LYS K 17 -9.31 -37.96 14.18
C LYS K 17 -10.72 -37.49 14.51
N LYS K 18 -11.70 -38.37 14.27
CA LYS K 18 -13.08 -38.02 14.56
C LYS K 18 -13.32 -37.89 16.05
N ILE K 19 -12.70 -38.76 16.85
CA ILE K 19 -12.93 -38.79 18.29
C ILE K 19 -11.63 -39.18 18.97
N THR K 20 -11.29 -38.46 20.04
CA THR K 20 -10.05 -38.68 20.76
C THR K 20 -10.36 -38.77 22.25
N ILE K 21 -9.84 -39.80 22.90
CA ILE K 21 -10.01 -39.98 24.33
C ILE K 21 -8.77 -39.47 25.03
N ASN K 22 -8.96 -38.72 26.10
CA ASN K 22 -7.86 -38.16 26.87
C ASN K 22 -8.20 -38.24 28.36
N LYS K 23 -7.54 -39.15 29.07
CA LYS K 23 -7.81 -39.30 30.49
C LYS K 23 -7.39 -38.06 31.23
N ASP K 24 -8.20 -37.65 32.20
CA ASP K 24 -7.87 -36.54 33.06
C ASP K 24 -7.16 -37.03 34.31
N THR K 25 -6.46 -36.11 34.98
CA THR K 25 -5.65 -36.45 36.14
C THR K 25 -6.19 -35.87 37.45
N LYS K 26 -7.06 -34.87 37.40
CA LYS K 26 -7.46 -34.18 38.62
C LYS K 26 -8.31 -35.07 39.51
N VAL K 27 -9.16 -35.89 38.91
CA VAL K 27 -10.02 -36.78 39.69
C VAL K 27 -10.04 -38.15 39.05
N PRO K 28 -10.15 -39.18 39.88
CA PRO K 28 -10.14 -40.55 39.33
C PRO K 28 -11.35 -40.78 38.46
N ASN K 29 -11.17 -41.63 37.46
CA ASN K 29 -12.26 -41.96 36.55
C ASN K 29 -12.89 -40.69 35.98
N ALA K 30 -12.08 -39.97 35.20
CA ALA K 30 -12.59 -38.81 34.48
C ALA K 30 -11.81 -38.67 33.19
N CYS K 31 -12.53 -38.62 32.08
CA CYS K 31 -11.94 -38.54 30.75
C CYS K 31 -12.60 -37.39 30.01
N LEU K 32 -11.86 -36.80 29.08
CA LEU K 32 -12.40 -35.79 28.19
C LEU K 32 -12.43 -36.34 26.77
N PHE K 33 -13.61 -36.43 26.20
CA PHE K 33 -13.75 -36.83 24.82
C PHE K 33 -13.77 -35.58 23.95
N THR K 34 -12.96 -35.60 22.90
CA THR K 34 -12.85 -34.49 21.96
C THR K 34 -13.37 -34.93 20.61
N ILE K 35 -14.31 -34.17 20.06
CA ILE K 35 -14.97 -34.50 18.80
C ILE K 35 -14.65 -33.41 17.79
N ASN K 36 -14.19 -33.82 16.62
CA ASN K 36 -13.86 -32.89 15.56
C ASN K 36 -14.99 -32.82 14.55
N LYS K 37 -15.25 -31.62 14.04
CA LYS K 37 -16.28 -31.40 13.03
C LYS K 37 -17.64 -31.88 13.54
N GLU K 38 -18.10 -31.24 14.62
CA GLU K 38 -19.44 -31.46 15.14
C GLU K 38 -19.90 -30.18 15.82
N ASP K 39 -21.12 -30.21 16.33
CA ASP K 39 -21.72 -29.04 16.94
C ASP K 39 -22.60 -29.50 18.10
N HIS K 40 -23.45 -28.59 18.57
CA HIS K 40 -24.32 -28.92 19.69
C HIS K 40 -25.23 -30.09 19.35
N THR K 41 -25.56 -30.28 18.07
CA THR K 41 -26.50 -31.33 17.71
C THR K 41 -26.08 -32.67 18.27
N LEU K 42 -24.81 -33.04 18.08
CA LEU K 42 -24.34 -34.35 18.46
C LEU K 42 -23.73 -34.39 19.85
N GLY K 43 -23.73 -33.28 20.57
CA GLY K 43 -23.20 -33.28 21.92
C GLY K 43 -24.26 -33.12 22.97
N ASN K 44 -25.29 -32.32 22.69
CA ASN K 44 -26.32 -32.07 23.69
C ASN K 44 -27.10 -33.33 24.03
N ILE K 45 -27.47 -34.12 23.02
CA ILE K 45 -28.25 -35.33 23.31
C ILE K 45 -27.41 -36.30 24.13
N ILE K 46 -26.13 -36.44 23.79
CA ILE K 46 -25.28 -37.33 24.57
C ILE K 46 -25.16 -36.83 25.99
N LYS K 47 -25.03 -35.52 26.16
CA LYS K 47 -24.97 -34.96 27.51
C LYS K 47 -26.21 -35.34 28.30
N SER K 48 -27.38 -35.16 27.69
CA SER K 48 -28.62 -35.51 28.39
C SER K 48 -28.67 -37.00 28.71
N GLN K 49 -28.29 -37.84 27.76
CA GLN K 49 -28.34 -39.27 28.00
C GLN K 49 -27.43 -39.66 29.16
N LEU K 50 -26.23 -39.10 29.19
CA LEU K 50 -25.34 -39.36 30.30
C LEU K 50 -25.96 -38.91 31.61
N LEU K 51 -26.69 -37.79 31.58
CA LEU K 51 -27.36 -37.36 32.80
C LEU K 51 -28.38 -38.39 33.26
N LYS K 52 -29.12 -38.99 32.31
CA LYS K 52 -30.07 -40.01 32.71
C LYS K 52 -29.40 -41.12 33.50
N ASP K 53 -28.22 -41.55 33.08
CA ASP K 53 -27.54 -42.64 33.74
C ASP K 53 -27.19 -42.26 35.16
N PRO K 54 -27.51 -43.08 36.16
CA PRO K 54 -27.25 -42.69 37.55
C PRO K 54 -25.79 -42.83 37.94
N GLN K 55 -25.10 -43.78 37.32
CA GLN K 55 -23.70 -44.02 37.67
C GLN K 55 -22.78 -42.93 37.19
N VAL K 56 -23.30 -41.91 36.50
CA VAL K 56 -22.47 -40.84 35.96
C VAL K 56 -22.52 -39.67 36.93
N LEU K 57 -21.40 -39.39 37.59
CA LEU K 57 -21.35 -38.34 38.58
C LEU K 57 -21.36 -36.95 37.95
N PHE K 58 -20.68 -36.79 36.82
CA PHE K 58 -20.57 -35.50 36.16
C PHE K 58 -20.64 -35.68 34.66
N ALA K 59 -21.29 -34.76 33.97
CA ALA K 59 -21.37 -34.82 32.53
C ALA K 59 -21.68 -33.44 31.97
N GLY K 60 -20.95 -33.05 30.94
CA GLY K 60 -21.12 -31.73 30.35
C GLY K 60 -20.21 -31.55 29.16
N TYR K 61 -20.69 -30.85 28.14
CA TYR K 61 -19.88 -30.53 26.97
C TYR K 61 -19.72 -29.03 26.86
N LYS K 62 -18.87 -28.63 25.91
CA LYS K 62 -18.62 -27.22 25.65
C LYS K 62 -18.10 -27.07 24.24
N VAL K 63 -18.16 -25.85 23.74
CA VAL K 63 -17.59 -25.53 22.44
C VAL K 63 -16.43 -24.57 22.68
N PRO K 64 -15.19 -25.01 22.52
CA PRO K 64 -14.06 -24.12 22.83
C PRO K 64 -14.16 -22.78 22.15
N HIS K 65 -14.61 -22.74 20.92
CA HIS K 65 -14.79 -21.47 20.22
C HIS K 65 -15.72 -21.69 19.04
N PRO K 66 -16.71 -20.82 18.86
CA PRO K 66 -17.72 -21.08 17.81
C PRO K 66 -17.11 -21.22 16.42
N LEU K 67 -16.10 -20.41 16.10
CA LEU K 67 -15.49 -20.50 14.78
C LEU K 67 -14.73 -21.81 14.59
N GLU K 68 -14.29 -22.42 15.68
CA GLU K 68 -13.66 -23.73 15.60
C GLU K 68 -14.72 -24.81 15.65
N HIS K 69 -14.57 -25.80 14.78
CA HIS K 69 -15.50 -26.92 14.70
C HIS K 69 -14.97 -28.04 15.59
N LYS K 70 -15.22 -27.91 16.89
CA LYS K 70 -14.73 -28.89 17.84
C LYS K 70 -15.52 -28.75 19.13
N ILE K 71 -15.69 -29.88 19.82
CA ILE K 71 -16.38 -29.92 21.11
C ILE K 71 -15.64 -30.87 22.04
N ILE K 72 -15.75 -30.60 23.33
CA ILE K 72 -15.14 -31.42 24.37
C ILE K 72 -16.22 -31.87 25.33
N ILE K 73 -16.30 -33.18 25.59
CA ILE K 73 -17.28 -33.76 26.50
C ILE K 73 -16.53 -34.35 27.68
N ARG K 74 -16.90 -33.94 28.88
CA ARG K 74 -16.27 -34.43 30.10
C ARG K 74 -17.23 -35.35 30.82
N VAL K 75 -16.74 -36.53 31.18
CA VAL K 75 -17.53 -37.57 31.82
C VAL K 75 -16.76 -38.10 33.01
N GLN K 76 -17.47 -38.32 34.12
CA GLN K 76 -16.83 -38.82 35.33
C GLN K 76 -17.80 -39.75 36.03
N THR K 77 -17.44 -41.02 36.13
CA THR K 77 -18.31 -42.03 36.66
C THR K 77 -17.82 -42.50 38.02
N THR K 78 -18.57 -43.41 38.63
CA THR K 78 -18.13 -44.06 39.84
C THR K 78 -16.89 -44.87 39.51
N PRO K 79 -16.05 -45.17 40.50
CA PRO K 79 -14.81 -45.89 40.21
C PRO K 79 -15.04 -47.25 39.57
N ASP K 80 -16.22 -47.84 39.72
CA ASP K 80 -16.48 -49.18 39.21
C ASP K 80 -17.15 -49.17 37.85
N TYR K 81 -17.15 -48.03 37.17
CA TYR K 81 -17.83 -47.91 35.88
C TYR K 81 -17.03 -46.90 35.05
N SER K 82 -16.16 -47.42 34.20
CA SER K 82 -15.30 -46.55 33.40
C SER K 82 -16.16 -45.65 32.52
N PRO K 83 -15.73 -44.42 32.26
CA PRO K 83 -16.53 -43.54 31.40
C PRO K 83 -16.67 -44.03 29.97
N GLN K 84 -15.73 -44.82 29.46
CA GLN K 84 -15.85 -45.32 28.09
C GLN K 84 -17.13 -46.11 27.91
N GLU K 85 -17.35 -47.09 28.77
CA GLU K 85 -18.56 -47.89 28.68
C GLU K 85 -19.79 -47.04 28.90
N ALA K 86 -19.67 -45.99 29.72
CA ALA K 86 -20.78 -45.07 29.89
C ALA K 86 -21.14 -44.41 28.56
N PHE K 87 -20.13 -43.93 27.84
CA PHE K 87 -20.36 -43.30 26.55
C PHE K 87 -20.98 -44.29 25.57
N THR K 88 -20.43 -45.49 25.51
CA THR K 88 -20.95 -46.50 24.60
C THR K 88 -22.40 -46.82 24.92
N ASN K 89 -22.71 -46.99 26.21
CA ASN K 89 -24.08 -47.29 26.59
C ASN K 89 -25.01 -46.14 26.25
N ALA K 90 -24.56 -44.91 26.47
CA ALA K 90 -25.39 -43.76 26.15
C ALA K 90 -25.72 -43.72 24.67
N ILE K 91 -24.71 -43.88 23.81
CA ILE K 91 -24.97 -43.83 22.38
C ILE K 91 -25.86 -45.00 21.96
N THR K 92 -25.60 -46.19 22.50
CA THR K 92 -26.37 -47.35 22.08
C THR K 92 -27.85 -47.15 22.41
N ASP K 93 -28.13 -46.72 23.64
CA ASP K 93 -29.53 -46.54 24.01
C ASP K 93 -30.14 -45.39 23.23
N LEU K 94 -29.38 -44.33 22.95
CA LEU K 94 -29.93 -43.22 22.18
C LEU K 94 -30.28 -43.63 20.75
N ILE K 95 -29.43 -44.45 20.13
CA ILE K 95 -29.75 -44.99 18.81
C ILE K 95 -31.00 -45.84 18.87
N SER K 96 -31.10 -46.70 19.89
CA SER K 96 -32.30 -47.52 20.02
C SER K 96 -33.53 -46.64 20.14
N GLU K 97 -33.44 -45.58 20.94
CA GLU K 97 -34.59 -44.71 21.14
C GLU K 97 -34.99 -44.03 19.84
N LEU K 98 -34.02 -43.52 19.09
CA LEU K 98 -34.38 -42.85 17.84
C LEU K 98 -34.99 -43.83 16.85
N SER K 99 -34.47 -45.05 16.79
CA SER K 99 -35.06 -46.05 15.90
C SER K 99 -36.50 -46.34 16.30
N LEU K 100 -36.76 -46.49 17.60
CA LEU K 100 -38.12 -46.73 18.04
C LEU K 100 -39.01 -45.55 17.70
N LEU K 101 -38.51 -44.34 17.89
CA LEU K 101 -39.29 -43.15 17.55
C LEU K 101 -39.61 -43.12 16.07
N GLU K 102 -38.65 -43.46 15.23
CA GLU K 102 -38.89 -43.49 13.80
C GLU K 102 -39.97 -44.51 13.45
N GLU K 103 -39.89 -45.70 14.03
CA GLU K 103 -40.89 -46.71 13.73
C GLU K 103 -42.28 -46.22 14.13
N ARG K 104 -42.38 -45.64 15.32
CA ARG K 104 -43.68 -45.15 15.77
C ARG K 104 -44.18 -44.05 14.88
N PHE K 105 -43.30 -43.13 14.47
CA PHE K 105 -43.72 -42.05 13.60
C PHE K 105 -44.21 -42.59 12.26
N ARG K 106 -43.51 -43.58 11.71
CA ARG K 106 -43.90 -44.15 10.43
C ARG K 106 -45.27 -44.82 10.53
N VAL K 107 -45.47 -45.61 11.58
CA VAL K 107 -46.77 -46.28 11.70
C VAL K 107 -47.86 -45.24 11.90
N ALA K 108 -47.57 -44.19 12.67
CA ALA K 108 -48.57 -43.16 12.88
C ALA K 108 -48.94 -42.48 11.57
N ILE K 109 -47.97 -42.21 10.71
CA ILE K 109 -48.28 -41.60 9.42
C ILE K 109 -49.13 -42.55 8.58
N LYS K 110 -48.67 -43.81 8.44
CA LYS K 110 -49.40 -44.71 7.55
C LYS K 110 -50.81 -44.94 8.04
N ASP K 111 -51.04 -44.84 9.35
CA ASP K 111 -52.40 -44.92 9.87
C ASP K 111 -53.15 -43.62 9.64
N LYS K 112 -52.47 -42.49 9.69
CA LYS K 112 -53.16 -41.21 9.50
C LYS K 112 -53.71 -41.10 8.09
N GLN K 113 -52.97 -41.56 7.09
CA GLN K 113 -53.44 -41.53 5.71
C GLN K 113 -54.57 -42.54 5.55
N GLU K 114 -55.80 -42.04 5.46
CA GLU K 114 -56.97 -42.89 5.32
C GLU K 114 -57.03 -43.93 6.44
N GLY K 115 -57.12 -43.43 7.67
CA GLY K 115 -57.13 -44.30 8.83
C GLY K 115 -57.18 -43.54 10.13
N GLN L 1 -7.36 -16.26 -36.69
CA GLN L 1 -7.94 -15.25 -37.61
C GLN L 1 -9.06 -14.48 -36.93
N GLN L 2 -8.72 -13.75 -35.86
CA GLN L 2 -9.71 -13.03 -35.07
C GLN L 2 -9.57 -11.53 -35.33
N PRO L 3 -10.52 -10.89 -36.01
CA PRO L 3 -10.46 -9.44 -36.23
C PRO L 3 -10.99 -8.60 -35.07
N MET L 4 -11.16 -9.15 -33.87
CA MET L 4 -11.52 -8.38 -32.69
C MET L 4 -12.84 -7.63 -32.90
N ILE L 5 -13.89 -8.42 -33.06
CA ILE L 5 -15.22 -7.88 -33.30
C ILE L 5 -15.66 -7.03 -32.11
N TYR L 6 -16.37 -5.93 -32.41
CA TYR L 6 -16.88 -5.02 -31.40
C TYR L 6 -18.38 -4.86 -31.58
N ILE L 7 -19.02 -4.23 -30.61
CA ILE L 7 -20.45 -3.96 -30.65
C ILE L 7 -20.67 -2.46 -30.64
N CYS L 8 -21.37 -1.96 -31.65
CA CYS L 8 -21.62 -0.53 -31.74
C CYS L 8 -22.39 -0.06 -30.51
N GLY L 9 -22.27 1.23 -30.23
CA GLY L 9 -22.88 1.81 -29.05
C GLY L 9 -24.39 1.79 -29.12
N GLU L 10 -24.94 2.51 -30.10
CA GLU L 10 -26.39 2.65 -30.23
C GLU L 10 -26.98 1.73 -31.28
N CYS L 11 -26.27 1.50 -32.39
CA CYS L 11 -26.76 0.57 -33.39
C CYS L 11 -26.91 -0.84 -32.83
N HIS L 12 -26.08 -1.19 -31.86
CA HIS L 12 -25.99 -2.57 -31.40
C HIS L 12 -25.78 -3.50 -32.58
N THR L 13 -24.89 -3.08 -33.47
CA THR L 13 -24.46 -3.85 -34.62
C THR L 13 -23.00 -4.23 -34.45
N GLU L 14 -22.66 -5.44 -34.83
CA GLU L 14 -21.28 -5.87 -34.78
C GLU L 14 -20.44 -5.06 -35.76
N ASN L 15 -19.15 -4.97 -35.48
CA ASN L 15 -18.20 -4.36 -36.39
C ASN L 15 -16.87 -5.10 -36.30
N GLU L 16 -16.11 -5.04 -37.37
CA GLU L 16 -14.78 -5.64 -37.43
C GLU L 16 -13.76 -4.51 -37.39
N ILE L 17 -13.10 -4.36 -36.26
CA ILE L 17 -12.10 -3.32 -36.05
C ILE L 17 -10.76 -3.99 -35.80
N LYS L 18 -9.75 -3.59 -36.57
CA LYS L 18 -8.39 -4.07 -36.42
C LYS L 18 -7.52 -2.93 -35.89
N SER L 19 -6.27 -3.28 -35.56
CA SER L 19 -5.36 -2.30 -35.01
C SER L 19 -5.15 -1.16 -36.01
N ARG L 20 -4.73 -0.01 -35.48
CA ARG L 20 -4.43 1.16 -36.30
C ARG L 20 -5.62 1.55 -37.17
N ASP L 21 -6.82 1.46 -36.62
CA ASP L 21 -8.02 1.82 -37.33
C ASP L 21 -8.86 2.76 -36.48
N PRO L 22 -9.67 3.61 -37.10
CA PRO L 22 -10.59 4.45 -36.32
C PRO L 22 -11.67 3.62 -35.65
N ILE L 23 -12.12 4.10 -34.50
CA ILE L 23 -13.14 3.42 -33.71
C ILE L 23 -14.47 4.05 -34.07
N ARG L 24 -15.17 3.45 -35.05
CA ARG L 24 -16.46 3.97 -35.46
C ARG L 24 -17.33 2.82 -35.94
N CYS L 25 -18.63 3.04 -35.87
CA CYS L 25 -19.58 2.04 -36.35
C CYS L 25 -19.61 2.02 -37.86
N ARG L 26 -19.82 0.82 -38.42
CA ARG L 26 -19.83 0.69 -39.88
C ARG L 26 -20.89 1.58 -40.50
N GLU L 27 -22.00 1.79 -39.82
CA GLU L 27 -23.08 2.64 -40.28
C GLU L 27 -23.25 3.81 -39.30
N CYS L 28 -24.19 4.69 -39.62
CA CYS L 28 -24.38 5.93 -38.87
C CYS L 28 -23.04 6.57 -38.56
N GLY L 29 -22.28 5.95 -37.65
CA GLY L 29 -20.98 6.45 -37.27
C GLY L 29 -21.02 7.02 -35.87
N TYR L 30 -20.61 6.24 -34.88
CA TYR L 30 -20.52 6.70 -33.50
C TYR L 30 -19.15 6.37 -32.96
N ARG L 31 -18.84 6.99 -31.82
CA ARG L 31 -17.51 6.92 -31.24
C ARG L 31 -17.47 6.00 -30.03
N ILE L 32 -18.56 5.29 -29.75
CA ILE L 32 -18.65 4.41 -28.59
C ILE L 32 -18.96 3.02 -29.09
N MET L 33 -18.29 2.03 -28.51
CA MET L 33 -18.61 0.65 -28.80
C MET L 33 -17.99 -0.21 -27.70
N TYR L 34 -18.70 -1.25 -27.30
CA TYR L 34 -18.27 -2.14 -26.24
C TYR L 34 -17.77 -3.44 -26.84
N LYS L 35 -17.14 -4.24 -26.01
CA LYS L 35 -16.65 -5.52 -26.47
C LYS L 35 -17.70 -6.60 -26.28
N LYS L 36 -17.41 -7.77 -26.83
CA LYS L 36 -18.27 -8.93 -26.73
C LYS L 36 -17.75 -9.85 -25.63
N ARG L 37 -18.67 -10.60 -25.03
CA ARG L 37 -18.28 -11.49 -23.95
C ARG L 37 -17.17 -12.42 -24.40
N THR L 38 -16.33 -12.83 -23.45
CA THR L 38 -15.31 -13.81 -23.74
C THR L 38 -15.94 -15.13 -24.15
N LYS L 39 -15.09 -16.03 -24.62
CA LYS L 39 -15.47 -17.40 -24.93
C LYS L 39 -14.97 -18.39 -23.89
N ARG L 40 -14.36 -17.91 -22.80
CA ARG L 40 -13.76 -18.80 -21.82
C ARG L 40 -14.85 -19.56 -21.07
N LEU L 41 -14.43 -20.49 -20.22
CA LEU L 41 -15.35 -21.30 -19.44
C LEU L 41 -15.77 -20.51 -18.20
N VAL L 42 -16.74 -19.62 -18.41
CA VAL L 42 -17.30 -18.85 -17.30
C VAL L 42 -18.20 -19.79 -16.51
N VAL L 43 -17.70 -20.28 -15.37
CA VAL L 43 -18.43 -21.22 -14.53
C VAL L 43 -18.57 -20.61 -13.15
N PHE L 44 -19.81 -20.43 -12.72
CA PHE L 44 -20.10 -19.98 -11.36
C PHE L 44 -20.65 -21.13 -10.53
N ASP L 45 -20.52 -20.98 -9.22
CA ASP L 45 -21.16 -21.89 -8.28
C ASP L 45 -22.33 -21.15 -7.67
N ALA L 46 -23.52 -21.75 -7.76
CA ALA L 46 -24.72 -21.07 -7.30
C ALA L 46 -24.74 -21.06 -5.78
N ARG L 47 -23.80 -20.34 -5.18
CA ARG L 47 -23.63 -20.35 -3.74
C ARG L 47 -24.01 -19.00 -3.15
N ASP M 1 70.46 6.54 -33.27
CA ASP M 1 71.36 6.51 -32.09
C ASP M 1 72.07 5.17 -32.00
N GLN M 2 71.30 4.12 -31.66
CA GLN M 2 71.85 2.78 -31.52
C GLN M 2 71.66 1.90 -32.74
N ASP M 3 70.61 2.12 -33.53
CA ASP M 3 70.41 1.33 -34.73
C ASP M 3 71.52 1.56 -35.75
N ASN M 4 72.23 2.68 -35.66
CA ASN M 4 73.30 2.97 -36.61
C ASN M 4 74.39 1.92 -36.52
N GLU M 5 74.82 1.59 -35.30
CA GLU M 5 75.83 0.55 -35.14
C GLU M 5 75.30 -0.81 -35.58
N ILE M 6 74.04 -1.10 -35.28
CA ILE M 6 73.49 -2.42 -35.59
C ILE M 6 73.41 -2.64 -37.10
N ARG M 7 72.94 -1.64 -37.83
CA ARG M 7 72.83 -1.75 -39.28
C ARG M 7 74.11 -1.37 -39.99
N ALA M 8 74.70 -0.23 -39.62
CA ALA M 8 75.87 0.31 -40.31
C ALA M 8 77.18 -0.02 -39.58
N THR M 9 77.23 -1.15 -38.90
CA THR M 9 78.45 -1.58 -38.22
C THR M 9 79.35 -2.33 -39.20
N ASP M 10 80.66 -2.24 -38.95
CA ASP M 10 81.61 -2.92 -39.82
C ASP M 10 81.40 -4.44 -39.78
N LEU M 11 81.19 -4.99 -38.58
CA LEU M 11 80.99 -6.42 -38.45
C LEU M 11 79.50 -6.77 -38.48
N PRO M 12 79.16 -7.96 -38.93
CA PRO M 12 77.74 -8.34 -39.03
C PRO M 12 77.08 -8.40 -37.65
N GLU M 13 75.78 -8.14 -37.62
CA GLU M 13 75.06 -8.14 -36.35
C GLU M 13 75.12 -9.51 -35.69
N ARG M 14 75.02 -10.58 -36.46
CA ARG M 14 75.12 -11.92 -35.89
C ARG M 14 76.48 -12.11 -35.22
N PHE M 15 77.55 -11.74 -35.92
CA PHE M 15 78.88 -11.86 -35.34
C PHE M 15 79.02 -10.97 -34.10
N GLN M 16 78.47 -9.76 -34.15
CA GLN M 16 78.55 -8.87 -33.00
C GLN M 16 77.85 -9.48 -31.79
N LEU M 17 76.68 -10.08 -32.00
CA LEU M 17 75.98 -10.73 -30.89
C LEU M 17 76.77 -11.95 -30.38
N ARG M 18 77.36 -12.72 -31.29
CA ARG M 18 77.98 -13.98 -30.87
C ARG M 18 79.13 -13.74 -29.88
N SER M 19 80.00 -12.79 -30.19
CA SER M 19 81.12 -12.46 -29.30
C SER M 19 80.81 -11.21 -28.48
N ILE M 20 79.73 -11.28 -27.72
CA ILE M 20 79.32 -10.15 -26.88
C ILE M 20 80.37 -10.00 -25.78
N PRO M 21 80.55 -11.01 -24.93
CA PRO M 21 81.64 -10.92 -23.94
C PRO M 21 83.01 -10.71 -24.57
N VAL M 22 83.30 -11.38 -25.68
CA VAL M 22 84.62 -11.36 -26.30
C VAL M 22 84.50 -10.62 -27.62
N LYS M 23 85.01 -9.38 -27.66
CA LYS M 23 85.01 -8.58 -28.89
C LYS M 23 86.12 -9.11 -29.79
N GLY M 24 85.81 -10.20 -30.50
CA GLY M 24 86.74 -10.79 -31.43
C GLY M 24 87.81 -11.62 -30.73
N ALA M 25 88.62 -12.28 -31.54
CA ALA M 25 89.62 -13.21 -31.07
C ALA M 25 91.00 -12.84 -31.61
N GLU M 26 91.99 -12.83 -30.72
CA GLU M 26 93.37 -12.55 -31.09
C GLU M 26 94.05 -13.82 -31.57
N ASP M 27 95.23 -13.66 -32.18
CA ASP M 27 95.95 -14.80 -32.71
C ASP M 27 96.35 -15.77 -31.61
N ASP M 28 97.02 -15.27 -30.56
CA ASP M 28 97.43 -16.14 -29.46
C ASP M 28 96.22 -16.65 -28.69
N GLU M 29 95.21 -15.80 -28.48
CA GLU M 29 94.05 -16.19 -27.71
C GLU M 29 93.20 -17.23 -28.42
N LEU M 30 93.38 -17.40 -29.73
CA LEU M 30 92.64 -18.41 -30.46
C LEU M 30 92.94 -19.80 -29.93
N GLU M 31 94.21 -20.08 -29.65
CA GLU M 31 94.57 -21.38 -29.11
C GLU M 31 93.92 -21.61 -27.75
N GLU M 32 93.91 -20.59 -26.89
CA GLU M 32 93.29 -20.74 -25.57
C GLU M 32 91.79 -20.98 -25.71
N GLU M 33 91.12 -20.23 -26.59
CA GLU M 33 89.69 -20.42 -26.76
C GLU M 33 89.38 -21.81 -27.31
N ALA M 34 90.16 -22.27 -28.28
CA ALA M 34 89.93 -23.60 -28.85
C ALA M 34 90.16 -24.69 -27.80
N ASP M 35 91.22 -24.56 -27.00
CA ASP M 35 91.46 -25.53 -25.95
C ASP M 35 90.30 -25.54 -24.95
N TRP M 36 89.84 -24.36 -24.56
CA TRP M 36 88.74 -24.31 -23.60
C TRP M 36 87.49 -24.94 -24.18
N ILE M 37 87.20 -24.67 -25.45
CA ILE M 37 86.02 -25.26 -26.08
C ILE M 37 86.14 -26.77 -26.15
N TYR M 38 87.31 -27.26 -26.58
CA TYR M 38 87.52 -28.70 -26.62
C TYR M 38 87.33 -29.31 -25.25
N ARG M 39 87.79 -28.62 -24.21
CA ARG M 39 87.62 -29.12 -22.86
C ARG M 39 86.14 -29.17 -22.48
N ASN M 40 85.40 -28.11 -22.77
CA ASN M 40 84.01 -27.98 -22.36
C ASN M 40 83.04 -28.41 -23.45
N ALA M 41 83.53 -28.98 -24.55
CA ALA M 41 82.65 -29.42 -25.62
C ALA M 41 81.70 -30.51 -25.12
N PHE M 42 82.25 -31.55 -24.50
CA PHE M 42 81.43 -32.66 -23.99
C PHE M 42 82.15 -33.30 -22.81
N ALA M 43 81.75 -32.94 -21.59
CA ALA M 43 82.32 -33.52 -20.39
C ALA M 43 81.46 -34.65 -19.83
N THR M 44 80.25 -34.35 -19.37
CA THR M 44 79.39 -35.35 -18.76
C THR M 44 78.86 -36.29 -19.84
N PRO M 45 78.09 -35.77 -20.79
CA PRO M 45 77.65 -36.57 -21.94
C PRO M 45 78.71 -36.60 -23.03
N THR M 46 78.45 -37.43 -24.04
CA THR M 46 79.35 -37.58 -25.19
C THR M 46 78.82 -36.72 -26.33
N ILE M 47 79.52 -35.62 -26.60
CA ILE M 47 79.12 -34.67 -27.63
C ILE M 47 80.35 -34.30 -28.46
N SER M 48 80.21 -34.31 -29.78
CA SER M 48 81.30 -33.96 -30.68
C SER M 48 82.52 -34.87 -30.47
N LEU M 49 82.26 -36.14 -30.19
CA LEU M 49 83.33 -37.11 -29.98
C LEU M 49 83.79 -37.70 -31.30
N SER M 50 81.69 -38.12 -36.00
CA SER M 50 81.79 -36.68 -36.24
C SER M 50 83.20 -36.18 -36.00
N ARG M 51 83.33 -35.04 -35.33
CA ARG M 51 84.62 -34.46 -35.04
C ARG M 51 85.28 -35.20 -33.89
N LYS M 52 86.55 -35.57 -34.08
CA LYS M 52 87.33 -36.22 -33.03
C LYS M 52 87.92 -35.18 -32.10
N GLY M 53 88.65 -35.66 -31.09
CA GLY M 53 89.21 -34.78 -30.09
C GLY M 53 90.13 -33.75 -30.68
N PRO M 54 91.27 -34.19 -31.23
CA PRO M 54 92.19 -33.21 -31.85
C PRO M 54 91.63 -32.57 -33.10
N SER M 55 91.00 -33.36 -33.97
CA SER M 55 90.37 -32.79 -35.15
C SER M 55 89.28 -31.81 -34.75
N THR M 56 88.49 -32.17 -33.74
CA THR M 56 87.45 -31.26 -33.27
C THR M 56 88.06 -29.97 -32.72
N ILE M 57 89.14 -30.08 -31.95
CA ILE M 57 89.79 -28.90 -31.41
C ILE M 57 90.30 -28.00 -32.54
N GLN M 58 90.93 -28.61 -33.54
CA GLN M 58 91.45 -27.83 -34.67
C GLN M 58 90.32 -27.15 -35.43
N LYS M 59 89.22 -27.87 -35.67
CA LYS M 59 88.10 -27.26 -36.38
C LYS M 59 87.51 -26.12 -35.57
N ILE M 60 87.38 -26.31 -34.25
CA ILE M 60 86.83 -25.24 -33.41
C ILE M 60 87.74 -24.03 -33.45
N LYS M 61 89.05 -24.25 -33.36
CA LYS M 61 89.98 -23.13 -33.43
C LYS M 61 89.85 -22.41 -34.76
N GLU M 62 89.74 -23.16 -35.85
CA GLU M 62 89.59 -22.55 -37.16
C GLU M 62 88.31 -21.72 -37.22
N ALA M 63 87.22 -22.25 -36.70
CA ALA M 63 85.96 -21.51 -36.72
C ALA M 63 86.05 -20.24 -35.90
N LEU M 64 86.65 -20.33 -34.71
CA LEU M 64 86.79 -19.15 -33.86
C LEU M 64 87.65 -18.09 -34.54
N GLY M 65 88.75 -18.50 -35.15
CA GLY M 65 89.61 -17.54 -35.84
C GLY M 65 88.92 -16.91 -37.03
N PHE M 66 88.18 -17.70 -37.80
CA PHE M 66 87.43 -17.15 -38.92
C PHE M 66 86.42 -16.13 -38.45
N MET M 67 85.72 -16.43 -37.35
CA MET M 67 84.78 -15.45 -36.80
C MET M 67 85.50 -14.19 -36.35
N ARG M 68 86.63 -14.35 -35.65
CA ARG M 68 87.33 -13.19 -35.12
C ARG M 68 87.85 -12.29 -36.24
N ASN M 69 88.44 -12.88 -37.27
CA ASN M 69 89.02 -12.08 -38.34
C ASN M 69 87.95 -11.60 -39.32
N GLN M 70 87.26 -12.54 -39.96
CA GLN M 70 86.24 -12.19 -40.94
C GLN M 70 84.89 -11.90 -40.30
N HIS M 71 84.82 -11.74 -38.98
CA HIS M 71 83.57 -11.43 -38.30
C HIS M 71 82.47 -12.39 -38.73
N PHE M 72 82.86 -13.63 -39.00
CA PHE M 72 81.94 -14.61 -39.58
C PHE M 72 80.74 -14.85 -38.68
N GLU M 73 79.76 -15.57 -39.21
CA GLU M 73 78.54 -15.93 -38.49
C GLU M 73 78.42 -17.45 -38.45
N VAL M 74 77.55 -17.93 -37.57
CA VAL M 74 77.43 -19.36 -37.30
C VAL M 74 77.18 -20.09 -38.62
N PRO M 75 76.07 -19.83 -39.31
CA PRO M 75 75.89 -20.43 -40.64
C PRO M 75 76.95 -19.97 -41.64
N PHE M 76 77.44 -18.74 -41.50
CA PHE M 76 78.47 -18.27 -42.43
C PHE M 76 79.70 -19.16 -42.37
N ILE M 77 80.15 -19.50 -41.17
CA ILE M 77 81.26 -20.43 -41.03
C ILE M 77 80.82 -21.85 -41.38
N ALA M 78 79.60 -22.24 -41.02
CA ALA M 78 79.16 -23.62 -41.23
C ALA M 78 79.14 -23.97 -42.71
N PHE M 79 78.70 -23.03 -43.55
CA PHE M 79 78.64 -23.26 -44.99
C PHE M 79 79.93 -22.81 -45.67
N TYR M 80 80.28 -21.53 -45.53
CA TYR M 80 81.44 -20.99 -46.23
C TYR M 80 82.76 -21.53 -45.68
N ARG M 81 82.76 -22.14 -44.50
CA ARG M 81 83.98 -22.62 -43.88
C ARG M 81 83.91 -24.13 -43.61
N LYS M 82 83.33 -24.88 -44.55
CA LYS M 82 83.19 -26.32 -44.35
C LYS M 82 84.54 -26.97 -44.11
N GLU M 83 85.59 -26.51 -44.80
CA GLU M 83 86.92 -27.05 -44.57
C GLU M 83 87.47 -26.59 -43.22
N TYR M 84 87.37 -25.30 -42.92
CA TYR M 84 87.95 -24.78 -41.69
C TYR M 84 87.32 -25.38 -40.45
N VAL M 85 86.09 -25.89 -40.55
CA VAL M 85 85.39 -26.47 -39.41
C VAL M 85 84.97 -27.89 -39.74
N GLU M 86 84.25 -28.53 -38.84
CA GLU M 86 83.78 -29.90 -39.07
C GLU M 86 82.94 -29.91 -40.34
N PRO M 87 83.35 -30.60 -41.38
CA PRO M 87 82.61 -30.55 -42.64
C PRO M 87 81.27 -31.26 -42.51
N GLU M 88 80.28 -30.55 -41.98
CA GLU M 88 78.94 -31.09 -41.77
C GLU M 88 78.91 -32.13 -40.67
N LEU M 89 79.79 -32.00 -39.67
CA LEU M 89 79.81 -32.96 -38.58
C LEU M 89 78.48 -32.97 -37.83
N HIS M 90 77.93 -31.80 -37.54
CA HIS M 90 76.65 -31.70 -36.87
C HIS M 90 76.05 -30.34 -37.18
N ILE M 91 74.72 -30.25 -37.01
CA ILE M 91 74.02 -29.00 -37.27
C ILE M 91 74.48 -27.91 -36.30
N ASN M 92 74.55 -28.24 -35.01
CA ASN M 92 74.87 -27.23 -33.99
C ASN M 92 76.39 -27.02 -33.90
N ASP M 93 76.97 -26.71 -35.06
CA ASP M 93 78.42 -26.56 -35.17
C ASP M 93 78.84 -25.12 -34.94
N LEU M 94 78.30 -24.19 -35.73
CA LEU M 94 78.61 -22.78 -35.53
C LEU M 94 78.15 -22.30 -34.16
N TRP M 95 76.93 -22.70 -33.75
CA TRP M 95 76.43 -22.28 -32.44
C TRP M 95 77.29 -22.85 -31.32
N ARG M 96 77.67 -24.11 -31.42
CA ARG M 96 78.55 -24.68 -30.40
C ARG M 96 79.87 -23.94 -30.38
N VAL M 97 80.42 -23.62 -31.55
CA VAL M 97 81.70 -22.93 -31.61
C VAL M 97 81.60 -21.56 -30.96
N TRP M 98 80.53 -20.83 -31.25
CA TRP M 98 80.36 -19.51 -30.66
C TRP M 98 80.18 -19.59 -29.15
N GLN M 99 79.39 -20.57 -28.68
CA GLN M 99 79.22 -20.73 -27.24
C GLN M 99 80.54 -21.04 -26.57
N TRP M 100 81.34 -21.92 -27.16
CA TRP M 100 82.65 -22.24 -26.60
C TRP M 100 83.55 -21.01 -26.59
N ASP M 101 83.53 -20.22 -27.67
CA ASP M 101 84.37 -19.03 -27.72
C ASP M 101 83.96 -18.04 -26.63
N GLU M 102 82.67 -17.82 -26.46
CA GLU M 102 82.21 -16.91 -25.41
C GLU M 102 82.62 -17.42 -24.04
N LYS M 103 82.46 -18.72 -23.80
CA LYS M 103 82.85 -19.27 -22.51
C LYS M 103 84.34 -19.10 -22.28
N TRP M 104 85.16 -19.37 -23.30
CA TRP M 104 86.59 -19.23 -23.15
C TRP M 104 86.98 -17.78 -22.87
N THR M 105 86.35 -16.84 -23.56
CA THR M 105 86.63 -15.43 -23.31
C THR M 105 86.25 -15.04 -21.89
N GLN M 106 85.08 -15.48 -21.43
CA GLN M 106 84.65 -15.16 -20.07
C GLN M 106 85.63 -15.75 -19.06
N LEU M 107 86.04 -16.99 -19.26
CA LEU M 107 86.98 -17.62 -18.34
C LEU M 107 88.31 -16.88 -18.35
N ARG M 108 88.79 -16.49 -19.53
CA ARG M 108 90.06 -15.77 -19.61
C ARG M 108 89.98 -14.43 -18.89
N ILE M 109 88.87 -13.70 -19.08
CA ILE M 109 88.71 -12.43 -18.38
C ILE M 109 88.69 -12.64 -16.88
N ARG M 110 87.95 -13.65 -16.42
CA ARG M 110 87.89 -13.92 -14.99
C ARG M 110 89.26 -14.27 -14.45
N LYS M 111 90.01 -15.10 -15.19
CA LYS M 111 91.34 -15.48 -14.74
C LYS M 111 92.25 -14.26 -14.68
N GLU M 112 92.16 -13.37 -15.66
CA GLU M 112 92.98 -12.16 -15.63
C GLU M 112 92.66 -11.31 -14.42
N ASN M 113 91.37 -11.10 -14.15
CA ASN M 113 90.99 -10.32 -12.98
C ASN M 113 91.51 -10.98 -11.70
N LEU M 114 91.37 -12.29 -11.60
CA LEU M 114 91.86 -13.00 -10.42
C LEU M 114 93.37 -12.87 -10.28
N THR M 115 94.10 -12.98 -11.38
CA THR M 115 95.56 -12.86 -11.31
C THR M 115 95.95 -11.48 -10.83
N ARG M 116 95.27 -10.45 -11.35
CA ARG M 116 95.56 -9.09 -10.90
C ARG M 116 95.27 -8.94 -9.42
N LEU M 117 94.14 -9.50 -8.97
CA LEU M 117 93.77 -9.41 -7.57
C LEU M 117 94.78 -10.11 -6.68
N PHE M 118 95.21 -11.31 -7.06
CA PHE M 118 96.18 -12.04 -6.25
C PHE M 118 97.50 -11.29 -6.19
N GLU M 119 97.97 -10.77 -7.33
CA GLU M 119 99.22 -10.02 -7.34
C GLU M 119 99.14 -8.78 -6.45
N LYS M 120 98.05 -8.02 -6.57
CA LYS M 120 97.89 -6.84 -5.73
C LYS M 120 97.84 -7.21 -4.26
N MET M 121 97.17 -8.32 -3.93
CA MET M 121 97.07 -8.73 -2.53
C MET M 121 98.44 -9.12 -1.99
N GLN M 122 99.21 -9.87 -2.78
CA GLN M 122 100.56 -10.21 -2.37
C GLN M 122 101.40 -8.96 -2.17
N ALA M 123 101.23 -7.95 -3.04
CA ALA M 123 101.98 -6.71 -2.88
C ALA M 123 101.60 -6.01 -1.58
N TYR M 124 100.31 -5.94 -1.28
CA TYR M 124 99.87 -5.31 -0.04
C TYR M 124 100.41 -6.05 1.17
N GLN M 125 100.37 -7.39 1.14
CA GLN M 125 100.88 -8.17 2.25
C GLN M 125 102.38 -7.94 2.43
N TYR M 126 103.13 -7.87 1.33
CA TYR M 126 104.55 -7.59 1.42
C TYR M 126 104.80 -6.21 2.00
N GLU M 127 103.99 -5.22 1.59
CA GLU M 127 104.16 -3.87 2.11
C GLU M 127 103.88 -3.81 3.60
N GLN M 128 102.84 -4.53 4.06
CA GLN M 128 102.43 -4.45 5.46
C GLN M 128 103.32 -5.29 6.36
N ILE M 129 103.33 -6.62 6.14
CA ILE M 129 104.13 -7.51 6.98
C ILE M 129 105.62 -7.42 6.71
N SER M 130 106.02 -6.76 5.63
CA SER M 130 107.42 -6.59 5.27
C SER M 130 108.02 -5.31 5.84
N ALA M 131 107.47 -4.80 6.94
CA ALA M 131 107.95 -3.56 7.54
C ALA M 131 107.64 -3.52 9.02
N ILE M 132 101.58 -19.45 10.53
CA ILE M 132 100.52 -19.08 9.59
C ILE M 132 100.71 -17.67 9.06
N ARG M 133 101.51 -17.52 8.01
CA ARG M 133 101.77 -16.23 7.38
C ARG M 133 100.85 -16.03 6.19
N ALA M 134 100.96 -14.86 5.56
CA ALA M 134 100.15 -14.51 4.39
C ALA M 134 101.09 -14.41 3.19
N LEU M 135 101.10 -15.46 2.37
CA LEU M 135 101.99 -15.56 1.22
C LEU M 135 101.17 -15.50 -0.07
N ASP M 136 101.61 -14.64 -0.98
CA ASP M 136 100.92 -14.46 -2.27
C ASP M 136 101.53 -15.33 -3.37
N THR M 137 101.64 -16.63 -3.11
CA THR M 137 102.09 -17.57 -4.14
C THR M 137 100.93 -18.23 -4.86
N THR M 138 99.76 -18.32 -4.23
CA THR M 138 98.60 -18.93 -4.84
C THR M 138 97.94 -18.05 -5.89
N ASP M 139 98.30 -16.77 -5.97
CA ASP M 139 97.76 -15.93 -7.03
C ASP M 139 98.12 -16.50 -8.40
N MET M 140 99.37 -16.97 -8.55
CA MET M 140 99.79 -17.58 -9.80
C MET M 140 98.96 -18.82 -10.10
N GLU M 141 98.72 -19.66 -9.10
CA GLU M 141 97.94 -20.87 -9.32
C GLU M 141 96.52 -20.52 -9.74
N ARG M 142 95.89 -19.57 -9.05
CA ARG M 142 94.52 -19.17 -9.39
C ARG M 142 94.45 -18.62 -10.80
N LEU M 143 95.43 -17.78 -11.17
CA LEU M 143 95.48 -17.30 -12.55
C LEU M 143 95.63 -18.45 -13.52
N LYS M 144 96.44 -19.45 -13.16
CA LYS M 144 96.63 -20.61 -14.02
C LYS M 144 95.39 -21.48 -14.09
N ASP M 145 94.61 -21.54 -13.01
CA ASP M 145 93.43 -22.42 -12.96
C ASP M 145 92.30 -21.79 -13.77
N VAL M 146 92.52 -21.71 -15.08
CA VAL M 146 91.52 -21.14 -15.98
C VAL M 146 90.37 -22.12 -16.20
N GLN M 147 90.70 -23.40 -16.41
CA GLN M 147 89.67 -24.39 -16.68
C GLN M 147 88.73 -24.55 -15.49
N SER M 148 89.26 -24.49 -14.28
CA SER M 148 88.48 -24.68 -13.06
C SER M 148 87.78 -23.36 -12.70
N MET M 149 86.56 -23.20 -13.19
CA MET M 149 85.83 -21.96 -12.97
C MET M 149 85.25 -21.90 -11.56
N ASP M 150 84.35 -22.83 -11.25
CA ASP M 150 83.82 -22.89 -9.89
C ASP M 150 84.93 -23.20 -8.90
N GLU M 151 85.81 -24.12 -9.25
CA GLU M 151 86.95 -24.42 -8.39
C GLU M 151 87.84 -23.19 -8.23
N LEU M 152 88.07 -22.46 -9.32
CA LEU M 152 88.88 -21.26 -9.23
C LEU M 152 88.24 -20.25 -8.30
N LYS M 153 86.93 -20.07 -8.41
CA LYS M 153 86.23 -19.13 -7.53
C LYS M 153 86.32 -19.57 -6.08
N ASP M 154 86.15 -20.87 -5.82
CA ASP M 154 86.27 -21.37 -4.46
C ASP M 154 87.66 -21.10 -3.91
N VAL M 155 88.69 -21.34 -4.71
CA VAL M 155 90.05 -21.09 -4.27
C VAL M 155 90.25 -19.61 -3.97
N TYR M 156 89.75 -18.74 -4.83
CA TYR M 156 89.92 -17.30 -4.61
C TYR M 156 89.22 -16.87 -3.33
N ASN M 157 88.00 -17.35 -3.11
CA ASN M 157 87.26 -16.98 -1.91
C ASN M 157 87.96 -17.49 -0.67
N HIS M 158 88.46 -18.74 -0.71
CA HIS M 158 89.18 -19.27 0.42
C HIS M 158 90.43 -18.45 0.70
N PHE M 159 91.15 -18.06 -0.36
CA PHE M 159 92.35 -17.26 -0.17
C PHE M 159 92.00 -15.92 0.46
N LEU M 160 90.93 -15.28 0.00
CA LEU M 160 90.52 -14.01 0.58
C LEU M 160 90.17 -14.18 2.05
N LEU M 161 89.44 -15.25 2.38
CA LEU M 161 89.04 -15.46 3.76
C LEU M 161 90.22 -15.80 4.65
N TYR M 162 91.21 -16.50 4.13
CA TYR M 162 92.38 -16.86 4.94
C TYR M 162 93.29 -15.67 5.15
N TYR M 163 93.57 -14.91 4.09
CA TYR M 163 94.42 -13.73 4.23
C TYR M 163 93.69 -12.55 4.83
N GLY M 164 92.36 -12.59 4.89
CA GLY M 164 91.61 -11.59 5.62
C GLY M 164 90.79 -10.68 4.74
N ARG M 165 91.35 -10.30 3.59
CA ARG M 165 90.74 -9.44 2.61
C ARG M 165 90.70 -7.97 3.05
N ASP M 166 91.23 -7.63 4.22
CA ASP M 166 91.24 -6.24 4.64
C ASP M 166 91.94 -5.40 3.60
N ILE M 167 91.35 -4.25 3.28
CA ILE M 167 91.89 -3.38 2.25
C ILE M 167 92.03 -1.97 2.82
N PRO M 168 93.06 -1.68 3.61
CA PRO M 168 93.20 -0.33 4.17
C PRO M 168 93.11 0.75 3.12
N LYS M 169 93.69 0.53 1.95
CA LYS M 169 93.65 1.51 0.86
C LYS M 169 94.48 1.01 -0.31
N LYS M 170 100.36 -23.35 14.55
CA LYS M 170 100.63 -24.77 14.36
C LYS M 170 99.63 -25.61 15.13
N PHE M 171 98.60 -26.10 14.43
CA PHE M 171 97.54 -26.91 15.02
C PHE M 171 97.21 -28.01 14.04
N GLY M 172 97.68 -29.23 14.31
CA GLY M 172 97.46 -30.31 13.37
C GLY M 172 98.36 -30.18 12.14
N LEU M 173 97.94 -30.86 11.08
CA LEU M 173 98.71 -30.91 9.85
C LEU M 173 98.55 -29.61 9.04
N THR M 174 99.45 -29.42 8.08
CA THR M 174 99.38 -28.26 7.19
C THR M 174 98.30 -28.48 6.12
N PRO M 175 97.68 -27.40 5.65
CA PRO M 175 96.54 -27.58 4.72
C PRO M 175 96.95 -28.19 3.39
N GLU M 176 98.02 -27.71 2.78
CA GLU M 176 98.42 -28.25 1.47
C GLU M 176 98.73 -29.73 1.57
N GLN M 177 99.43 -30.14 2.63
CA GLN M 177 99.75 -31.56 2.79
C GLN M 177 98.49 -32.40 2.94
N PHE M 178 97.54 -31.92 3.74
CA PHE M 178 96.31 -32.66 3.92
C PHE M 178 95.56 -32.78 2.60
N GLY M 179 95.49 -31.69 1.84
CA GLY M 179 94.85 -31.76 0.54
C GLY M 179 95.53 -32.76 -0.37
N GLU M 180 96.86 -32.73 -0.41
CA GLU M 180 97.60 -33.66 -1.26
C GLU M 180 97.34 -35.09 -0.84
N ASN M 181 97.33 -35.35 0.46
CA ASN M 181 97.09 -36.71 0.94
C ASN M 181 95.68 -37.17 0.60
N LEU M 182 94.69 -36.31 0.78
CA LEU M 182 93.33 -36.68 0.43
C LEU M 182 93.23 -36.98 -1.06
N ARG M 183 93.84 -36.14 -1.90
CA ARG M 183 93.81 -36.38 -3.33
C ARG M 183 94.47 -37.69 -3.68
N ASP M 184 95.63 -37.97 -3.08
CA ASP M 184 96.34 -39.21 -3.35
C ASP M 184 95.72 -40.42 -2.67
N SER M 185 94.79 -40.22 -1.75
CA SER M 185 94.11 -41.27 -1.01
C SER M 185 95.03 -41.98 -0.03
N TYR M 186 96.31 -41.62 0.02
CA TYR M 186 97.26 -42.18 0.98
C TYR M 186 97.72 -41.06 1.88
N GLN M 187 97.67 -41.28 3.19
CA GLN M 187 98.00 -40.24 4.15
C GLN M 187 99.51 -40.03 4.13
N ARG M 188 99.96 -39.08 3.31
CA ARG M 188 101.39 -38.78 3.24
C ARG M 188 101.89 -38.15 4.54
N HIS M 189 101.10 -37.24 5.12
CA HIS M 189 101.48 -36.56 6.35
C HIS M 189 100.37 -36.74 7.38
N GLU M 190 100.76 -36.90 8.64
CA GLU M 190 99.82 -37.12 9.73
C GLU M 190 99.49 -35.79 10.42
N THR M 191 98.90 -35.88 11.62
CA THR M 191 98.55 -34.70 12.40
C THR M 191 99.79 -34.19 13.13
N GLU M 192 99.60 -33.22 14.03
CA GLU M 192 100.72 -32.64 14.75
C GLU M 192 101.33 -33.67 15.71
N GLN M 193 102.34 -34.40 15.25
CA GLN M 193 102.96 -35.47 16.03
C GLN M 193 103.83 -34.82 17.10
N PHE M 194 103.17 -34.26 18.10
CA PHE M 194 103.84 -33.57 19.19
C PHE M 194 103.28 -34.06 20.51
N PRO M 195 104.07 -33.99 21.59
CA PRO M 195 103.54 -34.38 22.91
C PRO M 195 102.40 -33.48 23.37
N ALA M 196 102.32 -32.26 22.86
CA ALA M 196 101.27 -31.34 23.29
C ALA M 196 99.91 -31.88 22.86
N GLU M 197 98.92 -31.66 23.73
CA GLU M 197 97.56 -32.11 23.48
C GLU M 197 96.64 -30.91 23.54
N PRO M 198 95.36 -31.08 23.25
CA PRO M 198 94.46 -29.91 23.20
C PRO M 198 94.45 -29.12 24.50
N LEU M 199 94.62 -29.78 25.64
CA LEU M 199 94.64 -29.05 26.90
C LEU M 199 95.77 -28.02 26.93
N GLU M 200 96.96 -28.43 26.49
CA GLU M 200 98.05 -27.47 26.36
C GLU M 200 97.73 -26.43 25.30
N LEU M 201 97.10 -26.84 24.20
CA LEU M 201 96.83 -25.93 23.10
C LEU M 201 95.75 -24.92 23.44
N ALA M 202 94.84 -25.25 24.38
CA ALA M 202 93.73 -24.38 24.72
C ALA M 202 94.11 -23.28 25.72
N LYS M 203 95.41 -23.02 25.90
CA LYS M 203 95.87 -22.00 26.84
C LYS M 203 96.84 -20.99 26.25
N ASP M 204 97.52 -21.31 25.15
CA ASP M 204 98.52 -20.41 24.58
C ASP M 204 97.85 -19.32 23.75
N THR M 205 93.23 -19.81 22.21
CA THR M 205 93.26 -18.44 22.70
C THR M 205 92.60 -18.30 24.07
N PRO M 206 92.26 -17.07 24.44
CA PRO M 206 91.65 -16.84 25.75
C PRO M 206 90.20 -17.30 25.79
N GLU M 207 90.01 -18.61 25.67
CA GLU M 207 88.67 -19.19 25.68
C GLU M 207 88.56 -20.31 26.72
N ALA M 208 89.65 -21.02 26.96
CA ALA M 208 89.68 -22.16 27.87
C ALA M 208 88.95 -23.38 27.31
N VAL M 209 88.88 -23.50 25.99
CA VAL M 209 88.19 -24.60 25.33
C VAL M 209 89.13 -25.25 24.31
N LEU M 210 88.84 -26.51 23.99
CA LEU M 210 89.67 -27.30 23.10
C LEU M 210 89.19 -27.31 21.65
N GLU M 211 88.08 -26.65 21.34
CA GLU M 211 87.59 -26.57 19.97
C GLU M 211 88.09 -25.33 19.23
N GLY M 212 88.84 -24.45 19.91
CA GLY M 212 89.30 -23.24 19.25
C GLY M 212 90.15 -23.54 18.04
N ALA M 213 91.11 -24.46 18.19
CA ALA M 213 91.86 -24.92 17.03
C ALA M 213 90.97 -25.69 16.07
N ARG M 214 89.89 -26.29 16.57
CA ARG M 214 88.99 -27.03 15.68
C ARG M 214 88.35 -26.11 14.66
N TYR M 215 87.90 -24.94 15.09
CA TYR M 215 87.30 -23.99 14.16
C TYR M 215 88.31 -23.57 13.10
N MET M 216 89.54 -23.27 13.52
CA MET M 216 90.57 -22.87 12.56
C MET M 216 90.86 -23.99 11.57
N VAL M 217 90.95 -25.23 12.05
CA VAL M 217 91.24 -26.35 11.17
C VAL M 217 90.12 -26.54 10.16
N ALA M 218 88.87 -26.49 10.62
CA ALA M 218 87.74 -26.64 9.71
C ALA M 218 87.73 -25.53 8.68
N LEU M 219 87.98 -24.29 9.12
CA LEU M 219 87.97 -23.16 8.19
C LEU M 219 89.07 -23.30 7.15
N GLN M 220 90.26 -23.74 7.58
CA GLN M 220 91.33 -23.97 6.62
C GLN M 220 90.97 -25.06 5.63
N ILE M 221 90.33 -26.13 6.12
CA ILE M 221 89.95 -27.23 5.24
C ILE M 221 88.94 -26.77 4.21
N ALA M 222 87.93 -26.01 4.64
CA ALA M 222 86.87 -25.61 3.72
C ALA M 222 87.39 -24.74 2.59
N ARG M 223 88.17 -23.71 2.93
CA ARG M 223 88.75 -22.80 1.95
C ARG M 223 90.12 -23.27 1.47
N GLU M 224 90.20 -24.52 1.03
CA GLU M 224 91.43 -25.10 0.52
C GLU M 224 91.15 -25.62 -0.88
N PRO M 225 91.67 -24.97 -1.93
CA PRO M 225 91.29 -25.40 -3.29
C PRO M 225 91.63 -26.85 -3.57
N LEU M 226 92.71 -27.38 -2.98
CA LEU M 226 92.98 -28.79 -3.14
C LEU M 226 91.78 -29.61 -2.68
N VAL M 227 91.19 -29.23 -1.55
CA VAL M 227 90.03 -29.96 -1.05
C VAL M 227 88.87 -29.84 -2.03
N ARG M 228 88.62 -28.64 -2.54
CA ARG M 228 87.51 -28.46 -3.48
C ARG M 228 87.71 -29.35 -4.69
N GLN M 229 88.93 -29.40 -5.22
CA GLN M 229 89.21 -30.26 -6.36
C GLN M 229 89.01 -31.73 -5.99
N VAL M 230 89.48 -32.13 -4.82
CA VAL M 230 89.38 -33.53 -4.43
C VAL M 230 87.92 -33.95 -4.36
N LEU M 231 87.10 -33.16 -3.68
CA LEU M 231 85.68 -33.48 -3.60
C LEU M 231 85.03 -33.41 -4.97
N ARG M 232 85.41 -32.43 -5.78
CA ARG M 232 84.73 -32.20 -7.05
C ARG M 232 84.83 -33.43 -7.94
N GLN M 233 83.69 -33.84 -8.48
CA GLN M 233 83.64 -35.02 -9.33
C GLN M 233 83.74 -36.30 -8.51
N THR M 234 83.92 -36.19 -7.19
CA THR M 234 83.83 -37.38 -6.35
C THR M 234 82.42 -37.96 -6.41
N PHE M 235 81.41 -37.13 -6.11
CA PHE M 235 80.03 -37.53 -6.21
C PHE M 235 79.38 -37.08 -7.51
N GLN M 236 79.95 -36.07 -8.17
CA GLN M 236 79.39 -35.61 -9.43
C GLN M 236 79.44 -36.71 -10.49
N GLU M 237 80.53 -37.46 -10.55
CA GLU M 237 80.65 -38.52 -11.53
C GLU M 237 79.60 -39.61 -11.29
N ARG M 238 79.40 -40.02 -10.04
CA ARG M 238 78.48 -41.09 -9.71
C ARG M 238 77.62 -40.66 -8.54
N ALA M 239 76.30 -40.69 -8.73
CA ALA M 239 75.37 -40.34 -7.64
C ALA M 239 74.10 -41.17 -7.87
N LYS M 240 74.02 -42.31 -7.17
CA LYS M 240 72.83 -43.16 -7.24
C LYS M 240 71.75 -42.53 -6.36
N LEU M 241 71.14 -41.47 -6.88
CA LEU M 241 70.07 -40.79 -6.16
C LEU M 241 68.87 -41.72 -6.02
N ASN M 242 68.39 -41.88 -4.79
CA ASN M 242 67.26 -42.75 -4.50
C ASN M 242 65.98 -41.95 -4.52
N ILE M 243 65.07 -42.29 -5.43
CA ILE M 243 63.79 -41.61 -5.56
C ILE M 243 62.78 -42.32 -4.66
N THR M 244 62.26 -41.59 -3.68
CA THR M 244 61.29 -42.15 -2.74
C THR M 244 60.37 -41.03 -2.25
N PRO M 245 59.06 -41.14 -2.50
CA PRO M 245 58.15 -40.09 -2.05
C PRO M 245 58.09 -39.99 -0.54
N THR M 246 57.82 -38.78 -0.04
CA THR M 246 57.68 -38.55 1.38
C THR M 246 56.28 -38.95 1.83
N LYS M 247 56.01 -38.82 3.12
CA LYS M 247 54.68 -39.16 3.63
C LYS M 247 53.61 -38.28 3.00
N LYS M 248 53.88 -36.99 2.88
CA LYS M 248 52.99 -36.08 2.17
C LYS M 248 53.30 -36.04 0.68
N GLY M 249 54.54 -36.35 0.30
CA GLY M 249 54.87 -36.42 -1.13
C GLY M 249 54.18 -37.55 -1.84
N ARG M 250 54.02 -38.70 -1.18
CA ARG M 250 53.44 -39.86 -1.84
C ARG M 250 52.01 -39.57 -2.31
N LYS M 251 51.23 -38.90 -1.48
CA LYS M 251 49.86 -38.56 -1.86
C LYS M 251 49.81 -37.33 -2.76
N ASP M 252 50.61 -36.31 -2.45
CA ASP M 252 50.55 -35.07 -3.21
C ASP M 252 51.00 -35.26 -4.65
N VAL M 253 52.15 -35.90 -4.85
CA VAL M 253 52.65 -36.10 -6.22
C VAL M 253 51.73 -37.00 -7.00
N ASP M 254 51.24 -38.08 -6.39
CA ASP M 254 50.42 -39.06 -7.08
C ASP M 254 51.14 -39.67 -8.27
N GLU M 255 52.43 -39.96 -8.09
CA GLU M 255 53.28 -40.50 -9.15
C GLU M 255 53.40 -39.54 -10.33
N ALA M 256 53.25 -38.24 -10.07
CA ALA M 256 53.34 -37.23 -11.11
C ALA M 256 54.75 -36.71 -11.32
N HIS M 257 55.60 -36.77 -10.30
CA HIS M 257 56.97 -36.30 -10.36
C HIS M 257 57.93 -37.48 -10.27
N TYR M 258 59.22 -37.18 -10.34
CA TYR M 258 60.24 -38.22 -10.21
C TYR M 258 60.26 -38.82 -8.81
N ALA M 259 60.01 -38.00 -7.79
CA ALA M 259 60.09 -38.45 -6.41
C ALA M 259 58.84 -39.19 -5.93
N TYR M 260 57.79 -39.25 -6.75
CA TYR M 260 56.56 -39.93 -6.38
C TYR M 260 56.14 -41.02 -7.34
N SER M 261 56.70 -41.06 -8.55
CA SER M 261 56.34 -42.12 -9.49
C SER M 261 56.79 -43.49 -8.98
N PHE M 262 57.95 -43.54 -8.34
CA PHE M 262 58.50 -44.78 -7.79
C PHE M 262 58.46 -44.68 -6.27
N LYS M 263 57.57 -45.45 -5.64
CA LYS M 263 57.48 -45.44 -4.18
C LYS M 263 58.79 -45.92 -3.55
N TYR M 264 59.40 -46.94 -4.13
CA TYR M 264 60.68 -47.46 -3.65
C TYR M 264 61.69 -47.61 -4.79
N LEU M 265 61.59 -46.75 -5.80
CA LEU M 265 62.51 -46.78 -6.94
C LEU M 265 63.65 -45.82 -6.64
N LYS M 266 64.69 -46.33 -5.98
CA LYS M 266 65.84 -45.54 -5.58
C LYS M 266 67.07 -45.99 -6.38
N ASN M 267 68.23 -45.51 -5.94
CA ASN M 267 69.52 -45.87 -6.55
C ASN M 267 69.62 -45.40 -8.00
N LYS M 268 69.19 -44.16 -8.24
CA LYS M 268 69.27 -43.58 -9.58
C LYS M 268 70.64 -42.93 -9.76
N PRO M 269 71.45 -43.38 -10.71
CA PRO M 269 72.77 -42.78 -10.92
C PRO M 269 72.64 -41.46 -11.69
N VAL M 270 73.80 -40.85 -11.94
CA VAL M 270 73.83 -39.58 -12.67
C VAL M 270 73.31 -39.76 -14.09
N LYS M 271 73.37 -40.97 -14.63
CA LYS M 271 72.97 -41.17 -16.01
C LYS M 271 71.48 -40.90 -16.19
N GLU M 272 70.67 -41.41 -15.27
CA GLU M 272 69.22 -41.29 -15.42
C GLU M 272 68.80 -39.83 -15.42
N LEU M 273 69.46 -39.00 -14.61
CA LEU M 273 69.10 -37.58 -14.52
C LEU M 273 69.74 -36.76 -15.64
N ARG M 274 71.06 -36.82 -15.76
CA ARG M 274 71.73 -36.00 -16.76
C ARG M 274 71.31 -36.39 -18.17
N ASP M 275 71.39 -37.67 -18.51
CA ASP M 275 70.97 -38.10 -19.83
C ASP M 275 69.47 -37.88 -20.04
N ASP M 276 68.67 -38.22 -19.04
CA ASP M 276 67.22 -38.10 -19.12
C ASP M 276 66.82 -36.80 -18.42
N GLN M 277 66.66 -35.74 -19.21
CA GLN M 277 66.29 -34.44 -18.64
C GLN M 277 64.94 -34.49 -17.95
N PHE M 278 64.06 -35.40 -18.37
CA PHE M 278 62.75 -35.51 -17.74
C PHE M 278 62.89 -35.88 -16.26
N LEU M 279 63.82 -36.77 -15.94
CA LEU M 279 64.03 -37.13 -14.54
C LEU M 279 64.46 -35.92 -13.73
N LYS M 280 65.38 -35.11 -14.27
CA LYS M 280 65.83 -33.92 -13.56
C LYS M 280 64.67 -32.94 -13.36
N ILE M 281 63.85 -32.76 -14.41
CA ILE M 281 62.73 -31.82 -14.31
C ILE M 281 61.73 -32.29 -13.26
N CYS M 282 61.41 -33.59 -13.28
CA CYS M 282 60.48 -34.13 -12.29
C CYS M 282 61.03 -33.98 -10.88
N LEU M 283 62.34 -34.23 -10.71
CA LEU M 283 62.95 -34.06 -9.40
C LEU M 283 62.86 -32.61 -8.94
N ALA M 284 63.15 -31.67 -9.83
CA ALA M 284 63.07 -30.27 -9.45
C ALA M 284 61.65 -29.89 -9.05
N GLU M 285 60.66 -30.33 -9.84
CA GLU M 285 59.28 -30.02 -9.52
C GLU M 285 58.87 -30.61 -8.17
N ASP M 286 59.21 -31.88 -7.94
CA ASP M 286 58.84 -32.52 -6.68
C ASP M 286 59.49 -31.82 -5.50
N GLU M 287 60.78 -31.51 -5.61
CA GLU M 287 61.48 -30.83 -4.52
C GLU M 287 61.02 -29.39 -4.34
N GLY M 288 60.39 -28.80 -5.35
CA GLY M 288 59.89 -27.44 -5.20
C GLY M 288 58.96 -27.27 -4.02
N LEU M 289 57.77 -27.85 -4.12
CA LEU M 289 56.71 -27.65 -3.12
C LEU M 289 56.68 -28.76 -2.06
N LEU M 290 56.50 -30.01 -2.49
CA LEU M 290 56.21 -31.08 -1.54
C LEU M 290 57.48 -31.67 -0.94
N THR M 291 58.28 -32.36 -1.75
CA THR M 291 59.50 -32.99 -1.26
C THR M 291 60.17 -33.69 -2.43
N THR M 292 61.46 -33.97 -2.27
CA THR M 292 62.24 -34.69 -3.26
C THR M 292 63.08 -35.76 -2.59
N ASP M 293 63.32 -36.84 -3.30
CA ASP M 293 64.14 -37.96 -2.82
C ASP M 293 65.38 -38.03 -3.70
N ILE M 294 66.38 -37.24 -3.36
CA ILE M 294 67.62 -37.14 -4.13
C ILE M 294 68.77 -37.41 -3.16
N SER M 295 69.37 -38.59 -3.26
CA SER M 295 70.50 -38.93 -2.40
C SER M 295 71.38 -39.95 -3.12
N ILE M 296 72.67 -39.64 -3.24
CA ILE M 296 73.61 -40.59 -3.82
C ILE M 296 73.68 -41.85 -2.98
N ASP M 297 73.73 -41.70 -1.65
CA ASP M 297 73.79 -42.82 -0.73
C ASP M 297 75.09 -43.62 -0.88
N LEU M 298 76.16 -42.96 -1.33
CA LEU M 298 77.44 -43.61 -1.54
C LEU M 298 78.52 -43.17 -0.56
N LYS M 299 78.26 -42.15 0.26
CA LYS M 299 79.27 -41.69 1.21
C LYS M 299 79.59 -42.77 2.24
N GLY M 300 78.57 -43.48 2.72
CA GLY M 300 78.75 -44.49 3.74
C GLY M 300 79.26 -45.81 3.18
N THR M 301 81.64 -46.34 0.91
CA THR M 301 82.29 -45.66 2.03
C THR M 301 83.35 -44.68 1.55
N TYR M 302 82.96 -43.41 1.44
CA TYR M 302 83.88 -42.37 1.01
C TYR M 302 84.39 -41.52 2.16
N PHE M 303 83.57 -41.24 3.17
CA PHE M 303 83.99 -40.42 4.29
C PHE M 303 84.88 -41.16 5.27
N GLU M 304 84.91 -42.50 5.21
CA GLU M 304 85.77 -43.24 6.12
C GLU M 304 87.23 -43.15 5.72
N GLU M 305 87.52 -43.26 4.43
CA GLU M 305 88.91 -43.32 3.98
C GLU M 305 89.67 -42.07 4.39
N ILE M 306 89.08 -40.89 4.19
CA ILE M 306 89.76 -39.66 4.56
C ILE M 306 90.06 -39.66 6.05
N LYS M 307 89.23 -40.34 6.85
CA LYS M 307 89.44 -40.35 8.29
C LYS M 307 90.84 -40.85 8.64
N GLN M 308 91.28 -41.93 7.99
CA GLN M 308 92.62 -42.44 8.25
C GLN M 308 93.68 -41.40 7.89
N PHE M 309 93.50 -40.73 6.75
CA PHE M 309 94.47 -39.73 6.32
C PHE M 309 94.46 -38.54 7.27
N TYR M 310 95.60 -37.85 7.32
CA TYR M 310 95.77 -36.61 8.08
C TYR M 310 95.77 -36.79 9.58
N TYR M 311 95.71 -38.03 10.07
CA TYR M 311 95.67 -38.30 11.50
C TYR M 311 96.91 -39.10 11.90
N ARG M 312 97.41 -38.80 13.09
CA ARG M 312 98.55 -39.53 13.63
C ARG M 312 98.16 -40.97 13.92
N ASP M 313 99.16 -41.87 13.84
CA ASP M 313 98.91 -43.29 14.05
C ASP M 313 99.02 -43.69 15.51
N GLU M 314 100.01 -43.16 16.22
CA GLU M 314 100.23 -43.53 17.61
C GLU M 314 99.16 -42.91 18.51
N PHE M 315 98.96 -43.54 19.67
CA PHE M 315 98.04 -43.06 20.70
C PHE M 315 98.72 -43.31 22.04
N SER M 316 99.57 -42.36 22.44
CA SER M 316 100.34 -42.45 23.68
C SER M 316 100.34 -41.12 24.41
N HIS M 317 99.24 -40.37 24.32
CA HIS M 317 99.15 -39.08 24.98
C HIS M 317 99.42 -38.00 23.95
N GLN M 318 100.71 -37.75 23.67
CA GLN M 318 101.05 -36.85 22.59
C GLN M 318 100.50 -37.37 21.26
N VAL M 319 100.76 -38.65 20.96
CA VAL M 319 100.23 -39.24 19.75
C VAL M 319 98.71 -39.40 19.84
N GLN M 320 98.22 -39.92 20.97
CA GLN M 320 96.78 -40.08 21.13
C GLN M 320 96.06 -38.73 21.11
N GLU M 321 96.61 -37.74 21.80
CA GLU M 321 96.00 -36.42 21.80
C GLU M 321 96.02 -35.83 20.39
N TRP M 322 97.13 -35.97 19.67
CA TRP M 322 97.21 -35.43 18.33
C TRP M 322 96.21 -36.11 17.40
N ASN M 323 96.07 -37.43 17.50
CA ASN M 323 95.12 -38.15 16.67
C ASN M 323 93.69 -37.70 16.98
N ARG M 324 93.36 -37.55 18.26
CA ARG M 324 92.04 -37.07 18.61
C ARG M 324 91.79 -35.68 18.03
N GLN M 325 92.80 -34.81 18.12
CA GLN M 325 92.64 -33.45 17.60
C GLN M 325 92.44 -33.46 16.08
N ARG M 326 93.21 -34.30 15.37
CA ARG M 326 93.07 -34.37 13.92
C ARG M 326 91.69 -34.88 13.52
N THR M 327 91.21 -35.93 14.21
CA THR M 327 89.87 -36.45 13.91
C THR M 327 88.81 -35.38 14.17
N MET M 328 88.92 -34.65 15.28
CA MET M 328 87.95 -33.62 15.58
C MET M 328 87.98 -32.52 14.52
N ALA M 329 89.17 -32.09 14.10
CA ALA M 329 89.26 -31.02 13.11
C ALA M 329 88.69 -31.47 11.77
N ILE M 330 88.96 -32.71 11.38
CA ILE M 330 88.40 -33.24 10.15
C ILE M 330 86.89 -33.31 10.23
N GLU M 331 86.36 -33.73 11.37
CA GLU M 331 84.90 -33.73 11.53
C GLU M 331 84.34 -32.33 11.39
N ARG M 332 85.00 -31.34 12.00
CA ARG M 332 84.54 -29.97 11.89
C ARG M 332 84.54 -29.50 10.45
N ALA M 333 85.61 -29.76 9.71
CA ALA M 333 85.68 -29.33 8.32
C ALA M 333 84.62 -30.02 7.47
N LEU M 334 84.44 -31.33 7.67
CA LEU M 334 83.44 -32.06 6.90
C LEU M 334 82.04 -31.50 7.15
N GLN M 335 81.73 -31.23 8.43
CA GLN M 335 80.45 -30.61 8.74
C GLN M 335 80.33 -29.21 8.14
N GLN M 336 81.43 -28.44 8.11
CA GLN M 336 81.35 -27.09 7.61
C GLN M 336 81.11 -27.08 6.11
N PHE M 337 82.12 -27.52 5.35
CA PHE M 337 82.05 -27.50 3.90
C PHE M 337 82.51 -28.84 3.34
N LEU M 338 82.00 -29.93 3.91
CA LEU M 338 82.27 -31.27 3.41
C LEU M 338 81.01 -31.94 2.86
N TYR M 339 79.92 -31.92 3.61
CA TYR M 339 78.67 -32.43 3.08
C TYR M 339 77.95 -31.37 2.25
N VAL M 340 77.92 -30.13 2.74
CA VAL M 340 77.12 -29.07 2.10
C VAL M 340 77.65 -28.75 0.71
N GLN M 341 78.97 -28.59 0.58
CA GLN M 341 79.54 -28.23 -0.72
C GLN M 341 79.26 -29.32 -1.74
N MET M 342 79.44 -30.58 -1.35
CA MET M 342 79.20 -31.69 -2.27
C MET M 342 77.74 -31.77 -2.68
N ALA M 343 76.83 -31.62 -1.70
CA ALA M 343 75.41 -31.62 -2.04
C ALA M 343 75.07 -30.49 -2.98
N LYS M 344 75.63 -29.30 -2.75
CA LYS M 344 75.36 -28.16 -3.63
C LYS M 344 75.89 -28.41 -5.02
N GLU M 345 77.09 -28.99 -5.13
CA GLU M 345 77.64 -29.30 -6.45
C GLU M 345 76.76 -30.30 -7.17
N LEU M 346 76.30 -31.34 -6.47
CA LEU M 346 75.45 -32.35 -7.09
C LEU M 346 74.13 -31.73 -7.54
N LYS M 347 73.53 -30.88 -6.71
CA LYS M 347 72.28 -30.23 -7.09
C LYS M 347 72.46 -29.34 -8.31
N ASN M 348 73.54 -28.56 -8.34
CA ASN M 348 73.80 -27.71 -9.49
C ASN M 348 74.00 -28.55 -10.75
N LYS M 349 74.73 -29.65 -10.64
CA LYS M 349 74.95 -30.52 -11.79
C LYS M 349 73.63 -31.11 -12.28
N LEU M 350 72.78 -31.56 -11.35
CA LEU M 350 71.49 -32.11 -11.75
C LEU M 350 70.63 -31.05 -12.43
N LEU M 351 70.64 -29.83 -11.90
CA LEU M 351 69.87 -28.75 -12.53
C LEU M 351 70.40 -28.47 -13.94
N ALA M 352 71.72 -28.43 -14.09
CA ALA M 352 72.29 -28.21 -15.41
C ALA M 352 71.91 -29.33 -16.36
N GLU M 353 71.93 -30.57 -15.89
CA GLU M 353 71.57 -31.71 -16.74
C GLU M 353 70.11 -31.60 -17.18
N ALA M 354 69.22 -31.26 -16.24
CA ALA M 354 67.81 -31.10 -16.60
C ALA M 354 67.63 -29.98 -17.62
N LYS M 355 68.32 -28.86 -17.41
CA LYS M 355 68.22 -27.75 -18.35
C LYS M 355 68.72 -28.15 -19.73
N GLU M 356 69.83 -28.88 -19.78
CA GLU M 356 70.37 -29.34 -21.06
C GLU M 356 69.40 -30.27 -21.76
N TYR M 357 68.80 -31.19 -21.01
CA TYR M 357 67.82 -32.10 -21.61
C TYR M 357 66.63 -31.31 -22.17
N VAL M 358 66.15 -30.33 -21.41
CA VAL M 358 65.02 -29.53 -21.87
C VAL M 358 65.39 -28.76 -23.13
N ILE M 359 66.58 -28.14 -23.14
CA ILE M 359 67.00 -27.38 -24.30
C ILE M 359 67.13 -28.28 -25.51
N LYS M 360 67.68 -29.47 -25.32
CA LYS M 360 67.83 -30.40 -26.44
C LYS M 360 66.47 -30.83 -26.97
N ALA M 361 65.53 -31.14 -26.08
CA ALA M 361 64.19 -31.50 -26.53
C ALA M 361 63.55 -30.36 -27.30
N CYS M 362 63.70 -29.13 -26.81
CA CYS M 362 63.14 -27.98 -27.50
C CYS M 362 63.78 -27.80 -28.88
N SER M 363 65.10 -27.95 -28.97
CA SER M 363 65.76 -27.81 -30.25
C SER M 363 65.31 -28.89 -31.23
N ARG M 364 65.17 -30.12 -30.75
CA ARG M 364 64.70 -31.20 -31.63
C ARG M 364 63.28 -30.94 -32.11
N LYS M 365 62.40 -30.48 -31.21
CA LYS M 365 61.04 -30.16 -31.63
C LYS M 365 61.04 -29.02 -32.64
N LEU M 366 61.87 -27.99 -32.41
CA LEU M 366 61.94 -26.88 -33.34
C LEU M 366 62.42 -27.33 -34.71
N TYR M 367 63.44 -28.20 -34.75
CA TYR M 367 63.93 -28.70 -36.02
C TYR M 367 62.86 -29.53 -36.73
N ASN M 368 62.18 -30.40 -35.99
CA ASN M 368 61.18 -31.27 -36.60
C ASN M 368 60.02 -30.46 -37.16
N TRP M 369 59.53 -29.48 -36.40
CA TRP M 369 58.38 -28.69 -36.80
C TRP M 369 58.76 -27.50 -37.68
N LEU M 370 60.05 -27.26 -37.89
CA LEU M 370 60.50 -26.14 -38.71
C LEU M 370 60.85 -26.54 -40.14
N ARG M 371 61.10 -27.81 -40.39
CA ARG M 371 61.37 -28.27 -41.75
C ARG M 371 60.18 -27.91 -42.63
N VAL M 372 60.40 -27.00 -43.57
CA VAL M 372 59.33 -26.49 -44.43
C VAL M 372 59.06 -27.52 -45.51
N ALA M 373 57.90 -28.18 -45.45
CA ALA M 373 57.50 -29.20 -46.41
C ALA M 373 56.08 -28.92 -46.88
N PRO M 374 55.88 -27.87 -47.68
CA PRO M 374 54.53 -27.55 -48.15
C PRO M 374 54.04 -28.58 -49.18
N TYR M 375 52.76 -28.48 -49.50
CA TYR M 375 52.10 -29.37 -50.45
C TYR M 375 51.77 -28.53 -51.69
N ARG M 376 52.74 -28.41 -52.59
CA ARG M 376 52.58 -27.64 -53.81
C ARG M 376 52.06 -28.52 -54.93
N PRO M 377 51.67 -27.93 -56.06
CA PRO M 377 51.12 -28.72 -57.18
C PRO M 377 52.18 -29.67 -57.73
N ASP M 378 51.86 -30.97 -57.72
CA ASP M 378 52.77 -32.04 -58.12
C ASP M 378 53.95 -32.20 -57.18
N GLN M 379 53.89 -31.62 -55.98
CA GLN M 379 54.97 -31.70 -55.01
C GLN M 379 56.28 -31.15 -55.57
N GLN M 380 56.19 -29.99 -56.20
CA GLN M 380 57.37 -29.34 -56.76
C GLN M 380 58.42 -29.06 -55.68
N GLN M 381 49.24 -24.71 -64.04
CA GLN M 381 49.05 -23.35 -64.51
C GLN M 381 49.23 -22.33 -63.39
N GLY M 382 50.19 -21.43 -63.55
CA GLY M 382 50.45 -20.39 -62.59
C GLY M 382 51.48 -20.80 -61.54
N LYS M 383 52.00 -19.78 -60.85
CA LYS M 383 53.01 -20.00 -59.82
C LYS M 383 52.34 -20.57 -58.58
N GLY M 384 52.86 -21.71 -58.10
CA GLY M 384 52.30 -22.33 -56.92
C GLY M 384 50.92 -22.90 -57.20
N ILE M 385 50.20 -23.18 -56.12
CA ILE M 385 48.85 -23.71 -56.18
C ILE M 385 47.93 -22.86 -55.32
N ARG M 386 46.63 -22.96 -55.62
CA ARG M 386 45.60 -22.24 -54.88
C ARG M 386 45.14 -23.14 -53.74
N VAL M 387 45.67 -22.89 -52.54
CA VAL M 387 45.39 -23.73 -51.38
C VAL M 387 44.06 -23.27 -50.78
N LEU M 388 43.14 -24.21 -50.57
CA LEU M 388 41.82 -23.92 -50.06
C LEU M 388 41.81 -24.33 -48.59
N GLY M 389 42.22 -23.41 -47.73
CA GLY M 389 42.26 -23.68 -46.31
C GLY M 389 40.85 -23.68 -45.74
N ILE M 390 40.39 -24.82 -45.24
CA ILE M 390 39.04 -24.97 -44.74
C ILE M 390 39.15 -25.14 -43.23
N ALA M 391 38.84 -24.08 -42.50
CA ALA M 391 38.92 -24.07 -41.03
C ALA M 391 37.50 -23.98 -40.51
N PHE M 392 36.88 -25.14 -40.27
CA PHE M 392 35.51 -25.18 -39.77
C PHE M 392 35.49 -25.01 -38.27
N SER M 393 34.52 -24.23 -37.78
CA SER M 393 34.44 -23.92 -36.36
C SER M 393 33.89 -25.10 -35.57
N SER M 394 32.68 -25.55 -35.93
CA SER M 394 32.07 -26.69 -35.27
C SER M 394 31.60 -27.75 -36.27
N ALA M 395 31.18 -27.31 -37.45
CA ALA M 395 30.61 -28.21 -38.45
C ALA M 395 29.26 -28.77 -38.02
N ARG M 396 28.51 -28.00 -37.23
CA ARG M 396 27.22 -28.45 -36.71
C ARG M 396 26.14 -27.42 -37.05
N ASP M 397 26.09 -26.99 -38.30
CA ASP M 397 25.22 -25.90 -38.71
C ASP M 397 25.77 -24.55 -38.28
N HIS M 398 27.09 -24.40 -38.33
CA HIS M 398 27.76 -23.14 -38.03
C HIS M 398 28.66 -22.76 -39.18
N PRO M 399 28.93 -21.47 -39.36
CA PRO M 399 29.76 -21.03 -40.49
C PRO M 399 31.21 -21.44 -40.28
N VAL M 400 31.72 -22.27 -41.19
CA VAL M 400 33.11 -22.70 -41.17
C VAL M 400 33.85 -21.95 -42.25
N PHE M 401 34.91 -21.24 -41.86
CA PHE M 401 35.65 -20.42 -42.82
C PHE M 401 36.34 -21.31 -43.85
N CYS M 402 36.25 -20.91 -45.12
CA CYS M 402 36.90 -21.61 -46.22
C CYS M 402 37.43 -20.55 -47.17
N ALA M 403 38.72 -20.25 -47.07
CA ALA M 403 39.35 -19.22 -47.88
C ALA M 403 40.34 -19.89 -48.84
N LEU M 404 40.26 -19.53 -50.11
CA LEU M 404 41.11 -20.09 -51.15
C LEU M 404 42.23 -19.08 -51.43
N VAL M 405 43.40 -19.34 -50.87
CA VAL M 405 44.55 -18.46 -51.08
C VAL M 405 45.33 -18.96 -52.28
N ASN M 406 45.99 -18.03 -52.97
CA ASN M 406 46.83 -18.42 -54.08
C ASN M 406 48.15 -18.99 -53.55
N GLY M 407 48.96 -19.49 -54.47
CA GLY M 407 50.25 -20.03 -54.12
C GLY M 407 51.37 -19.02 -54.02
N GLU M 408 51.06 -17.73 -54.11
CA GLU M 408 52.06 -16.66 -54.07
C GLU M 408 52.09 -15.97 -52.72
N GLY M 409 51.84 -16.70 -51.64
CA GLY M 409 51.80 -16.10 -50.32
C GLY M 409 50.72 -15.04 -50.18
N GLU M 410 49.54 -15.30 -50.75
CA GLU M 410 48.45 -14.33 -50.68
C GLU M 410 47.13 -15.08 -50.76
N VAL M 411 46.09 -14.46 -50.19
CA VAL M 411 44.76 -15.05 -50.12
C VAL M 411 43.92 -14.46 -51.25
N THR M 412 43.35 -15.33 -52.08
CA THR M 412 42.56 -14.88 -53.23
C THR M 412 41.15 -14.50 -52.83
N ASP M 413 40.45 -15.39 -52.14
CA ASP M 413 39.07 -15.14 -51.72
C ASP M 413 38.76 -16.02 -50.52
N PHE M 414 37.50 -16.03 -50.10
CA PHE M 414 37.05 -16.82 -48.96
C PHE M 414 35.54 -17.01 -49.11
N LEU M 415 34.97 -17.81 -48.21
CA LEU M 415 33.54 -18.08 -48.21
C LEU M 415 33.18 -18.81 -46.92
N ARG M 416 31.88 -18.91 -46.67
CA ARG M 416 31.37 -19.54 -45.47
C ARG M 416 30.38 -20.64 -45.85
N LEU M 417 30.26 -21.62 -44.97
CA LEU M 417 29.34 -22.74 -45.14
C LEU M 417 28.54 -22.91 -43.86
N PRO M 418 27.59 -22.00 -43.59
CA PRO M 418 26.77 -22.15 -42.38
C PRO M 418 26.03 -23.47 -42.35
N HIS M 419 25.60 -23.96 -43.51
CA HIS M 419 24.89 -25.23 -43.57
C HIS M 419 25.79 -26.36 -43.13
N PHE M 420 25.25 -27.25 -42.30
CA PHE M 420 25.99 -28.41 -41.81
C PHE M 420 25.01 -29.54 -41.55
N THR M 421 25.54 -30.75 -41.52
CA THR M 421 24.72 -31.94 -41.28
C THR M 421 24.31 -32.02 -39.81
N GLU M 422 22.74 -27.62 -35.92
CA GLU M 422 22.00 -27.09 -37.06
C GLU M 422 20.75 -27.91 -37.33
N GLU M 423 20.82 -28.77 -38.34
CA GLU M 423 19.72 -29.64 -38.71
C GLU M 423 20.02 -31.05 -38.25
N ARG M 424 19.11 -31.62 -37.45
CA ARG M 424 19.32 -32.97 -36.94
C ARG M 424 19.40 -33.99 -38.06
N GLU M 425 18.52 -33.87 -39.06
CA GLU M 425 18.50 -34.76 -40.21
C GLU M 425 18.54 -33.89 -41.47
N LYS M 426 19.75 -33.50 -41.87
CA LYS M 426 19.94 -32.70 -43.09
C LYS M 426 21.26 -33.14 -43.70
N LYS M 427 21.18 -34.07 -44.66
CA LYS M 427 22.35 -34.59 -45.35
C LYS M 427 22.51 -34.02 -46.75
N ALA M 428 21.66 -33.08 -47.16
CA ALA M 428 21.74 -32.46 -48.47
C ALA M 428 22.11 -30.99 -48.44
N GLN M 429 21.77 -30.27 -47.38
CA GLN M 429 22.14 -28.86 -47.30
C GLN M 429 23.66 -28.69 -47.28
N ASP M 430 24.35 -29.51 -46.48
CA ASP M 430 25.80 -29.40 -46.41
C ASP M 430 26.44 -29.69 -47.76
N ILE M 431 25.97 -30.73 -48.45
CA ILE M 431 26.51 -31.06 -49.77
C ILE M 431 26.25 -29.93 -50.74
N GLU M 432 25.05 -29.35 -50.72
CA GLU M 432 24.73 -28.25 -51.62
C GLU M 432 25.62 -27.04 -51.36
N THR M 433 25.83 -26.70 -50.10
CA THR M 433 26.70 -25.58 -49.77
C THR M 433 28.14 -25.84 -50.20
N LEU M 434 28.63 -27.07 -49.97
CA LEU M 434 29.99 -27.40 -50.38
C LEU M 434 30.14 -27.33 -51.89
N LYS M 435 29.15 -27.83 -52.63
CA LYS M 435 29.20 -27.74 -54.08
C LYS M 435 29.18 -26.29 -54.54
N LYS M 436 28.36 -25.46 -53.88
CA LYS M 436 28.31 -24.04 -54.23
C LYS M 436 29.66 -23.38 -54.00
N PHE M 437 30.29 -23.68 -52.87
CA PHE M 437 31.61 -23.12 -52.59
C PHE M 437 32.62 -23.59 -53.63
N LEU M 438 32.61 -24.87 -53.97
CA LEU M 438 33.56 -25.40 -54.94
C LEU M 438 33.37 -24.75 -56.31
N LEU M 439 32.11 -24.62 -56.74
CA LEU M 439 31.83 -24.00 -58.03
C LEU M 439 32.10 -22.50 -58.01
N ASN M 440 32.10 -21.88 -56.84
CA ASN M 440 32.35 -20.44 -56.76
C ASN M 440 33.76 -20.10 -57.25
N LYS M 441 34.76 -20.87 -56.83
CA LYS M 441 36.14 -20.57 -57.19
C LYS M 441 36.81 -21.77 -57.85
N LYS M 442 38.12 -21.66 -58.06
CA LYS M 442 38.91 -22.73 -58.68
C LYS M 442 40.17 -22.96 -57.86
N PRO M 443 40.03 -23.62 -56.70
CA PRO M 443 41.22 -23.90 -55.88
C PRO M 443 42.06 -25.03 -56.45
N HIS M 444 43.32 -25.07 -56.00
CA HIS M 444 44.24 -26.13 -56.40
C HIS M 444 44.29 -27.29 -55.43
N VAL M 445 44.05 -27.07 -54.13
CA VAL M 445 44.10 -28.12 -53.14
C VAL M 445 43.25 -27.69 -51.96
N VAL M 446 42.79 -28.66 -51.18
CA VAL M 446 41.94 -28.41 -50.02
C VAL M 446 42.74 -28.75 -48.76
N THR M 447 42.71 -27.83 -47.79
CA THR M 447 43.46 -27.97 -46.54
C THR M 447 42.43 -27.82 -45.44
N VAL M 448 41.82 -28.94 -45.05
CA VAL M 448 40.76 -28.97 -44.05
C VAL M 448 41.40 -29.28 -42.69
N ALA M 449 40.93 -28.58 -41.66
CA ALA M 449 41.40 -28.79 -40.31
C ALA M 449 40.54 -29.85 -39.62
N GLY M 450 40.77 -30.02 -38.32
CA GLY M 450 40.01 -31.00 -37.55
C GLY M 450 40.17 -30.80 -36.05
N GLU M 451 39.11 -31.06 -35.30
CA GLU M 451 39.15 -30.90 -33.85
C GLU M 451 38.73 -32.16 -33.10
N ASN M 452 37.72 -32.88 -33.59
CA ASN M 452 37.24 -34.08 -32.93
C ASN M 452 36.67 -35.02 -33.99
N ARG M 453 35.96 -36.06 -33.53
CA ARG M 453 35.39 -37.02 -34.47
C ARG M 453 34.42 -36.34 -35.43
N ASP M 454 33.62 -35.40 -34.93
CA ASP M 454 32.68 -34.68 -35.81
C ASP M 454 33.43 -33.88 -36.86
N ALA M 455 34.51 -33.20 -36.48
CA ALA M 455 35.29 -32.44 -37.44
C ALA M 455 35.89 -33.35 -38.51
N GLN M 456 36.44 -34.50 -38.09
CA GLN M 456 37.00 -35.44 -39.05
C GLN M 456 35.93 -35.96 -40.00
N MET M 457 34.74 -36.28 -39.48
CA MET M 457 33.67 -36.76 -40.35
C MET M 457 33.25 -35.69 -41.34
N LEU M 458 33.15 -34.43 -40.90
CA LEU M 458 32.78 -33.35 -41.81
C LEU M 458 33.84 -33.17 -42.89
N ILE M 459 35.11 -33.21 -42.52
CA ILE M 459 36.17 -33.07 -43.51
C ILE M 459 36.12 -34.20 -44.52
N GLU M 460 35.92 -35.43 -44.04
CA GLU M 460 35.84 -36.57 -44.95
C GLU M 460 34.64 -36.44 -45.89
N ASP M 461 33.50 -35.99 -45.37
CA ASP M 461 32.33 -35.81 -46.22
C ASP M 461 32.58 -34.76 -47.28
N VAL M 462 33.21 -33.65 -46.91
CA VAL M 462 33.52 -32.61 -47.88
C VAL M 462 34.46 -33.16 -48.97
N LYS M 463 35.48 -33.90 -48.55
CA LYS M 463 36.41 -34.45 -49.52
C LYS M 463 35.73 -35.42 -50.46
N ARG M 464 34.85 -36.28 -49.93
CA ARG M 464 34.13 -37.23 -50.77
C ARG M 464 33.23 -36.50 -51.76
N ILE M 465 32.53 -35.46 -51.30
CA ILE M 465 31.66 -34.70 -52.19
C ILE M 465 32.47 -34.05 -53.29
N VAL M 466 33.61 -33.45 -52.95
CA VAL M 466 34.44 -32.81 -53.95
C VAL M 466 34.94 -33.82 -54.97
N HIS M 467 35.43 -34.97 -54.50
CA HIS M 467 35.97 -35.98 -55.40
C HIS M 467 34.90 -36.54 -56.32
N GLU M 468 33.72 -36.82 -55.77
CA GLU M 468 32.63 -37.35 -56.59
C GLU M 468 32.16 -36.32 -57.61
N LEU M 469 32.08 -35.05 -57.20
CA LEU M 469 31.59 -33.97 -58.06
C LEU M 469 32.71 -33.24 -58.78
N ASP M 470 33.95 -33.67 -58.63
CA ASP M 470 35.09 -33.01 -59.27
C ASP M 470 35.11 -31.51 -58.97
N GLN M 471 34.87 -31.19 -57.70
CA GLN M 471 34.82 -29.81 -57.25
C GLN M 471 36.18 -29.24 -56.89
N GLY M 472 37.25 -30.04 -56.99
CA GLY M 472 38.57 -29.53 -56.65
C GLY M 472 38.99 -28.37 -57.52
N GLN M 473 38.75 -28.47 -58.83
CA GLN M 473 39.02 -27.38 -59.75
C GLN M 473 37.87 -27.11 -60.70
N GLN M 474 36.71 -27.74 -60.52
CA GLN M 474 35.54 -27.66 -61.37
C GLN M 474 35.70 -28.46 -62.66
N LEU M 475 36.87 -29.05 -62.93
CA LEU M 475 37.05 -29.85 -64.13
C LEU M 475 37.80 -31.14 -63.84
N SER M 476 38.02 -31.48 -62.57
CA SER M 476 38.69 -32.71 -62.20
C SER M 476 38.68 -32.81 -60.68
N SER M 477 38.93 -34.02 -60.19
CA SER M 477 38.94 -34.26 -58.74
C SER M 477 40.21 -33.69 -58.13
N ILE M 478 40.06 -32.92 -57.05
CA ILE M 478 41.18 -32.32 -56.34
C ILE M 478 41.21 -32.91 -54.93
N GLY M 479 42.34 -33.52 -54.57
CA GLY M 479 42.48 -34.13 -53.27
C GLY M 479 42.68 -33.12 -52.16
N VAL M 480 41.76 -33.08 -51.21
CA VAL M 480 41.83 -32.15 -50.09
C VAL M 480 42.69 -32.79 -49.01
N GLU M 481 43.96 -32.39 -48.93
CA GLU M 481 44.88 -32.94 -47.95
C GLU M 481 44.61 -32.35 -46.58
N LEU M 482 44.48 -33.21 -45.58
CA LEU M 482 44.19 -32.74 -44.23
C LEU M 482 45.37 -31.97 -43.65
N VAL M 483 45.06 -30.90 -42.92
CA VAL M 483 46.07 -30.08 -42.25
C VAL M 483 45.69 -30.01 -40.78
N ASP M 484 46.61 -30.42 -39.90
CA ASP M 484 46.34 -30.37 -38.48
C ASP M 484 46.09 -28.93 -38.04
N ASN M 485 45.06 -28.75 -37.20
CA ASN M 485 44.64 -27.41 -36.77
C ASN M 485 45.52 -26.91 -35.62
N GLU M 486 46.82 -26.83 -35.90
CA GLU M 486 47.81 -26.40 -34.92
C GLU M 486 48.47 -25.08 -35.27
N LEU M 487 49.06 -24.98 -36.45
CA LEU M 487 49.77 -23.76 -36.83
C LEU M 487 48.83 -22.71 -37.42
N ALA M 488 47.81 -23.14 -38.15
CA ALA M 488 46.85 -22.19 -38.69
C ALA M 488 46.09 -21.49 -37.58
N ILE M 489 45.76 -22.21 -36.52
CA ILE M 489 45.02 -21.61 -35.41
C ILE M 489 45.82 -20.47 -34.79
N LEU M 490 47.10 -20.71 -34.54
CA LEU M 490 47.96 -19.65 -34.02
C LEU M 490 48.10 -18.51 -35.02
N TYR M 491 48.27 -18.84 -36.31
CA TYR M 491 48.55 -17.82 -37.31
C TYR M 491 47.35 -16.90 -37.57
N MET M 492 46.13 -17.43 -37.42
CA MET M 492 44.95 -16.64 -37.73
C MET M 492 44.80 -15.45 -36.79
N ASN M 493 45.03 -15.67 -35.49
CA ASN M 493 44.85 -14.63 -34.48
C ASN M 493 46.14 -13.91 -34.16
N SER M 494 47.09 -13.90 -35.10
CA SER M 494 48.36 -13.22 -34.93
C SER M 494 48.28 -11.83 -35.55
N LYS M 495 49.38 -11.07 -35.41
CA LYS M 495 49.42 -9.72 -35.95
C LYS M 495 49.28 -9.74 -37.48
N LYS M 496 49.93 -10.70 -38.14
CA LYS M 496 49.81 -10.80 -39.59
C LYS M 496 48.38 -11.12 -39.99
N SER M 497 47.73 -12.04 -39.28
CA SER M 497 46.34 -12.36 -39.58
C SER M 497 45.43 -11.15 -39.39
N GLU M 498 45.65 -10.38 -38.32
CA GLU M 498 44.83 -9.20 -38.09
C GLU M 498 45.06 -8.15 -39.17
N ALA M 499 46.33 -7.89 -39.51
CA ALA M 499 46.62 -6.85 -40.49
C ALA M 499 46.08 -7.22 -41.87
N GLU M 500 46.30 -8.46 -42.30
CA GLU M 500 45.77 -8.87 -43.59
C GLU M 500 44.25 -8.84 -43.61
N PHE M 501 43.63 -9.28 -42.52
CA PHE M 501 42.17 -9.25 -42.40
C PHE M 501 41.85 -8.67 -41.03
N ARG M 502 41.25 -7.48 -41.02
CA ARG M 502 40.79 -6.84 -39.79
C ARG M 502 39.30 -7.09 -39.56
N ASP M 503 38.49 -6.84 -40.58
CA ASP M 503 37.07 -7.18 -40.55
C ASP M 503 36.81 -8.56 -41.12
N TYR M 504 37.51 -9.57 -40.59
CA TYR M 504 37.30 -10.95 -40.98
C TYR M 504 37.06 -11.78 -39.74
N PRO M 505 36.16 -12.76 -39.81
CA PRO M 505 35.87 -13.59 -38.64
C PRO M 505 37.05 -14.48 -38.32
N PRO M 506 37.12 -15.00 -37.09
CA PRO M 506 38.26 -15.89 -36.77
C PRO M 506 38.31 -17.12 -37.64
N VAL M 507 37.17 -17.55 -38.19
CA VAL M 507 37.19 -18.65 -39.16
C VAL M 507 38.02 -18.27 -40.38
N LEU M 508 37.83 -17.06 -40.90
CA LEU M 508 38.61 -16.60 -42.04
C LEU M 508 40.10 -16.51 -41.69
N ARG M 509 40.42 -15.97 -40.52
CA ARG M 509 41.81 -15.87 -40.11
C ARG M 509 42.44 -17.26 -39.99
N GLN M 510 41.72 -18.21 -39.39
CA GLN M 510 42.25 -19.56 -39.26
C GLN M 510 42.44 -20.22 -40.62
N ALA M 511 41.50 -20.01 -41.54
CA ALA M 511 41.67 -20.56 -42.88
C ALA M 511 42.89 -19.95 -43.57
N VAL M 512 43.09 -18.64 -43.43
CA VAL M 512 44.24 -17.99 -44.05
C VAL M 512 45.54 -18.51 -43.44
N SER M 513 45.58 -18.66 -42.12
CA SER M 513 46.77 -19.20 -41.48
C SER M 513 47.04 -20.63 -41.95
N LEU M 514 45.99 -21.45 -42.07
CA LEU M 514 46.16 -22.82 -42.53
C LEU M 514 46.69 -22.85 -43.96
N ALA M 515 46.15 -21.99 -44.82
CA ALA M 515 46.63 -21.95 -46.21
C ALA M 515 48.09 -21.52 -46.27
N ARG M 516 48.46 -20.50 -45.49
CA ARG M 516 49.86 -20.07 -45.48
C ARG M 516 50.76 -21.18 -44.98
N ARG M 517 50.35 -21.87 -43.90
CA ARG M 517 51.16 -22.95 -43.36
C ARG M 517 51.26 -24.12 -44.34
N ILE M 518 50.26 -24.31 -45.19
CA ILE M 518 50.31 -25.37 -46.19
C ILE M 518 50.92 -24.90 -47.50
N GLN M 519 51.29 -23.64 -47.61
CA GLN M 519 51.88 -23.10 -48.83
C GLN M 519 53.35 -22.74 -48.71
N ASP M 520 53.77 -22.14 -47.60
CA ASP M 520 55.17 -21.75 -47.43
C ASP M 520 55.48 -21.59 -45.95
N PRO M 521 55.76 -22.70 -45.24
CA PRO M 521 56.03 -22.58 -43.80
C PRO M 521 57.15 -21.62 -43.50
N LEU M 522 58.17 -21.55 -44.36
CA LEU M 522 59.28 -20.64 -44.10
C LEU M 522 58.80 -19.20 -44.03
N ILE M 523 57.89 -18.82 -44.93
CA ILE M 523 57.34 -17.47 -44.89
C ILE M 523 56.63 -17.24 -43.56
N GLU M 524 55.80 -18.19 -43.14
CA GLU M 524 55.03 -18.01 -41.92
C GLU M 524 55.95 -17.89 -40.71
N PHE M 525 56.96 -18.75 -40.63
CA PHE M 525 57.89 -18.68 -39.50
C PHE M 525 58.68 -17.38 -39.51
N ALA M 526 59.18 -16.99 -40.69
CA ALA M 526 59.96 -15.76 -40.79
C ALA M 526 59.12 -14.52 -40.56
N GLN M 527 57.80 -14.63 -40.72
CA GLN M 527 56.88 -13.52 -40.49
C GLN M 527 56.25 -13.56 -39.10
N VAL M 528 56.96 -14.10 -38.11
CA VAL M 528 56.45 -14.19 -36.75
C VAL M 528 57.49 -13.63 -35.79
N CYS M 529 57.01 -13.13 -34.65
CA CYS M 529 57.92 -12.61 -33.64
C CYS M 529 58.66 -13.73 -32.93
N SER M 530 59.95 -13.53 -32.70
CA SER M 530 60.78 -14.53 -32.06
C SER M 530 62.08 -13.91 -31.53
N GLU M 531 58.50 -14.62 -28.84
CA GLU M 531 57.15 -14.75 -28.31
C GLU M 531 56.32 -15.69 -29.18
N ASP M 532 56.27 -15.38 -30.49
CA ASP M 532 55.53 -16.23 -31.41
C ASP M 532 56.08 -17.65 -31.41
N ILE M 533 57.41 -17.79 -31.45
CA ILE M 533 58.01 -19.11 -31.26
C ILE M 533 57.71 -19.63 -29.86
N LEU M 534 57.80 -18.74 -28.86
CA LEU M 534 57.53 -19.13 -27.49
C LEU M 534 56.10 -19.62 -27.29
N CYS M 535 55.18 -19.29 -28.21
CA CYS M 535 53.82 -19.77 -28.07
C CYS M 535 53.76 -21.29 -28.12
N LEU M 536 54.50 -21.90 -29.04
CA LEU M 536 54.52 -23.35 -29.18
C LEU M 536 55.45 -23.96 -28.14
N LYS M 537 54.95 -24.94 -27.40
CA LYS M 537 55.74 -25.60 -26.36
C LYS M 537 56.48 -26.79 -26.95
N PHE M 538 57.81 -26.78 -26.82
CA PHE M 538 58.60 -27.89 -27.32
C PHE M 538 58.37 -29.15 -26.50
N HIS M 539 58.28 -29.02 -25.18
CA HIS M 539 58.06 -30.15 -24.32
C HIS M 539 57.82 -29.69 -22.88
N PRO M 540 57.21 -30.53 -22.04
CA PRO M 540 57.00 -30.11 -20.64
C PRO M 540 58.30 -29.82 -19.91
N LEU M 541 59.36 -30.58 -20.20
CA LEU M 541 60.62 -30.38 -19.50
C LEU M 541 61.24 -29.02 -19.81
N GLN M 542 60.85 -28.39 -20.91
CA GLN M 542 61.38 -27.07 -21.23
C GLN M 542 60.99 -26.03 -20.18
N GLU M 543 59.79 -26.16 -19.60
CA GLU M 543 59.35 -25.19 -18.61
C GLU M 543 60.28 -25.16 -17.40
N HIS M 544 60.68 -26.33 -16.92
CA HIS M 544 61.55 -26.39 -15.75
C HIS M 544 62.90 -25.73 -16.02
N VAL M 545 63.47 -25.99 -17.20
CA VAL M 545 64.76 -25.41 -17.57
C VAL M 545 64.58 -23.95 -17.94
N VAL M 546 65.68 -23.20 -18.00
CA VAL M 546 65.62 -21.79 -18.38
C VAL M 546 65.12 -21.66 -19.80
N LYS M 547 64.19 -20.73 -20.02
CA LYS M 547 63.64 -20.53 -21.35
C LYS M 547 64.58 -19.79 -22.29
N GLU M 548 65.57 -19.07 -21.75
CA GLU M 548 66.48 -18.34 -22.62
C GLU M 548 67.25 -19.29 -23.54
N GLU M 549 67.71 -20.42 -23.00
CA GLU M 549 68.43 -21.39 -23.81
C GLU M 549 67.54 -21.97 -24.90
N LEU M 550 66.29 -22.31 -24.56
CA LEU M 550 65.38 -22.83 -25.57
C LEU M 550 65.14 -21.81 -26.67
N LEU M 551 64.95 -20.54 -26.28
CA LEU M 551 64.75 -19.49 -27.27
C LEU M 551 65.98 -19.33 -28.17
N ASN M 552 67.17 -19.36 -27.57
CA ASN M 552 68.39 -19.23 -28.37
C ASN M 552 68.53 -20.39 -29.34
N ALA M 553 68.22 -21.61 -28.88
CA ALA M 553 68.28 -22.76 -29.77
C ALA M 553 67.27 -22.65 -30.90
N LEU M 554 66.06 -22.18 -30.59
CA LEU M 554 65.06 -21.98 -31.64
C LEU M 554 65.54 -20.94 -32.64
N TYR M 555 66.13 -19.85 -32.16
CA TYR M 555 66.63 -18.81 -33.06
C TYR M 555 67.74 -19.33 -33.95
N CYS M 556 68.67 -20.11 -33.37
CA CYS M 556 69.74 -20.69 -34.16
C CYS M 556 69.20 -21.64 -35.23
N GLU M 557 68.23 -22.48 -34.85
CA GLU M 557 67.64 -23.39 -35.81
C GLU M 557 66.94 -22.63 -36.93
N PHE M 558 66.21 -21.57 -36.58
CA PHE M 558 65.53 -20.78 -37.58
C PHE M 558 66.53 -20.11 -38.52
N ILE M 559 67.61 -19.55 -37.97
CA ILE M 559 68.63 -18.93 -38.81
C ILE M 559 69.26 -19.94 -39.74
N ASN M 560 69.56 -21.14 -39.22
CA ASN M 560 70.15 -22.18 -40.05
C ASN M 560 69.20 -22.59 -41.17
N ARG M 561 67.92 -22.76 -40.84
CA ARG M 561 66.95 -23.12 -41.87
C ARG M 561 66.84 -22.03 -42.92
N VAL M 562 66.83 -20.76 -42.50
CA VAL M 562 66.74 -19.66 -43.44
C VAL M 562 67.94 -19.64 -44.36
N ASN M 563 69.14 -19.80 -43.80
CA ASN M 563 70.35 -19.81 -44.61
C ASN M 563 70.33 -20.97 -45.60
N GLU M 564 69.92 -22.16 -45.15
CA GLU M 564 69.93 -23.33 -46.02
C GLU M 564 68.91 -23.19 -47.15
N VAL M 565 67.70 -22.73 -46.82
CA VAL M 565 66.66 -22.59 -47.84
C VAL M 565 66.84 -21.35 -48.69
N GLY M 566 67.67 -20.40 -48.26
CA GLY M 566 67.88 -19.18 -49.00
C GLY M 566 66.77 -18.19 -48.79
N VAL M 567 67.01 -16.96 -49.25
CA VAL M 567 66.08 -15.85 -49.11
C VAL M 567 65.81 -15.27 -50.48
N ASP M 568 64.53 -15.04 -50.79
CA ASP M 568 64.13 -14.40 -52.03
C ASP M 568 64.01 -12.90 -51.82
N VAL M 569 64.85 -12.13 -52.53
CA VAL M 569 64.85 -10.68 -52.36
C VAL M 569 63.54 -10.08 -52.86
N ASN M 570 63.08 -10.52 -54.04
CA ASN M 570 61.86 -9.97 -54.60
C ASN M 570 60.63 -10.37 -53.80
N ARG M 571 60.68 -11.51 -53.13
CA ARG M 571 59.54 -11.97 -52.35
C ARG M 571 59.23 -11.01 -51.20
N ALA M 572 60.26 -10.42 -50.59
CA ALA M 572 60.08 -9.53 -49.45
C ALA M 572 60.16 -8.06 -49.85
N ILE M 573 59.84 -7.76 -51.11
CA ILE M 573 59.84 -6.40 -51.61
C ILE M 573 58.42 -5.84 -51.73
N ALA M 574 57.48 -6.66 -52.19
CA ALA M 574 56.11 -6.21 -52.36
C ALA M 574 55.10 -7.17 -51.73
N HIS M 575 55.45 -8.46 -51.63
CA HIS M 575 54.52 -9.44 -51.09
C HIS M 575 54.59 -9.39 -49.57
N PRO M 576 53.56 -8.93 -48.87
CA PRO M 576 53.61 -8.92 -47.40
C PRO M 576 53.72 -10.31 -46.79
N TYR M 577 53.10 -11.32 -47.41
CA TYR M 577 53.20 -12.67 -46.88
C TYR M 577 54.63 -13.14 -46.86
N SER M 578 55.39 -12.81 -47.90
CA SER M 578 56.81 -13.15 -48.01
C SER M 578 57.70 -11.97 -47.62
N GLN M 579 57.29 -11.17 -46.64
CA GLN M 579 58.08 -10.05 -46.15
C GLN M 579 58.55 -10.32 -44.72
N ALA M 580 59.63 -9.62 -44.35
CA ALA M 580 60.18 -9.71 -42.99
C ALA M 580 60.93 -11.01 -42.75
N LEU M 581 61.62 -11.51 -43.77
CA LEU M 581 62.46 -12.69 -43.66
C LEU M 581 63.94 -12.33 -43.59
N ILE M 582 64.25 -11.11 -43.14
CA ILE M 582 65.63 -10.63 -43.09
C ILE M 582 66.08 -10.50 -41.64
N GLN M 583 65.48 -11.29 -40.76
CA GLN M 583 65.88 -11.32 -39.35
C GLN M 583 66.74 -12.52 -39.00
N TYR M 584 66.65 -13.61 -39.75
CA TYR M 584 67.38 -14.85 -39.47
C TYR M 584 68.31 -15.23 -40.61
N VAL M 585 69.01 -14.24 -41.17
CA VAL M 585 69.94 -14.48 -42.27
C VAL M 585 71.35 -14.57 -41.70
N CYS M 586 72.20 -15.32 -42.39
CA CYS M 586 73.59 -15.51 -41.96
C CYS M 586 74.34 -14.19 -42.12
N GLY M 587 74.64 -13.54 -41.00
CA GLY M 587 75.32 -12.26 -41.02
C GLY M 587 74.41 -11.07 -41.17
N LEU M 588 73.15 -11.29 -41.51
CA LEU M 588 72.16 -10.24 -41.67
C LEU M 588 71.21 -10.32 -40.47
N GLY M 589 71.42 -9.45 -39.49
CA GLY M 589 70.63 -9.46 -38.29
C GLY M 589 69.28 -8.80 -38.49
N PRO M 590 68.49 -8.77 -37.41
CA PRO M 590 67.18 -8.09 -37.50
C PRO M 590 67.30 -6.60 -37.75
N ARG M 591 68.19 -5.92 -37.05
CA ARG M 591 68.39 -4.50 -37.31
C ARG M 591 68.89 -4.27 -38.73
N LYS M 592 69.86 -5.08 -39.17
CA LYS M 592 70.36 -4.97 -40.54
C LYS M 592 69.26 -5.27 -41.56
N GLY M 593 68.48 -6.34 -41.32
CA GLY M 593 67.41 -6.66 -42.24
C GLY M 593 66.38 -5.56 -42.33
N THR M 594 66.01 -4.97 -41.19
CA THR M 594 65.04 -3.87 -41.20
C THR M 594 65.58 -2.65 -41.93
N HIS M 595 66.85 -2.29 -41.68
CA HIS M 595 67.43 -1.14 -42.38
C HIS M 595 67.44 -1.37 -43.89
N LEU M 596 67.83 -2.58 -44.31
CA LEU M 596 67.87 -2.89 -45.74
C LEU M 596 66.48 -2.86 -46.35
N LEU M 597 65.49 -3.41 -45.65
CA LEU M 597 64.12 -3.38 -46.17
C LEU M 597 63.62 -1.95 -46.31
N LYS M 598 63.91 -1.11 -45.32
CA LYS M 598 63.52 0.30 -45.41
C LYS M 598 64.20 0.96 -46.60
N ILE M 599 65.48 0.67 -46.81
CA ILE M 599 66.19 1.25 -47.95
C ILE M 599 65.55 0.81 -49.26
N LEU M 600 65.23 -0.47 -49.37
CA LEU M 600 64.61 -0.97 -50.59
C LEU M 600 63.27 -0.30 -50.83
N LYS M 601 62.46 -0.17 -49.78
CA LYS M 601 61.15 0.46 -49.92
C LYS M 601 61.29 1.93 -50.34
N GLN M 602 62.23 2.65 -49.75
CA GLN M 602 62.37 4.07 -50.03
C GLN M 602 62.96 4.31 -51.42
N ASN M 603 64.18 3.83 -51.64
CA ASN M 603 64.85 4.03 -52.92
C ASN M 603 64.22 3.24 -54.04
N ASN M 604 63.29 2.33 -53.75
CA ASN M 604 62.65 1.50 -54.76
C ASN M 604 63.64 0.57 -55.44
N THR M 605 64.67 0.14 -54.71
CA THR M 605 65.69 -0.73 -55.27
C THR M 605 65.23 -2.17 -55.21
N ARG M 606 65.42 -2.90 -56.31
CA ARG M 606 65.06 -4.31 -56.40
C ARG M 606 66.31 -5.17 -56.26
N LEU M 607 66.10 -6.49 -56.26
CA LEU M 607 67.20 -7.45 -56.17
C LEU M 607 67.85 -7.56 -57.54
N GLU M 608 68.65 -6.53 -57.87
CA GLU M 608 69.30 -6.49 -59.17
C GLU M 608 70.28 -7.65 -59.33
N SER M 609 71.07 -7.93 -58.29
CA SER M 609 72.03 -9.03 -58.32
C SER M 609 72.60 -9.17 -56.91
N ARG M 610 73.53 -10.12 -56.74
CA ARG M 610 74.16 -10.32 -55.45
C ARG M 610 74.97 -9.11 -54.99
N THR M 611 75.31 -8.21 -55.91
CA THR M 611 76.04 -7.00 -55.57
C THR M 611 75.13 -5.79 -55.40
N GLN M 612 73.81 -6.02 -55.33
CA GLN M 612 72.88 -4.91 -55.16
C GLN M 612 73.14 -4.16 -53.87
N LEU M 613 73.33 -4.90 -52.77
CA LEU M 613 73.58 -4.26 -51.48
C LEU M 613 74.97 -3.67 -51.39
N VAL M 614 75.91 -4.12 -52.23
CA VAL M 614 77.25 -3.56 -52.22
C VAL M 614 77.40 -2.42 -53.22
N THR M 615 76.61 -2.41 -54.30
CA THR M 615 76.65 -1.32 -55.25
C THR M 615 75.84 -0.12 -54.79
N MET M 616 74.73 -0.35 -54.09
CA MET M 616 73.90 0.73 -53.58
C MET M 616 74.44 1.32 -52.28
N CYS M 617 75.51 0.76 -51.72
CA CYS M 617 76.08 1.23 -50.46
C CYS M 617 75.15 0.99 -49.28
N HIS M 618 74.25 0.02 -49.40
CA HIS M 618 73.30 -0.28 -48.34
C HIS M 618 73.88 -1.21 -47.28
N MET M 619 74.75 -2.13 -47.68
CA MET M 619 75.33 -3.12 -46.78
C MET M 619 76.84 -2.97 -46.77
N GLY M 620 77.44 -3.13 -45.59
CA GLY M 620 78.88 -3.02 -45.44
C GLY M 620 79.60 -4.24 -45.98
N PRO M 621 80.90 -4.09 -46.26
CA PRO M 621 81.65 -5.21 -46.84
C PRO M 621 81.64 -6.44 -45.96
N LYS M 622 81.75 -6.27 -44.65
CA LYS M 622 81.70 -7.43 -43.76
C LYS M 622 80.35 -8.11 -43.83
N VAL M 623 79.26 -7.33 -43.83
CA VAL M 623 77.94 -7.92 -43.92
C VAL M 623 77.75 -8.60 -45.26
N PHE M 624 78.14 -7.93 -46.35
CA PHE M 624 77.96 -8.52 -47.67
C PHE M 624 78.71 -9.84 -47.78
N MET M 625 79.95 -9.88 -47.30
CA MET M 625 80.70 -11.13 -47.30
C MET M 625 80.01 -12.18 -46.44
N ASN M 626 79.51 -11.77 -45.28
CA ASN M 626 78.90 -12.73 -44.36
C ASN M 626 77.52 -13.17 -44.84
N CYS M 627 76.77 -12.29 -45.50
CA CYS M 627 75.44 -12.60 -45.99
C CYS M 627 75.42 -12.88 -47.48
N ALA M 628 76.58 -13.11 -48.09
CA ALA M 628 76.62 -13.38 -49.51
C ALA M 628 75.91 -14.69 -49.84
N GLY M 629 76.11 -15.72 -49.02
CA GLY M 629 75.55 -17.03 -49.29
C GLY M 629 74.12 -17.25 -48.90
N PHE M 630 73.48 -16.27 -48.26
CA PHE M 630 72.09 -16.37 -47.87
C PHE M 630 71.16 -15.51 -48.70
N LEU M 631 71.67 -14.45 -49.32
CA LEU M 631 70.84 -13.55 -50.11
C LEU M 631 70.63 -14.13 -51.50
N LYS M 632 69.38 -14.13 -51.96
CA LYS M 632 69.03 -14.62 -53.28
C LYS M 632 68.15 -13.59 -53.99
N ILE M 633 68.29 -13.51 -55.30
CA ILE M 633 67.55 -12.57 -56.13
C ILE M 633 66.81 -13.34 -57.22
N ASP M 634 65.80 -12.68 -57.80
CA ASP M 634 65.00 -13.31 -58.83
C ASP M 634 65.82 -13.57 -60.09
N THR M 635 66.51 -12.54 -60.58
CA THR M 635 67.30 -12.67 -61.80
C THR M 635 68.62 -13.38 -61.51
N GLU M 636 72.87 -11.23 -60.90
CA GLU M 636 73.47 -11.92 -62.03
C GLU M 636 72.93 -13.34 -62.16
N VAL M 637 73.58 -14.15 -62.99
CA VAL M 637 73.14 -15.54 -63.17
C VAL M 637 73.21 -16.30 -61.85
N LEU M 638 74.27 -16.07 -61.07
CA LEU M 638 74.46 -16.76 -59.81
C LEU M 638 73.99 -15.94 -58.61
N ASP M 639 73.30 -14.83 -58.83
CA ASP M 639 72.83 -14.02 -57.72
C ASP M 639 71.85 -14.79 -56.84
N GLY M 640 70.94 -15.53 -57.45
CA GLY M 640 69.96 -16.29 -56.71
C GLY M 640 70.43 -17.69 -56.37
N SER M 641 71.58 -17.78 -55.71
CA SER M 641 72.13 -19.06 -55.29
C SER M 641 73.17 -18.80 -54.21
N ARG M 642 73.90 -19.85 -53.82
CA ARG M 642 74.93 -19.71 -52.81
C ARG M 642 76.23 -19.13 -53.36
N VAL M 643 76.36 -19.00 -54.68
CA VAL M 643 77.59 -18.49 -55.26
C VAL M 643 77.75 -17.04 -54.83
N HIS M 644 78.84 -16.75 -54.13
CA HIS M 644 79.16 -15.41 -53.68
C HIS M 644 80.01 -14.70 -54.71
N PRO M 645 80.20 -13.38 -54.57
CA PRO M 645 81.03 -12.67 -55.56
C PRO M 645 82.45 -13.20 -55.63
N GLU M 646 83.00 -13.67 -54.52
CA GLU M 646 84.35 -14.26 -54.56
C GLU M 646 84.37 -15.51 -55.43
N THR M 647 83.34 -16.35 -55.33
CA THR M 647 83.28 -17.61 -56.06
C THR M 647 82.57 -17.49 -57.40
N TYR M 648 82.17 -16.29 -57.80
CA TYR M 648 81.47 -16.13 -59.08
C TYR M 648 82.37 -16.50 -60.25
N GLU M 649 83.60 -15.98 -60.26
CA GLU M 649 84.51 -16.25 -61.37
C GLU M 649 84.82 -17.74 -61.46
N TRP M 650 85.09 -18.37 -60.32
CA TRP M 650 85.35 -19.81 -60.30
C TRP M 650 84.13 -20.59 -60.78
N ALA M 651 82.94 -20.18 -60.37
CA ALA M 651 81.73 -20.86 -60.82
C ALA M 651 81.57 -20.73 -62.33
N ARG M 652 81.83 -19.54 -62.89
CA ARG M 652 81.74 -19.35 -64.33
C ARG M 652 82.76 -20.21 -65.06
N LYS M 653 83.99 -20.27 -64.55
CA LYS M 653 85.02 -21.10 -65.17
C LYS M 653 84.62 -22.57 -65.13
N MET M 654 84.09 -23.03 -64.00
CA MET M 654 83.67 -24.42 -63.87
C MET M 654 82.53 -24.75 -64.82
N ALA M 655 81.55 -23.85 -64.94
CA ALA M 655 80.44 -24.08 -65.87
C ALA M 655 80.93 -24.14 -67.30
N VAL M 656 81.84 -23.24 -67.66
CA VAL M 656 82.40 -23.26 -69.03
C VAL M 656 83.14 -24.57 -69.27
N ASP M 657 83.95 -25.00 -68.30
CA ASP M 657 84.72 -26.23 -68.47
C ASP M 657 83.80 -27.43 -68.60
N ALA M 658 82.75 -27.50 -67.78
CA ALA M 658 81.82 -28.62 -67.87
C ALA M 658 81.07 -28.61 -69.19
N LEU M 659 80.65 -27.43 -69.65
CA LEU M 659 79.86 -27.31 -70.87
C LEU M 659 80.71 -27.29 -72.13
N GLU M 660 82.04 -27.22 -72.00
CA GLU M 660 82.94 -27.19 -73.16
C GLU M 660 82.65 -26.01 -74.07
N TYR M 661 82.16 -24.91 -73.50
CA TYR M 661 81.87 -23.72 -74.29
C TYR M 661 83.07 -22.79 -74.31
N ASP M 662 83.05 -21.84 -75.25
CA ASP M 662 84.10 -20.84 -75.32
C ASP M 662 84.04 -19.95 -74.09
N GLU M 663 85.21 -19.57 -73.59
CA GLU M 663 85.33 -18.74 -72.39
C GLU M 663 85.81 -17.36 -72.80
N SER M 664 84.96 -16.35 -72.60
CA SER M 664 85.31 -14.96 -72.88
C SER M 664 84.53 -14.09 -71.89
N ALA M 665 85.19 -13.74 -70.79
CA ALA M 665 84.57 -12.97 -69.72
C ALA M 665 83.20 -13.52 -69.35
N GLU M 666 83.17 -14.80 -68.99
CA GLU M 666 81.93 -15.57 -68.89
C GLU M 666 81.18 -15.17 -67.61
N ASP M 667 80.42 -14.09 -67.73
CA ASP M 667 79.55 -13.63 -66.65
C ASP M 667 78.09 -13.58 -67.05
N ALA M 668 77.75 -12.84 -68.10
CA ALA M 668 76.39 -12.79 -68.62
C ALA M 668 76.39 -13.10 -70.11
N ASN M 669 77.52 -12.82 -70.79
CA ASN M 669 77.63 -13.01 -72.23
C ASN M 669 77.42 -14.46 -72.63
N PRO M 670 78.34 -15.36 -72.30
CA PRO M 670 78.16 -16.77 -72.67
C PRO M 670 77.05 -17.43 -71.86
N ALA M 671 75.95 -17.76 -72.54
CA ALA M 671 74.81 -18.35 -71.86
C ALA M 671 74.81 -19.88 -71.91
N GLY M 672 75.59 -20.48 -72.79
CA GLY M 672 75.66 -21.92 -72.87
C GLY M 672 76.02 -22.58 -71.57
N ALA M 673 77.23 -22.31 -71.06
CA ALA M 673 77.64 -22.91 -69.80
C ALA M 673 76.73 -22.50 -68.65
N LEU M 674 76.13 -21.32 -68.73
CA LEU M 674 75.20 -20.87 -67.70
C LEU M 674 73.82 -21.47 -67.91
N GLU M 675 73.18 -21.16 -69.04
CA GLU M 675 71.81 -21.56 -69.25
C GLU M 675 71.68 -23.08 -69.36
N GLU M 676 72.48 -23.70 -70.23
CA GLU M 676 72.41 -25.15 -70.39
C GLU M 676 72.79 -25.86 -69.10
N ILE M 677 73.78 -25.34 -68.38
CA ILE M 677 74.16 -25.96 -67.11
C ILE M 677 73.01 -25.89 -66.12
N LEU M 678 72.35 -24.73 -66.01
CA LEU M 678 71.26 -24.59 -65.06
C LEU M 678 70.08 -25.48 -65.43
N GLU M 679 69.79 -25.61 -66.72
CA GLU M 679 68.63 -26.40 -67.13
C GLU M 679 68.77 -27.86 -66.74
N ASN M 680 69.93 -28.46 -66.98
CA ASN M 680 70.17 -29.86 -66.66
C ASN M 680 71.67 -30.09 -66.65
N PRO M 681 72.15 -31.18 -66.03
CA PRO M 681 73.60 -31.41 -65.94
C PRO M 681 74.23 -31.70 -67.29
N GLU M 682 75.02 -30.74 -67.78
CA GLU M 682 75.62 -30.88 -69.10
C GLU M 682 76.81 -31.83 -69.07
N ARG M 683 77.82 -31.52 -68.27
CA ARG M 683 79.01 -32.37 -68.18
C ARG M 683 79.55 -32.31 -66.75
N LEU M 684 79.56 -33.45 -66.07
CA LEU M 684 80.09 -33.54 -64.72
C LEU M 684 81.52 -34.07 -64.66
N LYS M 685 81.89 -34.97 -65.58
CA LYS M 685 83.25 -35.49 -65.60
C LYS M 685 84.28 -34.42 -65.96
N ASP M 686 83.85 -33.35 -66.65
CA ASP M 686 84.79 -32.31 -67.08
C ASP M 686 85.39 -31.59 -65.88
N LEU M 687 84.58 -31.31 -64.85
CA LEU M 687 85.04 -30.56 -63.69
C LEU M 687 85.71 -31.52 -62.71
N ASP M 688 87.03 -31.41 -62.58
CA ASP M 688 87.80 -32.29 -61.72
C ASP M 688 88.04 -31.61 -60.38
N LEU M 689 87.71 -32.32 -59.30
CA LEU M 689 87.87 -31.76 -57.97
C LEU M 689 89.33 -31.43 -57.70
N ASP M 690 90.25 -32.32 -58.09
CA ASP M 690 91.66 -32.05 -57.89
C ASP M 690 92.11 -30.83 -58.68
N ALA M 691 91.67 -30.71 -59.94
CA ALA M 691 92.03 -29.55 -60.73
C ALA M 691 91.48 -28.28 -60.11
N PHE M 692 90.24 -28.32 -59.63
CA PHE M 692 89.66 -27.15 -58.99
C PHE M 692 90.43 -26.77 -57.73
N ALA M 693 90.79 -27.76 -56.92
CA ALA M 693 91.55 -27.47 -55.69
C ALA M 693 92.90 -26.86 -56.02
N GLU M 694 93.60 -27.42 -57.02
CA GLU M 694 94.89 -26.88 -57.40
C GLU M 694 94.76 -25.45 -57.92
N GLU M 695 93.74 -25.19 -58.74
CA GLU M 695 93.56 -23.85 -59.29
C GLU M 695 93.25 -22.85 -58.18
N LEU M 696 92.36 -23.21 -57.26
CA LEU M 696 92.02 -22.30 -56.17
C LEU M 696 93.24 -22.04 -55.28
N GLU M 697 94.01 -23.08 -54.96
CA GLU M 697 95.21 -22.90 -54.16
C GLU M 697 96.21 -21.99 -54.87
N ARG M 698 96.38 -22.18 -56.18
CA ARG M 698 97.30 -21.33 -56.93
C ARG M 698 96.84 -19.89 -56.93
N GLN M 699 95.56 -19.67 -57.28
CA GLN M 699 94.99 -18.32 -57.36
C GLN M 699 93.66 -18.33 -56.63
N GLY M 700 93.54 -17.50 -55.60
CA GLY M 700 92.33 -17.43 -54.81
C GLY M 700 92.64 -17.49 -53.34
N TYR M 701 93.76 -18.11 -52.98
CA TYR M 701 94.21 -18.19 -51.60
C TYR M 701 93.30 -19.04 -50.73
N GLY M 702 92.77 -20.12 -51.30
CA GLY M 702 91.91 -21.01 -50.55
C GLY M 702 91.55 -22.29 -51.27
N ASP M 703 91.57 -23.41 -50.55
CA ASP M 703 91.23 -24.70 -51.14
C ASP M 703 89.72 -24.80 -51.33
N LYS M 704 89.30 -25.32 -52.48
CA LYS M 704 87.90 -25.48 -52.81
C LYS M 704 87.48 -26.95 -52.94
N HIS M 705 88.25 -27.86 -52.33
CA HIS M 705 87.87 -29.26 -52.40
C HIS M 705 86.50 -29.50 -51.78
N ILE M 706 86.23 -28.86 -50.65
CA ILE M 706 84.91 -28.94 -50.05
C ILE M 706 83.93 -27.97 -50.70
N THR M 707 84.39 -26.78 -51.07
CA THR M 707 83.52 -25.80 -51.72
C THR M 707 83.24 -26.12 -53.17
N LEU M 708 84.00 -27.04 -53.79
CA LEU M 708 83.77 -27.35 -55.18
C LEU M 708 82.37 -27.94 -55.39
N TYR M 709 81.95 -28.86 -54.53
CA TYR M 709 80.64 -29.46 -54.67
C TYR M 709 79.53 -28.42 -54.51
N ASP M 710 79.68 -27.52 -53.53
CA ASP M 710 78.68 -26.49 -53.32
C ASP M 710 78.60 -25.55 -54.51
N ILE M 711 79.74 -25.16 -55.07
CA ILE M 711 79.73 -24.28 -56.24
C ILE M 711 79.06 -24.98 -57.42
N ARG M 712 79.36 -26.26 -57.64
CA ARG M 712 78.73 -26.99 -58.72
C ARG M 712 77.22 -27.07 -58.53
N ALA M 713 76.77 -27.34 -57.31
CA ALA M 713 75.34 -27.42 -57.05
C ALA M 713 74.67 -26.07 -57.28
N GLU M 714 75.27 -24.99 -56.79
CA GLU M 714 74.68 -23.66 -56.96
C GLU M 714 74.56 -23.31 -58.43
N LEU M 715 75.60 -23.63 -59.21
CA LEU M 715 75.51 -23.41 -60.66
C LEU M 715 74.40 -24.27 -61.26
N SER M 716 74.26 -25.52 -60.81
CA SER M 716 73.29 -26.43 -61.41
C SER M 716 71.86 -26.05 -61.02
N CYS M 717 71.64 -25.66 -59.75
CA CYS M 717 70.31 -25.30 -59.28
C CYS M 717 70.42 -24.05 -58.42
N ARG M 718 69.64 -23.04 -58.75
CA ARG M 718 69.65 -21.78 -58.02
C ARG M 718 68.57 -21.77 -56.96
N TYR M 719 68.86 -21.15 -55.82
CA TYR M 719 67.89 -20.98 -54.74
C TYR M 719 67.29 -22.32 -54.31
N LYS M 720 68.16 -23.31 -54.09
CA LYS M 720 67.69 -24.60 -53.59
C LYS M 720 67.02 -24.41 -52.24
N ASP M 721 65.94 -25.16 -52.03
CA ASP M 721 65.15 -25.08 -50.80
C ASP M 721 65.61 -26.18 -49.84
N LEU M 722 65.88 -25.81 -48.60
CA LEU M 722 66.34 -26.75 -47.59
C LEU M 722 65.20 -27.33 -46.75
N ARG M 723 63.96 -26.93 -46.99
CA ARG M 723 62.84 -27.45 -46.22
C ARG M 723 62.55 -28.90 -46.60
N THR M 724 61.74 -29.55 -45.77
CA THR M 724 61.33 -30.93 -46.01
C THR M 724 60.22 -30.97 -47.05
N ALA M 725 59.59 -32.13 -47.21
CA ALA M 725 58.51 -32.29 -48.16
C ALA M 725 57.15 -32.15 -47.47
N TYR M 726 56.08 -32.21 -48.25
CA TYR M 726 54.73 -32.12 -47.70
C TYR M 726 54.40 -33.42 -46.97
N ARG M 727 54.09 -33.30 -45.68
CA ARG M 727 53.85 -34.45 -44.82
C ARG M 727 52.34 -34.62 -44.65
N SER M 728 51.81 -35.70 -45.22
CA SER M 728 50.40 -36.00 -45.03
C SER M 728 50.17 -36.49 -43.59
N PRO M 729 49.08 -36.09 -42.95
CA PRO M 729 48.80 -36.55 -41.59
C PRO M 729 48.67 -38.07 -41.55
N ASN M 730 49.16 -38.67 -40.46
CA ASN M 730 49.08 -40.10 -40.26
C ASN M 730 47.89 -40.44 -39.36
N THR M 731 47.68 -41.73 -39.13
CA THR M 731 46.61 -42.15 -38.24
C THR M 731 46.82 -41.57 -36.84
N GLU M 732 47.90 -41.96 -36.18
CA GLU M 732 48.25 -41.36 -34.90
C GLU M 732 48.55 -39.87 -35.05
N GLU M 733 49.27 -39.51 -36.10
CA GLU M 733 49.57 -38.10 -36.33
C GLU M 733 48.29 -37.31 -36.55
N ILE M 734 47.36 -37.85 -37.32
CA ILE M 734 46.09 -37.17 -37.58
C ILE M 734 45.29 -37.04 -36.29
N PHE M 735 45.26 -38.10 -35.48
CA PHE M 735 44.53 -38.03 -34.22
C PHE M 735 45.11 -36.96 -33.31
N ASN M 736 46.45 -36.89 -33.23
CA ASN M 736 47.09 -35.87 -32.42
C ASN M 736 46.79 -34.48 -32.95
N MET M 737 46.82 -34.32 -34.28
CA MET M 737 46.60 -33.00 -34.86
C MET M 737 45.17 -32.51 -34.64
N LEU M 738 44.20 -33.40 -34.89
CA LEU M 738 42.79 -33.03 -34.75
C LEU M 738 42.27 -33.34 -33.35
N THR M 739 42.36 -34.60 -32.93
CA THR M 739 41.92 -34.96 -31.59
C THR M 739 42.76 -34.27 -30.53
N LYS M 740 44.07 -34.20 -30.76
CA LYS M 740 45.00 -33.57 -29.81
C LYS M 740 45.14 -34.38 -28.53
N GLU M 741 44.86 -35.68 -28.59
CA GLU M 741 44.98 -36.56 -27.43
C GLU M 741 45.53 -37.89 -27.95
N THR M 742 46.85 -38.03 -27.88
CA THR M 742 47.50 -39.25 -28.33
C THR M 742 47.46 -40.30 -27.25
N PRO M 743 47.62 -41.58 -27.61
CA PRO M 743 47.60 -42.63 -26.59
C PRO M 743 48.72 -42.49 -25.57
N GLU M 744 49.80 -41.79 -25.92
CA GLU M 744 50.91 -41.64 -24.99
C GLU M 744 50.46 -40.98 -23.69
N THR M 745 49.58 -39.98 -23.78
CA THR M 745 49.10 -39.30 -22.58
C THR M 745 48.37 -40.27 -21.66
N PHE M 746 47.52 -41.13 -22.23
CA PHE M 746 46.77 -42.09 -21.44
C PHE M 746 47.65 -43.30 -21.14
N TYR M 747 47.68 -43.71 -19.88
CA TYR M 747 48.49 -44.83 -19.43
C TYR M 747 47.61 -45.90 -18.81
N ILE M 748 48.09 -47.15 -18.87
CA ILE M 748 47.34 -48.27 -18.30
C ILE M 748 47.37 -48.19 -16.78
N GLY M 749 46.28 -48.64 -16.16
CA GLY M 749 46.11 -48.58 -14.72
C GLY M 749 45.48 -47.30 -14.24
N LYS M 750 45.86 -46.17 -14.83
CA LYS M 750 45.27 -44.89 -14.44
C LYS M 750 43.78 -44.89 -14.77
N LEU M 751 43.00 -44.26 -13.89
CA LEU M 751 41.56 -44.20 -14.05
C LEU M 751 41.20 -43.22 -15.16
N ILE M 752 40.43 -43.69 -16.15
CA ILE M 752 40.01 -42.88 -17.28
C ILE M 752 38.48 -42.86 -17.31
N ILE M 753 37.92 -41.66 -17.31
CA ILE M 753 36.47 -41.51 -17.34
C ILE M 753 35.98 -41.76 -18.77
N CYS M 754 35.06 -42.70 -18.92
CA CYS M 754 34.52 -43.08 -20.22
C CYS M 754 33.06 -42.62 -20.27
N ASN M 755 32.78 -41.67 -21.16
CA ASN M 755 31.42 -41.13 -21.30
C ASN M 755 30.66 -42.02 -22.26
N VAL M 756 29.86 -42.93 -21.72
CA VAL M 756 29.08 -43.89 -22.52
C VAL M 756 27.80 -43.19 -22.98
N THR M 757 27.76 -42.78 -24.24
CA THR M 757 26.61 -42.08 -24.79
C THR M 757 25.74 -42.94 -25.68
N GLY M 758 26.29 -44.00 -26.26
CA GLY M 758 25.51 -44.86 -27.14
C GLY M 758 26.19 -46.20 -27.30
N ILE M 759 25.44 -47.14 -27.86
CA ILE M 759 25.92 -48.49 -28.11
C ILE M 759 25.56 -48.86 -29.54
N ALA M 760 26.50 -49.49 -30.24
CA ALA M 760 26.23 -49.95 -31.60
C ALA M 760 25.41 -51.24 -31.59
N HIS M 761 25.99 -52.33 -31.09
CA HIS M 761 25.29 -53.60 -30.97
C HIS M 761 25.15 -54.04 -29.52
N ILE M 762 26.24 -54.07 -28.75
CA ILE M 762 26.26 -54.64 -27.41
C ILE M 762 26.92 -53.70 -26.40
N GLY M 763 28.13 -53.25 -26.69
CA GLY M 763 28.85 -52.37 -25.78
C GLY M 763 28.29 -50.97 -25.80
N VAL M 764 28.98 -50.08 -25.11
CA VAL M 764 28.60 -48.67 -25.03
C VAL M 764 29.74 -47.89 -25.67
N LYS M 765 29.46 -47.25 -26.81
CA LYS M 765 30.44 -46.42 -27.50
C LYS M 765 30.09 -44.95 -27.23
N THR M 766 30.93 -44.28 -26.45
CA THR M 766 30.69 -42.88 -26.12
C THR M 766 31.93 -42.02 -26.31
N ARG M 767 31.85 -40.75 -25.93
CA ARG M 767 32.95 -39.81 -26.08
C ARG M 767 33.69 -39.65 -24.76
N LEU M 768 35.01 -39.49 -24.86
CA LEU M 768 35.87 -39.38 -23.70
C LEU M 768 36.10 -37.92 -23.34
N ASP M 769 36.88 -37.70 -22.27
CA ASP M 769 37.19 -36.35 -21.85
C ASP M 769 37.97 -35.60 -22.92
N ASN M 770 38.93 -36.26 -23.56
CA ASN M 770 39.80 -35.65 -24.55
C ASN M 770 39.28 -35.79 -25.98
N GLY M 771 37.97 -35.94 -26.15
CA GLY M 771 37.40 -36.05 -27.49
C GLY M 771 37.75 -37.33 -28.21
N VAL M 772 38.22 -38.32 -27.49
CA VAL M 772 38.56 -39.61 -28.07
C VAL M 772 37.31 -40.49 -28.02
N THR M 773 37.10 -41.27 -29.07
CA THR M 773 35.94 -42.15 -29.16
C THR M 773 36.17 -43.33 -28.21
N GLY M 774 35.62 -43.22 -27.00
CA GLY M 774 35.82 -44.26 -26.00
C GLY M 774 34.75 -45.33 -26.10
N PHE M 775 35.11 -46.47 -26.68
CA PHE M 775 34.18 -47.57 -26.89
C PHE M 775 34.43 -48.66 -25.85
N ILE M 776 33.44 -48.90 -25.00
CA ILE M 776 33.53 -49.92 -23.95
C ILE M 776 32.97 -51.22 -24.52
N PRO M 777 33.79 -52.25 -24.71
CA PRO M 777 33.28 -53.51 -25.29
C PRO M 777 32.38 -54.27 -24.33
N THR M 778 31.88 -55.43 -24.75
CA THR M 778 31.06 -56.23 -23.86
C THR M 778 31.83 -56.67 -22.62
N LYS M 779 33.16 -56.77 -22.73
CA LYS M 779 33.96 -57.17 -21.58
C LYS M 779 33.85 -56.16 -20.45
N PHE M 780 33.88 -54.87 -20.78
CA PHE M 780 33.86 -53.83 -19.75
C PHE M 780 32.57 -53.86 -18.95
N LEU M 781 31.47 -54.28 -19.58
CA LEU M 781 30.16 -54.31 -18.93
C LEU M 781 29.72 -55.70 -18.52
N SER M 782 30.34 -56.76 -19.05
CA SER M 782 29.97 -58.13 -18.72
C SER M 782 28.61 -58.51 -19.30
N ASP M 783 28.30 -57.97 -20.48
CA ASP M 783 27.04 -58.28 -21.17
C ASP M 783 27.37 -58.53 -22.63
N LYS M 784 27.20 -59.77 -23.08
CA LYS M 784 27.53 -60.18 -24.44
C LYS M 784 26.31 -60.55 -25.25
N VAL M 785 25.47 -61.44 -24.72
CA VAL M 785 24.22 -61.79 -25.37
C VAL M 785 23.07 -61.42 -24.44
N VAL M 786 23.27 -60.37 -23.63
CA VAL M 786 22.29 -59.96 -22.64
C VAL M 786 22.07 -58.47 -22.73
N LYS M 787 21.22 -57.92 -21.86
CA LYS M 787 20.95 -56.50 -21.86
C LYS M 787 22.26 -55.72 -21.76
N ARG M 788 22.31 -54.58 -22.44
CA ARG M 788 23.53 -53.79 -22.45
C ARG M 788 23.90 -53.40 -21.03
N PRO M 789 25.17 -53.26 -20.74
CA PRO M 789 25.58 -52.90 -19.38
C PRO M 789 25.22 -51.47 -19.03
N GLU M 790 24.23 -51.30 -18.14
CA GLU M 790 23.78 -49.98 -17.72
C GLU M 790 24.35 -49.56 -16.37
N GLU M 791 24.43 -50.48 -15.41
CA GLU M 791 24.96 -50.13 -14.09
C GLU M 791 26.48 -49.98 -14.12
N ARG M 792 27.17 -50.85 -14.87
CA ARG M 792 28.62 -50.79 -14.93
C ARG M 792 29.09 -49.53 -15.64
N VAL M 793 28.42 -49.15 -16.73
CA VAL M 793 28.77 -47.97 -17.52
C VAL M 793 27.54 -47.08 -17.60
N LYS M 794 27.72 -45.80 -17.26
CA LYS M 794 26.61 -44.85 -17.24
C LYS M 794 26.19 -44.52 -18.67
N VAL M 795 24.90 -44.67 -18.96
CA VAL M 795 24.36 -44.35 -20.28
C VAL M 795 23.99 -42.87 -20.29
N GLY M 796 24.64 -42.10 -21.17
CA GLY M 796 24.41 -40.68 -21.27
C GLY M 796 25.37 -39.83 -20.45
N MET M 797 25.83 -40.35 -19.31
CA MET M 797 26.74 -39.64 -18.43
C MET M 797 28.14 -40.26 -18.51
N THR M 798 29.05 -39.73 -17.71
CA THR M 798 30.43 -40.20 -17.66
C THR M 798 30.58 -41.16 -16.49
N VAL M 799 31.17 -42.33 -16.76
CA VAL M 799 31.36 -43.37 -15.76
C VAL M 799 32.86 -43.57 -15.54
N HIS M 800 33.29 -43.51 -14.28
CA HIS M 800 34.69 -43.66 -13.96
C HIS M 800 35.07 -45.13 -14.02
N CYS M 801 36.11 -45.44 -14.78
CA CYS M 801 36.58 -46.81 -14.91
C CYS M 801 38.07 -46.80 -15.20
N ARG M 802 38.73 -47.88 -14.79
CA ARG M 802 40.17 -48.00 -15.00
C ARG M 802 40.47 -48.10 -16.48
N ILE M 803 41.41 -47.29 -16.96
CA ILE M 803 41.80 -47.27 -18.36
C ILE M 803 42.94 -48.27 -18.54
N MET M 804 42.67 -49.36 -19.25
CA MET M 804 43.68 -50.39 -19.50
C MET M 804 43.98 -50.53 -20.99
N LYS M 805 43.73 -49.48 -21.77
CA LYS M 805 43.97 -49.52 -23.20
C LYS M 805 44.03 -48.09 -23.72
N ILE M 806 44.96 -47.83 -24.63
CA ILE M 806 45.13 -46.52 -25.26
C ILE M 806 44.66 -46.68 -26.70
N ASP M 807 43.44 -46.22 -26.99
CA ASP M 807 42.87 -46.28 -28.33
C ASP M 807 42.22 -44.97 -28.72
N ILE M 808 42.86 -43.84 -28.38
CA ILE M 808 42.31 -42.54 -28.73
C ILE M 808 42.29 -42.35 -30.24
N GLU M 809 43.39 -42.68 -30.91
CA GLU M 809 43.45 -42.49 -32.35
C GLU M 809 42.59 -43.50 -33.09
N LYS M 810 42.43 -44.71 -32.54
CA LYS M 810 41.65 -45.75 -33.18
C LYS M 810 40.17 -45.74 -32.80
N PHE M 811 39.74 -44.78 -31.98
CA PHE M 811 38.35 -44.71 -31.52
C PHE M 811 38.00 -45.91 -30.63
N SER M 812 38.82 -46.11 -29.60
CA SER M 812 38.62 -47.19 -28.63
C SER M 812 38.82 -46.65 -27.23
N ALA M 813 38.17 -47.30 -26.25
CA ALA M 813 38.29 -46.91 -24.85
C ALA M 813 38.14 -48.17 -24.00
N ASP M 814 39.28 -48.72 -23.57
CA ASP M 814 39.28 -49.93 -22.74
C ASP M 814 39.14 -49.54 -21.27
N LEU M 815 37.93 -49.09 -20.93
CA LEU M 815 37.62 -48.67 -19.57
C LEU M 815 36.88 -49.79 -18.86
N THR M 816 37.38 -50.19 -17.69
CA THR M 816 36.76 -51.25 -16.91
C THR M 816 35.54 -50.71 -16.18
N CYS M 817 34.37 -51.25 -16.50
CA CYS M 817 33.14 -50.82 -15.82
C CYS M 817 33.13 -51.28 -14.36
N ARG M 818 33.69 -52.45 -14.08
CA ARG M 818 33.75 -52.95 -12.72
C ARG M 818 34.60 -52.03 -11.86
N THR M 819 34.16 -51.79 -10.63
CA THR M 819 34.91 -50.92 -9.73
C THR M 819 36.28 -51.51 -9.40
N SER M 820 36.35 -52.83 -9.19
CA SER M 820 37.62 -53.45 -8.85
C SER M 820 38.64 -53.28 -9.97
N ASP M 821 38.18 -53.06 -11.20
CA ASP M 821 39.12 -52.84 -12.30
C ASP M 821 39.99 -51.61 -12.06
N LEU M 822 39.39 -50.54 -11.55
CA LEU M 822 40.16 -49.32 -11.31
C LEU M 822 41.26 -49.54 -10.29
N MET M 823 40.94 -50.26 -9.20
CA MET M 823 41.92 -50.52 -8.15
C MET M 823 43.16 -51.23 -8.70
N ILE M 824 41.54 -58.76 34.87
CA ILE M 824 41.73 -57.70 35.84
C ILE M 824 42.48 -56.53 35.20
N ALA M 825 41.85 -55.35 35.20
CA ALA M 825 42.45 -54.15 34.63
C ALA M 825 42.80 -54.36 33.16
N HIS M 826 41.75 -54.58 32.36
CA HIS M 826 41.89 -54.82 30.92
C HIS M 826 41.40 -53.58 30.17
N PRO M 827 42.27 -52.60 29.93
CA PRO M 827 41.82 -51.38 29.22
C PRO M 827 41.58 -51.63 27.75
N SER M 828 40.32 -51.55 27.33
CA SER M 828 39.95 -51.76 25.94
C SER M 828 39.90 -50.41 25.22
N PHE M 829 39.47 -50.42 23.95
CA PHE M 829 39.35 -49.21 23.16
C PHE M 829 38.09 -49.28 22.32
N HIS M 830 37.65 -48.13 21.85
CA HIS M 830 36.44 -48.04 21.03
C HIS M 830 36.63 -46.90 20.04
N ASN M 831 36.84 -47.24 18.77
CA ASN M 831 37.05 -46.24 17.73
C ASN M 831 35.71 -45.72 17.21
N ILE M 832 30.61 -44.92 19.51
CA ILE M 832 29.50 -45.76 19.98
C ILE M 832 28.52 -44.91 20.79
N ASN M 833 27.24 -45.26 20.69
CA ASN M 833 26.20 -44.53 21.39
C ASN M 833 26.20 -44.94 22.87
N PHE M 834 25.22 -44.45 23.62
CA PHE M 834 25.12 -44.76 25.04
C PHE M 834 24.19 -45.94 25.32
N LYS M 835 23.04 -45.98 24.65
CA LYS M 835 22.10 -47.08 24.88
C LYS M 835 22.69 -48.42 24.45
N GLN M 836 23.34 -48.46 23.29
CA GLN M 836 23.89 -49.71 22.80
C GLN M 836 25.15 -50.11 23.56
N ALA M 837 25.89 -49.13 24.08
CA ALA M 837 27.13 -49.45 24.79
C ALA M 837 26.85 -50.28 26.05
N GLU M 838 25.70 -50.08 26.69
CA GLU M 838 25.41 -50.79 27.92
C GLU M 838 25.28 -52.29 27.71
N LYS M 839 25.02 -52.75 26.48
CA LYS M 839 24.88 -54.17 26.23
C LYS M 839 26.19 -54.93 26.37
N MET M 840 27.32 -54.24 26.45
CA MET M 840 28.63 -54.87 26.53
C MET M 840 29.38 -54.38 27.76
N MET M 841 28.69 -54.30 28.90
CA MET M 841 29.31 -53.83 30.13
C MET M 841 29.08 -54.81 31.27
N GLU M 842 28.01 -55.61 31.19
CA GLU M 842 27.69 -56.55 32.25
C GLU M 842 28.47 -57.86 32.15
N THR M 843 29.21 -58.09 31.07
CA THR M 843 29.98 -59.32 30.95
C THR M 843 31.32 -59.21 31.66
N MET M 844 32.02 -58.09 31.50
CA MET M 844 33.33 -57.92 32.12
C MET M 844 33.19 -57.83 33.63
N ASP M 845 34.21 -58.34 34.33
CA ASP M 845 34.23 -58.30 35.79
C ASP M 845 34.65 -56.93 36.28
N GLN M 846 34.67 -56.76 37.60
CA GLN M 846 35.06 -55.48 38.19
C GLN M 846 36.52 -55.18 37.89
N GLY M 847 36.82 -53.91 37.62
CA GLY M 847 38.16 -53.46 37.33
C GLY M 847 38.48 -53.27 35.87
N ASP M 848 37.63 -53.76 34.97
CA ASP M 848 37.84 -53.60 33.54
C ASP M 848 37.32 -52.24 33.11
N VAL M 849 38.23 -51.34 32.76
CA VAL M 849 37.89 -49.98 32.35
C VAL M 849 37.82 -49.92 30.83
N ILE M 850 36.88 -49.14 30.32
CA ILE M 850 36.68 -48.95 28.89
C ILE M 850 36.59 -47.46 28.61
N ILE M 851 37.29 -46.99 27.58
CA ILE M 851 37.26 -45.59 27.17
C ILE M 851 36.49 -45.49 25.86
N ARG M 852 35.55 -44.56 25.81
CA ARG M 852 34.72 -44.35 24.63
C ARG M 852 34.52 -42.86 24.44
N PRO M 853 34.18 -42.43 23.23
CA PRO M 853 33.95 -40.99 22.98
C PRO M 853 32.76 -40.47 23.78
N SER M 854 32.60 -39.16 23.76
CA SER M 854 31.51 -38.50 24.43
C SER M 854 30.36 -38.24 23.46
N SER M 855 29.21 -37.87 24.02
CA SER M 855 28.01 -37.57 23.24
C SER M 855 27.40 -36.25 23.69
N LYS M 856 28.24 -35.27 23.98
CA LYS M 856 27.78 -33.95 24.38
C LYS M 856 28.36 -32.83 23.53
N GLY M 857 29.61 -32.96 23.09
CA GLY M 857 30.27 -31.92 22.31
C GLY M 857 31.33 -32.50 21.43
N GLU M 858 32.47 -31.81 21.34
CA GLU M 858 33.57 -32.21 20.47
C GLU M 858 34.85 -32.30 21.28
N ASN M 859 35.74 -33.18 20.84
CA ASN M 859 37.02 -33.41 21.51
C ASN M 859 36.81 -33.76 22.98
N HIS M 860 35.80 -34.57 23.25
CA HIS M 860 35.48 -35.03 24.60
C HIS M 860 35.47 -36.55 24.64
N LEU M 861 35.83 -37.09 25.80
CA LEU M 861 35.87 -38.53 26.01
C LEU M 861 35.17 -38.85 27.32
N THR M 862 34.62 -40.06 27.39
CA THR M 862 33.95 -40.55 28.59
C THR M 862 34.63 -41.83 29.05
N VAL M 863 35.07 -41.86 30.30
CA VAL M 863 35.71 -43.03 30.90
C VAL M 863 34.69 -43.73 31.80
N THR M 864 34.47 -45.01 31.55
CA THR M 864 33.53 -45.82 32.31
C THR M 864 34.28 -46.97 32.94
N TRP M 865 34.21 -47.07 34.27
CA TRP M 865 34.85 -48.14 35.02
C TRP M 865 33.80 -48.90 35.81
N LYS M 866 33.94 -50.23 35.86
CA LYS M 866 32.98 -51.05 36.57
C LYS M 866 32.99 -50.71 38.05
N VAL M 867 31.82 -50.40 38.59
CA VAL M 867 31.68 -50.02 39.99
C VAL M 867 31.05 -51.17 40.75
N SER M 868 29.86 -51.58 40.33
CA SER M 868 29.12 -52.66 40.97
C SER M 868 28.25 -53.33 39.92
N ASP M 869 27.33 -54.18 40.37
CA ASP M 869 26.42 -54.89 39.48
C ASP M 869 25.30 -53.94 39.06
N GLY M 870 25.46 -53.33 37.88
CA GLY M 870 24.48 -52.40 37.35
C GLY M 870 24.78 -50.94 37.59
N ILE M 871 25.73 -50.63 38.48
CA ILE M 871 26.12 -49.26 38.77
C ILE M 871 27.39 -48.95 38.00
N TYR M 872 27.36 -47.87 37.21
CA TYR M 872 28.51 -47.47 36.41
C TYR M 872 28.65 -45.96 36.46
N GLN M 873 29.88 -45.47 36.70
CA GLN M 873 30.16 -44.05 36.73
C GLN M 873 30.69 -43.63 35.37
N HIS M 874 29.98 -42.72 34.70
CA HIS M 874 30.37 -42.21 33.38
C HIS M 874 31.07 -40.88 33.59
N VAL M 875 32.38 -40.94 33.82
CA VAL M 875 33.19 -39.74 34.02
C VAL M 875 33.26 -38.99 32.70
N ASP M 876 32.54 -37.86 32.62
CA ASP M 876 32.53 -37.05 31.40
C ASP M 876 33.65 -36.03 31.51
N VAL M 877 34.82 -36.40 30.97
CA VAL M 877 35.99 -35.54 31.01
C VAL M 877 35.81 -34.44 29.98
N ARG M 878 35.93 -33.18 30.42
CA ARG M 878 35.78 -32.04 29.53
C ARG M 878 37.09 -31.77 28.79
N ALA M 879 31.27 -34.92 37.56
CA ALA M 879 32.54 -35.58 37.31
C ALA M 879 33.41 -34.72 36.41
N THR M 880 33.50 -33.43 36.72
CA THR M 880 34.28 -32.48 35.93
C THR M 880 35.76 -32.69 36.26
N LEU M 881 36.38 -33.61 35.53
CA LEU M 881 37.80 -33.91 35.69
C LEU M 881 38.60 -33.00 34.77
N TRP M 882 39.25 -31.98 35.34
CA TRP M 882 40.02 -31.03 34.55
C TRP M 882 41.41 -31.61 34.27
N ILE M 883 41.78 -31.63 32.98
CA ILE M 883 43.07 -32.15 32.54
C ILE M 883 43.59 -31.29 31.40
N ASN M 884 44.84 -31.55 31.00
CA ASN M 884 45.49 -30.79 29.94
C ASN M 884 45.24 -31.47 28.59
N SER M 885 45.86 -30.94 27.54
CA SER M 885 45.67 -31.45 26.18
C SER M 885 46.74 -32.45 25.76
N GLU M 886 47.92 -32.41 26.37
CA GLU M 886 48.97 -33.34 26.00
C GLU M 886 48.59 -34.78 26.32
N GLU M 887 47.70 -35.00 27.28
CA GLU M 887 47.29 -36.35 27.64
C GLU M 887 46.53 -37.04 26.51
N PHE M 888 46.05 -36.29 25.52
CA PHE M 888 45.30 -36.91 24.42
C PHE M 888 46.17 -37.88 23.63
N GLU M 889 47.44 -37.53 23.43
CA GLU M 889 48.33 -38.40 22.65
C GLU M 889 48.47 -39.77 23.31
N ASP M 890 48.67 -39.79 24.63
CA ASP M 890 48.83 -41.01 25.40
C ASP M 890 47.74 -41.09 26.46
N LEU M 891 46.88 -42.11 26.38
CA LEU M 891 45.77 -42.28 27.30
C LEU M 891 46.01 -43.45 28.26
N ASP M 892 47.26 -43.84 28.48
CA ASP M 892 47.59 -44.97 29.32
C ASP M 892 47.82 -44.60 30.78
N GLU M 893 47.70 -43.31 31.13
CA GLU M 893 47.97 -42.85 32.49
C GLU M 893 46.79 -42.18 33.17
N ILE M 894 45.79 -41.71 32.41
CA ILE M 894 44.63 -41.08 33.00
C ILE M 894 43.87 -42.08 33.87
N VAL M 895 43.65 -43.27 33.34
CA VAL M 895 42.95 -44.31 34.08
C VAL M 895 43.83 -44.82 35.23
N ALA M 896 45.12 -44.97 34.97
CA ALA M 896 46.06 -45.42 35.99
C ALA M 896 46.30 -44.38 37.07
N ARG M 897 45.89 -43.12 36.85
CA ARG M 897 46.12 -42.06 37.82
C ARG M 897 44.86 -41.61 38.53
N TYR M 898 43.68 -41.82 37.94
CA TYR M 898 42.43 -41.37 38.55
C TYR M 898 41.36 -42.44 38.61
N VAL M 899 41.53 -43.59 37.95
CA VAL M 899 40.53 -44.64 37.93
C VAL M 899 41.00 -45.88 38.69
N GLN M 900 42.24 -46.31 38.47
CA GLN M 900 42.71 -47.52 39.15
C GLN M 900 42.67 -47.39 40.66
N PRO M 901 43.24 -46.34 41.28
CA PRO M 901 43.09 -46.22 42.75
C PRO M 901 41.64 -46.04 43.18
N MET M 902 40.87 -45.25 42.44
CA MET M 902 39.46 -45.08 42.78
C MET M 902 38.70 -46.40 42.64
N ALA M 903 39.01 -47.18 41.60
CA ALA M 903 38.37 -48.48 41.44
C ALA M 903 38.74 -49.41 42.57
N SER M 904 40.02 -49.43 42.97
CA SER M 904 40.44 -50.28 44.07
C SER M 904 39.73 -49.88 45.37
N PHE M 905 39.62 -48.57 45.62
CA PHE M 905 38.90 -48.12 46.81
C PHE M 905 37.44 -48.54 46.76
N ALA M 906 36.79 -48.40 45.59
CA ALA M 906 35.40 -48.79 45.47
C ALA M 906 35.23 -50.30 45.70
N ARG M 907 36.13 -51.11 45.13
CA ARG M 907 36.04 -52.54 45.32
C ARG M 907 36.25 -52.94 46.77
N ASP M 908 37.03 -52.15 47.52
CA ASP M 908 37.27 -52.47 48.92
C ASP M 908 35.97 -52.52 49.72
N LEU M 909 35.02 -51.65 49.38
CA LEU M 909 33.72 -51.66 50.05
C LEU M 909 32.86 -52.83 49.59
N LEU M 910 33.09 -53.35 48.38
CA LEU M 910 32.28 -54.46 47.90
C LEU M 910 32.46 -55.69 48.78
N ASN M 911 33.68 -55.97 49.23
CA ASN M 911 33.96 -57.09 50.11
C ASN M 911 33.68 -56.78 51.57
N HIS M 912 32.96 -55.70 51.86
CA HIS M 912 32.66 -55.34 53.24
C HIS M 912 31.77 -56.40 53.88
N LYS M 913 31.97 -56.60 55.19
CA LYS M 913 31.22 -57.63 55.90
C LYS M 913 29.72 -57.39 55.81
N TYR M 914 29.29 -56.15 56.10
CA TYR M 914 27.88 -55.79 56.05
C TYR M 914 27.63 -55.03 54.75
N TYR M 915 27.43 -55.79 53.68
CA TYR M 915 27.18 -55.24 52.35
C TYR M 915 25.91 -55.82 51.78
N GLN M 916 25.20 -55.01 51.00
CA GLN M 916 23.93 -55.42 50.41
C GLN M 916 23.69 -54.58 49.16
N ASP M 917 22.74 -55.04 48.35
CA ASP M 917 22.34 -54.33 47.13
C ASP M 917 20.91 -53.84 47.21
N CYS M 918 19.97 -54.71 47.57
CA CYS M 918 18.57 -54.33 47.70
C CYS M 918 18.05 -53.72 46.40
N SER M 919 18.29 -54.43 45.29
CA SER M 919 17.80 -54.02 43.98
C SER M 919 18.30 -52.62 43.61
N GLY M 920 19.62 -52.50 43.55
CA GLY M 920 20.25 -51.24 43.22
C GLY M 920 20.29 -50.23 44.34
N GLY M 921 19.86 -50.61 45.55
CA GLY M 921 19.87 -49.69 46.67
C GLY M 921 18.85 -48.57 46.52
N ASP M 922 17.57 -48.92 46.49
CA ASP M 922 16.52 -47.92 46.36
C ASP M 922 16.21 -47.30 47.72
N ARG M 923 15.87 -46.02 47.70
CA ARG M 923 15.59 -45.29 48.94
C ARG M 923 14.38 -45.87 49.67
N LYS M 924 13.42 -46.44 48.94
CA LYS M 924 12.23 -46.98 49.57
C LYS M 924 12.50 -48.33 50.24
N LYS M 925 13.45 -49.11 49.72
CA LYS M 925 13.71 -50.44 50.24
C LYS M 925 14.81 -50.47 51.28
N LEU M 926 15.71 -49.49 51.29
CA LEU M 926 16.79 -49.44 52.27
C LEU M 926 16.35 -48.86 53.61
N GLU M 927 15.18 -48.22 53.67
CA GLU M 927 14.69 -47.65 54.92
C GLU M 927 13.98 -48.69 55.78
N GLU M 928 13.20 -49.57 55.16
CA GLU M 928 12.47 -50.58 55.94
C GLU M 928 13.42 -51.58 56.59
N LEU M 929 14.56 -51.85 55.96
CA LEU M 929 15.50 -52.83 56.53
C LEU M 929 16.00 -52.38 57.89
N LEU M 930 16.29 -51.08 58.04
CA LEU M 930 16.80 -50.57 59.30
C LEU M 930 15.79 -50.78 60.43
N ILE M 931 14.52 -50.50 60.18
CA ILE M 931 13.50 -50.67 61.23
C ILE M 931 13.21 -52.15 61.46
N LYS M 932 13.36 -52.98 60.43
CA LYS M 932 13.09 -54.40 60.57
C LYS M 932 14.24 -55.15 61.24
N THR M 933 15.45 -54.60 61.25
CA THR M 933 16.58 -55.26 61.89
C THR M 933 16.82 -54.78 63.31
N LYS M 934 16.34 -53.59 63.67
CA LYS M 934 16.55 -53.07 65.02
C LYS M 934 15.73 -53.83 66.05
N LYS M 935 14.57 -54.36 65.66
CA LYS M 935 13.73 -55.09 66.60
C LYS M 935 14.43 -56.34 67.12
N GLU M 936 15.16 -57.03 66.25
CA GLU M 936 15.85 -58.24 66.67
C GLU M 936 16.98 -57.98 67.66
N LYS M 937 17.49 -56.76 67.70
CA LYS M 937 18.58 -56.40 68.61
C LYS M 937 18.49 -54.93 68.95
N PRO M 938 17.56 -54.55 69.83
CA PRO M 938 17.44 -53.13 70.20
C PRO M 938 18.71 -52.55 70.80
N THR M 939 19.50 -53.37 71.52
CA THR M 939 20.73 -52.85 72.13
C THR M 939 21.78 -52.57 71.07
N PHE M 940 22.22 -53.61 70.35
CA PHE M 940 23.23 -53.44 69.32
C PHE M 940 22.62 -52.76 68.10
N ILE M 941 23.33 -51.77 67.57
CA ILE M 941 22.87 -51.01 66.41
C ILE M 941 23.81 -51.28 65.25
N PRO M 942 23.53 -52.28 64.39
CA PRO M 942 24.42 -52.54 63.24
C PRO M 942 24.31 -51.47 62.16
N TYR M 943 25.14 -51.58 61.13
CA TYR M 943 25.16 -50.62 60.04
C TYR M 943 25.34 -51.37 58.72
N PHE M 944 24.94 -50.70 57.63
CA PHE M 944 25.06 -51.27 56.30
C PHE M 944 25.56 -50.20 55.33
N ILE M 945 26.09 -50.67 54.20
CA ILE M 945 26.64 -49.80 53.17
C ILE M 945 26.09 -50.25 51.83
N CYS M 946 25.69 -49.29 50.99
CA CYS M 946 25.16 -49.59 49.68
C CYS M 946 25.45 -48.41 48.74
N ALA M 947 25.32 -48.66 47.45
CA ALA M 947 25.55 -47.66 46.41
C ALA M 947 24.25 -47.46 45.63
N CYS M 948 23.93 -46.20 45.35
CA CYS M 948 22.72 -45.89 44.59
C CYS M 948 22.94 -46.21 43.11
N LYS M 949 21.83 -46.27 42.38
CA LYS M 949 21.84 -46.57 40.95
C LYS M 949 21.57 -45.37 40.07
N GLU M 950 20.73 -44.43 40.53
CA GLU M 950 20.43 -43.25 39.73
C GLU M 950 21.58 -42.25 39.74
N LEU M 951 22.37 -42.24 40.82
CA LEU M 951 23.49 -41.31 40.98
C LEU M 951 24.73 -42.12 41.35
N PRO M 952 25.38 -42.74 40.37
CA PRO M 952 26.57 -43.55 40.66
C PRO M 952 27.66 -42.73 41.32
N GLY M 953 28.42 -43.38 42.19
CA GLY M 953 29.52 -42.73 42.90
C GLY M 953 29.13 -42.06 44.19
N LYS M 954 27.97 -42.40 44.75
CA LYS M 954 27.52 -41.82 46.03
C LYS M 954 27.02 -42.97 46.89
N PHE M 955 27.88 -43.45 47.79
CA PHE M 955 27.51 -44.53 48.70
C PHE M 955 26.59 -44.03 49.81
N LEU M 956 25.74 -44.94 50.28
CA LEU M 956 24.77 -44.64 51.34
C LEU M 956 25.19 -45.38 52.61
N LEU M 957 25.51 -44.62 53.65
CA LEU M 957 25.93 -45.19 54.94
C LEU M 957 24.90 -44.77 55.99
N GLY M 958 23.92 -45.64 56.24
CA GLY M 958 22.84 -45.35 57.15
C GLY M 958 23.03 -45.97 58.52
N TYR M 959 22.35 -45.41 59.50
CA TYR M 959 22.40 -45.90 60.88
C TYR M 959 21.15 -45.41 61.60
N GLN M 960 20.90 -45.98 62.77
CA GLN M 960 19.67 -45.73 63.54
C GLN M 960 20.06 -45.30 64.96
N PRO M 961 20.37 -44.02 65.16
CA PRO M 961 20.62 -43.54 66.52
C PRO M 961 19.42 -43.76 67.44
N ARG M 962 18.22 -43.65 66.91
CA ARG M 962 17.00 -43.88 67.68
C ARG M 962 15.96 -44.42 66.70
N GLY M 963 14.69 -44.43 67.12
CA GLY M 963 13.62 -44.90 66.26
C GLY M 963 13.25 -43.92 65.17
N LYS M 964 14.26 -43.33 64.53
CA LYS M 964 14.08 -42.39 63.45
C LYS M 964 15.21 -42.59 62.43
N PRO M 965 14.90 -42.90 61.18
CA PRO M 965 15.97 -43.20 60.21
C PRO M 965 16.74 -41.95 59.83
N ARG M 966 17.97 -42.17 59.36
CA ARG M 966 18.81 -41.08 58.89
C ARG M 966 19.73 -41.62 57.79
N ILE M 967 20.07 -40.76 56.84
CA ILE M 967 20.86 -41.11 55.66
C ILE M 967 22.02 -40.14 55.54
N GLU M 968 23.20 -40.68 55.23
CA GLU M 968 24.40 -39.86 55.00
C GLU M 968 25.14 -40.40 53.79
N TYR M 969 25.31 -39.55 52.78
CA TYR M 969 26.04 -39.94 51.58
C TYR M 969 27.54 -39.75 51.79
N VAL M 970 28.32 -40.31 50.85
CA VAL M 970 29.77 -40.17 50.87
C VAL M 970 30.27 -40.34 49.45
N THR M 971 31.28 -39.56 49.09
CA THR M 971 31.85 -39.58 47.74
C THR M 971 33.23 -40.22 47.76
N VAL M 972 33.56 -40.92 46.67
CA VAL M 972 34.84 -41.60 46.52
C VAL M 972 35.68 -40.77 45.55
N THR M 973 36.64 -40.03 46.08
CA THR M 973 37.52 -39.22 45.25
C THR M 973 38.65 -40.06 44.69
N PRO M 974 39.33 -39.58 43.64
CA PRO M 974 40.45 -40.36 43.09
C PRO M 974 41.53 -40.67 44.11
N GLU M 975 41.86 -39.69 44.97
CA GLU M 975 42.87 -39.92 45.99
C GLU M 975 42.33 -40.76 47.15
N GLY M 976 41.04 -40.66 47.42
CA GLY M 976 40.44 -41.34 48.55
C GLY M 976 38.95 -41.11 48.62
N PHE M 977 38.44 -40.84 49.82
CA PHE M 977 37.03 -40.60 50.03
C PHE M 977 36.82 -39.16 50.50
N ARG M 978 35.55 -38.74 50.53
CA ARG M 978 35.17 -37.41 50.98
C ARG M 978 33.99 -37.59 51.94
N TYR M 979 34.30 -37.75 53.23
CA TYR M 979 33.31 -37.94 54.27
C TYR M 979 33.38 -36.76 55.23
N ARG M 980 32.27 -36.05 55.40
CA ARG M 980 32.20 -34.87 56.26
C ARG M 980 33.16 -33.78 55.82
N GLY M 981 33.65 -33.85 54.58
CA GLY M 981 34.57 -32.87 54.04
C GLY M 981 36.04 -33.28 54.12
N GLN M 982 36.37 -34.23 54.98
CA GLN M 982 37.75 -34.69 55.11
C GLN M 982 38.07 -35.73 54.05
N ILE M 983 39.36 -35.83 53.70
CA ILE M 983 39.85 -36.78 52.73
C ILE M 983 40.86 -37.70 53.43
N PHE M 984 40.61 -39.04 53.36
CA PHE M 984 41.48 -39.99 54.03
C PHE M 984 42.43 -40.64 53.04
N PRO M 985 43.66 -40.95 53.45
CA PRO M 985 44.59 -41.59 52.51
C PRO M 985 44.25 -43.04 52.21
N THR M 986 43.86 -43.80 53.22
CA THR M 986 43.54 -45.21 53.06
C THR M 986 42.05 -45.45 53.29
N VAL M 987 41.58 -46.62 52.83
CA VAL M 987 40.18 -46.95 52.95
C VAL M 987 39.80 -47.17 54.41
N ASN M 988 40.67 -47.87 55.17
CA ASN M 988 40.37 -48.16 56.57
C ASN M 988 40.31 -46.89 57.42
N GLY M 989 40.94 -45.81 56.97
CA GLY M 989 40.91 -44.58 57.76
C GLY M 989 39.51 -44.02 57.94
N LEU M 990 38.70 -44.09 56.88
CA LEU M 990 37.32 -43.61 56.98
C LEU M 990 36.55 -44.41 58.01
N PHE M 991 36.68 -45.74 57.99
CA PHE M 991 35.98 -46.56 58.97
C PHE M 991 36.47 -46.26 60.38
N ARG M 992 37.79 -46.14 60.57
CA ARG M 992 38.31 -45.87 61.90
C ARG M 992 37.81 -44.53 62.43
N TRP M 993 37.77 -43.51 61.56
CA TRP M 993 37.30 -42.21 61.98
C TRP M 993 35.78 -42.19 62.14
N PHE M 994 35.07 -43.02 61.41
CA PHE M 994 33.61 -43.04 61.51
C PHE M 994 33.13 -43.71 62.79
N LYS M 995 33.85 -44.71 63.27
CA LYS M 995 33.46 -45.44 64.48
C LYS M 995 33.78 -44.67 65.76
N ASP M 996 34.10 -43.38 65.67
CA ASP M 996 34.41 -42.59 66.85
C ASP M 996 33.78 -41.21 66.80
N HIS M 997 32.81 -40.98 65.91
CA HIS M 997 32.17 -39.68 65.76
C HIS M 997 30.66 -39.73 65.67
N TYR M 998 30.04 -40.90 65.59
CA TYR M 998 28.59 -41.01 65.49
C TYR M 998 27.91 -41.04 66.84
N GLN M 999 28.66 -40.95 67.94
CA GLN M 999 28.07 -40.96 69.27
C GLN M 999 27.49 -39.61 69.69
N ASP M 1000 27.82 -38.53 68.98
CA ASP M 1000 27.35 -37.21 69.36
C ASP M 1000 25.84 -37.11 69.14
N PRO M 1001 25.18 -36.19 69.86
CA PRO M 1001 23.72 -36.04 69.66
C PRO M 1001 23.34 -35.64 68.25
N VAL M 1002 24.22 -34.96 67.52
CA VAL M 1002 23.92 -34.48 66.18
C VAL M 1002 22.75 -33.50 66.24
N SER O 1 50.09 67.40 20.93
CA SER O 1 51.58 67.40 20.89
C SER O 1 52.13 65.99 20.71
N ASP O 2 51.67 65.07 21.57
CA ASP O 2 52.12 63.68 21.46
C ASP O 2 51.70 63.08 20.12
N ALA O 3 50.48 63.36 19.68
CA ALA O 3 50.03 62.85 18.39
C ALA O 3 50.88 63.41 17.25
N ASP O 4 51.22 64.70 17.31
CA ASP O 4 52.05 65.29 16.27
C ASP O 4 53.42 64.63 16.21
N ASP O 5 54.03 64.40 17.38
CA ASP O 5 55.31 63.72 17.42
C ASP O 5 55.19 62.30 16.88
N VAL O 6 54.10 61.61 17.21
CA VAL O 6 53.91 60.24 16.74
C VAL O 6 53.79 60.21 15.22
N VAL O 7 53.05 61.15 14.66
CA VAL O 7 52.89 61.22 13.20
C VAL O 7 54.22 61.55 12.53
N SER O 8 54.96 62.49 13.09
CA SER O 8 56.27 62.83 12.52
C SER O 8 57.21 61.63 12.58
N ALA O 9 57.24 60.93 13.70
CA ALA O 9 58.10 59.75 13.82
C ALA O 9 57.66 58.65 12.87
N MET O 10 56.35 58.51 12.67
CA MET O 10 55.85 57.53 11.71
C MET O 10 56.32 57.86 10.30
N ILE O 11 56.23 59.12 9.90
CA ILE O 11 56.70 59.50 8.57
C ILE O 11 58.20 59.25 8.46
N VAL O 12 58.94 59.60 9.50
CA VAL O 12 60.39 59.40 9.47
C VAL O 12 60.71 57.91 9.31
N LYS O 13 59.97 57.06 10.02
CA LYS O 13 60.20 55.62 9.91
C LYS O 13 59.84 55.11 8.52
N MET O 14 58.78 55.65 7.91
CA MET O 14 58.45 55.24 6.56
C MET O 14 59.56 55.62 5.58
N ASN O 15 60.07 56.84 5.70
CA ASN O 15 61.18 57.27 4.85
C ASN O 15 62.40 56.38 5.07
N GLU O 16 62.68 56.05 6.34
CA GLU O 16 63.81 55.19 6.66
C GLU O 16 63.62 53.79 6.08
N ALA O 17 62.39 53.27 6.12
CA ALA O 17 62.13 51.96 5.53
C ALA O 17 62.34 52.00 4.03
N ALA O 18 61.90 53.07 3.37
CA ALA O 18 62.14 53.20 1.93
C ALA O 18 63.64 53.21 1.64
N GLU O 19 64.40 53.99 2.41
CA GLU O 19 65.84 54.06 2.19
C GLU O 19 66.51 52.71 2.48
N GLU O 20 66.03 51.99 3.50
CA GLU O 20 66.56 50.68 3.81
C GLU O 20 66.26 49.69 2.69
N ASP O 21 65.08 49.80 2.09
CA ASP O 21 64.77 49.00 0.90
C ASP O 21 65.77 49.30 -0.21
N ARG O 22 66.05 50.58 -0.44
CA ARG O 22 67.01 50.93 -1.48
C ARG O 22 68.39 50.36 -1.19
N GLN O 23 68.83 50.47 0.07
CA GLN O 23 70.14 49.94 0.45
C GLN O 23 70.20 48.42 0.28
N LEU O 24 69.14 47.72 0.70
CA LEU O 24 69.14 46.27 0.59
C LEU O 24 69.09 45.82 -0.87
N ASN O 25 68.37 46.56 -1.71
CA ASN O 25 68.43 46.27 -3.15
C ASN O 25 69.82 46.54 -3.71
N ASN O 26 70.52 47.54 -3.16
CA ASN O 26 71.90 47.78 -3.58
C ASN O 26 72.78 46.58 -3.25
N GLN O 27 72.60 45.99 -2.08
CA GLN O 27 73.38 44.83 -1.65
C GLN O 27 72.77 43.51 -2.09
N LYS O 28 71.69 43.54 -2.86
CA LYS O 28 70.99 42.32 -3.30
C LYS O 28 70.51 41.53 -2.08
N LYS O 29 69.74 42.21 -1.24
CA LYS O 29 69.20 41.65 -0.02
C LYS O 29 67.70 41.90 0.00
N PRO O 30 66.93 41.10 0.75
CA PRO O 30 65.48 41.25 0.73
C PRO O 30 65.02 42.61 1.23
N ALA O 31 64.48 43.43 0.33
CA ALA O 31 63.99 44.77 0.67
C ALA O 31 62.52 44.68 1.03
N LEU O 32 62.26 44.22 2.26
CA LEU O 32 60.90 44.01 2.76
C LEU O 32 60.64 44.81 4.02
N LYS O 33 61.40 45.88 4.27
CA LYS O 33 61.15 46.71 5.45
C LYS O 33 59.76 47.33 5.38
N LYS O 34 59.35 47.77 4.20
CA LYS O 34 58.01 48.33 4.02
C LYS O 34 56.95 47.30 4.38
N LEU O 35 57.14 46.04 3.97
CA LEU O 35 56.14 45.02 4.25
C LEU O 35 56.02 44.75 5.75
N THR O 36 57.16 44.59 6.44
CA THR O 36 57.11 44.33 7.87
C THR O 36 56.56 45.53 8.64
N LEU O 37 56.71 46.74 8.10
CA LEU O 37 56.14 47.93 8.73
C LEU O 37 54.73 48.24 8.25
N LEU O 38 54.19 47.47 7.30
CA LEU O 38 52.88 47.75 6.71
C LEU O 38 51.81 47.84 7.78
N PRO O 39 51.65 46.82 8.64
CA PRO O 39 50.65 46.96 9.72
C PRO O 39 50.95 48.11 10.66
N ALA O 40 52.22 48.37 10.95
CA ALA O 40 52.57 49.47 11.85
C ALA O 40 52.14 50.81 11.27
N VAL O 41 52.41 51.03 9.99
CA VAL O 41 52.02 52.28 9.37
C VAL O 41 50.51 52.36 9.23
N VAL O 42 49.84 51.24 8.93
CA VAL O 42 48.39 51.25 8.78
C VAL O 42 47.73 51.60 10.11
N MET O 43 48.23 51.07 11.22
CA MET O 43 47.62 51.35 12.51
C MET O 43 47.62 52.83 12.85
N HIS O 44 48.51 53.61 12.25
CA HIS O 44 48.58 55.04 12.49
C HIS O 44 47.93 55.87 11.39
N LEU O 45 47.96 55.39 10.14
CA LEU O 45 47.37 56.14 9.04
C LEU O 45 45.84 56.17 9.12
N LYS O 46 45.24 55.25 9.85
CA LYS O 46 43.79 55.20 10.03
C LYS O 46 43.29 56.22 11.05
N LYS O 47 44.20 56.91 11.74
CA LYS O 47 43.83 57.96 12.70
C LYS O 47 43.35 59.17 11.92
N GLN O 48 42.08 59.15 11.52
CA GLN O 48 41.52 60.28 10.78
C GLN O 48 41.52 61.56 11.62
N ASP O 49 41.56 61.43 12.95
CA ASP O 49 41.60 62.60 13.81
C ASP O 49 42.86 63.43 13.58
N LEU O 50 43.94 62.80 13.12
CA LEU O 50 45.19 63.48 12.81
C LEU O 50 45.34 63.74 11.32
N LYS O 51 44.24 64.00 10.61
CA LYS O 51 44.32 64.23 9.17
C LYS O 51 45.20 65.44 8.86
N GLU O 52 45.05 66.52 9.62
CA GLU O 52 45.85 67.71 9.39
C GLU O 52 47.34 67.41 9.57
N THR O 53 47.68 66.68 10.64
CA THR O 53 49.08 66.36 10.89
C THR O 53 49.64 65.47 9.78
N PHE O 54 48.86 64.50 9.33
CA PHE O 54 49.33 63.61 8.27
C PHE O 54 49.51 64.36 6.95
N ILE O 55 48.62 65.30 6.66
CA ILE O 55 48.73 66.06 5.42
C ILE O 55 49.92 67.01 5.48
N ASP O 56 50.14 67.66 6.62
CA ASP O 56 51.22 68.63 6.75
C ASP O 56 52.59 67.96 6.84
N SER O 57 52.68 66.80 7.48
CA SER O 57 53.97 66.16 7.68
C SER O 57 54.57 65.69 6.37
N GLY O 58 53.75 65.37 5.38
CA GLY O 58 54.24 64.90 4.11
C GLY O 58 54.18 63.40 3.99
N VAL O 59 53.10 62.80 4.53
CA VAL O 59 52.88 61.38 4.37
C VAL O 59 52.69 61.03 2.91
N MET O 60 52.23 61.97 2.09
CA MET O 60 52.05 61.69 0.67
C MET O 60 53.39 61.34 0.04
N SER O 61 54.45 62.06 0.40
CA SER O 61 55.78 61.75 -0.11
C SER O 61 56.22 60.37 0.32
N ALA O 62 55.97 59.99 1.57
CA ALA O 62 56.34 58.66 2.04
C ALA O 62 55.59 57.57 1.27
N ILE O 63 54.29 57.78 1.05
CA ILE O 63 53.51 56.80 0.30
C ILE O 63 54.04 56.69 -1.12
N LYS O 64 54.37 57.84 -1.74
CA LYS O 64 54.95 57.81 -3.08
C LYS O 64 56.26 57.03 -3.10
N GLU O 65 57.12 57.27 -2.11
CA GLU O 65 58.40 56.56 -2.06
C GLU O 65 58.17 55.05 -1.94
N TRP O 66 57.22 54.65 -1.09
CA TRP O 66 56.91 53.24 -0.93
C TRP O 66 56.41 52.65 -2.24
N LEU O 67 55.52 53.36 -2.93
CA LEU O 67 55.00 52.88 -4.20
C LEU O 67 56.08 52.83 -5.29
N SER O 68 57.17 53.55 -5.11
CA SER O 68 58.25 53.55 -6.10
C SER O 68 59.05 52.26 -5.99
N PRO O 69 59.10 51.43 -7.02
CA PRO O 69 59.77 50.13 -6.91
C PRO O 69 61.29 50.27 -7.02
N LEU O 70 61.96 49.14 -6.89
CA LEU O 70 63.41 49.07 -6.98
C LEU O 70 63.85 49.13 -8.44
N PRO O 71 65.14 49.41 -8.68
CA PRO O 71 65.63 49.42 -10.08
C PRO O 71 65.45 48.10 -10.79
N ASP O 72 65.27 46.99 -10.05
CA ASP O 72 65.08 45.69 -10.66
C ASP O 72 63.78 45.60 -11.45
N ARG O 73 62.85 46.55 -11.28
CA ARG O 73 61.57 46.64 -11.96
C ARG O 73 60.53 45.71 -11.33
N SER O 74 60.88 44.98 -10.27
CA SER O 74 59.91 44.15 -9.58
C SER O 74 58.94 45.03 -8.79
N LEU O 75 57.78 44.46 -8.47
CA LEU O 75 56.73 45.15 -7.71
C LEU O 75 56.33 44.26 -6.53
N PRO O 76 57.24 43.99 -5.61
CA PRO O 76 56.90 43.14 -4.46
C PRO O 76 56.01 43.82 -3.44
N ALA O 77 55.75 45.12 -3.57
CA ALA O 77 54.95 45.86 -2.61
C ALA O 77 53.46 45.88 -2.97
N LEU O 78 52.99 44.91 -3.74
CA LEU O 78 51.59 44.86 -4.11
C LEU O 78 50.70 44.74 -2.87
N LYS O 79 51.10 43.88 -1.92
CA LYS O 79 50.35 43.77 -0.67
C LYS O 79 50.31 45.11 0.06
N ILE O 80 51.43 45.84 0.05
CA ILE O 80 51.48 47.15 0.68
C ILE O 80 50.57 48.13 -0.06
N ARG O 81 50.61 48.11 -1.39
CA ARG O 81 49.75 49.01 -2.16
C ARG O 81 48.28 48.74 -1.90
N GLU O 82 47.91 47.47 -1.69
CA GLU O 82 46.51 47.15 -1.45
C GLU O 82 45.95 47.98 -0.30
N GLU O 83 46.77 48.25 0.72
CA GLU O 83 46.35 49.06 1.84
C GLU O 83 46.63 50.54 1.64
N LEU O 84 47.74 50.88 0.98
CA LEU O 84 48.07 52.28 0.77
C LEU O 84 47.02 52.97 -0.09
N LEU O 85 46.56 52.30 -1.15
CA LEU O 85 45.56 52.91 -2.02
C LEU O 85 44.26 53.16 -1.25
N LYS O 86 43.82 52.20 -0.45
CA LYS O 86 42.62 52.40 0.35
C LYS O 86 42.82 53.54 1.34
N ILE O 87 43.99 53.62 1.96
CA ILE O 87 44.28 54.71 2.88
C ILE O 87 44.26 56.04 2.16
N LEU O 88 44.85 56.09 0.96
CA LEU O 88 44.86 57.33 0.19
C LEU O 88 43.44 57.79 -0.13
N GLN O 89 42.51 56.86 -0.31
CA GLN O 89 41.12 57.19 -0.59
C GLN O 89 40.40 57.80 0.60
N GLU O 90 40.99 57.76 1.79
CA GLU O 90 40.36 58.30 2.98
C GLU O 90 40.77 59.73 3.30
N LEU O 91 41.59 60.34 2.46
CA LEU O 91 42.03 61.72 2.71
C LEU O 91 40.84 62.67 2.52
N PRO O 92 40.48 63.47 3.54
CA PRO O 92 39.23 64.23 3.44
C PRO O 92 39.18 65.22 2.28
N SER O 93 40.07 66.21 2.28
CA SER O 93 40.08 67.25 1.25
C SER O 93 41.51 67.62 0.86
N VAL O 94 42.36 66.62 0.68
CA VAL O 94 43.76 66.89 0.35
C VAL O 94 43.82 67.76 -0.89
N SER O 95 44.56 68.86 -0.81
CA SER O 95 44.66 69.79 -1.92
C SER O 95 45.43 69.16 -3.08
N GLN O 96 45.05 69.56 -4.29
CA GLN O 96 45.71 69.01 -5.48
C GLN O 96 47.19 69.33 -5.51
N GLU O 97 47.58 70.48 -4.96
CA GLU O 97 49.00 70.84 -4.94
C GLU O 97 49.82 69.84 -4.15
N THR O 98 49.23 69.30 -3.08
CA THR O 98 49.93 68.30 -2.27
C THR O 98 50.26 67.07 -3.09
N LEU O 99 49.28 66.54 -3.83
CA LEU O 99 49.54 65.38 -4.68
C LEU O 99 50.52 65.75 -5.79
N LYS O 100 50.38 66.93 -6.37
CA LYS O 100 51.24 67.33 -7.49
C LYS O 100 52.70 67.38 -7.05
N HIS O 101 52.97 67.95 -5.87
CA HIS O 101 54.34 68.08 -5.40
C HIS O 101 54.88 66.75 -4.89
N SER O 102 54.12 66.07 -4.02
CA SER O 102 54.60 64.82 -3.46
C SER O 102 54.85 63.80 -4.55
N GLY O 103 54.12 63.89 -5.67
CA GLY O 103 54.27 62.95 -6.75
C GLY O 103 53.55 61.64 -6.58
N ILE O 104 52.72 61.51 -5.54
CA ILE O 104 51.98 60.27 -5.34
C ILE O 104 51.12 59.96 -6.55
N GLY O 105 50.53 61.00 -7.16
CA GLY O 105 49.73 60.78 -8.34
C GLY O 105 50.50 60.17 -9.49
N ARG O 106 51.75 60.62 -9.69
CA ARG O 106 52.57 60.06 -10.75
C ARG O 106 52.83 58.57 -10.49
N ALA O 107 53.15 58.22 -9.25
CA ALA O 107 53.36 56.81 -8.92
C ALA O 107 52.09 56.00 -9.14
N VAL O 108 50.94 56.55 -8.73
CA VAL O 108 49.68 55.84 -8.91
C VAL O 108 49.40 55.62 -10.39
N MET O 109 49.66 56.63 -11.22
CA MET O 109 49.48 56.49 -12.65
C MET O 109 50.40 55.42 -13.23
N TYR O 110 51.66 55.41 -12.80
CA TYR O 110 52.60 54.39 -13.30
C TYR O 110 52.14 53.00 -12.90
N LEU O 111 51.73 52.82 -11.64
CA LEU O 111 51.28 51.51 -11.18
C LEU O 111 49.99 51.11 -11.86
N TYR O 112 49.16 52.08 -12.25
CA TYR O 112 47.94 51.78 -12.98
C TYR O 112 48.25 51.31 -14.40
N LYS O 113 49.22 51.95 -15.05
CA LYS O 113 49.57 51.64 -16.42
C LYS O 113 50.58 50.51 -16.55
N HIS O 114 51.05 49.95 -15.44
CA HIS O 114 51.96 48.81 -15.51
C HIS O 114 51.19 47.57 -15.98
N PRO O 115 51.76 46.78 -16.91
CA PRO O 115 51.02 45.64 -17.45
C PRO O 115 51.00 44.44 -16.50
N LYS O 116 52.02 44.31 -15.67
CA LYS O 116 52.12 43.14 -14.80
C LYS O 116 51.10 43.14 -13.67
N GLU O 117 50.37 44.24 -13.47
CA GLU O 117 49.42 44.36 -12.38
C GLU O 117 48.03 43.91 -12.82
N SER O 118 47.27 43.40 -11.84
CA SER O 118 45.93 42.90 -12.10
C SER O 118 44.94 44.05 -12.11
N ARG O 119 43.65 43.73 -12.24
CA ARG O 119 42.61 44.75 -12.35
C ARG O 119 42.14 45.27 -10.99
N SER O 120 42.32 44.48 -9.92
CA SER O 120 41.86 44.93 -8.61
C SER O 120 42.63 46.15 -8.13
N ASN O 121 43.96 46.10 -8.19
CA ASN O 121 44.77 47.24 -7.78
C ASN O 121 44.58 48.41 -8.75
N LYS O 122 44.45 48.11 -10.04
CA LYS O 122 44.26 49.17 -11.03
C LYS O 122 42.93 49.90 -10.81
N ASP O 123 41.91 49.20 -10.30
CA ASP O 123 40.65 49.89 -10.03
C ASP O 123 40.85 50.99 -8.99
N MET O 124 41.50 50.66 -7.88
CA MET O 124 41.73 51.67 -6.84
C MET O 124 42.69 52.75 -7.34
N ALA O 125 43.68 52.37 -8.16
CA ALA O 125 44.56 53.39 -8.72
C ALA O 125 43.80 54.36 -9.60
N GLY O 126 42.91 53.86 -10.44
CA GLY O 126 42.10 54.73 -11.28
C GLY O 126 41.14 55.58 -10.47
N LYS O 127 40.57 55.02 -9.41
CA LYS O 127 39.72 55.81 -8.52
C LYS O 127 40.52 56.94 -7.88
N LEU O 128 41.74 56.66 -7.44
CA LEU O 128 42.59 57.70 -6.86
C LEU O 128 42.93 58.77 -7.90
N ILE O 129 43.24 58.35 -9.12
CA ILE O 129 43.54 59.32 -10.19
C ILE O 129 42.32 60.18 -10.47
N ASN O 130 41.13 59.57 -10.55
CA ASN O 130 39.93 60.30 -10.91
C ASN O 130 39.56 61.31 -9.83
N GLU O 131 39.53 60.87 -8.56
CA GLU O 131 39.16 61.77 -7.49
C GLU O 131 40.23 62.84 -7.25
N TRP O 132 41.49 62.56 -7.57
CA TRP O 132 42.57 63.52 -7.39
C TRP O 132 42.62 64.49 -8.56
N ARG Q 1 -109.17 -43.45 -7.55
CA ARG Q 1 -109.24 -42.08 -6.96
C ARG Q 1 -110.41 -42.01 -5.97
N GLY Q 2 -111.61 -41.78 -6.48
CA GLY Q 2 -112.80 -41.77 -5.65
C GLY Q 2 -113.87 -42.71 -6.16
N SER Q 3 -113.76 -43.11 -7.43
CA SER Q 3 -114.73 -44.01 -8.04
C SER Q 3 -114.00 -44.80 -9.12
N ILE Q 4 -113.59 -46.03 -8.77
CA ILE Q 4 -112.81 -46.87 -9.67
C ILE Q 4 -113.69 -48.01 -10.17
N GLU Q 5 -113.22 -48.64 -11.26
CA GLU Q 5 -113.97 -49.70 -11.91
C GLU Q 5 -113.55 -51.06 -11.37
N ILE Q 6 -114.53 -51.93 -11.17
CA ILE Q 6 -114.32 -53.28 -10.66
C ILE Q 6 -114.54 -54.26 -11.81
N PRO Q 7 -113.54 -55.04 -12.22
CA PRO Q 7 -113.75 -55.97 -13.34
C PRO Q 7 -114.83 -56.99 -13.05
N LEU Q 8 -115.56 -57.36 -14.10
CA LEU Q 8 -116.60 -58.38 -14.03
C LEU Q 8 -116.28 -59.50 -15.01
N ARG Q 9 -117.04 -60.60 -14.88
CA ARG Q 9 -116.84 -61.74 -15.78
C ARG Q 9 -117.21 -61.37 -17.21
N ASP Q 10 -118.29 -60.61 -17.39
CA ASP Q 10 -118.75 -60.19 -18.70
C ASP Q 10 -118.76 -58.67 -18.77
N THR Q 11 -118.21 -58.12 -19.85
CA THR Q 11 -118.13 -56.67 -20.05
C THR Q 11 -117.57 -55.98 -18.80
N ASP Q 12 -116.32 -56.31 -18.49
CA ASP Q 12 -115.69 -55.78 -17.28
C ASP Q 12 -115.53 -54.27 -17.38
N GLU Q 13 -115.29 -53.65 -16.23
CA GLU Q 13 -115.05 -52.22 -16.12
C GLU Q 13 -116.29 -51.42 -16.55
N VAL Q 14 -117.41 -51.73 -15.90
CA VAL Q 14 -118.68 -51.09 -16.23
C VAL Q 14 -119.38 -50.59 -14.96
N ILE Q 15 -118.92 -51.04 -13.80
CA ILE Q 15 -119.54 -50.71 -12.52
C ILE Q 15 -118.52 -49.99 -11.65
N GLU Q 16 -118.95 -48.88 -11.06
CA GLU Q 16 -118.12 -48.08 -10.16
C GLU Q 16 -118.91 -47.74 -8.91
N LEU Q 17 -118.22 -47.68 -7.77
CA LEU Q 17 -118.85 -47.36 -6.49
C LEU Q 17 -118.12 -46.21 -5.84
N ASP Q 18 -118.88 -45.27 -5.29
CA ASP Q 18 -118.31 -44.09 -4.65
C ASP Q 18 -117.70 -44.45 -3.30
N PHE Q 19 -116.54 -43.87 -3.01
CA PHE Q 19 -115.81 -44.12 -1.77
C PHE Q 19 -116.09 -43.09 -0.69
N ASP Q 20 -116.85 -42.03 -0.99
CA ASP Q 20 -117.13 -41.02 0.03
C ASP Q 20 -117.90 -41.61 1.19
N GLN Q 21 -118.89 -42.45 0.92
CA GLN Q 21 -119.65 -43.10 1.97
C GLN Q 21 -118.82 -44.22 2.60
N LEU Q 22 -119.31 -44.73 3.73
CA LEU Q 22 -118.60 -45.76 4.49
C LEU Q 22 -119.40 -47.06 4.43
N PRO Q 23 -119.05 -48.00 3.54
CA PRO Q 23 -119.77 -49.27 3.47
C PRO Q 23 -119.22 -50.26 4.49
N GLU Q 24 -119.77 -51.47 4.45
CA GLU Q 24 -119.35 -52.54 5.34
C GLU Q 24 -118.28 -53.38 4.64
N GLY Q 25 -117.17 -53.63 5.34
CA GLY Q 25 -116.06 -54.35 4.74
C GLY Q 25 -116.27 -55.84 4.60
N ASP Q 26 -117.30 -56.41 5.23
CA ASP Q 26 -117.54 -57.83 5.12
C ASP Q 26 -117.96 -58.21 3.70
N GLU Q 27 -118.80 -57.40 3.06
CA GLU Q 27 -119.28 -57.70 1.72
C GLU Q 27 -118.24 -57.42 0.64
N VAL Q 28 -117.20 -56.65 0.96
CA VAL Q 28 -116.17 -56.35 -0.03
C VAL Q 28 -115.48 -57.64 -0.47
N ILE Q 29 -115.17 -58.52 0.48
CA ILE Q 29 -114.51 -59.77 0.13
C ILE Q 29 -115.39 -60.60 -0.79
N SER Q 30 -116.68 -60.70 -0.46
CA SER Q 30 -117.59 -61.50 -1.27
C SER Q 30 -117.71 -60.94 -2.68
N ILE Q 31 -117.91 -59.63 -2.82
CA ILE Q 31 -118.06 -59.05 -4.14
C ILE Q 31 -116.78 -59.21 -4.95
N LEU Q 32 -115.63 -59.12 -4.28
CA LEU Q 32 -114.35 -59.26 -4.98
C LEU Q 32 -114.02 -60.71 -5.32
N LYS Q 33 -114.68 -61.68 -4.70
CA LYS Q 33 -114.37 -63.08 -4.94
C LYS Q 33 -115.40 -63.81 -5.79
N GLN Q 34 -116.62 -63.29 -5.91
CA GLN Q 34 -117.64 -63.92 -6.75
C GLN Q 34 -117.50 -63.56 -8.22
N GLU Q 35 -116.60 -62.63 -8.57
CA GLU Q 35 -116.40 -62.22 -9.95
C GLU Q 35 -114.97 -62.41 -10.43
N HIS Q 36 -114.07 -62.89 -9.57
CA HIS Q 36 -112.67 -63.15 -9.93
C HIS Q 36 -112.00 -61.89 -10.50
N THR Q 37 -111.91 -60.87 -9.66
CA THR Q 37 -111.16 -59.68 -10.02
C THR Q 37 -109.67 -59.91 -9.81
N GLN Q 38 -108.87 -59.14 -10.55
CA GLN Q 38 -107.42 -59.26 -10.43
C GLN Q 38 -106.97 -58.74 -9.07
N LEU Q 39 -105.77 -59.17 -8.67
CA LEU Q 39 -105.26 -58.88 -7.34
C LEU Q 39 -104.81 -57.43 -7.18
N HIS Q 40 -104.68 -56.67 -8.26
CA HIS Q 40 -104.24 -55.29 -8.14
C HIS Q 40 -105.34 -54.40 -7.58
N ILE Q 41 -106.60 -54.69 -7.93
CA ILE Q 41 -107.70 -53.89 -7.42
C ILE Q 41 -107.80 -54.02 -5.91
N TRP Q 42 -107.37 -55.15 -5.36
CA TRP Q 42 -107.38 -55.30 -3.90
C TRP Q 42 -106.49 -54.24 -3.24
N ILE Q 43 -105.25 -54.12 -3.68
CA ILE Q 43 -104.36 -53.13 -3.09
C ILE Q 43 -104.84 -51.72 -3.43
N ALA Q 44 -105.41 -51.54 -4.62
CA ALA Q 44 -105.93 -50.22 -4.99
C ALA Q 44 -107.01 -49.77 -4.02
N LEU Q 45 -108.02 -50.62 -3.80
CA LEU Q 45 -109.11 -50.25 -2.88
C LEU Q 45 -108.61 -50.19 -1.44
N ALA Q 46 -107.59 -50.99 -1.10
CA ALA Q 46 -106.98 -50.87 0.22
C ALA Q 46 -106.41 -49.48 0.43
N LEU Q 47 -105.67 -48.97 -0.56
CA LEU Q 47 -105.14 -47.63 -0.46
C LEU Q 47 -106.27 -46.59 -0.42
N GLU Q 48 -107.30 -46.78 -1.24
CA GLU Q 48 -108.42 -45.85 -1.22
C GLU Q 48 -109.05 -45.77 0.17
N TYR Q 49 -109.19 -46.92 0.83
CA TYR Q 49 -109.71 -46.94 2.19
C TYR Q 49 -108.79 -46.19 3.16
N TYR Q 50 -107.48 -46.38 3.02
CA TYR Q 50 -106.54 -45.79 3.97
C TYR Q 50 -106.43 -44.27 3.81
N LYS Q 51 -106.65 -43.76 2.60
CA LYS Q 51 -106.56 -42.32 2.38
C LYS Q 51 -107.67 -41.55 3.07
N GLN Q 52 -108.74 -42.21 3.50
CA GLN Q 52 -109.81 -41.53 4.22
C GLN Q 52 -109.52 -41.35 5.70
N GLY Q 53 -108.43 -41.92 6.20
CA GLY Q 53 -108.09 -41.81 7.61
C GLY Q 53 -108.65 -42.96 8.43
N LYS Q 54 -108.39 -44.19 7.98
CA LYS Q 54 -108.88 -45.40 8.64
C LYS Q 54 -107.75 -46.41 8.68
N THR Q 55 -107.27 -46.72 9.88
CA THR Q 55 -106.18 -47.68 10.05
C THR Q 55 -106.66 -49.11 10.28
N GLU Q 56 -107.98 -49.33 10.40
CA GLU Q 56 -108.53 -50.65 10.67
C GLU Q 56 -108.95 -51.39 9.41
N GLU Q 57 -109.77 -50.76 8.56
CA GLU Q 57 -110.23 -51.44 7.36
C GLU Q 57 -109.07 -51.80 6.45
N PHE Q 58 -108.08 -50.91 6.34
CA PHE Q 58 -106.93 -51.18 5.49
C PHE Q 58 -106.21 -52.44 5.90
N VAL Q 59 -106.16 -52.73 7.20
CA VAL Q 59 -105.44 -53.89 7.69
C VAL Q 59 -106.31 -55.15 7.73
N LYS Q 60 -107.62 -54.98 7.83
CA LYS Q 60 -108.52 -56.14 7.93
C LYS Q 60 -108.98 -56.65 6.57
N LEU Q 61 -109.15 -55.77 5.58
CA LEU Q 61 -109.57 -56.23 4.27
C LEU Q 61 -108.48 -57.05 3.58
N LEU Q 62 -107.21 -56.70 3.81
CA LEU Q 62 -106.10 -57.48 3.27
C LEU Q 62 -105.82 -58.73 4.09
N GLU Q 63 -106.39 -58.84 5.28
CA GLU Q 63 -106.20 -60.04 6.09
C GLU Q 63 -106.78 -61.27 5.40
N ALA Q 64 -107.96 -61.12 4.80
CA ALA Q 64 -108.62 -62.22 4.11
C ALA Q 64 -108.10 -62.41 2.68
N ALA Q 65 -107.19 -61.56 2.21
CA ALA Q 65 -106.63 -61.70 0.88
C ALA Q 65 -105.59 -62.81 0.79
N ARG Q 66 -105.19 -63.41 1.91
CA ARG Q 66 -104.22 -64.49 1.87
C ARG Q 66 -104.84 -65.78 1.33
N ILE Q 67 -106.12 -66.01 1.59
CA ILE Q 67 -106.77 -67.24 1.12
C ILE Q 67 -106.76 -67.28 -0.40
N ASP Q 68 -107.11 -66.17 -1.03
CA ASP Q 68 -107.20 -66.09 -2.49
C ASP Q 68 -105.91 -65.52 -3.08
N GLY Q 69 -104.82 -66.25 -2.85
CA GLY Q 69 -103.53 -65.84 -3.40
C GLY Q 69 -103.48 -65.96 -4.91
N ASN Q 70 -103.53 -67.21 -5.41
CA ASN Q 70 -103.46 -67.48 -6.84
C ASN Q 70 -104.47 -68.59 -7.13
N LEU Q 71 -105.71 -68.20 -7.44
CA LEU Q 71 -106.76 -69.15 -7.79
C LEU Q 71 -106.79 -69.39 -9.30
N ASP Q 72 -106.94 -68.31 -10.07
CA ASP Q 72 -106.93 -68.38 -11.53
C ASP Q 72 -106.30 -67.12 -12.11
N TYR Q 73 -105.35 -66.53 -11.40
CA TYR Q 73 -104.72 -65.27 -11.80
C TYR Q 73 -103.49 -65.46 -12.67
N ARG Q 74 -103.11 -66.70 -12.98
CA ARG Q 74 -102.00 -67.00 -13.88
C ARG Q 74 -100.70 -66.38 -13.37
N ASP Q 75 -100.23 -66.91 -12.25
CA ASP Q 75 -98.92 -66.60 -11.69
C ASP Q 75 -98.81 -65.12 -11.33
N HIS Q 76 -99.60 -64.73 -10.32
CA HIS Q 76 -99.57 -63.37 -9.81
C HIS Q 76 -99.07 -63.34 -8.36
N GLU Q 77 -98.02 -64.11 -8.07
CA GLU Q 77 -97.51 -64.19 -6.71
C GLU Q 77 -96.92 -62.86 -6.23
N LYS Q 78 -96.43 -62.02 -7.15
CA LYS Q 78 -95.79 -60.78 -6.73
C LYS Q 78 -96.78 -59.86 -6.04
N ASP Q 79 -97.98 -59.73 -6.60
CA ASP Q 79 -99.00 -58.91 -5.94
C ASP Q 79 -99.39 -59.50 -4.59
N GLN Q 80 -99.38 -60.83 -4.48
CA GLN Q 80 -99.70 -61.46 -3.20
C GLN Q 80 -98.65 -61.13 -2.15
N MET Q 81 -97.37 -61.21 -2.51
CA MET Q 81 -96.33 -60.85 -1.55
C MET Q 81 -96.43 -59.39 -1.17
N THR Q 82 -96.74 -58.52 -2.14
CA THR Q 82 -96.93 -57.11 -1.83
C THR Q 82 -98.07 -56.91 -0.84
N CYS Q 83 -99.18 -57.63 -1.04
CA CYS Q 83 -100.31 -57.53 -0.11
C CYS Q 83 -99.92 -58.00 1.28
N LEU Q 84 -99.22 -59.12 1.37
CA LEU Q 84 -98.86 -59.66 2.68
C LEU Q 84 -97.79 -58.83 3.39
N ASP Q 85 -96.99 -58.08 2.63
CA ASP Q 85 -96.06 -57.15 3.24
C ASP Q 85 -96.79 -56.13 4.11
N THR Q 86 -97.98 -55.72 3.68
CA THR Q 86 -98.77 -54.77 4.46
C THR Q 86 -99.13 -55.36 5.82
N LEU Q 87 -99.55 -56.62 5.86
CA LEU Q 87 -99.84 -57.25 7.14
C LEU Q 87 -98.57 -57.43 7.97
N ALA Q 88 -97.45 -57.70 7.30
CA ALA Q 88 -96.19 -57.86 8.02
C ALA Q 88 -95.70 -56.57 8.66
N ALA Q 89 -96.05 -55.41 8.08
CA ALA Q 89 -95.52 -54.13 8.56
C ALA Q 89 -96.52 -53.35 9.41
N TYR Q 90 -97.78 -53.24 8.97
CA TYR Q 90 -98.71 -52.39 9.70
C TYR Q 90 -99.11 -52.99 11.03
N TYR Q 91 -98.86 -54.28 11.26
CA TYR Q 91 -99.06 -54.86 12.59
C TYR Q 91 -98.09 -54.25 13.60
N VAL Q 92 -96.80 -54.20 13.24
CA VAL Q 92 -95.82 -53.56 14.12
C VAL Q 92 -96.07 -52.04 14.17
N GLN Q 93 -96.54 -51.45 13.06
CA GLN Q 93 -96.84 -50.01 13.08
C GLN Q 93 -97.96 -49.69 14.06
N GLN Q 94 -99.02 -50.50 14.07
CA GLN Q 94 -100.17 -50.24 14.94
C GLN Q 94 -99.99 -50.74 16.36
N ALA Q 95 -99.01 -51.61 16.61
CA ALA Q 95 -98.81 -52.13 17.95
C ALA Q 95 -98.41 -51.02 18.93
N ARG Q 96 -97.75 -49.97 18.42
CA ARG Q 96 -97.35 -48.86 19.28
C ARG Q 96 -98.57 -48.09 19.78
N LYS Q 97 -99.55 -47.84 18.90
CA LYS Q 97 -100.76 -47.12 19.29
C LYS Q 97 -101.87 -48.11 19.65
N GLU Q 98 -101.61 -48.87 20.71
CA GLU Q 98 -102.59 -49.83 21.20
C GLU Q 98 -103.74 -49.10 21.90
N LYS Q 99 -104.90 -49.75 21.91
CA LYS Q 99 -106.06 -49.21 22.58
C LYS Q 99 -106.12 -49.77 24.00
N ASN Q 100 -107.26 -49.57 24.67
CA ASN Q 100 -107.45 -50.05 26.04
C ASN Q 100 -107.96 -51.48 26.11
N LYS Q 101 -108.25 -52.10 24.97
CA LYS Q 101 -108.82 -53.45 24.93
C LYS Q 101 -107.88 -54.49 24.34
N ASP Q 102 -106.72 -54.09 23.81
CA ASP Q 102 -105.76 -55.00 23.23
C ASP Q 102 -104.38 -54.73 23.80
N ASN Q 103 -103.57 -55.79 23.87
CA ASN Q 103 -102.25 -55.73 24.48
C ASN Q 103 -101.17 -55.78 23.40
N LYS Q 104 -99.94 -55.47 23.81
CA LYS Q 104 -98.82 -55.46 22.86
C LYS Q 104 -98.65 -56.83 22.20
N LYS Q 105 -98.58 -57.88 23.01
CA LYS Q 105 -98.35 -59.22 22.47
C LYS Q 105 -99.45 -59.63 21.50
N ASP Q 106 -100.68 -59.16 21.72
CA ASP Q 106 -101.77 -59.52 20.81
C ASP Q 106 -101.45 -59.15 19.38
N LEU Q 107 -100.77 -58.01 19.16
CA LEU Q 107 -100.37 -57.62 17.82
C LEU Q 107 -98.97 -58.11 17.45
N ILE Q 108 -98.08 -58.26 18.44
CA ILE Q 108 -96.74 -58.76 18.15
C ILE Q 108 -96.80 -60.17 17.59
N THR Q 109 -97.65 -61.03 18.18
CA THR Q 109 -97.76 -62.40 17.70
C THR Q 109 -98.25 -62.46 16.26
N GLN Q 110 -99.28 -61.67 15.93
CA GLN Q 110 -99.77 -61.63 14.56
C GLN Q 110 -98.74 -61.07 13.60
N ALA Q 111 -97.97 -60.08 14.04
CA ALA Q 111 -96.90 -59.56 13.20
C ALA Q 111 -95.84 -60.61 12.93
N THR Q 112 -95.52 -61.41 13.94
CA THR Q 112 -94.47 -62.42 13.80
C THR Q 112 -94.95 -63.61 12.95
N LEU Q 113 -96.20 -64.02 13.10
CA LEU Q 113 -96.68 -65.23 12.45
C LEU Q 113 -96.61 -65.12 10.93
N LEU Q 114 -97.14 -64.03 10.38
CA LEU Q 114 -97.29 -63.91 8.94
C LEU Q 114 -96.03 -63.41 8.23
N TYR Q 115 -95.04 -62.92 8.96
CA TYR Q 115 -93.80 -62.49 8.31
C TYR Q 115 -93.09 -63.65 7.66
N THR Q 116 -93.06 -64.81 8.33
CA THR Q 116 -92.42 -65.99 7.76
C THR Q 116 -93.13 -66.41 6.48
N MET Q 117 -94.47 -66.40 6.48
CA MET Q 117 -95.20 -66.74 5.27
C MET Q 117 -94.95 -65.72 4.17
N ALA Q 118 -94.75 -64.45 4.55
CA ALA Q 118 -94.41 -63.44 3.55
C ALA Q 118 -93.07 -63.73 2.90
N ASP Q 119 -92.09 -64.16 3.69
CA ASP Q 119 -90.77 -64.45 3.16
C ASP Q 119 -90.72 -65.72 2.31
N LYS Q 120 -91.80 -66.51 2.31
CA LYS Q 120 -91.79 -67.78 1.55
C LYS Q 120 -91.59 -67.53 0.06
N ILE Q 121 -92.25 -66.52 -0.49
CA ILE Q 121 -92.22 -66.27 -1.93
C ILE Q 121 -91.03 -65.42 -2.32
N ILE Q 122 -90.83 -64.29 -1.64
CA ILE Q 122 -89.66 -63.44 -1.84
C ILE Q 122 -89.06 -63.14 -0.47
N MET Q 123 -87.74 -63.29 -0.36
CA MET Q 123 -87.04 -63.11 0.91
C MET Q 123 -86.03 -61.98 0.77
N TYR Q 124 -85.86 -61.21 1.85
CA TYR Q 124 -84.92 -60.10 1.89
C TYR Q 124 -85.23 -59.08 0.78
N ASP Q 125 -86.41 -58.50 0.88
CA ASP Q 125 -86.90 -57.50 -0.07
C ASP Q 125 -86.71 -56.11 0.54
N GLN Q 126 -87.25 -55.09 -0.15
CA GLN Q 126 -87.03 -53.70 0.27
C GLN Q 126 -87.70 -53.36 1.59
N ASN Q 127 -88.61 -54.20 2.08
CA ASN Q 127 -89.34 -53.91 3.32
C ASN Q 127 -89.26 -55.00 4.37
N HIS Q 128 -88.97 -56.25 4.01
CA HIS Q 128 -88.85 -57.30 5.03
C HIS Q 128 -87.72 -56.98 6.01
N LEU Q 129 -86.65 -56.35 5.54
CA LEU Q 129 -85.56 -55.97 6.43
C LEU Q 129 -86.03 -54.95 7.46
N LEU Q 130 -86.87 -54.01 7.03
CA LEU Q 130 -87.51 -53.11 7.98
C LEU Q 130 -88.34 -53.91 8.98
N GLY Q 131 -89.07 -54.91 8.50
CA GLY Q 131 -89.91 -55.71 9.39
C GLY Q 131 -89.10 -56.43 10.46
N ARG Q 132 -87.94 -56.97 10.09
CA ARG Q 132 -87.10 -57.63 11.08
C ARG Q 132 -86.42 -56.62 11.99
N ALA Q 133 -86.04 -55.46 11.45
CA ALA Q 133 -85.30 -54.47 12.23
C ALA Q 133 -86.18 -53.86 13.32
N CYS Q 134 -87.42 -53.50 12.99
CA CYS Q 134 -88.30 -52.82 13.95
C CYS Q 134 -88.75 -53.75 15.07
N PHE Q 135 -88.67 -55.06 14.87
CA PHE Q 135 -89.14 -55.98 15.90
C PHE Q 135 -88.36 -55.82 17.19
N CYS Q 136 -87.07 -55.48 17.10
CA CYS Q 136 -86.27 -55.29 18.30
C CYS Q 136 -86.73 -54.08 19.10
N LEU Q 137 -87.11 -53.00 18.41
CA LEU Q 137 -87.60 -51.81 19.11
C LEU Q 137 -88.82 -52.13 19.95
N LEU Q 138 -89.59 -53.14 19.57
CA LEU Q 138 -90.78 -53.51 20.32
C LEU Q 138 -90.43 -54.22 21.63
N GLU Q 139 -89.27 -54.84 21.70
CA GLU Q 139 -88.83 -55.54 22.90
C GLU Q 139 -87.76 -54.80 23.67
N GLY Q 140 -87.31 -53.65 23.19
CA GLY Q 140 -86.37 -52.83 23.92
C GLY Q 140 -85.03 -53.51 24.14
N ASP Q 141 -84.49 -54.14 23.10
CA ASP Q 141 -83.22 -54.82 23.21
C ASP Q 141 -82.75 -55.20 21.81
N LYS Q 142 -81.49 -55.63 21.71
CA LYS Q 142 -80.90 -56.02 20.43
C LYS Q 142 -80.82 -54.83 19.47
N MET Q 143 -80.25 -53.73 19.97
CA MET Q 143 -80.12 -52.53 19.13
C MET Q 143 -79.17 -52.75 17.97
N ASP Q 144 -78.04 -53.42 18.22
CA ASP Q 144 -77.04 -53.62 17.18
C ASP Q 144 -77.62 -54.45 16.03
N GLN Q 145 -78.39 -55.49 16.35
CA GLN Q 145 -79.03 -56.30 15.32
C GLN Q 145 -80.02 -55.46 14.52
N ALA Q 146 -80.80 -54.61 15.21
CA ALA Q 146 -81.77 -53.76 14.51
C ALA Q 146 -81.07 -52.80 13.56
N ASP Q 147 -79.93 -52.24 13.98
CA ASP Q 147 -79.17 -51.36 13.10
C ASP Q 147 -78.59 -52.12 11.92
N ALA Q 148 -78.05 -53.32 12.18
CA ALA Q 148 -77.42 -54.10 11.11
C ALA Q 148 -78.44 -54.50 10.05
N GLN Q 149 -79.63 -54.94 10.47
CA GLN Q 149 -80.65 -55.31 9.50
C GLN Q 149 -81.11 -54.10 8.70
N PHE Q 150 -81.14 -52.92 9.33
CA PHE Q 150 -81.54 -51.71 8.62
C PHE Q 150 -80.50 -51.30 7.59
N HIS Q 151 -79.22 -51.57 7.87
CA HIS Q 151 -78.17 -51.16 6.95
C HIS Q 151 -78.20 -51.97 5.66
N PHE Q 152 -78.88 -53.12 5.64
CA PHE Q 152 -78.95 -53.92 4.42
C PHE Q 152 -79.86 -53.30 3.37
N VAL Q 153 -80.81 -52.45 3.76
CA VAL Q 153 -81.68 -51.83 2.78
C VAL Q 153 -80.86 -50.99 1.81
N LEU Q 154 -79.80 -50.36 2.29
CA LEU Q 154 -78.96 -49.54 1.41
C LEU Q 154 -78.28 -50.39 0.34
N ASN Q 155 -77.83 -51.59 0.70
CA ASN Q 155 -77.10 -52.42 -0.25
C ASN Q 155 -78.00 -53.22 -1.18
N GLN Q 156 -79.31 -53.30 -0.92
CA GLN Q 156 -80.20 -54.00 -1.83
C GLN Q 156 -80.91 -53.04 -2.80
N SER Q 157 -81.77 -52.16 -2.27
CA SER Q 157 -82.49 -51.23 -3.14
C SER Q 157 -83.02 -50.04 -2.34
N PRO Q 158 -82.16 -49.08 -2.00
CA PRO Q 158 -82.62 -47.90 -1.24
C PRO Q 158 -83.31 -46.87 -2.13
N ASN Q 159 -84.58 -47.13 -2.44
CA ASN Q 159 -85.37 -46.25 -3.30
C ASN Q 159 -86.28 -45.34 -2.49
N ASN Q 160 -85.99 -45.15 -1.20
CA ASN Q 160 -86.83 -44.27 -0.39
C ASN Q 160 -86.00 -43.76 0.77
N ILE Q 161 -86.43 -42.63 1.32
CA ILE Q 161 -85.71 -41.98 2.41
C ILE Q 161 -85.98 -42.70 3.73
N PRO Q 162 -87.23 -43.06 4.04
CA PRO Q 162 -87.45 -43.85 5.26
C PRO Q 162 -86.69 -45.17 5.27
N ALA Q 163 -86.22 -45.64 4.12
CA ALA Q 163 -85.37 -46.83 4.09
C ALA Q 163 -84.08 -46.59 4.85
N LEU Q 164 -83.60 -45.34 4.88
CA LEU Q 164 -82.38 -44.98 5.59
C LEU Q 164 -82.62 -44.19 6.86
N LEU Q 165 -83.85 -43.73 7.12
CA LEU Q 165 -84.17 -43.09 8.39
C LEU Q 165 -84.21 -44.09 9.54
N GLY Q 166 -84.23 -45.40 9.23
CA GLY Q 166 -84.30 -46.41 10.27
C GLY Q 166 -83.06 -46.51 11.11
N LYS Q 167 -81.91 -46.04 10.60
CA LYS Q 167 -80.68 -46.07 11.38
C LYS Q 167 -80.61 -44.89 12.35
N ALA Q 168 -81.28 -43.78 12.04
CA ALA Q 168 -81.18 -42.60 12.88
C ALA Q 168 -81.82 -42.82 14.25
N CYS Q 169 -83.00 -43.46 14.29
CA CYS Q 169 -83.66 -43.67 15.57
C CYS Q 169 -82.87 -44.66 16.43
N ILE Q 170 -82.27 -45.68 15.81
CA ILE Q 170 -81.44 -46.61 16.58
C ILE Q 170 -80.22 -45.89 17.15
N SER Q 171 -79.60 -45.01 16.37
CA SER Q 171 -78.49 -44.23 16.88
C SER Q 171 -78.94 -43.34 18.04
N PHE Q 172 -80.12 -42.74 17.91
CA PHE Q 172 -80.67 -41.94 19.00
C PHE Q 172 -80.85 -42.77 20.26
N ASN Q 173 -81.30 -44.02 20.11
CA ASN Q 173 -81.46 -44.90 21.27
C ASN Q 173 -80.13 -45.13 21.98
N LYS Q 174 -79.02 -45.09 21.24
CA LYS Q 174 -77.70 -45.28 21.82
C LYS Q 174 -77.05 -43.98 22.24
N LYS Q 175 -77.85 -42.94 22.49
CA LYS Q 175 -77.33 -41.65 22.92
C LYS Q 175 -76.39 -41.05 21.88
N ASP Q 176 -76.60 -41.39 20.62
CA ASP Q 176 -75.74 -40.95 19.52
C ASP Q 176 -76.55 -39.95 18.69
N TYR Q 177 -76.41 -38.67 19.03
CA TYR Q 177 -77.13 -37.62 18.33
C TYR Q 177 -76.41 -37.13 17.08
N ARG Q 178 -75.07 -37.24 17.04
CA ARG Q 178 -74.33 -36.81 15.87
C ARG Q 178 -74.74 -37.61 14.63
N GLY Q 179 -74.68 -38.94 14.72
CA GLY Q 179 -75.11 -39.77 13.62
C GLY Q 179 -76.61 -39.67 13.36
N ALA Q 180 -77.39 -39.51 14.42
CA ALA Q 180 -78.83 -39.33 14.26
C ALA Q 180 -79.12 -38.12 13.38
N LEU Q 181 -78.52 -36.98 13.71
CA LEU Q 181 -78.69 -35.78 12.89
C LEU Q 181 -78.17 -35.99 11.49
N ALA Q 182 -76.99 -36.61 11.35
CA ALA Q 182 -76.42 -36.82 10.02
C ALA Q 182 -77.35 -37.66 9.15
N TYR Q 183 -78.11 -38.56 9.75
CA TYR Q 183 -79.07 -39.36 8.98
C TYR Q 183 -80.42 -38.68 8.82
N TYR Q 184 -80.75 -37.71 9.67
CA TYR Q 184 -82.02 -36.99 9.54
C TYR Q 184 -81.95 -35.83 8.56
N LYS Q 185 -80.75 -35.37 8.18
CA LYS Q 185 -80.65 -34.33 7.16
C LYS Q 185 -81.24 -34.82 5.85
N LYS Q 186 -81.06 -36.11 5.55
CA LYS Q 186 -81.60 -36.72 4.36
C LYS Q 186 -83.13 -36.76 4.34
N ALA Q 187 -83.78 -36.63 5.51
CA ALA Q 187 -85.23 -36.71 5.56
C ALA Q 187 -85.88 -35.51 4.89
N LEU Q 188 -85.16 -34.42 4.74
CA LEU Q 188 -85.72 -33.17 4.25
C LEU Q 188 -85.37 -32.86 2.81
N ARG Q 189 -84.20 -33.29 2.34
CA ARG Q 189 -83.82 -32.96 0.97
C ARG Q 189 -84.82 -33.52 -0.03
N THR Q 190 -85.23 -34.77 0.14
CA THR Q 190 -86.21 -35.36 -0.76
C THR Q 190 -87.64 -35.09 -0.33
N ASN Q 191 -87.88 -35.11 0.98
CA ASN Q 191 -89.21 -34.85 1.51
C ASN Q 191 -90.23 -35.72 0.79
N PRO Q 192 -90.22 -37.02 1.02
CA PRO Q 192 -91.24 -37.91 0.47
C PRO Q 192 -92.58 -37.67 1.15
N GLY Q 193 -93.56 -38.51 0.79
CA GLY Q 193 -94.85 -38.44 1.45
C GLY Q 193 -94.90 -39.22 2.73
N CYS Q 194 -95.23 -38.55 3.83
CA CYS Q 194 -95.45 -39.21 5.11
C CYS Q 194 -96.27 -38.29 6.01
N PRO Q 195 -97.39 -38.75 6.56
CA PRO Q 195 -98.23 -37.88 7.38
C PRO Q 195 -97.69 -37.63 8.78
N ALA Q 196 -96.55 -38.22 9.14
CA ALA Q 196 -95.98 -38.07 10.48
C ALA Q 196 -95.03 -36.89 10.59
N GLU Q 197 -94.90 -36.07 9.56
CA GLU Q 197 -94.05 -34.89 9.58
C GLU Q 197 -92.59 -35.28 9.90
N VAL Q 198 -92.01 -36.02 8.96
CA VAL Q 198 -90.67 -36.58 9.15
C VAL Q 198 -89.71 -35.54 9.71
N ARG Q 199 -89.93 -34.25 9.42
CA ARG Q 199 -89.10 -33.19 9.97
C ARG Q 199 -89.24 -33.07 11.48
N LEU Q 200 -90.28 -33.66 12.09
CA LEU Q 200 -90.44 -33.59 13.53
C LEU Q 200 -89.28 -34.29 14.24
N GLY Q 201 -88.87 -35.45 13.73
CA GLY Q 201 -87.72 -36.13 14.31
C GLY Q 201 -86.46 -35.31 14.24
N MET Q 202 -86.23 -34.64 13.10
CA MET Q 202 -85.08 -33.75 12.98
C MET Q 202 -85.16 -32.62 13.99
N GLY Q 203 -86.35 -32.03 14.15
CA GLY Q 203 -86.51 -30.98 15.15
C GLY Q 203 -86.23 -31.47 16.55
N HIS Q 204 -86.59 -32.72 16.84
CA HIS Q 204 -86.31 -33.29 18.15
C HIS Q 204 -84.81 -33.40 18.41
N CYS Q 205 -84.05 -33.86 17.40
CA CYS Q 205 -82.60 -33.94 17.57
C CYS Q 205 -81.98 -32.56 17.71
N PHE Q 206 -82.57 -31.55 17.07
CA PHE Q 206 -82.07 -30.19 17.22
C PHE Q 206 -82.24 -29.65 18.62
N VAL Q 207 -83.02 -30.34 19.46
CA VAL Q 207 -83.13 -29.92 20.85
C VAL Q 207 -81.77 -30.04 21.54
N LYS Q 208 -81.00 -31.08 21.21
CA LYS Q 208 -79.74 -31.33 21.89
C LYS Q 208 -78.61 -30.58 21.21
N LEU Q 209 -77.50 -30.45 21.94
CA LEU Q 209 -76.28 -29.80 21.47
C LEU Q 209 -76.47 -28.30 21.25
N ASN Q 210 -77.44 -27.68 21.94
CA ASN Q 210 -77.64 -26.24 21.90
C ASN Q 210 -77.92 -25.76 20.47
N LYS Q 211 -79.03 -26.25 19.91
CA LYS Q 211 -79.47 -25.89 18.57
C LYS Q 211 -80.93 -25.45 18.59
N LEU Q 212 -81.27 -24.62 19.58
CA LEU Q 212 -82.61 -24.09 19.72
C LEU Q 212 -83.06 -23.37 18.45
N GLU Q 213 -82.14 -22.64 17.82
CA GLU Q 213 -82.49 -21.85 16.64
C GLU Q 213 -82.92 -22.73 15.49
N LYS Q 214 -82.54 -24.00 15.50
CA LYS Q 214 -82.94 -24.95 14.49
C LYS Q 214 -84.19 -25.71 14.88
N ALA Q 215 -84.30 -26.08 16.16
CA ALA Q 215 -85.50 -26.73 16.65
C ALA Q 215 -86.73 -25.86 16.49
N ARG Q 216 -86.58 -24.56 16.79
CA ARG Q 216 -87.70 -23.64 16.63
C ARG Q 216 -88.19 -23.62 15.19
N LEU Q 217 -87.27 -23.48 14.24
CA LEU Q 217 -87.65 -23.42 12.84
C LEU Q 217 -88.27 -24.73 12.37
N ALA Q 218 -87.72 -25.87 12.82
CA ALA Q 218 -88.29 -27.15 12.44
C ALA Q 218 -89.72 -27.29 12.94
N PHE Q 219 -89.95 -26.94 14.20
CA PHE Q 219 -91.30 -27.01 14.75
C PHE Q 219 -92.22 -26.03 14.04
N SER Q 220 -91.70 -24.86 13.65
CA SER Q 220 -92.51 -23.89 12.92
C SER Q 220 -92.99 -24.47 11.59
N ARG Q 221 -92.07 -25.02 10.80
CA ARG Q 221 -92.48 -25.58 9.51
C ARG Q 221 -93.44 -26.74 9.72
N ALA Q 222 -93.19 -27.56 10.75
CA ALA Q 222 -94.08 -28.67 11.06
C ALA Q 222 -95.49 -28.17 11.33
N LEU Q 223 -95.63 -27.13 12.14
CA LEU Q 223 -96.96 -26.58 12.40
C LEU Q 223 -97.58 -26.01 11.15
N GLU Q 224 -96.79 -25.31 10.32
CA GLU Q 224 -97.34 -24.67 9.14
C GLU Q 224 -97.92 -25.69 8.17
N LEU Q 225 -97.18 -26.77 7.92
CA LEU Q 225 -97.68 -27.78 6.99
C LEU Q 225 -98.99 -28.38 7.49
N ASN Q 226 -99.07 -28.66 8.79
CA ASN Q 226 -100.25 -29.26 9.39
C ASN Q 226 -100.23 -28.89 10.87
N SER Q 227 -101.28 -28.21 11.33
CA SER Q 227 -101.38 -27.89 12.75
C SER Q 227 -101.94 -29.03 13.58
N LYS Q 228 -102.44 -30.10 12.95
CA LYS Q 228 -103.05 -31.20 13.70
C LYS Q 228 -102.04 -31.90 14.59
N CYS Q 229 -100.77 -31.96 14.18
CA CYS Q 229 -99.75 -32.58 15.00
C CYS Q 229 -99.58 -31.83 16.31
N VAL Q 230 -99.42 -32.59 17.40
CA VAL Q 230 -99.24 -31.97 18.72
C VAL Q 230 -97.78 -31.96 19.17
N GLY Q 231 -96.92 -32.82 18.61
CA GLY Q 231 -95.53 -32.85 19.04
C GLY Q 231 -94.76 -31.60 18.70
N ALA Q 232 -95.11 -30.93 17.59
CA ALA Q 232 -94.43 -29.70 17.20
C ALA Q 232 -94.89 -28.52 18.03
N LEU Q 233 -95.93 -28.69 18.84
CA LEU Q 233 -96.42 -27.65 19.74
C LEU Q 233 -95.95 -27.88 21.17
N VAL Q 234 -96.05 -29.11 21.66
CA VAL Q 234 -95.50 -29.41 22.97
C VAL Q 234 -93.98 -29.30 22.95
N GLY Q 235 -93.34 -29.51 21.79
CA GLY Q 235 -91.91 -29.29 21.74
C GLY Q 235 -91.56 -27.84 22.05
N LEU Q 236 -92.29 -26.90 21.45
CA LEU Q 236 -92.09 -25.49 21.77
C LEU Q 236 -92.50 -25.17 23.20
N ALA Q 237 -93.55 -25.82 23.70
CA ALA Q 237 -93.94 -25.64 25.10
C ALA Q 237 -92.78 -25.98 26.02
N VAL Q 238 -92.14 -27.13 25.79
CA VAL Q 238 -90.98 -27.53 26.58
C VAL Q 238 -89.84 -26.53 26.38
N LEU Q 239 -89.58 -26.14 25.13
CA LEU Q 239 -88.51 -25.19 24.84
C LEU Q 239 -88.70 -23.88 25.60
N GLU Q 240 -89.95 -23.53 25.92
CA GLU Q 240 -90.25 -22.27 26.58
C GLU Q 240 -90.59 -22.43 28.07
N LEU Q 241 -90.52 -23.64 28.61
CA LEU Q 241 -90.80 -23.81 30.04
C LEU Q 241 -89.75 -23.13 30.92
N ASN Q 242 -88.53 -22.93 30.41
CA ASN Q 242 -87.47 -22.41 31.25
C ASN Q 242 -87.71 -20.95 31.62
N ASN Q 243 -88.21 -20.15 30.69
CA ASN Q 243 -88.46 -18.74 30.98
C ASN Q 243 -89.78 -18.63 31.74
N LYS Q 244 -89.70 -18.52 33.06
CA LYS Q 244 -90.87 -18.44 33.92
C LYS Q 244 -91.26 -17.01 34.26
N GLU Q 245 -90.29 -16.10 34.28
CA GLU Q 245 -90.56 -14.70 34.53
C GLU Q 245 -90.96 -13.94 33.27
N ALA Q 246 -90.78 -14.55 32.10
CA ALA Q 246 -91.14 -13.94 30.83
C ALA Q 246 -91.86 -14.95 29.97
N ASP Q 247 -92.79 -14.45 29.15
CA ASP Q 247 -93.54 -15.28 28.21
C ASP Q 247 -94.29 -16.39 28.96
N SER Q 248 -95.17 -15.96 29.87
CA SER Q 248 -95.96 -16.88 30.69
C SER Q 248 -97.33 -17.16 30.09
N ILE Q 249 -97.99 -16.12 29.56
CA ILE Q 249 -99.32 -16.32 28.96
C ILE Q 249 -99.21 -17.29 27.79
N LYS Q 250 -98.17 -17.16 26.98
CA LYS Q 250 -98.00 -18.05 25.84
C LYS Q 250 -97.81 -19.50 26.30
N ASN Q 251 -96.88 -19.74 27.23
CA ASN Q 251 -96.61 -21.09 27.68
C ASN Q 251 -97.79 -21.70 28.43
N GLY Q 252 -98.67 -20.87 28.99
CA GLY Q 252 -99.79 -21.38 29.74
C GLY Q 252 -101.07 -21.52 28.93
N VAL Q 253 -101.13 -20.88 27.77
CA VAL Q 253 -102.34 -20.89 26.96
C VAL Q 253 -102.05 -21.42 25.57
N GLN Q 254 -101.21 -20.69 24.83
CA GLN Q 254 -100.96 -21.02 23.44
C GLN Q 254 -100.22 -22.34 23.27
N LEU Q 255 -99.41 -22.72 24.27
CA LEU Q 255 -98.63 -23.94 24.21
C LEU Q 255 -99.16 -25.04 25.12
N LEU Q 256 -100.13 -24.74 25.98
CA LEU Q 256 -100.74 -25.75 26.84
C LEU Q 256 -102.23 -25.90 26.59
N SER Q 257 -102.99 -24.80 26.58
CA SER Q 257 -104.42 -24.90 26.40
C SER Q 257 -104.77 -25.43 25.02
N ARG Q 258 -104.09 -24.94 23.98
CA ARG Q 258 -104.35 -25.44 22.63
C ARG Q 258 -103.99 -26.92 22.52
N ALA Q 259 -102.83 -27.31 23.05
CA ALA Q 259 -102.41 -28.71 22.96
C ALA Q 259 -103.39 -29.62 23.69
N TYR Q 260 -103.86 -29.19 24.87
CA TYR Q 260 -104.84 -29.97 25.60
C TYR Q 260 -106.17 -30.07 24.84
N THR Q 261 -106.64 -28.95 24.29
CA THR Q 261 -107.94 -28.95 23.63
C THR Q 261 -107.92 -29.78 22.35
N ILE Q 262 -106.82 -29.76 21.62
CA ILE Q 262 -106.72 -30.53 20.39
C ILE Q 262 -106.37 -31.99 20.64
N ASP Q 263 -105.87 -32.30 21.84
CA ASP Q 263 -105.46 -33.67 22.14
C ASP Q 263 -105.37 -33.87 23.65
N PRO Q 264 -106.49 -34.16 24.32
CA PRO Q 264 -106.47 -34.27 25.79
C PRO Q 264 -105.84 -35.54 26.33
N SER Q 265 -105.57 -36.53 25.50
CA SER Q 265 -105.07 -37.83 25.95
C SER Q 265 -103.55 -37.93 25.92
N ASN Q 266 -102.85 -36.79 26.01
CA ASN Q 266 -101.38 -36.78 25.91
C ASN Q 266 -100.81 -36.58 27.31
N PRO Q 267 -100.10 -37.56 27.88
CA PRO Q 267 -99.60 -37.37 29.25
C PRO Q 267 -98.61 -36.21 29.38
N MET Q 268 -97.87 -35.89 28.31
CA MET Q 268 -96.88 -34.82 28.39
C MET Q 268 -97.54 -33.47 28.68
N VAL Q 269 -98.53 -33.10 27.86
CA VAL Q 269 -99.20 -31.82 28.04
C VAL Q 269 -99.96 -31.79 29.36
N LEU Q 270 -100.52 -32.94 29.77
CA LEU Q 270 -101.21 -33.00 31.04
C LEU Q 270 -100.25 -32.72 32.19
N ASN Q 271 -99.08 -33.35 32.17
CA ASN Q 271 -98.10 -33.10 33.22
C ASN Q 271 -97.66 -31.63 33.23
N HIS Q 272 -97.45 -31.06 32.04
CA HIS Q 272 -97.02 -29.67 31.97
C HIS Q 272 -98.11 -28.74 32.50
N LEU Q 273 -99.36 -28.99 32.13
CA LEU Q 273 -100.45 -28.18 32.66
C LEU Q 273 -100.57 -28.34 34.16
N ALA Q 274 -100.40 -29.56 34.66
CA ALA Q 274 -100.49 -29.81 36.09
C ALA Q 274 -99.41 -29.03 36.84
N ASN Q 275 -98.16 -29.12 36.39
CA ASN Q 275 -97.09 -28.42 37.09
C ASN Q 275 -97.19 -26.92 36.89
N HIS Q 276 -97.81 -26.47 35.80
CA HIS Q 276 -98.08 -25.05 35.63
C HIS Q 276 -99.11 -24.57 36.66
N PHE Q 277 -100.17 -25.34 36.86
CA PHE Q 277 -101.18 -24.98 37.84
C PHE Q 277 -100.70 -25.13 39.28
N PHE Q 278 -99.69 -25.98 39.51
CA PHE Q 278 -99.15 -26.12 40.85
C PHE Q 278 -98.63 -24.80 41.38
N PHE Q 279 -97.98 -24.00 40.52
CA PHE Q 279 -97.48 -22.70 40.95
C PHE Q 279 -98.61 -21.69 41.13
N LYS Q 280 -99.68 -21.83 40.35
CA LYS Q 280 -100.84 -20.96 40.51
C LYS Q 280 -101.69 -21.35 41.71
N LYS Q 281 -101.26 -22.33 42.51
CA LYS Q 281 -101.96 -22.72 43.72
C LYS Q 281 -103.36 -23.25 43.41
N ASP Q 282 -103.42 -24.16 42.43
CA ASP Q 282 -104.66 -24.85 42.05
C ASP Q 282 -104.34 -26.33 42.01
N TYR Q 283 -104.46 -27.00 43.15
CA TYR Q 283 -104.12 -28.42 43.24
C TYR Q 283 -105.27 -29.34 42.82
N SER Q 284 -106.50 -28.82 42.80
CA SER Q 284 -107.64 -29.65 42.44
C SER Q 284 -107.44 -30.25 41.05
N LYS Q 285 -106.96 -29.46 40.10
CA LYS Q 285 -106.83 -29.95 38.73
C LYS Q 285 -105.51 -30.66 38.48
N VAL Q 286 -104.42 -30.28 39.16
CA VAL Q 286 -103.18 -31.01 39.00
C VAL Q 286 -103.37 -32.45 39.47
N GLN Q 287 -104.04 -32.63 40.61
CA GLN Q 287 -104.24 -33.98 41.12
C GLN Q 287 -105.09 -34.81 40.17
N HIS Q 288 -106.09 -34.19 39.54
CA HIS Q 288 -106.93 -34.91 38.59
C HIS Q 288 -106.17 -35.25 37.31
N LEU Q 289 -105.44 -34.27 36.77
CA LEU Q 289 -104.78 -34.47 35.49
C LEU Q 289 -103.62 -35.45 35.59
N ALA Q 290 -102.96 -35.53 36.75
CA ALA Q 290 -101.82 -36.43 36.88
C ALA Q 290 -102.24 -37.89 36.68
N LEU Q 291 -103.43 -38.24 37.16
CA LEU Q 291 -103.90 -39.62 37.04
C LEU Q 291 -104.05 -40.02 35.58
N HIS Q 292 -104.66 -39.14 34.78
CA HIS Q 292 -104.83 -39.40 33.36
C HIS Q 292 -103.52 -39.33 32.59
N ALA Q 293 -102.58 -38.50 33.03
CA ALA Q 293 -101.27 -38.47 32.39
C ALA Q 293 -100.41 -39.64 32.80
N PHE Q 294 -100.80 -40.36 33.85
CA PHE Q 294 -100.03 -41.48 34.37
C PHE Q 294 -100.52 -42.82 33.86
N HIS Q 295 -101.82 -43.00 33.71
CA HIS Q 295 -102.32 -44.32 33.34
C HIS Q 295 -102.09 -44.64 31.86
N ASN Q 296 -102.09 -43.63 31.01
CA ASN Q 296 -102.01 -43.86 29.57
C ASN Q 296 -100.59 -43.95 29.04
N THR Q 297 -99.59 -43.71 29.88
CA THR Q 297 -98.21 -43.84 29.45
C THR Q 297 -97.66 -45.22 29.78
N GLU Q 298 -96.73 -45.69 28.97
CA GLU Q 298 -96.10 -46.99 29.13
C GLU Q 298 -94.63 -46.90 29.51
N VAL Q 299 -93.88 -45.96 28.92
CA VAL Q 299 -92.47 -45.80 29.26
C VAL Q 299 -92.34 -45.20 30.65
N GLU Q 300 -91.26 -45.59 31.37
CA GLU Q 300 -91.05 -45.16 32.75
C GLU Q 300 -90.89 -43.66 32.89
N ALA Q 301 -90.47 -42.97 31.83
CA ALA Q 301 -90.06 -41.57 31.99
C ALA Q 301 -91.24 -40.73 32.44
N MET Q 302 -92.37 -40.87 31.74
CA MET Q 302 -93.52 -40.03 32.04
C MET Q 302 -94.22 -40.47 33.32
N GLN Q 303 -94.24 -41.77 33.60
CA GLN Q 303 -94.90 -42.23 34.81
C GLN Q 303 -94.13 -41.83 36.06
N ALA Q 304 -92.80 -41.87 35.99
CA ALA Q 304 -92.01 -41.39 37.13
C ALA Q 304 -92.34 -39.95 37.45
N GLU Q 305 -92.42 -39.10 36.42
CA GLU Q 305 -92.74 -37.68 36.62
C GLU Q 305 -94.18 -37.50 37.10
N SER Q 306 -95.10 -38.33 36.63
CA SER Q 306 -96.47 -38.25 37.12
C SER Q 306 -96.53 -38.59 38.61
N CYS Q 307 -95.82 -39.64 39.02
CA CYS Q 307 -95.75 -39.98 40.43
C CYS Q 307 -95.15 -38.85 41.23
N TYR Q 308 -94.09 -38.24 40.71
CA TYR Q 308 -93.48 -37.11 41.39
C TYR Q 308 -94.46 -35.96 41.54
N GLN Q 309 -95.24 -35.66 40.49
CA GLN Q 309 -96.17 -34.55 40.55
C GLN Q 309 -97.28 -34.80 41.58
N LEU Q 310 -97.80 -36.03 41.61
CA LEU Q 310 -98.81 -36.35 42.61
C LEU Q 310 -98.24 -36.24 44.03
N ALA Q 311 -97.04 -36.77 44.23
CA ALA Q 311 -96.41 -36.66 45.54
C ALA Q 311 -96.19 -35.20 45.92
N ARG Q 312 -95.79 -34.37 44.95
CA ARG Q 312 -95.62 -32.95 45.18
C ARG Q 312 -96.94 -32.32 45.61
N SER Q 313 -98.02 -32.67 44.91
CA SER Q 313 -99.33 -32.13 45.27
C SER Q 313 -99.70 -32.51 46.70
N PHE Q 314 -99.39 -33.74 47.09
CA PHE Q 314 -99.74 -34.19 48.43
C PHE Q 314 -98.79 -33.64 49.50
N HIS Q 315 -97.58 -33.23 49.12
CA HIS Q 315 -96.62 -32.77 50.12
C HIS Q 315 -97.04 -31.42 50.70
N VAL Q 316 -97.41 -30.46 49.85
CA VAL Q 316 -97.78 -29.13 50.33
C VAL Q 316 -99.06 -29.15 51.15
N GLN Q 317 -99.86 -30.21 51.04
CA GLN Q 317 -101.06 -30.36 51.83
C GLN Q 317 -100.81 -31.15 53.11
N GLU Q 318 -99.54 -31.30 53.50
CA GLU Q 318 -99.18 -32.09 54.66
C GLU Q 318 -99.75 -33.50 54.56
N ASP Q 319 -99.74 -34.02 53.33
CA ASP Q 319 -100.13 -35.40 53.04
C ASP Q 319 -98.87 -36.07 52.52
N TYR Q 320 -98.02 -36.52 53.45
CA TYR Q 320 -96.74 -37.11 53.10
C TYR Q 320 -96.80 -38.63 53.02
N ASP Q 321 -97.85 -39.25 53.57
CA ASP Q 321 -97.97 -40.70 53.49
C ASP Q 321 -98.06 -41.16 52.03
N GLN Q 322 -98.95 -40.53 51.26
CA GLN Q 322 -99.10 -40.88 49.85
C GLN Q 322 -97.95 -40.35 49.01
N ALA Q 323 -97.47 -39.15 49.33
CA ALA Q 323 -96.35 -38.59 48.61
C ALA Q 323 -95.12 -39.47 48.76
N PHE Q 324 -94.98 -40.18 49.88
CA PHE Q 324 -93.85 -41.07 50.07
C PHE Q 324 -93.89 -42.21 49.05
N GLN Q 325 -95.05 -42.86 48.92
CA GLN Q 325 -95.18 -43.92 47.93
C GLN Q 325 -95.00 -43.36 46.53
N TYR Q 326 -95.50 -42.16 46.28
CA TYR Q 326 -95.35 -41.58 44.94
C TYR Q 326 -93.89 -41.29 44.62
N TYR Q 327 -93.14 -40.76 45.57
CA TYR Q 327 -91.71 -40.52 45.36
C TYR Q 327 -90.97 -41.84 45.15
N TYR Q 328 -91.29 -42.85 45.96
CA TYR Q 328 -90.61 -44.13 45.79
C TYR Q 328 -90.93 -44.75 44.44
N GLN Q 329 -92.17 -44.62 43.99
CA GLN Q 329 -92.54 -45.09 42.66
C GLN Q 329 -91.80 -44.32 41.58
N ALA Q 330 -91.68 -43.00 41.75
CA ALA Q 330 -90.95 -42.20 40.78
C ALA Q 330 -89.51 -42.67 40.68
N THR Q 331 -88.86 -42.90 41.81
CA THR Q 331 -87.48 -43.38 41.80
C THR Q 331 -87.38 -44.78 41.20
N GLN Q 332 -88.28 -45.68 41.60
CA GLN Q 332 -88.21 -47.05 41.11
C GLN Q 332 -88.41 -47.11 39.60
N PHE Q 333 -89.34 -46.33 39.09
CA PHE Q 333 -89.61 -46.31 37.65
C PHE Q 333 -88.40 -45.80 36.88
N ALA Q 334 -88.01 -44.56 37.16
CA ALA Q 334 -86.91 -43.91 36.44
C ALA Q 334 -86.06 -43.16 37.45
N SER Q 335 -84.88 -43.71 37.73
CA SER Q 335 -83.96 -43.10 38.68
C SER Q 335 -82.99 -42.14 38.01
N SER Q 336 -82.44 -42.53 36.86
CA SER Q 336 -81.49 -41.71 36.13
C SER Q 336 -82.17 -40.65 35.27
N SER Q 337 -83.49 -40.51 35.35
CA SER Q 337 -84.17 -39.51 34.56
C SER Q 337 -83.76 -38.11 34.98
N PHE Q 338 -83.87 -37.81 36.27
CA PHE Q 338 -83.51 -36.50 36.77
C PHE Q 338 -83.35 -36.60 38.28
N VAL Q 339 -82.86 -35.51 38.88
CA VAL Q 339 -82.56 -35.51 40.31
C VAL Q 339 -83.80 -35.29 41.17
N LEU Q 340 -84.90 -34.79 40.59
CA LEU Q 340 -86.07 -34.45 41.41
C LEU Q 340 -86.58 -35.62 42.23
N PRO Q 341 -86.70 -36.84 41.69
CA PRO Q 341 -87.12 -37.96 42.55
C PRO Q 341 -86.21 -38.17 43.76
N PHE Q 342 -84.90 -38.07 43.56
CA PHE Q 342 -83.97 -38.28 44.67
C PHE Q 342 -84.16 -37.23 45.75
N PHE Q 343 -84.26 -35.96 45.34
CA PHE Q 343 -84.49 -34.89 46.31
C PHE Q 343 -85.82 -35.08 47.03
N GLY Q 344 -86.86 -35.44 46.28
CA GLY Q 344 -88.16 -35.64 46.90
C GLY Q 344 -88.13 -36.72 47.95
N LEU Q 345 -87.49 -37.86 47.63
CA LEU Q 345 -87.38 -38.92 48.63
C LEU Q 345 -86.52 -38.47 49.81
N GLY Q 346 -85.41 -37.78 49.54
CA GLY Q 346 -84.56 -37.34 50.61
C GLY Q 346 -85.30 -36.47 51.61
N GLN Q 347 -86.07 -35.51 51.11
CA GLN Q 347 -86.88 -34.69 52.00
C GLN Q 347 -88.08 -35.44 52.55
N MET Q 348 -88.46 -36.54 51.92
CA MET Q 348 -89.61 -37.30 52.37
C MET Q 348 -89.24 -38.29 53.47
N TYR Q 349 -88.06 -38.90 53.36
CA TYR Q 349 -87.60 -39.83 54.39
C TYR Q 349 -87.42 -39.15 55.74
N ILE Q 350 -87.36 -37.81 55.76
CA ILE Q 350 -87.29 -37.09 57.03
C ILE Q 350 -88.45 -37.49 57.92
N TYR Q 351 -89.65 -37.54 57.36
CA TYR Q 351 -90.82 -37.94 58.12
C TYR Q 351 -90.60 -39.31 58.74
N ARG Q 352 -91.29 -39.55 59.84
CA ARG Q 352 -91.23 -40.81 60.56
C ARG Q 352 -89.85 -41.08 61.14
N GLY Q 353 -88.95 -40.10 61.09
CA GLY Q 353 -87.63 -40.26 61.66
C GLY Q 353 -86.66 -41.07 60.82
N ASP Q 354 -87.03 -41.43 59.61
CA ASP Q 354 -86.19 -42.30 58.78
C ASP Q 354 -85.24 -41.46 57.92
N LYS Q 355 -84.45 -40.63 58.60
CA LYS Q 355 -83.55 -39.70 57.95
C LYS Q 355 -82.26 -40.37 57.48
N GLU Q 356 -81.98 -41.60 57.91
CA GLU Q 356 -80.84 -42.32 57.37
C GLU Q 356 -81.00 -42.51 55.87
N ASN Q 357 -82.16 -43.00 55.45
CA ASN Q 357 -82.43 -43.13 54.02
C ASN Q 357 -82.56 -41.77 53.36
N ALA Q 358 -82.94 -40.73 54.12
CA ALA Q 358 -82.90 -39.38 53.58
C ALA Q 358 -81.48 -39.00 53.18
N SER Q 359 -80.52 -39.30 54.06
CA SER Q 359 -79.12 -39.05 53.76
C SER Q 359 -78.67 -39.89 52.58
N GLN Q 360 -79.02 -41.17 52.57
CA GLN Q 360 -78.61 -42.06 51.48
C GLN Q 360 -79.15 -41.56 50.15
N CYS Q 361 -80.42 -41.13 50.13
CA CYS Q 361 -81.06 -40.70 48.89
C CYS Q 361 -80.48 -39.38 48.41
N PHE Q 362 -80.20 -38.47 49.32
CA PHE Q 362 -79.65 -37.18 48.94
C PHE Q 362 -78.24 -37.30 48.39
N GLU Q 363 -77.53 -38.38 48.74
CA GLU Q 363 -76.15 -38.52 48.27
C GLU Q 363 -76.06 -38.47 46.76
N LYS Q 364 -77.09 -38.94 46.06
CA LYS Q 364 -77.08 -38.94 44.60
C LYS Q 364 -77.47 -37.58 44.02
N VAL Q 365 -78.05 -36.68 44.81
CA VAL Q 365 -78.37 -35.36 44.29
C VAL Q 365 -77.10 -34.60 43.91
N LEU Q 366 -76.10 -34.64 44.80
CA LEU Q 366 -74.84 -33.99 44.47
C LEU Q 366 -74.24 -34.57 43.19
N LYS Q 367 -74.41 -35.87 42.97
CA LYS Q 367 -73.89 -36.50 41.75
C LYS Q 367 -74.41 -35.77 40.52
N ALA Q 368 -75.68 -35.36 40.54
CA ALA Q 368 -76.24 -34.59 39.45
C ALA Q 368 -75.56 -33.22 39.39
N TYR Q 369 -75.68 -32.44 40.46
CA TYR Q 369 -74.92 -31.21 40.66
C TYR Q 369 -75.29 -30.62 42.01
N PRO Q 370 -74.39 -29.87 42.65
CA PRO Q 370 -74.74 -29.24 43.92
C PRO Q 370 -75.73 -28.11 43.75
N ASN Q 371 -76.50 -27.88 44.81
CA ASN Q 371 -77.50 -26.82 44.87
C ASN Q 371 -77.38 -26.10 46.20
N ASN Q 372 -77.59 -24.78 46.19
CA ASN Q 372 -77.54 -24.03 47.44
C ASN Q 372 -78.65 -24.43 48.39
N TYR Q 373 -79.72 -25.03 47.88
CA TYR Q 373 -80.80 -25.50 48.73
C TYR Q 373 -80.59 -26.94 49.19
N GLU Q 374 -80.05 -27.79 48.32
CA GLU Q 374 -79.83 -29.18 48.70
C GLU Q 374 -78.83 -29.29 49.85
N THR Q 375 -77.85 -28.39 49.90
CA THR Q 375 -76.85 -28.44 50.96
C THR Q 375 -77.49 -28.40 52.34
N MET Q 376 -78.37 -27.41 52.56
CA MET Q 376 -79.01 -27.27 53.86
C MET Q 376 -79.82 -28.49 54.21
N LYS Q 377 -80.20 -29.30 53.23
CA LYS Q 377 -80.92 -30.53 53.51
C LYS Q 377 -80.09 -31.45 54.39
N ILE Q 378 -78.96 -31.93 53.88
CA ILE Q 378 -78.13 -32.82 54.68
C ILE Q 378 -77.56 -32.07 55.86
N LEU Q 379 -77.36 -30.75 55.73
CA LEU Q 379 -76.89 -29.98 56.87
C LEU Q 379 -77.85 -30.13 58.05
N GLY Q 380 -79.13 -29.88 57.81
CA GLY Q 380 -80.12 -30.08 58.85
C GLY Q 380 -80.26 -31.55 59.23
N SER Q 381 -80.29 -32.42 58.23
CA SER Q 381 -80.34 -33.86 58.45
C SER Q 381 -78.94 -34.45 58.59
N LEU Q 382 -78.18 -33.93 59.56
CA LEU Q 382 -76.81 -34.34 59.77
C LEU Q 382 -76.75 -35.28 60.97
N TYR Q 383 -76.50 -36.56 60.72
CA TYR Q 383 -76.35 -37.53 61.80
C TYR Q 383 -74.98 -37.49 62.44
N ALA Q 384 -74.06 -36.69 61.91
CA ALA Q 384 -72.77 -36.52 62.54
C ALA Q 384 -72.95 -35.88 63.92
N ALA Q 385 -72.45 -36.53 64.96
CA ALA Q 385 -72.56 -36.03 66.32
C ALA Q 385 -71.20 -35.66 66.90
N SER Q 386 -70.25 -36.60 66.91
CA SER Q 386 -68.92 -36.34 67.45
C SER Q 386 -68.04 -37.53 67.12
N GLU Q 387 -66.77 -37.25 66.82
CA GLU Q 387 -65.82 -38.30 66.44
C GLU Q 387 -66.36 -39.15 65.30
N ASP Q 388 -67.16 -38.53 64.42
CA ASP Q 388 -67.71 -39.19 63.23
C ASP Q 388 -67.47 -38.28 62.04
N GLN Q 389 -66.29 -38.41 61.44
CA GLN Q 389 -65.93 -37.55 60.33
C GLN Q 389 -66.67 -37.93 59.07
N GLU Q 390 -67.07 -39.20 58.94
CA GLU Q 390 -67.75 -39.66 57.74
C GLU Q 390 -69.03 -38.87 57.48
N LYS Q 391 -69.62 -38.28 58.52
CA LYS Q 391 -70.79 -37.43 58.37
C LYS Q 391 -70.51 -35.96 58.67
N ARG Q 392 -69.51 -35.66 59.49
CA ARG Q 392 -69.19 -34.26 59.75
C ARG Q 392 -68.54 -33.60 58.54
N ASP Q 393 -67.79 -34.35 57.75
CA ASP Q 393 -67.14 -33.77 56.59
C ASP Q 393 -68.16 -33.21 55.59
N ILE Q 394 -69.21 -33.99 55.31
CA ILE Q 394 -70.22 -33.54 54.36
C ILE Q 394 -70.92 -32.30 54.89
N ALA Q 395 -71.24 -32.27 56.19
CA ALA Q 395 -71.87 -31.10 56.77
C ALA Q 395 -70.95 -29.90 56.70
N LYS Q 396 -69.64 -30.10 56.91
CA LYS Q 396 -68.70 -29.01 56.79
C LYS Q 396 -68.68 -28.45 55.38
N GLY Q 397 -68.66 -29.34 54.38
CA GLY Q 397 -68.69 -28.86 53.00
C GLY Q 397 -69.97 -28.11 52.70
N HIS Q 398 -71.09 -28.61 53.20
CA HIS Q 398 -72.37 -27.93 52.98
C HIS Q 398 -72.37 -26.55 53.65
N LEU Q 399 -71.83 -26.46 54.86
CA LEU Q 399 -71.73 -25.18 55.53
C LEU Q 399 -70.86 -24.23 54.75
N LYS Q 400 -69.75 -24.74 54.20
CA LYS Q 400 -68.92 -23.90 53.35
C LYS Q 400 -69.71 -23.39 52.16
N LYS Q 401 -70.52 -24.26 51.55
CA LYS Q 401 -71.32 -23.83 50.41
C LYS Q 401 -72.28 -22.72 50.81
N VAL Q 402 -73.02 -22.92 51.90
CA VAL Q 402 -74.03 -21.94 52.29
C VAL Q 402 -73.38 -20.64 52.74
N THR Q 403 -72.19 -20.71 53.32
CA THR Q 403 -71.57 -19.51 53.88
C THR Q 403 -71.40 -18.44 52.81
N GLU Q 404 -70.77 -18.80 51.68
CA GLU Q 404 -70.50 -17.83 50.64
C GLU Q 404 -71.78 -17.13 50.21
N GLN Q 405 -72.70 -17.90 49.65
CA GLN Q 405 -73.95 -17.30 49.24
C GLN Q 405 -74.69 -16.78 50.46
N TYR Q 406 -75.51 -15.76 50.24
CA TYR Q 406 -76.31 -15.15 51.30
C TYR Q 406 -77.77 -15.20 50.86
N PRO Q 407 -78.38 -16.36 50.90
CA PRO Q 407 -79.82 -16.50 50.69
C PRO Q 407 -80.63 -16.14 51.94
N ASP Q 408 -80.33 -14.97 52.51
CA ASP Q 408 -80.94 -14.53 53.77
C ASP Q 408 -80.64 -15.53 54.88
N ASP Q 409 -79.38 -15.97 54.97
CA ASP Q 409 -79.01 -16.95 55.97
C ASP Q 409 -79.30 -16.40 57.37
N VAL Q 410 -79.89 -17.24 58.20
CA VAL Q 410 -80.19 -16.86 59.58
C VAL Q 410 -79.49 -17.84 60.52
N GLU Q 411 -79.69 -19.14 60.28
CA GLU Q 411 -79.20 -20.18 61.18
C GLU Q 411 -77.98 -20.92 60.67
N ALA Q 412 -77.49 -20.60 59.46
CA ALA Q 412 -76.33 -21.31 58.95
C ALA Q 412 -75.15 -21.20 59.90
N TRP Q 413 -74.91 -20.00 60.42
CA TRP Q 413 -73.80 -19.81 61.33
C TRP Q 413 -73.99 -20.61 62.61
N ILE Q 414 -75.25 -20.84 63.01
CA ILE Q 414 -75.49 -21.68 64.17
C ILE Q 414 -74.93 -23.07 63.93
N GLU Q 415 -75.22 -23.64 62.75
CA GLU Q 415 -74.66 -24.95 62.41
C GLU Q 415 -73.14 -24.88 62.30
N LEU Q 416 -72.62 -23.81 61.72
CA LEU Q 416 -71.17 -23.65 61.61
C LEU Q 416 -70.53 -23.79 62.97
N ALA Q 417 -71.02 -23.02 63.95
CA ALA Q 417 -70.49 -23.11 65.30
C ALA Q 417 -70.72 -24.50 65.89
N GLN Q 418 -71.93 -25.04 65.71
CA GLN Q 418 -72.26 -26.33 66.31
C GLN Q 418 -71.27 -27.39 65.90
N ILE Q 419 -70.80 -27.34 64.66
CA ILE Q 419 -69.78 -28.28 64.23
C ILE Q 419 -68.40 -27.86 64.74
N LEU Q 420 -68.11 -26.56 64.71
CA LEU Q 420 -66.76 -26.10 65.01
C LEU Q 420 -66.43 -26.16 66.50
N GLU Q 421 -67.39 -26.51 67.35
CA GLU Q 421 -67.11 -26.58 68.78
C GLU Q 421 -65.96 -27.55 69.07
N GLN Q 422 -66.04 -28.75 68.51
CA GLN Q 422 -64.94 -29.71 68.69
C GLN Q 422 -63.66 -29.17 68.07
N THR Q 423 -63.76 -28.57 66.89
CA THR Q 423 -62.58 -28.03 66.22
C THR Q 423 -62.22 -26.68 66.84
N ASP Q 424 -61.31 -25.96 66.20
CA ASP Q 424 -60.84 -24.68 66.71
C ASP Q 424 -61.96 -23.91 67.38
N ILE Q 425 -61.75 -23.57 68.65
CA ILE Q 425 -62.79 -22.89 69.42
C ILE Q 425 -63.09 -21.52 68.82
N GLN Q 426 -62.08 -20.88 68.23
CA GLN Q 426 -62.25 -19.53 67.71
C GLN Q 426 -63.20 -19.50 66.53
N GLY Q 427 -63.19 -20.53 65.68
CA GLY Q 427 -64.14 -20.56 64.58
C GLY Q 427 -65.56 -20.54 65.07
N ALA Q 428 -65.85 -21.34 66.09
CA ALA Q 428 -67.19 -21.33 66.69
C ALA Q 428 -67.48 -19.98 67.32
N LEU Q 429 -66.50 -19.38 67.98
CA LEU Q 429 -66.75 -18.07 68.59
C LEU Q 429 -67.11 -17.04 67.54
N SER Q 430 -66.38 -17.02 66.42
CA SER Q 430 -66.70 -16.09 65.34
C SER Q 430 -68.07 -16.39 64.76
N ALA Q 431 -68.40 -17.67 64.58
CA ALA Q 431 -69.70 -18.02 64.05
C ALA Q 431 -70.80 -17.48 64.95
N TYR Q 432 -70.66 -17.68 66.27
CA TYR Q 432 -71.63 -17.15 67.20
C TYR Q 432 -71.68 -15.64 67.16
N GLY Q 433 -70.51 -15.00 67.03
CA GLY Q 433 -70.50 -13.55 66.99
C GLY Q 433 -71.29 -13.00 65.83
N THR Q 434 -71.09 -13.55 64.63
CA THR Q 434 -71.86 -13.08 63.49
C THR Q 434 -73.32 -13.46 63.62
N ALA Q 435 -73.61 -14.65 64.16
CA ALA Q 435 -74.99 -15.09 64.31
C ALA Q 435 -75.75 -14.21 65.28
N THR Q 436 -75.07 -13.68 66.30
CA THR Q 436 -75.75 -12.84 67.27
C THR Q 436 -76.33 -11.61 66.59
N ARG Q 437 -75.57 -11.03 65.66
CA ARG Q 437 -76.03 -9.81 65.02
C ARG Q 437 -76.95 -10.07 63.84
N ILE Q 438 -77.00 -11.32 63.33
CA ILE Q 438 -77.91 -11.63 62.25
C ILE Q 438 -79.33 -11.84 62.72
N LEU Q 439 -79.55 -11.84 64.03
CA LEU Q 439 -80.87 -12.11 64.62
C LEU Q 439 -81.60 -10.84 65.03
N GLN Q 440 -81.14 -9.68 64.59
CA GLN Q 440 -81.76 -8.40 64.95
C GLN Q 440 -82.23 -7.59 63.76
N GLU Q 441 -82.02 -8.08 62.54
CA GLU Q 441 -82.47 -7.34 61.36
C GLU Q 441 -83.92 -7.65 61.00
N LYS Q 442 -84.30 -8.93 61.04
CA LYS Q 442 -85.66 -9.30 60.66
C LYS Q 442 -86.68 -8.69 61.60
N VAL Q 443 -86.43 -8.78 62.91
CA VAL Q 443 -87.29 -8.21 63.94
C VAL Q 443 -86.42 -7.83 65.13
N GLN Q 444 -87.03 -7.19 66.11
CA GLN Q 444 -86.37 -6.89 67.38
C GLN Q 444 -86.68 -8.02 68.36
N ALA Q 445 -85.96 -9.13 68.18
CA ALA Q 445 -86.12 -10.31 69.02
C ALA Q 445 -84.84 -10.54 69.83
N ASP Q 446 -84.99 -10.60 71.14
CA ASP Q 446 -83.83 -10.82 72.00
C ASP Q 446 -83.19 -12.15 71.69
N VAL Q 447 -81.87 -12.20 71.76
CA VAL Q 447 -81.15 -13.42 71.39
C VAL Q 447 -81.58 -14.54 72.33
N PRO Q 448 -81.89 -15.74 71.84
CA PRO Q 448 -82.25 -16.82 72.76
C PRO Q 448 -81.10 -17.14 73.70
N PRO Q 449 -81.42 -17.53 74.93
CA PRO Q 449 -80.36 -17.72 75.91
C PRO Q 449 -79.39 -18.83 75.56
N GLU Q 450 -79.81 -19.81 74.75
CA GLU Q 450 -78.95 -20.95 74.45
C GLU Q 450 -77.70 -20.52 73.72
N ILE Q 451 -77.82 -19.63 72.74
CA ILE Q 451 -76.65 -19.23 71.96
C ILE Q 451 -75.67 -18.49 72.85
N LEU Q 452 -76.17 -17.57 73.66
CA LEU Q 452 -75.30 -16.83 74.55
C LEU Q 452 -74.65 -17.75 75.58
N ASN Q 453 -75.40 -18.74 76.06
CA ASN Q 453 -74.80 -19.72 76.96
C ASN Q 453 -73.66 -20.46 76.27
N ASN Q 454 -73.88 -20.87 75.03
CA ASN Q 454 -72.88 -21.65 74.32
C ASN Q 454 -71.62 -20.83 74.04
N VAL Q 455 -71.79 -19.55 73.67
CA VAL Q 455 -70.63 -18.71 73.44
C VAL Q 455 -69.89 -18.44 74.74
N GLY Q 456 -70.64 -18.21 75.83
CA GLY Q 456 -70.00 -18.05 77.12
C GLY Q 456 -69.23 -19.29 77.53
N ALA Q 457 -69.77 -20.46 77.22
CA ALA Q 457 -69.04 -21.71 77.49
C ALA Q 457 -67.76 -21.77 76.67
N LEU Q 458 -67.83 -21.39 75.40
CA LEU Q 458 -66.63 -21.34 74.58
C LEU Q 458 -65.58 -20.45 75.22
N HIS Q 459 -66.01 -19.26 75.68
CA HIS Q 459 -65.08 -18.35 76.33
C HIS Q 459 -64.57 -18.90 77.65
N PHE Q 460 -65.37 -19.72 78.33
CA PHE Q 460 -65.00 -20.23 79.65
C PHE Q 460 -63.70 -21.02 79.57
N ARG Q 461 -63.55 -21.86 78.53
CA ARG Q 461 -62.28 -22.52 78.32
C ARG Q 461 -61.17 -21.52 78.04
N LEU Q 462 -61.50 -20.30 77.64
CA LEU Q 462 -60.51 -19.29 77.30
C LEU Q 462 -60.23 -18.40 78.51
N GLY Q 463 -59.39 -17.39 78.29
CA GLY Q 463 -59.05 -16.44 79.32
C GLY Q 463 -60.08 -15.36 79.54
N ASN Q 464 -61.16 -15.36 78.77
CA ASN Q 464 -62.20 -14.34 78.86
C ASN Q 464 -63.21 -14.73 79.93
N LEU Q 465 -62.68 -15.02 81.12
CA LEU Q 465 -63.51 -15.49 82.22
C LEU Q 465 -64.57 -14.47 82.60
N GLY Q 466 -64.18 -13.19 82.66
CA GLY Q 466 -65.17 -12.16 82.95
C GLY Q 466 -66.18 -12.02 81.83
N GLU Q 467 -65.72 -12.07 80.58
CA GLU Q 467 -66.66 -11.98 79.47
C GLU Q 467 -67.62 -13.16 79.47
N ALA Q 468 -67.10 -14.36 79.72
CA ALA Q 468 -67.96 -15.53 79.81
C ALA Q 468 -68.93 -15.41 80.97
N LYS Q 469 -68.49 -14.80 82.08
CA LYS Q 469 -69.39 -14.58 83.20
C LYS Q 469 -70.54 -13.66 82.81
N LYS Q 470 -70.22 -12.57 82.11
CA LYS Q 470 -71.27 -11.67 81.64
C LYS Q 470 -72.22 -12.40 80.69
N TYR Q 471 -71.67 -13.22 79.80
CA TYR Q 471 -72.51 -14.02 78.92
C TYR Q 471 -73.44 -14.92 79.70
N PHE Q 472 -72.91 -15.61 80.71
CA PHE Q 472 -73.72 -16.53 81.51
C PHE Q 472 -74.82 -15.78 82.25
N LEU Q 473 -74.48 -14.61 82.81
CA LEU Q 473 -75.49 -13.84 83.53
C LEU Q 473 -76.61 -13.39 82.58
N ALA Q 474 -76.23 -12.90 81.40
CA ALA Q 474 -77.25 -12.48 80.44
C ALA Q 474 -78.10 -13.67 79.99
N SER Q 475 -77.46 -14.83 79.83
CA SER Q 475 -78.22 -16.03 79.46
C SER Q 475 -79.21 -16.40 80.54
N LEU Q 476 -78.80 -16.34 81.81
CA LEU Q 476 -79.72 -16.61 82.89
C LEU Q 476 -80.88 -15.63 82.88
N ASP Q 477 -80.59 -14.35 82.68
CA ASP Q 477 -81.67 -13.36 82.63
C ASP Q 477 -82.64 -13.69 81.52
N ARG Q 478 -82.12 -13.93 80.32
CA ARG Q 478 -82.99 -14.21 79.19
C ARG Q 478 -83.83 -15.47 79.42
N ALA Q 479 -83.20 -16.51 79.95
CA ALA Q 479 -83.93 -17.75 80.21
C ALA Q 479 -85.05 -17.50 81.23
N LYS Q 480 -84.76 -16.74 82.28
CA LYS Q 480 -85.81 -16.36 83.22
C LYS Q 480 -86.92 -15.62 82.49
N ALA Q 481 -86.56 -14.81 81.49
CA ALA Q 481 -87.56 -14.12 80.69
C ALA Q 481 -88.44 -15.09 79.91
N GLU Q 482 -87.97 -16.32 79.70
CA GLU Q 482 -88.75 -17.33 78.98
C GLU Q 482 -89.74 -17.96 79.94
N ALA Q 483 -90.83 -17.24 80.18
CA ALA Q 483 -91.89 -17.77 81.03
C ALA Q 483 -92.77 -18.76 80.29
N GLU Q 484 -92.97 -18.56 78.99
CA GLU Q 484 -93.87 -19.39 78.20
C GLU Q 484 -93.13 -20.47 77.42
N HIS Q 485 -91.82 -20.57 77.56
CA HIS Q 485 -91.04 -21.61 76.87
C HIS Q 485 -90.86 -22.83 77.78
N ASP Q 486 -92.00 -23.40 78.19
CA ASP Q 486 -91.97 -24.63 78.96
C ASP Q 486 -91.61 -25.83 78.09
N GLU Q 487 -92.07 -25.85 76.84
CA GLU Q 487 -91.77 -26.97 75.96
C GLU Q 487 -90.26 -27.10 75.75
N HIS Q 488 -89.57 -25.98 75.53
CA HIS Q 488 -88.12 -26.00 75.42
C HIS Q 488 -87.46 -26.12 76.78
N TYR Q 489 -88.22 -26.03 77.86
CA TYR Q 489 -87.69 -26.14 79.21
C TYR Q 489 -86.60 -25.09 79.45
N TYR Q 490 -87.03 -23.83 79.43
CA TYR Q 490 -86.14 -22.75 79.85
C TYR Q 490 -85.48 -23.09 81.17
N ASN Q 491 -86.15 -23.88 82.01
CA ASN Q 491 -85.58 -24.27 83.29
C ASN Q 491 -84.29 -25.06 83.11
N ALA Q 492 -84.28 -26.03 82.19
CA ALA Q 492 -83.06 -26.78 81.95
C ALA Q 492 -81.96 -25.88 81.42
N ILE Q 493 -82.33 -24.90 80.58
CA ILE Q 493 -81.36 -23.96 80.05
C ILE Q 493 -80.72 -23.18 81.17
N SER Q 494 -81.54 -22.67 82.10
CA SER Q 494 -80.99 -21.96 83.24
C SER Q 494 -80.15 -22.88 84.10
N VAL Q 495 -80.54 -24.14 84.22
CA VAL Q 495 -79.79 -25.10 85.03
C VAL Q 495 -78.38 -25.26 84.46
N THR Q 496 -78.29 -25.50 83.15
CA THR Q 496 -76.97 -25.67 82.54
C THR Q 496 -76.18 -24.38 82.61
N THR Q 497 -76.84 -23.24 82.42
CA THR Q 497 -76.15 -21.96 82.51
C THR Q 497 -75.55 -21.75 83.89
N SER Q 498 -76.33 -22.03 84.93
CA SER Q 498 -75.84 -21.89 86.30
C SER Q 498 -74.74 -22.89 86.59
N TYR Q 499 -74.86 -24.11 86.04
CA TYR Q 499 -73.80 -25.09 86.22
C TYR Q 499 -72.49 -24.57 85.64
N ASN Q 500 -72.55 -24.03 84.42
CA ASN Q 500 -71.35 -23.46 83.80
C ASN Q 500 -70.83 -22.29 84.61
N LEU Q 501 -71.72 -21.43 85.11
CA LEU Q 501 -71.29 -20.28 85.88
C LEU Q 501 -70.61 -20.70 87.17
N ALA Q 502 -71.15 -21.70 87.85
CA ALA Q 502 -70.52 -22.23 89.05
C ALA Q 502 -69.17 -22.83 88.73
N ARG Q 503 -69.07 -23.53 87.60
CA ARG Q 503 -67.76 -24.03 87.18
C ARG Q 503 -66.78 -22.89 87.00
N LEU Q 504 -67.22 -21.80 86.37
CA LEU Q 504 -66.36 -20.65 86.14
C LEU Q 504 -65.92 -20.03 87.45
N TYR Q 505 -66.85 -19.83 88.37
CA TYR Q 505 -66.51 -19.24 89.66
C TYR Q 505 -65.53 -20.13 90.40
N GLU Q 506 -65.76 -21.44 90.38
CA GLU Q 506 -64.77 -22.35 90.93
C GLU Q 506 -63.42 -22.16 90.25
N ALA Q 507 -63.42 -21.85 88.95
CA ALA Q 507 -62.20 -21.52 88.25
C ALA Q 507 -61.80 -20.06 88.42
N MET Q 508 -62.70 -19.22 88.92
CA MET Q 508 -62.41 -17.80 89.11
C MET Q 508 -61.94 -17.50 90.53
N CYS Q 509 -61.48 -18.51 91.26
CA CYS Q 509 -61.00 -18.34 92.63
C CYS Q 509 -62.09 -17.84 93.56
N GLU Q 510 -63.35 -18.20 93.30
CA GLU Q 510 -64.46 -17.87 94.21
C GLU Q 510 -65.20 -19.18 94.47
N PHE Q 511 -64.74 -19.92 95.48
CA PHE Q 511 -65.38 -21.17 95.84
C PHE Q 511 -66.64 -20.97 96.66
N HIS Q 512 -66.74 -19.85 97.37
CA HIS Q 512 -67.98 -19.57 98.11
C HIS Q 512 -69.16 -19.49 97.16
N GLU Q 513 -69.03 -18.67 96.12
CA GLU Q 513 -70.12 -18.53 95.15
C GLU Q 513 -70.33 -19.82 94.37
N ALA Q 514 -69.25 -20.52 94.04
CA ALA Q 514 -69.39 -21.80 93.35
C ALA Q 514 -70.21 -22.78 94.19
N GLU Q 515 -69.87 -22.89 95.47
CA GLU Q 515 -70.63 -23.75 96.37
C GLU Q 515 -72.07 -23.30 96.45
N LYS Q 516 -72.30 -21.99 96.58
CA LYS Q 516 -73.67 -21.50 96.70
C LYS Q 516 -74.48 -21.85 95.47
N LEU Q 517 -73.91 -21.66 94.29
CA LEU Q 517 -74.65 -21.93 93.06
C LEU Q 517 -74.87 -23.42 92.86
N TYR Q 518 -73.86 -24.23 93.17
CA TYR Q 518 -74.01 -25.67 93.08
C TYR Q 518 -75.08 -26.15 94.05
N LYS Q 519 -75.13 -25.57 95.24
CA LYS Q 519 -76.16 -25.94 96.20
C LYS Q 519 -77.54 -25.45 95.76
N ASN Q 520 -77.61 -24.29 95.10
CA ASN Q 520 -78.86 -23.85 94.51
C ASN Q 520 -79.35 -24.83 93.45
N ILE Q 521 -78.41 -25.42 92.70
CA ILE Q 521 -78.80 -26.48 91.77
C ILE Q 521 -79.28 -27.70 92.53
N LEU Q 522 -78.53 -28.10 93.56
CA LEU Q 522 -78.87 -29.32 94.29
C LEU Q 522 -80.26 -29.23 94.90
N ARG Q 523 -80.57 -28.12 95.55
CA ARG Q 523 -81.83 -28.00 96.26
C ARG Q 523 -83.02 -28.20 95.33
N GLU Q 524 -82.85 -27.95 94.03
CA GLU Q 524 -83.94 -28.02 93.07
C GLU Q 524 -83.88 -29.27 92.20
N HIS Q 525 -82.78 -30.00 92.20
CA HIS Q 525 -82.63 -31.20 91.38
C HIS Q 525 -81.57 -32.10 91.97
N PRO Q 526 -81.90 -32.82 93.04
CA PRO Q 526 -80.91 -33.70 93.68
C PRO Q 526 -80.47 -34.87 92.81
N ASN Q 527 -81.22 -35.21 91.76
CA ASN Q 527 -80.86 -36.31 90.91
C ASN Q 527 -79.71 -35.98 89.96
N TYR Q 528 -79.18 -34.77 90.04
CA TYR Q 528 -78.06 -34.35 89.21
C TYR Q 528 -76.74 -34.80 89.83
N VAL Q 529 -75.78 -35.12 88.99
CA VAL Q 529 -74.53 -35.73 89.43
C VAL Q 529 -73.37 -34.75 89.45
N ASP Q 530 -73.21 -33.97 88.37
CA ASP Q 530 -71.97 -33.23 88.18
C ASP Q 530 -71.74 -32.24 89.33
N CYS Q 531 -72.76 -31.48 89.71
CA CYS Q 531 -72.59 -30.52 90.79
C CYS Q 531 -72.28 -31.23 92.10
N TYR Q 532 -72.96 -32.35 92.37
CA TYR Q 532 -72.71 -33.11 93.58
C TYR Q 532 -71.27 -33.57 93.65
N LEU Q 533 -70.62 -33.71 92.49
CA LEU Q 533 -69.24 -34.14 92.40
C LEU Q 533 -68.27 -32.97 92.47
N ARG Q 534 -68.64 -31.84 91.89
CA ARG Q 534 -67.79 -30.65 91.96
C ARG Q 534 -67.75 -30.09 93.37
N LEU Q 535 -68.86 -30.17 94.10
CA LEU Q 535 -68.83 -29.81 95.52
C LEU Q 535 -67.85 -30.69 96.27
N GLY Q 536 -67.86 -31.98 95.97
CA GLY Q 536 -66.91 -32.87 96.60
C GLY Q 536 -65.47 -32.51 96.25
N ALA Q 537 -65.22 -32.15 94.98
CA ALA Q 537 -63.88 -31.74 94.61
C ALA Q 537 -63.46 -30.48 95.37
N MET Q 538 -64.37 -29.50 95.48
CA MET Q 538 -64.06 -28.28 96.21
C MET Q 538 -63.71 -28.59 97.66
N ALA Q 539 -64.51 -29.44 98.31
CA ALA Q 539 -64.20 -29.83 99.69
C ALA Q 539 -62.94 -30.67 99.77
N ARG Q 540 -62.60 -31.37 98.68
CA ARG Q 540 -61.37 -32.15 98.65
C ARG Q 540 -60.15 -31.24 98.64
N ASP Q 541 -60.25 -30.10 97.98
CA ASP Q 541 -59.11 -29.19 97.90
C ASP Q 541 -58.54 -28.91 99.29
N LYS Q 542 -59.40 -28.63 100.27
CA LYS Q 542 -58.92 -28.46 101.63
C LYS Q 542 -58.33 -29.75 102.18
N GLY Q 543 -59.00 -30.88 101.94
CA GLY Q 543 -58.51 -32.16 102.43
C GLY Q 543 -59.28 -33.33 101.85
N ASN Q 544 -58.64 -34.49 101.78
CA ASN Q 544 -59.21 -35.65 101.12
C ASN Q 544 -60.16 -36.44 102.00
N PHE Q 545 -60.16 -36.20 103.31
CA PHE Q 545 -61.05 -36.89 104.22
C PHE Q 545 -62.29 -36.07 104.55
N TYR Q 546 -62.43 -34.87 103.97
CA TYR Q 546 -63.59 -34.03 104.22
C TYR Q 546 -64.75 -34.48 103.34
N GLU Q 547 -65.83 -33.70 103.31
CA GLU Q 547 -67.06 -34.11 102.66
C GLU Q 547 -66.86 -34.50 101.20
N ALA Q 548 -65.67 -34.30 100.64
CA ALA Q 548 -65.37 -34.86 99.33
C ALA Q 548 -65.52 -36.37 99.32
N SER Q 549 -64.83 -37.05 100.26
CA SER Q 549 -64.81 -38.50 100.25
C SER Q 549 -66.20 -39.07 100.47
N ASP Q 550 -67.08 -38.33 101.13
CA ASP Q 550 -68.44 -38.79 101.37
C ASP Q 550 -69.35 -38.48 100.19
N TRP Q 551 -69.24 -37.27 99.63
CA TRP Q 551 -70.08 -36.89 98.50
C TRP Q 551 -69.80 -37.76 97.29
N PHE Q 552 -68.54 -38.12 97.07
CA PHE Q 552 -68.22 -38.98 95.94
C PHE Q 552 -68.89 -40.34 96.08
N LYS Q 553 -68.74 -40.96 97.26
CA LYS Q 553 -69.34 -42.29 97.45
C LYS Q 553 -70.86 -42.22 97.40
N GLU Q 554 -71.46 -41.15 97.93
CA GLU Q 554 -72.90 -41.00 97.82
C GLU Q 554 -73.33 -40.84 96.37
N ALA Q 555 -72.57 -40.08 95.59
CA ALA Q 555 -72.88 -39.93 94.17
C ALA Q 555 -72.80 -41.27 93.47
N LEU Q 556 -71.82 -42.10 93.84
CA LEU Q 556 -71.76 -43.43 93.28
C LEU Q 556 -72.96 -44.27 93.70
N GLN Q 557 -73.36 -44.16 94.98
CA GLN Q 557 -74.49 -44.95 95.44
C GLN Q 557 -75.75 -44.59 94.68
N ILE Q 558 -75.98 -43.29 94.44
CA ILE Q 558 -77.16 -42.91 93.68
C ILE Q 558 -77.03 -43.29 92.21
N ASN Q 559 -75.81 -43.47 91.72
CA ASN Q 559 -75.61 -43.91 90.34
C ASN Q 559 -74.31 -44.71 90.29
N GLN Q 560 -74.42 -46.02 90.47
CA GLN Q 560 -73.26 -46.90 90.40
C GLN Q 560 -72.80 -47.12 88.96
N ASP Q 561 -73.66 -46.81 87.98
CA ASP Q 561 -73.33 -46.98 86.57
C ASP Q 561 -72.70 -45.74 85.97
N HIS Q 562 -72.11 -44.88 86.79
CA HIS Q 562 -71.47 -43.66 86.30
C HIS Q 562 -69.97 -43.86 86.31
N PRO Q 563 -69.32 -44.01 85.14
CA PRO Q 563 -67.87 -44.24 85.16
C PRO Q 563 -67.10 -43.15 85.86
N ASP Q 564 -67.53 -41.90 85.73
CA ASP Q 564 -66.81 -40.80 86.37
C ASP Q 564 -66.82 -40.95 87.89
N ALA Q 565 -67.98 -41.26 88.46
CA ALA Q 565 -68.07 -41.39 89.90
C ALA Q 565 -67.20 -42.53 90.41
N TRP Q 566 -67.25 -43.68 89.74
CA TRP Q 566 -66.47 -44.84 90.17
C TRP Q 566 -64.98 -44.58 90.02
N SER Q 567 -64.58 -43.92 88.95
CA SER Q 567 -63.17 -43.54 88.79
C SER Q 567 -62.74 -42.59 89.89
N LEU Q 568 -63.62 -41.66 90.26
CA LEU Q 568 -63.32 -40.76 91.37
C LEU Q 568 -63.13 -41.54 92.67
N ILE Q 569 -64.00 -42.52 92.91
CA ILE Q 569 -63.80 -43.41 94.06
C ILE Q 569 -62.43 -44.06 93.97
N GLY Q 570 -62.05 -44.53 92.78
CA GLY Q 570 -60.72 -45.07 92.59
C GLY Q 570 -59.65 -44.04 92.89
N ASN Q 571 -59.90 -42.79 92.54
CA ASN Q 571 -58.91 -41.74 92.78
C ASN Q 571 -58.71 -41.49 94.27
N LEU Q 572 -59.78 -41.59 95.05
CA LEU Q 572 -59.70 -41.33 96.49
C LEU Q 572 -58.56 -42.11 97.13
N HIS Q 573 -58.42 -43.39 96.77
CA HIS Q 573 -57.39 -44.23 97.36
C HIS Q 573 -55.99 -43.82 96.94
N LEU Q 574 -55.85 -42.95 95.94
CA LEU Q 574 -54.53 -42.58 95.45
C LEU Q 574 -53.79 -41.71 96.44
N ALA Q 575 -54.50 -40.89 97.22
CA ALA Q 575 -53.84 -40.03 98.17
C ALA Q 575 -52.97 -40.84 99.13
N LYS Q 576 -53.50 -41.95 99.62
CA LYS Q 576 -52.76 -42.88 100.46
C LYS Q 576 -52.54 -44.16 99.66
N GLN Q 577 -51.29 -44.43 99.32
CA GLN Q 577 -50.93 -45.59 98.51
C GLN Q 577 -50.80 -46.87 99.32
N GLU Q 578 -51.12 -46.85 100.62
CA GLU Q 578 -51.10 -48.08 101.40
C GLU Q 578 -52.01 -49.13 100.80
N TRP Q 579 -53.00 -48.71 100.02
CA TRP Q 579 -53.87 -49.61 99.27
C TRP Q 579 -53.28 -49.91 97.89
N GLY Q 580 -52.00 -50.29 97.88
CA GLY Q 580 -51.33 -50.61 96.64
C GLY Q 580 -51.92 -51.84 95.99
N PRO Q 581 -51.78 -53.00 96.65
CA PRO Q 581 -52.36 -54.22 96.10
C PRO Q 581 -53.86 -54.32 96.26
N GLY Q 582 -54.43 -53.65 97.26
CA GLY Q 582 -55.85 -53.78 97.52
C GLY Q 582 -56.73 -52.96 96.61
N GLN Q 583 -56.19 -51.89 96.01
CA GLN Q 583 -56.98 -51.05 95.13
C GLN Q 583 -57.31 -51.72 93.81
N LYS Q 584 -56.71 -52.88 93.54
CA LYS Q 584 -57.07 -53.65 92.36
C LYS Q 584 -58.54 -54.03 92.38
N LYS Q 585 -59.05 -54.47 93.53
CA LYS Q 585 -60.46 -54.88 93.61
C LYS Q 585 -61.39 -53.72 93.32
N PHE Q 586 -61.21 -52.60 94.01
CA PHE Q 586 -62.10 -51.47 93.79
C PHE Q 586 -61.93 -50.87 92.40
N GLU Q 587 -60.81 -51.14 91.74
CA GLU Q 587 -60.61 -50.70 90.38
C GLU Q 587 -61.06 -51.72 89.34
N ARG Q 588 -61.51 -52.90 89.78
CA ARG Q 588 -62.05 -53.92 88.89
C ARG Q 588 -63.56 -54.09 89.02
N ILE Q 589 -64.23 -53.28 89.85
CA ILE Q 589 -65.66 -53.44 90.07
C ILE Q 589 -66.42 -53.28 88.76
N LEU Q 590 -66.10 -52.23 88.01
CA LEU Q 590 -66.84 -51.87 86.80
C LEU Q 590 -66.13 -52.33 85.53
N LYS Q 591 -65.19 -53.25 85.64
CA LYS Q 591 -64.57 -53.85 84.47
C LYS Q 591 -65.46 -54.89 83.81
N GLN Q 592 -66.74 -54.92 84.16
CA GLN Q 592 -67.66 -55.83 83.52
C GLN Q 592 -67.75 -55.52 82.03
N PRO Q 593 -68.07 -56.52 81.20
CA PRO Q 593 -68.10 -56.28 79.75
C PRO Q 593 -69.05 -55.17 79.35
N SER Q 594 -70.15 -54.96 80.09
CA SER Q 594 -71.07 -53.89 79.76
C SER Q 594 -70.36 -52.54 79.76
N THR Q 595 -69.53 -52.30 80.76
CA THR Q 595 -68.73 -51.08 80.80
C THR Q 595 -67.58 -51.12 79.80
N GLN Q 596 -67.05 -52.29 79.51
CA GLN Q 596 -65.92 -52.40 78.60
C GLN Q 596 -66.29 -51.87 77.23
N SER Q 597 -65.28 -51.42 76.48
CA SER Q 597 -63.88 -51.32 76.90
C SER Q 597 -63.67 -49.96 77.54
N ASP Q 598 -62.89 -49.92 78.63
CA ASP Q 598 -62.59 -48.69 79.34
C ASP Q 598 -61.08 -48.56 79.47
N THR Q 599 -60.52 -47.59 78.76
CA THR Q 599 -59.07 -47.38 78.82
C THR Q 599 -58.67 -46.69 80.11
N TYR Q 600 -59.55 -45.89 80.70
CA TYR Q 600 -59.19 -45.15 81.91
C TYR Q 600 -58.84 -46.11 83.03
N SER Q 601 -59.73 -47.08 83.32
CA SER Q 601 -59.48 -48.02 84.40
C SER Q 601 -58.31 -48.93 84.07
N MET Q 602 -58.16 -49.33 82.81
CA MET Q 602 -57.03 -50.17 82.44
C MET Q 602 -55.71 -49.45 82.65
N LEU Q 603 -55.64 -48.18 82.29
CA LEU Q 603 -54.44 -47.41 82.53
C LEU Q 603 -54.21 -47.19 84.02
N ALA Q 604 -55.29 -47.04 84.79
CA ALA Q 604 -55.15 -46.97 86.24
C ALA Q 604 -54.51 -48.24 86.78
N LEU Q 605 -54.94 -49.40 86.28
CA LEU Q 605 -54.32 -50.66 86.69
C LEU Q 605 -52.85 -50.70 86.28
N GLY Q 606 -52.55 -50.29 85.04
CA GLY Q 606 -51.16 -50.27 84.61
C GLY Q 606 -50.31 -49.42 85.53
N ASN Q 607 -50.84 -48.26 85.95
CA ASN Q 607 -50.08 -47.38 86.83
C ASN Q 607 -49.91 -47.98 88.21
N VAL Q 608 -51.00 -48.41 88.84
CA VAL Q 608 -50.89 -48.95 90.20
C VAL Q 608 -50.00 -50.18 90.19
N TRP Q 609 -49.90 -50.86 89.05
CA TRP Q 609 -48.98 -51.98 88.93
C TRP Q 609 -47.55 -51.52 88.68
N LEU Q 610 -47.39 -50.37 88.04
CA LEU Q 610 -46.05 -49.81 87.88
C LEU Q 610 -45.52 -49.25 89.19
N GLN Q 611 -46.40 -48.68 90.01
CA GLN Q 611 -45.97 -48.12 91.29
C GLN Q 611 -45.18 -49.13 92.10
N THR Q 612 -45.54 -50.40 92.02
CA THR Q 612 -44.88 -51.44 92.81
C THR Q 612 -43.40 -51.55 92.46
N LEU Q 613 -42.97 -50.98 91.33
CA LEU Q 613 -41.60 -51.12 90.88
C LEU Q 613 -40.67 -50.33 91.80
N HIS Q 614 -39.39 -50.33 91.46
CA HIS Q 614 -38.37 -49.63 92.23
C HIS Q 614 -38.16 -50.27 93.60
N GLN Q 615 -37.92 -51.57 93.61
CA GLN Q 615 -37.65 -52.31 94.83
C GLN Q 615 -36.40 -53.15 94.65
N PRO Q 616 -35.70 -53.46 95.75
CA PRO Q 616 -34.51 -54.32 95.67
C PRO Q 616 -34.82 -55.82 95.59
N THR Q 617 -36.08 -56.20 95.42
CA THR Q 617 -36.46 -57.61 95.35
C THR Q 617 -36.63 -58.09 93.91
N ARG Q 618 -36.13 -57.33 92.94
CA ARG Q 618 -36.27 -57.74 91.55
C ARG Q 618 -35.57 -59.06 91.28
N ASP Q 619 -34.42 -59.29 91.93
CA ASP Q 619 -33.68 -60.52 91.72
C ASP Q 619 -34.46 -61.75 92.12
N ARG Q 620 -35.52 -61.59 92.91
CA ARG Q 620 -36.37 -62.70 93.34
C ARG Q 620 -37.40 -63.07 92.28
N GLU Q 621 -37.19 -62.65 91.03
CA GLU Q 621 -38.11 -62.95 89.93
C GLU Q 621 -39.52 -62.48 90.28
N LYS Q 622 -39.60 -61.35 90.97
CA LYS Q 622 -40.86 -60.76 91.39
C LYS Q 622 -41.15 -59.45 90.66
N GLU Q 623 -40.18 -58.53 90.66
CA GLU Q 623 -40.38 -57.29 89.93
C GLU Q 623 -40.34 -57.52 88.42
N LYS Q 624 -39.61 -58.55 87.97
CA LYS Q 624 -39.62 -58.87 86.55
C LYS Q 624 -41.02 -59.28 86.10
N ARG Q 625 -41.68 -60.14 86.88
CA ARG Q 625 -43.03 -60.55 86.56
C ARG Q 625 -43.98 -59.35 86.57
N HIS Q 626 -43.77 -58.43 87.51
CA HIS Q 626 -44.60 -57.23 87.57
C HIS Q 626 -44.40 -56.39 86.31
N GLN Q 627 -43.15 -56.24 85.88
CA GLN Q 627 -42.87 -55.54 84.64
C GLN Q 627 -43.57 -56.21 83.47
N ASP Q 628 -43.53 -57.54 83.44
CA ASP Q 628 -44.14 -58.27 82.33
C ASP Q 628 -45.65 -58.07 82.33
N ARG Q 629 -46.28 -58.12 83.50
CA ARG Q 629 -47.72 -57.91 83.58
C ARG Q 629 -48.11 -56.50 83.14
N ALA Q 630 -47.36 -55.50 83.63
CA ALA Q 630 -47.65 -54.12 83.23
C ALA Q 630 -47.45 -53.92 81.74
N LEU Q 631 -46.38 -54.51 81.20
CA LEU Q 631 -46.11 -54.40 79.77
C LEU Q 631 -47.23 -55.04 78.96
N ALA Q 632 -47.75 -56.18 79.44
CA ALA Q 632 -48.87 -56.81 78.74
C ALA Q 632 -50.10 -55.93 78.77
N ILE Q 633 -50.40 -55.32 79.91
CA ILE Q 633 -51.54 -54.40 79.98
C ILE Q 633 -51.35 -53.28 78.96
N TYR Q 634 -50.15 -52.72 78.92
CA TYR Q 634 -49.87 -51.63 78.00
C TYR Q 634 -49.99 -52.08 76.55
N LYS Q 635 -49.52 -53.29 76.24
CA LYS Q 635 -49.65 -53.81 74.89
C LYS Q 635 -51.10 -53.98 74.50
N GLN Q 636 -51.94 -54.50 75.40
CA GLN Q 636 -53.35 -54.67 75.08
C GLN Q 636 -54.02 -53.33 74.80
N VAL Q 637 -53.81 -52.37 75.69
CA VAL Q 637 -54.41 -51.06 75.48
C VAL Q 637 -53.84 -50.37 74.24
N LEU Q 638 -52.60 -50.70 73.88
CA LEU Q 638 -52.03 -50.19 72.65
C LEU Q 638 -52.72 -50.78 71.44
N ARG Q 639 -52.91 -52.10 71.43
CA ARG Q 639 -53.60 -52.74 70.33
C ARG Q 639 -55.00 -52.16 70.15
N ASN Q 640 -55.79 -52.16 71.22
CA ASN Q 640 -57.15 -51.64 71.10
C ASN Q 640 -57.16 -50.13 70.90
N ASP Q 641 -56.06 -49.46 71.21
CA ASP Q 641 -55.92 -48.03 70.91
C ASP Q 641 -54.46 -47.75 70.67
N ALA Q 642 -54.11 -47.45 69.42
CA ALA Q 642 -52.75 -47.08 69.09
C ALA Q 642 -52.46 -45.60 69.31
N LYS Q 643 -53.49 -44.79 69.56
CA LYS Q 643 -53.31 -43.35 69.73
C LYS Q 643 -53.28 -42.91 71.19
N ASN Q 644 -53.34 -43.84 72.13
CA ASN Q 644 -53.26 -43.51 73.55
C ASN Q 644 -51.80 -43.21 73.92
N LEU Q 645 -51.54 -41.97 74.32
CA LEU Q 645 -50.17 -41.58 74.65
C LEU Q 645 -49.69 -42.25 75.93
N TYR Q 646 -50.60 -42.48 76.88
CA TYR Q 646 -50.18 -42.96 78.19
C TYR Q 646 -49.65 -44.38 78.13
N ALA Q 647 -50.16 -45.21 77.22
CA ALA Q 647 -49.59 -46.55 77.07
C ALA Q 647 -48.14 -46.47 76.64
N ALA Q 648 -47.83 -45.62 75.66
CA ALA Q 648 -46.46 -45.46 75.24
C ALA Q 648 -45.62 -44.87 76.36
N ASN Q 649 -46.19 -43.95 77.14
CA ASN Q 649 -45.49 -43.41 78.29
C ASN Q 649 -45.08 -44.52 79.25
N GLY Q 650 -46.05 -45.36 79.64
CA GLY Q 650 -45.75 -46.43 80.59
C GLY Q 650 -44.77 -47.43 80.01
N ILE Q 651 -44.86 -47.69 78.70
CA ILE Q 651 -43.93 -48.60 78.06
C ILE Q 651 -42.52 -48.03 78.13
N GLY Q 652 -42.37 -46.74 77.84
CA GLY Q 652 -41.06 -46.12 77.98
C GLY Q 652 -40.55 -46.20 79.41
N ALA Q 653 -41.44 -46.00 80.37
CA ALA Q 653 -41.06 -46.09 81.78
C ALA Q 653 -40.51 -47.47 82.10
N VAL Q 654 -41.25 -48.52 81.73
CA VAL Q 654 -40.80 -49.87 82.05
C VAL Q 654 -39.52 -50.20 81.31
N LEU Q 655 -39.34 -49.68 80.09
CA LEU Q 655 -38.10 -49.95 79.37
C LEU Q 655 -36.92 -49.26 80.04
N ALA Q 656 -37.11 -48.02 80.47
CA ALA Q 656 -36.10 -47.37 81.27
C ALA Q 656 -35.76 -48.20 82.49
N HIS Q 657 -36.78 -48.68 83.20
CA HIS Q 657 -36.54 -49.57 84.34
C HIS Q 657 -35.81 -50.83 83.90
N LYS Q 658 -36.04 -51.29 82.67
CA LYS Q 658 -35.31 -52.42 82.13
C LYS Q 658 -33.89 -52.05 81.74
N GLY Q 659 -33.54 -50.77 81.80
CA GLY Q 659 -32.19 -50.33 81.51
C GLY Q 659 -32.00 -49.83 80.09
N TYR Q 660 -33.06 -49.63 79.33
CA TYR Q 660 -32.95 -49.18 77.95
C TYR Q 660 -33.25 -47.68 77.91
N PHE Q 661 -32.31 -46.91 78.47
CA PHE Q 661 -32.41 -45.45 78.39
C PHE Q 661 -32.02 -44.97 77.00
N ARG Q 662 -30.95 -45.51 76.44
CA ARG Q 662 -30.62 -45.18 75.07
C ARG Q 662 -31.80 -45.47 74.15
N GLU Q 663 -32.58 -46.49 74.49
CA GLU Q 663 -33.79 -46.80 73.75
C GLU Q 663 -35.03 -46.17 74.37
N ALA Q 664 -34.94 -45.67 75.60
CA ALA Q 664 -36.09 -44.99 76.18
C ALA Q 664 -36.35 -43.67 75.49
N ARG Q 665 -35.30 -43.00 75.00
CA ARG Q 665 -35.50 -41.70 74.39
C ARG Q 665 -36.38 -41.82 73.15
N ASP Q 666 -36.14 -42.83 72.33
CA ASP Q 666 -36.93 -42.99 71.12
C ASP Q 666 -38.41 -43.16 71.47
N VAL Q 667 -38.72 -44.04 72.42
CA VAL Q 667 -40.12 -44.30 72.76
C VAL Q 667 -40.76 -43.03 73.32
N PHE Q 668 -40.07 -42.34 74.23
CA PHE Q 668 -40.60 -41.09 74.76
C PHE Q 668 -40.64 -40.00 73.70
N ALA Q 669 -39.96 -40.19 72.57
CA ALA Q 669 -39.98 -39.17 71.53
C ALA Q 669 -41.39 -38.92 71.02
N GLN Q 670 -42.12 -39.99 70.72
CA GLN Q 670 -43.47 -39.82 70.17
C GLN Q 670 -44.40 -39.15 71.18
N VAL Q 671 -44.38 -39.60 72.43
CA VAL Q 671 -45.27 -39.02 73.43
C VAL Q 671 -45.00 -37.53 73.58
N ARG Q 672 -43.72 -37.15 73.61
CA ARG Q 672 -43.38 -35.73 73.69
C ARG Q 672 -43.91 -34.98 72.47
N GLU Q 673 -43.72 -35.54 71.28
CA GLU Q 673 -44.14 -34.85 70.07
C GLU Q 673 -45.64 -34.66 70.02
N ALA Q 674 -46.41 -35.65 70.50
CA ALA Q 674 -47.85 -35.51 70.55
C ALA Q 674 -48.26 -34.31 71.39
N THR Q 675 -47.91 -34.33 72.67
CA THR Q 675 -48.22 -33.21 73.55
C THR Q 675 -47.25 -33.26 74.73
N ALA Q 676 -46.26 -32.37 74.73
CA ALA Q 676 -45.28 -32.33 75.80
C ALA Q 676 -45.78 -31.60 77.03
N ASP Q 677 -46.99 -31.05 76.98
CA ASP Q 677 -47.54 -30.31 78.11
C ASP Q 677 -48.21 -31.23 79.13
N ILE Q 678 -47.50 -32.28 79.52
CA ILE Q 678 -47.96 -33.18 80.58
C ILE Q 678 -46.82 -33.35 81.56
N SER Q 679 -47.12 -33.25 82.85
CA SER Q 679 -46.08 -33.22 83.87
C SER Q 679 -45.13 -34.41 83.76
N ASP Q 680 -45.66 -35.58 83.40
CA ASP Q 680 -44.87 -36.80 83.49
C ASP Q 680 -43.76 -36.84 82.43
N VAL Q 681 -44.07 -36.41 81.21
CA VAL Q 681 -43.10 -36.54 80.12
C VAL Q 681 -41.86 -35.73 80.42
N TRP Q 682 -42.05 -34.51 80.93
CA TRP Q 682 -40.91 -33.68 81.28
C TRP Q 682 -39.98 -34.42 82.22
N LEU Q 683 -40.53 -34.96 83.31
CA LEU Q 683 -39.70 -35.61 84.33
C LEU Q 683 -39.03 -36.85 83.78
N ASN Q 684 -39.73 -37.66 82.99
CA ASN Q 684 -39.12 -38.87 82.47
C ASN Q 684 -38.00 -38.55 81.50
N LEU Q 685 -38.22 -37.59 80.61
CA LEU Q 685 -37.18 -37.20 79.67
C LEU Q 685 -35.98 -36.61 80.40
N ALA Q 686 -36.23 -35.81 81.44
CA ALA Q 686 -35.14 -35.31 82.26
C ALA Q 686 -34.40 -36.45 82.93
N HIS Q 687 -35.13 -37.45 83.44
CA HIS Q 687 -34.49 -38.63 84.00
C HIS Q 687 -33.51 -39.21 83.02
N ILE Q 688 -33.95 -39.40 81.78
CA ILE Q 688 -33.05 -39.96 80.78
C ILE Q 688 -31.85 -39.06 80.57
N TYR Q 689 -32.08 -37.75 80.46
CA TYR Q 689 -30.97 -36.82 80.24
C TYR Q 689 -29.99 -36.86 81.40
N VAL Q 690 -30.50 -36.69 82.64
CA VAL Q 690 -29.60 -36.67 83.78
C VAL Q 690 -28.86 -37.98 83.90
N GLU Q 691 -29.47 -39.08 83.41
CA GLU Q 691 -28.80 -40.36 83.44
C GLU Q 691 -27.58 -40.39 82.53
N GLN Q 692 -27.61 -39.61 81.44
CA GLN Q 692 -26.53 -39.59 80.47
C GLN Q 692 -25.52 -38.48 80.74
N LYS Q 693 -25.37 -38.08 82.00
CA LYS Q 693 -24.41 -37.04 82.39
C LYS Q 693 -24.69 -35.73 81.70
N GLN Q 694 -25.96 -35.42 81.47
CA GLN Q 694 -26.39 -34.16 80.88
C GLN Q 694 -27.32 -33.46 81.87
N TYR Q 695 -26.72 -32.74 82.82
CA TYR Q 695 -27.53 -31.89 83.70
C TYR Q 695 -27.97 -30.63 82.97
N ILE Q 696 -27.19 -30.19 81.98
CA ILE Q 696 -27.55 -29.02 81.20
C ILE Q 696 -28.92 -29.20 80.58
N SER Q 697 -29.20 -30.39 80.07
CA SER Q 697 -30.45 -30.69 79.38
C SER Q 697 -31.55 -31.15 80.32
N ALA Q 698 -31.26 -31.31 81.61
CA ALA Q 698 -32.24 -31.79 82.58
C ALA Q 698 -32.75 -30.71 83.51
N VAL Q 699 -31.87 -29.82 83.97
CA VAL Q 699 -32.29 -28.76 84.89
C VAL Q 699 -33.33 -27.88 84.22
N GLN Q 700 -33.15 -27.58 82.93
CA GLN Q 700 -34.12 -26.75 82.23
C GLN Q 700 -35.49 -27.42 82.21
N MET Q 701 -35.53 -28.73 81.95
CA MET Q 701 -36.82 -29.42 81.95
C MET Q 701 -37.47 -29.33 83.32
N TYR Q 702 -36.70 -29.59 84.38
CA TYR Q 702 -37.26 -29.53 85.73
C TYR Q 702 -37.81 -28.14 86.01
N GLU Q 703 -37.11 -27.11 85.55
CA GLU Q 703 -37.61 -25.75 85.73
C GLU Q 703 -38.92 -25.54 84.98
N ASN Q 704 -38.98 -26.02 83.74
CA ASN Q 704 -40.18 -25.82 82.94
C ASN Q 704 -41.38 -26.52 83.57
N CYS Q 705 -41.17 -27.73 84.10
CA CYS Q 705 -42.24 -28.41 84.80
C CYS Q 705 -42.72 -27.62 86.00
N LEU Q 706 -41.79 -26.95 86.69
CA LEU Q 706 -42.13 -26.09 87.82
C LEU Q 706 -42.73 -24.76 87.37
N ARG Q 707 -42.68 -24.45 86.08
CA ARG Q 707 -43.23 -23.19 85.61
C ARG Q 707 -44.73 -23.11 85.82
N LYS Q 708 -45.40 -24.23 86.05
CA LYS Q 708 -46.84 -24.24 86.23
C LYS Q 708 -47.21 -23.54 87.53
N PHE Q 709 -48.40 -22.94 87.54
CA PHE Q 709 -48.88 -22.14 88.68
C PHE Q 709 -49.56 -23.04 89.70
N TYR Q 710 -48.76 -23.95 90.28
CA TYR Q 710 -49.26 -24.88 91.28
C TYR Q 710 -48.38 -24.83 92.51
N LYS Q 711 -47.11 -24.54 92.30
CA LYS Q 711 -46.11 -24.51 93.37
C LYS Q 711 -44.89 -23.79 92.84
N HIS Q 712 -43.94 -23.57 93.71
CA HIS Q 712 -42.69 -22.92 93.36
C HIS Q 712 -41.48 -23.76 93.73
N GLN Q 713 -41.53 -24.45 94.88
CA GLN Q 713 -40.44 -25.30 95.35
C GLN Q 713 -41.03 -26.67 95.64
N ASN Q 714 -41.00 -27.56 94.65
CA ASN Q 714 -41.41 -28.94 94.87
C ASN Q 714 -40.20 -29.75 95.31
N THR Q 715 -40.46 -30.73 96.18
CA THR Q 715 -39.37 -31.54 96.72
C THR Q 715 -38.87 -32.55 95.71
N GLU Q 716 -39.79 -33.25 95.04
CA GLU Q 716 -39.36 -34.32 94.13
C GLU Q 716 -38.57 -33.77 92.96
N VAL Q 717 -38.98 -32.61 92.44
CA VAL Q 717 -38.29 -32.04 91.29
C VAL Q 717 -36.84 -31.71 91.65
N VAL Q 718 -36.63 -31.11 92.81
CA VAL Q 718 -35.26 -30.79 93.22
C VAL Q 718 -34.50 -32.07 93.51
N LEU Q 719 -35.15 -33.06 94.14
CA LEU Q 719 -34.48 -34.33 94.41
C LEU Q 719 -33.97 -34.97 93.14
N TYR Q 720 -34.78 -34.93 92.08
CA TYR Q 720 -34.33 -35.39 90.77
C TYR Q 720 -33.34 -34.43 90.14
N LEU Q 721 -33.30 -33.18 90.61
CA LEU Q 721 -32.38 -32.20 90.05
C LEU Q 721 -30.93 -32.55 90.36
N ALA Q 722 -30.65 -32.91 91.61
CA ALA Q 722 -29.28 -33.19 92.06
C ALA Q 722 -29.07 -34.70 92.01
N ARG Q 723 -28.47 -35.17 90.91
CA ARG Q 723 -28.22 -36.60 90.73
C ARG Q 723 -26.73 -36.92 90.72
N ALA Q 724 -25.95 -36.26 89.87
CA ALA Q 724 -24.53 -36.47 89.77
C ALA Q 724 -23.81 -35.14 89.60
N LEU Q 725 -24.33 -34.11 90.24
CA LEU Q 725 -23.79 -32.76 90.12
C LEU Q 725 -22.48 -32.67 90.88
N PHE Q 726 -21.41 -32.30 90.17
CA PHE Q 726 -20.12 -32.10 90.77
C PHE Q 726 -19.47 -30.79 90.33
N LYS Q 727 -20.10 -30.06 89.42
CA LYS Q 727 -19.53 -28.82 88.90
C LYS Q 727 -19.80 -27.66 89.85
N CYS Q 728 -19.02 -26.60 89.69
CA CYS Q 728 -19.14 -25.45 90.60
C CYS Q 728 -20.55 -24.88 90.58
N GLY Q 729 -21.11 -24.69 89.39
CA GLY Q 729 -22.46 -24.17 89.30
C GLY Q 729 -23.53 -25.16 89.66
N LYS Q 730 -23.17 -26.43 89.83
CA LYS Q 730 -24.12 -27.47 90.16
C LYS Q 730 -23.96 -27.96 91.59
N LEU Q 731 -23.12 -27.28 92.37
CA LEU Q 731 -22.97 -27.57 93.80
C LEU Q 731 -23.42 -26.41 94.66
N GLN Q 732 -22.88 -25.21 94.43
CA GLN Q 732 -23.32 -24.06 95.20
C GLN Q 732 -24.76 -23.70 94.87
N GLU Q 733 -25.09 -23.63 93.58
CA GLU Q 733 -26.48 -23.39 93.22
C GLU Q 733 -27.37 -24.56 93.64
N CYS Q 734 -26.81 -25.77 93.60
CA CYS Q 734 -27.53 -26.92 94.13
C CYS Q 734 -27.90 -26.68 95.59
N LYS Q 735 -26.98 -26.12 96.37
CA LYS Q 735 -27.29 -25.79 97.76
C LYS Q 735 -28.41 -24.75 97.82
N GLN Q 736 -28.39 -23.76 96.92
CA GLN Q 736 -29.42 -22.73 96.93
C GLN Q 736 -30.79 -23.34 96.69
N THR Q 737 -30.91 -24.18 95.67
CA THR Q 737 -32.20 -24.83 95.41
C THR Q 737 -32.58 -25.78 96.53
N LEU Q 738 -31.60 -26.46 97.14
CA LEU Q 738 -31.90 -27.34 98.26
C LEU Q 738 -32.50 -26.55 99.41
N LEU Q 739 -31.92 -25.40 99.73
CA LEU Q 739 -32.49 -24.57 100.78
C LEU Q 739 -33.87 -24.07 100.39
N LYS Q 740 -34.05 -23.68 99.13
CA LYS Q 740 -35.37 -23.26 98.69
C LYS Q 740 -36.40 -24.36 98.94
N ALA Q 741 -36.06 -25.60 98.61
CA ALA Q 741 -36.97 -26.71 98.82
C ALA Q 741 -37.22 -26.93 100.31
N ARG Q 742 -36.14 -27.07 101.09
CA ARG Q 742 -36.31 -27.32 102.52
C ARG Q 742 -37.04 -26.18 103.21
N HIS Q 743 -37.05 -25.00 102.60
CA HIS Q 743 -37.75 -23.85 103.17
C HIS Q 743 -39.23 -24.13 103.29
N VAL Q 744 -39.84 -24.68 102.24
CA VAL Q 744 -41.27 -24.97 102.29
C VAL Q 744 -41.56 -26.05 103.31
N ALA Q 745 -40.68 -27.03 103.45
CA ALA Q 745 -40.90 -28.15 104.34
C ALA Q 745 -39.58 -28.71 104.83
N PRO Q 746 -39.07 -28.25 105.97
CA PRO Q 746 -37.79 -28.78 106.47
C PRO Q 746 -37.91 -30.15 107.10
N SER Q 747 -39.11 -30.68 107.28
CA SER Q 747 -39.29 -31.93 108.02
C SER Q 747 -38.66 -33.12 107.33
N ASP Q 748 -38.29 -33.01 106.06
CA ASP Q 748 -37.73 -34.14 105.33
C ASP Q 748 -36.28 -34.37 105.71
N THR Q 749 -35.92 -35.63 105.96
CA THR Q 749 -34.54 -35.97 106.27
C THR Q 749 -33.64 -35.98 105.03
N VAL Q 750 -34.21 -36.31 103.87
CA VAL Q 750 -33.39 -36.42 102.66
C VAL Q 750 -32.76 -35.07 102.33
N LEU Q 751 -33.52 -33.98 102.50
CA LEU Q 751 -32.97 -32.66 102.26
C LEU Q 751 -31.81 -32.38 103.22
N MET Q 752 -32.02 -32.64 104.50
CA MET Q 752 -31.00 -32.36 105.50
C MET Q 752 -29.76 -33.21 105.29
N PHE Q 753 -29.89 -34.35 104.63
CA PHE Q 753 -28.74 -35.18 104.32
C PHE Q 753 -28.02 -34.71 103.06
N ASN Q 754 -28.78 -34.38 102.01
CA ASN Q 754 -28.16 -33.94 100.77
C ASN Q 754 -27.45 -32.61 100.96
N VAL Q 755 -28.01 -31.73 101.78
CA VAL Q 755 -27.36 -30.45 102.04
C VAL Q 755 -26.00 -30.67 102.70
N ALA Q 756 -25.95 -31.54 103.71
CA ALA Q 756 -24.68 -31.81 104.37
C ALA Q 756 -23.71 -32.49 103.42
N LEU Q 757 -24.20 -33.36 102.55
CA LEU Q 757 -23.32 -34.03 101.59
C LEU Q 757 -22.70 -33.02 100.63
N VAL Q 758 -23.50 -32.10 100.10
CA VAL Q 758 -22.95 -31.11 99.18
C VAL Q 758 -22.02 -30.16 99.91
N LEU Q 759 -22.34 -29.84 101.18
CA LEU Q 759 -21.44 -29.05 102.00
C LEU Q 759 -20.09 -29.72 102.11
N GLN Q 760 -20.08 -31.02 102.42
CA GLN Q 760 -18.83 -31.76 102.52
C GLN Q 760 -18.10 -31.78 101.17
N ARG Q 761 -18.85 -31.95 100.09
CA ARG Q 761 -18.24 -31.96 98.77
C ARG Q 761 -17.50 -30.65 98.52
N LEU Q 762 -18.15 -29.53 98.78
CA LEU Q 762 -17.49 -28.24 98.60
C LEU Q 762 -16.30 -28.09 99.54
N ALA Q 763 -16.47 -28.47 100.81
CA ALA Q 763 -15.40 -28.31 101.77
C ALA Q 763 -14.16 -29.07 101.35
N THR Q 764 -14.32 -30.33 100.93
CA THR Q 764 -13.18 -31.11 100.48
C THR Q 764 -12.64 -30.57 99.17
N SER Q 765 -13.51 -30.06 98.31
CA SER Q 765 -13.05 -29.49 97.04
C SER Q 765 -12.21 -28.24 97.24
N VAL Q 766 -12.31 -27.59 98.39
CA VAL Q 766 -11.48 -26.41 98.66
C VAL Q 766 -10.43 -26.65 99.74
N LEU Q 767 -10.45 -27.79 100.43
CA LEU Q 767 -9.55 -28.04 101.54
C LEU Q 767 -8.64 -29.25 101.32
N LYS Q 768 -8.70 -29.87 100.14
CA LYS Q 768 -7.84 -30.99 99.82
C LYS Q 768 -6.73 -30.58 98.86
N ASP Q 769 -7.09 -29.99 97.72
CA ASP Q 769 -6.14 -29.60 96.69
C ASP Q 769 -5.89 -28.10 96.66
N GLU Q 770 -6.37 -27.38 97.68
CA GLU Q 770 -6.25 -25.94 97.73
C GLU Q 770 -5.68 -25.53 99.08
N LYS Q 771 -4.75 -24.58 99.10
CA LYS Q 771 -4.14 -23.83 97.99
C LYS Q 771 -5.18 -23.09 97.15
N SER Q 772 -5.92 -22.20 97.80
CA SER Q 772 -6.83 -21.28 97.12
C SER Q 772 -6.97 -20.04 97.99
N ASN Q 773 -7.98 -19.22 97.71
CA ASN Q 773 -8.17 -18.00 98.48
C ASN Q 773 -8.33 -18.31 99.96
N LEU Q 774 -8.01 -17.32 100.79
CA LEU Q 774 -7.99 -17.49 102.24
C LEU Q 774 -9.38 -17.39 102.84
N LYS Q 775 -10.12 -16.34 102.49
CA LYS Q 775 -11.46 -16.20 103.07
C LYS Q 775 -12.30 -17.44 102.82
N GLU Q 776 -12.07 -18.11 101.69
CA GLU Q 776 -12.78 -19.36 101.48
C GLU Q 776 -12.37 -20.41 102.51
N VAL Q 777 -11.09 -20.44 102.88
CA VAL Q 777 -10.70 -21.37 103.92
C VAL Q 777 -11.38 -20.98 105.23
N LEU Q 778 -11.58 -19.69 105.46
CA LEU Q 778 -12.26 -19.25 106.67
C LEU Q 778 -13.71 -19.73 106.69
N ASN Q 779 -14.37 -19.71 105.53
CA ASN Q 779 -15.77 -20.12 105.47
C ASN Q 779 -15.94 -21.64 105.46
N ALA Q 780 -14.95 -22.36 104.92
CA ALA Q 780 -15.08 -23.81 104.78
C ALA Q 780 -15.18 -24.48 106.15
N VAL Q 781 -14.45 -23.97 107.15
CA VAL Q 781 -14.50 -24.57 108.48
C VAL Q 781 -15.88 -24.40 109.08
N LYS Q 782 -16.50 -23.22 108.93
CA LYS Q 782 -17.85 -23.04 109.42
C LYS Q 782 -18.82 -23.97 108.71
N GLU Q 783 -18.67 -24.11 107.39
CA GLU Q 783 -19.54 -25.01 106.64
C GLU Q 783 -19.39 -26.45 107.14
N LEU Q 784 -18.15 -26.89 107.35
CA LEU Q 784 -17.91 -28.24 107.81
C LEU Q 784 -18.46 -28.45 109.21
N GLU Q 785 -18.36 -27.42 110.05
CA GLU Q 785 -18.92 -27.52 111.40
C GLU Q 785 -20.43 -27.69 111.35
N LEU Q 786 -21.10 -26.93 110.49
CA LEU Q 786 -22.55 -27.10 110.34
C LEU Q 786 -22.88 -28.48 109.79
N ALA Q 787 -22.11 -28.95 108.81
CA ALA Q 787 -22.32 -30.29 108.28
C ALA Q 787 -22.17 -31.32 109.39
N HIS Q 788 -21.18 -31.14 110.26
CA HIS Q 788 -20.95 -32.05 111.37
C HIS Q 788 -22.11 -32.02 112.36
N ARG Q 789 -22.62 -30.81 112.65
CA ARG Q 789 -23.76 -30.71 113.55
C ARG Q 789 -24.97 -31.43 112.97
N TYR Q 790 -25.18 -31.30 111.66
CA TYR Q 790 -26.27 -32.03 111.01
C TYR Q 790 -26.04 -33.54 111.06
N PHE Q 791 -24.80 -33.98 110.87
CA PHE Q 791 -24.49 -35.40 111.02
C PHE Q 791 -24.86 -35.88 112.41
N SER Q 792 -24.54 -35.11 113.43
CA SER Q 792 -24.93 -35.47 114.78
C SER Q 792 -26.44 -35.52 114.93
N TYR Q 793 -27.14 -34.55 114.33
CA TYR Q 793 -28.58 -34.46 114.52
C TYR Q 793 -29.32 -35.55 113.75
N LEU Q 794 -28.86 -35.86 112.53
CA LEU Q 794 -29.55 -36.85 111.72
C LEU Q 794 -29.46 -38.25 112.29
N SER Q 795 -28.50 -38.51 113.17
CA SER Q 795 -28.34 -39.85 113.72
C SER Q 795 -29.44 -40.21 114.72
N LYS Q 796 -30.05 -39.21 115.35
CA LYS Q 796 -31.04 -39.44 116.39
C LYS Q 796 -32.45 -39.66 115.83
N VAL Q 797 -32.66 -39.45 114.54
CA VAL Q 797 -33.98 -39.58 113.96
C VAL Q 797 -34.32 -41.05 113.75
N GLY Q 798 -35.54 -41.44 114.13
CA GLY Q 798 -35.97 -42.81 114.00
C GLY Q 798 -36.16 -43.25 112.56
N ASP Q 799 -37.20 -42.73 111.91
CA ASP Q 799 -37.52 -43.13 110.55
C ASP Q 799 -36.54 -42.49 109.56
N LYS Q 800 -36.42 -43.14 108.40
CA LYS Q 800 -35.53 -42.69 107.35
C LYS Q 800 -36.21 -42.92 106.01
N MET Q 801 -35.47 -42.75 104.92
CA MET Q 801 -36.03 -42.87 103.58
C MET Q 801 -36.14 -44.34 103.17
N ARG Q 802 -36.83 -45.14 103.98
CA ARG Q 802 -36.92 -46.59 103.76
C ARG Q 802 -35.55 -47.24 103.76
N PHE Q 803 -34.56 -46.56 104.33
CA PHE Q 803 -33.20 -47.06 104.38
C PHE Q 803 -32.49 -46.38 105.54
N ASP Q 804 -32.01 -47.15 106.50
CA ASP Q 804 -31.36 -46.59 107.66
C ASP Q 804 -30.10 -45.83 107.26
N LEU Q 805 -29.85 -44.71 107.95
CA LEU Q 805 -28.69 -43.87 107.68
C LEU Q 805 -27.53 -44.19 108.62
N ALA Q 806 -27.36 -45.46 108.99
CA ALA Q 806 -26.24 -45.84 109.84
C ALA Q 806 -24.90 -45.61 109.17
N LEU Q 807 -24.89 -45.32 107.86
CA LEU Q 807 -23.67 -45.11 107.10
C LEU Q 807 -23.17 -43.67 107.17
N ALA Q 808 -23.53 -42.93 108.21
CA ALA Q 808 -22.98 -41.60 108.42
C ALA Q 808 -21.59 -41.63 109.04
N ALA Q 809 -21.14 -42.79 109.53
CA ALA Q 809 -19.84 -42.87 110.17
C ALA Q 809 -18.72 -42.53 109.21
N THR Q 810 -18.79 -43.04 107.98
CA THR Q 810 -17.82 -42.64 106.97
C THR Q 810 -17.85 -41.12 106.77
N GLU Q 811 -19.04 -40.53 106.84
CA GLU Q 811 -19.14 -39.08 106.77
C GLU Q 811 -18.42 -38.41 107.93
N ALA Q 812 -18.57 -38.95 109.14
CA ALA Q 812 -17.89 -38.37 110.29
C ALA Q 812 -16.37 -38.47 110.13
N ARG Q 813 -15.88 -39.62 109.68
CA ARG Q 813 -14.44 -39.76 109.48
C ARG Q 813 -13.94 -38.82 108.41
N GLN Q 814 -14.73 -38.66 107.34
CA GLN Q 814 -14.38 -37.71 106.30
C GLN Q 814 -14.29 -36.30 106.88
N CYS Q 815 -15.26 -35.92 107.72
CA CYS Q 815 -15.25 -34.58 108.29
C CYS Q 815 -14.08 -34.39 109.25
N SER Q 816 -13.69 -35.43 109.97
CA SER Q 816 -12.55 -35.34 110.86
C SER Q 816 -11.27 -35.08 110.08
N ASP Q 817 -11.00 -35.90 109.05
CA ASP Q 817 -9.79 -35.66 108.28
C ASP Q 817 -9.87 -34.35 107.51
N LEU Q 818 -11.08 -33.89 107.15
CA LEU Q 818 -11.23 -32.57 106.56
C LEU Q 818 -10.86 -31.47 107.54
N LEU Q 819 -11.27 -31.60 108.81
CA LEU Q 819 -10.87 -30.64 109.82
C LEU Q 819 -9.37 -30.60 109.94
N SER Q 820 -8.73 -31.76 109.96
CA SER Q 820 -7.27 -31.78 110.02
C SER Q 820 -6.67 -31.04 108.84
N GLN Q 821 -7.18 -31.32 107.64
CA GLN Q 821 -6.66 -30.66 106.45
C GLN Q 821 -6.89 -29.16 106.50
N ALA Q 822 -8.02 -28.73 107.05
CA ALA Q 822 -8.30 -27.30 107.14
C ALA Q 822 -7.34 -26.61 108.10
N GLN Q 823 -7.11 -27.23 109.26
CA GLN Q 823 -6.13 -26.69 110.18
C GLN Q 823 -4.75 -26.67 109.56
N TYR Q 824 -4.49 -27.59 108.63
CA TYR Q 824 -3.22 -27.56 107.92
C TYR Q 824 -3.17 -26.43 106.92
N HIS Q 825 -4.25 -26.22 106.16
CA HIS Q 825 -4.26 -25.28 105.06
C HIS Q 825 -4.47 -23.84 105.50
N VAL Q 826 -4.93 -23.61 106.73
CA VAL Q 826 -4.99 -22.24 107.22
C VAL Q 826 -3.59 -21.65 107.29
N ALA Q 827 -2.60 -22.47 107.64
CA ALA Q 827 -1.21 -22.02 107.60
C ALA Q 827 -0.83 -21.60 106.19
N ARG Q 828 -1.24 -22.39 105.20
CA ARG Q 828 -0.97 -22.01 103.82
C ARG Q 828 -1.64 -20.69 103.48
N ALA Q 829 -2.86 -20.48 103.98
CA ALA Q 829 -3.53 -19.22 103.76
C ALA Q 829 -2.71 -18.07 104.32
N ARG Q 830 -2.18 -18.24 105.52
CA ARG Q 830 -1.35 -17.19 106.12
C ARG Q 830 -0.08 -16.94 105.31
N LYS Q 831 0.53 -18.01 104.80
CA LYS Q 831 1.70 -17.85 103.95
C LYS Q 831 1.35 -17.04 102.71
N GLN Q 832 0.21 -17.34 102.09
CA GLN Q 832 -0.23 -16.58 100.93
C GLN Q 832 -0.46 -15.12 101.29
N ASP Q 833 -0.98 -14.88 102.49
CA ASP Q 833 -1.19 -13.51 102.94
C ASP Q 833 0.14 -12.75 103.01
N GLU Q 834 1.12 -13.33 103.69
CA GLU Q 834 2.41 -12.65 103.77
C GLU Q 834 3.02 -12.50 102.38
N GLU Q 835 2.74 -13.43 101.47
CA GLU Q 835 3.25 -13.32 100.11
C GLU Q 835 2.68 -12.09 99.40
N GLU Q 836 1.35 -11.97 99.38
CA GLU Q 836 0.76 -10.79 98.76
C GLU Q 836 1.26 -9.52 99.42
N ARG Q 837 1.48 -9.57 100.74
CA ARG Q 837 1.97 -8.39 101.45
C ARG Q 837 3.33 -7.96 100.93
N GLU Q 838 4.29 -8.89 100.90
CA GLU Q 838 5.61 -8.51 100.42
C GLU Q 838 5.53 -8.10 98.96
N LEU Q 839 4.59 -8.67 98.21
CA LEU Q 839 4.43 -8.29 96.81
C LEU Q 839 4.01 -6.83 96.68
N ARG Q 840 2.96 -6.45 97.40
CA ARG Q 840 2.53 -5.06 97.31
C ARG Q 840 3.63 -4.13 97.80
N ALA Q 841 4.38 -4.53 98.83
CA ALA Q 841 5.47 -3.69 99.31
C ALA Q 841 6.52 -3.48 98.21
N LYS Q 842 6.94 -4.57 97.56
CA LYS Q 842 7.94 -4.47 96.51
C LYS Q 842 7.39 -3.81 95.26
N GLN Q 843 6.07 -3.65 95.16
CA GLN Q 843 5.52 -2.79 94.12
C GLN Q 843 5.51 -1.33 94.56
N GLU Q 844 5.22 -1.11 95.84
CA GLU Q 844 5.21 0.23 96.41
C GLU Q 844 6.58 0.88 96.24
N GLN Q 845 7.65 0.10 96.42
CA GLN Q 845 9.00 0.65 96.28
C GLN Q 845 9.26 1.12 94.85
N GLU Q 846 8.84 0.34 93.85
CA GLU Q 846 9.03 0.75 92.46
C GLU Q 846 8.23 2.02 92.16
N LYS Q 847 7.00 2.09 92.69
CA LYS Q 847 6.22 3.31 92.51
C LYS Q 847 6.91 4.52 93.14
N GLU Q 848 7.55 4.30 94.29
CA GLU Q 848 8.35 5.37 94.89
C GLU Q 848 9.51 5.76 93.96
N LEU Q 849 10.12 4.78 93.32
CA LEU Q 849 11.21 5.07 92.38
C LEU Q 849 10.72 5.99 91.26
N LEU Q 850 9.58 5.65 90.66
CA LEU Q 850 9.07 6.49 89.57
C LEU Q 850 8.67 7.87 90.10
N ARG Q 851 8.22 7.95 91.35
CA ARG Q 851 7.97 9.26 91.95
C ARG Q 851 9.25 10.08 92.04
N GLN Q 852 10.36 9.45 92.44
CA GLN Q 852 11.63 10.16 92.50
C GLN Q 852 12.03 10.64 91.11
N LYS Q 853 11.79 9.82 90.09
CA LYS Q 853 12.09 10.24 88.72
C LYS Q 853 11.27 11.46 88.32
N LEU Q 854 9.99 11.48 88.71
CA LEU Q 854 9.17 12.66 88.47
C LEU Q 854 9.78 13.89 89.16
N LEU Q 855 10.24 13.72 90.40
CA LEU Q 855 10.81 14.85 91.12
C LEU Q 855 12.07 15.38 90.42
N LYS Q 856 12.93 14.49 89.95
CA LYS Q 856 14.15 14.95 89.30
C LYS Q 856 13.83 15.60 87.95
N GLU Q 857 12.81 15.12 87.24
CA GLU Q 857 12.37 15.82 86.03
C GLU Q 857 11.91 17.23 86.36
N GLN Q 858 11.16 17.38 87.46
CA GLN Q 858 10.68 18.70 87.87
C GLN Q 858 11.84 19.64 88.18
N GLU Q 859 12.85 19.15 88.90
CA GLU Q 859 13.98 20.03 89.20
C GLU Q 859 14.78 20.34 87.93
N GLU Q 860 14.82 19.43 86.96
CA GLU Q 860 15.46 19.75 85.69
C GLU Q 860 14.71 20.87 84.97
N LYS Q 861 13.38 20.84 85.00
CA LYS Q 861 12.61 21.95 84.45
C LYS Q 861 12.91 23.24 85.19
N ARG Q 862 13.10 23.15 86.51
CA ARG Q 862 13.51 24.33 87.28
C ARG Q 862 14.85 24.86 86.79
N LEU Q 863 15.79 23.96 86.51
CA LEU Q 863 17.08 24.38 85.98
C LEU Q 863 16.92 25.12 84.66
N ARG Q 864 16.05 24.59 83.78
CA ARG Q 864 15.80 25.27 82.52
C ARG Q 864 15.20 26.65 82.75
N GLU Q 865 14.29 26.77 83.72
CA GLU Q 865 13.73 28.08 84.04
C GLU Q 865 14.82 29.03 84.51
N LYS Q 866 15.76 28.54 85.33
CA LYS Q 866 16.86 29.38 85.77
C LYS Q 866 17.74 29.80 84.60
N GLU Q 867 17.93 28.90 83.62
CA GLU Q 867 18.66 29.27 82.42
C GLU Q 867 17.94 30.39 81.66
N GLU Q 868 16.62 30.31 81.58
CA GLU Q 868 15.86 31.41 80.99
C GLU Q 868 16.11 32.71 81.76
N GLN Q 869 16.13 32.62 83.10
CA GLN Q 869 16.40 33.79 83.91
C GLN Q 869 17.75 34.40 83.56
N LYS Q 870 18.78 33.55 83.44
CA LYS Q 870 20.11 34.07 83.17
C LYS Q 870 20.18 34.69 81.78
N LYS Q 871 19.52 34.08 80.79
CA LYS Q 871 19.48 34.68 79.47
C LYS Q 871 18.81 36.04 79.51
N LEU Q 872 17.69 36.15 80.23
CA LEU Q 872 17.00 37.43 80.34
C LEU Q 872 17.89 38.48 80.98
N LEU Q 873 18.57 38.12 82.07
CA LEU Q 873 19.41 39.11 82.75
C LEU Q 873 20.59 39.53 81.88
N GLU Q 874 21.18 38.58 81.15
CA GLU Q 874 22.26 38.94 80.24
C GLU Q 874 21.76 39.88 79.15
N GLN Q 875 20.58 39.60 78.60
CA GLN Q 875 20.03 40.45 77.56
C GLN Q 875 19.79 41.86 78.10
N ARG Q 876 19.28 41.96 79.32
CA ARG Q 876 19.09 43.28 79.93
C ARG Q 876 20.43 43.98 80.15
N ALA Q 877 21.45 43.24 80.60
CA ALA Q 877 22.75 43.83 80.87
C ALA Q 877 23.46 44.28 79.61
N GLN Q 878 23.10 43.73 78.46
CA GLN Q 878 23.59 44.29 77.20
C GLN Q 878 22.70 45.39 76.67
N TYR Q 879 21.40 45.35 76.96
CA TYR Q 879 20.50 46.42 76.56
C TYR Q 879 20.86 47.73 77.26
N VAL Q 880 21.30 47.65 78.52
CA VAL Q 880 21.67 48.87 79.24
C VAL Q 880 22.78 49.60 78.50
N GLU Q 881 23.69 48.86 77.88
CA GLU Q 881 24.75 49.48 77.10
C GLU Q 881 24.25 49.89 75.72
N LYS Q 882 23.40 49.08 75.10
CA LYS Q 882 22.99 49.34 73.73
C LYS Q 882 22.09 50.55 73.61
N THR Q 883 21.28 50.82 74.65
CA THR Q 883 20.43 52.01 74.61
C THR Q 883 21.27 53.28 74.48
N LYS Q 884 22.51 53.25 74.99
CA LYS Q 884 23.37 54.42 74.83
C LYS Q 884 23.68 54.67 73.37
N ASN Q 885 24.03 53.62 72.63
CA ASN Q 885 24.25 53.78 71.19
C ASN Q 885 22.98 54.22 70.49
N ILE Q 886 21.83 53.64 70.88
CA ILE Q 886 20.57 54.02 70.26
C ILE Q 886 20.29 55.51 70.47
N LEU Q 887 20.60 56.01 71.67
CA LEU Q 887 20.41 57.43 71.95
C LEU Q 887 21.36 58.28 71.13
N MET Q 888 22.65 57.97 71.16
CA MET Q 888 23.62 58.79 70.44
C MET Q 888 23.43 58.73 68.94
N PHE Q 889 22.73 57.72 68.42
CA PHE Q 889 22.50 57.65 66.98
C PHE Q 889 21.67 58.84 66.51
N THR Q 890 20.66 59.24 67.27
CA THR Q 890 19.82 60.37 66.91
C THR Q 890 20.35 61.65 67.55
N VAL R 1 -6.23 -21.79 -69.99
CA VAL R 1 -7.28 -22.07 -68.97
C VAL R 1 -8.28 -23.10 -69.50
N SER R 2 -8.23 -24.33 -68.96
CA SER R 2 -9.14 -25.37 -69.39
C SER R 2 -9.69 -26.19 -68.23
N LEU R 3 -9.40 -25.82 -66.98
CA LEU R 3 -9.85 -26.59 -65.83
C LEU R 3 -10.87 -25.78 -65.02
N PRO R 4 -11.83 -26.44 -64.37
CA PRO R 4 -12.80 -25.70 -63.54
C PRO R 4 -12.23 -25.32 -62.19
N GLU R 5 -11.37 -26.18 -61.63
CA GLU R 5 -10.83 -25.92 -60.30
C GLU R 5 -10.04 -24.62 -60.26
N GLU R 6 -9.20 -24.39 -61.27
CA GLU R 6 -8.45 -23.14 -61.33
C GLU R 6 -9.37 -21.95 -61.56
N LEU R 7 -10.47 -22.16 -62.29
CA LEU R 7 -11.39 -21.06 -62.58
C LEU R 7 -12.24 -20.66 -61.39
N ASN R 8 -12.46 -21.57 -60.44
CA ASN R 8 -13.23 -21.25 -59.24
C ASN R 8 -12.47 -20.37 -58.26
N ARG R 9 -11.17 -20.17 -58.47
CA ARG R 9 -10.39 -19.38 -57.53
C ARG R 9 -10.91 -17.94 -57.46
N VAL R 10 -11.25 -17.36 -58.60
CA VAL R 10 -11.71 -15.97 -58.63
C VAL R 10 -13.23 -15.87 -58.58
N ARG R 11 -13.93 -16.97 -58.38
CA ARG R 11 -15.39 -16.93 -58.28
C ARG R 11 -15.79 -16.13 -57.05
N LEU R 12 -16.52 -15.04 -57.27
CA LEU R 12 -16.97 -14.17 -56.18
C LEU R 12 -18.27 -14.73 -55.63
N SER R 13 -18.20 -15.36 -54.46
CA SER R 13 -19.38 -15.95 -53.83
C SER R 13 -20.30 -14.86 -53.29
N ARG R 14 -21.45 -15.28 -52.80
CA ARG R 14 -22.43 -14.34 -52.24
C ARG R 14 -22.05 -13.84 -50.87
N HIS R 15 -21.18 -14.56 -50.16
CA HIS R 15 -20.78 -14.12 -48.82
C HIS R 15 -19.67 -13.09 -48.86
N LYS R 16 -18.81 -13.12 -49.88
CA LYS R 16 -17.72 -12.16 -49.98
C LYS R 16 -18.20 -10.79 -50.45
N LEU R 17 -19.20 -10.75 -51.34
CA LEU R 17 -19.67 -9.49 -51.87
C LEU R 17 -20.33 -8.62 -50.80
N GLU R 18 -20.71 -9.20 -49.67
CA GLU R 18 -21.36 -8.43 -48.62
C GLU R 18 -20.40 -7.50 -47.90
N ARG R 19 -19.10 -7.70 -48.04
CA ARG R 19 -18.09 -6.91 -47.36
C ARG R 19 -17.53 -5.79 -48.23
N TRP R 20 -17.99 -5.64 -49.46
CA TRP R 20 -17.55 -4.55 -50.34
C TRP R 20 -18.75 -3.84 -50.96
N CYS R 21 -19.86 -3.78 -50.23
CA CYS R 21 -21.04 -3.10 -50.75
C CYS R 21 -20.82 -1.61 -50.93
N HIS R 22 -19.85 -1.03 -50.23
CA HIS R 22 -19.61 0.41 -50.32
C HIS R 22 -18.13 0.76 -50.39
N MET R 23 -17.24 -0.23 -50.58
CA MET R 23 -15.81 0.06 -50.64
C MET R 23 -15.46 0.66 -52.02
N PRO R 24 -14.68 1.73 -52.06
CA PRO R 24 -14.27 2.29 -53.36
C PRO R 24 -13.48 1.27 -54.17
N PHE R 25 -13.15 1.67 -55.40
CA PHE R 25 -12.42 0.81 -56.32
C PHE R 25 -13.20 -0.47 -56.61
N PHE R 26 -14.53 -0.39 -56.50
CA PHE R 26 -15.36 -1.55 -56.77
C PHE R 26 -15.34 -1.92 -58.25
N ALA R 27 -15.14 -0.93 -59.12
CA ALA R 27 -15.09 -1.17 -60.56
C ALA R 27 -13.72 -1.61 -61.04
N LYS R 28 -12.73 -1.70 -60.15
CA LYS R 28 -11.38 -2.13 -60.50
C LYS R 28 -11.08 -3.53 -60.01
N THR R 29 -11.33 -3.81 -58.73
CA THR R 29 -11.06 -5.13 -58.18
C THR R 29 -12.11 -6.15 -58.61
N VAL R 30 -13.36 -5.74 -58.78
CA VAL R 30 -14.41 -6.67 -59.16
C VAL R 30 -14.35 -6.98 -60.64
N THR R 31 -14.08 -5.97 -61.47
CA THR R 31 -14.06 -6.17 -62.91
C THR R 31 -12.94 -7.12 -63.30
N GLY R 32 -13.30 -8.32 -63.74
CA GLY R 32 -12.31 -9.31 -64.13
C GLY R 32 -12.65 -10.69 -63.63
N CYS R 33 -13.35 -10.76 -62.50
CA CYS R 33 -13.75 -12.03 -61.93
C CYS R 33 -15.06 -12.52 -62.53
N PHE R 34 -15.39 -13.78 -62.27
CA PHE R 34 -16.59 -14.41 -62.80
C PHE R 34 -17.49 -14.84 -61.65
N VAL R 35 -18.80 -14.86 -61.91
CA VAL R 35 -19.79 -15.23 -60.92
C VAL R 35 -20.73 -16.25 -61.53
N ARG R 36 -21.31 -17.08 -60.67
CA ARG R 36 -22.29 -18.07 -61.10
C ARG R 36 -23.70 -17.52 -60.89
N ILE R 37 -24.07 -16.59 -61.77
CA ILE R 37 -25.39 -15.98 -61.70
C ILE R 37 -26.45 -17.02 -62.00
N GLY R 38 -27.47 -17.08 -61.15
CA GLY R 38 -28.57 -18.01 -61.35
C GLY R 38 -29.63 -17.43 -62.25
N ILE R 39 -29.96 -18.17 -63.30
CA ILE R 39 -30.95 -17.73 -64.30
C ILE R 39 -32.32 -18.33 -64.02
N GLY R 40 -32.38 -19.63 -63.74
CA GLY R 40 -33.64 -20.29 -63.49
C GLY R 40 -34.38 -20.61 -64.78
N LYS R 45 -34.15 -25.72 -64.80
CA LYS R 45 -34.35 -24.87 -63.64
C LYS R 45 -33.05 -24.67 -62.84
N PRO R 46 -32.33 -25.75 -62.52
CA PRO R 46 -31.05 -25.61 -61.83
C PRO R 46 -29.88 -25.26 -62.74
N VAL R 47 -30.13 -24.95 -64.01
CA VAL R 47 -29.05 -24.63 -64.94
C VAL R 47 -28.47 -23.27 -64.59
N TYR R 48 -27.15 -23.16 -64.67
CA TYR R 48 -26.44 -21.92 -64.41
C TYR R 48 -25.62 -21.53 -65.62
N ARG R 49 -25.33 -20.23 -65.75
CA ARG R 49 -24.54 -19.69 -66.84
C ARG R 49 -23.53 -18.72 -66.27
N VAL R 50 -22.25 -18.97 -66.53
CA VAL R 50 -21.19 -18.07 -66.10
C VAL R 50 -21.13 -16.89 -67.06
N ALA R 51 -20.99 -15.69 -66.50
CA ALA R 51 -20.94 -14.46 -67.29
C ALA R 51 -19.77 -13.61 -66.84
N GLU R 52 -19.28 -12.78 -67.76
CA GLU R 52 -18.14 -11.91 -67.49
C GLU R 52 -18.62 -10.59 -66.87
N ILE R 53 -17.84 -10.07 -65.95
CA ILE R 53 -18.15 -8.81 -65.27
C ILE R 53 -17.59 -7.69 -66.13
N THR R 54 -18.45 -7.10 -66.96
CA THR R 54 -18.02 -6.00 -67.82
C THR R 54 -17.83 -4.71 -67.03
N GLY R 55 -18.71 -4.45 -66.06
CA GLY R 55 -18.64 -3.24 -65.28
C GLY R 55 -19.59 -3.24 -64.10
N VAL R 56 -20.02 -2.06 -63.67
CA VAL R 56 -20.91 -1.90 -62.53
C VAL R 56 -22.02 -0.93 -62.92
N VAL R 57 -23.25 -1.24 -62.50
CA VAL R 57 -24.41 -0.39 -62.75
C VAL R 57 -25.20 -0.25 -61.46
N GLU R 58 -26.17 0.65 -61.49
CA GLU R 58 -27.02 0.93 -60.34
C GLU R 58 -28.48 0.80 -60.76
N THR R 59 -29.20 -0.07 -60.08
CA THR R 59 -30.62 -0.30 -60.36
C THR R 59 -31.47 0.62 -59.50
N ALA R 60 -32.67 0.93 -60.01
CA ALA R 60 -33.60 1.78 -59.28
C ALA R 60 -34.40 1.02 -58.24
N LYS R 61 -34.23 -0.30 -58.15
CA LYS R 61 -34.97 -1.13 -57.22
C LYS R 61 -34.09 -1.47 -56.02
N VAL R 62 -34.62 -1.23 -54.83
CA VAL R 62 -33.89 -1.46 -53.58
C VAL R 62 -34.39 -2.76 -52.96
N TYR R 63 -33.47 -3.68 -52.72
CA TYR R 63 -33.79 -4.98 -52.16
C TYR R 63 -32.85 -5.28 -51.01
N GLN R 64 -33.32 -6.09 -50.06
CA GLN R 64 -32.53 -6.48 -48.90
C GLN R 64 -31.94 -7.85 -49.15
N LEU R 65 -30.64 -8.00 -48.85
CA LEU R 65 -29.92 -9.25 -49.00
C LEU R 65 -29.48 -9.68 -47.60
N GLY R 66 -30.34 -10.45 -46.93
CA GLY R 66 -30.06 -10.89 -45.58
C GLY R 66 -30.02 -9.75 -44.59
N GLY R 67 -28.86 -9.47 -44.03
CA GLY R 67 -28.71 -8.38 -43.08
C GLY R 67 -28.64 -7.04 -43.75
N THR R 68 -27.71 -6.88 -44.69
CA THR R 68 -27.53 -5.62 -45.38
C THR R 68 -28.55 -5.47 -46.50
N ARG R 69 -28.41 -4.40 -47.27
CA ARG R 69 -29.31 -4.14 -48.39
C ARG R 69 -28.60 -3.23 -49.38
N THR R 70 -28.68 -3.60 -50.66
CA THR R 70 -28.04 -2.85 -51.73
C THR R 70 -28.96 -2.82 -52.94
N ASN R 71 -28.87 -1.74 -53.71
CA ASN R 71 -29.65 -1.61 -54.94
C ASN R 71 -28.76 -1.57 -56.17
N LYS R 72 -27.45 -1.79 -56.02
CA LYS R 72 -26.54 -1.75 -57.15
C LYS R 72 -26.73 -2.97 -58.03
N GLY R 73 -26.64 -2.76 -59.35
CA GLY R 73 -26.73 -3.83 -60.32
C GLY R 73 -25.35 -4.37 -60.69
N LEU R 74 -25.35 -5.22 -61.70
CA LEU R 74 -24.11 -5.82 -62.22
C LEU R 74 -24.31 -6.11 -63.69
N GLN R 75 -23.66 -5.31 -64.55
CA GLN R 75 -23.75 -5.52 -65.99
C GLN R 75 -22.88 -6.72 -66.35
N LEU R 76 -23.52 -7.85 -66.59
CA LEU R 76 -22.82 -9.07 -66.99
C LEU R 76 -23.06 -9.35 -68.48
N ARG R 77 -22.35 -10.35 -68.98
CA ARG R 77 -22.49 -10.75 -70.38
C ARG R 77 -21.96 -12.17 -70.53
N HIS R 78 -22.71 -13.00 -71.24
CA HIS R 78 -22.34 -14.40 -71.51
C HIS R 78 -22.18 -14.55 -73.01
N GLY R 79 -20.96 -14.33 -73.49
CA GLY R 79 -20.68 -14.42 -74.91
C GLY R 79 -21.22 -13.21 -75.66
N ASN R 80 -22.52 -13.24 -75.96
CA ASN R 80 -23.17 -12.17 -76.70
C ASN R 80 -24.42 -11.67 -75.97
N ASP R 81 -25.05 -12.55 -75.19
CA ASP R 81 -26.27 -12.19 -74.47
C ASP R 81 -25.92 -11.42 -73.21
N GLN R 82 -26.37 -10.17 -73.12
CA GLN R 82 -26.10 -9.31 -71.98
C GLN R 82 -27.38 -8.65 -71.53
N ARG R 83 -27.48 -8.41 -70.22
CA ARG R 83 -28.63 -7.75 -69.62
C ARG R 83 -28.27 -7.39 -68.19
N VAL R 84 -29.15 -6.65 -67.54
CA VAL R 84 -28.92 -6.23 -66.16
C VAL R 84 -29.24 -7.38 -65.23
N PHE R 85 -28.44 -7.52 -64.16
CA PHE R 85 -28.63 -8.56 -63.17
C PHE R 85 -28.59 -7.93 -61.78
N ARG R 86 -28.71 -8.79 -60.76
CA ARG R 86 -28.70 -8.34 -59.37
C ARG R 86 -27.76 -9.24 -58.57
N LEU R 87 -27.26 -8.69 -57.46
CA LEU R 87 -26.33 -9.43 -56.62
C LEU R 87 -27.03 -10.47 -55.75
N GLU R 88 -28.36 -10.48 -55.72
CA GLU R 88 -29.10 -11.45 -54.92
C GLU R 88 -29.28 -12.79 -55.61
N PHE R 89 -29.22 -12.83 -56.94
CA PHE R 89 -29.38 -14.08 -57.68
C PHE R 89 -28.10 -14.90 -57.76
N VAL R 90 -26.96 -14.33 -57.38
CA VAL R 90 -25.71 -15.07 -57.45
C VAL R 90 -25.76 -16.26 -56.49
N SER R 91 -25.26 -17.40 -56.95
CA SER R 91 -25.21 -18.61 -56.14
C SER R 91 -23.81 -18.85 -55.63
N ASN R 92 -23.72 -19.61 -54.54
CA ASN R 92 -22.45 -19.93 -53.92
C ASN R 92 -21.83 -21.22 -54.46
N GLN R 93 -22.48 -21.88 -55.40
CA GLN R 93 -21.97 -23.12 -55.95
C GLN R 93 -20.81 -22.85 -56.91
N GLU R 94 -19.88 -23.80 -56.96
CA GLU R 94 -18.70 -23.66 -57.81
C GLU R 94 -19.04 -24.07 -59.24
N PHE R 95 -18.17 -23.66 -60.16
CA PHE R 95 -18.37 -23.93 -61.58
C PHE R 95 -18.30 -25.43 -61.85
N THR R 96 -19.42 -26.04 -62.20
CA THR R 96 -19.43 -27.46 -62.48
C THR R 96 -18.82 -27.75 -63.85
N GLU R 97 -18.55 -29.03 -64.09
CA GLU R 97 -17.96 -29.43 -65.38
C GLU R 97 -18.90 -29.09 -66.52
N SER R 98 -20.19 -29.38 -66.36
CA SER R 98 -21.15 -29.08 -67.42
C SER R 98 -21.23 -27.58 -67.67
N GLU R 99 -21.35 -26.79 -66.61
CA GLU R 99 -21.38 -25.34 -66.76
C GLU R 99 -20.05 -24.81 -67.28
N PHE R 100 -18.93 -25.41 -66.87
CA PHE R 100 -17.63 -25.00 -67.38
C PHE R 100 -17.55 -25.19 -68.89
N MET R 101 -17.98 -26.36 -69.37
CA MET R 101 -17.98 -26.62 -70.80
C MET R 101 -18.94 -25.69 -71.52
N LYS R 102 -20.12 -25.44 -70.94
CA LYS R 102 -21.06 -24.53 -71.56
C LYS R 102 -20.46 -23.13 -71.71
N TRP R 103 -19.76 -22.66 -70.66
CA TRP R 103 -19.12 -21.36 -70.73
C TRP R 103 -18.02 -21.34 -71.78
N LYS R 104 -17.22 -22.40 -71.85
CA LYS R 104 -16.17 -22.46 -72.86
C LYS R 104 -16.77 -22.40 -74.26
N GLU R 105 -17.85 -23.16 -74.49
CA GLU R 105 -18.50 -23.15 -75.79
C GLU R 105 -19.08 -21.77 -76.11
N ALA R 106 -19.69 -21.13 -75.11
CA ALA R 106 -20.23 -19.79 -75.33
C ALA R 106 -19.13 -18.80 -75.69
N MET R 107 -18.00 -18.88 -75.00
CA MET R 107 -16.87 -18.01 -75.30
C MET R 107 -16.35 -18.25 -76.70
N PHE R 108 -16.20 -19.53 -77.10
CA PHE R 108 -15.70 -19.83 -78.43
C PHE R 108 -16.67 -19.34 -79.50
N SER R 109 -17.97 -19.52 -79.29
CA SER R 109 -18.95 -19.06 -80.27
C SER R 109 -18.96 -17.54 -80.36
N ALA R 110 -18.83 -16.86 -79.21
CA ALA R 110 -18.86 -15.40 -79.21
C ALA R 110 -17.57 -14.79 -79.76
N GLY R 111 -16.50 -15.57 -79.83
CA GLY R 111 -15.24 -15.08 -80.34
C GLY R 111 -14.37 -14.39 -79.33
N MET R 112 -14.83 -14.23 -78.09
CA MET R 112 -14.03 -13.58 -77.06
C MET R 112 -12.89 -14.52 -76.66
N GLN R 113 -11.65 -14.03 -76.81
CA GLN R 113 -10.51 -14.85 -76.45
C GLN R 113 -10.53 -15.19 -74.97
N LEU R 114 -10.28 -16.45 -74.65
CA LEU R 114 -10.31 -16.88 -73.26
C LEU R 114 -9.20 -16.18 -72.49
N PRO R 115 -9.48 -15.64 -71.30
CA PRO R 115 -8.41 -15.03 -70.52
C PRO R 115 -7.30 -16.02 -70.20
N THR R 116 -6.07 -15.54 -70.27
CA THR R 116 -4.91 -16.40 -70.06
C THR R 116 -4.81 -16.80 -68.59
N LEU R 117 -4.16 -17.95 -68.35
CA LEU R 117 -4.03 -18.44 -66.98
C LEU R 117 -3.29 -17.45 -66.10
N ASP R 118 -2.22 -16.83 -66.62
CA ASP R 118 -1.50 -15.84 -65.84
C ASP R 118 -2.38 -14.67 -65.45
N GLU R 119 -3.35 -14.32 -66.31
CA GLU R 119 -4.26 -13.24 -65.99
C GLU R 119 -5.07 -13.56 -64.74
N ILE R 120 -5.64 -14.76 -64.67
CA ILE R 120 -6.40 -15.16 -63.50
C ILE R 120 -5.48 -15.26 -62.29
N ASN R 121 -4.25 -15.75 -62.49
CA ASN R 121 -3.31 -15.89 -61.38
C ASN R 121 -3.00 -14.53 -60.76
N LYS R 122 -2.78 -13.51 -61.59
CA LYS R 122 -2.47 -12.19 -61.06
C LYS R 122 -3.72 -11.42 -60.63
N LYS R 123 -4.90 -11.83 -61.08
CA LYS R 123 -6.14 -11.17 -60.66
C LYS R 123 -6.68 -11.70 -59.35
N GLU R 124 -6.50 -13.00 -59.07
CA GLU R 124 -7.02 -13.57 -57.84
C GLU R 124 -6.40 -12.94 -56.61
N LEU R 125 -5.15 -12.46 -56.73
CA LEU R 125 -4.51 -11.78 -55.61
C LEU R 125 -5.16 -10.42 -55.30
N SER R 126 -5.87 -9.84 -56.26
CA SER R 126 -6.48 -8.53 -56.02
C SER R 126 -7.48 -8.59 -54.89
N ILE R 127 -8.35 -9.60 -54.88
CA ILE R 127 -9.33 -9.73 -53.80
C ILE R 127 -8.62 -10.00 -52.48
N LYS R 128 -7.60 -10.85 -52.51
CA LYS R 128 -6.88 -11.17 -51.27
C LYS R 128 -6.25 -9.91 -50.66
N GLU R 129 -5.61 -9.09 -51.48
CA GLU R 129 -4.98 -7.89 -50.95
C GLU R 129 -6.01 -6.84 -50.55
N ALA R 130 -7.16 -6.79 -51.24
CA ALA R 130 -8.19 -5.83 -50.86
C ALA R 130 -8.87 -6.23 -49.56
N LEU R 131 -8.96 -7.53 -49.27
CA LEU R 131 -9.63 -7.98 -48.06
C LEU R 131 -8.92 -7.46 -46.82
N ASN R 132 -7.61 -7.58 -46.77
CA ASN R 132 -6.82 -7.14 -45.63
C ASN R 132 -6.43 -5.67 -45.72
N TYR R 133 -7.15 -4.89 -46.51
CA TYR R 133 -6.81 -3.48 -46.69
C TYR R 133 -7.17 -2.69 -45.45
N LYS R 134 -6.20 -1.94 -44.93
CA LYS R 134 -6.44 -1.12 -43.75
C LYS R 134 -7.28 0.10 -44.12
N PHE R 135 -8.30 0.37 -43.32
CA PHE R 135 -9.21 1.50 -43.57
C PHE R 135 -8.68 2.78 -42.91
N ASN R 136 -7.44 3.12 -43.27
CA ASN R 136 -6.80 4.31 -42.71
C ASN R 136 -7.26 5.60 -43.37
N ASP R 137 -7.74 5.53 -44.61
CA ASP R 137 -8.12 6.72 -45.35
C ASP R 137 -9.54 7.15 -44.93
N GLN R 138 -10.06 8.17 -45.61
CA GLN R 138 -11.36 8.74 -45.27
C GLN R 138 -12.48 8.07 -46.08
N ASP R 139 -12.57 6.75 -45.94
CA ASP R 139 -13.58 5.96 -46.62
C ASP R 139 -14.75 5.59 -45.72
N ILE R 140 -14.56 5.59 -44.41
CA ILE R 140 -15.63 5.20 -43.49
C ILE R 140 -16.78 6.19 -43.58
N GLU R 141 -16.46 7.47 -43.78
CA GLU R 141 -17.50 8.49 -43.89
C GLU R 141 -18.41 8.21 -45.08
N GLU R 142 -17.81 7.91 -46.24
CA GLU R 142 -18.61 7.59 -47.42
C GLU R 142 -19.42 6.32 -47.20
N ILE R 143 -18.83 5.32 -46.54
CA ILE R 143 -19.53 4.07 -46.29
C ILE R 143 -20.77 4.33 -45.44
N VAL R 144 -20.62 5.11 -44.37
CA VAL R 144 -21.75 5.37 -43.49
C VAL R 144 -22.80 6.20 -44.20
N LYS R 145 -22.37 7.17 -45.01
CA LYS R 145 -23.33 7.98 -45.76
C LYS R 145 -24.14 7.10 -46.70
N GLU R 146 -23.47 6.21 -47.44
CA GLU R 146 -24.19 5.34 -48.36
C GLU R 146 -25.13 4.41 -47.60
N LYS R 147 -24.68 3.86 -46.48
CA LYS R 147 -25.53 2.95 -45.72
C LYS R 147 -26.78 3.67 -45.22
N GLU R 148 -26.62 4.88 -44.70
CA GLU R 148 -27.76 5.62 -44.18
C GLU R 148 -28.63 6.17 -45.31
N ARG R 149 -28.11 6.28 -46.52
CA ARG R 149 -28.91 6.78 -47.63
C ARG R 149 -30.15 5.92 -47.85
N PHE R 150 -29.96 4.60 -47.93
CA PHE R 150 -31.09 3.69 -48.12
C PHE R 150 -31.67 3.22 -46.80
N ARG R 151 -30.82 2.94 -45.81
CA ARG R 151 -31.29 2.52 -44.51
C ARG R 151 -32.11 3.62 -43.87
N LYS R 152 -33.36 3.32 -43.54
CA LYS R 152 -34.24 4.30 -42.93
C LYS R 152 -33.75 4.70 -41.54
N ALA R 153 -34.07 5.93 -41.15
CA ALA R 153 -33.46 6.53 -39.96
C ALA R 153 -34.00 5.97 -38.65
N PRO R 154 -35.32 5.89 -38.43
CA PRO R 154 -35.83 5.59 -37.08
C PRO R 154 -35.15 4.38 -36.46
N PRO R 155 -34.92 3.32 -37.23
CA PRO R 155 -34.26 2.14 -36.65
C PRO R 155 -32.91 2.51 -36.03
N ASN R 156 -32.70 2.10 -34.77
CA ASN R 156 -33.64 1.53 -33.82
C ASN R 156 -33.55 2.27 -32.49
N TYR R 157 -32.33 2.64 -32.12
CA TYR R 157 -32.08 3.35 -30.87
C TYR R 157 -31.94 4.86 -31.04
N ALA R 158 -31.95 5.36 -32.27
CA ALA R 158 -31.74 6.78 -32.53
C ALA R 158 -33.06 7.56 -32.58
N MET R 159 -34.13 7.02 -31.99
CA MET R 159 -35.41 7.69 -32.03
C MET R 159 -35.35 9.04 -31.34
N LYS R 160 -34.80 9.08 -30.12
CA LYS R 160 -34.69 10.35 -29.41
C LYS R 160 -33.71 11.29 -30.09
N LYS R 161 -32.57 10.76 -30.54
CA LYS R 161 -31.61 11.59 -31.25
C LYS R 161 -32.20 12.14 -32.54
N THR R 162 -32.94 11.29 -33.27
CA THR R 162 -33.58 11.76 -34.49
C THR R 162 -34.63 12.82 -34.19
N GLN R 163 -35.41 12.64 -33.12
CA GLN R 163 -36.42 13.63 -32.76
C GLN R 163 -35.77 14.96 -32.42
N LEU R 164 -34.69 14.92 -31.64
CA LEU R 164 -33.99 16.15 -31.29
C LEU R 164 -33.42 16.82 -32.53
N LEU R 165 -32.86 16.05 -33.45
CA LEU R 165 -32.33 16.62 -34.67
C LEU R 165 -33.43 17.29 -35.48
N LYS R 166 -34.58 16.63 -35.60
CA LYS R 166 -35.70 17.20 -36.35
C LYS R 166 -36.17 18.49 -35.70
N GLU R 167 -36.29 18.50 -34.37
CA GLU R 167 -36.71 19.72 -33.68
C GLU R 167 -35.71 20.84 -33.90
N LYS R 168 -34.42 20.54 -33.83
CA LYS R 168 -33.40 21.56 -34.05
C LYS R 168 -33.47 22.11 -35.47
N ALA R 169 -33.64 21.23 -36.46
CA ALA R 169 -33.74 21.69 -37.84
C ALA R 169 -34.97 22.56 -38.03
N MET R 170 -36.11 22.16 -37.45
CA MET R 170 -37.31 22.96 -37.58
C MET R 170 -37.13 24.34 -36.95
N ALA R 171 -36.53 24.39 -35.75
CA ALA R 171 -36.31 25.67 -35.10
C ALA R 171 -35.38 26.55 -35.93
N GLU R 172 -34.31 25.97 -36.46
CA GLU R 172 -33.37 26.75 -37.27
C GLU R 172 -34.04 27.26 -38.54
N ASP R 173 -34.83 26.43 -39.21
CA ASP R 173 -35.43 26.81 -40.47
C ASP R 173 -36.56 27.81 -40.24
N LEU R 174 -36.46 28.98 -40.87
CA LEU R 174 -37.49 30.01 -40.78
C LEU R 174 -38.61 29.83 -41.80
N GLY R 175 -38.46 28.90 -42.74
CA GLY R 175 -39.50 28.68 -43.72
C GLY R 175 -40.73 28.06 -43.08
N ASP R 176 -41.89 28.37 -43.66
CA ASP R 176 -43.14 27.83 -43.15
C ASP R 176 -43.35 26.39 -43.58
N GLN R 177 -43.12 26.09 -44.86
CA GLN R 177 -43.31 24.73 -45.36
C GLN R 177 -42.33 23.77 -44.70
N ASP R 178 -41.06 24.16 -44.59
CA ASP R 178 -40.07 23.32 -43.92
C ASP R 178 -40.43 23.14 -42.45
N LYS R 179 -40.89 24.20 -41.79
CA LYS R 179 -41.29 24.08 -40.41
C LYS R 179 -42.45 23.11 -40.25
N ALA R 180 -43.45 23.20 -41.13
CA ALA R 180 -44.58 22.30 -41.06
C ALA R 180 -44.15 20.86 -41.31
N LYS R 181 -43.29 20.64 -42.30
CA LYS R 181 -42.82 19.29 -42.59
C LYS R 181 -42.04 18.72 -41.41
N GLN R 182 -41.18 19.53 -40.79
CA GLN R 182 -40.42 19.06 -39.64
C GLN R 182 -41.35 18.74 -38.48
N ILE R 183 -42.36 19.58 -38.24
CA ILE R 183 -43.30 19.32 -37.16
C ILE R 183 -44.07 18.03 -37.42
N GLN R 184 -44.50 17.82 -38.66
CA GLN R 184 -45.23 16.60 -39.00
C GLN R 184 -44.34 15.37 -38.83
N ASP R 185 -43.09 15.46 -39.27
CA ASP R 185 -42.18 14.33 -39.12
C ASP R 185 -41.93 14.03 -37.65
N GLN R 186 -41.74 15.08 -36.84
CA GLN R 186 -41.54 14.88 -35.40
C GLN R 186 -42.76 14.24 -34.76
N LEU R 187 -43.96 14.70 -35.13
CA LEU R 187 -45.17 14.11 -34.57
C LEU R 187 -45.30 12.65 -34.98
N ASN R 188 -45.00 12.33 -36.23
CA ASN R 188 -45.06 10.94 -36.67
C ASN R 188 -44.05 10.08 -35.91
N GLU R 189 -42.84 10.59 -35.72
CA GLU R 189 -41.83 9.83 -34.98
C GLU R 189 -42.28 9.61 -33.55
N LEU R 190 -42.83 10.64 -32.90
CA LEU R 190 -43.30 10.50 -31.54
C LEU R 190 -44.43 9.47 -31.45
N GLU R 191 -45.36 9.51 -32.41
CA GLU R 191 -46.46 8.55 -32.41
C GLU R 191 -45.94 7.13 -32.59
N GLU R 192 -44.99 6.93 -33.50
CA GLU R 192 -44.43 5.60 -33.71
C GLU R 192 -43.72 5.11 -32.45
N ARG R 193 -42.98 6.00 -31.79
CA ARG R 193 -42.30 5.60 -30.56
C ARG R 193 -43.31 5.23 -29.47
N ALA R 194 -44.38 6.01 -29.35
CA ALA R 194 -45.41 5.69 -28.36
C ALA R 194 -46.03 4.33 -28.66
N GLU R 195 -46.31 4.05 -29.94
CA GLU R 195 -46.89 2.77 -30.30
C GLU R 195 -45.94 1.62 -29.98
N ALA R 196 -44.65 1.78 -30.29
CA ALA R 196 -43.69 0.74 -30.00
C ALA R 196 -43.59 0.49 -28.50
N LEU R 197 -43.60 1.55 -27.70
CA LEU R 197 -43.54 1.40 -26.25
C LEU R 197 -44.77 0.67 -25.73
N ASP R 198 -45.96 1.06 -26.20
CA ASP R 198 -47.18 0.40 -25.77
C ASP R 198 -47.15 -1.08 -26.12
N ARG R 199 -46.67 -1.40 -27.32
CA ARG R 199 -46.58 -2.80 -27.71
C ARG R 199 -45.60 -3.56 -26.81
N GLN R 200 -44.42 -2.99 -26.58
CA GLN R 200 -43.44 -3.63 -25.70
C GLN R 200 -43.93 -3.63 -24.25
N ARG R 201 -44.60 -2.54 -23.84
CA ARG R 201 -45.03 -2.38 -22.47
C ARG R 201 -46.48 -2.80 -22.23
N THR R 202 -47.08 -3.50 -23.20
CA THR R 202 -48.51 -3.82 -23.09
C THR R 202 -48.80 -4.62 -21.82
N LYS R 203 -47.94 -5.57 -21.49
CA LYS R 203 -48.12 -6.41 -20.31
C LYS R 203 -47.07 -6.06 -19.26
N ASN R 204 -47.42 -6.28 -18.00
CA ASN R 204 -46.49 -6.06 -16.90
C ASN R 204 -46.18 -4.58 -16.73
N ILE R 205 -45.52 -3.99 -17.73
CA ILE R 205 -45.14 -2.58 -17.65
C ILE R 205 -46.37 -1.70 -17.55
N SER R 206 -47.48 -2.12 -18.17
CA SER R 206 -48.73 -1.36 -18.10
C SER R 206 -49.60 -1.81 -16.93
N ALA R 207 -49.63 -3.11 -16.65
CA ALA R 207 -50.39 -3.61 -15.51
C ALA R 207 -49.84 -3.05 -14.20
N ILE R 208 -48.51 -2.91 -14.10
CA ILE R 208 -47.93 -2.38 -12.87
C ILE R 208 -48.37 -0.94 -12.66
N SER R 209 -48.38 -0.14 -13.73
CA SER R 209 -48.85 1.24 -13.62
C SER R 209 -50.32 1.28 -13.23
N TYR R 210 -51.13 0.40 -13.81
CA TYR R 210 -52.56 0.37 -13.48
C TYR R 210 -52.77 0.06 -12.01
N ILE R 211 -52.07 -0.97 -11.51
CA ILE R 211 -52.21 -1.33 -10.10
C ILE R 211 -51.72 -0.19 -9.21
N ASN R 212 -50.65 0.49 -9.61
CA ASN R 212 -50.14 1.60 -8.80
C ASN R 212 -51.16 2.73 -8.71
N GLN R 213 -51.74 3.12 -9.85
CA GLN R 213 -52.70 4.21 -9.84
C GLN R 213 -53.92 3.84 -9.01
N ARG R 214 -54.44 2.63 -9.20
CA ARG R 214 -55.61 2.23 -8.44
C ARG R 214 -55.30 2.13 -6.95
N ASN R 215 -54.08 1.68 -6.61
CA ASN R 215 -53.70 1.58 -5.21
C ASN R 215 -53.55 2.94 -4.56
N ARG R 216 -52.99 3.92 -5.28
CA ARG R 216 -52.89 5.26 -4.71
C ARG R 216 -54.26 5.90 -4.56
N GLU R 217 -55.16 5.67 -5.51
CA GLU R 217 -56.53 6.16 -5.37
C GLU R 217 -57.21 5.49 -4.16
N TRP R 218 -57.01 4.18 -4.00
CA TRP R 218 -57.56 3.49 -2.86
C TRP R 218 -56.99 4.02 -1.56
N ASN R 219 -55.70 4.35 -1.56
CA ASN R 219 -55.08 4.93 -0.36
C ASN R 219 -55.64 6.31 -0.06
N ILE R 220 -55.89 7.11 -1.10
CA ILE R 220 -56.48 8.43 -0.88
C ILE R 220 -57.86 8.30 -0.25
N VAL R 221 -58.69 7.41 -0.79
CA VAL R 221 -60.03 7.22 -0.24
C VAL R 221 -59.94 6.61 1.16
N GLU R 222 -58.98 5.71 1.39
CA GLU R 222 -58.79 5.15 2.71
C GLU R 222 -58.44 6.22 3.72
N SER R 223 -57.55 7.13 3.34
CA SER R 223 -57.19 8.25 4.21
C SER R 223 -58.39 9.13 4.49
N GLU R 224 -59.20 9.42 3.46
CA GLU R 224 -60.36 10.28 3.66
C GLU R 224 -61.38 9.62 4.59
N LYS R 225 -61.62 8.32 4.41
CA LYS R 225 -62.56 7.62 5.28
C LYS R 225 -62.03 7.55 6.72
N ALA R 226 -60.72 7.34 6.87
CA ALA R 226 -60.12 7.36 8.20
C ALA R 226 -60.29 8.72 8.84
N LEU R 227 -60.12 9.79 8.06
CA LEU R 227 -60.28 11.14 8.60
C LEU R 227 -61.72 11.39 9.06
N VAL R 228 -62.70 11.02 8.21
CA VAL R 228 -64.09 11.25 8.59
C VAL R 228 -64.46 10.40 9.80
N ALA R 229 -63.94 9.18 9.87
CA ALA R 229 -64.20 8.33 11.03
C ALA R 229 -63.59 8.92 12.29
N GLU R 230 -62.36 9.42 12.19
CA GLU R 230 -61.72 10.05 13.35
C GLU R 230 -62.52 11.25 13.82
N SER R 231 -63.03 12.05 12.89
CA SER R 231 -63.89 13.17 13.27
C SER R 231 -65.17 12.67 13.92
N HIS R 232 -65.73 11.57 13.42
CA HIS R 232 -66.99 11.07 13.95
C HIS R 232 -66.86 10.61 15.39
N ASN R 233 -65.84 9.79 15.68
CA ASN R 233 -65.66 9.21 17.01
C ASN R 233 -64.96 10.23 17.90
N MET R 234 -65.71 11.26 18.26
CA MET R 234 -65.22 12.34 19.12
C MET R 234 -65.88 12.29 20.50
N LYS R 235 -66.10 11.07 21.01
CA LYS R 235 -66.74 10.92 22.31
C LYS R 235 -65.82 11.37 23.43
N ASN R 236 -64.66 10.74 23.55
CA ASN R 236 -63.70 11.06 24.60
C ASN R 236 -62.30 10.70 24.12
N GLN R 237 -61.31 11.44 24.63
CA GLN R 237 -59.90 11.19 24.31
C GLN R 237 -59.11 11.33 25.61
N GLN R 238 -58.90 10.22 26.30
CA GLN R 238 -58.14 10.17 27.55
C GLN R 238 -56.98 9.20 27.33
N MET R 239 -55.81 9.75 27.02
CA MET R 239 -54.61 8.95 26.76
C MET R 239 -53.46 9.47 27.61
N ASP R 240 -52.64 8.55 28.09
CA ASP R 240 -51.49 8.92 28.90
C ASP R 240 -50.36 9.44 28.02
N PRO R 241 -49.92 8.69 26.99
CA PRO R 241 -48.71 9.09 26.25
C PRO R 241 -48.96 10.12 25.15
N PHE R 242 -49.25 11.35 25.56
CA PHE R 242 -49.36 12.47 24.63
C PHE R 242 -49.50 13.75 25.45
N THR R 243 -48.96 14.84 24.92
CA THR R 243 -49.03 16.13 25.62
C THR R 243 -48.72 17.25 24.64
N ARG R 244 -49.09 18.47 25.04
CA ARG R 244 -48.91 19.64 24.21
C ARG R 244 -48.67 20.85 25.10
N ARG R 245 -47.91 21.82 24.58
CA ARG R 245 -47.58 23.01 25.35
C ARG R 245 -48.80 23.91 25.49
N GLN R 246 -48.83 24.67 26.58
CA GLN R 246 -49.90 25.65 26.83
C GLN R 246 -49.27 26.82 27.59
N CYS R 247 -48.90 27.86 26.84
CA CYS R 247 -48.26 29.03 27.42
C CYS R 247 -49.31 30.02 27.92
N LYS R 248 -48.99 30.67 29.04
CA LYS R 248 -49.88 31.67 29.63
C LYS R 248 -51.24 31.08 29.96
N ARG S 1 -16.90 76.00 83.48
CA ARG S 1 -16.87 77.26 82.68
C ARG S 1 -15.73 77.24 81.67
N ALA S 2 -16.05 77.54 80.42
CA ALA S 2 -15.03 77.54 79.37
C ALA S 2 -14.16 78.78 79.50
N PRO S 3 -12.84 78.62 79.56
CA PRO S 3 -11.97 79.80 79.69
C PRO S 3 -12.10 80.74 78.50
N SER S 4 -11.95 82.03 78.77
CA SER S 4 -12.03 83.02 77.71
C SER S 4 -10.85 82.87 76.76
N THR S 5 -11.05 83.33 75.53
CA THR S 5 -10.02 83.26 74.51
C THR S 5 -9.83 84.64 73.90
N SER S 6 -8.57 85.04 73.72
CA SER S 6 -8.23 86.31 73.11
C SER S 6 -8.00 86.20 71.61
N ASP S 7 -8.16 85.01 71.04
CA ASP S 7 -7.95 84.82 69.61
C ASP S 7 -9.19 85.30 68.85
N SER S 8 -8.97 86.12 67.82
CA SER S 8 -10.08 86.64 67.04
C SER S 8 -10.84 85.52 66.35
N VAL S 9 -10.11 84.55 65.79
CA VAL S 9 -10.78 83.43 65.13
C VAL S 9 -11.60 82.63 66.12
N ARG S 10 -11.04 82.36 67.31
CA ARG S 10 -11.78 81.63 68.32
C ARG S 10 -13.01 82.39 68.78
N LEU S 11 -12.87 83.70 68.97
CA LEU S 11 -14.02 84.50 69.38
C LEU S 11 -15.10 84.48 68.31
N LYS S 12 -14.71 84.60 67.05
CA LYS S 12 -15.69 84.57 65.97
C LYS S 12 -16.38 83.22 65.91
N CYS S 13 -15.62 82.13 66.07
CA CYS S 13 -16.22 80.80 66.07
C CYS S 13 -17.18 80.64 67.24
N ARG S 14 -16.81 81.14 68.41
CA ARG S 14 -17.70 81.05 69.57
C ARG S 14 -18.97 81.84 69.34
N GLU S 15 -18.86 83.04 68.76
CA GLU S 15 -20.04 83.83 68.44
C GLU S 15 -20.93 83.10 67.43
N MET S 16 -20.31 82.50 66.42
CA MET S 16 -21.10 81.76 65.43
C MET S 16 -21.82 80.58 66.06
N LEU S 17 -21.13 79.85 66.93
CA LEU S 17 -21.74 78.71 67.61
C LEU S 17 -22.88 79.18 68.50
N ALA S 18 -22.69 80.30 69.22
CA ALA S 18 -23.75 80.82 70.07
C ALA S 18 -24.95 81.24 69.23
N ALA S 19 -24.71 81.88 68.09
CA ALA S 19 -25.80 82.24 67.20
C ALA S 19 -26.52 80.99 66.70
N ALA S 20 -25.77 79.96 66.34
CA ALA S 20 -26.40 78.72 65.87
C ALA S 20 -27.26 78.11 66.96
N LEU S 21 -26.74 78.05 68.19
CA LEU S 21 -27.53 77.50 69.30
C LEU S 21 -28.75 78.35 69.58
N ARG S 22 -28.68 79.66 69.35
CA ARG S 22 -29.83 80.52 69.58
C ARG S 22 -30.92 80.31 68.53
N THR S 23 -30.61 79.65 67.43
CA THR S 23 -31.62 79.38 66.41
C THR S 23 -32.69 78.47 66.98
N GLY S 24 -33.95 78.82 66.72
CA GLY S 24 -35.07 78.07 67.26
C GLY S 24 -35.54 78.50 68.63
N ASP S 25 -34.85 79.45 69.25
CA ASP S 25 -35.22 80.01 70.54
C ASP S 25 -35.30 78.97 71.65
N ASP S 26 -34.81 77.74 71.40
CA ASP S 26 -34.87 76.70 72.43
C ASP S 26 -34.08 77.09 73.67
N TYR S 27 -33.15 78.03 73.56
CA TYR S 27 -32.38 78.46 74.73
C TYR S 27 -33.28 79.04 75.80
N ILE S 28 -34.22 79.90 75.39
CA ILE S 28 -35.15 80.49 76.35
C ILE S 28 -36.01 79.40 76.99
N ALA S 29 -36.53 78.48 76.18
CA ALA S 29 -37.42 77.44 76.69
C ALA S 29 -36.69 76.55 77.69
N ILE S 30 -35.43 76.21 77.40
CA ILE S 30 -34.65 75.37 78.30
C ILE S 30 -33.91 76.17 79.37
N GLY S 31 -33.92 77.49 79.28
CA GLY S 31 -33.19 78.29 80.27
C GLY S 31 -31.70 78.01 80.25
N ALA S 32 -31.14 77.78 79.08
CA ALA S 32 -29.74 77.42 78.93
C ALA S 32 -28.94 78.63 78.45
N ASP S 33 -27.72 78.77 78.95
CA ASP S 33 -26.85 79.88 78.59
C ASP S 33 -26.24 79.56 77.24
N GLU S 34 -26.79 80.17 76.18
CA GLU S 34 -26.30 79.90 74.83
C GLU S 34 -24.84 80.31 74.69
N GLU S 35 -24.47 81.47 75.24
CA GLU S 35 -23.08 81.90 75.15
C GLU S 35 -22.16 80.92 75.86
N GLU S 36 -22.56 80.43 77.03
CA GLU S 36 -21.72 79.49 77.76
C GLU S 36 -21.56 78.19 76.98
N LEU S 37 -22.65 77.67 76.41
CA LEU S 37 -22.55 76.44 75.63
C LEU S 37 -21.65 76.63 74.43
N GLY S 38 -21.79 77.77 73.73
CA GLY S 38 -20.92 78.03 72.60
C GLY S 38 -19.46 78.11 72.99
N SER S 39 -19.18 78.81 74.10
CA SER S 39 -17.80 78.91 74.56
C SER S 39 -17.24 77.53 74.91
N GLN S 40 -18.03 76.70 75.58
CA GLN S 40 -17.57 75.36 75.92
C GLN S 40 -17.29 74.53 74.67
N ILE S 41 -18.19 74.62 73.68
CA ILE S 41 -17.97 73.88 72.44
C ILE S 41 -16.70 74.35 71.76
N GLU S 42 -16.48 75.67 71.71
CA GLU S 42 -15.28 76.21 71.07
C GLU S 42 -14.02 75.75 71.80
N GLU S 43 -14.05 75.76 73.13
CA GLU S 43 -12.89 75.31 73.89
C GLU S 43 -12.61 73.84 73.64
N ALA S 44 -13.66 73.01 73.61
CA ALA S 44 -13.47 71.60 73.31
C ALA S 44 -12.88 71.40 71.93
N ILE S 45 -13.36 72.17 70.95
CA ILE S 45 -12.84 72.05 69.59
C ILE S 45 -11.37 72.42 69.55
N TYR S 46 -11.02 73.53 70.22
CA TYR S 46 -9.63 73.96 70.23
C TYR S 46 -8.73 72.90 70.88
N GLN S 47 -9.19 72.32 72.00
CA GLN S 47 -8.41 71.29 72.66
C GLN S 47 -8.26 70.07 71.75
N GLU S 48 -9.32 69.67 71.07
CA GLU S 48 -9.24 68.54 70.16
C GLU S 48 -8.25 68.80 69.04
N ILE S 49 -8.27 70.00 68.48
CA ILE S 49 -7.42 70.33 67.36
C ILE S 49 -6.08 70.90 67.82
N ARG S 50 -6.11 71.82 68.77
CA ARG S 50 -4.93 72.52 69.26
C ARG S 50 -4.41 73.53 68.25
N ASN S 51 -5.20 73.88 67.24
CA ASN S 51 -4.79 74.86 66.25
C ASN S 51 -6.03 75.31 65.48
N THR S 52 -6.10 76.61 65.20
CA THR S 52 -7.22 77.18 64.45
C THR S 52 -6.92 77.13 62.96
N ASP S 53 -6.56 75.93 62.52
CA ASP S 53 -6.20 75.69 61.13
C ASP S 53 -7.45 75.29 60.33
N MET S 54 -7.25 74.81 59.11
CA MET S 54 -8.38 74.41 58.28
C MET S 54 -9.23 73.35 58.96
N LYS S 55 -8.59 72.41 59.66
CA LYS S 55 -9.36 71.37 60.35
C LYS S 55 -10.30 71.97 61.38
N TYR S 56 -9.81 72.92 62.17
CA TYR S 56 -10.64 73.53 63.21
C TYR S 56 -11.80 74.31 62.60
N LYS S 57 -11.52 75.09 61.55
CA LYS S 57 -12.59 75.85 60.91
C LYS S 57 -13.64 74.93 60.30
N ASN S 58 -13.20 73.84 59.66
CA ASN S 58 -14.14 72.88 59.10
C ASN S 58 -14.98 72.24 60.19
N ARG S 59 -14.35 71.88 61.31
CA ARG S 59 -15.10 71.28 62.41
C ARG S 59 -16.14 72.25 62.95
N VAL S 60 -15.76 73.51 63.11
CA VAL S 60 -16.69 74.52 63.62
C VAL S 60 -17.85 74.70 62.65
N ARG S 61 -17.55 74.78 61.35
CA ARG S 61 -18.61 74.94 60.36
C ARG S 61 -19.55 73.74 60.38
N SER S 62 -19.00 72.53 60.48
CA SER S 62 -19.84 71.34 60.52
C SER S 62 -20.72 71.35 61.77
N ARG S 63 -20.16 71.72 62.91
CA ARG S 63 -20.95 71.77 64.15
C ARG S 63 -22.07 72.80 64.03
N ILE S 64 -21.75 73.97 63.48
CA ILE S 64 -22.77 75.01 63.33
C ILE S 64 -23.88 74.53 62.41
N SER S 65 -23.50 73.90 61.30
CA SER S 65 -24.51 73.37 60.38
C SER S 65 -25.38 72.33 61.06
N ASN S 66 -24.76 71.45 61.84
CA ASN S 66 -25.54 70.43 62.55
C ASN S 66 -26.51 71.07 63.53
N LEU S 67 -26.05 72.08 64.27
CA LEU S 67 -26.91 72.71 65.26
C LEU S 67 -28.07 73.48 64.60
N LYS S 68 -27.79 74.17 63.50
CA LYS S 68 -28.80 74.96 62.82
C LYS S 68 -29.58 74.17 61.78
N ASP S 69 -29.33 72.88 61.66
CA ASP S 69 -30.08 72.05 60.72
C ASP S 69 -31.52 71.94 61.21
N ALA S 70 -32.41 72.70 60.58
CA ALA S 70 -33.81 72.71 61.01
C ALA S 70 -34.53 71.39 60.72
N LYS S 71 -33.92 70.50 59.95
CA LYS S 71 -34.53 69.21 59.67
C LYS S 71 -34.48 68.27 60.86
N ASN S 72 -33.72 68.59 61.90
CA ASN S 72 -33.60 67.74 63.08
C ASN S 72 -33.29 68.62 64.30
N PRO S 73 -34.24 69.47 64.70
CA PRO S 73 -34.01 70.30 65.88
C PRO S 73 -33.92 69.52 67.17
N ASN S 74 -34.21 68.22 67.15
CA ASN S 74 -34.13 67.43 68.38
C ASN S 74 -32.71 67.44 68.93
N LEU S 75 -31.71 67.32 68.06
CA LEU S 75 -30.34 67.37 68.51
C LEU S 75 -30.00 68.73 69.11
N ARG S 76 -30.46 69.81 68.48
CA ARG S 76 -30.19 71.14 69.03
C ARG S 76 -30.84 71.30 70.40
N LYS S 77 -32.07 70.83 70.54
CA LYS S 77 -32.75 70.90 71.83
C LYS S 77 -32.01 70.10 72.88
N ASN S 78 -31.56 68.89 72.52
CA ASN S 78 -30.83 68.07 73.47
C ASN S 78 -29.53 68.75 73.90
N VAL S 79 -28.81 69.35 72.94
CA VAL S 79 -27.58 70.04 73.27
C VAL S 79 -27.87 71.21 74.21
N LEU S 80 -28.92 71.98 73.92
CA LEU S 80 -29.28 73.10 74.78
C LEU S 80 -29.76 72.64 76.15
N CYS S 81 -30.29 71.44 76.26
CA CYS S 81 -30.79 70.90 77.52
C CYS S 81 -29.75 70.05 78.25
N GLY S 82 -28.53 69.96 77.72
CA GLY S 82 -27.47 69.23 78.38
C GLY S 82 -27.42 67.75 78.08
N ASN S 83 -28.34 67.24 77.27
CA ASN S 83 -28.30 65.81 76.93
C ASN S 83 -26.97 65.44 76.31
N ILE S 84 -26.43 66.30 75.46
CA ILE S 84 -25.14 66.09 74.81
C ILE S 84 -24.13 67.03 75.47
N PRO S 85 -23.23 66.54 76.30
CA PRO S 85 -22.22 67.43 76.88
C PRO S 85 -21.44 68.11 75.80
N PRO S 86 -20.95 69.34 76.05
CA PRO S 86 -20.21 70.04 75.00
C PRO S 86 -19.02 69.27 74.49
N ASP S 87 -18.34 68.51 75.35
CA ASP S 87 -17.25 67.66 74.88
C ASP S 87 -17.76 66.61 73.90
N LEU S 88 -18.90 65.99 74.19
CA LEU S 88 -19.45 64.99 73.29
C LEU S 88 -19.80 65.60 71.94
N PHE S 89 -20.45 66.76 71.94
CA PHE S 89 -20.78 67.43 70.69
C PHE S 89 -19.52 67.77 69.91
N ALA S 90 -18.48 68.24 70.60
CA ALA S 90 -17.23 68.53 69.93
C ALA S 90 -16.62 67.28 69.30
N ARG S 91 -16.67 66.16 70.02
CA ARG S 91 -16.12 64.91 69.53
C ARG S 91 -17.10 64.11 68.69
N MET S 92 -18.36 64.52 68.62
CA MET S 92 -19.36 63.76 67.89
C MET S 92 -19.11 63.84 66.39
N THR S 93 -19.39 62.74 65.70
CA THR S 93 -19.23 62.67 64.26
C THR S 93 -20.53 63.02 63.56
N ALA S 94 -20.47 63.14 62.23
CA ALA S 94 -21.67 63.47 61.47
C ALA S 94 -22.75 62.42 61.67
N GLU S 95 -22.38 61.14 61.65
CA GLU S 95 -23.36 60.09 61.89
C GLU S 95 -23.99 60.20 63.26
N GLU S 96 -23.18 60.51 64.28
CA GLU S 96 -23.72 60.67 65.62
C GLU S 96 -24.71 61.82 65.69
N MET S 97 -24.41 62.93 65.00
CA MET S 97 -25.27 64.11 65.05
C MET S 97 -26.48 64.02 64.15
N ALA S 98 -26.58 62.97 63.32
CA ALA S 98 -27.72 62.84 62.43
C ALA S 98 -29.00 62.67 63.22
N SER S 99 -30.09 63.21 62.69
CA SER S 99 -31.39 63.12 63.35
C SER S 99 -31.83 61.66 63.44
N ASP S 100 -32.93 61.45 64.16
CA ASP S 100 -33.41 60.08 64.38
C ASP S 100 -33.80 59.43 63.07
N GLU S 101 -34.57 60.13 62.24
CA GLU S 101 -35.01 59.55 60.98
C GLU S 101 -33.82 59.29 60.06
N LEU S 102 -32.89 60.25 59.98
CA LEU S 102 -31.70 60.06 59.16
C LEU S 102 -30.88 58.89 59.66
N LYS S 103 -30.73 58.77 60.98
CA LYS S 103 -29.96 57.66 61.53
C LYS S 103 -30.61 56.32 61.20
N GLU S 104 -31.94 56.24 61.34
CA GLU S 104 -32.63 54.99 61.03
C GLU S 104 -32.47 54.65 59.55
N MET S 105 -32.62 55.65 58.68
CA MET S 105 -32.46 55.41 57.25
C MET S 105 -31.05 54.93 56.93
N ARG S 106 -30.05 55.55 57.54
CA ARG S 106 -28.67 55.13 57.30
C ARG S 106 -28.45 53.70 57.78
N LYS S 107 -29.00 53.35 58.94
CA LYS S 107 -28.85 51.99 59.44
C LYS S 107 -29.53 51.00 58.51
N ASN S 108 -30.72 51.32 58.03
CA ASN S 108 -31.41 50.42 57.11
C ASN S 108 -30.62 50.24 55.82
N LEU S 109 -30.11 51.34 55.27
CA LEU S 109 -29.30 51.25 54.05
C LEU S 109 -28.06 50.41 54.28
N THR S 110 -27.38 50.61 55.42
CA THR S 110 -26.18 49.85 55.70
C THR S 110 -26.48 48.37 55.84
N LYS S 111 -27.55 48.02 56.54
CA LYS S 111 -27.93 46.62 56.67
C LYS S 111 -28.26 46.02 55.32
N GLU S 112 -29.01 46.76 54.49
CA GLU S 112 -29.35 46.25 53.16
C GLU S 112 -28.10 46.01 52.34
N ALA S 113 -27.16 46.96 52.38
CA ALA S 113 -25.92 46.79 51.62
C ALA S 113 -25.13 45.59 52.14
N ILE S 114 -25.06 45.43 53.46
CA ILE S 114 -24.33 44.29 54.02
C ILE S 114 -24.95 42.99 53.55
N ARG S 115 -26.28 42.90 53.59
CA ARG S 115 -26.95 41.69 53.12
C ARG S 115 -26.67 41.46 51.64
N GLU S 116 -26.75 42.51 50.83
CA GLU S 116 -26.57 42.36 49.39
C GLU S 116 -25.14 41.94 49.05
N HIS S 117 -24.17 42.38 49.84
CA HIS S 117 -22.78 42.01 49.56
C HIS S 117 -22.55 40.50 49.71
N GLN S 118 -23.38 39.83 50.48
CA GLN S 118 -23.16 38.42 50.78
C GLN S 118 -23.22 37.59 49.49
N MET S 119 -23.02 36.29 49.66
CA MET S 119 -23.10 35.33 48.57
C MET S 119 -24.15 34.28 48.91
N ALA S 120 -24.97 33.93 47.92
CA ALA S 120 -26.04 32.96 48.14
C ALA S 120 -25.47 31.59 48.47
N LYS S 121 -26.00 30.97 49.52
CA LYS S 121 -25.53 29.65 49.91
C LYS S 121 -25.89 28.62 48.86
N THR S 122 -25.04 27.61 48.73
CA THR S 122 -25.27 26.53 47.77
C THR S 122 -26.47 25.70 48.21
N GLY S 123 -27.39 25.44 47.27
CA GLY S 123 -28.58 24.68 47.59
C GLY S 123 -28.32 23.19 47.72
N GLY S 124 -29.26 22.51 48.35
CA GLY S 124 -29.16 21.08 48.53
C GLY S 124 -30.17 20.59 49.53
N THR S 125 -30.34 19.27 49.54
CA THR S 125 -31.27 18.62 50.46
C THR S 125 -30.51 18.23 51.72
N GLN S 126 -30.68 19.03 52.78
CA GLN S 126 -30.00 18.76 54.03
C GLN S 126 -30.60 17.51 54.69
N THR S 127 -29.74 16.62 55.17
CA THR S 127 -30.20 15.41 55.84
C THR S 127 -29.12 14.94 56.81
N ASP S 128 -29.55 14.12 57.77
CA ASP S 128 -28.64 13.54 58.75
C ASP S 128 -28.44 12.04 58.53
N LEU S 129 -28.90 11.52 57.40
CA LEU S 129 -28.73 10.10 57.09
C LEU S 129 -27.33 9.76 56.63
N PHE S 130 -26.52 10.76 56.28
CA PHE S 130 -25.15 10.55 55.81
C PHE S 130 -24.19 11.06 56.87
N THR S 131 -23.18 10.24 57.20
CA THR S 131 -22.17 10.59 58.19
C THR S 131 -20.93 11.09 57.46
N CYS S 132 -20.47 12.28 57.84
CA CYS S 132 -19.26 12.85 57.25
C CYS S 132 -18.04 12.22 57.92
N GLY S 133 -17.10 11.75 57.10
CA GLY S 133 -15.88 11.13 57.62
C GLY S 133 -14.79 12.10 58.02
N LYS S 134 -14.94 13.39 57.71
CA LYS S 134 -13.94 14.38 58.05
C LYS S 134 -14.19 15.05 59.39
N CYS S 135 -15.41 15.03 59.89
CA CYS S 135 -15.74 15.67 61.16
C CYS S 135 -16.57 14.81 62.10
N LYS S 136 -17.13 13.70 61.63
CA LYS S 136 -17.98 12.78 62.40
C LYS S 136 -19.41 13.28 62.56
N LYS S 137 -19.76 14.46 62.03
CA LYS S 137 -21.10 14.97 62.19
C LYS S 137 -22.06 14.26 61.23
N LYS S 138 -23.35 14.31 61.57
CA LYS S 138 -24.39 13.71 60.75
C LYS S 138 -25.09 14.70 59.83
N ASN S 139 -25.07 15.99 60.18
CA ASN S 139 -25.68 16.99 59.32
C ASN S 139 -24.90 17.12 58.02
N CYS S 140 -25.62 17.22 56.91
CA CYS S 140 -25.02 17.37 55.59
C CYS S 140 -26.16 17.60 54.59
N THR S 141 -25.78 17.92 53.36
CA THR S 141 -26.72 18.15 52.27
C THR S 141 -26.32 17.32 51.08
N TYR S 142 -27.31 16.76 50.39
CA TYR S 142 -27.10 15.88 49.26
C TYR S 142 -27.63 16.52 47.98
N THR S 143 -27.06 16.11 46.86
CA THR S 143 -27.46 16.62 45.56
C THR S 143 -27.45 15.45 44.58
N GLN S 144 -28.58 15.17 43.96
CA GLN S 144 -28.72 14.08 43.01
C GLN S 144 -28.53 14.62 41.61
N VAL S 145 -27.75 13.89 40.80
CA VAL S 145 -27.47 14.30 39.43
C VAL S 145 -26.79 13.17 38.66
N THR S 155 -25.45 9.55 40.31
CA THR S 155 -24.46 9.95 41.29
C THR S 155 -25.05 10.95 42.29
N THR S 156 -24.93 10.64 43.58
CA THR S 156 -25.48 11.45 44.65
C THR S 156 -24.32 12.08 45.43
N PHE S 157 -24.08 13.38 45.17
CA PHE S 157 -23.02 14.10 45.85
C PHE S 157 -23.46 14.47 47.27
N VAL S 158 -22.52 14.39 48.21
CA VAL S 158 -22.77 14.70 49.61
C VAL S 158 -21.85 15.84 50.02
N VAL S 159 -22.42 16.83 50.71
CA VAL S 159 -21.66 17.95 51.27
C VAL S 159 -21.91 17.97 52.77
N CYS S 160 -20.84 17.94 53.55
CA CYS S 160 -20.98 17.96 55.00
C CYS S 160 -21.66 19.24 55.44
N ASN S 161 -22.49 19.15 56.47
CA ASN S 161 -23.20 20.32 56.97
C ASN S 161 -22.28 21.19 57.83
N GLU S 162 -21.76 20.63 58.91
CA GLU S 162 -20.84 21.36 59.79
C GLU S 162 -19.39 21.14 59.37
N CYS S 163 -18.93 19.88 59.37
CA CYS S 163 -17.57 19.60 58.95
C CYS S 163 -17.34 20.01 57.50
N GLY S 164 -18.31 19.71 56.64
CA GLY S 164 -18.18 20.04 55.24
C GLY S 164 -17.50 18.98 54.40
N ASN S 165 -17.62 17.71 54.77
CA ASN S 165 -17.04 16.64 53.98
C ASN S 165 -17.76 16.55 52.64
N ARG S 166 -16.99 16.41 51.56
CA ARG S 166 -17.52 16.30 50.21
C ARG S 166 -17.25 14.89 49.69
N TRP S 167 -18.29 14.24 49.19
CA TRP S 167 -18.16 12.89 48.66
C TRP S 167 -19.32 12.63 47.70
N LYS S 168 -19.22 11.53 46.97
CA LYS S 168 -20.25 11.12 46.03
C LYS S 168 -20.50 9.63 46.16
N PHE S 169 -21.72 9.22 45.82
CA PHE S 169 -22.13 7.83 45.87
C PHE S 169 -22.68 7.43 44.51
N CYS S 170 -22.23 6.29 44.00
CA CYS S 170 -22.69 5.79 42.71
C CYS S 170 -23.61 4.58 42.89
N GLY U 1 -79.32 33.88 -17.32
CA GLY U 1 -79.24 35.13 -18.12
C GLY U 1 -78.30 36.16 -17.53
N ASN U 2 -78.70 36.75 -16.41
CA ASN U 2 -77.89 37.76 -15.73
C ASN U 2 -76.91 37.07 -14.78
N ASP U 3 -75.97 36.34 -15.39
CA ASP U 3 -74.97 35.57 -14.67
C ASP U 3 -73.58 36.04 -15.07
N LEU U 4 -72.62 35.83 -14.18
CA LEU U 4 -71.26 36.26 -14.43
C LEU U 4 -70.57 35.35 -15.43
N TYR U 5 -69.92 35.95 -16.44
CA TYR U 5 -69.18 35.19 -17.43
C TYR U 5 -67.82 35.82 -17.74
N PHE U 6 -67.35 36.73 -16.90
CA PHE U 6 -66.07 37.39 -17.15
C PHE U 6 -64.94 36.37 -17.15
N VAL U 7 -64.09 36.44 -18.18
CA VAL U 7 -62.94 35.56 -18.32
C VAL U 7 -61.71 36.42 -18.62
N LYS U 8 -60.63 36.19 -17.89
CA LYS U 8 -59.38 36.91 -18.09
C LYS U 8 -58.42 35.96 -18.80
N LEU U 9 -58.28 36.14 -20.10
CA LEU U 9 -57.46 35.27 -20.93
C LEU U 9 -56.09 35.90 -21.17
N PRO U 10 -54.99 35.14 -21.13
CA PRO U 10 -53.66 35.76 -21.29
C PRO U 10 -53.45 36.34 -22.68
N ASN U 11 -52.30 36.99 -22.87
CA ASN U 11 -52.02 37.65 -24.15
C ASN U 11 -51.89 36.63 -25.28
N PHE U 12 -51.25 35.50 -25.01
CA PHE U 12 -50.98 34.53 -26.06
C PHE U 12 -52.21 33.72 -26.48
N LEU U 13 -53.39 34.08 -25.97
CA LEU U 13 -54.63 33.46 -26.44
C LEU U 13 -55.75 34.49 -26.62
N SER U 14 -55.44 35.78 -26.66
CA SER U 14 -56.48 36.80 -26.72
C SER U 14 -57.36 36.60 -27.94
N VAL U 15 -58.67 36.72 -27.73
CA VAL U 15 -59.65 36.56 -28.79
C VAL U 15 -60.07 37.94 -29.29
N GLU U 16 -60.58 37.98 -30.51
CA GLU U 16 -61.00 39.24 -31.10
C GLU U 16 -62.15 39.83 -30.28
N PRO U 17 -62.22 41.16 -30.14
CA PRO U 17 -63.30 41.74 -29.33
C PRO U 17 -64.65 41.69 -30.00
N ARG U 18 -64.71 41.75 -31.33
CA ARG U 18 -65.94 41.75 -32.09
C ARG U 18 -66.11 40.44 -32.85
N PRO U 19 -67.34 40.10 -33.25
CA PRO U 19 -67.54 38.84 -33.98
C PRO U 19 -66.74 38.81 -35.27
N PHE U 20 -66.27 37.62 -35.62
CA PHE U 20 -65.49 37.45 -36.84
C PHE U 20 -66.37 37.62 -38.07
N ASP U 21 -65.91 38.43 -39.01
CA ASP U 21 -66.63 38.70 -40.26
C ASP U 21 -65.62 38.71 -41.40
N PRO U 22 -66.07 38.46 -42.64
CA PRO U 22 -65.12 38.40 -43.76
C PRO U 22 -64.64 39.77 -44.22
N GLN U 23 -65.00 40.84 -43.49
CA GLN U 23 -64.55 42.18 -43.83
C GLN U 23 -63.88 42.89 -42.67
N TYR U 24 -63.65 42.21 -41.55
CA TYR U 24 -62.93 42.77 -40.41
C TYR U 24 -61.70 41.92 -40.07
N TYR U 25 -61.09 41.31 -41.08
CA TYR U 25 -59.93 40.46 -40.86
C TYR U 25 -59.01 40.56 -42.08
N GLU U 26 -57.71 40.55 -41.82
CA GLU U 26 -56.72 40.61 -42.89
C GLU U 26 -55.53 39.75 -42.50
N ASP U 27 -54.75 39.36 -43.51
CA ASP U 27 -53.57 38.51 -43.31
C ASP U 27 -52.33 39.40 -43.32
N GLU U 28 -51.65 39.48 -42.17
CA GLU U 28 -50.41 40.24 -42.06
C GLU U 28 -49.26 39.42 -41.51
N PHE U 29 -49.53 38.53 -40.56
CA PHE U 29 -48.47 37.74 -39.95
C PHE U 29 -48.08 36.57 -40.85
N GLU U 30 -46.80 36.22 -40.82
CA GLU U 30 -46.28 35.11 -41.61
C GLU U 30 -46.37 33.80 -40.86
N GLU U 31 -40.48 26.97 -35.95
CA GLU U 31 -40.89 27.20 -34.57
C GLU U 31 -41.11 28.69 -34.30
N GLU U 32 -40.22 29.52 -34.85
CA GLU U 32 -40.31 30.95 -34.62
C GLU U 32 -41.63 31.50 -35.15
N GLY U 33 -41.95 31.21 -36.40
CA GLY U 33 -43.19 31.67 -37.01
C GLY U 33 -44.40 30.81 -36.76
N ARG U 34 -44.22 29.63 -36.17
CA ARG U 34 -45.34 28.74 -35.93
C ARG U 34 -46.31 29.31 -34.92
N THR U 35 -45.80 29.92 -33.85
CA THR U 35 -46.65 30.45 -32.80
C THR U 35 -47.21 31.84 -33.11
N ARG U 36 -46.65 32.53 -34.09
CA ARG U 36 -47.11 33.88 -34.40
C ARG U 36 -48.49 33.86 -35.05
N LEU U 37 -48.72 32.93 -35.98
CA LEU U 37 -50.02 32.84 -36.64
C LEU U 37 -51.11 32.36 -35.69
N LYS U 38 -50.75 31.71 -34.58
CA LYS U 38 -51.75 31.16 -33.68
C LYS U 38 -52.57 32.25 -32.99
N LEU U 39 -52.09 33.50 -33.01
CA LEU U 39 -52.76 34.57 -32.28
C LEU U 39 -54.02 35.07 -32.98
N LYS U 40 -54.19 34.79 -34.27
CA LYS U 40 -55.34 35.28 -35.02
C LYS U 40 -55.98 34.19 -35.87
N VAL U 41 -55.75 32.92 -35.56
CA VAL U 41 -56.36 31.80 -36.25
C VAL U 41 -57.12 30.90 -35.28
N GLU U 42 -56.48 30.51 -34.18
CA GLU U 42 -57.09 29.61 -33.20
C GLU U 42 -57.93 30.36 -32.18
N ASN U 43 -57.50 31.55 -31.77
CA ASN U 43 -58.24 32.32 -30.78
C ASN U 43 -59.58 32.78 -31.36
N ASN U 44 -67.86 32.01 -30.82
CA ASN U 44 -66.41 32.01 -30.91
C ASN U 44 -65.80 31.14 -29.82
N ALA U 45 -66.30 31.29 -28.60
CA ALA U 45 -65.83 30.53 -27.45
C ALA U 45 -67.03 29.94 -26.72
N ARG U 46 -66.85 28.74 -26.18
CA ARG U 46 -67.90 28.02 -25.46
C ARG U 46 -67.31 27.44 -24.18
N ILE U 47 -67.50 28.14 -23.07
CA ILE U 47 -67.01 27.69 -21.77
C ILE U 47 -67.93 26.57 -21.29
N VAL U 48 -67.44 25.34 -21.35
CA VAL U 48 -68.23 24.15 -21.02
C VAL U 48 -68.04 23.83 -19.54
N LYS U 49 -69.15 23.62 -18.84
CA LYS U 49 -69.11 23.28 -17.43
C LYS U 49 -69.15 21.77 -17.25
N TRP U 50 -68.27 21.26 -16.40
CA TRP U 50 -68.16 19.83 -16.14
C TRP U 50 -68.82 19.47 -14.81
N SER U 51 -69.27 18.22 -14.71
CA SER U 51 -69.94 17.77 -13.49
C SER U 51 -69.01 17.84 -12.28
N ASP U 52 -67.70 17.70 -12.49
CA ASP U 52 -66.76 17.81 -11.38
C ASP U 52 -66.78 19.21 -10.78
N GLY U 53 -67.17 20.21 -11.56
CA GLY U 53 -67.24 21.59 -11.10
C GLY U 53 -66.34 22.55 -11.84
N SER U 54 -65.32 22.05 -12.54
CA SER U 54 -64.42 22.90 -13.29
C SER U 54 -65.04 23.25 -14.65
N MET U 55 -64.32 24.08 -15.42
CA MET U 55 -64.75 24.48 -16.75
C MET U 55 -63.55 24.45 -17.67
N SER U 56 -63.83 24.39 -18.98
CA SER U 56 -62.78 24.31 -20.00
C SER U 56 -63.14 25.21 -21.16
N LEU U 57 -62.11 25.71 -21.85
CA LEU U 57 -62.29 26.59 -22.99
C LEU U 57 -62.06 25.80 -24.27
N HIS U 58 -63.04 25.83 -25.17
CA HIS U 58 -63.00 25.07 -26.42
C HIS U 58 -62.92 26.06 -27.58
N LEU U 59 -61.72 26.19 -28.16
CA LEU U 59 -61.51 27.04 -29.31
C LEU U 59 -60.97 26.27 -30.52
N GLY U 60 -61.01 24.94 -30.47
CA GLY U 60 -60.48 24.15 -31.56
C GLY U 60 -60.28 22.71 -31.12
N ASN U 61 -59.45 21.99 -31.89
CA ASN U 61 -59.18 20.59 -31.57
C ASN U 61 -58.51 20.44 -30.21
N GLU U 62 -57.80 21.48 -29.76
CA GLU U 62 -57.11 21.46 -28.48
C GLU U 62 -57.97 22.14 -27.42
N VAL U 63 -58.15 21.46 -26.29
CA VAL U 63 -58.94 22.00 -25.19
C VAL U 63 -57.99 22.55 -24.13
N PHE U 64 -58.41 23.64 -23.50
CA PHE U 64 -57.63 24.32 -22.48
C PHE U 64 -58.50 24.51 -21.25
N ASP U 65 -58.22 23.76 -20.19
CA ASP U 65 -59.01 23.90 -18.96
C ASP U 65 -58.72 25.24 -18.30
N VAL U 66 -59.71 25.74 -17.56
CA VAL U 66 -59.61 27.02 -16.87
C VAL U 66 -60.37 26.92 -15.56
N TYR U 67 -59.85 27.58 -14.53
CA TYR U 67 -60.47 27.59 -13.20
C TYR U 67 -61.04 28.97 -12.93
N LYS U 68 -62.29 29.00 -12.46
CA LYS U 68 -62.96 30.26 -12.12
C LYS U 68 -62.69 30.64 -10.67
N ALA U 69 -61.41 30.77 -10.35
CA ALA U 69 -61.02 31.11 -8.98
C ALA U 69 -61.58 32.48 -8.60
N PRO U 70 -62.38 32.59 -7.55
CA PRO U 70 -62.92 33.91 -7.18
C PRO U 70 -61.80 34.88 -6.83
N LEU U 71 -61.81 36.04 -7.49
CA LEU U 71 -60.80 37.07 -7.29
C LEU U 71 -61.47 38.28 -6.66
N GLN U 72 -61.32 38.40 -5.34
CA GLN U 72 -61.93 39.49 -4.59
C GLN U 72 -61.00 40.70 -4.47
N GLY U 73 -59.96 40.78 -5.29
CA GLY U 73 -59.03 41.89 -5.24
C GLY U 73 -59.44 43.06 -6.09
N ASP U 74 -60.06 42.77 -7.25
CA ASP U 74 -60.48 43.80 -8.21
C ASP U 74 -61.94 43.54 -8.55
N HIS U 75 -62.84 44.22 -7.84
CA HIS U 75 -64.28 44.02 -8.02
C HIS U 75 -64.80 45.02 -9.05
N ASN U 76 -64.34 44.84 -10.29
CA ASN U 76 -64.73 45.72 -11.38
C ASN U 76 -66.18 45.45 -11.78
N HIS U 77 -66.92 46.54 -12.03
CA HIS U 77 -68.32 46.46 -12.44
C HIS U 77 -68.36 46.43 -13.96
N LEU U 78 -68.24 45.23 -14.52
CA LEU U 78 -68.26 45.07 -15.96
C LEU U 78 -69.59 45.51 -16.54
N PHE U 79 -69.55 46.23 -17.65
CA PHE U 79 -70.75 46.72 -18.31
C PHE U 79 -70.45 46.89 -19.79
N ILE U 80 -71.50 46.87 -20.59
CA ILE U 80 -71.38 47.07 -22.04
C ILE U 80 -71.54 48.57 -22.28
N ARG U 81 -70.42 49.28 -22.19
CA ARG U 81 -70.41 50.74 -22.31
C ARG U 81 -70.24 51.16 -23.77
N GLN U 82 -71.10 50.62 -24.64
CA GLN U 82 -71.12 51.03 -26.03
C GLN U 82 -71.59 52.48 -26.13
N GLY U 83 -71.11 53.17 -27.16
CA GLY U 83 -71.46 54.57 -27.32
C GLY U 83 -72.74 54.77 -28.11
N THR U 84 -73.86 54.88 -27.38
CA THR U 84 -75.16 55.17 -27.96
C THR U 84 -75.79 56.34 -27.23
N GLY U 85 -75.46 56.50 -25.96
CA GLY U 85 -75.95 57.58 -25.14
C GLY U 85 -75.01 58.77 -25.11
N LEU U 86 -75.03 59.50 -24.00
CA LEU U 86 -74.14 60.65 -23.84
C LEU U 86 -72.69 60.25 -24.00
N GLN U 87 -72.16 59.44 -23.07
CA GLN U 87 -70.77 59.01 -23.15
C GLN U 87 -70.66 57.65 -22.46
N GLY U 88 -70.58 56.59 -23.27
CA GLY U 88 -70.38 55.25 -22.77
C GLY U 88 -71.52 54.75 -21.91
N GLN U 89 -72.70 54.58 -22.52
CA GLN U 89 -73.90 54.16 -21.81
C GLN U 89 -73.69 52.73 -21.33
N ALA U 90 -73.08 52.62 -20.15
CA ALA U 90 -72.81 51.32 -19.56
C ALA U 90 -74.11 50.58 -19.25
N VAL U 91 -74.12 49.28 -19.53
CA VAL U 91 -75.22 48.39 -19.19
C VAL U 91 -74.77 47.51 -18.04
N PHE U 92 -75.55 47.49 -16.95
CA PHE U 92 -75.19 46.74 -15.75
C PHE U 92 -75.44 45.25 -16.00
N LYS U 93 -74.49 44.62 -16.70
CA LYS U 93 -74.62 43.20 -17.02
C LYS U 93 -74.23 42.33 -15.84
N THR U 94 -73.03 42.52 -15.30
CA THR U 94 -72.54 41.77 -14.16
C THR U 94 -71.28 42.45 -13.65
N LYS U 95 -70.81 41.99 -12.49
CA LYS U 95 -69.59 42.52 -11.88
C LYS U 95 -68.46 41.52 -12.10
N LEU U 96 -67.36 41.99 -12.69
CA LEU U 96 -66.23 41.12 -13.06
C LEU U 96 -65.40 40.86 -11.81
N THR U 97 -65.90 39.97 -10.96
CA THR U 97 -65.20 39.61 -9.74
C THR U 97 -64.07 38.62 -10.02
N PHE U 98 -64.42 37.44 -10.53
CA PHE U 98 -63.44 36.42 -10.86
C PHE U 98 -62.83 36.71 -12.24
N ARG U 99 -61.59 36.27 -12.42
CA ARG U 99 -60.87 36.42 -13.68
C ARG U 99 -60.30 35.06 -14.08
N PRO U 100 -61.15 34.12 -14.50
CA PRO U 100 -60.65 32.81 -14.94
C PRO U 100 -59.44 32.91 -15.86
N HIS U 101 -58.35 32.27 -15.48
CA HIS U 101 -57.11 32.30 -16.25
C HIS U 101 -56.93 30.95 -16.93
N SER U 102 -56.85 30.95 -18.26
CA SER U 102 -56.72 29.73 -19.03
C SER U 102 -55.26 29.42 -19.30
N THR U 103 -54.99 28.13 -19.55
CA THR U 103 -53.63 27.68 -19.82
C THR U 103 -53.70 26.27 -20.40
N ASP U 104 -52.61 25.86 -21.04
CA ASP U 104 -52.50 24.54 -21.63
C ASP U 104 -51.99 23.52 -20.62
N SER U 105 -29.27 36.68 -26.20
CA SER U 105 -29.66 35.28 -26.06
C SER U 105 -30.79 34.95 -27.01
N ALA U 106 -30.48 34.19 -28.07
CA ALA U 106 -31.48 33.82 -29.06
C ALA U 106 -31.46 32.35 -29.44
N THR U 107 -30.54 31.55 -28.92
CA THR U 107 -30.46 30.13 -29.24
C THR U 107 -30.17 29.90 -30.72
N HIS U 108 -29.00 30.37 -31.15
CA HIS U 108 -28.57 30.18 -32.53
C HIS U 108 -28.35 28.70 -32.79
N ARG U 109 -29.29 28.06 -33.49
CA ARG U 109 -29.26 26.61 -33.64
C ARG U 109 -28.21 26.19 -34.65
N LYS U 110 -27.95 24.88 -34.70
CA LYS U 110 -27.02 24.31 -35.65
C LYS U 110 -25.60 24.79 -35.39
N MET U 111 -25.25 25.97 -35.91
CA MET U 111 -23.89 26.50 -35.80
C MET U 111 -22.89 25.58 -36.50
N THR U 112 -23.10 25.41 -37.81
CA THR U 112 -22.23 24.57 -38.61
C THR U 112 -20.90 25.28 -38.84
N LEU U 113 -19.88 24.86 -38.11
CA LEU U 113 -18.56 25.47 -38.20
C LEU U 113 -17.55 24.49 -37.64
N SER U 114 -16.34 24.96 -37.40
CA SER U 114 -15.32 24.20 -36.70
C SER U 114 -14.93 24.83 -35.37
N LEU U 115 -14.81 26.16 -35.33
CA LEU U 115 -14.41 26.93 -34.15
C LEU U 115 -12.95 26.70 -33.78
N ALA U 116 -12.14 26.14 -34.68
CA ALA U 116 -10.73 25.93 -34.39
C ALA U 116 -9.85 26.22 -35.61
N ASP U 117 -10.32 27.00 -36.58
CA ASP U 117 -9.55 27.27 -37.79
C ASP U 117 -8.33 28.12 -37.45
N ARG U 118 -7.22 27.82 -38.12
CA ARG U 118 -5.97 28.56 -37.95
C ARG U 118 -5.65 29.33 -39.23
N CYS U 119 -4.94 30.45 -39.06
CA CYS U 119 -4.57 31.26 -40.21
C CYS U 119 -3.46 30.61 -41.02
N SER U 120 -2.44 30.08 -40.34
CA SER U 120 -1.31 29.43 -41.00
C SER U 120 -0.57 30.41 -41.93
N LYS U 121 -0.04 31.47 -41.33
CA LYS U 121 0.70 32.46 -42.07
C LYS U 121 1.92 31.83 -42.74
N THR U 122 2.04 32.01 -44.06
CA THR U 122 3.17 31.45 -44.78
C THR U 122 4.38 32.38 -44.75
N GLN U 123 4.18 33.66 -45.07
CA GLN U 123 5.26 34.64 -45.03
C GLN U 123 6.30 34.35 -46.09
N LYS U 124 7.14 33.33 -45.85
CA LYS U 124 8.19 32.97 -46.78
C LYS U 124 9.20 34.09 -46.94
N ILE U 125 10.23 33.87 -47.76
CA ILE U 125 11.26 34.87 -48.01
C ILE U 125 11.90 35.30 -46.69
N GLU V 1 -18.37 -37.08 96.17
CA GLU V 1 -17.09 -37.56 96.76
C GLU V 1 -16.91 -39.06 96.53
N ARG V 2 -17.06 -39.85 97.60
CA ARG V 2 -16.92 -41.29 97.46
C ARG V 2 -18.01 -41.88 96.56
N SER V 3 -19.23 -41.38 96.70
CA SER V 3 -20.37 -41.86 95.92
C SER V 3 -21.25 -40.68 95.53
N GLY V 4 -22.24 -40.96 94.69
CA GLY V 4 -23.14 -39.92 94.22
C GLY V 4 -24.21 -39.56 95.25
N VAL V 5 -25.00 -38.55 94.91
CA VAL V 5 -26.06 -38.08 95.79
C VAL V 5 -27.20 -39.07 95.78
N VAL V 6 -27.68 -39.42 96.98
CA VAL V 6 -28.76 -40.39 97.09
C VAL V 6 -30.03 -39.81 96.48
N CYS V 7 -30.70 -40.62 95.68
CA CYS V 7 -31.97 -40.21 95.08
C CYS V 7 -32.75 -41.45 94.67
N ARG V 8 -34.07 -41.38 94.83
CA ARG V 8 -34.97 -42.48 94.52
C ARG V 8 -35.56 -42.22 93.14
N VAL V 9 -34.90 -42.72 92.11
CA VAL V 9 -35.39 -42.57 90.74
C VAL V 9 -36.58 -43.48 90.52
N LYS V 10 -37.68 -42.90 90.04
CA LYS V 10 -38.86 -43.69 89.67
C LYS V 10 -39.60 -42.95 88.56
N TYR V 11 -39.75 -43.61 87.42
CA TYR V 11 -40.43 -43.02 86.27
C TYR V 11 -41.93 -43.04 86.53
N CYS V 12 -42.39 -42.03 87.25
CA CYS V 12 -43.80 -41.94 87.58
C CYS V 12 -44.63 -41.64 86.34
N ASN V 13 -45.83 -42.19 86.29
CA ASN V 13 -46.78 -41.98 85.21
C ASN V 13 -48.10 -41.55 85.82
N SER V 14 -48.57 -40.38 85.45
CA SER V 14 -49.79 -39.83 86.03
C SER V 14 -50.92 -39.79 85.01
N LEU V 15 -52.14 -39.83 85.53
CA LEU V 15 -53.35 -39.71 84.75
C LEU V 15 -53.98 -38.35 84.98
N PRO V 16 -54.73 -37.83 84.01
CA PRO V 16 -55.40 -36.55 84.19
C PRO V 16 -56.76 -36.72 84.87
N ASP V 17 -57.37 -35.58 85.21
CA ASP V 17 -58.62 -35.56 85.95
C ASP V 17 -59.79 -35.40 84.99
N ILE V 18 -61.00 -35.44 85.55
CA ILE V 18 -62.22 -35.33 84.76
C ILE V 18 -62.26 -33.96 84.08
N PRO V 19 -62.56 -33.87 82.80
CA PRO V 19 -62.53 -32.55 82.14
C PRO V 19 -63.66 -31.64 82.59
N PHE V 20 -64.86 -32.18 82.73
CA PHE V 20 -66.05 -31.37 83.07
C PHE V 20 -66.17 -30.18 82.12
N ASP V 21 -66.25 -30.49 80.84
CA ASP V 21 -66.41 -29.45 79.85
C ASP V 21 -67.77 -28.77 80.03
N PRO V 22 -67.86 -27.46 79.82
CA PRO V 22 -69.18 -26.81 79.88
C PRO V 22 -70.11 -27.38 78.82
N LYS V 23 -71.37 -27.57 79.20
CA LYS V 23 -72.31 -28.29 78.34
C LYS V 23 -72.80 -27.37 77.23
N PHE V 24 -72.70 -27.85 75.99
CA PHE V 24 -73.18 -27.13 74.81
C PHE V 24 -74.57 -27.67 74.45
N ILE V 25 -75.60 -26.96 74.91
CA ILE V 25 -76.96 -27.32 74.56
C ILE V 25 -77.20 -26.96 73.09
N THR V 26 -77.83 -27.88 72.36
CA THR V 26 -78.08 -27.66 70.95
C THR V 26 -79.22 -26.65 70.75
N TYR V 27 -79.26 -26.06 69.55
CA TYR V 27 -80.32 -25.14 69.20
C TYR V 27 -81.42 -25.87 68.44
N PRO V 28 -82.70 -25.59 68.70
CA PRO V 28 -83.78 -26.32 68.00
C PRO V 28 -84.05 -25.83 66.58
N PHE V 29 -83.25 -26.31 65.64
CA PHE V 29 -83.49 -26.01 64.23
C PHE V 29 -84.76 -26.72 63.76
N ASP V 30 -85.53 -26.03 62.93
CA ASP V 30 -86.76 -26.62 62.42
C ASP V 30 -86.45 -27.69 61.38
N GLN V 31 -87.24 -28.75 61.38
CA GLN V 31 -87.08 -29.82 60.40
C GLN V 31 -87.64 -29.40 59.05
N ASN V 32 -86.87 -29.66 57.99
CA ASN V 32 -87.28 -29.33 56.63
C ASN V 32 -88.26 -30.39 56.12
N ARG V 33 -89.44 -30.41 56.73
CA ARG V 33 -90.50 -31.32 56.34
C ARG V 33 -91.36 -30.79 55.20
N PHE V 34 -91.09 -29.57 54.73
CA PHE V 34 -91.88 -28.96 53.68
C PHE V 34 -90.95 -28.14 52.80
N VAL V 35 -91.49 -27.55 51.75
CA VAL V 35 -90.71 -26.76 50.79
C VAL V 35 -91.17 -25.31 50.90
N GLN V 36 -90.21 -24.42 51.20
CA GLN V 36 -90.51 -23.00 51.35
C GLN V 36 -89.53 -22.09 50.61
N TYR V 37 -88.51 -22.64 49.95
CA TYR V 37 -87.54 -21.79 49.27
C TYR V 37 -88.18 -21.00 48.14
N LYS V 38 -88.90 -21.65 47.21
CA LYS V 38 -89.13 -23.09 47.07
C LYS V 38 -88.28 -23.64 45.93
N ALA V 39 -88.51 -24.92 45.58
CA ALA V 39 -87.72 -25.59 44.56
C ALA V 39 -88.15 -25.24 43.13
N THR V 40 -88.96 -24.19 42.95
CA THR V 40 -89.38 -23.82 41.60
C THR V 40 -88.18 -23.52 40.71
N SER V 41 -87.13 -22.95 41.30
CA SER V 41 -85.96 -22.59 40.50
C SER V 41 -85.29 -23.83 39.92
N LEU V 42 -85.30 -24.95 40.65
CA LEU V 42 -84.69 -26.18 40.19
C LEU V 42 -85.60 -26.97 39.27
N GLU V 43 -86.92 -26.83 39.43
CA GLU V 43 -87.86 -27.63 38.66
C GLU V 43 -88.09 -27.06 37.27
N LYS V 44 -88.20 -25.73 37.16
CA LYS V 44 -88.48 -25.12 35.87
C LYS V 44 -87.29 -25.22 34.93
N GLN V 45 -86.07 -25.33 35.48
CA GLN V 45 -84.89 -25.49 34.65
C GLN V 45 -84.84 -26.86 33.98
N HIS V 46 -85.62 -27.83 34.46
CA HIS V 46 -85.53 -29.18 33.93
C HIS V 46 -85.97 -29.20 32.47
N LYS V 47 -85.12 -29.76 31.60
CA LYS V 47 -85.43 -29.90 30.19
C LYS V 47 -85.93 -31.32 29.97
N HIS V 48 -87.26 -31.45 29.85
CA HIS V 48 -87.88 -32.75 29.65
C HIS V 48 -87.72 -33.18 28.21
N ASP V 49 -87.17 -34.37 28.00
CA ASP V 49 -86.95 -34.88 26.65
C ASP V 49 -88.28 -35.18 25.98
N LEU V 50 -88.35 -34.90 24.68
CA LEU V 50 -89.56 -35.18 23.90
C LEU V 50 -89.51 -36.65 23.48
N LEU V 51 -90.33 -37.46 24.12
CA LEU V 51 -90.40 -38.90 23.85
C LEU V 51 -91.84 -39.32 23.60
N THR V 52 -92.53 -38.55 22.76
CA THR V 52 -93.92 -38.87 22.44
C THR V 52 -94.05 -40.22 21.74
N GLU V 53 -93.00 -40.62 21.01
CA GLU V 53 -92.99 -41.92 20.32
C GLU V 53 -91.58 -42.49 20.35
N PRO V 54 -91.43 -43.81 20.49
CA PRO V 54 -90.08 -44.39 20.48
C PRO V 54 -89.33 -44.16 19.18
N ASP V 55 -90.04 -44.00 18.06
CA ASP V 55 -89.43 -43.73 16.78
C ASP V 55 -89.13 -42.25 16.58
N LEU V 56 -89.13 -41.46 17.65
CA LEU V 56 -88.87 -40.03 17.58
C LEU V 56 -89.92 -39.32 16.74
N GLY V 57 -91.18 -39.69 16.93
CA GLY V 57 -92.29 -39.00 16.30
C GLY V 57 -92.41 -39.17 14.81
N VAL V 58 -91.67 -40.12 14.24
CA VAL V 58 -91.65 -40.36 12.80
C VAL V 58 -91.98 -41.82 12.56
N THR V 59 -93.09 -42.10 11.90
CA THR V 59 -93.45 -43.47 11.60
C THR V 59 -92.45 -44.05 10.59
N ILE V 60 -91.88 -45.20 10.93
CA ILE V 60 -90.89 -45.86 10.10
C ILE V 60 -91.62 -46.94 9.30
N ASP V 61 -91.86 -46.67 8.03
CA ASP V 61 -92.48 -47.63 7.13
C ASP V 61 -92.18 -47.21 5.71
N LEU V 62 -92.39 -48.15 4.78
CA LEU V 62 -92.16 -47.88 3.36
C LEU V 62 -93.41 -48.19 2.54
N ILE V 63 -94.56 -48.28 3.19
CA ILE V 63 -95.82 -48.51 2.49
C ILE V 63 -96.78 -47.33 2.62
N ASN V 64 -96.70 -46.58 3.71
CA ASN V 64 -97.59 -45.43 3.92
C ASN V 64 -97.26 -44.25 3.00
N PRO V 65 -96.03 -44.15 2.43
CA PRO V 65 -95.75 -43.01 1.53
C PRO V 65 -96.50 -43.10 0.21
N ASP V 66 -97.81 -42.82 0.24
CA ASP V 66 -98.60 -42.86 -0.99
C ASP V 66 -98.26 -41.69 -1.90
N THR V 67 -98.07 -40.50 -1.33
CA THR V 67 -97.74 -39.30 -2.09
C THR V 67 -96.25 -39.03 -2.02
N TYR V 68 -95.82 -38.04 -2.82
CA TYR V 68 -94.44 -37.61 -2.84
C TYR V 68 -94.40 -36.12 -3.09
N ARG V 69 -93.47 -35.43 -2.42
CA ARG V 69 -93.26 -34.02 -2.66
C ARG V 69 -92.22 -33.76 -3.74
N ILE V 70 -91.70 -34.81 -4.38
CA ILE V 70 -90.69 -34.64 -5.41
C ILE V 70 -91.30 -34.33 -6.78
N ASP V 71 -92.61 -34.40 -6.91
CA ASP V 71 -93.23 -34.12 -8.20
C ASP V 71 -92.92 -32.69 -8.63
N PRO V 72 -92.72 -32.44 -9.92
CA PRO V 72 -92.32 -31.09 -10.33
C PRO V 72 -93.45 -30.09 -10.14
N ASN V 73 -93.10 -28.88 -9.71
CA ASN V 73 -91.77 -28.41 -9.31
C ASN V 73 -91.54 -28.76 -7.84
N VAL V 74 -90.29 -29.08 -7.49
CA VAL V 74 -89.98 -29.41 -6.11
C VAL V 74 -90.11 -28.17 -5.24
N LEU V 75 -90.41 -28.39 -3.96
CA LEU V 75 -90.60 -27.31 -2.99
C LEU V 75 -89.31 -27.10 -2.22
N LEU V 76 -88.89 -25.83 -2.11
CA LEU V 76 -87.66 -25.50 -1.38
C LEU V 76 -87.86 -24.12 -0.72
N ASP V 77 -88.27 -24.15 0.55
CA ASP V 77 -88.41 -22.92 1.30
C ASP V 77 -87.09 -22.56 1.98
N PRO V 78 -86.74 -21.27 2.07
CA PRO V 78 -85.48 -20.92 2.75
C PRO V 78 -85.42 -21.43 4.19
N ALA V 79 -86.56 -21.45 4.89
CA ALA V 79 -86.57 -21.99 6.25
C ALA V 79 -86.19 -23.46 6.25
N ASP V 80 -86.69 -24.23 5.28
CA ASP V 80 -86.35 -25.64 5.17
C ASP V 80 -84.94 -25.85 4.64
N GLU V 81 -84.45 -24.93 3.79
CA GLU V 81 -83.11 -25.07 3.24
C GLU V 81 -82.05 -24.96 4.32
N LYS V 82 -82.24 -24.03 5.26
CA LYS V 82 -81.24 -23.80 6.31
C LYS V 82 -81.12 -24.99 7.26
N LEU V 83 -82.14 -25.83 7.36
CA LEU V 83 -82.12 -26.95 8.30
C LEU V 83 -81.39 -28.17 7.77
N LEU V 84 -80.98 -28.16 6.50
CA LEU V 84 -80.19 -29.27 5.97
C LEU V 84 -78.77 -29.23 6.51
N GLU V 85 -78.19 -28.05 6.67
CA GLU V 85 -76.84 -27.95 7.21
C GLU V 85 -76.84 -28.26 8.70
N GLU V 86 -75.69 -28.74 9.19
CA GLU V 86 -75.57 -29.12 10.59
C GLU V 86 -75.20 -27.93 11.47
N GLU V 87 -74.06 -27.29 11.20
CA GLU V 87 -73.61 -26.15 12.00
C GLU V 87 -72.74 -25.27 11.10
N ILE V 88 -73.36 -24.26 10.47
CA ILE V 88 -72.59 -23.26 9.74
C ILE V 88 -72.91 -21.83 10.17
N GLN V 89 -74.07 -21.57 10.77
CA GLN V 89 -74.42 -20.21 11.21
C GLN V 89 -74.28 -19.22 10.06
N ARG V 90 -63.57 -14.26 10.05
CA ARG V 90 -62.12 -14.40 10.09
C ARG V 90 -61.49 -13.12 10.67
N SER V 91 -60.17 -13.00 10.52
CA SER V 91 -59.46 -11.82 11.01
C SER V 91 -59.82 -10.63 10.12
N GLN V 92 -60.79 -9.84 10.57
CA GLN V 92 -61.28 -8.72 9.78
C GLN V 92 -60.55 -7.41 10.08
N GLN V 93 -59.65 -7.39 11.06
CA GLN V 93 -58.93 -6.16 11.37
C GLN V 93 -57.89 -5.81 10.32
N HIS V 94 -57.72 -6.61 9.27
CA HIS V 94 -56.81 -6.22 8.21
C HIS V 94 -57.30 -5.01 7.43
N ALA V 95 -58.55 -4.59 7.64
CA ALA V 95 -59.14 -3.48 6.91
C ALA V 95 -59.60 -2.35 7.82
N LYS V 96 -58.89 -2.13 8.93
CA LYS V 96 -59.22 -1.02 9.80
C LYS V 96 -58.62 0.28 9.28
N VAL V 97 -59.31 1.39 9.55
CA VAL V 97 -58.87 2.68 9.02
C VAL V 97 -57.47 3.02 9.54
N VAL V 98 -57.31 3.05 10.87
CA VAL V 98 -56.02 3.33 11.48
C VAL V 98 -55.39 4.54 10.79
N PRO V 99 -55.85 5.76 11.05
CA PRO V 99 -55.43 6.90 10.24
C PRO V 99 -53.93 7.07 10.10
N TRP V 100 -53.14 6.38 10.94
CA TRP V 100 -51.68 6.45 10.87
C TRP V 100 -51.09 5.25 10.14
N MET V 101 -51.74 4.77 9.09
CA MET V 101 -51.21 3.66 8.31
C MET V 101 -51.75 3.75 6.89
N ARG V 102 -50.89 4.17 5.96
CA ARG V 102 -51.27 4.32 4.56
C ARG V 102 -51.01 3.01 3.83
N LYS V 103 -50.97 3.07 2.50
CA LYS V 103 -50.65 1.93 1.65
C LYS V 103 -49.31 2.15 0.93
N THR V 104 -48.92 1.16 0.14
CA THR V 104 -47.64 1.15 -0.53
C THR V 104 -47.78 1.67 -1.96
N GLU V 105 -46.68 1.61 -2.69
CA GLU V 105 -46.59 2.11 -4.06
C GLU V 105 -45.47 1.36 -4.76
N TYR V 106 -45.68 1.04 -6.03
CA TYR V 106 -44.69 0.30 -6.81
C TYR V 106 -44.29 1.13 -8.02
N ILE V 107 -43.42 0.55 -8.86
CA ILE V 107 -42.87 1.27 -10.00
C ILE V 107 -43.84 1.17 -11.17
N SER V 108 -44.34 2.32 -11.61
CA SER V 108 -45.12 2.39 -12.84
C SER V 108 -44.18 2.65 -14.00
N THR V 109 -44.73 2.98 -15.17
CA THR V 109 -43.94 3.36 -16.32
C THR V 109 -44.05 4.84 -16.67
N GLU V 110 -45.05 5.53 -16.13
CA GLU V 110 -45.25 6.95 -16.39
C GLU V 110 -45.50 7.66 -15.07
N PHE V 111 -44.80 8.76 -14.85
CA PHE V 111 -45.00 9.59 -13.68
C PHE V 111 -44.45 10.98 -13.99
N ASN V 112 -44.32 11.82 -12.96
CA ASN V 112 -43.82 13.18 -13.13
C ASN V 112 -42.47 13.19 -13.83
N LYS V 113 -48.41 33.44 -43.70
CA LYS V 113 -48.25 32.22 -44.49
C LYS V 113 -49.24 32.19 -45.64
N ASP V 114 -50.53 32.05 -45.32
CA ASP V 114 -51.58 32.05 -46.32
C ASP V 114 -52.89 32.43 -45.64
N ARG V 115 -53.84 32.90 -46.45
CA ARG V 115 -55.14 33.33 -45.94
C ARG V 115 -56.27 32.34 -46.22
N ASP V 116 -56.16 31.54 -47.29
CA ASP V 116 -57.21 30.58 -47.59
C ASP V 116 -57.36 29.54 -46.48
N SER V 117 -56.28 29.27 -45.75
CA SER V 117 -56.34 28.32 -44.63
C SER V 117 -56.73 28.99 -43.32
N GLN V 118 -56.35 30.25 -43.13
CA GLN V 118 -56.74 30.96 -41.91
C GLN V 118 -58.25 31.12 -41.82
N ILE V 119 -58.90 31.46 -42.93
CA ILE V 119 -60.35 31.59 -42.94
C ILE V 119 -60.99 30.25 -42.60
N THR V 120 -60.49 29.16 -43.20
CA THR V 120 -61.06 27.85 -42.95
C THR V 120 -60.89 27.44 -41.49
N ALA V 121 -59.74 27.76 -40.88
CA ALA V 121 -59.53 27.42 -39.48
C ALA V 121 -60.41 28.26 -38.56
N ILE V 122 -60.54 29.55 -38.85
CA ILE V 122 -61.36 30.43 -38.01
C ILE V 122 -62.83 30.04 -38.13
N GLU V 123 -63.24 29.51 -39.28
CA GLU V 123 -64.59 28.97 -39.39
C GLU V 123 -64.70 27.59 -38.75
N LYS V 124 -63.61 26.82 -38.73
CA LYS V 124 -63.61 25.50 -38.11
C LYS V 124 -63.80 25.60 -36.61
N THR V 125 -63.10 26.53 -35.97
CA THR V 125 -63.26 26.69 -34.51
C THR V 125 -64.70 27.08 -34.18
N PHE V 126 -65.30 27.95 -34.99
CA PHE V 126 -66.71 28.29 -34.80
C PHE V 126 -67.60 27.06 -35.01
N GLU V 127 -67.29 26.24 -36.02
CA GLU V 127 -68.17 25.12 -36.34
C GLU V 127 -68.07 24.00 -35.30
N ASP V 128 -66.85 23.67 -34.89
CA ASP V 128 -66.67 22.55 -33.97
C ASP V 128 -67.11 22.89 -32.54
N ALA V 129 -67.19 24.18 -32.20
CA ALA V 129 -67.67 24.56 -30.87
C ALA V 129 -69.12 24.16 -30.65
N GLN V 130 -69.87 23.88 -31.71
CA GLN V 130 -71.27 23.50 -31.62
C GLN V 130 -71.49 22.00 -31.77
N LYS V 131 -70.42 21.20 -31.76
CA LYS V 131 -70.55 19.76 -31.91
C LYS V 131 -70.99 19.13 -30.59
N SER V 132 -71.19 17.81 -30.63
CA SER V 132 -71.53 17.06 -29.42
C SER V 132 -70.26 16.72 -28.65
N ILE V 133 -70.27 17.02 -27.35
CA ILE V 133 -69.11 16.81 -26.49
C ILE V 133 -69.51 15.85 -25.37
N SER V 134 -68.74 14.76 -25.22
CA SER V 134 -69.00 13.80 -24.16
C SER V 134 -67.72 13.29 -23.51
N GLN V 135 -66.60 14.00 -23.63
CA GLN V 135 -65.34 13.49 -23.13
C GLN V 135 -64.41 14.63 -22.75
N HIS V 136 -63.49 14.32 -21.84
CA HIS V 136 -62.50 15.26 -21.34
C HIS V 136 -61.28 15.26 -22.25
N TYR V 137 -60.32 16.15 -21.96
CA TYR V 137 -59.09 16.24 -22.74
C TYR V 137 -58.02 15.27 -22.22
N SER V 138 -57.64 15.42 -20.96
CA SER V 138 -56.57 14.58 -20.40
C SER V 138 -57.09 13.18 -20.09
N LYS V 139 -58.06 13.08 -19.17
CA LYS V 139 -58.65 11.81 -18.79
C LYS V 139 -60.12 11.81 -19.18
N PRO V 140 -60.50 11.17 -20.30
CA PRO V 140 -61.91 11.18 -20.70
C PRO V 140 -62.78 10.37 -19.75
N ARG V 141 -63.03 10.90 -18.55
CA ARG V 141 -63.87 10.24 -17.57
C ARG V 141 -64.94 11.12 -16.95
N VAL V 142 -64.91 12.44 -17.19
CA VAL V 142 -65.89 13.36 -16.63
C VAL V 142 -66.79 13.84 -17.76
N THR V 143 -68.10 13.78 -17.53
CA THR V 143 -69.07 14.16 -18.55
C THR V 143 -69.45 15.63 -18.42
N PRO V 144 -69.67 16.33 -19.54
CA PRO V 144 -70.10 17.74 -19.45
C PRO V 144 -71.55 17.86 -18.99
N VAL V 145 -71.89 19.05 -18.49
CA VAL V 145 -73.22 19.35 -18.00
C VAL V 145 -73.91 20.38 -18.89
N GLU V 146 -73.33 21.58 -19.01
CA GLU V 146 -73.91 22.64 -19.82
C GLU V 146 -72.80 23.37 -20.56
N VAL V 147 -73.20 24.38 -21.33
CA VAL V 147 -72.28 25.20 -22.11
C VAL V 147 -72.61 26.66 -21.87
N MET V 148 -71.57 27.49 -21.74
CA MET V 148 -71.71 28.92 -21.48
C MET V 148 -71.12 29.70 -22.64
N PRO V 149 -71.90 30.00 -23.67
CA PRO V 149 -71.36 30.79 -24.79
C PRO V 149 -71.03 32.21 -24.36
N VAL V 150 -70.04 32.78 -25.05
CA VAL V 150 -69.62 34.15 -24.78
C VAL V 150 -70.60 35.14 -25.41
N SER V 151 -67.91 47.61 -27.04
CA SER V 151 -66.94 48.12 -26.06
C SER V 151 -67.42 47.84 -24.64
N GLN V 152 -66.54 48.10 -23.67
CA GLN V 152 -66.89 47.92 -22.27
C GLN V 152 -66.04 48.85 -21.42
N ALA V 153 -66.53 49.10 -20.20
CA ALA V 153 -65.84 49.99 -19.26
C ALA V 153 -66.23 49.58 -17.85
N MET V 154 -65.29 49.01 -17.10
CA MET V 154 -65.55 48.53 -15.75
C MET V 154 -64.94 49.48 -14.74
N ILE V 155 -65.73 49.85 -13.74
CA ILE V 155 -65.30 50.80 -12.71
C ILE V 155 -64.86 49.99 -11.49
N ARG V 156 -63.55 49.93 -11.27
CA ARG V 156 -63.02 49.16 -10.15
C ARG V 156 -63.35 49.83 -8.82
N GLY V 157 -63.34 49.02 -7.77
CA GLY V 157 -63.65 49.51 -6.44
C GLY V 157 -62.66 49.05 -5.40
N MET V 158 -62.31 49.94 -4.47
CA MET V 158 -61.40 49.57 -3.39
C MET V 158 -62.06 48.56 -2.47
N MET V 159 -61.29 47.55 -2.05
CA MET V 159 -61.80 46.56 -1.13
C MET V 159 -62.02 47.12 0.27
N ASP V 160 -61.32 48.20 0.63
CA ASP V 160 -61.47 48.79 1.95
C ASP V 160 -62.67 49.72 2.01
N GLU V 161 -62.71 50.72 1.13
CA GLU V 161 -63.84 51.64 1.10
C GLU V 161 -65.15 50.92 0.78
N GLU V 162 -65.08 49.83 0.03
CA GLU V 162 -66.27 49.06 -0.33
C GLU V 162 -67.26 49.93 -1.11
N GLY V 163 -66.77 50.53 -2.18
CA GLY V 163 -67.64 51.37 -3.00
C GLY V 163 -68.78 50.56 -3.58
N ASN V 164 -69.98 51.15 -3.56
CA ASN V 164 -71.19 50.54 -4.10
C ASN V 164 -71.67 51.40 -5.27
N GLN V 165 -71.12 51.12 -6.45
CA GLN V 165 -71.55 51.85 -7.64
C GLN V 165 -72.99 51.50 -8.02
N PHE V 166 -73.35 50.22 -7.93
CA PHE V 166 -74.68 49.74 -8.27
C PHE V 166 -75.45 49.41 -6.99
N VAL V 167 -76.69 48.92 -7.18
CA VAL V 167 -77.52 48.59 -6.04
C VAL V 167 -77.19 47.22 -5.45
N ALA V 168 -76.50 46.36 -6.21
CA ALA V 168 -76.20 45.02 -5.72
C ALA V 168 -75.32 45.09 -4.47
N TYR V 169 -74.34 45.99 -4.45
CA TYR V 169 -73.47 46.12 -3.28
C TYR V 169 -74.28 46.48 -2.04
N PHE V 170 -75.26 47.37 -2.18
CA PHE V 170 -76.15 47.73 -1.09
C PHE V 170 -77.32 46.76 -0.94
N LEU V 171 -77.31 45.66 -1.69
CA LEU V 171 -78.36 44.65 -1.65
C LEU V 171 -79.71 45.30 -1.95
N PRO V 172 -79.76 46.21 -2.92
CA PRO V 172 -81.06 46.73 -3.38
C PRO V 172 -81.57 45.96 -4.58
N VAL V 173 -82.88 45.69 -4.64
CA VAL V 173 -83.45 45.11 -5.85
C VAL V 173 -83.37 46.11 -6.99
N GLU V 174 -83.69 47.36 -6.72
CA GLU V 174 -83.60 48.44 -7.70
C GLU V 174 -83.05 49.67 -6.99
N GLU V 175 -82.81 50.73 -7.77
CA GLU V 175 -82.26 51.96 -7.21
C GLU V 175 -83.34 52.68 -6.42
N THR V 176 -83.09 52.88 -5.13
CA THR V 176 -84.03 53.60 -4.27
C THR V 176 -83.84 55.11 -4.31
N LEU V 177 -82.81 55.60 -5.01
CA LEU V 177 -82.58 57.03 -5.17
C LEU V 177 -82.35 57.42 -6.63
N LYS V 178 -82.64 56.52 -7.57
CA LYS V 178 -82.45 56.81 -8.98
C LYS V 178 -83.21 55.75 -9.79
N LYS V 179 -83.32 56.01 -11.09
CA LYS V 179 -83.94 55.06 -12.01
C LYS V 179 -83.10 54.78 -13.24
N ARG V 180 -82.00 55.51 -13.46
CA ARG V 180 -81.15 55.28 -14.62
C ARG V 180 -79.77 55.87 -14.32
N LYS V 181 -78.75 55.02 -14.31
CA LYS V 181 -77.38 55.45 -14.03
C LYS V 181 -76.83 56.14 -15.28
N ARG V 182 -77.23 57.41 -15.44
CA ARG V 182 -76.84 58.18 -16.60
C ARG V 182 -75.40 58.63 -16.49
N ASP V 183 -74.46 57.70 -16.66
CA ASP V 183 -73.04 58.02 -16.59
C ASP V 183 -72.70 59.11 -17.59
N GLN V 184 -72.06 60.17 -17.11
CA GLN V 184 -71.70 61.32 -17.94
C GLN V 184 -70.23 61.62 -17.75
N GLU V 185 -69.63 62.22 -18.78
CA GLU V 185 -68.23 62.61 -18.71
C GLU V 185 -68.04 63.65 -17.62
N GLU V 186 -67.00 63.45 -16.79
CA GLU V 186 -66.71 64.42 -15.74
C GLU V 186 -66.32 65.78 -16.32
N GLU V 187 -65.62 65.78 -17.44
CA GLU V 187 -65.20 67.03 -18.09
C GLU V 187 -65.09 66.77 -19.59
N MET V 188 -64.62 67.79 -20.31
CA MET V 188 -64.44 67.67 -21.76
C MET V 188 -63.12 67.01 -22.13
N ASP V 189 -62.20 66.84 -21.18
CA ASP V 189 -60.90 66.24 -21.44
C ASP V 189 -60.79 64.84 -20.87
N TYR V 190 -61.91 64.14 -20.69
CA TYR V 190 -61.88 62.76 -20.19
C TYR V 190 -63.08 62.03 -20.80
N ALA V 191 -62.82 61.28 -21.88
CA ALA V 191 -63.83 60.45 -22.51
C ALA V 191 -64.02 59.16 -21.73
N PRO V 192 -62.93 58.43 -21.45
CA PRO V 192 -63.06 57.21 -20.63
C PRO V 192 -63.15 57.51 -19.14
N ASP V 193 -62.65 58.66 -18.68
CA ASP V 193 -62.69 59.03 -17.27
C ASP V 193 -63.96 59.83 -16.99
N ASP V 194 -65.09 59.14 -17.07
CA ASP V 194 -66.39 59.76 -16.80
C ASP V 194 -66.66 59.73 -15.31
N VAL V 195 -67.89 60.10 -14.93
CA VAL V 195 -68.32 60.14 -13.54
C VAL V 195 -69.54 59.23 -13.42
N TYR V 196 -69.34 58.01 -12.94
CA TYR V 196 -70.41 57.03 -12.83
C TYR V 196 -71.00 57.10 -11.43
N ASP V 197 -72.31 57.39 -11.36
CA ASP V 197 -73.00 57.47 -10.08
C ASP V 197 -74.47 57.15 -10.30
N TYR V 198 -75.06 56.44 -9.33
CA TYR V 198 -76.47 56.06 -9.40
C TYR V 198 -77.32 57.17 -8.77
N LYS V 199 -77.36 58.30 -9.47
CA LYS V 199 -78.12 59.48 -9.03
C LYS V 199 -78.89 60.02 -10.24
N ILE V 200 -80.19 59.74 -10.27
CA ILE V 200 -81.01 60.21 -11.38
C ILE V 200 -81.37 61.69 -11.25
N ALA V 201 -81.24 62.26 -10.04
CA ALA V 201 -81.49 63.67 -9.80
C ALA V 201 -80.17 64.39 -9.58
N ARG V 202 -80.27 65.72 -9.45
CA ARG V 202 -79.11 66.56 -9.22
C ARG V 202 -78.73 66.65 -7.74
N GLU V 203 -79.23 65.74 -6.91
CA GLU V 203 -78.89 65.76 -5.50
C GLU V 203 -77.41 65.45 -5.29
N TYR V 204 -76.83 66.06 -4.26
CA TYR V 204 -75.41 65.88 -3.94
C TYR V 204 -75.19 64.50 -3.32
N ASN V 205 -75.39 63.48 -4.13
CA ASN V 205 -75.20 62.10 -3.69
C ASN V 205 -73.71 61.79 -3.71
N TRP V 206 -73.36 60.52 -3.50
CA TRP V 206 -71.97 60.10 -3.52
C TRP V 206 -71.42 60.31 -4.92
N ASN V 207 -70.59 61.34 -5.10
CA ASN V 207 -70.02 61.68 -6.40
C ASN V 207 -68.76 60.83 -6.60
N VAL V 208 -68.96 59.64 -7.17
CA VAL V 208 -67.85 58.71 -7.43
C VAL V 208 -67.23 59.14 -8.76
N LYS V 209 -66.20 59.98 -8.67
CA LYS V 209 -65.50 60.45 -9.86
C LYS V 209 -64.57 59.34 -10.33
N ASN V 210 -64.93 58.69 -11.44
CA ASN V 210 -64.16 57.56 -11.96
C ASN V 210 -62.88 58.10 -12.59
N LYS V 211 -61.79 58.07 -11.82
CA LYS V 211 -60.51 58.53 -12.34
C LYS V 211 -59.97 57.54 -13.37
N ALA V 212 -59.10 58.05 -14.25
CA ALA V 212 -58.47 57.22 -15.26
C ALA V 212 -57.42 56.33 -14.59
N SER V 213 -57.73 55.03 -14.47
CA SER V 213 -56.84 54.07 -13.84
C SER V 213 -56.06 53.23 -14.86
N LYS V 214 -56.10 53.63 -16.13
CA LYS V 214 -55.37 52.89 -17.16
C LYS V 214 -53.89 52.83 -16.83
N GLY V 215 -53.31 53.96 -16.41
CA GLY V 215 -51.96 53.95 -15.91
C GLY V 215 -51.82 53.15 -14.62
N TYR V 216 -52.85 53.18 -13.78
CA TYR V 216 -52.82 52.37 -12.56
C TYR V 216 -52.75 50.88 -12.89
N GLU V 217 -53.50 50.45 -13.91
CA GLU V 217 -53.48 49.06 -14.35
C GLU V 217 -52.31 48.75 -15.27
N GLU V 218 -51.53 49.75 -15.65
CA GLU V 218 -50.39 49.56 -16.54
C GLU V 218 -49.14 49.16 -15.76
N ASN V 219 -55.92 39.70 -20.78
CA ASN V 219 -56.61 40.99 -20.80
C ASN V 219 -57.99 40.89 -20.17
N TYR V 220 -58.51 42.03 -19.72
CA TYR V 220 -59.80 42.06 -19.06
C TYR V 220 -60.92 41.91 -20.09
N PHE V 221 -61.35 40.68 -20.33
CA PHE V 221 -62.35 40.37 -21.35
C PHE V 221 -63.66 39.98 -20.70
N PHE V 222 -64.76 40.54 -21.22
CA PHE V 222 -66.09 40.33 -20.67
C PHE V 222 -67.00 39.70 -21.71
N ILE V 223 -67.87 38.80 -21.24
CA ILE V 223 -68.82 38.09 -22.08
C ILE V 223 -70.12 37.91 -21.31
N PHE V 224 -71.15 37.46 -22.02
CA PHE V 224 -72.45 37.25 -21.40
C PHE V 224 -73.21 36.21 -22.21
N ARG V 225 -74.25 35.64 -21.57
CA ARG V 225 -75.12 34.67 -22.22
C ARG V 225 -76.11 35.42 -23.11
N GLU V 226 -75.58 35.96 -24.21
CA GLU V 226 -76.36 36.77 -25.14
C GLU V 226 -77.22 35.87 -26.00
N GLY V 227 -78.18 35.21 -25.34
CA GLY V 227 -79.08 34.31 -26.04
C GLY V 227 -78.37 33.17 -26.74
N ASP V 228 -77.33 32.63 -26.13
CA ASP V 228 -76.55 31.54 -26.72
C ASP V 228 -76.00 31.94 -28.09
N GLY V 229 -75.37 33.12 -28.14
CA GLY V 229 -74.75 33.61 -29.34
C GLY V 229 -73.24 33.74 -29.19
N VAL V 230 -72.57 33.96 -30.31
CA VAL V 230 -71.12 34.14 -30.34
C VAL V 230 -70.82 35.62 -30.47
N TYR V 231 -70.14 36.17 -29.48
CA TYR V 231 -69.78 37.58 -29.44
C TYR V 231 -68.81 37.79 -28.30
N TYR V 232 -68.37 39.02 -28.13
CA TYR V 232 -67.45 39.36 -27.04
C TYR V 232 -67.61 40.84 -26.74
N ASN V 233 -67.36 41.18 -25.48
CA ASN V 233 -67.55 42.53 -24.96
C ASN V 233 -66.32 42.94 -24.16
N GLU V 234 -65.15 42.71 -24.75
CA GLU V 234 -63.90 42.92 -24.04
C GLU V 234 -63.79 44.35 -23.54
N LEU V 235 -63.30 44.49 -22.31
CA LEU V 235 -63.18 45.80 -21.69
C LEU V 235 -62.17 46.67 -22.42
N GLU V 236 -62.39 47.98 -22.35
CA GLU V 236 -61.52 48.94 -23.02
C GLU V 236 -60.44 49.47 -22.10
N THR V 237 -60.83 49.99 -20.93
CA THR V 237 -59.88 50.55 -19.97
C THR V 237 -60.45 50.38 -18.57
N ARG V 238 -59.67 49.78 -17.68
CA ARG V 238 -60.11 49.56 -16.30
C ARG V 238 -59.95 50.86 -15.53
N VAL V 239 -61.08 51.47 -15.15
CA VAL V 239 -61.08 52.68 -14.36
C VAL V 239 -61.44 52.32 -12.92
N ARG V 240 -60.97 53.14 -11.99
CA ARG V 240 -61.28 52.97 -10.57
C ARG V 240 -61.76 54.30 -10.01
N LEU V 241 -62.81 54.24 -9.20
CA LEU V 241 -63.45 55.43 -8.64
C LEU V 241 -63.35 55.41 -7.12
N SER V 242 -63.49 56.60 -6.53
CA SER V 242 -63.47 56.77 -5.10
C SER V 242 -64.47 57.85 -4.73
N LYS V 243 -64.61 58.10 -3.43
CA LYS V 243 -65.52 59.13 -2.95
C LYS V 243 -64.86 60.50 -3.13
N ARG V 244 -65.36 61.27 -4.10
CA ARG V 244 -64.81 62.59 -4.37
C ARG V 244 -65.43 63.63 -3.46
N TYR W 1 -55.04 4.01 95.14
CA TYR W 1 -54.69 2.57 94.97
C TYR W 1 -53.78 2.35 93.77
N GLY W 2 -52.51 2.15 94.05
CA GLY W 2 -51.53 1.93 93.01
C GLY W 2 -50.17 1.59 93.59
N ILE W 3 -49.11 1.76 92.81
CA ILE W 3 -47.75 1.51 93.26
C ILE W 3 -47.00 2.83 93.27
N LEU W 4 -46.37 3.15 94.39
CA LEU W 4 -45.58 4.37 94.50
C LEU W 4 -44.14 4.13 94.04
N PHE W 5 -43.44 3.24 94.72
CA PHE W 5 -42.02 3.00 94.49
C PHE W 5 -41.83 1.61 93.90
N LYS W 6 -40.77 1.45 93.13
CA LYS W 6 -40.48 0.18 92.46
C LYS W 6 -38.97 -0.04 92.54
N GLN W 7 -38.54 -0.79 93.54
CA GLN W 7 -37.13 -1.09 93.74
C GLN W 7 -36.78 -2.33 92.90
N GLU W 8 -35.98 -2.13 91.87
CA GLU W 8 -35.57 -3.21 91.00
C GLU W 8 -34.28 -3.84 91.50
N GLN W 9 -34.21 -5.16 91.42
CA GLN W 9 -33.07 -5.93 91.89
C GLN W 9 -32.72 -5.54 93.33
N ALA W 10 -33.72 -5.64 94.20
CA ALA W 10 -33.52 -5.30 95.60
C ALA W 10 -32.53 -6.21 96.29
N HIS W 11 -32.28 -7.39 95.73
CA HIS W 11 -31.36 -8.34 96.32
C HIS W 11 -30.73 -9.17 95.21
N ASP W 12 -29.60 -9.79 95.53
CA ASP W 12 -29.03 -10.77 94.62
C ASP W 12 -29.91 -12.01 94.53
N ASP W 13 -30.41 -12.48 95.67
CA ASP W 13 -31.18 -13.70 95.76
C ASP W 13 -32.62 -13.38 96.17
N ALA W 14 -33.48 -14.39 96.03
CA ALA W 14 -34.90 -14.21 96.31
C ALA W 14 -35.09 -13.74 97.75
N ILE W 15 -36.04 -12.83 97.93
CA ILE W 15 -36.41 -12.34 99.24
C ILE W 15 -37.56 -13.20 99.76
N TRP W 16 -37.44 -13.67 101.00
CA TRP W 16 -38.46 -14.50 101.61
C TRP W 16 -39.22 -13.79 102.70
N SER W 17 -38.74 -12.65 103.18
CA SER W 17 -39.45 -11.90 104.21
C SER W 17 -39.11 -10.42 104.08
N VAL W 18 -39.99 -9.60 104.63
CA VAL W 18 -39.81 -8.15 104.67
C VAL W 18 -40.28 -7.65 106.02
N ALA W 19 -39.55 -6.68 106.58
CA ALA W 19 -39.92 -6.08 107.85
C ALA W 19 -39.91 -4.57 107.71
N TRP W 20 -40.97 -3.93 108.21
CA TRP W 20 -41.08 -2.48 108.21
C TRP W 20 -41.74 -2.06 109.50
N GLY W 21 -41.30 -0.93 110.06
CA GLY W 21 -41.80 -0.50 111.35
C GLY W 21 -43.15 0.18 111.27
N THR W 22 -43.79 0.27 112.43
CA THR W 22 -45.09 0.91 112.55
C THR W 22 -45.12 2.04 113.58
N ASN W 23 -44.25 2.01 114.59
CA ASN W 23 -44.25 3.04 115.62
C ASN W 23 -43.42 4.23 115.12
N LYS W 24 -43.17 5.18 116.01
CA LYS W 24 -42.33 6.33 115.72
C LYS W 24 -40.93 6.18 116.29
N LYS W 25 -40.54 4.95 116.63
CA LYS W 25 -39.24 4.67 117.24
C LYS W 25 -38.19 4.36 116.17
N GLU W 26 -38.10 5.25 115.18
CA GLU W 26 -37.12 5.14 114.11
C GLU W 26 -37.22 3.78 113.42
N ASN W 27 -38.46 3.33 113.21
CA ASN W 27 -38.71 2.04 112.56
C ASN W 27 -39.61 2.14 111.34
N SER W 28 -40.66 2.96 111.39
CA SER W 28 -41.57 3.04 110.25
C SER W 28 -40.85 3.55 109.01
N GLU W 29 -39.81 4.34 109.18
CA GLU W 29 -39.09 4.93 108.05
C GLU W 29 -38.01 4.02 107.48
N THR W 30 -37.70 2.91 108.15
CA THR W 30 -36.66 1.99 107.70
C THR W 30 -37.28 0.62 107.45
N VAL W 31 -36.92 0.01 106.33
CA VAL W 31 -37.45 -1.29 105.92
C VAL W 31 -36.32 -2.31 106.04
N VAL W 32 -36.51 -3.32 106.88
CA VAL W 32 -35.55 -4.39 107.08
C VAL W 32 -36.03 -5.60 106.28
N THR W 33 -35.15 -6.14 105.44
CA THR W 33 -35.49 -7.22 104.53
C THR W 33 -34.49 -8.35 104.68
N GLY W 34 -35.01 -9.58 104.67
CA GLY W 34 -34.18 -10.77 104.74
C GLY W 34 -34.34 -11.62 103.49
N SER W 35 -33.23 -11.88 102.80
CA SER W 35 -33.24 -12.62 101.56
C SER W 35 -32.31 -13.81 101.67
N LEU W 36 -32.35 -14.66 100.65
CA LEU W 36 -31.53 -15.87 100.64
C LEU W 36 -30.08 -15.58 100.28
N ASP W 37 -29.75 -14.35 99.96
CA ASP W 37 -28.38 -13.94 99.67
C ASP W 37 -27.58 -13.62 100.93
N ASP W 38 -28.11 -13.95 102.10
CA ASP W 38 -27.43 -13.66 103.37
C ASP W 38 -27.17 -12.16 103.53
N LEU W 39 -28.02 -11.34 102.93
CA LEU W 39 -27.86 -9.88 102.99
C LEU W 39 -29.03 -9.30 103.76
N VAL W 40 -28.78 -8.85 104.99
CA VAL W 40 -29.79 -8.18 105.80
C VAL W 40 -29.65 -6.70 105.49
N LYS W 41 -30.42 -6.23 104.50
CA LYS W 41 -30.32 -4.87 104.00
C LYS W 41 -31.26 -3.98 104.80
N VAL W 42 -30.70 -3.06 105.57
CA VAL W 42 -31.49 -2.08 106.32
C VAL W 42 -31.72 -0.91 105.37
N TRP W 43 -32.87 -0.90 104.73
CA TRP W 43 -33.27 0.16 103.83
C TRP W 43 -33.93 1.28 104.62
N LYS W 44 -33.46 2.51 104.44
CA LYS W 44 -34.12 3.66 105.05
C LYS W 44 -35.10 4.25 104.05
N TRP W 45 -36.38 4.12 104.35
CA TRP W 45 -37.43 4.74 103.53
C TRP W 45 -37.54 6.21 103.93
N ARG W 46 -36.53 6.96 103.51
CA ARG W 46 -36.46 8.39 103.75
C ARG W 46 -36.79 9.14 102.45
N ASP W 47 -37.38 10.32 102.59
CA ASP W 47 -37.72 11.15 101.44
C ASP W 47 -38.65 10.40 100.49
N GLU W 48 -39.52 9.55 101.04
CA GLU W 48 -40.43 8.76 100.23
C GLU W 48 -39.67 7.95 99.19
N ARG W 49 -38.46 7.53 99.54
CA ARG W 49 -37.64 6.72 98.66
C ARG W 49 -36.92 5.67 99.47
N LEU W 50 -36.74 4.50 98.89
CA LEU W 50 -36.10 3.38 99.56
C LEU W 50 -34.60 3.50 99.35
N ASP W 51 -33.89 3.91 100.40
CA ASP W 51 -32.46 4.11 100.33
C ASP W 51 -31.77 3.19 101.33
N LEU W 52 -30.73 2.50 100.87
CA LEU W 52 -30.02 1.56 101.72
C LEU W 52 -29.27 2.31 102.81
N GLN W 53 -29.42 1.84 104.05
CA GLN W 53 -28.78 2.48 105.20
C GLN W 53 -27.65 1.62 105.78
N TRP W 54 -27.91 0.34 105.98
CA TRP W 54 -26.90 -0.60 106.47
C TRP W 54 -26.97 -1.84 105.59
N SER W 55 -25.94 -2.68 105.69
CA SER W 55 -25.90 -3.97 105.01
C SER W 55 -25.27 -4.97 105.98
N LEU W 56 -26.11 -5.66 106.75
CA LEU W 56 -25.62 -6.57 107.77
C LEU W 56 -25.50 -7.98 107.21
N GLU W 57 -24.41 -8.65 107.57
CA GLU W 57 -24.12 -10.00 107.13
C GLU W 57 -23.71 -10.82 108.34
N GLY W 58 -23.45 -12.11 108.12
CA GLY W 58 -23.03 -12.99 109.18
C GLY W 58 -23.80 -14.29 109.20
N HIS W 59 -25.04 -14.27 108.69
CA HIS W 59 -25.83 -15.47 108.63
C HIS W 59 -25.26 -16.42 107.59
N GLN W 60 -24.94 -17.64 108.01
CA GLN W 60 -24.40 -18.62 107.09
C GLN W 60 -25.41 -19.00 106.02
N LEU W 61 -26.67 -19.18 106.41
CA LEU W 61 -27.74 -19.53 105.50
C LEU W 61 -28.65 -18.34 105.26
N GLY W 62 -29.53 -18.49 104.27
CA GLY W 62 -30.41 -17.39 103.91
C GLY W 62 -31.31 -16.99 105.06
N VAL W 63 -31.68 -15.72 105.08
CA VAL W 63 -32.58 -15.21 106.11
C VAL W 63 -33.97 -15.77 105.87
N VAL W 64 -34.61 -16.23 106.94
CA VAL W 64 -35.91 -16.89 106.84
C VAL W 64 -37.00 -15.95 107.30
N SER W 65 -36.69 -15.11 108.29
CA SER W 65 -37.67 -14.21 108.86
C SER W 65 -37.00 -12.91 109.29
N VAL W 66 -37.73 -11.81 109.20
CA VAL W 66 -37.26 -10.51 109.65
C VAL W 66 -38.42 -9.77 110.30
N ASP W 67 -38.14 -9.08 111.40
CA ASP W 67 -39.16 -8.35 112.13
C ASP W 67 -38.49 -7.24 112.93
N ILE W 68 -39.24 -6.17 113.19
CA ILE W 68 -38.76 -5.02 113.95
C ILE W 68 -39.43 -5.01 115.31
N SER W 69 -38.66 -4.76 116.35
CA SER W 69 -39.23 -4.65 117.68
C SER W 69 -40.24 -3.52 117.73
N HIS W 70 -41.39 -3.80 118.36
CA HIS W 70 -42.47 -2.82 118.40
C HIS W 70 -42.06 -1.60 119.23
N THR W 71 -41.48 -1.85 120.39
CA THR W 71 -41.15 -0.79 121.34
C THR W 71 -39.65 -0.51 121.38
N LEU W 72 -38.94 -0.82 120.30
CA LEU W 72 -37.49 -0.68 120.29
C LEU W 72 -37.01 -0.50 118.86
N PRO W 73 -35.97 0.29 118.62
CA PRO W 73 -35.47 0.48 117.24
C PRO W 73 -34.46 -0.55 116.77
N ILE W 74 -34.28 -1.66 117.49
CA ILE W 74 -33.36 -2.71 117.09
C ILE W 74 -34.14 -3.79 116.36
N ALA W 75 -33.42 -4.66 115.66
CA ALA W 75 -34.02 -5.74 114.91
C ALA W 75 -33.22 -7.01 115.13
N ALA W 76 -33.70 -8.10 114.53
CA ALA W 76 -33.04 -9.38 114.64
C ALA W 76 -33.34 -10.16 113.38
N SER W 77 -32.46 -11.11 113.07
CA SER W 77 -32.64 -11.94 111.88
C SER W 77 -32.24 -13.36 112.19
N SER W 78 -33.07 -14.30 111.78
CA SER W 78 -32.84 -15.73 111.95
C SER W 78 -32.57 -16.37 110.60
N SER W 79 -32.09 -17.61 110.67
CA SER W 79 -31.89 -18.43 109.50
C SER W 79 -31.89 -19.88 109.94
N LEU W 80 -31.84 -20.79 108.96
CA LEU W 80 -31.78 -22.20 109.28
C LEU W 80 -30.42 -22.62 109.82
N ASP W 81 -29.48 -21.69 109.92
CA ASP W 81 -28.17 -21.95 110.49
C ASP W 81 -28.22 -22.17 111.99
N ALA W 82 -29.40 -22.15 112.61
CA ALA W 82 -29.53 -22.30 114.06
C ALA W 82 -28.81 -21.19 114.81
N HIS W 83 -28.57 -20.07 114.15
CA HIS W 83 -27.88 -18.92 114.75
C HIS W 83 -28.73 -17.69 114.52
N ILE W 84 -29.66 -17.45 115.45
CA ILE W 84 -30.50 -16.27 115.42
C ILE W 84 -29.67 -15.10 115.91
N ARG W 85 -29.39 -14.15 115.02
CA ARG W 85 -28.50 -13.04 115.31
C ARG W 85 -29.30 -11.76 115.50
N LEU W 86 -29.13 -11.12 116.64
CA LEU W 86 -29.78 -9.85 116.92
C LEU W 86 -28.96 -8.71 116.32
N TRP W 87 -29.66 -7.71 115.81
CA TRP W 87 -29.01 -6.57 115.17
C TRP W 87 -29.64 -5.27 115.67
N ASP W 88 -28.86 -4.21 115.58
CA ASP W 88 -29.32 -2.88 115.97
C ASP W 88 -29.33 -2.00 114.73
N LEU W 89 -30.49 -1.40 114.46
CA LEU W 89 -30.62 -0.48 113.35
C LEU W 89 -29.97 0.86 113.64
N GLU W 90 -29.76 1.19 114.92
CA GLU W 90 -29.17 2.47 115.28
C GLU W 90 -27.74 2.58 114.80
N ASN W 91 -27.03 1.46 114.74
CA ASN W 91 -25.62 1.45 114.37
C ASN W 91 -25.29 0.44 113.29
N GLY W 92 -26.22 -0.43 112.92
CA GLY W 92 -25.91 -1.49 111.97
C GLY W 92 -24.89 -2.47 112.50
N LYS W 93 -25.00 -2.84 113.78
CA LYS W 93 -24.09 -3.79 114.41
C LYS W 93 -24.88 -4.93 115.03
N GLN W 94 -24.18 -6.06 115.20
CA GLN W 94 -24.80 -7.25 115.77
C GLN W 94 -24.79 -7.17 117.29
N ILE W 95 -25.91 -7.53 117.91
CA ILE W 95 -25.99 -7.53 119.36
C ILE W 95 -25.49 -8.86 119.92
N LYS W 96 -25.96 -9.97 119.35
CA LYS W 96 -25.59 -11.30 119.82
C LYS W 96 -26.01 -12.30 118.75
N SER W 97 -25.72 -13.57 118.99
CA SER W 97 -26.06 -14.64 118.06
C SER W 97 -26.58 -15.82 118.88
N ILE W 98 -27.90 -15.92 119.03
CA ILE W 98 -28.46 -17.06 119.74
C ILE W 98 -28.31 -18.29 118.84
N ASP W 99 -27.46 -19.22 119.27
CA ASP W 99 -27.20 -20.45 118.52
C ASP W 99 -28.31 -21.44 118.86
N ALA W 100 -29.43 -21.35 118.13
CA ALA W 100 -30.56 -22.25 118.37
C ALA W 100 -30.30 -23.60 117.68
N GLY W 101 -29.25 -24.26 118.15
CA GLY W 101 -28.79 -25.50 117.56
C GLY W 101 -29.70 -26.66 117.87
N PRO W 102 -29.45 -27.78 117.19
CA PRO W 102 -28.47 -27.97 116.13
C PRO W 102 -29.02 -27.41 114.82
N VAL W 103 -30.32 -27.57 114.65
CA VAL W 103 -31.05 -27.02 113.51
C VAL W 103 -32.30 -26.27 113.94
N ASP W 104 -32.62 -26.24 115.24
CA ASP W 104 -33.91 -25.73 115.69
C ASP W 104 -33.94 -24.22 115.58
N ALA W 105 -34.37 -23.72 114.42
CA ALA W 105 -34.52 -22.29 114.22
C ALA W 105 -35.52 -22.06 113.11
N TRP W 106 -36.53 -21.24 113.37
CA TRP W 106 -37.59 -20.94 112.41
C TRP W 106 -37.89 -19.45 112.50
N THR W 107 -39.03 -19.04 111.92
CA THR W 107 -39.41 -17.64 111.90
C THR W 107 -39.41 -17.03 113.30
N LEU W 108 -39.23 -15.71 113.38
CA LEU W 108 -39.17 -15.01 114.65
C LEU W 108 -40.53 -14.45 115.04
N ALA W 109 -40.62 -14.01 116.30
CA ALA W 109 -41.85 -13.43 116.82
C ALA W 109 -41.48 -12.43 117.90
N PHE W 110 -41.41 -11.15 117.53
CA PHE W 110 -41.13 -10.11 118.52
C PHE W 110 -42.33 -9.94 119.45
N SER W 111 -42.05 -9.95 120.75
CA SER W 111 -43.10 -9.66 121.71
C SER W 111 -43.46 -8.19 121.64
N PRO W 112 -44.73 -7.84 121.87
CA PRO W 112 -45.10 -6.42 121.86
C PRO W 112 -44.30 -5.60 122.87
N ASP W 113 -43.99 -6.19 124.03
CA ASP W 113 -43.08 -5.58 124.97
C ASP W 113 -41.63 -5.61 124.50
N SER W 114 -41.33 -6.39 123.47
CA SER W 114 -39.97 -6.51 122.95
C SER W 114 -39.03 -7.08 124.00
N GLN W 115 -39.47 -8.13 124.68
CA GLN W 115 -38.68 -8.74 125.75
C GLN W 115 -38.46 -10.23 125.52
N TYR W 116 -39.38 -10.88 124.81
CA TYR W 116 -39.30 -12.30 124.57
C TYR W 116 -39.28 -12.56 123.07
N LEU W 117 -38.68 -13.69 122.69
CA LEU W 117 -38.56 -14.06 121.29
C LEU W 117 -38.94 -15.53 121.15
N ALA W 118 -40.05 -15.79 120.47
CA ALA W 118 -40.54 -17.13 120.28
C ALA W 118 -39.98 -17.71 118.98
N THR W 119 -39.64 -18.99 119.02
CA THR W 119 -39.06 -19.67 117.87
C THR W 119 -39.63 -21.08 117.78
N GLY W 120 -40.03 -21.47 116.57
CA GLY W 120 -40.53 -22.81 116.36
C GLY W 120 -39.44 -23.85 116.51
N THR W 121 -39.88 -25.06 116.83
CA THR W 121 -38.97 -26.16 117.09
C THR W 121 -39.39 -27.38 116.27
N HIS W 122 -38.40 -28.06 115.68
CA HIS W 122 -38.70 -29.27 114.93
C HIS W 122 -39.46 -30.27 115.76
N VAL W 123 -39.21 -30.30 117.08
CA VAL W 123 -39.92 -31.22 117.96
C VAL W 123 -41.39 -30.88 118.09
N GLY W 124 -41.84 -29.77 117.49
CA GLY W 124 -43.22 -29.36 117.57
C GLY W 124 -43.51 -28.36 118.67
N LYS W 125 -42.56 -28.12 119.56
CA LYS W 125 -42.74 -27.14 120.61
C LYS W 125 -42.42 -25.74 120.11
N VAL W 126 -42.70 -24.76 120.95
CA VAL W 126 -42.37 -23.36 120.68
C VAL W 126 -41.48 -22.88 121.82
N ASN W 127 -40.19 -22.74 121.54
CA ASN W 127 -39.26 -22.22 122.52
C ASN W 127 -39.38 -20.72 122.62
N ILE W 128 -39.34 -20.21 123.86
CA ILE W 128 -39.42 -18.77 124.13
C ILE W 128 -38.10 -18.36 124.73
N PHE W 129 -37.28 -17.66 123.94
CA PHE W 129 -36.00 -17.16 124.41
C PHE W 129 -36.12 -15.71 124.84
N GLY W 130 -35.18 -15.30 125.68
CA GLY W 130 -35.10 -13.91 126.10
C GLY W 130 -34.30 -13.09 125.09
N VAL W 131 -34.82 -11.91 124.79
CA VAL W 131 -34.15 -11.02 123.85
C VAL W 131 -32.79 -10.60 124.40
N GLU W 132 -32.75 -10.24 125.68
CA GLU W 132 -31.51 -9.83 126.33
C GLU W 132 -30.76 -10.97 126.98
N SER W 133 -31.32 -12.17 127.01
CA SER W 133 -30.67 -13.32 127.61
C SER W 133 -30.11 -14.28 126.56
N GLY W 134 -30.91 -14.61 125.55
CA GLY W 134 -30.50 -15.57 124.54
C GLY W 134 -30.62 -17.02 124.97
N LYS W 135 -30.95 -17.27 126.23
CA LYS W 135 -31.13 -18.63 126.72
C LYS W 135 -32.60 -19.02 126.64
N LYS W 136 -32.84 -20.31 126.53
CA LYS W 136 -34.21 -20.82 126.44
C LYS W 136 -34.91 -20.59 127.77
N GLU W 137 -35.78 -19.58 127.82
CA GLU W 137 -36.49 -19.27 129.06
C GLU W 137 -37.53 -20.35 129.37
N TYR W 138 -38.47 -20.55 128.45
CA TYR W 138 -39.54 -21.53 128.64
C TYR W 138 -40.04 -21.94 127.27
N SER W 139 -40.32 -23.23 127.12
CA SER W 139 -40.81 -23.80 125.87
C SER W 139 -42.25 -24.27 126.06
N LEU W 140 -43.08 -24.04 125.06
CA LEU W 140 -44.47 -24.47 125.13
C LEU W 140 -44.55 -25.96 124.82
N ASP W 141 -45.10 -26.73 125.76
CA ASP W 141 -45.15 -28.18 125.65
C ASP W 141 -46.40 -28.59 124.87
N THR W 142 -46.40 -28.23 123.58
CA THR W 142 -47.43 -28.64 122.64
C THR W 142 -46.71 -29.24 121.45
N ARG W 143 -46.38 -30.52 121.55
CA ARG W 143 -45.65 -31.19 120.50
C ARG W 143 -46.57 -31.47 119.30
N GLY W 144 -46.04 -32.18 118.32
CA GLY W 144 -46.76 -32.45 117.11
C GLY W 144 -45.81 -32.70 115.95
N LYS W 145 -46.03 -32.03 114.83
CA LYS W 145 -45.15 -32.17 113.67
C LYS W 145 -44.07 -31.10 113.67
N PHE W 146 -44.47 -29.82 113.63
CA PHE W 146 -43.52 -28.73 113.62
C PHE W 146 -44.26 -27.41 113.65
N ILE W 147 -43.62 -26.40 114.21
CA ILE W 147 -44.17 -25.05 114.27
C ILE W 147 -43.76 -24.32 112.99
N LEU W 148 -44.75 -23.96 112.17
CA LEU W 148 -44.46 -23.26 110.92
C LEU W 148 -44.67 -21.76 111.01
N SER W 149 -45.48 -21.28 111.95
CA SER W 149 -45.76 -19.85 112.04
C SER W 149 -46.07 -19.50 113.49
N ILE W 150 -45.51 -18.38 113.95
CA ILE W 150 -45.75 -17.87 115.30
C ILE W 150 -45.99 -16.38 115.20
N ALA W 151 -47.00 -15.88 115.92
CA ALA W 151 -47.35 -14.48 115.90
C ALA W 151 -47.69 -14.01 117.31
N TYR W 152 -47.32 -12.77 117.61
CA TYR W 152 -47.63 -12.14 118.89
C TYR W 152 -48.74 -11.13 118.69
N SER W 153 -49.74 -11.16 119.57
CA SER W 153 -50.81 -10.19 119.50
C SER W 153 -50.26 -8.79 119.76
N PRO W 154 -50.80 -7.77 119.08
CA PRO W 154 -50.24 -6.42 119.25
C PRO W 154 -50.25 -5.95 120.69
N ASP W 155 -51.26 -6.33 121.46
CA ASP W 155 -51.33 -5.99 122.87
C ASP W 155 -50.89 -7.15 123.77
N GLY W 156 -50.42 -8.25 123.20
CA GLY W 156 -49.86 -9.33 123.99
C GLY W 156 -50.88 -9.91 124.95
N LYS W 157 -51.90 -10.56 124.40
CA LYS W 157 -52.89 -11.25 125.23
C LYS W 157 -52.96 -12.71 124.81
N TYR W 158 -52.80 -12.98 123.52
CA TYR W 158 -52.84 -14.32 122.98
C TYR W 158 -51.66 -14.53 122.06
N LEU W 159 -51.49 -15.78 121.63
CA LEU W 159 -50.43 -16.16 120.71
C LEU W 159 -50.87 -17.42 119.99
N ALA W 160 -50.89 -17.38 118.66
CA ALA W 160 -51.31 -18.51 117.85
C ALA W 160 -50.11 -19.13 117.16
N SER W 161 -50.20 -20.43 116.89
CA SER W 161 -49.14 -21.17 116.23
C SER W 161 -49.71 -22.01 115.10
N GLY W 162 -49.09 -21.92 113.93
CA GLY W 162 -49.51 -22.69 112.77
C GLY W 162 -48.62 -23.90 112.57
N ALA W 163 -49.25 -25.07 112.49
CA ALA W 163 -48.54 -26.33 112.36
C ALA W 163 -48.45 -26.73 110.90
N ILE W 164 -47.84 -27.90 110.66
CA ILE W 164 -47.69 -28.41 109.29
C ILE W 164 -48.97 -29.00 108.74
N ASP W 165 -49.99 -29.16 109.57
CA ASP W 165 -51.23 -29.83 109.19
C ASP W 165 -52.43 -29.00 109.58
N GLY W 166 -52.32 -27.68 109.47
CA GLY W 166 -53.47 -26.81 109.71
C GLY W 166 -53.96 -26.84 111.14
N ILE W 167 -53.05 -26.92 112.10
CA ILE W 167 -53.41 -26.96 113.51
C ILE W 167 -53.01 -25.64 114.13
N ILE W 168 -54.00 -24.84 114.50
CA ILE W 168 -53.76 -23.57 115.17
C ILE W 168 -53.77 -23.84 116.67
N ASN W 169 -52.70 -23.44 117.34
CA ASN W 169 -52.55 -23.62 118.78
C ASN W 169 -52.62 -22.24 119.42
N ILE W 170 -53.68 -21.99 120.18
CA ILE W 170 -53.88 -20.71 120.84
C ILE W 170 -53.30 -20.82 122.24
N PHE W 171 -52.11 -20.25 122.42
CA PHE W 171 -51.47 -20.22 123.72
C PHE W 171 -51.85 -18.94 124.46
N ASP W 172 -51.44 -18.87 125.72
CA ASP W 172 -51.65 -17.70 126.55
C ASP W 172 -50.27 -17.23 127.01
N ILE W 173 -49.78 -16.15 126.40
CA ILE W 173 -48.51 -15.61 126.83
C ILE W 173 -48.60 -15.04 128.24
N ALA W 174 -49.81 -14.69 128.69
CA ALA W 174 -49.97 -14.18 130.04
C ALA W 174 -49.68 -15.25 131.08
N THR W 175 -49.89 -16.53 130.73
CA THR W 175 -49.62 -17.63 131.65
C THR W 175 -48.86 -18.78 131.00
N GLY W 176 -48.54 -18.69 129.71
CA GLY W 176 -47.78 -19.74 129.06
C GLY W 176 -48.50 -21.07 129.14
N LYS W 177 -49.78 -21.09 128.76
CA LYS W 177 -50.55 -22.31 128.74
C LYS W 177 -51.42 -22.33 127.49
N LEU W 178 -51.60 -23.53 126.95
CA LEU W 178 -52.40 -23.72 125.74
C LEU W 178 -53.87 -23.55 126.08
N LEU W 179 -54.53 -22.60 125.42
CA LEU W 179 -55.95 -22.37 125.66
C LEU W 179 -56.83 -23.12 124.66
N HIS W 180 -56.64 -22.87 123.37
CA HIS W 180 -57.46 -23.47 122.33
C HIS W 180 -56.58 -24.09 121.27
N THR W 181 -57.15 -25.02 120.52
CA THR W 181 -56.48 -25.70 119.42
C THR W 181 -57.47 -25.73 118.25
N LEU W 182 -57.46 -24.67 117.44
CA LEU W 182 -58.36 -24.59 116.31
C LEU W 182 -57.80 -25.42 115.17
N GLU W 183 -58.61 -26.37 114.69
CA GLU W 183 -58.16 -27.33 113.69
C GLU W 183 -59.05 -27.25 112.45
N GLY W 184 -59.38 -26.04 112.04
CA GLY W 184 -60.22 -25.84 110.87
C GLY W 184 -59.50 -25.99 109.56
N HIS W 185 -58.20 -26.27 109.58
CA HIS W 185 -57.42 -26.48 108.37
C HIS W 185 -56.68 -27.81 108.46
N ALA W 186 -56.46 -28.42 107.30
CA ALA W 186 -55.64 -29.62 107.19
C ALA W 186 -54.36 -29.37 106.40
N MET W 187 -54.18 -28.19 105.87
CA MET W 187 -53.00 -27.86 105.10
C MET W 187 -51.94 -27.23 105.99
N PRO W 188 -50.67 -27.28 105.58
CA PRO W 188 -49.63 -26.59 106.35
C PRO W 188 -49.89 -25.09 106.37
N ILE W 189 -50.02 -24.55 107.59
CA ILE W 189 -50.22 -23.11 107.76
C ILE W 189 -48.91 -22.41 107.48
N ARG W 190 -48.93 -21.46 106.54
CA ARG W 190 -47.70 -20.76 106.17
C ARG W 190 -47.41 -19.62 107.14
N SER W 191 -48.34 -18.69 107.28
CA SER W 191 -48.13 -17.55 108.16
C SER W 191 -49.47 -17.01 108.63
N LEU W 192 -49.43 -16.31 109.76
CA LEU W 192 -50.63 -15.76 110.37
C LEU W 192 -50.24 -14.55 111.20
N THR W 193 -51.23 -13.70 111.47
CA THR W 193 -50.99 -12.50 112.27
C THR W 193 -52.28 -12.16 113.02
N PHE W 194 -52.10 -11.42 114.12
CA PHE W 194 -53.22 -10.99 114.93
C PHE W 194 -53.79 -9.68 114.39
N SER W 195 -55.09 -9.52 114.55
CA SER W 195 -55.72 -8.26 114.19
C SER W 195 -55.19 -7.15 115.08
N PRO W 196 -55.18 -5.91 114.59
CA PRO W 196 -54.75 -4.80 115.45
C PRO W 196 -55.50 -4.75 116.76
N ASP W 197 -56.72 -5.25 116.80
CA ASP W 197 -57.53 -5.30 118.01
C ASP W 197 -57.42 -6.63 118.74
N SER W 198 -56.58 -7.55 118.25
CA SER W 198 -56.45 -8.87 118.87
C SER W 198 -57.81 -9.55 119.00
N GLN W 199 -58.65 -9.40 117.99
CA GLN W 199 -59.99 -9.98 117.99
C GLN W 199 -60.18 -11.00 116.88
N LEU W 200 -59.61 -10.77 115.70
CA LEU W 200 -59.65 -11.71 114.60
C LEU W 200 -58.28 -12.32 114.38
N LEU W 201 -58.26 -13.54 113.84
CA LEU W 201 -57.04 -14.25 113.55
C LEU W 201 -57.12 -14.80 112.13
N VAL W 202 -56.25 -14.31 111.26
CA VAL W 202 -56.20 -14.77 109.87
C VAL W 202 -55.21 -15.90 109.75
N THR W 203 -55.58 -16.92 108.97
CA THR W 203 -54.75 -18.09 108.75
C THR W 203 -54.45 -18.20 107.26
N ALA W 204 -53.16 -18.32 106.93
CA ALA W 204 -52.72 -18.44 105.54
C ALA W 204 -52.29 -19.90 105.34
N SER W 205 -53.27 -20.73 105.00
CA SER W 205 -53.00 -22.14 104.74
C SER W 205 -52.65 -22.31 103.26
N ASP W 206 -52.39 -23.56 102.87
CA ASP W 206 -52.03 -23.89 101.50
C ASP W 206 -53.25 -24.32 100.69
N ASP W 207 -54.43 -23.87 101.07
CA ASP W 207 -55.67 -24.19 100.38
C ASP W 207 -56.26 -22.99 99.64
N GLY W 208 -55.65 -21.82 99.76
CA GLY W 208 -56.18 -20.63 99.11
C GLY W 208 -57.40 -20.05 99.77
N TYR W 209 -57.72 -20.48 100.98
CA TYR W 209 -58.89 -20.01 101.71
C TYR W 209 -58.43 -19.23 102.92
N ILE W 210 -58.90 -17.99 103.06
CA ILE W 210 -58.56 -17.16 104.22
C ILE W 210 -59.67 -17.38 105.24
N LYS W 211 -59.49 -18.39 106.08
CA LYS W 211 -60.44 -18.68 107.15
C LYS W 211 -60.05 -17.82 108.36
N ILE W 212 -60.80 -16.76 108.59
CA ILE W 212 -60.54 -15.84 109.68
C ILE W 212 -61.34 -16.31 110.88
N TYR W 213 -60.65 -16.81 111.89
CA TYR W 213 -61.30 -17.33 113.10
C TYR W 213 -61.32 -16.26 114.17
N ASP W 214 -61.95 -16.61 115.29
CA ASP W 214 -62.07 -15.72 116.44
C ASP W 214 -61.27 -16.29 117.59
N VAL W 215 -60.58 -15.42 118.31
CA VAL W 215 -59.72 -15.86 119.41
C VAL W 215 -60.48 -15.90 120.73
N GLN W 216 -61.41 -14.97 120.95
CA GLN W 216 -62.07 -14.87 122.23
C GLN W 216 -62.84 -16.15 122.55
N HIS W 217 -63.48 -16.73 121.54
CA HIS W 217 -64.23 -17.97 121.71
C HIS W 217 -63.77 -19.05 120.74
N ALA W 218 -62.63 -18.87 120.08
CA ALA W 218 -62.02 -19.89 119.26
C ALA W 218 -63.02 -20.46 118.25
N ASN W 219 -63.59 -19.57 117.45
CA ASN W 219 -64.60 -19.94 116.47
C ASN W 219 -64.28 -19.28 115.14
N LEU W 220 -64.72 -19.93 114.06
CA LEU W 220 -64.47 -19.43 112.71
C LEU W 220 -65.39 -18.25 112.42
N ALA W 221 -64.80 -17.11 112.08
CA ALA W 221 -65.57 -15.92 111.76
C ALA W 221 -66.02 -15.86 110.31
N GLY W 222 -65.55 -16.79 109.47
CA GLY W 222 -65.98 -16.85 108.09
C GLY W 222 -64.89 -17.33 107.15
N THR W 223 -65.28 -18.06 106.12
CA THR W 223 -64.34 -18.59 105.13
C THR W 223 -64.29 -17.64 103.93
N LEU W 224 -63.11 -17.15 103.62
CA LEU W 224 -62.91 -16.23 102.50
C LEU W 224 -62.08 -16.92 101.42
N SER W 225 -62.57 -16.84 100.18
CA SER W 225 -61.92 -17.47 99.03
C SER W 225 -60.84 -16.54 98.51
N GLY W 226 -59.57 -16.91 98.74
CA GLY W 226 -58.47 -16.04 98.37
C GLY W 226 -58.00 -16.20 96.94
N HIS W 227 -56.71 -16.49 96.76
CA HIS W 227 -56.12 -16.63 95.43
C HIS W 227 -56.28 -18.08 94.97
N ALA W 228 -55.58 -18.44 93.89
CA ALA W 228 -55.53 -19.82 93.44
C ALA W 228 -54.35 -20.59 94.02
N SER W 229 -53.22 -19.92 94.24
CA SER W 229 -52.05 -20.57 94.81
C SER W 229 -52.10 -20.47 96.34
N TRP W 230 -50.99 -20.79 96.99
CA TRP W 230 -50.93 -20.75 98.44
C TRP W 230 -50.69 -19.33 98.92
N VAL W 231 -51.48 -18.91 99.91
CA VAL W 231 -51.28 -17.62 100.56
C VAL W 231 -50.00 -17.70 101.39
N LEU W 232 -48.97 -16.95 100.99
CA LEU W 232 -47.72 -16.99 101.73
C LEU W 232 -47.73 -16.05 102.92
N ASN W 233 -48.01 -14.77 102.70
CA ASN W 233 -47.95 -13.78 103.77
C ASN W 233 -49.23 -12.97 103.82
N VAL W 234 -49.52 -12.45 105.01
CA VAL W 234 -50.77 -11.76 105.30
C VAL W 234 -50.49 -10.72 106.39
N ALA W 235 -51.10 -9.54 106.25
CA ALA W 235 -50.91 -8.45 107.20
C ALA W 235 -52.20 -7.66 107.34
N PHE W 236 -52.36 -7.04 108.51
CA PHE W 236 -53.50 -6.18 108.78
C PHE W 236 -53.12 -4.72 108.59
N CYS W 237 -54.07 -3.94 108.10
CA CYS W 237 -53.86 -2.51 108.02
C CYS W 237 -53.79 -1.93 109.43
N PRO W 238 -52.80 -1.10 109.74
CA PRO W 238 -52.65 -0.62 111.13
C PRO W 238 -53.90 0.06 111.65
N ASP W 239 -54.61 0.80 110.81
CA ASP W 239 -55.91 1.34 111.17
C ASP W 239 -56.96 0.24 111.28
N ASP W 240 -56.63 -0.99 110.89
CA ASP W 240 -57.52 -2.14 111.02
C ASP W 240 -58.78 -1.95 110.17
N THR W 241 -58.56 -1.82 108.87
CA THR W 241 -59.66 -1.69 107.93
C THR W 241 -59.57 -2.74 106.83
N HIS W 242 -58.36 -3.16 106.50
CA HIS W 242 -58.15 -4.17 105.47
C HIS W 242 -56.94 -5.00 105.85
N PHE W 243 -56.63 -5.97 104.99
CA PHE W 243 -55.49 -6.85 105.20
C PHE W 243 -55.03 -7.34 103.84
N VAL W 244 -53.76 -7.21 103.58
CA VAL W 244 -53.18 -7.67 102.33
C VAL W 244 -52.84 -9.15 102.45
N SER W 245 -52.80 -9.82 101.31
CA SER W 245 -52.49 -11.25 101.25
C SER W 245 -51.45 -11.48 100.16
N SER W 246 -50.40 -12.21 100.50
CA SER W 246 -49.35 -12.59 99.55
C SER W 246 -49.46 -14.08 99.27
N SER W 247 -49.61 -14.44 98.00
CA SER W 247 -49.77 -15.82 97.59
C SER W 247 -48.64 -16.23 96.66
N SER W 248 -48.72 -17.47 96.18
CA SER W 248 -47.70 -18.07 95.34
C SER W 248 -48.06 -18.01 93.87
N ASP W 249 -48.76 -16.95 93.45
CA ASP W 249 -49.23 -16.83 92.07
C ASP W 249 -49.03 -15.42 91.53
N LYS W 250 -48.02 -14.71 92.01
CA LYS W 250 -47.70 -13.37 91.53
C LYS W 250 -48.85 -12.39 91.75
N SER W 251 -49.69 -12.65 92.74
CA SER W 251 -50.86 -11.83 93.00
C SER W 251 -50.80 -11.29 94.42
N VAL W 252 -51.09 -10.01 94.56
CA VAL W 252 -51.17 -9.36 95.87
C VAL W 252 -52.59 -8.82 96.00
N LYS W 253 -53.43 -9.57 96.70
CA LYS W 253 -54.83 -9.21 96.88
C LYS W 253 -55.01 -8.51 98.21
N VAL W 254 -55.64 -7.35 98.18
CA VAL W 254 -55.96 -6.58 99.38
C VAL W 254 -57.41 -6.89 99.70
N TRP W 255 -57.62 -7.83 100.60
CA TRP W 255 -58.95 -8.24 100.98
C TRP W 255 -59.47 -7.38 102.13
N ASP W 256 -60.79 -7.24 102.19
CA ASP W 256 -61.43 -6.40 103.18
C ASP W 256 -61.76 -7.25 104.42
N VAL W 257 -61.17 -6.89 105.56
CA VAL W 257 -61.40 -7.67 106.77
C VAL W 257 -62.86 -7.64 107.19
N GLY W 258 -63.59 -6.60 106.82
CA GLY W 258 -64.98 -6.49 107.21
C GLY W 258 -65.92 -7.21 106.26
N THR W 259 -65.77 -6.93 104.96
CA THR W 259 -66.67 -7.44 103.96
C THR W 259 -66.16 -8.70 103.28
N ARG W 260 -64.92 -9.10 103.54
CA ARG W 260 -64.35 -10.28 102.89
C ARG W 260 -64.40 -10.14 101.37
N THR W 261 -64.02 -8.96 100.89
CA THR W 261 -64.04 -8.66 99.46
C THR W 261 -62.72 -8.05 99.04
N CYS W 262 -62.26 -8.42 97.86
CA CYS W 262 -60.99 -7.94 97.33
C CYS W 262 -61.17 -6.49 96.90
N VAL W 263 -60.60 -5.56 97.65
CA VAL W 263 -60.73 -4.15 97.31
C VAL W 263 -59.79 -3.75 96.18
N HIS W 264 -58.68 -4.45 96.01
CA HIS W 264 -57.75 -4.14 94.92
C HIS W 264 -56.74 -5.28 94.82
N THR W 265 -56.06 -5.33 93.68
CA THR W 265 -55.05 -6.36 93.44
C THR W 265 -53.91 -5.77 92.61
N PHE W 266 -52.70 -6.23 92.91
CA PHE W 266 -51.50 -5.84 92.19
C PHE W 266 -50.93 -7.05 91.47
N PHE W 267 -50.41 -6.82 90.26
CA PHE W 267 -49.78 -7.87 89.48
C PHE W 267 -48.44 -7.40 88.93
N ASP W 268 -47.81 -6.46 89.63
CA ASP W 268 -46.54 -5.90 89.18
C ASP W 268 -45.36 -6.83 89.42
N HIS W 269 -45.51 -7.83 90.28
CA HIS W 269 -44.43 -8.77 90.54
C HIS W 269 -44.43 -9.88 89.50
N GLN W 270 -43.29 -10.09 88.85
CA GLN W 270 -43.19 -11.13 87.84
C GLN W 270 -43.13 -12.51 88.46
N ASP W 271 -42.58 -12.62 89.66
CA ASP W 271 -42.48 -13.86 90.39
C ASP W 271 -43.44 -13.82 91.59
N GLN W 272 -43.39 -14.87 92.39
CA GLN W 272 -44.27 -14.95 93.55
C GLN W 272 -43.79 -14.01 94.64
N VAL W 273 -44.75 -13.36 95.29
CA VAL W 273 -44.46 -12.44 96.38
C VAL W 273 -44.37 -13.25 97.68
N TRP W 274 -43.27 -13.07 98.40
CA TRP W 274 -43.06 -13.79 99.65
C TRP W 274 -43.47 -12.98 100.86
N GLY W 275 -43.23 -11.69 100.86
CA GLY W 275 -43.50 -10.85 102.02
C GLY W 275 -44.33 -9.64 101.65
N VAL W 276 -45.29 -9.31 102.51
CA VAL W 276 -46.09 -8.11 102.39
C VAL W 276 -46.28 -7.51 103.79
N LYS W 277 -46.15 -6.19 103.89
CA LYS W 277 -46.33 -5.52 105.16
C LYS W 277 -46.87 -4.11 104.90
N TYR W 278 -47.55 -3.57 105.90
CA TYR W 278 -48.12 -2.24 105.82
C TYR W 278 -47.11 -1.19 106.26
N ASN W 279 -47.51 0.07 106.17
CA ASN W 279 -46.72 1.18 106.69
C ASN W 279 -47.21 1.52 108.10
N GLY W 280 -46.61 2.54 108.72
CA GLY W 280 -47.08 2.98 110.01
C GLY W 280 -48.49 3.55 109.99
N ASN W 281 -48.98 3.93 108.81
CA ASN W 281 -50.32 4.44 108.67
C ASN W 281 -51.23 3.51 107.88
N GLY W 282 -50.67 2.56 107.12
CA GLY W 282 -51.46 1.67 106.30
C GLY W 282 -51.65 2.13 104.87
N SER W 283 -51.06 3.27 104.49
CA SER W 283 -51.14 3.72 103.11
C SER W 283 -50.14 2.95 102.24
N LYS W 284 -48.87 2.98 102.63
CA LYS W 284 -47.85 2.26 101.89
C LYS W 284 -47.82 0.80 102.31
N ILE W 285 -47.68 -0.08 101.33
CA ILE W 285 -47.59 -1.52 101.57
C ILE W 285 -46.35 -2.02 100.83
N VAL W 286 -45.31 -2.30 101.58
CA VAL W 286 -44.08 -2.84 101.00
C VAL W 286 -44.29 -4.32 100.70
N SER W 287 -43.69 -4.79 99.61
CA SER W 287 -43.86 -6.16 99.18
C SER W 287 -42.54 -6.69 98.60
N VAL W 288 -42.22 -7.94 98.94
CA VAL W 288 -41.02 -8.59 98.43
C VAL W 288 -41.42 -9.91 97.77
N GLY W 289 -40.44 -10.62 97.21
CA GLY W 289 -40.72 -11.90 96.58
C GLY W 289 -39.51 -12.40 95.83
N ASP W 290 -39.74 -13.53 95.14
CA ASP W 290 -38.67 -14.12 94.33
C ASP W 290 -38.22 -13.20 93.22
N ASP W 291 -39.05 -12.24 92.82
CA ASP W 291 -38.65 -11.27 91.82
C ASP W 291 -37.47 -10.44 92.28
N GLN W 292 -37.19 -10.41 93.58
CA GLN W 292 -36.10 -9.61 94.13
C GLN W 292 -36.31 -8.13 93.85
N GLU W 293 -37.57 -7.68 93.87
CA GLU W 293 -37.90 -6.27 93.71
C GLU W 293 -38.85 -5.87 94.83
N ILE W 294 -38.52 -4.77 95.50
CA ILE W 294 -39.35 -4.24 96.58
C ILE W 294 -40.32 -3.25 95.95
N HIS W 295 -41.61 -3.54 96.07
CA HIS W 295 -42.66 -2.69 95.54
C HIS W 295 -43.39 -2.03 96.70
N ILE W 296 -43.42 -0.71 96.72
CA ILE W 296 -44.16 0.05 97.71
C ILE W 296 -45.50 0.41 97.09
N TYR W 297 -46.58 -0.11 97.68
CA TYR W 297 -47.92 0.06 97.17
C TYR W 297 -48.65 1.10 98.02
N ASP W 298 -49.12 2.15 97.37
CA ASP W 298 -49.83 3.25 98.00
C ASP W 298 -51.32 3.02 97.85
N CYS W 299 -52.04 3.01 98.97
CA CYS W 299 -53.49 2.84 98.98
C CYS W 299 -54.10 3.92 99.87
N PRO W 300 -54.18 5.17 99.38
CA PRO W 300 -54.71 6.28 100.17
C PRO W 300 -56.08 6.00 100.77
N VAL X 1 -87.03 -38.15 87.69
CA VAL X 1 -87.69 -36.90 87.20
C VAL X 1 -87.31 -36.61 85.76
N ASP X 2 -88.09 -35.74 85.12
CA ASP X 2 -87.87 -35.40 83.72
C ASP X 2 -86.66 -34.49 83.51
N VAL X 3 -86.19 -33.81 84.56
CA VAL X 3 -85.10 -32.85 84.38
C VAL X 3 -83.87 -33.55 83.85
N THR X 4 -83.59 -34.76 84.35
CA THR X 4 -82.40 -35.49 83.89
C THR X 4 -82.42 -35.67 82.39
N ARG X 5 -83.42 -36.42 81.88
CA ARG X 5 -83.55 -36.61 80.45
C ARG X 5 -83.76 -35.30 79.71
N ASP X 6 -84.31 -34.30 80.37
CA ASP X 6 -84.47 -33.00 79.72
C ASP X 6 -83.12 -32.39 79.39
N ILE X 7 -82.15 -32.52 80.29
CA ILE X 7 -80.86 -31.87 80.11
C ILE X 7 -79.91 -32.73 79.30
N VAL X 8 -79.75 -34.00 79.72
CA VAL X 8 -78.77 -34.85 79.05
C VAL X 8 -79.08 -35.00 77.58
N SER X 9 -80.33 -34.83 77.18
CA SER X 9 -80.76 -35.03 75.81
C SER X 9 -80.40 -33.86 74.90
N ARG X 10 -80.16 -32.67 75.45
CA ARG X 10 -79.86 -31.49 74.66
C ARG X 10 -78.40 -31.07 74.74
N GLU X 11 -77.70 -31.48 75.81
CA GLU X 11 -76.33 -31.06 76.02
C GLU X 11 -75.39 -31.75 75.03
N ARG X 12 -74.14 -31.32 75.03
CA ARG X 12 -73.10 -31.94 74.22
C ARG X 12 -71.80 -31.98 75.01
N VAL X 13 -71.15 -33.13 75.00
CA VAL X 13 -69.89 -33.35 75.70
C VAL X 13 -68.83 -33.58 74.63
N TRP X 14 -67.99 -32.57 74.41
CA TRP X 14 -66.98 -32.69 73.36
C TRP X 14 -65.76 -33.47 73.82
N ARG X 15 -65.43 -33.43 75.11
CA ARG X 15 -64.26 -34.10 75.63
C ARG X 15 -64.62 -34.90 76.87
N THR X 16 -63.98 -36.05 77.02
CA THR X 16 -64.15 -36.90 78.20
C THR X 16 -62.80 -37.54 78.51
N ARG X 17 -62.81 -38.52 79.41
CA ARG X 17 -61.56 -39.11 79.86
C ARG X 17 -60.79 -39.71 78.69
N THR X 18 -61.46 -40.58 77.91
CA THR X 18 -60.76 -41.25 76.81
C THR X 18 -60.26 -40.24 75.80
N THR X 19 -61.02 -39.17 75.56
CA THR X 19 -60.56 -38.14 74.64
C THR X 19 -59.24 -37.56 75.10
N ILE X 20 -59.11 -37.30 76.40
CA ILE X 20 -57.84 -36.85 76.94
C ILE X 20 -56.77 -37.91 76.70
N LEU X 21 -57.13 -39.18 76.88
CA LEU X 21 -56.13 -40.24 76.77
C LEU X 21 -55.47 -40.24 75.39
N GLN X 22 -56.28 -40.22 74.34
CA GLN X 22 -55.74 -40.27 72.98
C GLN X 22 -55.17 -38.93 72.59
N SER X 23 -54.05 -38.96 71.87
CA SER X 23 -53.50 -37.76 71.29
C SER X 23 -54.42 -37.23 70.19
N THR X 24 -54.45 -35.91 70.05
CA THR X 24 -55.28 -35.29 69.03
C THR X 24 -54.81 -35.64 67.62
N GLY X 25 -53.53 -35.99 67.46
CA GLY X 25 -52.99 -36.32 66.16
C GLY X 25 -53.13 -37.79 65.83
N LYS X 26 -52.40 -38.19 64.80
CA LYS X 26 -52.41 -39.57 64.30
C LYS X 26 -51.04 -40.18 64.58
N ASN X 27 -50.92 -40.84 65.73
CA ASN X 27 -49.70 -41.52 66.14
C ASN X 27 -50.04 -42.99 66.35
N PHE X 28 -49.79 -43.78 65.31
CA PHE X 28 -50.13 -45.20 65.35
C PHE X 28 -49.05 -45.99 66.05
N SER X 29 -49.34 -47.27 66.27
CA SER X 29 -48.44 -48.18 66.97
C SER X 29 -47.38 -48.77 66.05
N LYS X 30 -47.46 -48.51 64.75
CA LYS X 30 -46.51 -49.10 63.80
C LYS X 30 -45.09 -48.65 64.12
N ASN X 31 -44.91 -47.38 64.42
CA ASN X 31 -43.60 -46.84 64.78
C ASN X 31 -43.24 -47.15 66.23
N ILE X 32 -44.12 -47.83 66.97
CA ILE X 32 -43.89 -48.14 68.37
C ILE X 32 -43.69 -49.64 68.58
N PHE X 33 -44.66 -50.47 68.17
CA PHE X 33 -44.52 -51.90 68.38
C PHE X 33 -43.30 -52.44 67.66
N ALA X 34 -42.82 -51.75 66.63
CA ALA X 34 -41.61 -52.20 65.96
C ALA X 34 -40.45 -52.27 66.94
N ILE X 35 -40.19 -51.18 67.65
CA ILE X 35 -39.15 -51.19 68.65
C ILE X 35 -39.52 -52.10 69.81
N LEU X 36 -40.81 -52.13 70.17
CA LEU X 36 -41.25 -52.96 71.29
C LEU X 36 -40.90 -54.42 71.04
N GLN X 37 -40.96 -54.86 69.79
CA GLN X 37 -40.61 -56.23 69.44
C GLN X 37 -39.11 -56.40 69.19
N SER X 38 -38.44 -55.36 68.67
CA SER X 38 -37.00 -55.45 68.46
C SER X 38 -36.28 -55.66 69.78
N VAL X 39 -36.66 -54.90 70.81
CA VAL X 39 -35.98 -55.02 72.10
C VAL X 39 -36.15 -56.43 72.65
N LYS X 40 -37.37 -56.97 72.57
CA LYS X 40 -37.59 -58.34 73.04
C LYS X 40 -36.75 -59.32 72.23
N ALA X 41 -36.65 -59.12 70.91
CA ALA X 41 -35.87 -60.02 70.08
C ALA X 41 -34.42 -60.06 70.53
N ARG X 42 -33.86 -58.88 70.84
CA ARG X 42 -32.48 -58.87 71.33
C ARG X 42 -32.35 -59.62 72.63
N GLU X 43 -33.30 -59.42 73.54
CA GLU X 43 -33.33 -60.14 74.81
C GLU X 43 -33.55 -61.63 74.58
N ALA Y 1 19.73 66.01 -39.35
CA ALA Y 1 18.92 65.89 -40.59
C ALA Y 1 18.55 64.44 -40.86
N LEU Y 2 17.70 64.21 -41.86
CA LEU Y 2 17.27 62.87 -42.22
C LEU Y 2 18.28 62.13 -43.10
N GLU Y 3 19.29 62.83 -43.61
CA GLU Y 3 20.27 62.18 -44.49
C GLU Y 3 21.37 61.49 -43.69
N THR Y 4 21.67 61.97 -42.49
CA THR Y 4 22.71 61.38 -41.67
C THR Y 4 22.22 60.21 -40.83
N VAL Y 5 20.93 60.19 -40.50
CA VAL Y 5 20.40 59.10 -39.66
C VAL Y 5 20.50 57.79 -40.44
N PRO Y 6 21.01 56.71 -39.82
CA PRO Y 6 21.06 55.43 -40.54
C PRO Y 6 19.68 54.97 -40.96
N LYS Y 7 19.59 54.39 -42.15
CA LYS Y 7 18.33 53.90 -42.69
C LYS Y 7 18.07 52.45 -42.28
N ASP Y 8 19.01 51.56 -42.57
CA ASP Y 8 18.92 50.15 -42.21
C ASP Y 8 20.09 49.78 -41.31
N LEU Y 9 19.80 49.02 -40.26
CA LEU Y 9 20.85 48.62 -39.33
C LEU Y 9 21.91 47.78 -40.01
N ARG Y 10 21.49 46.91 -40.93
CA ARG Y 10 22.43 46.02 -41.60
C ARG Y 10 23.37 46.80 -42.51
N HIS Y 11 24.61 46.33 -42.61
CA HIS Y 11 25.63 46.91 -43.48
C HIS Y 11 25.87 48.38 -43.12
N LEU Y 12 26.38 48.57 -41.90
CA LEU Y 12 26.74 49.88 -41.39
C LEU Y 12 28.23 49.93 -41.08
N ARG Y 13 28.88 51.02 -41.47
CA ARG Y 13 30.29 51.24 -41.22
C ARG Y 13 30.48 52.49 -40.37
N ALA Y 14 31.74 52.85 -40.13
CA ALA Y 14 32.06 54.02 -39.32
C ALA Y 14 33.39 54.61 -39.78
N CYS Y 15 33.48 55.94 -39.71
CA CYS Y 15 34.71 56.62 -40.06
C CYS Y 15 35.71 56.54 -38.91
N LEU Y 16 36.95 56.93 -39.20
CA LEU Y 16 38.02 56.92 -38.20
C LEU Y 16 38.42 58.30 -37.72
N LEU Y 17 38.14 59.36 -38.49
CA LEU Y 17 38.52 60.71 -38.08
C LEU Y 17 37.51 61.29 -37.11
N CYS Y 18 36.25 61.40 -37.52
CA CYS Y 18 35.18 61.92 -36.68
C CYS Y 18 34.24 60.83 -36.18
N SER Y 19 34.45 59.58 -36.58
CA SER Y 19 33.63 58.45 -36.14
C SER Y 19 32.14 58.71 -36.46
N LEU Y 20 31.87 58.87 -37.76
CA LEU Y 20 30.51 59.05 -38.25
C LEU Y 20 29.95 57.69 -38.65
N VAL Y 21 28.90 57.25 -37.95
CA VAL Y 21 28.30 55.94 -38.18
C VAL Y 21 27.03 56.13 -38.98
N LYS Y 22 26.95 55.47 -40.13
CA LYS Y 22 25.78 55.54 -41.00
C LYS Y 22 25.67 54.20 -41.73
N THR Y 23 24.82 54.17 -42.75
CA THR Y 23 24.61 52.98 -43.56
C THR Y 23 25.49 53.04 -44.82
N ILE Y 24 25.77 51.86 -45.37
CA ILE Y 24 26.66 51.79 -46.53
C ILE Y 24 26.09 52.59 -47.70
N ASP Y 25 24.77 52.54 -47.88
CA ASP Y 25 24.15 53.30 -48.96
C ASP Y 25 24.37 54.79 -48.78
N GLN Y 26 24.24 55.29 -47.55
CA GLN Y 26 24.49 56.70 -47.29
C GLN Y 26 25.95 57.06 -47.55
N PHE Y 27 26.87 56.19 -47.14
CA PHE Y 27 28.28 56.43 -47.39
C PHE Y 27 28.56 56.51 -48.89
N GLU Y 28 27.99 55.59 -49.66
CA GLU Y 28 28.19 55.61 -51.11
C GLU Y 28 27.58 56.86 -51.73
N TYR Y 29 26.38 57.24 -51.32
CA TYR Y 29 25.69 58.38 -51.91
C TYR Y 29 26.13 59.69 -51.27
N ASP Y 30 25.96 59.82 -49.96
CA ASP Y 30 26.31 61.06 -49.29
C ASP Y 30 27.77 61.08 -48.87
N GLY Y 31 28.23 60.05 -48.17
CA GLY Y 31 29.59 60.00 -47.68
C GLY Y 31 29.76 60.76 -46.37
N CYS Y 32 31.03 60.91 -46.00
CA CYS Y 32 31.37 61.62 -44.76
C CYS Y 32 30.97 63.09 -44.88
N ASP Y 33 30.06 63.53 -44.00
CA ASP Y 33 29.59 64.90 -44.05
C ASP Y 33 30.53 65.84 -43.32
N ASN Y 34 30.97 65.46 -42.12
CA ASN Y 34 31.83 66.33 -41.32
C ASN Y 34 33.19 66.57 -41.99
N CYS Y 35 33.62 65.68 -42.88
CA CYS Y 35 34.92 65.80 -43.52
C CYS Y 35 34.79 65.24 -44.93
N ASP Y 36 34.48 66.11 -45.89
CA ASP Y 36 34.28 65.72 -47.28
C ASP Y 36 35.28 66.35 -48.22
N ALA Y 37 35.58 67.64 -48.06
CA ALA Y 37 36.57 68.28 -48.93
C ALA Y 37 37.96 67.70 -48.72
N TYR Y 38 38.28 67.34 -47.49
CA TYR Y 38 39.60 66.81 -47.14
C TYR Y 38 39.65 65.29 -47.17
N LEU Y 39 38.58 64.63 -47.61
CA LEU Y 39 38.54 63.17 -47.64
C LEU Y 39 38.20 62.66 -49.04
N GLN Y 40 37.39 63.40 -49.78
CA GLN Y 40 36.98 63.02 -51.13
C GLN Y 40 36.37 61.62 -51.11
N MET Y 41 35.27 61.49 -50.39
CA MET Y 41 34.60 60.20 -50.20
C MET Y 41 33.40 59.99 -51.11
N LYS Y 42 32.71 61.06 -51.49
CA LYS Y 42 31.51 60.92 -52.31
C LYS Y 42 31.88 60.52 -53.74
N GLY Y 43 31.06 59.66 -54.33
CA GLY Y 43 31.23 59.28 -55.71
C GLY Y 43 32.08 58.05 -55.96
N ASN Y 44 32.25 57.19 -54.96
CA ASN Y 44 33.02 55.96 -55.13
C ASN Y 44 32.80 55.08 -53.91
N ARG Y 45 33.14 53.80 -54.06
CA ARG Y 45 33.08 52.83 -52.98
C ARG Y 45 34.45 52.34 -52.52
N GLU Y 46 35.46 52.36 -53.40
CA GLU Y 46 36.78 51.86 -53.01
C GLU Y 46 37.35 52.68 -51.86
N MET Y 47 37.22 54.01 -51.92
CA MET Y 47 37.73 54.85 -50.85
C MET Y 47 36.99 54.57 -49.54
N VAL Y 48 35.68 54.29 -49.63
CA VAL Y 48 34.90 53.99 -48.44
C VAL Y 48 35.52 52.81 -47.69
N TYR Y 49 35.81 51.72 -48.41
CA TYR Y 49 36.40 50.55 -47.78
C TYR Y 49 37.86 50.78 -47.41
N ASP Y 50 38.53 51.71 -48.11
CA ASP Y 50 39.93 52.00 -47.79
C ASP Y 50 40.06 52.73 -46.46
N CYS Y 51 39.21 53.74 -46.22
CA CYS Y 51 39.31 54.54 -45.01
C CYS Y 51 38.39 54.02 -43.91
N THR Y 52 37.09 53.96 -44.18
CA THR Y 52 36.15 53.47 -43.19
C THR Y 52 36.37 51.98 -42.92
N SER Y 53 36.11 51.57 -41.69
CA SER Y 53 36.25 50.19 -41.27
C SER Y 53 35.04 49.80 -40.43
N SER Y 54 34.58 48.56 -40.60
CA SER Y 54 33.45 48.05 -39.83
C SER Y 54 33.83 47.63 -38.43
N SER Y 55 35.13 47.62 -38.10
CA SER Y 55 35.58 47.22 -36.77
C SER Y 55 35.40 48.40 -35.82
N PHE Y 56 34.22 48.46 -35.20
CA PHE Y 56 33.92 49.51 -34.25
C PHE Y 56 32.73 49.08 -33.39
N ASP Y 57 32.72 49.56 -32.15
CA ASP Y 57 31.66 49.23 -31.20
C ASP Y 57 31.24 50.49 -30.44
N GLY Y 58 29.99 50.48 -30.00
CA GLY Y 58 29.45 51.60 -29.24
C GLY Y 58 28.74 52.62 -30.11
N ILE Y 59 27.55 53.05 -29.68
CA ILE Y 59 26.75 54.01 -30.43
C ILE Y 59 26.26 55.08 -29.46
N ILE Y 60 26.37 56.34 -29.86
CA ILE Y 60 25.94 57.47 -29.05
C ILE Y 60 25.12 58.41 -29.93
N ALA Y 61 24.01 58.91 -29.37
CA ALA Y 61 23.10 59.80 -30.09
C ALA Y 61 23.52 61.24 -29.82
N MET Y 62 24.53 61.69 -30.56
CA MET Y 62 25.03 63.05 -30.41
C MET Y 62 24.06 64.04 -31.04
N MET Y 63 23.61 65.01 -30.25
CA MET Y 63 22.68 66.03 -30.71
C MET Y 63 23.10 67.45 -30.37
N SER Y 64 23.88 67.66 -29.31
CA SER Y 64 24.33 69.00 -28.91
C SER Y 64 25.80 68.93 -28.50
N PRO Y 65 26.70 68.78 -29.49
CA PRO Y 65 28.13 68.74 -29.15
C PRO Y 65 28.62 70.00 -28.45
N GLU Y 66 28.07 71.17 -28.79
CA GLU Y 66 28.52 72.40 -28.15
C GLU Y 66 28.32 72.35 -26.63
N ASP Y 67 27.28 71.66 -26.16
CA ASP Y 67 27.00 71.52 -24.73
C ASP Y 67 26.80 70.03 -24.43
N SER Y 68 27.90 69.35 -24.10
CA SER Y 68 27.86 67.95 -23.73
C SER Y 68 29.24 67.49 -23.25
N TRP Y 69 29.30 66.85 -22.08
CA TRP Y 69 30.58 66.36 -21.59
C TRP Y 69 31.12 65.23 -22.45
N VAL Y 70 30.22 64.40 -23.00
CA VAL Y 70 30.67 63.31 -23.86
C VAL Y 70 31.37 63.85 -25.09
N SER Y 71 30.85 64.94 -25.68
CA SER Y 71 31.49 65.53 -26.84
C SER Y 71 32.90 66.02 -26.49
N LYS Y 72 33.04 66.70 -25.34
CA LYS Y 72 34.35 67.18 -24.92
C LYS Y 72 35.32 66.03 -24.70
N TRP Y 73 34.84 64.95 -24.07
CA TRP Y 73 35.70 63.80 -23.82
C TRP Y 73 36.13 63.15 -25.13
N GLN Y 74 35.20 63.04 -26.10
CA GLN Y 74 35.52 62.43 -27.38
C GLN Y 74 36.13 63.41 -28.37
N ARG Y 75 36.16 64.70 -28.06
CA ARG Y 75 36.75 65.72 -28.94
C ARG Y 75 36.01 65.77 -30.28
N VAL Y 76 34.68 65.82 -30.20
CA VAL Y 76 33.84 65.87 -31.39
C VAL Y 76 32.90 67.07 -31.30
N SER Y 77 33.29 68.09 -30.55
CA SER Y 77 32.43 69.25 -30.36
C SER Y 77 32.26 70.04 -31.66
N ASN Y 78 33.30 70.11 -32.48
CA ASN Y 78 33.29 70.92 -33.70
C ASN Y 78 32.70 70.16 -34.89
N PHE Y 79 31.90 69.14 -34.65
CA PHE Y 79 31.30 68.35 -35.72
C PHE Y 79 29.77 68.50 -35.68
N LYS Y 80 29.13 68.14 -36.79
CA LYS Y 80 27.69 68.26 -36.90
C LYS Y 80 27.01 67.15 -36.09
N PRO Y 81 25.75 67.37 -35.70
CA PRO Y 81 25.02 66.31 -34.99
C PRO Y 81 24.88 65.06 -35.83
N GLY Y 82 24.90 63.92 -35.16
CA GLY Y 82 24.75 62.65 -35.86
C GLY Y 82 24.96 61.50 -34.90
N VAL Y 83 24.98 60.30 -35.46
CA VAL Y 83 25.19 59.08 -34.71
C VAL Y 83 26.67 58.72 -34.83
N TYR Y 84 27.41 58.90 -33.74
CA TYR Y 84 28.83 58.59 -33.68
C TYR Y 84 29.04 57.35 -32.82
N ALA Y 85 30.31 56.98 -32.66
CA ALA Y 85 30.71 55.83 -31.85
C ALA Y 85 31.72 56.29 -30.79
N VAL Y 86 32.15 55.35 -29.96
CA VAL Y 86 33.12 55.62 -28.91
C VAL Y 86 34.42 54.86 -29.11
N SER Y 87 34.45 53.86 -29.99
CA SER Y 87 35.67 53.09 -30.24
C SER Y 87 35.64 52.60 -31.68
N VAL Y 88 36.60 53.04 -32.48
CA VAL Y 88 36.77 52.56 -33.85
C VAL Y 88 38.20 52.06 -33.98
N THR Y 89 38.35 50.76 -34.24
CA THR Y 89 39.64 50.13 -34.35
C THR Y 89 40.12 50.15 -35.80
N GLY Y 90 41.30 50.71 -36.01
CA GLY Y 90 41.88 50.78 -37.34
C GLY Y 90 42.88 51.91 -37.44
N ARG Y 91 43.55 51.96 -38.58
CA ARG Y 91 44.54 53.00 -38.86
C ARG Y 91 44.65 53.17 -40.37
N LEU Y 92 44.66 54.43 -40.82
CA LEU Y 92 44.72 54.71 -42.24
C LEU Y 92 46.08 54.31 -42.79
N PRO Y 93 46.15 53.96 -44.09
CA PRO Y 93 47.45 53.60 -44.68
C PRO Y 93 48.41 54.79 -44.71
N GLN Y 94 49.65 54.55 -45.16
CA GLN Y 94 50.67 55.59 -45.22
C GLN Y 94 50.64 56.37 -46.53
N GLY Y 95 49.48 56.44 -47.18
CA GLY Y 95 49.36 57.18 -48.43
C GLY Y 95 48.33 58.29 -48.36
N ILE Y 96 47.42 58.22 -47.39
CA ILE Y 96 46.39 59.22 -47.22
C ILE Y 96 46.60 60.08 -45.97
N VAL Y 97 47.24 59.56 -44.93
CA VAL Y 97 47.46 60.34 -43.72
C VAL Y 97 48.48 61.44 -43.94
N ARG Y 98 49.40 61.28 -44.90
CA ARG Y 98 50.45 62.27 -45.10
C ARG Y 98 49.88 63.61 -45.54
N GLU Y 99 48.92 63.61 -46.47
CA GLU Y 99 48.40 64.86 -47.00
C GLU Y 99 47.52 65.59 -46.00
N LEU Y 100 46.94 64.89 -45.03
CA LEU Y 100 46.08 65.55 -44.04
C LEU Y 100 46.86 66.60 -43.25
N LYS Y 101 48.06 66.25 -42.80
CA LYS Y 101 48.88 67.21 -42.07
C LYS Y 101 49.30 68.36 -42.97
N SER Y 102 49.67 68.07 -44.22
CA SER Y 102 50.08 69.12 -45.14
C SER Y 102 48.97 70.13 -45.37
N ARG Y 103 47.73 69.65 -45.46
CA ARG Y 103 46.57 70.51 -45.67
C ARG Y 103 46.04 71.12 -44.39
N GLY Y 104 46.63 70.79 -43.23
CA GLY Y 104 46.20 71.37 -41.97
C GLY Y 104 45.10 70.58 -41.29
N VAL Y 105 45.19 69.25 -41.33
CA VAL Y 105 44.24 68.37 -40.66
C VAL Y 105 45.02 67.46 -39.73
N ALA Y 106 44.75 67.55 -38.43
CA ALA Y 106 45.45 66.76 -37.45
C ALA Y 106 44.79 65.38 -37.35
N TYR Y 107 45.57 64.33 -37.63
CA TYR Y 107 45.07 62.96 -37.58
C TYR Y 107 45.28 62.43 -36.16
N LYS Y 108 44.18 62.13 -35.47
CA LYS Y 108 44.22 61.61 -34.11
C LYS Y 108 43.55 60.24 -34.06
N SER Y 109 43.97 59.44 -33.09
CA SER Y 109 43.45 58.09 -32.90
C SER Y 109 42.17 58.17 -32.08
N ARG Y 110 41.05 57.83 -32.70
CA ARG Y 110 39.75 57.84 -32.04
C ARG Y 110 39.49 56.59 -31.21
N ASP Y 111 40.38 55.60 -31.28
CA ASP Y 111 40.21 54.35 -30.55
C ASP Y 111 40.54 54.59 -29.08
N THR Y 112 39.56 55.15 -28.37
CA THR Y 112 39.72 55.43 -26.95
C THR Y 112 39.72 54.17 -26.09
N ALA Y 113 39.34 53.02 -26.65
CA ALA Y 113 39.35 51.79 -25.88
C ALA Y 113 40.78 51.38 -25.52
N ILE Y 114 40.88 50.54 -24.50
CA ILE Y 114 42.16 50.03 -24.05
C ILE Y 114 42.40 48.66 -24.68
N LYS Y 115 43.65 48.20 -24.60
CA LYS Y 115 44.04 46.89 -25.09
C LYS Y 115 44.53 46.05 -23.91
N THR Y 116 43.88 44.92 -23.68
CA THR Y 116 44.24 44.03 -22.59
C THR Y 116 44.25 44.79 -21.26
N ASP Z 1 27.79 70.66 -15.22
CA ASP Z 1 27.79 69.63 -16.31
C ASP Z 1 26.50 68.81 -16.28
N PRO Z 2 26.08 68.29 -17.44
CA PRO Z 2 24.84 67.51 -17.49
C PRO Z 2 24.97 66.20 -16.73
N ASN Z 3 23.82 65.70 -16.28
CA ASN Z 3 23.74 64.46 -15.54
C ASN Z 3 23.38 63.31 -16.47
N LEU Z 4 23.69 62.09 -16.02
CA LEU Z 4 23.42 60.87 -16.78
C LEU Z 4 22.40 60.03 -16.02
N TRP Z 5 21.28 59.72 -16.66
CA TRP Z 5 20.23 58.92 -16.06
C TRP Z 5 20.16 57.56 -16.73
N THR Z 6 19.54 56.60 -16.03
CA THR Z 6 19.40 55.24 -16.51
C THR Z 6 17.92 54.89 -16.62
N VAL Z 7 17.59 54.17 -17.68
CA VAL Z 7 16.22 53.74 -17.98
C VAL Z 7 16.27 52.27 -18.39
N LYS Z 8 15.36 51.47 -17.84
CA LYS Z 8 15.31 50.06 -18.23
C LYS Z 8 14.76 49.91 -19.64
N CYS Z 9 14.97 48.73 -20.21
CA CYS Z 9 14.52 48.44 -21.57
C CYS Z 9 14.42 46.93 -21.72
N LYS Z 10 13.92 46.50 -22.87
CA LYS Z 10 13.81 45.07 -23.16
C LYS Z 10 15.19 44.50 -23.50
N ILE Z 11 15.35 43.21 -23.23
CA ILE Z 11 16.61 42.52 -23.49
C ILE Z 11 16.67 42.16 -24.97
N GLY Z 12 17.72 42.64 -25.65
CA GLY Z 12 17.91 42.37 -27.05
C GLY Z 12 17.52 43.49 -27.99
N GLU Z 13 17.00 44.60 -27.48
CA GLU Z 13 16.56 45.73 -28.28
C GLU Z 13 17.22 47.00 -27.73
N GLU Z 14 18.40 47.32 -28.24
CA GLU Z 14 19.10 48.55 -27.88
C GLU Z 14 19.40 49.44 -29.06
N ARG Z 15 19.80 48.88 -30.21
CA ARG Z 15 20.02 49.68 -31.40
C ARG Z 15 18.69 50.14 -32.00
N ALA Z 16 17.68 49.27 -31.96
CA ALA Z 16 16.35 49.67 -32.43
C ALA Z 16 15.82 50.82 -31.60
N THR Z 17 15.98 50.75 -30.28
CA THR Z 17 15.54 51.85 -29.42
C THR Z 17 16.30 53.13 -29.74
N ALA Z 18 17.61 53.03 -29.97
CA ALA Z 18 18.40 54.21 -30.27
C ALA Z 18 17.95 54.87 -31.56
N ILE Z 19 17.73 54.07 -32.61
CA ILE Z 19 17.31 54.64 -33.89
C ILE Z 19 15.90 55.21 -33.77
N SER Z 20 15.03 54.55 -33.00
CA SER Z 20 13.69 55.10 -32.79
C SER Z 20 13.75 56.44 -32.07
N LEU Z 21 14.60 56.55 -31.05
CA LEU Z 21 14.75 57.81 -30.33
C LEU Z 21 15.31 58.89 -31.26
N MET Z 22 16.28 58.52 -32.10
CA MET Z 22 16.82 59.48 -33.06
C MET Z 22 15.74 59.98 -34.01
N ARG Z 23 14.91 59.05 -34.52
CA ARG Z 23 13.83 59.44 -35.42
C ARG Z 23 12.83 60.34 -34.72
N LYS Z 24 12.47 60.02 -33.47
CA LYS Z 24 11.54 60.85 -32.73
C LYS Z 24 12.11 62.25 -32.50
N PHE Z 25 13.39 62.33 -32.14
CA PHE Z 25 14.02 63.63 -31.92
C PHE Z 25 14.02 64.44 -33.22
N ILE Z 26 14.39 63.80 -34.32
CA ILE Z 26 14.47 64.52 -35.60
C ILE Z 26 13.08 64.97 -36.05
N ALA Z 27 12.05 64.16 -35.78
CA ALA Z 27 10.70 64.49 -36.20
C ALA Z 27 10.03 65.52 -35.29
N TYR Z 28 10.48 65.65 -34.05
CA TYR Z 28 9.87 66.55 -33.07
C TYR Z 28 10.89 67.54 -32.52
N GLN Z 29 11.78 68.03 -33.38
CA GLN Z 29 12.76 69.04 -32.99
C GLN Z 29 12.36 70.45 -33.40
N PHE Z 30 11.51 70.59 -34.41
CA PHE Z 30 11.05 71.90 -34.88
C PHE Z 30 9.64 72.22 -34.38
N THR Z 31 9.15 71.51 -33.37
CA THR Z 31 7.79 71.68 -32.86
C THR Z 31 7.83 72.38 -31.51
N ASP Z 32 6.63 72.62 -30.96
CA ASP Z 32 6.49 73.31 -29.69
C ASP Z 32 6.84 72.42 -28.49
N THR Z 33 7.06 71.13 -28.71
CA THR Z 33 7.39 70.18 -27.64
C THR Z 33 8.67 69.45 -28.03
N PRO Z 34 9.81 70.14 -28.01
CA PRO Z 34 11.08 69.49 -28.35
C PRO Z 34 11.57 68.61 -27.20
N LEU Z 35 12.63 67.86 -27.50
CA LEU Z 35 13.26 66.97 -26.53
C LEU Z 35 14.54 67.61 -26.02
N GLN Z 36 14.68 67.67 -24.69
CA GLN Z 36 15.85 68.28 -24.06
C GLN Z 36 16.97 67.28 -23.79
N ILE Z 37 16.81 66.03 -24.21
CA ILE Z 37 17.86 65.04 -24.01
C ILE Z 37 19.11 65.46 -24.76
N LYS Z 38 20.28 65.18 -24.17
CA LYS Z 38 21.55 65.49 -24.80
C LYS Z 38 22.09 64.32 -25.61
N SER Z 39 22.04 63.11 -25.05
CA SER Z 39 22.51 61.93 -25.76
C SER Z 39 22.08 60.69 -24.98
N VAL Z 40 22.31 59.53 -25.60
CA VAL Z 40 22.02 58.24 -24.99
C VAL Z 40 23.16 57.29 -25.32
N VAL Z 41 23.56 56.50 -24.32
CA VAL Z 41 24.65 55.55 -24.46
C VAL Z 41 24.07 54.14 -24.41
N ALA Z 42 24.40 53.32 -25.40
CA ALA Z 42 23.93 51.95 -25.51
C ALA Z 42 25.12 51.03 -25.75
N PRO Z 43 25.90 50.75 -24.70
CA PRO Z 43 27.10 49.92 -24.90
C PRO Z 43 26.76 48.54 -25.42
N GLU Z 44 27.66 48.01 -26.25
CA GLU Z 44 27.43 46.70 -26.85
C GLU Z 44 27.51 45.58 -25.82
N HIS Z 45 28.40 45.72 -24.84
CA HIS Z 45 28.56 44.65 -23.86
C HIS Z 45 27.31 44.50 -22.99
N VAL Z 46 26.66 45.60 -22.65
CA VAL Z 46 25.47 45.55 -21.80
C VAL Z 46 24.26 45.22 -22.64
N LYS Z 47 23.28 44.56 -22.02
CA LYS Z 47 22.07 44.15 -22.72
C LYS Z 47 20.94 44.05 -21.71
N GLY Z 48 19.99 44.98 -21.78
CA GLY Z 48 18.86 44.97 -20.88
C GLY Z 48 18.39 46.35 -20.48
N TYR Z 49 19.25 47.36 -20.61
CA TYR Z 49 18.84 48.73 -20.33
C TYR Z 49 19.79 49.68 -21.06
N ILE Z 50 19.35 50.93 -21.20
CA ILE Z 50 20.09 51.96 -21.92
C ILE Z 50 20.20 53.19 -21.03
N TYR Z 51 21.15 54.05 -21.39
CA TYR Z 51 21.44 55.27 -20.65
C TYR Z 51 20.89 56.48 -21.40
N VAL Z 52 20.82 57.60 -20.69
CA VAL Z 52 20.35 58.85 -21.27
C VAL Z 52 21.02 60.01 -20.52
N GLU Z 53 21.25 61.10 -21.23
CA GLU Z 53 21.92 62.27 -20.68
C GLU Z 53 20.94 63.43 -20.58
N ALA Z 54 20.81 63.99 -19.39
CA ALA Z 54 19.91 65.11 -19.14
C ALA Z 54 20.23 65.71 -17.77
N TYR Z 55 19.70 66.91 -17.54
CA TYR Z 55 19.93 67.59 -16.26
C TYR Z 55 18.99 67.07 -15.19
N LYS Z 56 17.68 67.15 -15.43
CA LYS Z 56 16.68 66.75 -14.47
C LYS Z 56 15.97 65.48 -14.93
N GLN Z 57 15.34 64.81 -13.97
CA GLN Z 57 14.60 63.58 -14.29
C GLN Z 57 13.35 63.88 -15.09
N THR Z 58 12.71 65.04 -14.86
CA THR Z 58 11.49 65.36 -15.57
C THR Z 58 11.72 65.45 -17.08
N HIS Z 59 12.90 65.92 -17.50
CA HIS Z 59 13.17 66.04 -18.93
C HIS Z 59 13.04 64.69 -19.62
N VAL Z 60 13.76 63.68 -19.12
CA VAL Z 60 13.68 62.35 -19.72
C VAL Z 60 12.30 61.74 -19.48
N LYS Z 61 11.70 62.00 -18.32
CA LYS Z 61 10.39 61.43 -18.02
C LYS Z 61 9.36 61.87 -19.05
N GLN Z 62 9.35 63.15 -19.41
CA GLN Z 62 8.43 63.65 -20.42
C GLN Z 62 8.92 63.42 -21.84
N ALA Z 63 10.20 63.09 -22.02
CA ALA Z 63 10.73 62.84 -23.36
C ALA Z 63 10.52 61.41 -23.83
N ILE Z 64 10.27 60.47 -22.92
CA ILE Z 64 10.04 59.08 -23.28
C ILE Z 64 8.55 58.74 -23.24
N GLU Z 65 7.68 59.75 -23.32
CA GLU Z 65 6.24 59.53 -23.36
C GLU Z 65 5.81 59.08 -24.74
N GLY Z 66 4.87 58.15 -24.79
CA GLY Z 66 4.30 57.66 -26.04
C GLY Z 66 5.01 56.46 -26.63
N VAL Z 67 6.30 56.28 -26.32
CA VAL Z 67 7.03 55.13 -26.83
C VAL Z 67 6.59 53.87 -26.10
N GLY Z 68 6.29 52.82 -26.85
CA GLY Z 68 5.85 51.57 -26.27
C GLY Z 68 6.95 50.63 -25.84
N ASN Z 69 8.21 50.96 -26.10
CA ASN Z 69 9.32 50.10 -25.73
C ASN Z 69 9.85 50.39 -24.33
N LEU Z 70 9.92 51.66 -23.95
CA LEU Z 70 10.42 52.07 -22.65
C LEU Z 70 9.32 52.16 -21.60
N ARG Z 71 8.13 51.62 -21.90
CA ARG Z 71 7.03 51.70 -20.95
C ARG Z 71 7.37 51.03 -19.63
N LEU Z 72 8.13 49.93 -19.68
CA LEU Z 72 8.48 49.21 -18.47
C LEU Z 72 9.29 50.10 -17.52
N GLY Z 73 10.32 50.75 -18.05
CA GLY Z 73 11.16 51.61 -17.24
C GLY Z 73 10.69 53.06 -17.25
N TYR Z 74 9.44 53.29 -16.86
CA TYR Z 74 8.85 54.62 -16.86
C TYR Z 74 8.51 55.13 -15.46
N TRP Z 75 8.26 54.24 -14.51
CA TRP Z 75 7.87 54.63 -13.16
C TRP Z 75 9.05 54.79 -12.21
N ASN Z 76 10.28 54.57 -12.69
CA ASN Z 76 11.46 54.67 -11.83
C ASN Z 76 12.63 55.18 -12.66
N GLN Z 77 13.30 56.22 -12.15
CA GLN Z 77 14.45 56.82 -12.82
C GLN Z 77 15.60 56.84 -11.82
N GLN Z 78 16.58 55.96 -12.03
CA GLN Z 78 17.72 55.88 -11.12
C GLN Z 78 18.84 56.81 -11.58
N MET Z 79 19.54 57.38 -10.61
CA MET Z 79 20.63 58.31 -10.85
C MET Z 79 21.93 57.67 -10.37
N VAL Z 80 22.96 57.73 -11.21
CA VAL Z 80 24.24 57.13 -10.90
C VAL Z 80 25.21 58.22 -10.46
N PRO Z 81 26.21 57.92 -9.63
CA PRO Z 81 27.14 58.97 -9.19
C PRO Z 81 27.92 59.58 -10.36
N ILE Z 82 28.57 60.70 -10.06
CA ILE Z 82 29.36 61.39 -11.08
C ILE Z 82 30.63 60.63 -11.43
N LYS Z 83 31.08 59.73 -10.56
CA LYS Z 83 32.27 58.94 -10.86
C LYS Z 83 32.03 57.93 -11.96
N GLU Z 84 30.77 57.53 -12.19
CA GLU Z 84 30.41 56.57 -13.22
C GLU Z 84 30.16 57.22 -14.57
N MET Z 85 30.67 58.44 -14.79
CA MET Z 85 30.48 59.15 -16.04
C MET Z 85 31.58 58.87 -17.05
N THR Z 86 32.56 58.02 -16.71
CA THR Z 86 33.66 57.69 -17.61
C THR Z 86 33.87 56.21 -17.81
N ASP Z 87 33.41 55.35 -16.90
CA ASP Z 87 33.59 53.91 -17.06
C ASP Z 87 32.63 53.30 -18.08
N VAL Z 88 31.52 53.97 -18.36
CA VAL Z 88 30.55 53.41 -19.31
C VAL Z 88 31.15 53.35 -20.71
N LEU Z 89 31.89 54.37 -21.11
CA LEU Z 89 32.48 54.42 -22.44
C LEU Z 89 33.69 53.50 -22.61
N LYS Z 90 34.20 52.93 -21.52
CA LYS Z 90 35.36 52.06 -21.63
C LYS Z 90 34.98 50.74 -22.28
N VAL Z 91 35.87 50.24 -23.15
CA VAL Z 91 35.67 48.99 -23.86
C VAL Z 91 36.94 48.15 -23.72
N VAL Z 92 36.77 46.86 -23.42
CA VAL Z 92 37.88 45.94 -23.23
C VAL Z 92 38.02 45.08 -24.48
N LYS Z 93 39.24 44.97 -24.98
CA LYS Z 93 39.52 44.18 -26.17
C LYS Z 93 39.81 42.73 -25.79
N ALA Z 94 33.55 45.80 -33.54
CA ALA Z 94 35.00 45.68 -33.45
C ALA Z 94 35.41 44.21 -33.40
N ASN Z 95 36.60 43.94 -32.86
CA ASN Z 95 37.12 42.58 -32.73
C ASN Z 95 37.15 41.89 -34.09
N LEU Z 96 37.64 42.58 -35.11
CA LEU Z 96 37.74 42.03 -36.46
C LEU Z 96 39.05 42.52 -37.08
N LYS Z 97 40.09 41.68 -36.98
CA LYS Z 97 41.41 42.01 -37.49
C LYS Z 97 42.04 40.76 -38.08
N PRO Z 98 42.69 40.84 -39.23
CA PRO Z 98 43.33 39.66 -39.81
C PRO Z 98 44.54 39.21 -39.00
N LYS Z 99 44.90 37.95 -39.19
CA LYS Z 99 46.01 37.33 -38.48
C LYS Z 99 45.76 37.29 -36.97
N SER Z 100 44.50 37.13 -36.59
CA SER Z 100 44.11 37.02 -35.19
C SER Z 100 43.54 35.63 -34.93
N TRP Z 101 43.27 35.37 -33.65
CA TRP Z 101 42.74 34.09 -33.20
C TRP Z 101 41.28 34.24 -32.82
N VAL Z 102 40.44 33.36 -33.34
CA VAL Z 102 39.00 33.38 -33.07
C VAL Z 102 38.54 31.96 -32.78
N ARG Z 103 37.37 31.87 -32.15
CA ARG Z 103 36.77 30.60 -31.79
C ARG Z 103 35.47 30.41 -32.57
N LEU Z 104 35.00 29.17 -32.60
CA LEU Z 104 33.79 28.80 -33.33
C LEU Z 104 32.74 28.28 -32.36
N LYS Z 105 31.47 28.52 -32.71
CA LYS Z 105 30.33 28.01 -31.95
C LYS Z 105 29.63 26.86 -32.66
N ARG Z 106 29.35 27.01 -33.95
CA ARG Z 106 28.61 26.03 -34.73
C ARG Z 106 29.60 25.08 -35.40
N GLY Z 107 29.10 24.18 -36.25
CA GLY Z 107 29.93 23.24 -36.96
C GLY Z 107 30.34 22.04 -36.14
N ILE Z 108 31.56 21.56 -36.33
CA ILE Z 108 32.05 20.38 -35.63
C ILE Z 108 33.21 20.78 -34.73
N TYR Z 109 33.92 21.85 -35.08
CA TYR Z 109 35.05 22.33 -34.30
C TYR Z 109 34.57 23.28 -33.20
N LYS Z 110 33.68 22.77 -32.36
CA LYS Z 110 33.10 23.56 -31.29
C LYS Z 110 34.10 23.73 -30.15
N ASP Z 111 34.12 24.91 -29.56
CA ASP Z 111 35.01 25.22 -28.43
C ASP Z 111 36.45 24.96 -28.80
N ASP Z 112 36.84 25.41 -29.99
CA ASP Z 112 38.20 25.25 -30.49
C ASP Z 112 38.71 26.59 -30.99
N ILE Z 113 40.01 26.80 -30.86
CA ILE Z 113 40.64 28.05 -31.26
C ILE Z 113 41.06 27.93 -32.72
N ALA Z 114 40.92 29.02 -33.47
CA ALA Z 114 41.33 29.05 -34.86
C ALA Z 114 41.97 30.40 -35.15
N GLN Z 115 42.50 30.54 -36.37
CA GLN Z 115 43.21 31.73 -36.81
C GLN Z 115 42.58 32.26 -38.09
N VAL Z 116 42.45 33.58 -38.15
CA VAL Z 116 41.91 34.25 -39.33
C VAL Z 116 43.03 34.41 -40.35
N ASP Z 117 42.69 34.25 -41.63
CA ASP Z 117 43.64 34.42 -42.72
C ASP Z 117 43.31 35.59 -43.62
N TYR Z 118 42.10 35.62 -44.17
CA TYR Z 118 41.67 36.67 -45.09
C TYR Z 118 40.23 37.06 -44.75
N VAL Z 119 39.89 38.32 -45.02
CA VAL Z 119 38.58 38.86 -44.72
C VAL Z 119 37.98 39.40 -46.02
N GLU Z 120 36.75 38.99 -46.32
CA GLU Z 120 36.07 39.44 -47.53
C GLU Z 120 35.43 40.80 -47.27
N PRO Z 121 35.70 41.80 -48.12
CA PRO Z 121 35.03 43.11 -47.92
C PRO Z 121 33.52 43.03 -48.01
N SER Z 122 32.96 42.00 -48.65
CA SER Z 122 31.51 41.88 -48.76
C SER Z 122 30.83 41.70 -47.41
N GLN Z 123 31.58 41.36 -46.35
CA GLN Z 123 31.02 41.17 -45.02
C GLN Z 123 29.97 40.06 -45.02
N ASN Z 124 30.25 38.99 -45.76
CA ASN Z 124 29.38 37.82 -45.82
C ASN Z 124 30.06 36.54 -45.38
N THR Z 125 31.35 36.36 -45.70
CA THR Z 125 32.08 35.18 -45.28
C THR Z 125 33.52 35.57 -45.00
N ILE Z 126 34.16 34.81 -44.10
CA ILE Z 126 35.54 35.08 -43.70
C ILE Z 126 36.28 33.75 -43.61
N SER Z 127 37.51 33.74 -44.09
CA SER Z 127 38.33 32.54 -44.03
C SER Z 127 38.74 32.25 -42.58
N LEU Z 128 39.28 31.06 -42.38
CA LEU Z 128 39.67 30.60 -41.05
C LEU Z 128 40.65 29.45 -41.19
N LYS Z 129 41.59 29.37 -40.25
CA LYS Z 129 42.60 28.31 -40.24
C LYS Z 129 42.27 27.33 -39.13
N MET Z 130 42.22 26.04 -39.48
CA MET Z 130 41.97 25.01 -38.48
C MET Z 130 42.51 23.69 -38.99
N ILE Z 131 42.95 22.85 -38.07
CA ILE Z 131 43.46 21.53 -38.41
C ILE Z 131 42.28 20.56 -38.47
N PRO Z 132 42.19 19.72 -39.50
CA PRO Z 132 41.03 18.81 -39.60
C PRO Z 132 41.02 17.79 -38.47
N ARG Z 133 39.81 17.38 -38.07
CA ARG Z 133 39.62 16.38 -37.05
C ARG Z 133 38.88 15.14 -37.55
N ILE Z 134 38.51 15.09 -38.83
CA ILE Z 134 37.78 13.93 -39.34
C ILE Z 134 38.66 12.69 -39.26
N ASP Z 135 38.02 11.52 -39.37
CA ASP Z 135 38.69 10.24 -39.32
C ASP Z 135 39.16 9.76 -40.69
N TYR Z 136 38.99 10.57 -41.74
CA TYR Z 136 39.38 10.20 -43.10
C TYR Z 136 38.56 9.02 -43.63
N ASP Z 137 37.33 8.87 -43.15
CA ASP Z 137 36.40 7.85 -43.64
C ASP Z 137 37.00 6.45 -43.49
N ARG Z 138 37.25 6.07 -42.25
CA ARG Z 138 37.74 4.73 -41.95
C ARG Z 138 36.91 4.07 -40.85
N ILE Z 139 36.30 4.88 -40.00
CA ILE Z 139 35.47 4.39 -38.90
C ILE Z 139 33.99 4.40 -39.27
N LYS Z 140 33.51 5.52 -39.80
CA LYS Z 140 32.11 5.64 -40.15
C LYS Z 140 31.76 4.72 -41.30
N ALA Z 141 30.50 4.31 -41.35
CA ALA Z 141 30.02 3.43 -42.42
C ALA Z 141 29.95 4.18 -43.74
N PRO Z 142 36.57 13.57 -31.79
CA PRO Z 142 37.83 12.85 -32.02
C PRO Z 142 39.06 13.68 -31.66
N PRO Z 143 40.24 13.04 -31.58
CA PRO Z 143 41.45 13.78 -31.23
C PRO Z 143 41.94 14.68 -32.35
N GLN Z 144 42.99 15.45 -32.09
CA GLN Z 144 43.56 16.38 -33.05
C GLN Z 144 44.87 15.79 -33.59
N ARG Z 145 44.94 15.63 -34.91
CA ARG Z 145 46.13 15.09 -35.56
C ARG Z 145 46.44 15.91 -36.80
N LEU Z 146 47.73 15.99 -37.13
CA LEU Z 146 48.15 16.73 -38.31
C LEU Z 146 47.64 16.05 -39.58
N PHE Z 147 47.37 16.87 -40.59
CA PHE Z 147 46.88 16.39 -41.87
C PHE Z 147 48.04 15.97 -42.76
N ASP Z 148 47.83 14.90 -43.52
CA ASP Z 148 48.82 14.41 -44.47
C ASP Z 148 48.14 14.11 -45.80
N ALA Z 149 48.89 14.29 -46.88
CA ALA Z 149 48.38 14.07 -48.23
C ALA Z 149 48.74 12.68 -48.76
N GLU Z 150 48.85 11.70 -47.88
CA GLU Z 150 49.21 10.34 -48.26
C GLU Z 150 48.25 9.28 -47.77
N LYS Z 151 47.52 9.54 -46.69
CA LYS Z 151 46.58 8.58 -46.13
C LYS Z 151 45.13 8.90 -46.49
N ILE Z 152 44.90 9.87 -47.36
CA ILE Z 152 43.56 10.23 -47.81
C ILE Z 152 43.30 9.76 -49.23
N ARG Z 153 44.32 9.82 -50.10
CA ARG Z 153 44.15 9.37 -51.48
C ARG Z 153 44.13 7.85 -51.58
N SER Z 154 44.82 7.16 -50.67
CA SER Z 154 44.93 5.71 -50.76
C SER Z 154 43.57 5.02 -50.58
N LEU Z 155 42.83 5.42 -49.55
CA LEU Z 155 41.55 4.76 -49.26
C LEU Z 155 40.56 4.97 -50.40
N GLY Z 156 40.19 6.22 -50.65
CA GLY Z 156 39.24 6.53 -51.69
C GLY Z 156 38.35 7.72 -51.35
N GLY Z 157 37.11 7.70 -51.84
CA GLY Z 157 36.17 8.76 -51.54
C GLY Z 157 36.20 9.88 -52.56
N ASP Z 158 35.32 10.86 -52.33
CA ASP Z 158 35.19 12.03 -53.20
C ASP Z 158 36.34 12.98 -52.91
N VAL Z 159 37.52 12.61 -53.41
CA VAL Z 159 38.76 13.36 -53.19
C VAL Z 159 39.19 13.97 -54.53
N ALA Z 160 39.40 15.29 -54.54
CA ALA Z 160 39.90 16.00 -55.70
C ALA Z 160 41.10 16.83 -55.27
N SER Z 161 42.29 16.24 -55.39
CA SER Z 161 43.54 16.88 -54.97
C SER Z 161 44.29 17.42 -56.17
N ASP Z 162 44.79 18.65 -56.04
CA ASP Z 162 45.56 19.32 -57.08
C ASP Z 162 46.88 19.83 -56.53
N GLY Z 163 47.58 19.00 -55.76
CA GLY Z 163 48.82 19.40 -55.13
C GLY Z 163 48.62 19.80 -53.68
N ASP Z 164 48.66 21.10 -53.40
CA ASP Z 164 48.44 21.60 -52.05
C ASP Z 164 46.99 21.91 -51.76
N PHE Z 165 46.17 22.14 -52.79
CA PHE Z 165 44.76 22.45 -52.62
C PHE Z 165 43.96 21.16 -52.79
N LEU Z 166 43.29 20.74 -51.72
CA LEU Z 166 42.52 19.51 -51.71
C LEU Z 166 41.05 19.82 -51.48
N ILE Z 167 40.18 19.02 -52.09
CA ILE Z 167 38.74 19.14 -51.95
C ILE Z 167 38.18 17.77 -51.61
N PHE Z 168 37.38 17.72 -50.54
CA PHE Z 168 36.78 16.47 -50.10
C PHE Z 168 35.79 16.75 -48.98
N GLU Z 169 34.72 15.97 -48.94
CA GLU Z 169 33.72 16.05 -47.87
C GLU Z 169 33.16 17.47 -47.77
N GLY Z 170 32.48 17.87 -48.83
CA GLY Z 170 31.78 19.14 -48.82
C GLY Z 170 32.66 20.35 -49.09
N ASN Z 171 33.66 20.21 -49.94
CA ASN Z 171 34.51 21.33 -50.34
C ASN Z 171 35.27 21.90 -49.14
N ARG Z 172 36.07 21.04 -48.52
CA ARG Z 172 36.93 21.42 -47.40
C ARG Z 172 38.24 21.95 -47.97
N TYR Z 173 38.36 23.27 -48.08
CA TYR Z 173 39.59 23.86 -48.59
C TYR Z 173 40.75 23.55 -47.65
N SER Z 174 41.87 23.13 -48.22
CA SER Z 174 43.04 22.75 -47.44
C SER Z 174 44.29 23.27 -48.13
N ARG Z 175 45.34 23.49 -47.34
CA ARG Z 175 46.62 23.93 -47.89
C ARG Z 175 47.69 23.71 -46.83
N LYS Z 176 48.75 22.99 -47.22
CA LYS Z 176 49.87 22.69 -46.32
C LYS Z 176 49.37 21.96 -45.08
N GLY Z 177 48.36 21.11 -45.24
CA GLY Z 177 47.85 20.34 -44.13
C GLY Z 177 46.98 21.09 -43.16
N PHE Z 178 46.48 22.26 -43.55
CA PHE Z 178 45.59 23.06 -42.71
C PHE Z 178 44.36 23.46 -43.51
N LEU Z 179 43.21 23.44 -42.83
CA LEU Z 179 41.97 23.84 -43.48
C LEU Z 179 41.91 25.35 -43.65
N PHE Z 180 41.29 25.79 -44.75
CA PHE Z 180 41.10 27.20 -45.03
C PHE Z 180 39.70 27.49 -45.55
N LYS Z 181 38.72 26.71 -45.11
CA LYS Z 181 37.36 26.90 -45.57
C LYS Z 181 36.82 28.25 -45.12
N SER Z 182 35.98 28.85 -45.95
CA SER Z 182 35.38 30.15 -45.67
C SER Z 182 34.08 29.95 -44.90
N PHE Z 183 34.02 30.49 -43.69
CA PHE Z 183 32.83 30.41 -42.85
C PHE Z 183 32.16 31.76 -42.74
N ALA Z 184 30.90 31.74 -42.33
CA ALA Z 184 30.11 32.96 -42.16
C ALA Z 184 30.43 33.62 -40.83
N MET Z 185 30.05 34.89 -40.71
CA MET Z 185 30.29 35.63 -39.47
C MET Z 185 29.35 35.19 -38.36
N SER Z 186 28.17 34.65 -38.71
CA SER Z 186 27.22 34.23 -37.69
C SER Z 186 27.73 33.07 -36.86
N ALA Z 187 28.53 32.19 -37.47
CA ALA Z 187 28.99 30.96 -36.83
C ALA Z 187 30.34 31.10 -36.16
N VAL Z 188 30.82 32.33 -35.94
CA VAL Z 188 32.15 32.55 -35.38
C VAL Z 188 32.07 33.64 -34.32
N ILE Z 189 32.91 33.51 -33.30
CA ILE Z 189 33.01 34.47 -32.21
C ILE Z 189 34.44 34.97 -32.15
N THR Z 190 34.59 36.29 -31.96
CA THR Z 190 35.91 36.92 -31.94
C THR Z 190 36.37 37.35 -30.56
N GLU Z 191 35.45 37.61 -29.63
CA GLU Z 191 35.81 38.06 -28.30
C GLU Z 191 35.88 36.90 -27.33
N GLY Z 192 36.84 36.96 -26.40
CA GLY Z 192 36.97 35.94 -25.38
C GLY Z 192 37.69 34.70 -25.87
N VAL Z 193 38.86 34.90 -26.47
CA VAL Z 193 39.65 33.78 -27.01
C VAL Z 193 40.82 33.49 -26.08
N LYS Z 194 41.72 34.46 -25.93
CA LYS Z 194 42.87 34.33 -25.04
C LYS Z 194 43.62 33.03 -25.36
N PRO Z 195 44.30 32.95 -26.50
CA PRO Z 195 45.01 31.72 -26.83
C PRO Z 195 46.15 31.46 -25.85
N THR Z 196 46.83 30.34 -26.01
CA THR Z 196 47.90 29.96 -25.10
C THR Z 196 49.16 29.67 -25.91
N LEU Z 197 50.21 29.23 -25.20
CA LEU Z 197 51.45 28.91 -25.88
C LEU Z 197 51.28 27.74 -26.84
N SER Z 198 50.44 26.77 -26.49
CA SER Z 198 50.18 25.66 -27.40
C SER Z 198 49.59 26.16 -28.72
N GLU Z 199 48.63 27.09 -28.63
CA GLU Z 199 48.03 27.64 -29.85
C GLU Z 199 49.07 28.38 -30.67
N LEU Z 200 49.94 29.16 -30.03
CA LEU Z 200 50.98 29.87 -30.75
C LEU Z 200 51.93 28.92 -31.44
N GLU Z 201 52.33 27.84 -30.76
CA GLU Z 201 53.23 26.87 -31.36
C GLU Z 201 52.58 26.16 -32.55
N LYS Z 202 51.32 25.75 -32.41
CA LYS Z 202 50.66 25.02 -33.48
C LYS Z 202 50.39 25.93 -34.68
N PHE Z 203 49.69 27.03 -34.46
CA PHE Z 203 49.38 27.98 -35.52
C PHE Z 203 50.36 29.14 -35.52
N ARG Z 204 55.18 26.01 -20.25
CA ARG Z 204 55.62 25.28 -19.07
C ARG Z 204 54.43 24.92 -18.18
N GLU Z 205 54.68 24.11 -17.16
CA GLU Z 205 53.63 23.68 -16.25
C GLU Z 205 54.24 23.42 -14.88
N HIS Z 206 53.39 23.43 -13.85
CA HIS Z 206 53.80 23.18 -12.49
C HIS Z 206 52.80 22.24 -11.82
N ASN Z 207 53.32 21.23 -11.12
CA ASN Z 207 52.50 20.28 -10.35
C ASN Z 207 53.05 20.26 -8.93
N PHE Z 208 52.58 21.19 -8.11
CA PHE Z 208 53.01 21.31 -6.72
C PHE Z 208 51.81 21.03 -5.82
N GLN Z 209 51.67 19.77 -5.42
CA GLN Z 209 50.56 19.36 -4.57
C GLN Z 209 50.89 19.59 -3.11
N PRO Z 210 49.86 19.73 -2.25
CA PRO Z 210 50.13 19.89 -0.83
C PRO Z 210 50.80 18.65 -0.25
N GLY Z 211 51.58 18.86 0.81
CA GLY Z 211 52.28 17.78 1.46
C GLY Z 211 53.59 17.38 0.83
N ASP Z 212 54.01 18.06 -0.23
CA ASP Z 212 55.28 17.77 -0.87
C ASP Z 212 56.36 18.71 -0.34
N ASN Z 213 57.61 18.41 -0.69
CA ASN Z 213 58.75 19.20 -0.26
C ASN Z 213 59.42 19.83 -1.47
N VAL Z 214 59.64 21.13 -1.41
CA VAL Z 214 60.31 21.87 -2.45
C VAL Z 214 61.41 22.71 -1.82
N GLU Z 215 62.41 23.03 -2.63
CA GLU Z 215 63.54 23.83 -2.20
C GLU Z 215 63.54 25.15 -2.98
N VAL Z 216 64.62 25.91 -2.83
CA VAL Z 216 64.81 27.16 -3.55
C VAL Z 216 65.96 26.95 -4.52
N CYS Z 217 65.67 27.01 -5.82
CA CYS Z 217 66.70 26.78 -6.83
C CYS Z 217 67.56 28.01 -7.02
N GLU Z 218 66.97 29.13 -7.44
CA GLU Z 218 67.68 30.38 -7.60
C GLU Z 218 67.28 31.35 -6.49
N GLY Z 219 68.08 32.41 -6.35
CA GLY Z 219 67.87 33.42 -5.34
C GLY Z 219 68.77 33.22 -4.12
N GLU Z 220 68.99 34.33 -3.42
CA GLU Z 220 69.88 34.29 -2.25
C GLU Z 220 69.38 33.30 -1.20
N LEU Z 221 68.07 33.07 -1.12
CA LEU Z 221 67.49 32.15 -0.16
C LEU Z 221 67.55 30.71 -0.69
N ILE Z 222 68.75 30.33 -1.10
CA ILE Z 222 69.00 29.03 -1.69
C ILE Z 222 69.16 28.01 -0.56
N ASN Z 223 68.97 26.73 -0.91
CA ASN Z 223 69.13 25.62 0.03
C ASN Z 223 68.24 25.82 1.25
N LEU Z 224 66.94 25.85 1.00
CA LEU Z 224 65.93 25.98 2.05
C LEU Z 224 64.72 25.15 1.62
N GLN Z 225 64.64 23.93 2.15
CA GLN Z 225 63.51 23.06 1.86
C GLN Z 225 62.32 23.46 2.73
N GLY Z 226 61.14 23.45 2.12
CA GLY Z 226 59.94 23.83 2.84
C GLY Z 226 58.75 23.02 2.37
N LYS Z 227 57.79 22.86 3.26
CA LYS Z 227 56.57 22.15 2.95
C LYS Z 227 55.64 23.03 2.13
N ILE Z 228 54.86 22.41 1.26
CA ILE Z 228 53.94 23.13 0.39
C ILE Z 228 52.60 23.23 1.11
N LEU Z 229 52.13 24.46 1.31
CA LEU Z 229 50.84 24.73 1.94
C LEU Z 229 49.84 25.34 0.97
N SER Z 230 50.22 26.39 0.26
CA SER Z 230 49.34 27.07 -0.68
C SER Z 230 49.69 26.70 -2.10
N VAL Z 231 48.66 26.54 -2.93
CA VAL Z 231 48.80 26.21 -4.34
C VAL Z 231 48.00 27.22 -5.14
N ASP Z 232 48.61 27.77 -6.19
CA ASP Z 232 47.94 28.72 -7.07
C ASP Z 232 48.52 28.56 -8.47
N GLY Z 233 48.29 29.56 -9.31
CA GLY Z 233 48.77 29.53 -10.68
C GLY Z 233 50.23 29.95 -10.80
N ASN Z 234 50.51 30.83 -11.75
CA ASN Z 234 51.88 31.27 -11.97
C ASN Z 234 52.48 31.84 -10.70
N LYS Z 235 51.79 32.79 -10.07
CA LYS Z 235 52.26 33.41 -8.83
C LYS Z 235 51.75 32.60 -7.65
N ILE Z 236 52.43 31.49 -7.39
CA ILE Z 236 51.99 30.59 -6.32
C ILE Z 236 52.09 31.30 -4.98
N THR Z 237 53.14 32.08 -4.76
CA THR Z 237 53.36 32.75 -3.49
C THR Z 237 53.35 31.73 -2.36
N ILE Z 238 54.08 30.64 -2.58
CA ILE Z 238 54.07 29.52 -1.65
C ILE Z 238 54.47 30.00 -0.25
N MET Z 239 53.85 29.39 0.76
CA MET Z 239 54.16 29.69 2.17
C MET Z 239 54.90 28.52 2.78
N PRO Z 240 56.21 28.40 2.54
CA PRO Z 240 56.95 27.26 3.08
C PRO Z 240 57.17 27.36 4.58
N LYS Z 241 57.50 26.23 5.18
CA LYS Z 241 57.84 26.14 6.60
C LYS Z 241 59.22 25.50 6.67
N HIS Z 242 60.25 26.33 6.60
CA HIS Z 242 61.62 25.83 6.59
C HIS Z 242 62.07 25.44 7.99
N GLU Z 243 63.12 24.62 8.05
CA GLU Z 243 63.64 24.16 9.32
C GLU Z 243 64.39 25.28 10.02
N ASP Z 244 64.30 25.31 11.34
CA ASP Z 244 64.96 26.31 12.17
C ASP Z 244 64.48 27.72 11.85
N LEU Z 245 63.34 27.85 11.18
CA LEU Z 245 62.74 29.15 10.88
C LEU Z 245 61.23 28.98 10.97
N LYS Z 246 60.66 29.27 12.14
CA LYS Z 246 59.24 29.11 12.34
C LYS Z 246 58.43 30.04 11.45
N ASP Z 247 59.03 31.11 10.94
CA ASP Z 247 58.33 32.02 10.07
C ASP Z 247 58.11 31.38 8.70
N MET Z 248 57.23 32.01 7.90
CA MET Z 248 56.88 31.52 6.57
C MET Z 248 57.22 32.60 5.55
N LEU Z 249 58.12 32.26 4.63
CA LEU Z 249 58.56 33.19 3.60
C LEU Z 249 57.64 33.08 2.40
N GLU Z 250 58.06 33.67 1.27
CA GLU Z 250 57.29 33.62 0.03
C GLU Z 250 58.25 33.48 -1.13
N PHE Z 251 57.93 32.59 -2.06
CA PHE Z 251 58.67 32.44 -3.30
C PHE Z 251 57.68 32.29 -4.44
N PRO Z 252 58.06 32.70 -5.65
CA PRO Z 252 57.20 32.46 -6.82
C PRO Z 252 57.28 31.00 -7.25
N ALA Z 253 56.50 30.66 -8.28
CA ALA Z 253 56.53 29.30 -8.81
C ALA Z 253 57.89 28.97 -9.40
N GLN Z 254 58.51 29.92 -10.11
CA GLN Z 254 59.78 29.65 -10.77
C GLN Z 254 60.89 29.39 -9.76
N GLU Z 255 60.90 30.13 -8.65
CA GLU Z 255 61.95 30.01 -7.65
C GLU Z 255 61.65 28.85 -6.70
N LEU Z 256 61.49 27.67 -7.29
CA LEU Z 256 61.16 26.46 -6.53
C LEU Z 256 61.67 25.25 -7.31
N ARG Z 257 61.75 24.13 -6.60
CA ARG Z 257 62.16 22.86 -7.22
C ARG Z 257 61.77 21.73 -6.29
N LYS Z 258 61.10 20.72 -6.84
CA LYS Z 258 60.70 19.55 -6.06
C LYS Z 258 61.93 18.83 -5.54
N TYR Z 259 62.11 18.83 -4.22
CA TYR Z 259 63.26 18.20 -3.57
C TYR Z 259 62.76 17.16 -2.59
N PHE Z 260 63.35 15.97 -2.64
CA PHE Z 260 62.98 14.86 -1.77
C PHE Z 260 64.23 14.19 -1.25
N LYS Z 261 64.29 13.98 0.06
CA LYS Z 261 65.47 13.39 0.67
C LYS Z 261 65.63 11.95 0.20
N MET Z 262 66.88 11.49 0.18
CA MET Z 262 67.22 10.17 -0.32
C MET Z 262 66.46 9.12 0.49
N GLY Z 263 65.42 8.56 -0.11
CA GLY Z 263 64.63 7.54 0.56
C GLY Z 263 63.32 8.07 1.12
N ASP Z 264 62.22 7.79 0.41
CA ASP Z 264 60.91 8.29 0.79
C ASP Z 264 59.94 7.93 -0.32
N HIS Z 265 58.66 7.95 0.02
CA HIS Z 265 57.62 7.70 -0.98
C HIS Z 265 57.66 8.80 -2.04
N VAL Z 266 57.62 8.39 -3.30
CA VAL Z 266 57.65 9.32 -4.42
C VAL Z 266 56.59 8.90 -5.42
N LYS Z 267 55.70 9.82 -5.78
CA LYS Z 267 54.66 9.58 -6.78
C LYS Z 267 54.88 10.47 -7.98
N VAL Z 268 54.72 9.89 -9.17
CA VAL Z 268 54.93 10.59 -10.43
C VAL Z 268 53.58 10.96 -11.01
N ILE Z 269 53.45 12.22 -11.41
CA ILE Z 269 52.19 12.72 -11.95
C ILE Z 269 52.19 12.50 -13.45
N ALA Z 270 53.17 13.07 -14.14
CA ALA Z 270 53.26 13.02 -15.58
C ALA Z 270 54.61 12.47 -16.01
N GLY Z 271 54.62 11.82 -17.17
CA GLY Z 271 55.84 11.27 -17.72
C GLY Z 271 55.60 9.95 -18.42
N ARG Z 272 56.65 9.38 -19.02
CA ARG Z 272 56.52 8.10 -19.70
C ARG Z 272 56.03 7.03 -18.73
N PHE Z 273 56.70 6.88 -17.59
CA PHE Z 273 56.31 5.92 -16.56
C PHE Z 273 55.39 6.58 -15.54
N GLU Z 274 54.33 7.22 -16.01
CA GLU Z 274 53.40 7.88 -15.11
C GLU Z 274 52.54 6.86 -14.37
N GLY Z 275 52.15 7.21 -13.15
CA GLY Z 275 51.35 6.31 -12.35
C GLY Z 275 52.12 5.16 -11.74
N ASP Z 276 53.35 5.41 -11.30
CA ASP Z 276 54.19 4.40 -10.66
C ASP Z 276 54.74 4.97 -9.35
N THR Z 277 55.00 4.08 -8.41
CA THR Z 277 55.55 4.46 -7.11
C THR Z 277 56.85 3.70 -6.87
N GLY Z 278 57.78 4.36 -6.21
CA GLY Z 278 59.04 3.76 -5.88
C GLY Z 278 59.72 4.51 -4.77
N LEU Z 279 61.03 4.32 -4.68
CA LEU Z 279 61.86 5.01 -3.69
C LEU Z 279 63.15 5.42 -4.37
N ILE Z 280 63.46 6.72 -4.31
CA ILE Z 280 64.70 7.20 -4.92
C ILE Z 280 65.89 6.66 -4.14
N VAL Z 281 66.84 6.06 -4.86
CA VAL Z 281 68.04 5.50 -4.24
C VAL Z 281 69.14 6.54 -4.24
N ARG Z 282 69.10 7.44 -5.22
CA ARG Z 282 70.06 8.53 -5.31
C ARG Z 282 69.40 9.70 -6.02
N VAL Z 283 69.81 10.91 -5.63
CA VAL Z 283 69.30 12.14 -6.20
C VAL Z 283 70.45 12.82 -6.93
N GLU Z 284 70.20 13.22 -8.17
CA GLU Z 284 71.18 13.92 -8.99
C GLU Z 284 70.64 15.30 -9.35
N GLU Z 285 71.38 16.02 -10.19
CA GLU Z 285 70.96 17.37 -10.56
C GLU Z 285 69.58 17.36 -11.20
N ASN Z 286 69.34 16.44 -12.13
CA ASN Z 286 68.03 16.27 -12.73
C ASN Z 286 67.52 14.84 -12.65
N PHE Z 287 68.40 13.85 -12.82
CA PHE Z 287 67.97 12.47 -12.79
C PHE Z 287 67.58 12.05 -11.37
N VAL Z 288 66.48 11.32 -11.27
CA VAL Z 288 66.00 10.78 -10.00
C VAL Z 288 65.75 9.29 -10.22
N ILE Z 289 66.78 8.48 -9.99
CA ILE Z 289 66.66 7.04 -10.15
C ILE Z 289 65.85 6.48 -8.99
N LEU Z 290 64.93 5.56 -9.30
CA LEU Z 290 64.13 4.92 -8.28
C LEU Z 290 63.70 3.55 -8.77
N PHE Z 291 63.44 2.66 -7.82
CA PHE Z 291 62.99 1.30 -8.09
C PHE Z 291 61.47 1.30 -8.19
N SER Z 292 60.95 0.96 -9.36
CA SER Z 292 59.51 0.93 -9.56
C SER Z 292 58.88 -0.10 -8.64
N ASP Z 293 57.76 0.27 -8.02
CA ASP Z 293 57.08 -0.67 -7.13
C ASP Z 293 56.63 -1.92 -7.89
N LEU Z 294 56.21 -1.75 -9.15
CA LEU Z 294 55.79 -2.90 -9.93
C LEU Z 294 56.94 -3.88 -10.10
N THR Z 295 58.14 -3.40 -10.40
CA THR Z 295 59.29 -4.26 -10.61
C THR Z 295 60.55 -3.49 -10.25
N MET Z 296 61.54 -4.22 -9.73
CA MET Z 296 62.82 -3.63 -9.35
C MET Z 296 63.61 -3.28 -10.60
N HIS Z 297 63.40 -2.07 -11.12
CA HIS Z 297 64.11 -1.62 -12.30
C HIS Z 297 64.37 -0.13 -12.19
N GLU Z 298 65.51 0.29 -12.75
CA GLU Z 298 65.88 1.69 -12.69
C GLU Z 298 64.82 2.54 -13.39
N LEU Z 299 64.58 3.72 -12.83
CA LEU Z 299 63.54 4.61 -13.34
C LEU Z 299 63.98 6.04 -13.11
N LYS Z 300 64.36 6.73 -14.17
CA LYS Z 300 64.80 8.12 -14.11
C LYS Z 300 63.86 8.95 -14.97
N VAL Z 301 63.28 9.98 -14.37
CA VAL Z 301 62.39 10.91 -15.07
C VAL Z 301 62.70 12.31 -14.58
N LEU Z 302 61.93 13.27 -15.07
CA LEU Z 302 62.12 14.66 -14.67
C LEU Z 302 61.94 14.79 -13.16
N PRO Z 303 62.84 15.48 -12.45
CA PRO Z 303 62.68 15.57 -10.99
C PRO Z 303 61.49 16.41 -10.56
N ARG Z 304 61.04 17.35 -11.40
CA ARG Z 304 59.89 18.18 -11.04
C ARG Z 304 58.62 17.35 -10.97
N ASP Z 305 58.42 16.44 -11.92
CA ASP Z 305 57.21 15.61 -11.98
C ASP Z 305 57.30 14.51 -10.92
N LEU Z 306 57.32 14.95 -9.68
CA LEU Z 306 57.45 14.03 -8.55
C LEU Z 306 56.86 14.69 -7.33
N GLN Z 307 56.08 13.91 -6.57
CA GLN Z 307 55.41 14.43 -5.39
C GLN Z 307 55.55 13.42 -4.26
N LEU Z 308 55.37 13.91 -3.04
CA LEU Z 308 55.40 13.08 -1.85
C LEU Z 308 53.95 12.73 -1.49
N CYS Z 309 53.64 11.43 -1.49
CA CYS Z 309 52.31 10.96 -1.16
C CYS Z 309 52.43 9.64 -0.41
N SER Z 310 51.56 9.44 0.58
CA SER Z 310 51.57 8.23 1.39
C SER Z 310 50.63 7.17 0.86
N GLU Z 311 50.22 7.27 -0.40
CA GLU Z 311 49.30 6.32 -0.99
C GLU Z 311 50.03 5.02 -1.31
N THR Z 312 49.38 3.90 -0.99
CA THR Z 312 49.93 2.59 -1.31
C THR Z 312 49.79 2.32 -2.81
N ALA Z 313 50.57 1.36 -3.30
CA ALA Z 313 50.55 1.01 -4.72
C ALA Z 313 49.23 0.34 -5.06
N SER Z 314 48.34 1.08 -5.72
CA SER Z 314 47.01 0.61 -6.07
C SER Z 314 46.86 0.31 -7.56
N GLY Z 315 47.20 1.26 -8.42
CA GLY Z 315 47.11 1.05 -9.85
C GLY Z 315 45.69 1.00 -10.38
N VAL Z 316 44.97 2.12 -10.24
CA VAL Z 316 43.58 2.15 -10.71
C VAL Z 316 43.56 1.98 -12.22
N ASP Z 317 42.55 1.24 -12.70
CA ASP Z 317 42.39 1.03 -14.12
C ASP Z 317 41.94 2.32 -14.81
N VAL Z 318 42.38 2.50 -16.05
CA VAL Z 318 42.09 3.70 -16.83
C VAL Z 318 40.93 3.41 -17.76
N GLY Z 319 40.07 4.41 -17.95
CA GLY Z 319 38.90 4.25 -18.80
C GLY Z 319 37.83 3.41 -18.12
N GLY Z 320 38.17 2.18 -17.75
CA GLY Z 320 37.22 1.30 -17.09
C GLY Z 320 36.68 0.21 -17.98
N GLN Z 321 37.21 -1.01 -17.82
CA GLN Z 321 36.73 -2.17 -18.54
C GLN Z 321 36.71 -3.43 -17.68
N HIS Z 322 37.50 -3.48 -16.61
CA HIS Z 322 37.53 -4.62 -15.69
C HIS Z 322 37.71 -4.06 -14.28
N GLU Z 323 37.63 -4.97 -13.30
CA GLU Z 323 37.79 -4.58 -11.91
C GLU Z 323 38.60 -5.65 -11.19
N TRP Z 324 39.22 -5.25 -10.08
CA TRP Z 324 40.01 -6.17 -9.29
C TRP Z 324 39.15 -7.34 -8.81
N GLY Z 325 39.68 -8.55 -8.94
CA GLY Z 325 38.96 -9.73 -8.50
C GLY Z 325 37.81 -10.14 -9.40
N GLU Z 326 37.89 -9.82 -10.69
CA GLU Z 326 36.86 -10.16 -11.66
C GLU Z 326 37.38 -11.28 -12.56
N LEU Z 327 36.60 -12.36 -12.65
CA LEU Z 327 36.99 -13.48 -13.49
C LEU Z 327 36.98 -13.06 -14.95
N VAL Z 328 38.04 -13.41 -15.68
CA VAL Z 328 38.19 -13.06 -17.08
C VAL Z 328 38.60 -14.31 -17.86
N GLN Z 329 37.99 -14.49 -19.02
CA GLN Z 329 38.29 -15.63 -19.89
C GLN Z 329 39.49 -15.26 -20.75
N LEU Z 330 40.66 -15.81 -20.40
CA LEU Z 330 41.86 -15.53 -21.17
C LEU Z 330 41.84 -16.30 -22.49
N ASP Z 331 41.66 -17.61 -22.42
CA ASP Z 331 41.62 -18.48 -23.58
C ASP Z 331 40.35 -19.30 -23.55
N PRO Z 332 39.95 -19.88 -24.68
CA PRO Z 332 38.74 -20.71 -24.69
C PRO Z 332 38.78 -21.85 -23.68
N GLN Z 333 39.96 -22.42 -23.42
CA GLN Z 333 40.10 -23.50 -22.46
C GLN Z 333 40.64 -23.03 -21.11
N THR Z 334 41.44 -21.97 -21.08
CA THR Z 334 42.03 -21.46 -19.86
C THR Z 334 41.27 -20.22 -19.39
N VAL Z 335 41.08 -20.11 -18.08
CA VAL Z 335 40.41 -18.96 -17.47
C VAL Z 335 41.30 -18.43 -16.35
N GLY Z 336 41.15 -17.13 -16.07
CA GLY Z 336 41.95 -16.49 -15.05
C GLY Z 336 41.20 -15.36 -14.39
N VAL Z 337 41.81 -14.85 -13.32
CA VAL Z 337 41.26 -13.73 -12.55
C VAL Z 337 42.34 -12.69 -12.37
N ILE Z 338 41.98 -11.43 -12.61
CA ILE Z 338 42.93 -10.33 -12.46
C ILE Z 338 43.29 -10.17 -10.99
N VAL Z 339 44.59 -9.97 -10.72
CA VAL Z 339 45.09 -9.75 -9.37
C VAL Z 339 45.78 -8.40 -9.24
N ARG Z 340 46.57 -8.01 -10.23
CA ARG Z 340 47.25 -6.72 -10.26
C ARG Z 340 46.83 -5.97 -11.52
N LEU Z 341 46.37 -4.74 -11.34
CA LEU Z 341 45.97 -3.89 -12.45
C LEU Z 341 47.04 -2.84 -12.69
N GLU Z 342 47.44 -2.69 -13.95
CA GLU Z 342 48.46 -1.73 -14.36
C GLU Z 342 47.84 -0.72 -15.32
N ARG Z 343 48.61 0.31 -15.65
CA ARG Z 343 48.14 1.37 -16.53
C ARG Z 343 48.06 0.91 -17.98
N GLU Z 344 48.91 -0.03 -18.39
CA GLU Z 344 48.96 -0.50 -19.77
C GLU Z 344 48.56 -1.95 -19.94
N THR Z 345 48.78 -2.80 -18.93
CA THR Z 345 48.54 -4.23 -19.06
C THR Z 345 47.81 -4.72 -17.82
N PHE Z 346 47.49 -6.01 -17.81
CA PHE Z 346 46.87 -6.67 -16.66
C PHE Z 346 47.65 -7.94 -16.35
N GLN Z 347 48.16 -8.04 -15.13
CA GLN Z 347 48.87 -9.23 -14.67
C GLN Z 347 47.84 -10.24 -14.14
N VAL Z 348 47.10 -10.82 -15.08
CA VAL Z 348 46.05 -11.78 -14.75
C VAL Z 348 46.67 -13.08 -14.27
N LEU Z 349 46.06 -13.68 -13.24
CA LEU Z 349 46.50 -14.95 -12.69
C LEU Z 349 45.59 -16.05 -13.23
N ASN Z 350 46.14 -16.89 -14.11
CA ASN Z 350 45.35 -17.98 -14.68
C ASN Z 350 45.13 -19.08 -13.65
N MET Z 351 44.21 -19.99 -13.97
CA MET Z 351 43.89 -21.08 -13.06
C MET Z 351 45.07 -22.00 -12.82
N TYR Z 352 46.03 -22.05 -13.75
CA TYR Z 352 47.19 -22.92 -13.57
C TYR Z 352 48.00 -22.50 -12.34
N GLY Z 353 48.20 -21.21 -12.15
CA GLY Z 353 48.94 -20.71 -11.01
C GLY Z 353 50.17 -19.90 -11.40
N LYS Z 354 50.20 -19.43 -12.64
CA LYS Z 354 51.30 -18.61 -13.13
C LYS Z 354 50.74 -17.34 -13.75
N VAL Z 355 51.28 -16.20 -13.33
CA VAL Z 355 50.79 -14.92 -13.81
C VAL Z 355 51.22 -14.70 -15.25
N VAL Z 356 50.36 -14.05 -16.03
CA VAL Z 356 50.63 -13.72 -17.42
C VAL Z 356 50.19 -12.29 -17.68
N THR Z 357 51.02 -11.54 -18.39
CA THR Z 357 50.70 -10.17 -18.75
C THR Z 357 49.90 -10.16 -20.05
N VAL Z 358 48.74 -9.49 -20.04
CA VAL Z 358 47.87 -9.40 -21.19
C VAL Z 358 47.43 -7.95 -21.36
N ARG Z 359 47.09 -7.60 -22.60
CA ARG Z 359 46.63 -6.25 -22.90
C ARG Z 359 45.21 -6.06 -22.40
N HIS Z 360 44.77 -4.79 -22.36
CA HIS Z 360 43.44 -4.48 -21.87
C HIS Z 360 42.37 -5.07 -22.79
N GLN Z 361 42.51 -4.87 -24.10
CA GLN Z 361 41.55 -5.42 -25.04
C GLN Z 361 41.80 -6.89 -25.36
N ALA Z 362 43.00 -7.39 -25.08
CA ALA Z 362 43.32 -8.79 -25.36
C ALA Z 362 42.61 -9.76 -24.42
N VAL Z 363 41.96 -9.25 -23.38
CA VAL Z 363 41.25 -10.07 -22.41
C VAL Z 363 39.79 -9.64 -22.37
N THR Z 364 38.89 -10.61 -22.37
CA THR Z 364 37.45 -10.35 -22.34
C THR Z 364 36.93 -10.50 -20.92
N ARG Z 365 35.75 -9.93 -20.68
CA ARG Z 365 35.10 -10.01 -19.38
C ARG Z 365 34.23 -11.26 -19.33
N LYS Z 366 34.56 -12.18 -18.43
CA LYS Z 366 33.82 -13.42 -18.25
C LYS Z 366 32.80 -13.26 -17.13
N LYS Z 367 31.55 -13.60 -17.41
CA LYS Z 367 30.50 -13.51 -16.40
C LYS Z 367 30.79 -14.49 -15.27
N ASP Z 368 30.70 -14.01 -14.04
CA ASP Z 368 30.98 -14.85 -12.88
C ASP Z 368 29.92 -15.93 -12.73
N ASN Z 369 30.37 -17.15 -12.42
CA ASN Z 369 29.46 -18.29 -12.23
C ASN Z 369 29.10 -18.39 -10.74
N ARG Z 370 28.29 -17.44 -10.30
CA ARG Z 370 27.85 -17.43 -8.91
C ARG Z 370 27.06 -18.69 -8.57
N PHE Z 371 26.23 -19.15 -9.51
CA PHE Z 371 25.46 -20.38 -9.33
C PHE Z 371 26.25 -21.53 -9.93
N ALA Z 372 27.13 -22.09 -9.11
CA ALA Z 372 27.97 -23.20 -9.53
C ALA Z 372 28.25 -24.08 -8.33
N VAL Z 373 28.59 -25.34 -8.60
CA VAL Z 373 28.89 -26.31 -7.56
C VAL Z 373 30.01 -27.22 -8.03
N ALA Z 374 30.86 -27.63 -7.09
CA ALA Z 374 31.99 -28.49 -7.38
C ALA Z 374 32.11 -29.51 -6.25
N LEU Z 375 33.23 -30.22 -6.20
CA LEU Z 375 33.48 -31.24 -5.19
C LEU Z 375 34.83 -30.97 -4.54
N ASP Z 376 34.92 -31.29 -3.25
CA ASP Z 376 36.15 -31.13 -2.47
C ASP Z 376 36.76 -32.49 -2.19
N SER Z 377 37.79 -32.51 -1.36
CA SER Z 377 38.43 -33.78 -1.00
C SER Z 377 37.46 -34.69 -0.28
N GLU Z 378 36.65 -34.13 0.63
CA GLU Z 378 35.72 -34.91 1.44
C GLU Z 378 34.38 -35.11 0.73
N GLN Z 379 34.32 -34.92 -0.58
CA GLN Z 379 33.10 -35.13 -1.36
C GLN Z 379 31.94 -34.32 -0.78
N ASN Z 380 32.12 -33.00 -0.76
CA ASN Z 380 31.11 -32.09 -0.24
C ASN Z 380 30.95 -30.92 -1.20
N ASN Z 381 29.72 -30.40 -1.27
CA ASN Z 381 29.44 -29.26 -2.12
C ASN Z 381 30.08 -28.01 -1.55
N ILE Z 382 30.80 -27.28 -2.39
CA ILE Z 382 31.49 -26.06 -1.99
C ILE Z 382 31.03 -24.94 -2.91
N HIS Z 383 30.18 -24.06 -2.40
CA HIS Z 383 29.69 -22.93 -3.16
C HIS Z 383 30.62 -21.74 -2.98
N VAL Z 384 30.24 -20.61 -3.60
CA VAL Z 384 31.05 -19.41 -3.49
C VAL Z 384 30.87 -18.77 -2.11
N LYS Z 385 31.77 -17.87 -1.78
CA LYS Z 385 31.74 -17.14 -0.51
C LYS Z 385 31.72 -18.11 0.67
N ASP Z 386 32.81 -18.86 0.79
CA ASP Z 386 32.97 -19.84 1.85
C ASP Z 386 34.44 -19.90 2.25
N ILE Z 387 34.67 -20.33 3.49
CA ILE Z 387 36.03 -20.47 4.03
C ILE Z 387 36.41 -21.95 3.95
N VAL Z 388 37.54 -22.24 3.30
CA VAL Z 388 38.03 -23.59 3.14
C VAL Z 388 39.52 -23.63 3.45
N LYS Z 389 40.02 -24.84 3.71
CA LYS Z 389 41.43 -25.07 4.00
C LYS Z 389 42.04 -25.88 2.86
N VAL Z 390 43.30 -25.58 2.55
CA VAL Z 390 44.02 -26.25 1.48
C VAL Z 390 45.23 -26.93 2.13
N ILE Z 391 45.06 -28.20 2.50
CA ILE Z 391 46.16 -28.96 3.09
C ILE Z 391 46.99 -29.66 2.02
N ASP Z 392 46.37 -30.05 0.91
CA ASP Z 392 47.06 -30.70 -0.19
C ASP Z 392 47.02 -29.80 -1.43
N GLY Z 393 47.95 -30.05 -2.34
CA GLY Z 393 48.06 -29.27 -3.55
C GLY Z 393 49.29 -28.39 -3.55
N PRO Z 394 49.43 -27.55 -4.57
CA PRO Z 394 50.61 -26.66 -4.63
C PRO Z 394 50.75 -25.78 -3.40
N HIS Z 395 49.65 -25.27 -2.87
CA HIS Z 395 49.66 -24.41 -1.69
C HIS Z 395 49.32 -25.26 -0.47
N SER Z 396 50.30 -26.04 -0.03
CA SER Z 396 50.11 -26.89 1.14
C SER Z 396 49.88 -26.03 2.37
N GLY Z 397 48.83 -26.36 3.12
CA GLY Z 397 48.47 -25.60 4.31
C GLY Z 397 48.23 -24.14 4.01
N ARG Z 398 47.17 -23.84 3.24
CA ARG Z 398 46.85 -22.47 2.86
C ARG Z 398 45.38 -22.20 3.15
N GLU Z 399 45.09 -20.94 3.47
CA GLU Z 399 43.74 -20.49 3.79
C GLU Z 399 43.36 -19.34 2.87
N GLY Z 400 42.05 -19.18 2.67
CA GLY Z 400 41.54 -18.12 1.83
C GLY Z 400 40.12 -18.36 1.40
N GLU Z 401 39.36 -17.28 1.20
CA GLU Z 401 37.97 -17.38 0.80
C GLU Z 401 37.86 -17.64 -0.69
N ILE Z 402 36.88 -18.45 -1.07
CA ILE Z 402 36.64 -18.79 -2.47
C ILE Z 402 35.77 -17.72 -3.09
N ARG Z 403 36.13 -17.32 -4.31
CA ARG Z 403 35.40 -16.29 -5.06
C ARG Z 403 34.82 -16.81 -6.36
N HIS Z 404 35.54 -17.68 -7.06
CA HIS Z 404 35.09 -18.22 -8.33
C HIS Z 404 35.41 -19.71 -8.37
N LEU Z 405 34.55 -20.46 -9.05
CA LEU Z 405 34.69 -21.91 -9.18
C LEU Z 405 34.93 -22.27 -10.63
N PHE Z 406 35.32 -23.51 -10.86
CA PHE Z 406 35.57 -24.02 -12.20
C PHE Z 406 35.44 -25.54 -12.14
N ARG Z 407 35.53 -26.18 -13.31
CA ARG Z 407 35.37 -27.62 -13.38
C ARG Z 407 36.30 -28.34 -12.41
N SER Z 408 37.58 -27.95 -12.40
CA SER Z 408 38.56 -28.57 -11.51
C SER Z 408 39.51 -27.55 -10.91
N PHE Z 409 39.05 -26.30 -10.79
CA PHE Z 409 39.88 -25.22 -10.26
C PHE Z 409 39.03 -24.33 -9.36
N ALA Z 410 39.68 -23.76 -8.36
CA ALA Z 410 39.02 -22.84 -7.42
C ALA Z 410 39.91 -21.63 -7.24
N PHE Z 411 39.35 -20.44 -7.48
CA PHE Z 411 40.06 -19.18 -7.35
C PHE Z 411 39.85 -18.67 -5.93
N LEU Z 412 40.71 -19.13 -5.02
CA LEU Z 412 40.66 -18.67 -3.64
C LEU Z 412 41.13 -17.23 -3.54
N HIS Z 413 40.70 -16.57 -2.47
CA HIS Z 413 41.08 -15.18 -2.22
C HIS Z 413 41.29 -14.99 -0.73
N CYS Z 414 42.21 -14.11 -0.38
CA CYS Z 414 42.51 -13.80 1.02
C CYS Z 414 43.06 -12.39 1.11
N LYS Z 415 43.37 -11.96 2.33
CA LYS Z 415 43.94 -10.65 2.59
C LYS Z 415 45.29 -10.70 3.27
N LYS Z 416 45.59 -11.75 4.03
CA LYS Z 416 46.90 -11.84 4.68
C LYS Z 416 48.01 -12.01 3.66
N LEU Z 417 47.77 -12.77 2.59
CA LEU Z 417 48.80 -13.03 1.59
C LEU Z 417 49.18 -11.74 0.88
N VAL Z 418 50.42 -11.72 0.37
CA VAL Z 418 50.95 -10.57 -0.34
C VAL Z 418 51.19 -10.94 -1.80
N GLU Z 419 51.46 -12.22 -2.05
CA GLU Z 419 51.73 -12.67 -3.41
C GLU Z 419 50.50 -12.49 -4.30
N ASN Z 420 50.75 -12.01 -5.51
CA ASN Z 420 49.68 -11.78 -6.50
C ASN Z 420 48.57 -10.92 -5.88
N GLY Z 421 48.97 -9.88 -5.18
CA GLY Z 421 48.00 -9.00 -4.54
C GLY Z 421 47.14 -9.71 -3.51
N GLY Z 422 47.67 -10.73 -2.85
CA GLY Z 422 46.94 -11.47 -1.84
C GLY Z 422 45.84 -12.34 -2.43
N MET Z 423 46.21 -13.26 -3.30
CA MET Z 423 45.23 -14.15 -3.92
C MET Z 423 45.97 -15.33 -4.54
N PHE Z 424 45.33 -16.50 -4.53
CA PHE Z 424 45.92 -17.71 -5.08
C PHE Z 424 44.81 -18.57 -5.66
N VAL Z 425 45.20 -19.53 -6.50
CA VAL Z 425 44.27 -20.43 -7.16
C VAL Z 425 44.76 -21.85 -6.98
N CYS Z 426 43.84 -22.77 -6.70
CA CYS Z 426 44.18 -24.17 -6.50
C CYS Z 426 43.01 -25.04 -6.92
N LYS Z 427 43.28 -26.33 -7.10
CA LYS Z 427 42.27 -27.27 -7.54
C LYS Z 427 41.13 -27.35 -6.52
N THR Z 428 40.05 -28.01 -6.94
CA THR Z 428 38.86 -28.14 -6.10
C THR Z 428 38.90 -29.38 -5.22
N ARG Z 429 39.34 -30.52 -5.77
CA ARG Z 429 39.38 -31.75 -4.99
C ARG Z 429 40.36 -31.68 -3.84
N HIS Z 430 41.33 -30.77 -3.90
CA HIS Z 430 42.32 -30.60 -2.84
C HIS Z 430 41.84 -29.65 -1.74
N LEU Z 431 40.53 -29.45 -1.63
CA LEU Z 431 39.94 -28.57 -0.62
C LEU Z 431 39.17 -29.39 0.39
N VAL Z 432 38.94 -28.79 1.56
CA VAL Z 432 38.14 -29.39 2.61
C VAL Z 432 37.24 -28.31 3.21
N LEU Z 433 35.99 -28.67 3.47
CA LEU Z 433 35.03 -27.74 4.06
C LEU Z 433 35.43 -27.48 5.51
N ALA Z 434 36.02 -26.31 5.75
CA ALA Z 434 36.47 -25.94 7.09
C ALA Z 434 35.29 -25.44 7.93
N ASN Z 435 5.39 -22.23 -16.07
CA ASN Z 435 6.31 -23.33 -16.34
C ASN Z 435 5.76 -24.24 -17.42
N GLU Z 436 4.85 -25.13 -17.04
CA GLU Z 436 4.25 -26.08 -17.96
C GLU Z 436 2.76 -25.84 -18.17
N LEU Z 437 2.01 -25.62 -17.08
CA LEU Z 437 0.57 -25.40 -17.16
C LEU Z 437 0.13 -24.11 -16.50
N ILE Z 438 1.07 -23.20 -16.20
CA ILE Z 438 0.70 -21.92 -15.62
C ILE Z 438 0.00 -21.07 -16.66
N GLY Z 439 -1.14 -20.49 -16.29
CA GLY Z 439 -1.93 -19.69 -17.19
C GLY Z 439 -3.02 -20.43 -17.94
N GLN Z 440 -3.15 -21.74 -17.71
CA GLN Z 440 -4.20 -22.53 -18.34
C GLN Z 440 -5.34 -22.78 -17.37
N THR Z 441 -6.55 -22.82 -17.91
CA THR Z 441 -7.73 -23.11 -17.11
C THR Z 441 -7.75 -24.58 -16.72
N VAL Z 442 -8.09 -24.86 -15.47
CA VAL Z 442 -8.14 -26.24 -14.98
C VAL Z 442 -9.43 -26.46 -14.20
N ARG Z 443 -9.73 -27.73 -13.95
CA ARG Z 443 -10.93 -28.15 -13.25
C ARG Z 443 -10.55 -29.16 -12.20
N ILE Z 444 -11.07 -28.99 -10.99
CA ILE Z 444 -10.73 -29.89 -9.89
C ILE Z 444 -11.61 -31.13 -10.01
N SER Z 445 -10.97 -32.30 -10.18
CA SER Z 445 -11.69 -33.54 -10.41
C SER Z 445 -11.91 -34.35 -9.15
N GLN Z 446 -11.18 -34.07 -8.07
CA GLN Z 446 -11.29 -34.81 -6.83
C GLN Z 446 -11.09 -33.86 -5.67
N GLY Z 447 -11.50 -34.31 -4.49
CA GLY Z 447 -11.34 -33.53 -3.29
C GLY Z 447 -12.54 -32.63 -3.04
N PRO Z 448 -12.50 -31.86 -1.97
CA PRO Z 448 -13.68 -31.08 -1.58
C PRO Z 448 -14.12 -30.08 -2.64
N TYR Z 449 -13.21 -29.54 -3.44
CA TYR Z 449 -13.56 -28.54 -4.45
C TYR Z 449 -13.89 -29.15 -5.80
N LYS Z 450 -14.19 -30.44 -5.85
CA LYS Z 450 -14.55 -31.07 -7.11
C LYS Z 450 -15.70 -30.31 -7.75
N GLY Z 451 -15.47 -29.81 -8.97
CA GLY Z 451 -16.48 -29.09 -9.72
C GLY Z 451 -16.14 -27.65 -10.02
N TYR Z 452 -15.25 -27.03 -9.25
CA TYR Z 452 -14.89 -25.64 -9.50
C TYR Z 452 -13.99 -25.52 -10.72
N ILE Z 453 -13.89 -24.30 -11.24
CA ILE Z 453 -13.08 -23.99 -12.41
C ILE Z 453 -12.19 -22.81 -12.06
N GLY Z 454 -10.92 -22.89 -12.47
CA GLY Z 454 -9.99 -21.83 -12.18
C GLY Z 454 -8.80 -21.85 -13.11
N VAL Z 455 -8.02 -20.78 -13.04
CA VAL Z 455 -6.80 -20.63 -13.84
C VAL Z 455 -5.61 -20.82 -12.90
N VAL Z 456 -4.72 -21.75 -13.26
CA VAL Z 456 -3.56 -22.00 -12.42
C VAL Z 456 -2.72 -20.73 -12.38
N LYS Z 457 -2.45 -20.24 -11.17
CA LYS Z 457 -1.69 -19.00 -11.00
C LYS Z 457 -0.20 -19.30 -10.85
N ASP Z 458 0.16 -20.11 -9.86
CA ASP Z 458 1.53 -20.55 -9.64
C ASP Z 458 1.55 -22.07 -9.56
N ALA Z 459 2.49 -22.68 -10.26
CA ALA Z 459 2.62 -24.12 -10.31
C ALA Z 459 3.96 -24.56 -9.74
N THR Z 460 3.98 -25.77 -9.19
CA THR Z 460 5.20 -26.36 -8.64
C THR Z 460 5.24 -27.83 -9.05
N GLU Z 461 6.23 -28.56 -8.53
CA GLU Z 461 6.39 -29.95 -8.92
C GLU Z 461 5.30 -30.83 -8.32
N SER Z 462 4.77 -30.47 -7.15
CA SER Z 462 3.73 -31.24 -6.49
C SER Z 462 2.42 -30.47 -6.37
N THR Z 463 2.45 -29.26 -5.83
CA THR Z 463 1.23 -28.48 -5.64
C THR Z 463 1.17 -27.33 -6.64
N ALA Z 464 0.01 -26.71 -6.70
CA ALA Z 464 -0.27 -25.64 -7.65
C ALA Z 464 -1.36 -24.76 -7.07
N ARG Z 465 -1.21 -23.46 -7.22
CA ARG Z 465 -2.22 -22.52 -6.74
C ARG Z 465 -3.21 -22.21 -7.85
N VAL Z 466 -4.50 -22.33 -7.54
CA VAL Z 466 -5.56 -22.09 -8.50
C VAL Z 466 -6.51 -21.04 -7.92
N GLU Z 467 -6.82 -20.01 -8.70
CA GLU Z 467 -7.78 -19.01 -8.28
C GLU Z 467 -9.17 -19.46 -8.71
N LEU Z 468 -10.07 -19.61 -7.75
CA LEU Z 468 -11.43 -20.05 -8.06
C LEU Z 468 -12.16 -18.96 -8.83
N HIS Z 469 -12.89 -19.36 -9.87
CA HIS Z 469 -13.59 -18.38 -10.68
C HIS Z 469 -14.73 -17.72 -9.90
N SER Z 470 -15.56 -18.54 -9.26
CA SER Z 470 -16.72 -17.99 -8.55
C SER Z 470 -16.30 -17.19 -7.33
N THR Z 471 -15.71 -17.86 -6.35
CA THR Z 471 -15.34 -17.22 -5.10
C THR Z 471 -14.15 -16.29 -5.31
N CYS Z 472 -14.06 -15.29 -4.44
CA CYS Z 472 -12.96 -14.32 -4.50
C CYS Z 472 -11.81 -14.75 -3.59
N GLN Z 473 -11.29 -15.94 -3.86
CA GLN Z 473 -10.24 -16.53 -3.05
C GLN Z 473 -9.44 -17.50 -3.89
N THR Z 474 -8.15 -17.61 -3.57
CA THR Z 474 -7.23 -18.51 -4.26
C THR Z 474 -6.82 -19.62 -3.30
N ILE Z 475 -6.88 -20.86 -3.77
CA ILE Z 475 -6.55 -22.02 -2.96
C ILE Z 475 -5.31 -22.69 -3.55
N SER Z 476 -4.70 -23.55 -2.74
CA SER Z 476 -3.48 -24.27 -3.11
C SER Z 476 -3.81 -25.76 -3.11
N VAL Z 477 -4.26 -26.26 -4.27
CA VAL Z 477 -4.66 -27.66 -4.41
C VAL Z 477 -3.51 -28.43 -5.04
N ASP Z 478 -3.48 -29.73 -4.79
CA ASP Z 478 -2.46 -30.58 -5.39
C ASP Z 478 -2.63 -30.61 -6.91
N ARG Z 479 -1.50 -30.74 -7.61
CA ARG Z 479 -1.53 -30.73 -9.07
C ARG Z 479 -2.34 -31.91 -9.61
N GLN Z 480 -2.15 -33.10 -9.04
CA GLN Z 480 -2.83 -34.28 -9.56
C GLN Z 480 -4.34 -34.16 -9.46
N ARG Z 481 -4.85 -33.31 -8.56
CA ARG Z 481 -6.29 -33.10 -8.47
C ARG Z 481 -6.83 -32.28 -9.63
N LEU Z 482 -5.97 -31.61 -10.39
CA LEU Z 482 -6.41 -30.76 -11.48
C LEU Z 482 -6.55 -31.56 -12.76
N THR Z 483 -7.34 -31.03 -13.68
CA THR Z 483 -7.50 -31.61 -15.01
C THR Z 483 -7.69 -30.47 -16.00
N THR Z 484 -6.79 -30.37 -16.97
CA THR Z 484 -6.86 -29.31 -17.95
C THR Z 484 -8.11 -29.44 -18.79
N VAL Z 485 -8.79 -28.31 -19.02
CA VAL Z 485 -9.97 -28.28 -19.88
C VAL Z 485 -9.71 -27.37 -21.07
N GLY Z 486 -8.83 -26.39 -20.88
CA GLY Z 486 -8.48 -25.48 -21.96
C GLY Z 486 -9.65 -24.68 -22.50
N SER Z 487 -9.38 -23.70 -23.35
CA SER Z 487 -10.43 -22.91 -23.99
C SER Z 487 -9.91 -22.51 -25.37
N ARG Z 488 -10.28 -23.30 -26.38
CA ARG Z 488 -9.86 -23.07 -27.75
C ARG Z 488 -11.02 -22.50 -28.58
N ARG Z 489 -10.73 -22.28 -29.86
CA ARG Z 489 -11.71 -21.70 -30.79
C ARG Z 489 -11.55 -22.35 -32.16
N PRO Z 490 -12.08 -23.56 -32.33
CA PRO Z 490 -11.96 -24.24 -33.62
C PRO Z 490 -12.62 -23.43 -34.74
N GLY Z 491 -12.08 -23.59 -35.94
CA GLY Z 491 -12.53 -22.81 -37.08
C GLY Z 491 -11.51 -21.76 -37.48
N GLY Z 492 -11.80 -20.50 -37.19
CA GLY Z 492 -10.92 -19.42 -37.62
C GLY Z 492 -10.93 -19.18 -39.11
N MET Z 493 -12.09 -19.24 -39.74
CA MET Z 493 -12.22 -18.98 -41.17
C MET Z 493 -13.55 -18.23 -41.38
N THR Z 494 -13.46 -16.91 -41.48
CA THR Z 494 -14.62 -16.05 -41.67
C THR Z 494 -14.76 -15.54 -43.10
N SER Z 495 -14.11 -16.20 -44.06
CA SER Z 495 -14.19 -15.74 -45.45
C SER Z 495 -15.60 -15.95 -46.01
N THR Z 496 -16.05 -17.20 -46.04
CA THR Z 496 -17.38 -17.51 -46.58
C THR Z 496 -17.93 -18.68 -45.78
N TYR Z 497 -18.75 -18.37 -44.77
CA TYR Z 497 -19.35 -19.39 -43.91
C TYR Z 497 -20.68 -19.85 -44.53
N GLY Z 498 -20.55 -20.51 -45.67
CA GLY Z 498 -21.71 -21.02 -46.38
C GLY Z 498 -22.34 -22.22 -45.70
N ARG Z 499 -21.58 -23.31 -45.60
CA ARG Z 499 -22.08 -24.54 -44.98
C ARG Z 499 -23.33 -25.04 -45.70
N TYR Z 500 -26.01 -26.02 -51.22
CA TYR Z 500 -25.85 -25.44 -49.88
C TYR Z 500 -25.87 -23.91 -49.95
N GLY Z 501 -26.25 -23.29 -48.85
CA GLY Z 501 -26.32 -21.84 -48.78
C GLY Z 501 -27.53 -21.35 -48.02
N SER Z 502 -28.23 -20.37 -48.57
CA SER Z 502 -29.44 -19.82 -47.97
C SER Z 502 -30.52 -19.65 -49.01
N GLN Z 503 -30.70 -20.66 -49.86
CA GLN Z 503 -31.71 -20.62 -50.90
C GLN Z 503 -31.49 -19.42 -51.80
N TPO Z 504 -30.70 -19.61 -52.85
CA TPO Z 504 -30.41 -18.52 -53.78
CB TPO Z 504 -29.11 -18.80 -54.53
CG2 TPO Z 504 -29.00 -17.88 -55.75
OG1 TPO Z 504 -28.00 -18.54 -53.67
P TPO Z 504 -27.56 -19.93 -52.97
O1P TPO Z 504 -28.73 -20.83 -52.83
O2P TPO Z 504 -26.95 -19.61 -51.52
O3P TPO Z 504 -26.44 -20.63 -53.89
C TPO Z 504 -31.57 -18.36 -54.76
O TPO Z 504 -31.96 -19.32 -55.43
N PRO Z 505 -32.14 -17.15 -54.86
CA PRO Z 505 -33.23 -16.93 -55.80
C PRO Z 505 -32.76 -16.90 -57.25
N MET Z 506 -33.68 -17.08 -58.19
CA MET Z 506 -33.37 -17.10 -59.61
C MET Z 506 -33.86 -15.83 -60.29
N TYR Z 507 -33.41 -15.63 -61.52
CA TYR Z 507 -33.79 -14.44 -62.29
C TYR Z 507 -35.19 -14.59 -62.87
N GLY Z 508 -35.44 -15.68 -63.58
CA GLY Z 508 -36.75 -15.90 -64.18
C GLY Z 508 -37.86 -16.14 -63.16
N SER Z 509 -37.50 -16.58 -61.96
CA SER Z 509 -38.52 -16.85 -60.95
C SER Z 509 -39.31 -15.59 -60.61
N GLY Z 510 -38.63 -14.44 -60.52
CA GLY Z 510 -39.29 -13.19 -60.25
C GLY Z 510 -40.29 -12.81 -61.30
N GLY AA 34 76.49 -28.39 -90.22
CA GLY AA 34 75.01 -28.27 -90.33
C GLY AA 34 74.62 -27.06 -91.16
N GLY AA 35 73.79 -27.28 -92.18
CA GLY AA 35 73.38 -26.21 -93.07
C GLY AA 35 71.94 -26.38 -93.49
N VAL AA 36 71.45 -25.36 -94.20
CA VAL AA 36 70.07 -25.30 -94.67
C VAL AA 36 70.05 -25.74 -96.13
N MET AA 37 69.60 -26.97 -96.38
CA MET AA 37 69.56 -27.52 -97.73
C MET AA 37 68.28 -27.10 -98.43
N LYS AA 38 68.42 -26.65 -99.67
CA LYS AA 38 67.23 -26.30 -100.44
C LYS AA 38 66.68 -27.53 -101.15
N PRO AA 39 65.35 -27.61 -101.33
CA PRO AA 39 64.78 -28.87 -101.82
C PRO AA 39 65.20 -29.23 -103.23
N HIS AA 40 64.90 -28.38 -104.21
CA HIS AA 40 65.11 -28.74 -105.61
C HIS AA 40 64.85 -27.59 -106.57
N ARG AA 41 65.05 -27.84 -107.86
CA ARG AA 41 64.91 -26.85 -108.92
C ARG AA 41 63.93 -27.36 -109.96
N TYR AA 42 63.00 -26.50 -110.38
CA TYR AA 42 62.05 -26.87 -111.41
C TYR AA 42 62.77 -27.26 -112.70
N ARG AA 43 62.30 -28.32 -113.35
CA ARG AA 43 62.80 -28.65 -114.67
C ARG AA 43 62.41 -27.56 -115.66
N PRO AA 44 63.33 -27.14 -116.52
CA PRO AA 44 63.03 -26.03 -117.44
C PRO AA 44 61.87 -26.34 -118.37
N GLY AA 45 61.12 -25.28 -118.70
CA GLY AA 45 59.92 -25.41 -119.50
C GLY AA 45 58.66 -25.64 -118.68
N THR AA 46 58.78 -26.27 -117.52
CA THR AA 46 57.60 -26.51 -116.69
C THR AA 46 56.93 -25.20 -116.32
N VAL AA 47 57.69 -24.28 -115.74
CA VAL AA 47 57.11 -22.99 -115.35
C VAL AA 47 56.72 -22.20 -116.60
N ALA AA 48 57.41 -22.42 -117.71
CA ALA AA 48 57.00 -21.77 -118.95
C ALA AA 48 55.60 -22.20 -119.35
N LEU AA 49 55.33 -23.51 -119.34
CA LEU AA 49 53.99 -23.98 -119.66
C LEU AA 49 52.97 -23.47 -118.64
N ARG AA 50 53.36 -23.45 -117.36
CA ARG AA 50 52.46 -22.94 -116.35
C ARG AA 50 52.09 -21.50 -116.64
N GLU AA 51 53.07 -20.68 -117.03
CA GLU AA 51 52.79 -19.30 -117.40
C GLU AA 51 51.92 -19.25 -118.65
N ILE AA 52 52.14 -20.16 -119.59
CA ILE AA 52 51.32 -20.20 -120.80
C ILE AA 52 49.86 -20.37 -120.42
N ARG AA 53 49.57 -21.35 -119.58
CA ARG AA 53 48.20 -21.54 -119.11
C ARG AA 53 47.71 -20.33 -118.35
N ARG AA 54 48.55 -19.78 -117.47
CA ARG AA 54 48.12 -18.70 -116.60
C ARG AA 54 47.70 -17.49 -117.42
N TYR AA 55 48.46 -17.20 -118.47
CA TYR AA 55 48.17 -16.03 -119.29
C TYR AA 55 47.15 -16.30 -120.38
N GLN AA 56 46.90 -17.57 -120.71
CA GLN AA 56 45.81 -17.86 -121.62
C GLN AA 56 44.46 -17.88 -120.93
N LYS AA 57 44.45 -18.17 -119.62
CA LYS AA 57 43.19 -18.20 -118.89
C LYS AA 57 42.64 -16.79 -118.69
N SER AA 58 43.51 -15.81 -118.48
CA SER AA 58 43.10 -14.46 -118.12
C SER AA 58 42.86 -13.61 -119.36
N THR AA 59 42.31 -12.42 -119.12
CA THR AA 59 42.07 -11.44 -120.18
C THR AA 59 42.37 -10.06 -119.59
N GLU AA 60 43.59 -9.58 -119.82
CA GLU AA 60 44.01 -8.30 -119.26
C GLU AA 60 45.02 -7.67 -120.21
N LEU AA 61 45.38 -6.42 -119.91
CA LEU AA 61 46.39 -5.72 -120.70
C LEU AA 61 47.77 -6.17 -120.25
N LEU AA 62 48.61 -6.56 -121.21
CA LEU AA 62 49.93 -7.09 -120.92
C LEU AA 62 51.05 -6.06 -121.08
N ILE AA 63 50.75 -4.86 -121.58
CA ILE AA 63 51.75 -3.87 -121.92
C ILE AA 63 51.65 -2.70 -120.95
N ARG AA 64 52.81 -2.21 -120.49
CA ARG AA 64 52.85 -1.11 -119.54
C ARG AA 64 52.19 0.12 -120.14
N LYS AA 65 51.13 0.60 -119.50
CA LYS AA 65 50.26 1.59 -120.12
C LYS AA 65 50.97 2.92 -120.34
N LEU AA 66 51.61 3.46 -119.30
CA LEU AA 66 52.26 4.76 -119.46
C LEU AA 66 53.35 4.72 -120.52
N PRO AA 67 54.24 3.73 -120.56
CA PRO AA 67 55.20 3.66 -121.67
C PRO AA 67 54.52 3.62 -123.01
N PHE AA 68 53.41 2.88 -123.10
CA PHE AA 68 52.69 2.77 -124.36
C PHE AA 68 52.14 4.12 -124.78
N GLN AA 69 51.57 4.86 -123.83
CA GLN AA 69 51.05 6.19 -124.11
C GLN AA 69 52.16 7.12 -124.57
N ARG AA 70 53.31 7.06 -123.90
CA ARG AA 70 54.44 7.89 -124.31
C ARG AA 70 54.89 7.53 -125.73
N LEU AA 71 54.95 6.23 -126.04
CA LEU AA 71 55.35 5.83 -127.39
C LEU AA 71 54.36 6.33 -128.44
N VAL AA 72 53.06 6.20 -128.16
CA VAL AA 72 52.05 6.66 -129.09
C VAL AA 72 52.18 8.16 -129.31
N ARG AA 73 52.33 8.91 -128.21
CA ARG AA 73 52.50 10.36 -128.33
C ARG AA 73 53.73 10.69 -129.17
N GLU AA 74 54.85 10.00 -128.90
CA GLU AA 74 56.08 10.30 -129.63
C GLU AA 74 55.91 10.07 -131.12
N ILE AA 75 55.35 8.92 -131.50
CA ILE AA 75 55.22 8.63 -132.92
C ILE AA 75 54.13 9.46 -133.58
N ALA AA 76 53.16 9.95 -132.82
CA ALA AA 76 52.16 10.84 -133.37
C ALA AA 76 52.72 12.23 -133.63
N GLN AA 77 53.73 12.65 -132.87
CA GLN AA 77 54.28 13.98 -133.06
C GLN AA 77 54.80 14.17 -134.48
N ASP AA 78 55.09 13.09 -135.19
CA ASP AA 78 55.63 13.17 -136.53
C ASP AA 78 54.59 13.49 -137.59
N PHE AA 79 53.30 13.49 -137.24
CA PHE AA 79 52.25 13.79 -138.21
C PHE AA 79 51.55 15.12 -137.97
N LYS AA 80 51.41 15.53 -136.72
CA LYS AA 80 50.79 16.83 -136.42
C LYS AA 80 51.25 17.26 -135.04
N THR AA 81 51.91 18.40 -134.97
CA THR AA 81 52.40 18.92 -133.70
C THR AA 81 51.23 19.32 -132.81
N ASP AA 82 51.44 19.22 -131.50
CA ASP AA 82 50.48 19.70 -130.50
C ASP AA 82 49.10 19.06 -130.70
N LEU AA 83 49.08 17.74 -130.57
CA LEU AA 83 47.84 16.97 -130.64
C LEU AA 83 47.33 16.69 -129.23
N ARG AA 84 46.12 16.15 -129.16
CA ARG AA 84 45.55 15.71 -127.89
C ARG AA 84 44.80 14.41 -128.14
N PHE AA 85 44.79 13.55 -127.12
CA PHE AA 85 44.25 12.21 -127.23
C PHE AA 85 43.10 12.01 -126.26
N GLN AA 86 42.29 11.00 -126.57
CA GLN AA 86 41.26 10.50 -125.66
C GLN AA 86 41.75 9.21 -125.02
N SER AA 87 41.42 9.02 -123.75
CA SER AA 87 41.85 7.82 -123.05
C SER AA 87 41.39 6.56 -123.80
N SER AA 88 40.12 6.53 -124.21
CA SER AA 88 39.63 5.39 -124.97
C SER AA 88 40.34 5.25 -126.30
N ALA AA 89 40.71 6.37 -126.93
CA ALA AA 89 41.42 6.28 -128.20
C ALA AA 89 42.73 5.53 -128.02
N VAL AA 90 43.35 5.65 -126.86
CA VAL AA 90 44.60 4.93 -126.60
C VAL AA 90 44.31 3.50 -126.17
N MET AA 91 43.25 3.29 -125.40
CA MET AA 91 42.90 1.94 -125.01
C MET AA 91 42.61 1.07 -126.22
N ALA AA 92 41.92 1.63 -127.20
CA ALA AA 92 41.64 0.90 -128.43
C ALA AA 92 42.92 0.54 -129.16
N LEU AA 93 43.85 1.49 -129.26
CA LEU AA 93 45.13 1.20 -129.90
C LEU AA 93 45.84 0.07 -129.19
N GLN AA 94 45.86 0.10 -127.86
CA GLN AA 94 46.53 -0.95 -127.11
C GLN AA 94 45.87 -2.29 -127.34
N GLU AA 95 44.54 -2.34 -127.35
CA GLU AA 95 43.84 -3.59 -127.60
C GLU AA 95 44.20 -4.14 -128.97
N ALA AA 96 44.11 -3.30 -130.00
CA ALA AA 96 44.40 -3.78 -131.35
C ALA AA 96 45.83 -4.27 -131.46
N SER AA 97 46.78 -3.54 -130.85
CA SER AA 97 48.17 -3.95 -130.93
C SER AA 97 48.40 -5.28 -130.22
N GLU AA 98 47.82 -5.45 -129.04
CA GLU AA 98 48.01 -6.69 -128.31
C GLU AA 98 47.43 -7.87 -129.11
N ALA AA 99 46.25 -7.67 -129.69
CA ALA AA 99 45.66 -8.74 -130.50
C ALA AA 99 46.51 -9.06 -131.71
N TYR AA 100 47.02 -8.02 -132.39
CA TYR AA 100 47.84 -8.22 -133.57
C TYR AA 100 49.10 -9.00 -133.23
N LEU AA 101 49.76 -8.62 -132.15
CA LEU AA 101 50.97 -9.33 -131.73
C LEU AA 101 50.64 -10.76 -131.34
N VAL AA 102 49.51 -10.97 -130.67
CA VAL AA 102 49.14 -12.33 -130.26
C VAL AA 102 48.93 -13.21 -131.47
N ALA AA 103 48.21 -12.70 -132.47
CA ALA AA 103 48.03 -13.47 -133.70
C ALA AA 103 49.35 -13.75 -134.40
N LEU AA 104 50.22 -12.73 -134.45
CA LEU AA 104 51.51 -12.91 -135.10
C LEU AA 104 52.31 -14.01 -134.42
N PHE AA 105 52.35 -14.00 -133.09
CA PHE AA 105 53.07 -15.04 -132.38
C PHE AA 105 52.41 -16.39 -132.56
N GLU AA 106 51.08 -16.43 -132.64
CA GLU AA 106 50.40 -17.71 -132.84
C GLU AA 106 50.83 -18.33 -134.17
N ASP AA 107 50.89 -17.53 -135.23
CA ASP AA 107 51.35 -18.07 -136.50
C ASP AA 107 52.83 -18.41 -136.45
N THR AA 108 53.62 -17.58 -135.78
CA THR AA 108 55.05 -17.82 -135.73
C THR AA 108 55.38 -19.11 -135.01
N ASN AA 109 54.60 -19.46 -133.98
CA ASN AA 109 54.84 -20.71 -133.28
C ASN AA 109 54.60 -21.89 -134.19
N LEU AA 110 53.54 -21.83 -135.00
CA LEU AA 110 53.32 -22.88 -135.97
C LEU AA 110 54.48 -22.96 -136.94
N CYS AA 111 54.96 -21.81 -137.41
CA CYS AA 111 56.11 -21.81 -138.31
C CYS AA 111 57.30 -22.51 -137.67
N ALA AA 112 57.62 -22.15 -136.44
CA ALA AA 112 58.76 -22.75 -135.76
C ALA AA 112 58.57 -24.25 -135.63
N ILE AA 113 57.37 -24.68 -135.25
CA ILE AA 113 57.12 -26.11 -135.09
C ILE AA 113 57.34 -26.83 -136.41
N HIS AA 114 56.81 -26.24 -137.50
CA HIS AA 114 57.04 -26.84 -138.81
C HIS AA 114 58.52 -26.95 -139.11
N ALA AA 115 59.32 -26.02 -138.59
CA ALA AA 115 60.77 -26.09 -138.72
C ALA AA 115 61.39 -27.11 -137.78
N LYS AA 116 60.58 -27.86 -137.03
CA LYS AA 116 61.07 -28.83 -136.07
C LYS AA 116 61.97 -28.18 -135.04
N ARG AA 117 61.56 -27.01 -134.54
CA ARG AA 117 62.28 -26.31 -133.50
C ARG AA 117 61.34 -25.92 -132.36
N VAL AA 118 61.88 -25.95 -131.15
CA VAL AA 118 61.17 -25.42 -129.99
C VAL AA 118 61.38 -23.92 -129.88
N THR AA 119 62.63 -23.48 -129.96
CA THR AA 119 62.92 -22.07 -129.92
C THR AA 119 62.33 -21.37 -131.13
N ILE AA 120 61.93 -20.12 -130.93
CA ILE AA 120 61.32 -19.30 -131.97
C ILE AA 120 62.36 -18.30 -132.44
N MET AA 121 62.49 -18.16 -133.77
CA MET AA 121 63.55 -17.41 -134.40
C MET AA 121 62.98 -16.23 -135.18
N PRO AA 122 63.77 -15.17 -135.38
CA PRO AA 122 63.26 -14.07 -136.22
C PRO AA 122 62.90 -14.51 -137.62
N LYS AA 123 63.64 -15.48 -138.17
CA LYS AA 123 63.32 -15.92 -139.53
C LYS AA 123 61.91 -16.48 -139.59
N ASP AA 124 61.46 -17.14 -138.53
CA ASP AA 124 60.09 -17.61 -138.48
C ASP AA 124 59.10 -16.44 -138.54
N ILE AA 125 59.40 -15.36 -137.83
CA ILE AA 125 58.54 -14.18 -137.86
C ILE AA 125 58.49 -13.63 -139.28
N GLN AA 126 59.65 -13.54 -139.92
CA GLN AA 126 59.69 -13.00 -141.28
C GLN AA 126 58.91 -13.88 -142.22
N LEU AA 127 59.03 -15.20 -142.08
CA LEU AA 127 58.26 -16.11 -142.92
C LEU AA 127 56.76 -15.93 -142.70
N ALA AA 128 56.36 -15.80 -141.44
CA ALA AA 128 54.95 -15.61 -141.12
C ALA AA 128 54.44 -14.35 -141.79
N ARG AA 129 55.18 -13.25 -141.66
CA ARG AA 129 54.76 -12.00 -142.26
C ARG AA 129 54.72 -12.11 -143.78
N ARG AA 130 55.70 -12.80 -144.36
CA ARG AA 130 55.74 -12.95 -145.81
C ARG AA 130 54.53 -13.72 -146.31
N ILE AA 131 54.28 -14.89 -145.73
CA ILE AA 131 53.17 -15.71 -146.18
C ILE AA 131 51.86 -15.00 -145.94
N ARG AA 132 51.72 -14.36 -144.78
CA ARG AA 132 50.49 -13.62 -144.49
C ARG AA 132 50.26 -12.51 -145.49
N GLY AA 133 51.33 -11.91 -146.00
CA GLY AA 133 51.20 -10.84 -146.98
C GLY AA 133 51.55 -9.47 -146.43
N GLU AA 134 52.48 -9.42 -145.48
CA GLU AA 134 52.92 -8.15 -144.92
C GLU AA 134 54.37 -7.87 -145.29
N ASP BA 1 63.97 7.75 -126.64
CA ASP BA 1 63.72 6.34 -127.07
C ASP BA 1 62.67 5.66 -126.19
N ASN BA 2 61.40 5.92 -126.48
CA ASN BA 2 60.31 5.28 -125.75
C ASN BA 2 59.97 3.90 -126.28
N ILE BA 3 60.55 3.49 -127.40
CA ILE BA 3 60.33 2.14 -127.90
C ILE BA 3 60.89 1.12 -126.94
N GLN BA 4 61.95 1.48 -126.21
CA GLN BA 4 62.51 0.62 -125.19
C GLN BA 4 61.58 0.44 -124.00
N GLY BA 5 60.53 1.24 -123.91
CA GLY BA 5 59.57 1.08 -122.83
C GLY BA 5 58.75 -0.19 -122.94
N ILE BA 6 58.72 -0.81 -124.12
CA ILE BA 6 58.04 -2.08 -124.33
C ILE BA 6 58.99 -3.17 -123.83
N THR BA 7 58.84 -3.53 -122.56
CA THR BA 7 59.89 -4.25 -121.87
C THR BA 7 60.05 -5.67 -122.41
N LYS BA 8 61.24 -6.21 -122.21
CA LYS BA 8 61.53 -7.60 -122.55
C LYS BA 8 60.55 -8.57 -121.90
N PRO BA 9 60.30 -8.51 -120.58
CA PRO BA 9 59.30 -9.40 -120.00
C PRO BA 9 57.89 -9.17 -120.55
N ALA BA 10 57.58 -7.95 -120.98
CA ALA BA 10 56.27 -7.71 -121.59
C ALA BA 10 56.12 -8.49 -122.88
N ILE BA 11 57.17 -8.50 -123.70
CA ILE BA 11 57.14 -9.27 -124.93
C ILE BA 11 57.08 -10.76 -124.61
N ARG BA 12 57.82 -11.19 -123.58
CA ARG BA 12 57.73 -12.57 -123.15
C ARG BA 12 56.30 -12.91 -122.73
N ARG BA 13 55.62 -11.97 -122.08
CA ARG BA 13 54.25 -12.18 -121.63
C ARG BA 13 53.31 -12.34 -122.83
N LEU BA 14 53.47 -11.48 -123.84
CA LEU BA 14 52.65 -11.61 -125.04
C LEU BA 14 52.89 -12.96 -125.70
N ALA BA 15 54.16 -13.37 -125.80
CA ALA BA 15 54.47 -14.67 -126.38
C ALA BA 15 53.83 -15.80 -125.59
N ARG BA 16 53.95 -15.75 -124.26
CA ARG BA 16 53.34 -16.77 -123.42
C ARG BA 16 51.85 -16.86 -123.69
N ARG BA 17 51.18 -15.72 -123.80
CA ARG BA 17 49.77 -15.75 -124.17
C ARG BA 17 49.58 -16.39 -125.53
N GLY BA 18 50.53 -16.18 -126.43
CA GLY BA 18 50.41 -16.79 -127.74
C GLY BA 18 50.64 -18.28 -127.76
N GLY BA 19 51.33 -18.82 -126.76
CA GLY BA 19 51.66 -20.22 -126.75
C GLY BA 19 53.04 -20.51 -127.28
N VAL BA 20 54.02 -19.73 -126.86
CA VAL BA 20 55.42 -19.94 -127.20
C VAL BA 20 56.15 -20.45 -125.96
N LYS BA 21 56.95 -21.50 -126.12
CA LYS BA 21 57.61 -22.11 -124.98
C LYS BA 21 58.99 -21.50 -124.72
N ARG BA 22 59.79 -21.32 -125.76
CA ARG BA 22 61.17 -20.84 -125.63
C ARG BA 22 61.37 -19.71 -126.62
N ILE BA 23 61.96 -18.61 -126.17
CA ILE BA 23 62.07 -17.38 -126.95
C ILE BA 23 63.54 -17.09 -127.24
N SER BA 24 63.85 -16.76 -128.49
CA SER BA 24 65.20 -16.40 -128.87
C SER BA 24 65.49 -14.94 -128.51
N GLY BA 25 66.78 -14.61 -128.47
CA GLY BA 25 67.20 -13.30 -127.97
C GLY BA 25 66.95 -12.15 -128.91
N LEU BA 26 66.65 -12.39 -130.18
CA LEU BA 26 66.40 -11.33 -131.13
C LEU BA 26 64.92 -11.10 -131.39
N ILE BA 27 64.05 -11.92 -130.80
CA ILE BA 27 62.62 -11.76 -131.01
C ILE BA 27 62.16 -10.38 -130.57
N TYR BA 28 62.78 -9.84 -129.52
CA TYR BA 28 62.28 -8.62 -128.90
C TYR BA 28 62.44 -7.41 -129.82
N GLU BA 29 63.63 -7.23 -130.41
CA GLU BA 29 63.82 -6.11 -131.33
C GLU BA 29 62.92 -6.25 -132.54
N GLU BA 30 62.79 -7.47 -133.06
CA GLU BA 30 61.98 -7.66 -134.24
C GLU BA 30 60.53 -7.28 -133.94
N THR BA 31 60.06 -7.67 -132.77
CA THR BA 31 58.72 -7.31 -132.35
C THR BA 31 58.59 -5.81 -132.16
N ARG BA 32 59.62 -5.18 -131.60
CA ARG BA 32 59.62 -3.72 -131.47
C ARG BA 32 59.46 -3.07 -132.84
N GLY BA 33 60.23 -3.53 -133.82
CA GLY BA 33 60.11 -2.96 -135.15
C GLY BA 33 58.74 -3.16 -135.75
N VAL BA 34 58.20 -4.38 -135.62
CA VAL BA 34 56.89 -4.69 -136.18
C VAL BA 34 55.83 -3.79 -135.56
N LEU BA 35 55.82 -3.72 -134.23
CA LEU BA 35 54.84 -2.91 -133.53
C LEU BA 35 54.97 -1.46 -133.94
N LYS BA 36 56.20 -0.98 -134.08
CA LYS BA 36 56.40 0.40 -134.52
C LYS BA 36 55.75 0.63 -135.87
N VAL BA 37 55.98 -0.28 -136.82
CA VAL BA 37 55.42 -0.10 -138.15
C VAL BA 37 53.89 -0.08 -138.09
N PHE BA 38 53.32 -1.04 -137.37
CA PHE BA 38 51.87 -1.15 -137.30
C PHE BA 38 51.26 0.09 -136.69
N LEU BA 39 51.81 0.53 -135.56
CA LEU BA 39 51.29 1.73 -134.91
C LEU BA 39 51.46 2.94 -135.80
N GLU BA 40 52.57 3.02 -136.53
CA GLU BA 40 52.76 4.15 -137.42
C GLU BA 40 51.66 4.21 -138.46
N ASN BA 41 51.33 3.08 -139.07
CA ASN BA 41 50.27 3.08 -140.08
C ASN BA 41 48.94 3.50 -139.47
N VAL BA 42 48.57 2.88 -138.36
CA VAL BA 42 47.26 3.15 -137.78
C VAL BA 42 47.17 4.61 -137.37
N ILE BA 43 48.21 5.12 -136.72
CA ILE BA 43 48.20 6.50 -136.26
C ILE BA 43 48.14 7.45 -137.43
N ARG BA 44 48.85 7.14 -138.51
CA ARG BA 44 48.80 8.01 -139.68
C ARG BA 44 47.36 8.11 -140.17
N ASP BA 45 46.67 6.98 -140.28
CA ASP BA 45 45.29 7.04 -140.73
C ASP BA 45 44.42 7.82 -139.75
N ALA BA 46 44.62 7.59 -138.45
CA ALA BA 46 43.76 8.25 -137.46
C ALA BA 46 43.95 9.76 -137.49
N VAL BA 47 45.21 10.21 -137.58
CA VAL BA 47 45.45 11.64 -137.66
C VAL BA 47 44.89 12.20 -138.95
N THR BA 48 44.94 11.42 -140.03
CA THR BA 48 44.33 11.88 -141.27
C THR BA 48 42.84 12.13 -141.07
N TYR BA 49 42.16 11.17 -140.43
CA TYR BA 49 40.74 11.34 -140.16
C TYR BA 49 40.50 12.58 -139.30
N THR BA 50 41.31 12.75 -138.26
CA THR BA 50 41.14 13.89 -137.37
C THR BA 50 41.29 15.18 -138.14
N GLU BA 51 42.38 15.33 -138.89
CA GLU BA 51 42.61 16.56 -139.62
C GLU BA 51 41.51 16.82 -140.63
N HIS BA 52 40.93 15.77 -141.22
CA HIS BA 52 39.78 15.99 -142.08
C HIS BA 52 38.59 16.52 -141.27
N ALA BA 53 38.42 16.01 -140.06
CA ALA BA 53 37.32 16.44 -139.21
C ALA BA 53 37.53 17.81 -138.60
N LYS BA 54 38.68 18.45 -138.86
CA LYS BA 54 39.07 19.74 -138.29
C LYS BA 54 39.30 19.68 -136.78
N ARG BA 55 39.28 18.50 -136.18
CA ARG BA 55 39.50 18.41 -134.74
C ARG BA 55 40.98 18.51 -134.41
N LYS BA 56 41.24 18.85 -133.15
CA LYS BA 56 42.58 18.75 -132.59
C LYS BA 56 42.73 17.53 -131.69
N THR BA 57 41.69 17.20 -130.94
CA THR BA 57 41.66 15.96 -130.18
C THR BA 57 41.46 14.79 -131.13
N VAL BA 58 42.04 13.65 -130.79
CA VAL BA 58 41.91 12.43 -131.58
C VAL BA 58 40.90 11.53 -130.89
N THR BA 59 39.72 11.40 -131.49
CA THR BA 59 38.66 10.61 -130.90
C THR BA 59 38.95 9.12 -131.06
N ALA BA 60 38.29 8.31 -130.23
CA ALA BA 60 38.44 6.87 -130.36
C ALA BA 60 37.75 6.35 -131.61
N MET BA 61 36.64 6.97 -132.00
CA MET BA 61 35.97 6.56 -133.22
C MET BA 61 36.89 6.65 -134.41
N ASP BA 62 37.81 7.61 -134.41
CA ASP BA 62 38.78 7.70 -135.49
C ASP BA 62 39.69 6.47 -135.51
N VAL BA 63 40.13 6.02 -134.33
CA VAL BA 63 40.94 4.81 -134.26
C VAL BA 63 40.14 3.63 -134.80
N VAL BA 64 38.85 3.60 -134.47
CA VAL BA 64 38.00 2.50 -134.92
C VAL BA 64 37.90 2.52 -136.44
N TYR BA 65 37.63 3.68 -137.02
CA TYR BA 65 37.54 3.77 -138.48
C TYR BA 65 38.85 3.39 -139.13
N ALA BA 66 39.96 3.81 -138.55
CA ALA BA 66 41.26 3.45 -139.12
C ALA BA 66 41.46 1.95 -139.10
N LEU BA 67 41.16 1.31 -137.97
CA LEU BA 67 41.34 -0.13 -137.89
C LEU BA 67 40.43 -0.84 -138.89
N LYS BA 68 39.21 -0.33 -139.06
CA LYS BA 68 38.32 -0.88 -140.08
C LYS BA 68 38.95 -0.74 -141.46
N ARG BA 69 39.55 0.43 -141.73
CA ARG BA 69 40.18 0.64 -143.03
C ARG BA 69 41.30 -0.35 -143.26
N GLN BA 70 42.12 -0.59 -142.23
CA GLN BA 70 43.13 -1.63 -142.32
C GLN BA 70 42.50 -3.01 -142.52
N GLY BA 71 41.27 -3.20 -142.06
CA GLY BA 71 40.63 -4.49 -142.11
C GLY BA 71 40.68 -5.28 -140.81
N ARG BA 72 40.67 -4.61 -139.67
CA ARG BA 72 40.61 -5.27 -138.36
C ARG BA 72 39.51 -4.60 -137.56
N THR BA 73 38.30 -5.12 -137.67
CA THR BA 73 37.18 -4.54 -136.95
C THR BA 73 37.32 -4.79 -135.45
N LEU BA 74 37.00 -3.76 -134.66
CA LEU BA 74 37.12 -3.80 -133.22
C LEU BA 74 35.75 -3.54 -132.60
N TYR BA 75 35.31 -4.45 -131.75
CA TYR BA 75 34.05 -4.30 -131.02
C TYR BA 75 34.34 -3.83 -129.61
N GLY BA 76 33.61 -2.80 -129.17
CA GLY BA 76 33.69 -2.36 -127.79
C GLY BA 76 33.82 -0.86 -127.64
N PHE BA 77 34.56 -0.22 -128.54
CA PHE BA 77 34.82 1.20 -128.44
C PHE BA 77 33.91 2.02 -129.34
N GLY BA 78 32.73 1.48 -129.67
CA GLY BA 78 31.76 2.20 -130.46
C GLY BA 78 30.88 3.08 -129.61
N ALA CA 15 31.33 28.93 -176.34
CA ALA CA 15 31.15 27.82 -175.39
C ALA CA 15 32.33 26.84 -175.45
N LYS CA 16 32.82 26.43 -174.28
CA LYS CA 16 33.97 25.55 -174.18
C LYS CA 16 33.69 24.46 -173.16
N THR CA 17 34.26 23.29 -173.39
CA THR CA 17 34.04 22.14 -172.51
C THR CA 17 34.73 22.35 -171.16
N ARG CA 18 34.10 21.80 -170.12
CA ARG CA 18 34.70 21.86 -168.79
C ARG CA 18 36.06 21.18 -168.77
N SER CA 19 36.24 20.11 -169.54
CA SER CA 19 37.57 19.52 -169.66
C SER CA 19 38.55 20.54 -170.21
N SER CA 20 38.15 21.26 -171.28
CA SER CA 20 38.99 22.30 -171.83
C SER CA 20 39.21 23.43 -170.84
N ARG CA 21 38.16 23.81 -170.10
CA ARG CA 21 38.32 24.87 -169.12
C ARG CA 21 39.21 24.44 -167.96
N ALA CA 22 39.32 23.14 -167.71
CA ALA CA 22 40.18 22.63 -166.66
C ALA CA 22 41.53 22.13 -167.17
N GLY CA 23 41.72 22.07 -168.49
CA GLY CA 23 42.99 21.65 -169.01
C GLY CA 23 43.28 20.18 -168.82
N LEU CA 24 42.25 19.35 -168.82
CA LEU CA 24 42.39 17.92 -168.62
C LEU CA 24 41.95 17.16 -169.88
N GLN CA 25 42.30 15.88 -169.92
CA GLN CA 25 41.95 15.02 -171.03
C GLN CA 25 40.79 14.09 -170.75
N PHE CA 26 40.57 13.71 -169.48
CA PHE CA 26 39.41 12.91 -169.15
C PHE CA 26 38.15 13.78 -169.11
N PRO CA 27 36.97 13.18 -169.33
CA PRO CA 27 35.74 13.96 -169.40
C PRO CA 27 35.21 14.31 -168.01
N VAL CA 28 35.13 15.60 -167.72
CA VAL CA 28 34.54 16.04 -166.46
C VAL CA 28 33.07 15.67 -166.39
N GLY CA 29 32.34 15.89 -167.49
CA GLY CA 29 30.89 15.73 -167.45
C GLY CA 29 30.45 14.32 -167.16
N ARG CA 30 31.08 13.34 -167.80
CA ARG CA 30 30.70 11.95 -167.56
C ARG CA 30 30.95 11.56 -166.11
N VAL CA 31 32.07 12.01 -165.55
CA VAL CA 31 32.36 11.74 -164.15
C VAL CA 31 31.30 12.38 -163.26
N HIS CA 32 30.92 13.62 -163.58
CA HIS CA 32 29.87 14.30 -162.82
C HIS CA 32 28.57 13.50 -162.84
N ARG CA 33 28.18 13.03 -164.03
CA ARG CA 33 26.94 12.26 -164.16
C ARG CA 33 27.04 10.95 -163.37
N LEU CA 34 28.17 10.27 -163.45
CA LEU CA 34 28.33 9.03 -162.70
C LEU CA 34 28.26 9.27 -161.20
N LEU CA 35 28.80 10.40 -160.74
CA LEU CA 35 28.69 10.73 -159.33
C LEU CA 35 27.24 10.99 -158.95
N ARG CA 36 26.53 11.83 -159.71
CA ARG CA 36 25.16 12.18 -159.38
C ARG CA 36 24.19 11.03 -159.61
N LYS CA 37 24.61 9.98 -160.31
CA LYS CA 37 23.78 8.81 -160.57
C LYS CA 37 24.41 7.56 -159.98
N GLY CA 38 24.99 7.69 -158.79
CA GLY CA 38 25.68 6.59 -158.16
C GLY CA 38 25.33 6.41 -156.70
N ASN CA 39 24.36 7.17 -156.21
CA ASN CA 39 23.86 7.03 -154.84
C ASN CA 39 25.01 7.15 -153.83
N TYR CA 40 25.76 8.23 -153.94
CA TYR CA 40 26.88 8.49 -153.03
C TYR CA 40 26.58 9.59 -152.03
N ALA CA 41 25.78 10.58 -152.39
CA ALA CA 41 25.39 11.67 -151.50
C ALA CA 41 24.23 12.39 -152.16
N GLU CA 42 23.66 13.35 -151.44
CA GLU CA 42 22.55 14.13 -151.99
C GLU CA 42 23.05 15.16 -153.00
N ARG CA 43 24.20 15.78 -152.72
CA ARG CA 43 24.75 16.82 -153.58
C ARG CA 43 26.20 16.50 -153.91
N VAL CA 44 26.65 17.02 -155.05
CA VAL CA 44 28.01 16.82 -155.52
C VAL CA 44 28.63 18.18 -155.76
N GLY CA 45 29.84 18.38 -155.26
CA GLY CA 45 30.52 19.65 -155.44
C GLY CA 45 30.98 19.84 -156.87
N ALA CA 46 30.91 21.10 -157.33
CA ALA CA 46 31.30 21.41 -158.70
C ALA CA 46 32.77 21.14 -158.98
N GLY CA 47 33.59 21.03 -157.94
CA GLY CA 47 35.02 20.84 -158.13
C GLY CA 47 35.42 19.39 -157.97
N ALA CA 48 34.54 18.58 -157.38
CA ALA CA 48 34.88 17.18 -157.16
C ALA CA 48 35.19 16.45 -158.46
N PRO CA 49 34.37 16.53 -159.51
CA PRO CA 49 34.71 15.82 -160.74
C PRO CA 49 36.01 16.30 -161.35
N VAL CA 50 36.31 17.59 -161.28
CA VAL CA 50 37.57 18.08 -161.86
C VAL CA 50 38.75 17.45 -161.14
N TYR CA 51 38.71 17.46 -159.80
CA TYR CA 51 39.78 16.88 -159.01
C TYR CA 51 39.93 15.39 -159.33
N LEU CA 52 38.80 14.68 -159.37
CA LEU CA 52 38.85 13.24 -159.61
C LEU CA 52 39.39 12.92 -161.00
N ALA CA 53 38.94 13.69 -162.01
CA ALA CA 53 39.42 13.46 -163.36
C ALA CA 53 40.91 13.72 -163.45
N ALA CA 54 41.40 14.74 -162.76
CA ALA CA 54 42.83 14.97 -162.72
C ALA CA 54 43.56 13.78 -162.12
N VAL CA 55 43.04 13.25 -161.01
CA VAL CA 55 43.70 12.12 -160.36
C VAL CA 55 43.76 10.92 -161.30
N LEU CA 56 42.63 10.63 -161.94
CA LEU CA 56 42.58 9.47 -162.84
C LEU CA 56 43.50 9.65 -164.03
N GLU CA 57 43.55 10.86 -164.60
CA GLU CA 57 44.45 11.10 -165.73
C GLU CA 57 45.90 10.92 -165.30
N TYR CA 58 46.25 11.41 -164.10
CA TYR CA 58 47.61 11.24 -163.63
C TYR CA 58 47.95 9.76 -163.47
N LEU CA 59 47.04 8.99 -162.87
CA LEU CA 59 47.33 7.57 -162.68
C LEU CA 59 47.47 6.86 -164.03
N THR CA 60 46.61 7.21 -164.98
CA THR CA 60 46.67 6.60 -166.30
C THR CA 60 48.01 6.88 -166.96
N ALA CA 61 48.43 8.14 -166.94
CA ALA CA 61 49.73 8.49 -167.53
C ALA CA 61 50.86 7.76 -166.81
N GLU CA 62 50.76 7.68 -165.48
CA GLU CA 62 51.82 7.04 -164.70
C GLU CA 62 51.99 5.59 -165.11
N ILE CA 63 50.88 4.85 -165.22
CA ILE CA 63 50.99 3.44 -165.55
C ILE CA 63 51.39 3.25 -167.01
N LEU CA 64 50.84 4.08 -167.90
CA LEU CA 64 51.16 3.94 -169.32
C LEU CA 64 52.63 4.23 -169.59
N GLU CA 65 53.25 5.12 -168.81
CA GLU CA 65 54.67 5.39 -169.01
C GLU CA 65 55.50 4.12 -168.80
N LEU CA 66 55.24 3.42 -167.70
CA LEU CA 66 55.97 2.18 -167.43
C LEU CA 66 55.60 1.11 -168.45
N ALA CA 67 54.34 1.09 -168.89
CA ALA CA 67 53.96 0.14 -169.93
C ALA CA 67 54.76 0.37 -171.20
N GLY CA 68 54.87 1.63 -171.62
CA GLY CA 68 55.64 1.93 -172.82
C GLY CA 68 57.11 1.64 -172.64
N ASN CA 69 57.62 1.89 -171.43
CA ASN CA 69 59.01 1.54 -171.15
C ASN CA 69 59.22 0.04 -171.29
N ALA CA 70 58.28 -0.76 -170.77
CA ALA CA 70 58.37 -2.20 -170.92
C ALA CA 70 58.31 -2.60 -172.39
N ALA CA 71 57.42 -1.98 -173.16
CA ALA CA 71 57.31 -2.29 -174.58
C ALA CA 71 58.62 -1.99 -175.30
N ARG CA 72 59.23 -0.84 -175.02
CA ARG CA 72 60.50 -0.51 -175.63
C ARG CA 72 61.58 -1.51 -175.21
N ASP CA 73 61.56 -1.95 -173.96
CA ASP CA 73 62.57 -2.90 -173.50
C ASP CA 73 62.41 -4.23 -174.21
N ASN CA 74 61.18 -4.63 -174.51
CA ASN CA 74 60.91 -5.89 -175.19
C ASN CA 74 60.82 -5.75 -176.70
N LYS CA 75 61.25 -4.60 -177.24
CA LYS CA 75 61.29 -4.40 -178.68
C LYS CA 75 59.92 -4.66 -179.30
N LYS CA 76 58.92 -3.93 -178.81
CA LYS CA 76 57.57 -4.07 -179.31
C LYS CA 76 56.91 -2.70 -179.44
N THR CA 77 56.05 -2.58 -180.45
CA THR CA 77 55.31 -1.34 -180.70
C THR CA 77 54.01 -1.31 -179.93
N ARG CA 78 53.34 -2.44 -179.80
CA ARG CA 78 52.07 -2.53 -179.10
C ARG CA 78 52.29 -2.85 -177.63
N ILE CA 79 51.34 -2.45 -176.80
CA ILE CA 79 51.37 -2.73 -175.36
C ILE CA 79 50.47 -3.93 -175.11
N ILE CA 80 51.00 -4.92 -174.41
CA ILE CA 80 50.30 -6.18 -174.22
C ILE CA 80 50.13 -6.42 -172.74
N PRO CA 81 49.17 -7.25 -172.33
CA PRO CA 81 48.96 -7.47 -170.89
C PRO CA 81 50.19 -7.97 -170.16
N ARG CA 82 51.05 -8.73 -170.81
CA ARG CA 82 52.30 -9.11 -170.16
C ARG CA 82 53.10 -7.86 -169.81
N HIS CA 83 53.11 -6.88 -170.72
CA HIS CA 83 53.79 -5.62 -170.43
C HIS CA 83 53.16 -4.90 -169.24
N LEU CA 84 51.83 -4.88 -169.18
CA LEU CA 84 51.17 -4.24 -168.04
C LEU CA 84 51.52 -4.94 -166.75
N GLN CA 85 51.57 -6.26 -166.77
CA GLN CA 85 51.97 -7.01 -165.59
C GLN CA 85 53.38 -6.61 -165.17
N LEU CA 86 54.31 -6.61 -166.12
CA LEU CA 86 55.68 -6.27 -165.78
C LEU CA 86 55.77 -4.86 -165.21
N ALA CA 87 55.09 -3.91 -165.85
CA ALA CA 87 55.16 -2.53 -165.38
C ALA CA 87 54.61 -2.40 -163.97
N VAL CA 88 53.48 -3.03 -163.69
CA VAL CA 88 52.85 -2.89 -162.39
C VAL CA 88 53.68 -3.56 -161.31
N ARG CA 89 54.12 -4.79 -161.56
CA ARG CA 89 54.83 -5.52 -160.53
C ARG CA 89 56.26 -5.04 -160.35
N ASN CA 90 56.82 -4.35 -161.34
CA ASN CA 90 58.18 -3.83 -161.22
C ASN CA 90 58.23 -2.48 -160.52
N ASP CA 91 57.08 -1.87 -160.23
CA ASP CA 91 57.00 -0.63 -159.49
C ASP CA 91 56.40 -0.92 -158.12
N GLU CA 92 57.05 -0.44 -157.07
CA GLU CA 92 56.66 -0.80 -155.71
C GLU CA 92 55.33 -0.18 -155.32
N GLU CA 93 55.16 1.12 -155.56
CA GLU CA 93 53.93 1.78 -155.15
C GLU CA 93 52.73 1.21 -155.87
N LEU CA 94 52.84 0.98 -157.18
CA LEU CA 94 51.75 0.37 -157.91
C LEU CA 94 51.49 -1.04 -157.40
N ASN CA 95 52.53 -1.79 -157.06
CA ASN CA 95 52.35 -3.14 -156.55
C ASN CA 95 51.59 -3.14 -155.24
N LYS CA 96 51.87 -2.16 -154.38
CA LYS CA 96 51.12 -2.03 -153.14
C LYS CA 96 49.67 -1.62 -153.43
N LEU CA 97 49.48 -0.76 -154.43
CA LEU CA 97 48.14 -0.27 -154.72
C LEU CA 97 47.26 -1.34 -155.34
N LEU CA 98 47.84 -2.23 -156.12
CA LEU CA 98 47.11 -3.27 -156.85
C LEU CA 98 47.54 -4.65 -156.38
N GLY CA 99 47.76 -4.79 -155.08
CA GLY CA 99 48.25 -6.04 -154.53
C GLY CA 99 47.24 -7.16 -154.48
N ARG CA 100 45.98 -6.88 -154.82
CA ARG CA 100 44.91 -7.88 -154.84
C ARG CA 100 44.21 -7.89 -156.18
N VAL CA 101 44.98 -7.71 -157.25
CA VAL CA 101 44.44 -7.65 -158.60
C VAL CA 101 45.11 -8.74 -159.44
N THR CA 102 44.30 -9.53 -160.12
CA THR CA 102 44.77 -10.54 -161.06
C THR CA 102 44.51 -10.04 -162.48
N ILE CA 103 45.55 -10.05 -163.30
CA ILE CA 103 45.45 -9.57 -164.68
C ILE CA 103 45.43 -10.78 -165.61
N ALA CA 104 44.42 -10.84 -166.46
CA ALA CA 104 44.29 -11.96 -167.38
C ALA CA 104 45.44 -11.95 -168.38
N GLN CA 105 45.95 -13.15 -168.68
CA GLN CA 105 47.05 -13.29 -169.63
C GLN CA 105 48.22 -12.39 -169.24
N GLY CA 106 48.48 -12.32 -167.94
CA GLY CA 106 49.53 -11.46 -167.45
C GLY CA 106 50.76 -12.24 -167.02
N GLY CA 107 50.56 -13.47 -166.62
CA GLY CA 107 51.70 -14.26 -166.21
C GLY CA 107 52.27 -13.77 -164.89
N VAL CA 108 53.55 -14.10 -164.68
CA VAL CA 108 54.22 -13.85 -163.41
C VAL CA 108 55.58 -13.22 -163.68
N LEU CA 109 56.37 -13.04 -162.62
CA LEU CA 109 57.71 -12.49 -162.78
C LEU CA 109 58.74 -13.61 -162.77
N PRO CA 110 59.77 -13.55 -163.62
CA PRO CA 110 60.85 -14.54 -163.50
C PRO CA 110 61.50 -14.43 -162.14
N ASN CA 111 61.52 -15.52 -161.40
CA ASN CA 111 62.11 -15.52 -160.06
C ASN CA 111 62.46 -16.94 -159.68
N ILE CA 112 63.75 -17.20 -159.45
CA ILE CA 112 64.25 -18.49 -159.02
C ILE CA 112 65.03 -18.29 -157.74
N GLN CA 113 64.76 -19.12 -156.74
CA GLN CA 113 65.45 -18.97 -155.47
C GLN CA 113 66.91 -19.41 -155.60
N SER CA 114 67.77 -18.73 -154.85
CA SER CA 114 69.21 -18.93 -154.98
C SER CA 114 69.68 -20.29 -154.49
N VAL CA 115 68.87 -20.99 -153.69
CA VAL CA 115 69.27 -22.29 -153.18
C VAL CA 115 68.87 -23.42 -154.12
N LEU CA 116 67.96 -23.17 -155.07
CA LEU CA 116 67.54 -24.20 -156.01
C LEU CA 116 68.55 -24.44 -157.12
N LEU CA 117 69.39 -23.45 -157.44
CA LEU CA 117 70.35 -23.60 -158.52
C LEU CA 117 71.78 -23.67 -157.99
N PRO CA 118 72.65 -24.49 -158.59
CA PRO CA 118 74.03 -24.57 -158.11
C PRO CA 118 74.87 -23.37 -158.51
N THR DA 30 22.75 -1.43 -179.14
CA THR DA 30 22.63 -0.24 -178.25
C THR DA 30 23.99 0.28 -177.82
N ARG DA 31 24.13 1.61 -177.78
CA ARG DA 31 25.41 2.24 -177.49
C ARG DA 31 25.78 2.09 -176.01
N LYS DA 32 27.08 2.06 -175.74
CA LYS DA 32 27.60 1.90 -174.38
C LYS DA 32 28.80 2.80 -174.18
N GLU DA 33 28.97 3.29 -172.96
CA GLU DA 33 30.07 4.17 -172.60
C GLU DA 33 31.37 3.39 -172.42
N SER DA 34 32.49 4.10 -172.60
CA SER DA 34 33.82 3.52 -172.46
C SER DA 34 34.81 4.63 -172.13
N TYR DA 35 36.08 4.26 -172.00
CA TYR DA 35 37.17 5.22 -171.81
C TYR DA 35 38.26 5.11 -172.88
N ALA DA 36 38.02 4.34 -173.95
CA ALA DA 36 39.11 3.98 -174.84
C ALA DA 36 39.75 5.22 -175.46
N ILE DA 37 38.94 6.10 -176.03
CA ILE DA 37 39.49 7.24 -176.77
C ILE DA 37 40.32 8.11 -175.84
N TYR DA 38 39.84 8.31 -174.60
CA TYR DA 38 40.57 9.15 -173.66
C TYR DA 38 41.92 8.54 -173.31
N VAL DA 39 41.93 7.22 -173.04
CA VAL DA 39 43.19 6.56 -172.75
C VAL DA 39 44.14 6.66 -173.92
N TYR DA 40 43.63 6.49 -175.14
CA TYR DA 40 44.47 6.58 -176.31
C TYR DA 40 45.05 7.98 -176.45
N LYS DA 41 44.25 9.01 -176.15
CA LYS DA 41 44.77 10.38 -176.21
C LYS DA 41 45.88 10.57 -175.18
N VAL DA 42 45.71 10.02 -173.98
CA VAL DA 42 46.78 10.11 -172.99
C VAL DA 42 48.04 9.41 -173.51
N LEU DA 43 47.88 8.21 -174.05
CA LEU DA 43 49.03 7.44 -174.51
C LEU DA 43 49.76 8.19 -175.61
N LYS DA 44 49.01 8.75 -176.56
CA LYS DA 44 49.62 9.55 -177.62
C LYS DA 44 50.34 10.78 -177.08
N GLN DA 45 50.07 11.17 -175.84
CA GLN DA 45 50.79 12.25 -175.19
C GLN DA 45 52.04 11.76 -174.48
N VAL DA 46 52.00 10.59 -173.85
CA VAL DA 46 53.18 10.10 -173.15
C VAL DA 46 54.04 9.17 -173.99
N HIS DA 47 53.56 8.69 -175.13
CA HIS DA 47 54.38 7.93 -176.07
C HIS DA 47 53.87 8.21 -177.48
N PRO DA 48 54.49 9.15 -178.19
CA PRO DA 48 53.96 9.53 -179.51
C PRO DA 48 53.87 8.37 -180.48
N ASP DA 49 54.76 7.37 -180.36
CA ASP DA 49 54.79 6.23 -181.26
C ASP DA 49 54.67 4.97 -180.41
N THR DA 50 53.43 4.54 -180.14
CA THR DA 50 53.20 3.33 -179.37
C THR DA 50 51.75 2.87 -179.50
N GLY DA 51 51.56 1.59 -179.83
CA GLY DA 51 50.24 1.01 -179.95
C GLY DA 51 49.83 0.27 -178.68
N ILE DA 52 48.53 0.05 -178.56
CA ILE DA 52 47.96 -0.63 -177.39
C ILE DA 52 46.91 -1.62 -177.88
N SER DA 53 46.97 -2.85 -177.34
CA SER DA 53 46.09 -3.92 -177.77
C SER DA 53 44.70 -3.78 -177.13
N SER DA 54 43.72 -4.46 -177.72
CA SER DA 54 42.36 -4.37 -177.23
C SER DA 54 42.24 -4.94 -175.82
N LYS DA 55 42.94 -6.05 -175.55
CA LYS DA 55 42.95 -6.61 -174.21
C LYS DA 55 43.50 -5.59 -173.21
N ALA DA 56 44.58 -4.91 -173.59
CA ALA DA 56 45.15 -3.89 -172.72
C ALA DA 56 44.14 -2.77 -172.49
N MET DA 57 43.43 -2.37 -173.54
CA MET DA 57 42.44 -1.32 -173.38
C MET DA 57 41.34 -1.75 -172.41
N SER DA 58 40.91 -3.00 -172.49
CA SER DA 58 39.92 -3.49 -171.55
C SER DA 58 40.43 -3.52 -170.13
N ILE DA 59 41.69 -3.94 -169.94
CA ILE DA 59 42.26 -3.93 -168.61
C ILE DA 59 42.31 -2.51 -168.07
N MET DA 60 42.69 -1.55 -168.92
CA MET DA 60 42.76 -0.16 -168.48
C MET DA 60 41.38 0.34 -168.10
N ASN DA 61 40.36 -0.01 -168.87
CA ASN DA 61 38.99 0.36 -168.50
C ASN DA 61 38.65 -0.20 -167.13
N SER DA 62 39.02 -1.45 -166.89
CA SER DA 62 38.75 -2.06 -165.59
C SER DA 62 39.45 -1.30 -164.48
N PHE DA 63 40.70 -0.92 -164.71
CA PHE DA 63 41.46 -0.21 -163.69
C PHE DA 63 40.85 1.16 -163.39
N VAL DA 64 40.48 1.88 -164.44
CA VAL DA 64 39.87 3.19 -164.25
C VAL DA 64 38.57 3.05 -163.46
N ASN DA 65 37.73 2.08 -163.84
CA ASN DA 65 36.48 1.88 -163.12
C ASN DA 65 36.74 1.52 -161.66
N ASP DA 66 37.71 0.65 -161.42
CA ASP DA 66 37.99 0.21 -160.06
C ASP DA 66 38.45 1.37 -159.18
N VAL DA 67 39.39 2.18 -159.69
CA VAL DA 67 39.87 3.31 -158.90
C VAL DA 67 38.76 4.32 -158.67
N PHE DA 68 37.95 4.59 -159.69
CA PHE DA 68 36.86 5.53 -159.53
C PHE DA 68 35.91 5.06 -158.44
N GLU DA 69 35.56 3.77 -158.46
CA GLU DA 69 34.67 3.25 -157.44
C GLU DA 69 35.29 3.36 -156.06
N ARG DA 70 36.57 3.00 -155.91
CA ARG DA 70 37.21 3.08 -154.61
C ARG DA 70 37.16 4.49 -154.06
N ILE DA 71 37.59 5.46 -154.85
CA ILE DA 71 37.65 6.84 -154.39
C ILE DA 71 36.25 7.34 -154.06
N ALA DA 72 35.27 7.05 -154.93
CA ALA DA 72 33.92 7.55 -154.69
C ALA DA 72 33.33 6.98 -153.42
N GLY DA 73 33.49 5.67 -153.20
CA GLY DA 73 32.94 5.07 -152.00
C GLY DA 73 33.59 5.59 -150.74
N GLU DA 74 34.92 5.78 -150.78
CA GLU DA 74 35.57 6.35 -149.62
C GLU DA 74 35.07 7.76 -149.36
N ALA DA 75 34.90 8.55 -150.42
CA ALA DA 75 34.39 9.90 -150.27
C ALA DA 75 32.98 9.90 -149.66
N SER DA 76 32.12 8.98 -150.10
CA SER DA 76 30.79 8.91 -149.51
C SER DA 76 30.86 8.54 -148.05
N ARG DA 77 31.76 7.61 -147.69
CA ARG DA 77 31.85 7.21 -146.30
C ARG DA 77 32.30 8.39 -145.45
N LEU DA 78 33.26 9.15 -145.93
CA LEU DA 78 33.71 10.33 -145.20
C LEU DA 78 32.58 11.33 -145.08
N ALA DA 79 31.91 11.61 -146.20
CA ALA DA 79 30.80 12.55 -146.20
C ALA DA 79 29.72 12.13 -145.24
N HIS DA 80 29.57 10.83 -145.02
CA HIS DA 80 28.60 10.39 -144.05
C HIS DA 80 29.09 10.54 -142.63
N TYR DA 81 30.40 10.42 -142.41
CA TYR DA 81 30.90 10.51 -141.06
C TYR DA 81 30.67 11.90 -140.47
N ASN DA 82 30.83 12.93 -141.28
CA ASN DA 82 30.69 14.31 -140.85
C ASN DA 82 29.32 14.90 -141.18
N LYS DA 83 28.36 14.06 -141.52
CA LYS DA 83 26.98 14.50 -141.76
C LYS DA 83 26.95 15.67 -142.74
N ARG DA 84 27.40 15.40 -143.95
CA ARG DA 84 27.41 16.40 -145.00
C ARG DA 84 26.62 15.89 -146.19
N SER DA 85 25.75 16.75 -146.72
CA SER DA 85 24.96 16.39 -147.89
C SER DA 85 25.80 16.42 -149.17
N THR DA 86 26.85 17.22 -149.19
CA THR DA 86 27.61 17.50 -150.39
C THR DA 86 28.99 16.86 -150.30
N ILE DA 87 29.39 16.17 -151.35
CA ILE DA 87 30.77 15.71 -151.51
C ILE DA 87 31.51 16.80 -152.30
N THR DA 88 32.53 17.38 -151.69
CA THR DA 88 33.28 18.45 -152.30
C THR DA 88 34.71 18.00 -152.57
N SER DA 89 35.48 18.85 -153.25
CA SER DA 89 36.86 18.51 -153.57
C SER DA 89 37.65 18.19 -152.31
N ARG DA 90 37.28 18.79 -151.18
CA ARG DA 90 37.99 18.51 -149.93
C ARG DA 90 37.84 17.04 -149.54
N GLU DA 91 36.61 16.52 -149.63
CA GLU DA 91 36.41 15.10 -149.31
C GLU DA 91 37.15 14.22 -150.29
N ILE DA 92 37.13 14.58 -151.58
CA ILE DA 92 37.83 13.78 -152.57
C ILE DA 92 39.31 13.76 -152.26
N GLN DA 93 39.88 14.91 -151.91
CA GLN DA 93 41.30 14.98 -151.59
C GLN DA 93 41.61 14.14 -150.36
N THR DA 94 40.75 14.20 -149.34
CA THR DA 94 40.96 13.37 -148.16
C THR DA 94 40.94 11.89 -148.55
N ALA DA 95 39.99 11.52 -149.40
CA ALA DA 95 39.87 10.12 -149.82
C ALA DA 95 41.13 9.69 -150.55
N VAL DA 96 41.60 10.51 -151.49
CA VAL DA 96 42.78 10.16 -152.26
C VAL DA 96 43.97 10.01 -151.33
N ARG DA 97 44.13 10.95 -150.40
CA ARG DA 97 45.26 10.88 -149.48
C ARG DA 97 45.20 9.60 -148.66
N LEU DA 98 44.01 9.23 -148.21
CA LEU DA 98 43.88 7.99 -147.44
C LEU DA 98 44.19 6.77 -148.28
N LEU DA 99 43.92 6.83 -149.58
CA LEU DA 99 43.91 5.62 -150.39
C LEU DA 99 45.22 5.36 -151.14
N LEU DA 100 45.93 6.39 -151.56
CA LEU DA 100 47.16 6.17 -152.32
C LEU DA 100 48.37 6.18 -151.40
N PRO DA 101 49.32 5.26 -151.55
CA PRO DA 101 50.49 5.26 -150.69
C PRO DA 101 51.66 6.06 -151.23
N GLY DA 102 52.43 6.64 -150.31
CA GLY DA 102 53.69 7.26 -150.65
C GLY DA 102 53.55 8.48 -151.54
N GLU DA 103 54.65 8.80 -152.23
CA GLU DA 103 54.73 10.04 -153.00
C GLU DA 103 53.64 10.12 -154.07
N LEU DA 104 53.08 8.98 -154.46
CA LEU DA 104 52.02 9.00 -155.47
C LEU DA 104 50.86 9.85 -155.01
N ALA DA 105 50.49 9.76 -153.73
CA ALA DA 105 49.43 10.62 -153.21
C ALA DA 105 49.82 12.08 -153.33
N LYS DA 106 51.08 12.41 -153.03
CA LYS DA 106 51.52 13.79 -153.11
C LYS DA 106 51.33 14.34 -154.53
N HIS DA 107 51.82 13.60 -155.52
CA HIS DA 107 51.69 14.06 -156.90
C HIS DA 107 50.23 14.14 -157.31
N ALA DA 108 49.42 13.17 -156.88
CA ALA DA 108 48.01 13.20 -157.22
C ALA DA 108 47.35 14.47 -156.68
N VAL DA 109 47.63 14.79 -155.42
CA VAL DA 109 47.08 15.99 -154.82
C VAL DA 109 47.54 17.22 -155.59
N SER DA 110 48.83 17.26 -155.91
CA SER DA 110 49.36 18.39 -156.66
C SER DA 110 48.61 18.59 -157.96
N GLU DA 111 48.44 17.50 -158.71
CA GLU DA 111 47.77 17.58 -160.00
C GLU DA 111 46.33 18.04 -159.85
N GLY DA 112 45.62 17.46 -158.89
CA GLY DA 112 44.23 17.86 -158.70
C GLY DA 112 44.10 19.32 -158.31
N THR DA 113 44.96 19.77 -157.39
CA THR DA 113 44.91 21.17 -156.98
C THR DA 113 45.20 22.09 -158.14
N LYS DA 114 46.22 21.75 -158.93
CA LYS DA 114 46.54 22.57 -160.10
C LYS DA 114 45.34 22.64 -161.04
N ALA DA 115 44.71 21.50 -161.29
CA ALA DA 115 43.58 21.48 -162.22
C ALA DA 115 42.43 22.31 -161.68
N VAL DA 116 42.14 22.21 -160.39
CA VAL DA 116 41.04 22.98 -159.84
C VAL DA 116 41.34 24.46 -159.90
N THR DA 117 42.56 24.83 -159.51
CA THR DA 117 42.94 26.23 -159.51
C THR DA 117 42.78 26.81 -160.89
N LYS DA 118 43.30 26.12 -161.90
CA LYS DA 118 43.12 26.58 -163.28
C LYS DA 118 41.65 26.61 -163.66
N TYR DA 119 40.85 25.69 -163.11
CA TYR DA 119 39.44 25.66 -163.45
C TYR DA 119 38.74 26.91 -162.96
N THR DA 120 39.06 27.37 -161.76
CA THR DA 120 38.37 28.53 -161.22
C THR DA 120 38.62 29.77 -162.08
N SER DA 121 39.88 30.02 -162.44
CA SER DA 121 40.22 31.20 -163.21
C SER DA 121 39.65 31.08 -164.61
N HIS EA 40 72.67 -39.67 -174.42
CA HIS EA 40 72.88 -38.41 -173.65
C HIS EA 40 71.70 -38.13 -172.74
N ARG EA 41 71.99 -37.73 -171.50
CA ARG EA 41 70.99 -37.39 -170.50
C ARG EA 41 71.39 -36.09 -169.81
N TYR EA 42 70.40 -35.22 -169.57
CA TYR EA 42 70.63 -34.07 -168.72
C TYR EA 42 70.42 -34.47 -167.26
N ARG EA 43 71.31 -33.99 -166.40
CA ARG EA 43 71.34 -34.43 -165.01
C ARG EA 43 70.04 -34.03 -164.30
N PRO EA 44 69.56 -34.86 -163.37
CA PRO EA 44 68.29 -34.55 -162.70
C PRO EA 44 68.28 -33.14 -162.14
N GLY EA 45 67.22 -32.40 -162.47
CA GLY EA 45 67.03 -31.04 -162.02
C GLY EA 45 67.36 -30.00 -163.07
N THR EA 46 68.27 -30.31 -164.00
CA THR EA 46 68.62 -29.35 -165.04
C THR EA 46 67.41 -29.06 -165.91
N VAL EA 47 66.76 -30.10 -166.43
CA VAL EA 47 65.58 -29.88 -167.25
C VAL EA 47 64.48 -29.27 -166.40
N ALA EA 48 64.48 -29.55 -165.10
CA ALA EA 48 63.52 -28.89 -164.21
C ALA EA 48 63.70 -27.38 -164.24
N LEU EA 49 64.95 -26.92 -164.13
CA LEU EA 49 65.20 -25.49 -164.20
C LEU EA 49 64.86 -24.94 -165.58
N ARG EA 50 65.15 -25.71 -166.63
CA ARG EA 50 64.81 -25.28 -167.97
C ARG EA 50 63.31 -25.04 -168.09
N GLU EA 51 62.52 -25.98 -167.57
CA GLU EA 51 61.07 -25.82 -167.58
C GLU EA 51 60.65 -24.63 -166.74
N ILE EA 52 61.27 -24.45 -165.58
CA ILE EA 52 60.92 -23.32 -164.73
C ILE EA 52 61.08 -22.03 -165.50
N ARG EA 53 62.24 -21.86 -166.13
CA ARG EA 53 62.50 -20.66 -166.91
C ARG EA 53 61.48 -20.50 -168.02
N ARG EA 54 61.29 -21.54 -168.83
CA ARG EA 54 60.46 -21.36 -170.02
C ARG EA 54 59.01 -21.10 -169.64
N TYR EA 55 58.51 -21.72 -168.57
CA TYR EA 55 57.12 -21.52 -168.20
C TYR EA 55 56.91 -20.22 -167.45
N GLN EA 56 57.93 -19.71 -166.76
CA GLN EA 56 57.82 -18.36 -166.23
C GLN EA 56 57.91 -17.31 -167.32
N LYS EA 57 58.61 -17.64 -168.40
CA LYS EA 57 58.67 -16.72 -169.54
C LYS EA 57 57.34 -16.68 -170.26
N SER EA 58 56.71 -17.83 -170.46
CA SER EA 58 55.48 -17.91 -171.22
C SER EA 58 54.30 -17.39 -170.38
N THR EA 59 53.18 -17.17 -171.08
CA THR EA 59 51.99 -16.60 -170.47
C THR EA 59 50.74 -17.39 -170.80
N GLU EA 60 50.87 -18.51 -171.50
CA GLU EA 60 49.71 -19.28 -171.90
C GLU EA 60 49.09 -19.99 -170.70
N LEU EA 61 47.92 -20.57 -170.92
CA LEU EA 61 47.27 -21.39 -169.90
C LEU EA 61 47.89 -22.77 -169.86
N LEU EA 62 47.82 -23.41 -168.70
CA LEU EA 62 48.40 -24.74 -168.54
C LEU EA 62 47.37 -25.85 -168.52
N ILE EA 63 46.14 -25.57 -168.10
CA ILE EA 63 45.12 -26.59 -167.96
C ILE EA 63 44.33 -26.69 -169.26
N ARG EA 64 44.02 -27.91 -169.65
CA ARG EA 64 43.31 -28.15 -170.90
C ARG EA 64 41.86 -27.71 -170.76
N LYS EA 65 41.34 -27.08 -171.82
CA LYS EA 65 40.04 -26.42 -171.71
C LYS EA 65 38.91 -27.42 -171.55
N LEU EA 66 38.89 -28.50 -172.35
CA LEU EA 66 37.78 -29.43 -172.28
C LEU EA 66 37.65 -30.09 -170.93
N PRO EA 67 38.70 -30.66 -170.33
CA PRO EA 67 38.54 -31.23 -168.98
C PRO EA 67 38.03 -30.23 -167.97
N PHE EA 68 38.54 -29.00 -168.03
CA PHE EA 68 38.12 -27.97 -167.09
C PHE EA 68 36.65 -27.64 -167.26
N GLN EA 69 36.20 -27.51 -168.51
CA GLN EA 69 34.79 -27.22 -168.78
C GLN EA 69 33.91 -28.34 -168.26
N ARG EA 70 34.32 -29.59 -168.49
CA ARG EA 70 33.56 -30.71 -167.97
C ARG EA 70 33.50 -30.67 -166.45
N LEU EA 71 34.62 -30.36 -165.80
CA LEU EA 71 34.63 -30.28 -164.34
C LEU EA 71 33.67 -29.22 -163.85
N VAL EA 72 33.72 -28.03 -164.45
CA VAL EA 72 32.85 -26.95 -164.02
C VAL EA 72 31.39 -27.34 -164.21
N ARG EA 73 31.05 -27.80 -165.41
CA ARG EA 73 29.66 -28.14 -165.69
C ARG EA 73 29.19 -29.31 -164.84
N GLU EA 74 30.11 -30.14 -164.34
CA GLU EA 74 29.71 -31.21 -163.44
C GLU EA 74 29.43 -30.68 -162.05
N ILE EA 75 30.35 -29.89 -161.49
CA ILE EA 75 30.17 -29.40 -160.12
C ILE EA 75 29.20 -28.24 -160.05
N ALA EA 76 28.64 -27.81 -161.16
CA ALA EA 76 27.62 -26.77 -161.17
C ALA EA 76 26.22 -27.34 -161.01
N GLN EA 77 26.10 -28.60 -160.63
CA GLN EA 77 24.80 -29.25 -160.49
C GLN EA 77 24.43 -29.36 -159.02
N PHE EA 79 23.44 -27.20 -157.31
CA PHE EA 79 23.18 -25.78 -157.18
C PHE EA 79 21.95 -25.39 -157.98
N LYS EA 80 21.99 -25.66 -159.27
CA LYS EA 80 20.85 -25.39 -160.13
C LYS EA 80 20.96 -26.28 -161.35
N THR EA 81 19.99 -27.15 -161.55
CA THR EA 81 20.01 -28.06 -162.68
C THR EA 81 19.79 -27.32 -163.98
N ASP EA 82 20.31 -27.88 -165.07
CA ASP EA 82 20.07 -27.39 -166.42
C ASP EA 82 20.47 -25.92 -166.54
N LEU EA 83 21.76 -25.68 -166.35
CA LEU EA 83 22.34 -24.35 -166.42
C LEU EA 83 22.98 -24.11 -167.79
N ARG EA 84 23.18 -22.84 -168.11
CA ARG EA 84 23.81 -22.43 -169.35
C ARG EA 84 24.90 -21.41 -169.02
N PHE EA 85 25.96 -21.41 -169.81
CA PHE EA 85 27.17 -20.66 -169.51
C PHE EA 85 27.66 -19.88 -170.72
N GLN EA 86 28.12 -18.66 -170.47
CA GLN EA 86 28.92 -17.94 -171.45
C GLN EA 86 30.36 -18.43 -171.40
N SER EA 87 30.99 -18.51 -172.58
CA SER EA 87 32.36 -19.01 -172.65
C SER EA 87 33.29 -18.13 -171.82
N SER EA 88 33.12 -16.82 -171.90
CA SER EA 88 33.98 -15.92 -171.15
C SER EA 88 33.96 -16.25 -169.67
N ALA EA 89 32.84 -16.76 -169.17
CA ALA EA 89 32.77 -17.16 -167.77
C ALA EA 89 33.76 -18.27 -167.49
N VAL EA 90 33.78 -19.30 -168.34
CA VAL EA 90 34.70 -20.40 -168.10
C VAL EA 90 36.14 -19.92 -168.26
N MET EA 91 36.37 -18.98 -169.19
CA MET EA 91 37.72 -18.46 -169.33
C MET EA 91 38.18 -17.69 -168.11
N ALA EA 92 37.28 -16.91 -167.51
CA ALA EA 92 37.66 -16.19 -166.31
C ALA EA 92 37.86 -17.14 -165.14
N LEU EA 93 37.02 -18.16 -165.04
CA LEU EA 93 37.21 -19.16 -164.00
C LEU EA 93 38.56 -19.84 -164.14
N GLN EA 94 38.93 -20.22 -165.35
CA GLN EA 94 40.21 -20.86 -165.57
C GLN EA 94 41.34 -19.92 -165.18
N GLU EA 95 41.24 -18.67 -165.60
CA GLU EA 95 42.29 -17.70 -165.27
C GLU EA 95 42.45 -17.59 -163.76
N ALA EA 96 41.35 -17.36 -163.05
CA ALA EA 96 41.40 -17.17 -161.61
C ALA EA 96 41.95 -18.42 -160.92
N SER EA 97 41.54 -19.60 -161.38
CA SER EA 97 42.00 -20.83 -160.76
C SER EA 97 43.50 -21.01 -160.95
N GLU EA 98 43.99 -20.79 -162.17
CA GLU EA 98 45.42 -20.95 -162.38
C GLU EA 98 46.20 -19.92 -161.57
N ALA EA 99 45.69 -18.69 -161.48
CA ALA EA 99 46.37 -17.68 -160.68
C ALA EA 99 46.41 -18.09 -159.22
N TYR EA 100 45.28 -18.57 -158.68
CA TYR EA 100 45.23 -18.96 -157.29
C TYR EA 100 46.17 -20.11 -157.01
N LEU EA 101 46.23 -21.09 -157.91
CA LEU EA 101 47.13 -22.20 -157.71
C LEU EA 101 48.59 -21.75 -157.75
N VAL EA 102 48.92 -20.84 -158.67
CA VAL EA 102 50.30 -20.36 -158.72
C VAL EA 102 50.66 -19.63 -157.42
N ALA EA 103 49.77 -18.75 -156.97
CA ALA EA 103 50.03 -18.05 -155.73
C ALA EA 103 50.19 -18.98 -154.56
N LEU EA 104 49.38 -20.03 -154.50
CA LEU EA 104 49.52 -21.00 -153.42
C LEU EA 104 50.83 -21.74 -153.50
N PHE EA 105 51.21 -22.20 -154.70
CA PHE EA 105 52.43 -22.96 -154.82
C PHE EA 105 53.65 -22.12 -154.47
N GLU EA 106 53.60 -20.81 -154.72
CA GLU EA 106 54.73 -19.98 -154.35
C GLU EA 106 54.98 -20.08 -152.85
N ASP EA 107 53.93 -19.94 -152.05
CA ASP EA 107 54.10 -20.07 -150.61
C ASP EA 107 54.48 -21.48 -150.23
N THR EA 108 53.98 -22.48 -150.96
CA THR EA 108 54.40 -23.84 -150.68
C THR EA 108 55.90 -23.97 -150.83
N ASN EA 109 56.46 -23.42 -151.91
CA ASN EA 109 57.89 -23.48 -152.14
C ASN EA 109 58.64 -22.72 -151.04
N LEU EA 110 58.11 -21.58 -150.62
CA LEU EA 110 58.74 -20.84 -149.55
C LEU EA 110 58.80 -21.68 -148.28
N CYS EA 111 57.70 -22.34 -147.94
CA CYS EA 111 57.69 -23.19 -146.76
C CYS EA 111 58.70 -24.31 -146.88
N ALA EA 112 58.69 -25.03 -148.01
CA ALA EA 112 59.61 -26.14 -148.17
C ALA EA 112 61.05 -25.67 -148.01
N ILE EA 113 61.37 -24.51 -148.58
CA ILE EA 113 62.72 -23.98 -148.43
C ILE EA 113 63.00 -23.69 -146.96
N HIS EA 114 62.03 -23.07 -146.27
CA HIS EA 114 62.21 -22.82 -144.86
C HIS EA 114 62.48 -24.10 -144.09
N ALA EA 115 61.83 -25.19 -144.49
CA ALA EA 115 62.07 -26.48 -143.89
C ALA EA 115 63.38 -27.11 -144.35
N LYS EA 116 64.20 -26.38 -145.10
CA LYS EA 116 65.46 -26.90 -145.63
C LYS EA 116 65.23 -28.16 -146.45
N ARG EA 117 64.21 -28.12 -147.30
CA ARG EA 117 63.91 -29.20 -148.23
C ARG EA 117 63.80 -28.65 -149.63
N VAL EA 118 64.13 -29.49 -150.61
CA VAL EA 118 63.90 -29.16 -152.01
C VAL EA 118 62.50 -29.59 -152.42
N THR EA 119 62.12 -30.81 -152.05
CA THR EA 119 60.82 -31.34 -152.41
C THR EA 119 59.72 -30.68 -151.58
N ILE EA 120 58.66 -30.26 -152.24
CA ILE EA 120 57.47 -29.79 -151.54
C ILE EA 120 56.67 -31.00 -151.07
N MET EA 121 55.97 -30.84 -149.96
CA MET EA 121 55.18 -31.92 -149.39
C MET EA 121 53.82 -31.37 -148.98
N PRO EA 122 52.80 -32.23 -148.88
CA PRO EA 122 51.46 -31.71 -148.55
C PRO EA 122 51.43 -30.92 -147.27
N LYS EA 123 52.23 -31.28 -146.27
CA LYS EA 123 52.25 -30.51 -145.04
C LYS EA 123 52.65 -29.06 -145.31
N ASP EA 124 53.49 -28.83 -146.31
CA ASP EA 124 53.83 -27.46 -146.67
C ASP EA 124 52.60 -26.71 -147.16
N ILE EA 125 51.78 -27.34 -147.99
CA ILE EA 125 50.56 -26.70 -148.45
C ILE EA 125 49.63 -26.44 -147.28
N GLN EA 126 49.52 -27.41 -146.38
CA GLN EA 126 48.63 -27.24 -145.24
C GLN EA 126 49.08 -26.06 -144.39
N LEU EA 127 50.39 -25.95 -144.16
CA LEU EA 127 50.90 -24.80 -143.41
C LEU EA 127 50.61 -23.50 -144.13
N ALA EA 128 50.80 -23.49 -145.45
CA ALA EA 128 50.56 -22.27 -146.21
C ALA EA 128 49.10 -21.85 -146.08
N ARG EA 129 48.18 -22.81 -146.19
CA ARG EA 129 46.77 -22.47 -146.10
C ARG EA 129 46.34 -22.15 -144.69
N ARG EA 130 47.03 -22.71 -143.69
CA ARG EA 130 46.75 -22.36 -142.31
C ARG EA 130 47.15 -20.92 -142.02
N ILE EA 131 48.37 -20.56 -142.39
CA ILE EA 131 48.84 -19.20 -142.13
C ILE EA 131 48.04 -18.22 -142.98
N ARG EA 132 47.73 -18.60 -144.23
CA ARG EA 132 47.02 -17.71 -145.12
C ARG EA 132 45.65 -17.34 -144.56
N GLY EA 133 45.09 -18.18 -143.71
CA GLY EA 133 43.80 -17.89 -143.12
C GLY EA 133 42.66 -18.57 -143.84
N GLU EA 134 42.82 -19.85 -144.17
CA GLU EA 134 41.76 -20.62 -144.81
C GLU EA 134 41.45 -21.87 -144.00
N ASP FA 1 33.17 -38.18 -162.63
CA ASP FA 1 34.52 -38.01 -162.04
C ASP FA 1 35.43 -37.24 -162.99
N ASN FA 2 35.16 -35.96 -163.16
CA ASN FA 2 35.95 -35.10 -164.03
C ASN FA 2 37.09 -34.40 -163.30
N ILE FA 3 37.20 -34.57 -161.99
CA ILE FA 3 38.32 -33.97 -161.27
C ILE FA 3 39.62 -34.67 -161.63
N GLN FA 4 39.55 -35.91 -162.09
CA GLN FA 4 40.75 -36.59 -162.56
C GLN FA 4 41.25 -36.04 -163.88
N GLY FA 5 40.49 -35.16 -164.53
CA GLY FA 5 40.94 -34.52 -165.75
C GLY FA 5 41.94 -33.40 -165.54
N ILE FA 6 42.23 -33.05 -164.30
CA ILE FA 6 43.31 -32.10 -163.99
C ILE FA 6 44.55 -32.96 -163.82
N THR FA 7 45.28 -33.14 -164.92
CA THR FA 7 46.25 -34.19 -165.04
C THR FA 7 47.55 -33.85 -164.32
N LYS FA 8 48.32 -34.89 -163.99
CA LYS FA 8 49.62 -34.71 -163.36
C LYS FA 8 50.54 -33.80 -164.17
N PRO FA 9 50.65 -33.94 -165.50
CA PRO FA 9 51.45 -32.97 -166.25
C PRO FA 9 50.98 -31.54 -166.07
N ALA FA 10 49.67 -31.30 -166.00
CA ALA FA 10 49.17 -29.94 -165.83
C ALA FA 10 49.60 -29.37 -164.48
N ILE FA 11 49.45 -30.16 -163.41
CA ILE FA 11 49.84 -29.68 -162.09
C ILE FA 11 51.35 -29.46 -162.04
N ARG FA 12 52.11 -30.35 -162.67
CA ARG FA 12 53.56 -30.17 -162.70
C ARG FA 12 53.94 -28.89 -163.42
N ARG FA 13 53.26 -28.59 -164.55
CA ARG FA 13 53.53 -27.34 -165.25
C ARG FA 13 53.17 -26.14 -164.39
N LEU FA 14 52.03 -26.19 -163.69
CA LEU FA 14 51.68 -25.07 -162.83
C LEU FA 14 52.72 -24.87 -161.74
N ALA FA 15 53.17 -25.97 -161.12
CA ALA FA 15 54.21 -25.85 -160.10
C ALA FA 15 55.47 -25.25 -160.69
N ARG FA 16 55.89 -25.73 -161.86
CA ARG FA 16 57.04 -25.16 -162.52
C ARG FA 16 56.87 -23.66 -162.65
N ARG FA 17 55.69 -23.21 -163.09
CA ARG FA 17 55.46 -21.77 -163.15
C ARG FA 17 55.56 -21.16 -161.77
N GLY FA 18 55.26 -21.94 -160.72
CA GLY FA 18 55.37 -21.43 -159.38
C GLY FA 18 56.79 -21.36 -158.87
N GLY FA 19 57.73 -22.02 -159.53
CA GLY FA 19 59.09 -22.05 -159.08
C GLY FA 19 59.45 -23.24 -158.22
N VAL FA 20 58.77 -24.36 -158.38
CA VAL FA 20 59.11 -25.57 -157.65
C VAL FA 20 60.07 -26.41 -158.49
N LYS FA 21 61.10 -26.94 -157.84
CA LYS FA 21 62.07 -27.79 -158.52
C LYS FA 21 61.75 -29.27 -158.38
N ARG FA 22 61.33 -29.72 -157.19
CA ARG FA 22 61.13 -31.13 -156.91
C ARG FA 22 59.75 -31.30 -156.28
N ILE FA 23 58.96 -32.22 -156.83
CA ILE FA 23 57.56 -32.38 -156.46
C ILE FA 23 57.36 -33.76 -155.86
N SER FA 24 56.71 -33.81 -154.70
CA SER FA 24 56.37 -35.08 -154.09
C SER FA 24 55.22 -35.73 -154.86
N GLY FA 25 55.07 -37.04 -154.65
CA GLY FA 25 54.02 -37.77 -155.33
C GLY FA 25 52.63 -37.59 -154.77
N LEU FA 26 52.49 -36.93 -153.62
CA LEU FA 26 51.19 -36.81 -152.96
C LEU FA 26 50.58 -35.43 -153.14
N ILE FA 27 51.22 -34.56 -153.91
CA ILE FA 27 50.75 -33.18 -154.03
C ILE FA 27 49.45 -33.13 -154.84
N TYR FA 28 49.25 -34.07 -155.75
CA TYR FA 28 48.22 -33.91 -156.76
C TYR FA 28 46.82 -34.02 -156.16
N GLU FA 29 46.59 -34.96 -155.23
CA GLU FA 29 45.28 -35.06 -154.60
C GLU FA 29 44.96 -33.82 -153.80
N GLU FA 30 45.93 -33.31 -153.06
CA GLU FA 30 45.68 -32.13 -152.25
C GLU FA 30 45.36 -30.94 -153.15
N THR FA 31 46.09 -30.83 -154.25
CA THR FA 31 45.82 -29.78 -155.21
C THR FA 31 44.42 -29.92 -155.79
N ARG FA 32 44.02 -31.15 -156.12
CA ARG FA 32 42.69 -31.38 -156.63
C ARG FA 32 41.63 -30.96 -155.62
N GLY FA 33 41.84 -31.32 -154.35
CA GLY FA 33 40.88 -30.94 -153.34
C GLY FA 33 40.76 -29.44 -153.21
N VAL FA 34 41.90 -28.74 -153.20
CA VAL FA 34 41.89 -27.29 -153.03
C VAL FA 34 41.20 -26.62 -154.22
N LEU FA 35 41.53 -27.07 -155.43
CA LEU FA 35 40.90 -26.51 -156.61
C LEU FA 35 39.39 -26.73 -156.56
N LYS FA 36 38.97 -27.93 -156.13
CA LYS FA 36 37.55 -28.21 -156.05
C LYS FA 36 36.87 -27.28 -155.07
N VAL FA 37 37.48 -27.04 -153.90
CA VAL FA 37 36.85 -26.17 -152.91
C VAL FA 37 36.72 -24.76 -153.45
N PHE FA 38 37.80 -24.25 -154.05
CA PHE FA 38 37.76 -22.88 -154.57
C PHE FA 38 36.70 -22.74 -155.64
N LEU FA 39 36.68 -23.68 -156.60
CA LEU FA 39 35.71 -23.60 -157.67
C LEU FA 39 34.29 -23.72 -157.13
N GLU FA 40 34.08 -24.58 -156.12
CA GLU FA 40 32.76 -24.70 -155.55
C GLU FA 40 32.29 -23.39 -154.93
N ASN FA 41 33.16 -22.73 -154.17
CA ASN FA 41 32.78 -21.46 -153.57
C ASN FA 41 32.41 -20.44 -154.64
N VAL FA 42 33.29 -20.27 -155.62
CA VAL FA 42 33.05 -19.25 -156.63
C VAL FA 42 31.78 -19.57 -157.41
N ILE FA 43 31.60 -20.84 -157.80
CA ILE FA 43 30.46 -21.20 -158.62
C ILE FA 43 29.18 -21.05 -157.82
N ARG FA 44 29.21 -21.36 -156.52
CA ARG FA 44 28.02 -21.15 -155.71
C ARG FA 44 27.62 -19.69 -155.74
N ASP FA 45 28.60 -18.80 -155.56
CA ASP FA 45 28.26 -17.38 -155.59
C ASP FA 45 27.73 -16.97 -156.97
N ALA FA 46 28.37 -17.46 -158.03
CA ALA FA 46 27.94 -17.10 -159.37
C ALA FA 46 26.51 -17.57 -159.63
N VAL FA 47 26.20 -18.80 -159.22
CA VAL FA 47 24.86 -19.33 -159.42
C VAL FA 47 23.87 -18.53 -158.60
N THR FA 48 24.27 -18.09 -157.41
CA THR FA 48 23.38 -17.27 -156.60
C THR FA 48 23.04 -15.98 -157.33
N TYR FA 49 24.06 -15.33 -157.89
CA TYR FA 49 23.81 -14.12 -158.65
C TYR FA 49 22.89 -14.39 -159.84
N THR FA 50 23.13 -15.50 -160.54
CA THR FA 50 22.33 -15.80 -161.71
C THR FA 50 20.86 -16.04 -161.33
N GLU FA 51 20.64 -16.82 -160.27
CA GLU FA 51 19.27 -17.07 -159.84
C GLU FA 51 18.58 -15.79 -159.44
N HIS FA 52 19.30 -14.89 -158.74
CA HIS FA 52 18.68 -13.61 -158.42
C HIS FA 52 18.35 -12.83 -159.67
N ALA FA 53 19.22 -12.91 -160.68
CA ALA FA 53 19.00 -12.16 -161.92
C ALA FA 53 17.87 -12.72 -162.77
N LYS FA 54 17.35 -13.90 -162.43
CA LYS FA 54 16.34 -14.56 -163.26
C LYS FA 54 16.90 -14.92 -164.63
N ARG FA 55 18.07 -15.56 -164.64
CA ARG FA 55 18.72 -15.95 -165.88
C ARG FA 55 19.03 -17.44 -165.90
N LYS FA 56 18.80 -18.06 -167.05
CA LYS FA 56 19.26 -19.42 -167.27
C LYS FA 56 20.76 -19.48 -167.49
N THR FA 57 21.30 -18.48 -168.19
CA THR FA 57 22.70 -18.47 -168.56
C THR FA 57 23.51 -17.73 -167.50
N VAL FA 58 24.64 -18.33 -167.11
CA VAL FA 58 25.56 -17.69 -166.17
C VAL FA 58 26.50 -16.80 -166.96
N THR FA 59 26.46 -15.50 -166.68
CA THR FA 59 27.26 -14.54 -167.43
C THR FA 59 28.64 -14.41 -166.79
N ALA FA 60 29.56 -13.81 -167.55
CA ALA FA 60 30.91 -13.59 -167.04
C ALA FA 60 30.94 -12.54 -165.95
N MET FA 61 30.13 -11.49 -166.09
CA MET FA 61 30.07 -10.46 -165.06
C MET FA 61 29.71 -11.06 -163.72
N ASP FA 62 28.90 -12.11 -163.70
CA ASP FA 62 28.57 -12.76 -162.44
C ASP FA 62 29.81 -13.38 -161.81
N VAL FA 63 30.64 -14.04 -162.64
CA VAL FA 63 31.88 -14.61 -162.13
C VAL FA 63 32.76 -13.51 -161.58
N VAL FA 64 32.83 -12.38 -162.28
CA VAL FA 64 33.64 -11.27 -161.83
C VAL FA 64 33.12 -10.76 -160.49
N TYR FA 65 31.80 -10.64 -160.36
CA TYR FA 65 31.24 -10.13 -159.11
C TYR FA 65 31.51 -11.09 -157.95
N ALA FA 66 31.44 -12.39 -158.19
CA ALA FA 66 31.79 -13.33 -157.13
C ALA FA 66 33.24 -13.17 -156.73
N LEU FA 67 34.13 -13.07 -157.70
CA LEU FA 67 35.55 -12.96 -157.37
C LEU FA 67 35.81 -11.68 -156.60
N LYS FA 68 35.15 -10.59 -157.00
CA LYS FA 68 35.24 -9.35 -156.25
C LYS FA 68 34.71 -9.52 -154.83
N ARG FA 69 33.67 -10.35 -154.68
CA ARG FA 69 33.11 -10.60 -153.36
C ARG FA 69 34.11 -11.31 -152.48
N GLN FA 70 34.85 -12.25 -153.04
CA GLN FA 70 35.85 -12.99 -152.29
C GLN FA 70 37.20 -12.28 -152.25
N GLY FA 71 37.37 -11.19 -153.00
CA GLY FA 71 38.60 -10.45 -152.96
C GLY FA 71 39.65 -10.98 -153.91
N ARG FA 72 39.31 -11.05 -155.19
CA ARG FA 72 40.28 -11.40 -156.22
C ARG FA 72 40.39 -10.34 -157.30
N THR FA 73 39.26 -9.75 -157.71
CA THR FA 73 39.25 -8.57 -158.57
C THR FA 73 39.97 -8.85 -159.90
N LEU FA 74 39.41 -9.79 -160.65
CA LEU FA 74 39.98 -10.13 -161.94
C LEU FA 74 39.71 -9.02 -162.95
N TYR FA 75 40.75 -8.63 -163.67
CA TYR FA 75 40.62 -7.65 -164.74
C TYR FA 75 40.62 -8.37 -166.09
N GLY FA 76 39.99 -7.74 -167.07
CA GLY FA 76 40.02 -8.21 -168.45
C GLY FA 76 38.73 -8.82 -168.93
N PHE FA 77 37.70 -8.90 -168.09
CA PHE FA 77 36.42 -9.45 -168.48
C PHE FA 77 35.29 -8.46 -168.20
N GLY FA 78 35.58 -7.18 -168.27
CA GLY FA 78 34.59 -6.16 -167.97
C GLY FA 78 34.51 -5.88 -166.49
N LYS GA 16 -1.05 0.69 -133.98
CA LYS GA 16 -0.11 -0.17 -133.21
C LYS GA 16 1.25 -0.27 -133.93
N THR GA 17 2.28 -0.65 -133.19
CA THR GA 17 3.62 -0.73 -133.75
C THR GA 17 3.70 -1.86 -134.77
N ARG GA 18 4.49 -1.63 -135.83
CA ARG GA 18 4.67 -2.66 -136.85
C ARG GA 18 5.31 -3.91 -136.27
N SER GA 19 6.16 -3.78 -135.25
CA SER GA 19 6.76 -4.96 -134.64
C SER GA 19 5.68 -5.86 -134.04
N SER GA 20 4.68 -5.25 -133.41
CA SER GA 20 3.58 -6.04 -132.87
C SER GA 20 2.87 -6.82 -133.98
N ARG GA 21 2.66 -6.17 -135.14
CA ARG GA 21 2.06 -6.88 -136.26
C ARG GA 21 2.94 -8.02 -136.73
N ALA GA 22 4.25 -7.78 -136.79
CA ALA GA 22 5.18 -8.79 -137.28
C ALA GA 22 5.58 -9.78 -136.20
N GLY GA 23 5.25 -9.51 -134.94
CA GLY GA 23 5.60 -10.43 -133.88
C GLY GA 23 7.08 -10.49 -133.58
N LEU GA 24 7.82 -9.43 -133.87
CA LEU GA 24 9.24 -9.37 -133.65
C LEU GA 24 9.53 -8.65 -132.34
N GLN GA 25 10.81 -8.41 -132.07
CA GLN GA 25 11.22 -7.62 -130.91
C GLN GA 25 12.05 -6.41 -131.28
N PHE GA 26 12.85 -6.46 -132.35
CA PHE GA 26 13.57 -5.27 -132.77
C PHE GA 26 12.63 -4.30 -133.48
N PRO GA 27 12.90 -3.00 -133.37
CA PRO GA 27 11.97 -2.01 -133.95
C PRO GA 27 12.10 -1.97 -135.46
N VAL GA 28 10.98 -2.21 -136.14
CA VAL GA 28 10.95 -2.08 -137.60
C VAL GA 28 11.17 -0.63 -138.01
N GLY GA 29 10.50 0.30 -137.34
CA GLY GA 29 10.49 1.68 -137.81
C GLY GA 29 11.87 2.30 -137.85
N ARG GA 30 12.69 2.05 -136.85
CA ARG GA 30 14.03 2.62 -136.83
C ARG GA 30 14.87 2.07 -137.97
N VAL GA 31 14.71 0.78 -138.27
CA VAL GA 31 15.41 0.20 -139.41
C VAL GA 31 14.96 0.85 -140.69
N HIS GA 32 13.65 1.07 -140.83
CA HIS GA 32 13.11 1.73 -142.01
C HIS GA 32 13.72 3.12 -142.18
N ARG GA 33 13.80 3.87 -141.08
CA ARG GA 33 14.39 5.21 -141.16
C ARG GA 33 15.87 5.14 -141.52
N LEU GA 34 16.60 4.18 -140.96
CA LEU GA 34 18.02 4.06 -141.29
C LEU GA 34 18.21 3.72 -142.75
N LEU GA 35 17.40 2.81 -143.29
CA LEU GA 35 17.48 2.51 -144.72
C LEU GA 35 17.18 3.74 -145.55
N ARG GA 36 16.09 4.45 -145.23
CA ARG GA 36 15.73 5.64 -145.99
C ARG GA 36 16.73 6.77 -145.79
N LYS GA 37 17.62 6.66 -144.81
CA LYS GA 37 18.54 7.73 -144.47
C LYS GA 37 20.00 7.43 -144.82
N GLY GA 38 20.35 6.16 -145.01
CA GLY GA 38 21.73 5.79 -145.18
C GLY GA 38 22.21 5.75 -146.61
N ASN GA 39 21.43 6.31 -147.54
CA ASN GA 39 21.85 6.45 -148.93
C ASN GA 39 22.27 5.11 -149.51
N TYR GA 40 21.29 4.22 -149.59
CA TYR GA 40 21.49 2.92 -150.20
C TYR GA 40 20.75 2.75 -151.53
N ALA GA 41 19.63 3.44 -151.71
CA ALA GA 41 18.91 3.37 -152.98
C ALA GA 41 17.83 4.43 -152.96
N GLU GA 42 17.08 4.51 -154.06
CA GLU GA 42 16.03 5.50 -154.23
C GLU GA 42 14.75 5.11 -153.52
N ARG GA 43 14.49 3.82 -153.35
CA ARG GA 43 13.23 3.36 -152.78
C ARG GA 43 13.47 2.12 -151.95
N VAL GA 44 12.51 1.83 -151.08
CA VAL GA 44 12.56 0.65 -150.22
C VAL GA 44 11.18 0.01 -150.20
N GLY GA 45 11.16 -1.32 -150.32
CA GLY GA 45 9.91 -2.04 -150.24
C GLY GA 45 9.45 -2.20 -148.80
N ALA GA 46 8.14 -2.29 -148.62
CA ALA GA 46 7.58 -2.36 -147.27
C ALA GA 46 8.18 -3.52 -146.48
N GLY GA 47 8.47 -4.64 -147.15
CA GLY GA 47 8.92 -5.82 -146.46
C GLY GA 47 10.38 -5.86 -146.09
N ALA GA 48 11.20 -4.99 -146.66
CA ALA GA 48 12.63 -5.05 -146.38
C ALA GA 48 12.95 -4.86 -144.91
N PRO GA 49 12.47 -3.81 -144.24
CA PRO GA 49 12.85 -3.64 -142.84
C PRO GA 49 12.39 -4.79 -141.96
N VAL GA 50 11.21 -5.35 -142.21
CA VAL GA 50 10.73 -6.43 -141.36
C VAL GA 50 11.64 -7.65 -141.48
N TYR GA 51 12.00 -7.99 -142.71
CA TYR GA 51 12.89 -9.13 -142.94
C TYR GA 51 14.23 -8.90 -142.26
N LEU GA 52 14.78 -7.70 -142.43
CA LEU GA 52 16.08 -7.44 -141.83
C LEU GA 52 16.00 -7.51 -140.31
N ALA GA 53 14.93 -6.96 -139.74
CA ALA GA 53 14.77 -7.01 -138.30
C ALA GA 53 14.68 -8.45 -137.82
N ALA GA 54 13.95 -9.28 -138.56
CA ALA GA 54 13.86 -10.69 -138.18
C ALA GA 54 15.23 -11.33 -138.18
N VAL GA 55 16.02 -11.05 -139.21
CA VAL GA 55 17.35 -11.64 -139.30
C VAL GA 55 18.21 -11.20 -138.13
N LEU GA 56 18.17 -9.90 -137.82
CA LEU GA 56 18.95 -9.38 -136.72
C LEU GA 56 18.52 -10.01 -135.41
N GLU GA 57 17.21 -10.15 -135.20
CA GLU GA 57 16.71 -10.76 -133.97
C GLU GA 57 17.20 -12.18 -133.85
N TYR GA 58 17.14 -12.94 -134.96
CA TYR GA 58 17.57 -14.33 -134.91
C TYR GA 58 19.05 -14.41 -134.56
N LEU GA 59 19.87 -13.60 -135.21
CA LEU GA 59 21.30 -13.63 -134.94
C LEU GA 59 21.60 -13.25 -133.50
N THR GA 60 20.94 -12.19 -133.02
CA THR GA 60 21.15 -11.76 -131.64
C THR GA 60 20.76 -12.87 -130.67
N ALA GA 61 19.62 -13.51 -130.92
CA ALA GA 61 19.18 -14.58 -130.03
C ALA GA 61 20.18 -15.72 -130.04
N GLU GA 62 20.71 -16.07 -131.21
CA GLU GA 62 21.70 -17.14 -131.27
C GLU GA 62 22.93 -16.79 -130.44
N ILE GA 63 23.45 -15.58 -130.64
CA ILE GA 63 24.65 -15.16 -129.92
C ILE GA 63 24.39 -15.19 -128.43
N LEU GA 64 23.26 -14.63 -128.00
CA LEU GA 64 22.97 -14.55 -126.58
C LEU GA 64 22.75 -15.92 -125.98
N GLU GA 65 22.14 -16.84 -126.72
CA GLU GA 65 21.96 -18.19 -126.22
C GLU GA 65 23.31 -18.85 -125.97
N LEU GA 66 24.20 -18.76 -126.94
CA LEU GA 66 25.52 -19.35 -126.75
C LEU GA 66 26.26 -18.66 -125.62
N ALA GA 67 26.12 -17.35 -125.51
CA ALA GA 67 26.77 -16.62 -124.43
C ALA GA 67 26.26 -17.08 -123.08
N GLY GA 68 24.95 -17.24 -122.94
CA GLY GA 68 24.40 -17.71 -121.68
C GLY GA 68 24.88 -19.10 -121.34
N ASN GA 69 24.91 -19.99 -122.33
CA ASN GA 69 25.43 -21.33 -122.10
C ASN GA 69 26.87 -21.27 -121.62
N ALA GA 70 27.67 -20.42 -122.25
CA ALA GA 70 29.06 -20.26 -121.80
C ALA GA 70 29.12 -19.73 -120.38
N ALA GA 71 28.20 -18.83 -120.01
CA ALA GA 71 28.23 -18.26 -118.68
C ALA GA 71 27.82 -19.27 -117.63
N ARG GA 72 26.76 -20.03 -117.89
CA ARG GA 72 26.34 -21.04 -116.93
C ARG GA 72 27.42 -22.08 -116.73
N ASP GA 73 28.23 -22.32 -117.76
CA ASP GA 73 29.31 -23.30 -117.67
C ASP GA 73 30.40 -22.90 -116.70
N ASN GA 74 30.42 -21.63 -116.26
CA ASN GA 74 31.43 -21.15 -115.34
C ASN GA 74 30.83 -20.64 -114.03
N LYS GA 75 29.59 -21.02 -113.74
CA LYS GA 75 28.91 -20.59 -112.53
C LYS GA 75 28.92 -19.06 -112.42
N LYS GA 76 28.31 -18.44 -113.40
CA LYS GA 76 28.15 -16.99 -113.43
C LYS GA 76 26.74 -16.64 -113.88
N THR GA 77 26.31 -15.44 -113.53
CA THR GA 77 24.97 -14.97 -113.86
C THR GA 77 24.98 -13.74 -114.76
N ARG GA 78 26.15 -13.18 -115.05
CA ARG GA 78 26.27 -11.98 -115.85
C ARG GA 78 27.21 -12.26 -117.01
N ILE GA 79 26.76 -11.96 -118.22
CA ILE GA 79 27.54 -12.26 -119.41
C ILE GA 79 28.66 -11.23 -119.54
N ILE GA 80 29.87 -11.71 -119.77
CA ILE GA 80 31.05 -10.86 -119.82
C ILE GA 80 31.70 -11.04 -121.19
N PRO GA 81 32.53 -10.09 -121.61
CA PRO GA 81 33.14 -10.21 -122.95
C PRO GA 81 33.90 -11.51 -123.15
N ARG GA 82 34.54 -12.03 -122.10
CA ARG GA 82 35.22 -13.32 -122.24
C ARG GA 82 34.23 -14.41 -122.65
N HIS GA 83 33.04 -14.38 -122.07
CA HIS GA 83 32.02 -15.36 -122.42
C HIS GA 83 31.61 -15.22 -123.88
N LEU GA 84 31.44 -13.98 -124.35
CA LEU GA 84 31.13 -13.79 -125.77
C LEU GA 84 32.23 -14.35 -126.64
N GLN GA 85 33.49 -14.12 -126.26
CA GLN GA 85 34.60 -14.64 -127.03
C GLN GA 85 34.54 -16.15 -127.10
N LEU GA 86 34.35 -16.81 -125.96
CA LEU GA 86 34.31 -18.26 -125.95
C LEU GA 86 33.16 -18.78 -126.80
N ALA GA 87 31.99 -18.16 -126.67
CA ALA GA 87 30.83 -18.63 -127.44
C ALA GA 87 31.08 -18.49 -128.93
N VAL GA 88 31.57 -17.34 -129.37
CA VAL GA 88 31.75 -17.11 -130.79
C VAL GA 88 32.82 -18.02 -131.36
N ARG GA 89 33.96 -18.11 -130.66
CA ARG GA 89 35.08 -18.89 -131.19
C ARG GA 89 34.87 -20.39 -131.04
N ASN GA 90 34.00 -20.82 -130.12
CA ASN GA 90 33.71 -22.23 -129.96
C ASN GA 90 32.60 -22.71 -130.88
N ASP GA 91 32.28 -21.93 -131.91
CA ASP GA 91 31.25 -22.30 -132.87
C ASP GA 91 31.85 -22.32 -134.26
N GLU GA 92 31.38 -23.27 -135.08
CA GLU GA 92 31.95 -23.44 -136.41
C GLU GA 92 31.61 -22.28 -137.32
N GLU GA 93 30.34 -21.86 -137.35
CA GLU GA 93 29.89 -20.90 -138.34
C GLU GA 93 30.04 -19.45 -137.87
N LEU GA 94 29.79 -19.19 -136.59
CA LEU GA 94 29.96 -17.82 -136.10
C LEU GA 94 31.40 -17.36 -136.24
N ASN GA 95 32.35 -18.25 -135.96
CA ASN GA 95 33.75 -17.89 -136.14
C ASN GA 95 34.03 -17.53 -137.59
N LYS GA 96 33.47 -18.29 -138.53
CA LYS GA 96 33.61 -17.93 -139.93
C LYS GA 96 33.00 -16.56 -140.19
N LEU GA 97 31.86 -16.26 -139.55
CA LEU GA 97 31.21 -14.99 -139.79
C LEU GA 97 31.97 -13.83 -139.16
N LEU GA 98 32.63 -14.07 -138.04
CA LEU GA 98 33.36 -13.05 -137.31
C LEU GA 98 34.84 -13.37 -137.26
N GLY GA 99 35.39 -13.84 -138.38
CA GLY GA 99 36.80 -14.17 -138.42
C GLY GA 99 37.71 -12.96 -138.27
N ARG GA 100 37.32 -11.82 -138.84
CA ARG GA 100 38.15 -10.63 -138.87
C ARG GA 100 37.73 -9.59 -137.83
N VAL GA 101 37.14 -10.01 -136.72
CA VAL GA 101 36.66 -9.11 -135.69
C VAL GA 101 37.45 -9.38 -134.42
N THR GA 102 37.95 -8.30 -133.81
CA THR GA 102 38.67 -8.36 -132.55
C THR GA 102 37.76 -7.85 -131.44
N ILE GA 103 37.60 -8.64 -130.39
CA ILE GA 103 36.74 -8.30 -129.27
C ILE GA 103 37.60 -7.82 -128.11
N ALA GA 104 37.34 -6.59 -127.66
CA ALA GA 104 38.12 -6.03 -126.57
C ALA GA 104 37.93 -6.85 -125.31
N GLN GA 105 39.02 -7.03 -124.56
CA GLN GA 105 38.97 -7.80 -123.32
C GLN GA 105 38.42 -9.20 -123.58
N GLY GA 106 38.75 -9.76 -124.72
CA GLY GA 106 38.19 -11.04 -125.13
C GLY GA 106 39.14 -12.19 -124.88
N GLY GA 107 40.42 -11.98 -125.10
CA GLY GA 107 41.38 -13.04 -124.93
C GLY GA 107 41.35 -14.03 -126.07
N VAL GA 108 41.91 -15.21 -125.80
CA VAL GA 108 42.08 -16.24 -126.81
C VAL GA 108 41.54 -17.56 -126.27
N LEU GA 109 41.65 -18.62 -127.09
CA LEU GA 109 41.23 -19.95 -126.68
C LEU GA 109 42.39 -20.71 -126.06
N PRO GA 110 42.24 -21.31 -124.88
CA PRO GA 110 43.34 -22.11 -124.32
C PRO GA 110 43.62 -23.32 -125.17
N ASN GA 111 44.87 -23.45 -125.63
CA ASN GA 111 45.29 -24.63 -126.36
C ASN GA 111 46.81 -24.67 -126.38
N ILE GA 112 47.36 -25.88 -126.29
CA ILE GA 112 48.80 -26.10 -126.27
C ILE GA 112 49.13 -27.14 -127.32
N GLN GA 113 50.14 -26.86 -128.14
CA GLN GA 113 50.56 -27.81 -129.16
C GLN GA 113 51.10 -29.07 -128.52
N SER GA 114 50.75 -30.21 -129.11
CA SER GA 114 51.07 -31.51 -128.53
C SER GA 114 52.57 -31.80 -128.56
N VAL GA 115 53.35 -31.06 -129.35
CA VAL GA 115 54.79 -31.30 -129.42
C VAL GA 115 55.54 -30.56 -128.33
N LEU GA 116 54.84 -29.83 -127.46
CA LEU GA 116 55.47 -29.11 -126.38
C LEU GA 116 55.24 -29.73 -125.01
N LEU GA 117 54.20 -30.53 -124.86
CA LEU GA 117 53.98 -31.17 -123.57
C LEU GA 117 54.98 -32.32 -123.39
N PRO GA 118 55.51 -32.50 -122.17
CA PRO GA 118 56.47 -33.58 -121.92
C PRO GA 118 55.81 -34.96 -121.94
N GLU HA 33 20.70 7.14 -129.02
CA GLU HA 33 19.90 5.90 -128.87
C GLU HA 33 20.64 4.69 -129.43
N SER HA 34 20.26 3.50 -128.96
CA SER HA 34 20.97 2.27 -129.28
C SER HA 34 19.96 1.12 -129.22
N TYR HA 35 20.46 -0.11 -129.18
CA TYR HA 35 19.62 -1.30 -129.16
C TYR HA 35 19.61 -1.97 -127.79
N ALA HA 36 20.04 -1.26 -126.74
CA ALA HA 36 20.26 -1.92 -125.46
C ALA HA 36 18.98 -2.55 -124.94
N ILE HA 37 17.90 -1.78 -124.87
CA ILE HA 37 16.66 -2.31 -124.29
C ILE HA 37 16.15 -3.47 -125.14
N TYR HA 38 16.32 -3.37 -126.45
CA TYR HA 38 15.88 -4.46 -127.32
C TYR HA 38 16.72 -5.71 -127.10
N VAL HA 39 18.02 -5.54 -126.89
CA VAL HA 39 18.86 -6.69 -126.58
C VAL HA 39 18.39 -7.33 -125.28
N TYR HA 40 18.12 -6.52 -124.25
CA TYR HA 40 17.60 -7.07 -123.01
C TYR HA 40 16.34 -7.88 -123.27
N LYS HA 41 15.36 -7.28 -123.96
CA LYS HA 41 14.11 -7.97 -124.21
C LYS HA 41 14.36 -9.28 -124.92
N VAL HA 42 15.36 -9.32 -125.81
CA VAL HA 42 15.73 -10.59 -126.42
C VAL HA 42 16.38 -11.51 -125.40
N LEU HA 43 17.27 -10.96 -124.57
CA LEU HA 43 18.01 -11.81 -123.64
C LEU HA 43 17.06 -12.51 -122.68
N LYS HA 44 16.08 -11.80 -122.14
CA LYS HA 44 15.20 -12.37 -121.13
C LYS HA 44 14.34 -13.50 -121.68
N GLN HA 45 14.21 -13.62 -123.00
CA GLN HA 45 13.39 -14.65 -123.59
C GLN HA 45 14.13 -15.96 -123.75
N VAL HA 46 15.46 -15.91 -123.85
CA VAL HA 46 16.26 -17.12 -124.02
C VAL HA 46 16.99 -17.49 -122.73
N HIS HA 47 17.11 -16.57 -121.78
CA HIS HA 47 17.69 -16.87 -120.47
C HIS HA 47 17.02 -15.94 -119.46
N PRO HA 48 15.98 -16.41 -118.76
CA PRO HA 48 15.28 -15.50 -117.84
C PRO HA 48 16.17 -14.96 -116.75
N ASP HA 49 16.77 -15.84 -115.95
CA ASP HA 49 17.49 -15.45 -114.75
C ASP HA 49 18.98 -15.33 -115.05
N THR HA 50 19.33 -14.28 -115.79
CA THR HA 50 20.72 -13.95 -116.03
C THR HA 50 20.84 -12.45 -116.28
N GLY HA 51 22.08 -11.97 -116.22
CA GLY HA 51 22.37 -10.57 -116.50
C GLY HA 51 23.44 -10.42 -117.56
N ILE HA 52 23.81 -9.17 -117.84
CA ILE HA 52 24.78 -8.87 -118.88
C ILE HA 52 25.42 -7.54 -118.56
N SER HA 53 26.73 -7.46 -118.78
CA SER HA 53 27.48 -6.27 -118.40
C SER HA 53 27.39 -5.21 -119.50
N SER HA 54 27.68 -3.96 -119.12
CA SER HA 54 27.61 -2.87 -120.08
C SER HA 54 28.60 -3.06 -121.22
N LYS HA 55 29.78 -3.59 -120.94
CA LYS HA 55 30.74 -3.84 -122.01
C LYS HA 55 30.19 -4.85 -123.00
N ALA HA 56 29.60 -5.93 -122.50
CA ALA HA 56 28.96 -6.88 -123.40
C ALA HA 56 27.85 -6.21 -124.18
N MET HA 57 27.11 -5.31 -123.54
CA MET HA 57 26.04 -4.61 -124.24
C MET HA 57 26.60 -3.79 -125.40
N SER HA 58 27.69 -3.09 -125.16
CA SER HA 58 28.31 -2.33 -126.24
C SER HA 58 28.81 -3.22 -127.35
N ILE HA 59 29.38 -4.37 -126.99
CA ILE HA 59 29.86 -5.29 -128.00
C ILE HA 59 28.71 -5.75 -128.88
N MET HA 60 27.58 -6.10 -128.27
CA MET HA 60 26.42 -6.51 -129.03
C MET HA 60 25.90 -5.37 -129.90
N ASN HA 61 25.95 -4.14 -129.37
CA ASN HA 61 25.55 -2.98 -130.17
C ASN HA 61 26.40 -2.90 -131.42
N SER HA 62 27.71 -3.04 -131.26
CA SER HA 62 28.61 -3.01 -132.40
C SER HA 62 28.28 -4.11 -133.38
N PHE HA 63 27.99 -5.30 -132.87
CA PHE HA 63 27.71 -6.44 -133.74
C PHE HA 63 26.45 -6.20 -134.56
N VAL HA 64 25.39 -5.69 -133.92
CA VAL HA 64 24.16 -5.38 -134.64
C VAL HA 64 24.44 -4.34 -135.71
N ASN HA 65 25.15 -3.28 -135.35
CA ASN HA 65 25.46 -2.24 -136.32
C ASN HA 65 26.25 -2.81 -137.50
N ASP HA 66 27.22 -3.67 -137.21
CA ASP HA 66 28.09 -4.21 -138.25
C ASP HA 66 27.30 -5.10 -139.20
N VAL HA 67 26.48 -6.00 -138.66
CA VAL HA 67 25.70 -6.87 -139.53
C VAL HA 67 24.73 -6.05 -140.37
N PHE HA 68 24.10 -5.03 -139.76
CA PHE HA 68 23.19 -4.20 -140.52
C PHE HA 68 23.92 -3.52 -141.68
N GLU HA 69 25.09 -2.95 -141.41
CA GLU HA 69 25.82 -2.28 -142.47
C GLU HA 69 26.20 -3.26 -143.58
N ARG HA 70 26.68 -4.45 -143.22
CA ARG HA 70 27.06 -5.43 -144.23
C ARG HA 70 25.87 -5.77 -145.12
N ILE HA 71 24.75 -6.14 -144.51
CA ILE HA 71 23.60 -6.57 -145.30
C ILE HA 71 23.10 -5.43 -146.17
N ALA HA 72 23.03 -4.22 -145.59
CA ALA HA 72 22.52 -3.09 -146.34
C ALA HA 72 23.39 -2.78 -147.54
N GLY HA 73 24.71 -2.80 -147.35
CA GLY HA 73 25.59 -2.52 -148.47
C GLY HA 73 25.47 -3.58 -149.55
N GLU HA 74 25.36 -4.85 -149.16
CA GLU HA 74 25.22 -5.88 -150.17
C GLU HA 74 23.92 -5.70 -150.94
N ALA HA 75 22.83 -5.39 -150.24
CA ALA HA 75 21.57 -5.17 -150.92
C ALA HA 75 21.65 -3.98 -151.85
N SER HA 76 22.35 -2.94 -151.44
CA SER HA 76 22.50 -1.77 -152.30
C SER HA 76 23.27 -2.14 -153.57
N ARG HA 77 24.31 -2.96 -153.46
CA ARG HA 77 25.00 -3.42 -154.66
C ARG HA 77 24.05 -4.20 -155.55
N LEU HA 78 23.36 -5.19 -154.98
CA LEU HA 78 22.49 -6.03 -155.79
C LEU HA 78 21.46 -5.19 -156.51
N ALA HA 79 20.86 -4.22 -155.81
CA ALA HA 79 19.88 -3.36 -156.46
C ALA HA 79 20.52 -2.53 -157.55
N HIS HA 80 21.82 -2.29 -157.47
CA HIS HA 80 22.48 -1.57 -158.56
C HIS HA 80 22.76 -2.45 -159.75
N TYR HA 81 23.12 -3.71 -159.53
CA TYR HA 81 23.50 -4.55 -160.66
C TYR HA 81 22.34 -4.78 -161.62
N ASN HA 82 21.11 -4.76 -161.11
CA ASN HA 82 19.92 -4.95 -161.93
C ASN HA 82 19.24 -3.64 -162.28
N LYS HA 83 19.86 -2.51 -161.96
CA LYS HA 83 19.33 -1.19 -162.30
C LYS HA 83 17.87 -1.08 -161.86
N ARG HA 84 17.64 -1.27 -160.57
CA ARG HA 84 16.32 -1.14 -159.99
C ARG HA 84 16.35 -0.12 -158.87
N SER HA 85 15.30 0.70 -158.81
CA SER HA 85 15.24 1.78 -157.83
C SER HA 85 15.10 1.25 -156.41
N THR HA 86 14.36 0.16 -156.24
CA THR HA 86 13.87 -0.25 -154.94
C THR HA 86 14.64 -1.45 -154.43
N ILE HA 87 14.97 -1.42 -153.15
CA ILE HA 87 15.44 -2.60 -152.42
C ILE HA 87 14.20 -3.30 -151.88
N THR HA 88 14.07 -4.59 -152.17
CA THR HA 88 12.91 -5.36 -151.75
C THR HA 88 13.32 -6.50 -150.84
N SER HA 89 12.32 -7.15 -150.23
CA SER HA 89 12.59 -8.31 -149.41
C SER HA 89 13.37 -9.35 -150.18
N ARG HA 90 13.12 -9.46 -151.49
CA ARG HA 90 13.90 -10.37 -152.32
C ARG HA 90 15.37 -9.96 -152.32
N GLU HA 91 15.64 -8.65 -152.40
CA GLU HA 91 17.02 -8.18 -152.38
C GLU HA 91 17.69 -8.53 -151.07
N ILE HA 92 17.00 -8.29 -149.96
CA ILE HA 92 17.58 -8.58 -148.66
C ILE HA 92 17.84 -10.07 -148.54
N GLN HA 93 16.91 -10.89 -149.05
CA GLN HA 93 17.10 -12.33 -148.99
C GLN HA 93 18.30 -12.76 -149.81
N THR HA 94 18.46 -12.17 -150.99
CA THR HA 94 19.64 -12.48 -151.79
C THR HA 94 20.90 -12.13 -151.01
N ALA HA 95 20.91 -10.96 -150.39
CA ALA HA 95 22.08 -10.54 -149.63
C ALA HA 95 22.36 -11.51 -148.49
N VAL HA 96 21.32 -11.89 -147.77
CA VAL HA 96 21.49 -12.80 -146.64
C VAL HA 96 22.05 -14.12 -147.13
N ARG HA 97 21.49 -14.65 -148.21
CA ARG HA 97 21.98 -15.92 -148.74
C ARG HA 97 23.43 -15.83 -149.15
N LEU HA 98 23.83 -14.67 -149.67
CA LEU HA 98 25.22 -14.49 -150.07
C LEU HA 98 26.15 -14.37 -148.87
N LEU HA 99 25.69 -13.76 -147.79
CA LEU HA 99 26.58 -13.32 -146.72
C LEU HA 99 26.76 -14.37 -145.62
N LEU HA 100 25.69 -15.00 -145.20
CA LEU HA 100 25.76 -15.91 -144.06
C LEU HA 100 26.22 -17.29 -144.51
N PRO HA 101 26.71 -18.11 -143.58
CA PRO HA 101 26.96 -19.52 -143.91
C PRO HA 101 25.65 -20.28 -144.07
N GLY HA 102 25.72 -21.53 -144.50
CA GLY HA 102 24.53 -22.23 -144.90
C GLY HA 102 23.54 -22.45 -143.79
N GLU HA 103 23.86 -23.34 -142.85
CA GLU HA 103 22.89 -23.69 -141.82
C GLU HA 103 22.34 -22.43 -141.16
N LEU HA 104 23.18 -21.43 -140.97
CA LEU HA 104 22.70 -20.17 -140.42
C LEU HA 104 21.80 -19.45 -141.41
N ALA HA 105 22.20 -19.42 -142.68
CA ALA HA 105 21.43 -18.69 -143.69
C ALA HA 105 20.04 -19.27 -143.85
N LYS HA 106 19.93 -20.59 -143.82
CA LYS HA 106 18.64 -21.23 -144.00
C LYS HA 106 17.66 -20.80 -142.91
N HIS HA 107 18.11 -20.88 -141.66
CA HIS HA 107 17.25 -20.47 -140.55
C HIS HA 107 16.94 -18.98 -140.64
N ALA HA 108 17.90 -18.17 -141.06
CA ALA HA 108 17.64 -16.75 -141.20
C ALA HA 108 16.55 -16.51 -142.24
N VAL HA 109 16.64 -17.19 -143.38
CA VAL HA 109 15.63 -17.01 -144.42
C VAL HA 109 14.28 -17.47 -143.91
N SER HA 110 14.24 -18.60 -143.21
CA SER HA 110 12.97 -19.09 -142.70
C SER HA 110 12.34 -18.08 -141.76
N GLU HA 111 13.13 -17.53 -140.84
CA GLU HA 111 12.59 -16.57 -139.89
C GLU HA 111 12.09 -15.33 -140.61
N GLY HA 112 12.88 -14.82 -141.56
CA GLY HA 112 12.46 -13.63 -142.28
C GLY HA 112 11.18 -13.86 -143.06
N THR HA 113 11.08 -15.02 -143.71
CA THR HA 113 9.88 -15.33 -144.45
C THR HA 113 8.68 -15.40 -143.52
N LYS HA 114 8.84 -16.07 -142.38
CA LYS HA 114 7.73 -16.16 -141.45
C LYS HA 114 7.30 -14.77 -141.00
N ALA HA 115 8.28 -13.91 -140.70
CA ALA HA 115 7.96 -12.58 -140.23
C ALA HA 115 7.23 -11.79 -141.30
N VAL HA 116 7.71 -11.82 -142.54
CA VAL HA 116 7.09 -11.02 -143.57
C VAL HA 116 5.71 -11.58 -143.92
N THR HA 117 5.52 -12.89 -143.79
CA THR HA 117 4.20 -13.45 -144.00
C THR HA 117 3.24 -12.97 -142.93
N LYS HA 118 3.63 -13.08 -141.66
CA LYS HA 118 2.78 -12.60 -140.59
C LYS HA 118 2.51 -11.11 -140.70
N TYR HA 119 3.41 -10.36 -141.31
CA TYR HA 119 3.21 -8.92 -141.41
C TYR HA 119 1.98 -8.58 -142.22
N THR HA 120 1.70 -9.36 -143.27
CA THR HA 120 0.54 -9.12 -144.13
C THR HA 120 -0.68 -9.90 -143.70
N SER HA 121 -0.52 -11.16 -143.34
CA SER HA 121 -1.63 -12.00 -142.91
C SER HA 121 -2.16 -11.55 -141.55
N ASP IA 1 57.56 -50.89 -85.38
CA ASP IA 1 58.81 -50.12 -85.18
C ASP IA 1 58.53 -48.62 -85.04
N ASP IA 2 57.53 -48.13 -85.79
CA ASP IA 2 57.13 -46.73 -85.66
C ASP IA 2 56.31 -46.53 -84.40
N PHE IA 3 55.15 -47.17 -84.32
CA PHE IA 3 54.32 -47.20 -83.12
C PHE IA 3 54.05 -45.77 -82.61
N ARG IA 4 53.35 -45.02 -83.45
CA ARG IA 4 52.93 -43.67 -83.09
C ARG IA 4 51.88 -43.75 -81.98
N ASP IA 5 52.25 -43.30 -80.79
CA ASP IA 5 51.33 -43.24 -79.66
C ASP IA 5 51.44 -41.88 -78.99
N PRO IA 6 50.34 -41.38 -78.41
CA PRO IA 6 50.37 -40.03 -77.82
C PRO IA 6 51.03 -39.94 -76.46
N GLN IA 7 51.31 -41.06 -75.80
CA GLN IA 7 51.95 -41.03 -74.49
C GLN IA 7 53.46 -40.91 -74.64
N ARG IA 8 54.04 -39.93 -73.96
CA ARG IA 8 55.49 -39.76 -73.97
C ARG IA 8 56.16 -40.91 -73.23
N TRP IA 9 57.29 -41.39 -73.77
CA TRP IA 9 57.94 -42.58 -73.24
C TRP IA 9 59.41 -42.32 -72.90
N LYS IA 10 60.14 -43.39 -72.57
CA LYS IA 10 61.47 -43.29 -71.97
C LYS IA 10 62.59 -43.42 -72.98
N GLU IA 11 62.42 -42.90 -74.19
CA GLU IA 11 63.47 -42.89 -75.21
C GLU IA 11 63.98 -41.46 -75.36
N CYS IA 12 65.27 -41.25 -75.12
CA CYS IA 12 65.81 -39.91 -74.99
C CYS IA 12 65.69 -39.09 -76.26
N ALA IA 13 66.47 -39.43 -77.29
CA ALA IA 13 66.56 -38.59 -78.48
C ALA IA 13 66.53 -39.31 -79.82
N LYS IA 14 66.87 -40.59 -79.89
CA LYS IA 14 67.11 -41.21 -81.19
C LYS IA 14 65.82 -41.49 -81.96
N GLN IA 15 64.69 -41.57 -81.28
CA GLN IA 15 63.38 -41.69 -81.93
C GLN IA 15 63.32 -42.90 -82.87
N GLY IA 16 64.01 -43.98 -82.52
CA GLY IA 16 64.01 -45.17 -83.36
C GLY IA 16 62.83 -46.07 -83.06
N LYS IA 17 62.51 -46.25 -81.79
CA LYS IA 17 61.44 -47.13 -81.35
C LYS IA 17 60.31 -46.42 -80.62
N MET IA 18 60.53 -45.20 -80.12
CA MET IA 18 59.52 -44.47 -79.38
C MET IA 18 59.41 -43.07 -79.98
N PRO IA 19 58.37 -42.79 -80.77
CA PRO IA 19 58.32 -41.53 -81.53
C PRO IA 19 57.70 -40.38 -80.76
N CYS IA 20 57.52 -40.51 -79.46
CA CYS IA 20 56.74 -39.57 -78.67
C CYS IA 20 57.61 -38.78 -77.70
N TYR IA 21 58.78 -38.33 -78.17
CA TYR IA 21 59.53 -37.33 -77.41
C TYR IA 21 59.25 -35.92 -77.92
N PHE IA 22 59.27 -35.74 -79.24
CA PHE IA 22 58.80 -34.52 -79.86
C PHE IA 22 57.33 -34.70 -80.25
N ASP IA 23 56.81 -33.76 -81.02
CA ASP IA 23 55.44 -33.82 -81.52
C ASP IA 23 55.44 -33.99 -83.03
N LEU IA 24 54.47 -34.74 -83.53
CA LEU IA 24 54.28 -34.88 -84.97
C LEU IA 24 53.59 -33.62 -85.51
N ILE IA 25 53.32 -33.60 -86.80
CA ILE IA 25 52.75 -32.41 -87.44
C ILE IA 25 51.92 -32.83 -88.63
N GLU IA 26 50.81 -32.11 -88.84
CA GLU IA 26 50.00 -32.23 -90.03
C GLU IA 26 50.49 -31.23 -91.06
N GLU IA 27 49.63 -30.87 -92.02
CA GLU IA 27 49.97 -29.82 -92.98
C GLU IA 27 50.50 -28.59 -92.24
N ASN IA 28 51.55 -27.98 -92.80
CA ASN IA 28 52.33 -27.00 -92.07
C ASN IA 28 51.47 -25.83 -91.61
N VAL IA 29 52.08 -24.98 -90.78
CA VAL IA 29 51.44 -23.83 -90.19
C VAL IA 29 52.28 -22.60 -90.52
N TYR IA 30 51.65 -21.43 -90.40
CA TYR IA 30 52.29 -20.17 -90.71
C TYR IA 30 52.27 -19.25 -89.49
N LEU IA 31 53.04 -18.17 -89.59
CA LEU IA 31 53.15 -17.20 -88.52
C LEU IA 31 52.64 -15.82 -88.92
N THR IA 32 53.16 -15.27 -90.01
CA THR IA 32 52.81 -13.91 -90.42
C THR IA 32 52.13 -13.92 -91.78
N GLU IA 33 51.16 -14.81 -91.96
CA GLU IA 33 50.48 -14.91 -93.24
C GLU IA 33 49.55 -13.71 -93.42
N ARG IA 34 49.70 -13.02 -94.55
CA ARG IA 34 48.82 -11.92 -94.92
C ARG IA 34 48.16 -12.23 -96.25
N LYS IA 35 47.12 -11.47 -96.58
CA LYS IA 35 46.32 -11.71 -97.79
C LYS IA 35 46.92 -11.00 -99.00
N LYS IA 36 48.21 -11.22 -99.24
CA LYS IA 36 48.92 -10.64 -100.38
C LYS IA 36 49.51 -11.80 -101.17
N ASN IA 37 48.73 -12.34 -102.10
CA ASN IA 37 49.13 -13.54 -102.83
C ASN IA 37 48.28 -13.65 -104.09
N LYS IA 38 48.65 -14.59 -104.95
CA LYS IA 38 47.91 -14.87 -106.18
C LYS IA 38 46.85 -15.94 -105.98
N SER IA 39 46.36 -16.09 -104.75
CA SER IA 39 45.51 -17.22 -104.38
C SER IA 39 44.17 -17.23 -105.11
N HIS IA 40 43.39 -16.16 -104.95
CA HIS IA 40 42.01 -16.12 -105.43
C HIS IA 40 41.75 -14.84 -106.22
N ARG IA 41 42.69 -14.48 -107.08
CA ARG IA 41 42.48 -13.39 -108.02
C ARG IA 41 42.76 -13.81 -109.45
N ASP IA 42 43.77 -14.64 -109.66
CA ASP IA 42 44.06 -15.21 -110.97
C ASP IA 42 44.22 -16.73 -110.95
N ILE IA 43 44.43 -17.34 -109.79
CA ILE IA 43 44.51 -18.79 -109.67
C ILE IA 43 43.25 -19.24 -108.94
N LYS IA 44 42.15 -18.50 -109.15
CA LYS IA 44 40.87 -18.89 -108.55
C LYS IA 44 40.55 -20.34 -108.87
N ARG IA 45 40.67 -20.72 -110.14
CA ARG IA 45 40.50 -22.10 -110.54
C ARG IA 45 41.31 -22.34 -111.80
N MET IA 46 42.03 -23.47 -111.82
CA MET IA 46 42.77 -23.93 -113.01
C MET IA 46 42.24 -25.32 -113.32
N GLN IA 47 41.13 -25.37 -114.03
CA GLN IA 47 40.42 -26.62 -114.27
C GLN IA 47 41.01 -27.35 -115.46
N CYS IA 48 41.22 -28.66 -115.30
CA CYS IA 48 41.70 -29.46 -116.41
C CYS IA 48 40.62 -29.60 -117.47
N GLU IA 49 41.05 -29.83 -118.69
CA GLU IA 49 40.15 -30.01 -119.83
C GLU IA 49 39.98 -31.52 -120.03
N CYS IA 50 38.91 -32.07 -119.46
CA CYS IA 50 38.64 -33.50 -119.53
C CYS IA 50 37.16 -33.70 -119.84
N THR IA 51 36.87 -34.72 -120.66
CA THR IA 51 35.50 -35.11 -121.01
C THR IA 51 35.36 -36.59 -120.64
N PRO IA 52 35.17 -36.90 -119.35
CA PRO IA 52 35.18 -38.30 -118.94
C PRO IA 52 33.84 -38.99 -119.11
N LEU IA 53 33.80 -40.29 -118.82
CA LEU IA 53 32.57 -41.07 -118.77
C LEU IA 53 32.19 -41.44 -117.34
N SER IA 54 33.14 -41.96 -116.57
CA SER IA 54 33.02 -42.22 -115.14
C SER IA 54 31.94 -43.23 -114.79
N LYS IA 55 31.27 -43.81 -115.78
CA LYS IA 55 30.24 -44.82 -115.54
C LYS IA 55 30.75 -46.23 -115.79
N ASP IA 56 32.00 -46.38 -116.21
CA ASP IA 56 32.57 -47.69 -116.55
C ASP IA 56 33.92 -47.81 -115.84
N GLU IA 57 33.90 -48.41 -114.66
CA GLU IA 57 35.10 -48.73 -113.91
C GLU IA 57 35.16 -50.23 -113.67
N ARG IA 58 36.39 -50.72 -113.49
CA ARG IA 58 36.71 -52.13 -113.27
C ARG IA 58 36.48 -52.99 -114.51
N ALA IA 59 36.00 -52.42 -115.62
CA ALA IA 59 35.83 -53.18 -116.86
C ALA IA 59 35.85 -52.17 -118.00
N GLN IA 60 36.89 -52.22 -118.82
CA GLN IA 60 37.14 -51.18 -119.81
C GLN IA 60 37.15 -49.80 -119.15
N GLY IA 61 37.75 -49.74 -117.97
CA GLY IA 61 37.74 -48.53 -117.17
C GLY IA 61 39.12 -47.89 -117.04
N GLU IA 62 39.29 -46.73 -117.66
CA GLU IA 62 40.53 -45.97 -117.54
C GLU IA 62 40.45 -45.08 -116.30
N ILE IA 63 41.55 -45.04 -115.54
CA ILE IA 63 41.60 -44.21 -114.36
C ILE IA 63 41.54 -42.74 -114.75
N ALA IA 64 40.83 -41.95 -113.96
CA ALA IA 64 40.55 -40.56 -114.29
C ALA IA 64 41.75 -39.66 -113.99
N CYS IA 65 41.99 -38.71 -114.88
CA CYS IA 65 43.07 -37.72 -114.74
C CYS IA 65 44.41 -38.43 -114.51
N GLY IA 66 44.81 -39.20 -115.51
CA GLY IA 66 46.08 -39.89 -115.46
C GLY IA 66 47.24 -38.99 -115.81
N GLU IA 67 48.20 -39.51 -116.59
CA GLU IA 67 49.34 -38.74 -117.04
C GLU IA 67 49.03 -37.95 -118.31
N ASP IA 68 47.76 -37.85 -118.69
CA ASP IA 68 47.34 -37.00 -119.79
C ASP IA 68 46.54 -35.80 -119.34
N CYS IA 69 46.46 -35.54 -118.03
CA CYS IA 69 45.78 -34.35 -117.54
C CYS IA 69 46.66 -33.13 -117.69
N LEU IA 70 46.03 -31.99 -117.97
CA LEU IA 70 46.77 -30.74 -118.13
C LEU IA 70 47.41 -30.28 -116.84
N ASN IA 71 46.87 -30.69 -115.70
CA ASN IA 71 47.39 -30.24 -114.41
C ASN IA 71 48.49 -31.15 -113.88
N ARG IA 72 48.39 -32.46 -114.10
CA ARG IA 72 49.44 -33.36 -113.62
C ARG IA 72 50.76 -33.08 -114.33
N LEU IA 73 50.72 -32.83 -115.65
CA LEU IA 73 51.95 -32.55 -116.37
C LEU IA 73 52.61 -31.28 -115.87
N LEU IA 74 51.83 -30.32 -115.37
CA LEU IA 74 52.34 -29.05 -114.89
C LEU IA 74 52.42 -28.99 -113.37
N MET IA 75 52.35 -30.14 -112.70
CA MET IA 75 52.61 -30.23 -111.26
C MET IA 75 51.59 -29.41 -110.46
N ILE IA 76 50.32 -29.54 -110.84
CA ILE IA 76 49.22 -28.90 -110.13
C ILE IA 76 48.16 -29.95 -109.85
N GLU IA 77 47.68 -30.00 -108.61
CA GLU IA 77 46.59 -30.89 -108.24
C GLU IA 77 45.25 -30.20 -108.48
N CYS IA 78 44.24 -31.01 -108.83
CA CYS IA 78 42.94 -30.44 -109.14
C CYS IA 78 42.23 -29.96 -107.87
N SER IA 79 41.26 -29.08 -108.06
CA SER IA 79 40.45 -28.56 -106.97
C SER IA 79 39.22 -29.45 -106.81
N SER IA 80 38.29 -29.04 -105.96
CA SER IA 80 37.03 -29.76 -105.82
C SER IA 80 36.11 -29.55 -107.00
N ARG IA 81 36.37 -28.54 -107.84
CA ARG IA 81 35.58 -28.26 -109.03
C ARG IA 81 36.07 -29.04 -110.24
N CYS IA 82 36.78 -30.13 -110.05
CA CYS IA 82 37.16 -30.97 -111.18
C CYS IA 82 35.91 -31.62 -111.77
N PRO IA 83 35.82 -31.75 -113.09
CA PRO IA 83 34.68 -32.49 -113.66
C PRO IA 83 34.57 -33.90 -113.16
N ASN IA 84 35.69 -34.55 -112.82
CA ASN IA 84 35.64 -35.89 -112.24
C ASN IA 84 35.16 -35.88 -110.81
N GLY IA 85 35.14 -34.72 -110.16
CA GLY IA 85 34.65 -34.63 -108.80
C GLY IA 85 35.48 -35.43 -107.83
N ASP IA 86 34.89 -36.48 -107.26
CA ASP IA 86 35.54 -37.29 -106.24
C ASP IA 86 36.23 -38.52 -106.84
N TYR IA 87 36.38 -38.56 -108.16
CA TYR IA 87 37.08 -39.65 -108.82
C TYR IA 87 38.39 -39.20 -109.46
N CYS IA 88 38.73 -37.92 -109.36
CA CYS IA 88 40.01 -37.45 -109.87
C CYS IA 88 41.15 -37.91 -108.97
N SER IA 89 42.26 -38.32 -109.60
CA SER IA 89 43.39 -38.89 -108.86
C SER IA 89 44.50 -37.88 -108.60
N ASN IA 90 44.30 -36.62 -108.98
CA ASN IA 90 45.34 -35.62 -108.78
C ASN IA 90 45.45 -35.19 -107.32
N ARG IA 91 44.33 -35.11 -106.61
CA ARG IA 91 44.32 -34.61 -105.23
C ARG IA 91 44.90 -35.66 -104.31
N ARG IA 92 46.23 -35.80 -104.35
CA ARG IA 92 46.93 -36.73 -103.49
C ARG IA 92 47.41 -36.11 -102.19
N PHE IA 93 47.61 -34.79 -102.16
CA PHE IA 93 47.94 -34.12 -100.92
C PHE IA 93 46.72 -33.88 -100.05
N GLN IA 94 45.52 -33.96 -100.62
CA GLN IA 94 44.29 -33.72 -99.88
C GLN IA 94 43.66 -35.00 -99.37
N ARG IA 95 43.77 -36.09 -100.13
CA ARG IA 95 43.30 -37.39 -99.67
C ARG IA 95 44.38 -38.16 -98.93
N LYS IA 96 45.55 -37.56 -98.72
CA LYS IA 96 46.59 -38.12 -97.86
C LYS IA 96 46.98 -39.53 -98.31
N GLN IA 97 46.95 -39.76 -99.62
CA GLN IA 97 47.39 -41.04 -100.16
C GLN IA 97 48.91 -41.12 -100.08
N HIS IA 98 49.42 -41.98 -99.22
CA HIS IA 98 50.84 -42.06 -98.91
C HIS IA 98 51.37 -43.44 -99.30
N ALA IA 99 52.64 -43.66 -98.98
CA ALA IA 99 53.31 -44.94 -99.21
C ALA IA 99 53.64 -45.60 -97.88
N ASP IA 100 53.91 -46.91 -97.95
CA ASP IA 100 54.25 -47.68 -96.76
C ASP IA 100 55.71 -47.43 -96.40
N VAL IA 101 55.93 -46.82 -95.24
CA VAL IA 101 57.27 -46.46 -94.79
C VAL IA 101 57.51 -47.08 -93.42
N GLU IA 102 58.79 -47.17 -93.06
CA GLU IA 102 59.17 -47.70 -91.76
C GLU IA 102 60.55 -47.17 -91.43
N VAL IA 103 60.77 -46.89 -90.14
CA VAL IA 103 62.00 -46.26 -89.68
C VAL IA 103 62.69 -47.23 -88.73
N ILE IA 104 63.84 -47.76 -89.17
CA ILE IA 104 64.73 -48.55 -88.34
C ILE IA 104 66.16 -48.11 -88.64
N LEU IA 105 67.12 -48.77 -88.00
CA LEU IA 105 68.52 -48.42 -88.14
C LEU IA 105 69.14 -49.20 -89.29
N THR IA 106 69.86 -48.50 -90.16
CA THR IA 106 70.55 -49.10 -91.29
C THR IA 106 72.06 -48.92 -91.19
N GLU IA 107 72.52 -47.70 -90.96
CA GLU IA 107 73.96 -47.42 -90.87
C GLU IA 107 74.19 -46.50 -89.69
N LYS IA 108 75.42 -46.53 -89.17
CA LYS IA 108 75.78 -45.68 -88.05
C LYS IA 108 75.82 -44.20 -88.41
N LYS IA 109 75.66 -43.86 -89.70
CA LYS IA 109 75.55 -42.46 -90.08
C LYS IA 109 74.32 -41.81 -89.48
N GLY IA 110 73.28 -42.59 -89.23
CA GLY IA 110 72.07 -42.06 -88.63
C GLY IA 110 70.89 -42.95 -88.98
N TRP IA 111 69.71 -42.48 -88.60
CA TRP IA 111 68.47 -43.18 -88.87
C TRP IA 111 67.98 -42.84 -90.28
N GLY IA 112 67.13 -43.71 -90.81
CA GLY IA 112 66.59 -43.52 -92.13
C GLY IA 112 65.38 -44.37 -92.37
N LEU IA 113 65.07 -44.58 -93.65
CA LEU IA 113 63.92 -45.35 -94.07
C LEU IA 113 64.37 -46.41 -95.07
N ARG IA 114 63.65 -47.54 -95.06
CA ARG IA 114 63.82 -48.57 -96.08
C ARG IA 114 62.45 -48.96 -96.60
N ALA IA 115 62.38 -49.26 -97.89
CA ALA IA 115 61.11 -49.57 -98.51
C ALA IA 115 60.52 -50.84 -97.91
N ALA IA 116 59.23 -50.81 -97.62
CA ALA IA 116 58.55 -52.00 -97.13
C ALA IA 116 58.27 -52.98 -98.26
N LYS IA 117 57.56 -52.52 -99.30
CA LYS IA 117 57.25 -53.36 -100.45
C LYS IA 117 57.73 -52.72 -101.75
N ASP IA 118 57.40 -53.33 -102.88
CA ASP IA 118 57.79 -52.78 -104.16
C ASP IA 118 57.11 -51.44 -104.40
N LEU IA 119 57.82 -50.53 -105.05
CA LEU IA 119 57.29 -49.19 -105.28
C LEU IA 119 57.73 -48.68 -106.65
N PRO IA 120 56.82 -48.47 -107.59
CA PRO IA 120 57.22 -48.03 -108.93
C PRO IA 120 57.69 -46.58 -108.92
N SER IA 121 58.17 -46.15 -110.08
CA SER IA 121 58.65 -44.79 -110.24
C SER IA 121 57.50 -43.79 -110.25
N ASN IA 122 57.83 -42.52 -110.05
CA ASN IA 122 56.85 -41.43 -110.10
C ASN IA 122 55.72 -41.68 -109.10
N THR IA 123 56.06 -42.22 -107.94
CA THR IA 123 55.07 -42.54 -106.91
C THR IA 123 55.30 -41.65 -105.70
N PHE IA 124 54.24 -41.01 -105.22
CA PHE IA 124 54.38 -40.14 -104.06
C PHE IA 124 54.61 -40.98 -102.80
N VAL IA 125 55.48 -40.46 -101.93
CA VAL IA 125 55.88 -41.18 -100.73
C VAL IA 125 55.42 -40.43 -99.49
N LEU IA 126 55.97 -39.22 -99.30
CA LEU IA 126 55.66 -38.43 -98.12
C LEU IA 126 55.72 -36.95 -98.49
N GLU IA 127 55.07 -36.14 -97.67
CA GLU IA 127 55.08 -34.70 -97.80
C GLU IA 127 55.94 -34.10 -96.69
N TYR IA 128 56.78 -33.14 -97.04
CA TYR IA 128 57.61 -32.45 -96.07
C TYR IA 128 56.77 -31.41 -95.36
N CYS IA 129 56.57 -31.59 -94.05
CA CYS IA 129 55.78 -30.69 -93.24
C CYS IA 129 56.60 -30.20 -92.05
N GLY IA 130 56.42 -28.93 -91.71
CA GLY IA 130 57.15 -28.34 -90.61
C GLY IA 130 56.59 -27.01 -90.21
N GLU IA 131 57.45 -26.13 -89.70
CA GLU IA 131 57.06 -24.80 -89.27
C GLU IA 131 57.68 -23.77 -90.21
N VAL IA 132 56.85 -22.85 -90.69
CA VAL IA 132 57.27 -21.85 -91.66
C VAL IA 132 57.83 -20.65 -90.91
N LEU IA 133 59.09 -20.31 -91.17
CA LEU IA 133 59.73 -19.15 -90.57
C LEU IA 133 59.47 -17.91 -91.44
N ASP IA 134 60.13 -16.80 -91.12
CA ASP IA 134 59.96 -15.57 -91.88
C ASP IA 134 61.32 -14.90 -92.04
N HIS IA 135 61.30 -13.64 -92.43
CA HIS IA 135 62.53 -12.94 -92.77
C HIS IA 135 63.45 -12.76 -91.57
N LYS IA 136 62.93 -12.13 -90.51
CA LYS IA 136 63.79 -11.73 -89.41
C LYS IA 136 64.19 -12.90 -88.52
N GLU IA 137 63.27 -13.83 -88.29
CA GLU IA 137 63.49 -14.84 -87.25
C GLU IA 137 64.56 -15.85 -87.65
N PHE IA 138 64.77 -16.06 -88.94
CA PHE IA 138 65.69 -17.13 -89.36
C PHE IA 138 67.11 -16.85 -88.90
N LYS IA 139 67.64 -15.67 -89.20
CA LYS IA 139 69.03 -15.36 -88.91
C LYS IA 139 69.29 -15.14 -87.43
N ALA IA 140 68.25 -14.98 -86.62
CA ALA IA 140 68.42 -14.89 -85.17
C ALA IA 140 68.31 -16.26 -84.53
N ARG IA 141 67.30 -17.04 -84.93
CA ARG IA 141 67.12 -18.37 -84.36
C ARG IA 141 68.24 -19.32 -84.77
N VAL IA 142 68.80 -19.17 -85.97
CA VAL IA 142 69.87 -20.06 -86.38
C VAL IA 142 71.11 -19.86 -85.51
N LYS IA 143 71.48 -18.60 -85.25
CA LYS IA 143 72.63 -18.34 -84.40
C LYS IA 143 72.32 -18.57 -82.94
N GLU IA 144 71.04 -18.52 -82.55
CA GLU IA 144 70.66 -18.89 -81.19
C GLU IA 144 70.70 -20.40 -81.00
N TYR IA 145 70.56 -21.16 -82.10
CA TYR IA 145 70.51 -22.61 -82.05
C TYR IA 145 71.84 -23.28 -82.36
N ALA IA 146 72.76 -22.57 -83.04
CA ALA IA 146 74.06 -23.15 -83.33
C ALA IA 146 74.89 -23.35 -82.08
N ARG IA 147 74.64 -22.56 -81.03
CA ARG IA 147 75.36 -22.69 -79.77
C ARG IA 147 74.76 -23.76 -78.87
N ASN IA 148 73.76 -24.50 -79.34
CA ASN IA 148 73.16 -25.59 -78.58
C ASN IA 148 73.77 -26.95 -78.91
N LYS IA 149 74.77 -26.99 -79.79
CA LYS IA 149 75.49 -28.21 -80.11
C LYS IA 149 74.53 -29.33 -80.56
N ASN IA 150 73.88 -29.10 -81.70
CA ASN IA 150 73.01 -30.09 -82.31
C ASN IA 150 73.61 -30.56 -83.63
N ILE IA 151 73.39 -31.83 -83.94
CA ILE IA 151 73.94 -32.43 -85.15
C ILE IA 151 73.02 -32.21 -86.35
N HIS IA 152 71.73 -32.48 -86.20
CA HIS IA 152 70.78 -32.39 -87.30
C HIS IA 152 70.11 -31.01 -87.30
N TYR IA 153 70.12 -30.35 -88.45
CA TYR IA 153 69.40 -29.10 -88.65
C TYR IA 153 68.31 -29.35 -89.68
N TYR IA 154 67.06 -29.25 -89.26
CA TYR IA 154 65.92 -29.50 -90.14
C TYR IA 154 65.41 -28.17 -90.71
N PHE IA 155 66.22 -27.61 -91.62
CA PHE IA 155 65.88 -26.39 -92.32
C PHE IA 155 65.81 -26.68 -93.81
N MET IA 156 64.71 -26.25 -94.44
CA MET IA 156 64.53 -26.37 -95.87
C MET IA 156 63.99 -25.06 -96.39
N ALA IA 157 64.64 -24.53 -97.43
CA ALA IA 157 64.25 -23.24 -98.00
C ALA IA 157 63.14 -23.46 -99.02
N LEU IA 158 61.92 -23.03 -98.67
CA LEU IA 158 60.82 -23.14 -99.62
C LEU IA 158 60.99 -22.14 -100.75
N LYS IA 159 61.18 -20.87 -100.43
CA LYS IA 159 61.41 -19.81 -101.40
C LYS IA 159 62.64 -19.01 -100.96
N ASN IA 160 62.88 -17.91 -101.66
CA ASN IA 160 64.00 -17.03 -101.35
C ASN IA 160 63.90 -16.38 -99.98
N ASP IA 161 62.71 -16.37 -99.38
CA ASP IA 161 62.49 -15.74 -98.10
C ASP IA 161 61.78 -16.67 -97.12
N GLU IA 162 61.47 -17.89 -97.52
CA GLU IA 162 60.74 -18.83 -96.69
C GLU IA 162 61.62 -20.05 -96.42
N ILE IA 163 61.86 -20.32 -95.14
CA ILE IA 163 62.58 -21.51 -94.70
C ILE IA 163 61.68 -22.24 -93.73
N ILE IA 164 61.51 -23.54 -93.94
CA ILE IA 164 60.63 -24.36 -93.11
C ILE IA 164 61.48 -25.14 -92.12
N ASP IA 165 61.15 -25.04 -90.84
CA ASP IA 165 61.81 -25.79 -89.78
C ASP IA 165 61.00 -27.02 -89.45
N ALA IA 166 61.66 -28.18 -89.47
CA ALA IA 166 61.03 -29.46 -89.14
C ALA IA 166 61.70 -30.08 -87.93
N THR IA 167 62.05 -29.25 -86.95
CA THR IA 167 62.73 -29.68 -85.73
C THR IA 167 61.76 -29.87 -84.58
N GLN IA 168 61.06 -28.79 -84.20
CA GLN IA 168 60.13 -28.88 -83.07
C GLN IA 168 59.00 -29.84 -83.38
N LYS IA 169 58.45 -29.79 -84.60
CA LYS IA 169 57.41 -30.70 -85.04
C LYS IA 169 57.79 -31.24 -86.40
N GLY IA 170 57.67 -32.55 -86.57
CA GLY IA 170 58.06 -33.17 -87.82
C GLY IA 170 57.30 -34.45 -88.05
N ASN IA 171 57.07 -34.76 -89.32
CA ASN IA 171 56.41 -35.99 -89.72
C ASN IA 171 57.46 -37.06 -90.00
N CYS IA 172 57.05 -38.16 -90.63
CA CYS IA 172 57.96 -39.27 -90.86
C CYS IA 172 59.01 -38.99 -91.92
N SER IA 173 58.95 -37.84 -92.60
CA SER IA 173 59.90 -37.53 -93.66
C SER IA 173 61.18 -36.88 -93.14
N ARG IA 174 61.30 -36.68 -91.83
CA ARG IA 174 62.47 -36.03 -91.27
C ARG IA 174 63.66 -36.96 -91.14
N PHE IA 175 63.46 -38.27 -91.27
CA PHE IA 175 64.55 -39.23 -91.07
C PHE IA 175 65.28 -39.60 -92.35
N MET IA 176 64.77 -39.22 -93.52
CA MET IA 176 65.40 -39.64 -94.76
C MET IA 176 66.81 -39.06 -94.87
N ASN IA 177 67.73 -39.88 -95.37
CA ASN IA 177 69.14 -39.54 -95.39
C ASN IA 177 69.54 -38.99 -96.76
N HIS IA 178 70.85 -38.76 -96.94
CA HIS IA 178 71.41 -38.25 -98.18
C HIS IA 178 72.31 -39.30 -98.81
N SER IA 179 72.29 -39.36 -100.13
CA SER IA 179 73.21 -40.22 -100.86
C SER IA 179 73.49 -39.62 -102.22
N CYS IA 180 74.66 -39.96 -102.76
CA CYS IA 180 75.06 -39.54 -104.10
C CYS IA 180 74.42 -40.37 -105.19
N GLU IA 181 73.65 -41.41 -104.82
CA GLU IA 181 72.89 -42.22 -105.75
C GLU IA 181 71.43 -42.10 -105.32
N PRO IA 182 70.77 -41.00 -105.66
CA PRO IA 182 69.38 -40.81 -105.23
C PRO IA 182 68.42 -41.64 -106.06
N ASN IA 183 67.49 -42.30 -105.38
CA ASN IA 183 66.38 -42.98 -106.03
C ASN IA 183 65.07 -42.26 -105.85
N CYS IA 184 64.97 -41.39 -104.86
CA CYS IA 184 63.83 -40.49 -104.69
C CYS IA 184 64.31 -39.06 -104.84
N GLU IA 185 63.34 -38.16 -105.04
CA GLU IA 185 63.65 -36.75 -105.26
C GLU IA 185 62.49 -35.92 -104.75
N THR IA 186 62.68 -34.61 -104.79
CA THR IA 186 61.71 -33.66 -104.26
C THR IA 186 61.10 -32.87 -105.41
N GLN IA 187 59.80 -32.60 -105.31
CA GLN IA 187 59.09 -31.85 -106.33
C GLN IA 187 58.24 -30.77 -105.69
N LYS IA 188 58.07 -29.68 -106.41
CA LYS IA 188 57.39 -28.49 -105.91
C LYS IA 188 56.00 -28.43 -106.54
N TRP IA 189 55.02 -28.97 -105.83
CA TRP IA 189 53.66 -28.99 -106.31
C TRP IA 189 52.87 -27.81 -105.75
N THR IA 190 51.90 -27.35 -106.53
CA THR IA 190 51.05 -26.23 -106.16
C THR IA 190 49.66 -26.78 -105.85
N VAL IA 191 49.25 -26.65 -104.60
CA VAL IA 191 47.94 -27.13 -104.16
C VAL IA 191 47.20 -25.96 -103.51
N ASN IA 192 45.98 -25.74 -103.95
CA ASN IA 192 45.11 -24.69 -103.39
C ASN IA 192 45.81 -23.33 -103.43
N GLY IA 193 46.61 -23.12 -104.48
CA GLY IA 193 47.39 -21.91 -104.61
C GLY IA 193 48.66 -21.87 -103.79
N GLN IA 194 48.74 -22.67 -102.73
CA GLN IA 194 49.92 -22.70 -101.89
C GLN IA 194 50.91 -23.73 -102.40
N LEU IA 195 52.19 -23.40 -102.28
CA LEU IA 195 53.26 -24.26 -102.77
C LEU IA 195 53.59 -25.30 -101.71
N ARG IA 196 53.71 -26.55 -102.14
CA ARG IA 196 54.05 -27.65 -101.24
C ARG IA 196 55.15 -28.50 -101.86
N VAL IA 197 55.90 -29.15 -100.98
CA VAL IA 197 57.04 -29.98 -101.35
C VAL IA 197 56.67 -31.43 -101.12
N GLY IA 198 56.87 -32.28 -102.13
CA GLY IA 198 56.57 -33.68 -102.03
C GLY IA 198 57.79 -34.51 -102.41
N PHE IA 199 57.68 -35.81 -102.15
CA PHE IA 199 58.73 -36.78 -102.43
C PHE IA 199 58.20 -37.79 -103.43
N PHE IA 200 58.91 -37.93 -104.56
CA PHE IA 200 58.55 -38.89 -105.59
C PHE IA 200 59.69 -39.87 -105.80
N THR IA 201 59.32 -41.09 -106.18
CA THR IA 201 60.28 -42.09 -106.59
C THR IA 201 60.63 -41.90 -108.06
N THR IA 202 61.74 -42.52 -108.46
CA THR IA 202 62.24 -42.42 -109.81
C THR IA 202 62.39 -43.76 -110.49
N LYS IA 203 62.46 -44.86 -109.75
CA LYS IA 203 62.67 -46.17 -110.35
C LYS IA 203 61.78 -47.22 -109.71
N LEU IA 204 61.99 -48.48 -110.10
CA LEU IA 204 61.35 -49.63 -109.49
C LEU IA 204 62.21 -50.03 -108.29
N VAL IA 205 61.87 -49.50 -107.13
CA VAL IA 205 62.60 -49.79 -105.89
C VAL IA 205 62.16 -51.16 -105.40
N PRO IA 206 63.07 -52.11 -105.22
CA PRO IA 206 62.67 -53.42 -104.68
C PRO IA 206 62.20 -53.32 -103.25
N SER IA 207 61.50 -54.37 -102.82
CA SER IA 207 61.06 -54.48 -101.43
C SER IA 207 62.28 -54.64 -100.53
N GLY IA 208 62.43 -53.73 -99.57
CA GLY IA 208 63.57 -53.79 -98.67
C GLY IA 208 64.79 -53.05 -99.16
N SER IA 209 64.61 -51.99 -99.93
CA SER IA 209 65.71 -51.20 -100.45
C SER IA 209 65.64 -49.78 -99.90
N GLU IA 210 66.77 -49.09 -99.93
CA GLU IA 210 66.86 -47.76 -99.34
C GLU IA 210 66.03 -46.77 -100.15
N LEU IA 211 65.56 -45.74 -99.46
CA LEU IA 211 64.81 -44.63 -100.07
C LEU IA 211 65.38 -43.33 -99.51
N THR IA 212 66.35 -42.77 -100.22
CA THR IA 212 66.92 -41.47 -99.88
C THR IA 212 66.76 -40.53 -101.07
N PHE IA 213 67.03 -39.26 -100.82
CA PHE IA 213 66.93 -38.22 -101.83
C PHE IA 213 68.19 -37.37 -101.80
N ASP IA 214 68.51 -36.77 -102.94
CA ASP IA 214 69.74 -36.01 -103.05
C ASP IA 214 69.58 -34.63 -102.44
N TYR IA 215 70.53 -34.24 -101.60
CA TYR IA 215 70.60 -32.89 -101.09
C TYR IA 215 71.16 -31.96 -102.16
N GLN IA 216 70.60 -30.77 -102.24
CA GLN IA 216 71.27 -29.67 -102.93
C GLN IA 216 72.30 -29.11 -101.96
N PHE IA 217 73.57 -29.42 -102.19
CA PHE IA 217 74.56 -29.29 -101.15
C PHE IA 217 74.63 -27.87 -100.63
N GLN IA 218 74.83 -27.75 -99.32
CA GLN IA 218 74.88 -26.45 -98.66
C GLN IA 218 75.61 -26.62 -97.34
N ARG IA 219 76.39 -25.62 -96.98
CA ARG IA 219 76.98 -25.51 -95.65
C ARG IA 219 76.69 -24.12 -95.12
N TYR IA 220 76.74 -23.99 -93.79
CA TYR IA 220 76.28 -22.77 -93.14
C TYR IA 220 77.37 -22.18 -92.25
N GLY IA 221 78.23 -23.05 -91.71
CA GLY IA 221 79.25 -22.64 -90.78
C GLY IA 221 80.65 -22.82 -91.32
N LYS IA 222 81.62 -22.67 -90.42
CA LYS IA 222 83.03 -22.90 -90.77
C LYS IA 222 83.33 -24.38 -90.92
N GLU IA 223 82.59 -25.23 -90.22
CA GLU IA 223 82.88 -26.66 -90.22
C GLU IA 223 82.32 -27.33 -91.47
N ALA IA 224 82.69 -28.60 -91.63
CA ALA IA 224 82.28 -29.42 -92.77
C ALA IA 224 81.73 -30.73 -92.26
N GLN IA 225 80.91 -31.37 -93.07
CA GLN IA 225 80.38 -32.69 -92.76
C GLN IA 225 80.55 -33.58 -93.98
N LYS IA 226 80.59 -34.89 -93.73
CA LYS IA 226 80.85 -35.85 -94.78
C LYS IA 226 79.81 -36.96 -94.74
N CYS IA 227 79.49 -37.48 -95.92
CA CYS IA 227 78.54 -38.56 -96.06
C CYS IA 227 79.23 -39.91 -95.92
N PHE IA 228 78.46 -40.92 -95.54
CA PHE IA 228 78.99 -42.27 -95.31
C PHE IA 228 78.38 -43.30 -96.25
N CYS IA 229 77.78 -42.85 -97.37
CA CYS IA 229 77.18 -43.80 -98.30
C CYS IA 229 78.23 -44.40 -99.23
N GLY IA 230 78.88 -43.56 -100.04
CA GLY IA 230 79.93 -44.04 -100.92
C GLY IA 230 79.48 -45.05 -101.95
N SER IA 231 78.39 -44.74 -102.67
CA SER IA 231 77.83 -45.70 -103.62
C SER IA 231 78.84 -46.03 -104.70
N ALA IA 232 79.17 -45.06 -105.55
CA ALA IA 232 80.25 -45.20 -106.52
C ALA IA 232 81.13 -43.96 -106.64
N ASN IA 233 80.61 -42.78 -106.33
CA ASN IA 233 81.35 -41.53 -106.51
C ASN IA 233 80.97 -40.53 -105.44
N CYS IA 234 80.50 -40.99 -104.28
CA CYS IA 234 80.00 -40.10 -103.24
C CYS IA 234 80.86 -38.86 -103.14
N ARG IA 235 80.21 -37.71 -103.12
CA ARG IA 235 80.91 -36.44 -103.00
C ARG IA 235 81.56 -36.35 -101.63
N GLY IA 236 81.32 -37.36 -100.81
CA GLY IA 236 81.99 -37.45 -99.52
C GLY IA 236 81.43 -36.55 -98.46
N TYR IA 237 81.17 -35.29 -98.79
CA TYR IA 237 80.81 -34.28 -97.81
C TYR IA 237 79.42 -33.72 -98.09
N LEU IA 238 78.62 -33.63 -97.04
CA LEU IA 238 77.35 -32.91 -97.12
C LEU IA 238 77.62 -31.42 -97.23
N GLY IA 239 76.99 -30.79 -98.22
CA GLY IA 239 77.26 -29.39 -98.48
C GLY IA 239 78.53 -29.13 -99.27
N GLY IA 240 79.25 -30.18 -99.65
CA GLY IA 240 80.46 -30.01 -100.43
C GLY IA 240 81.55 -29.29 -99.66
N GLU IA 241 82.42 -28.63 -100.43
CA GLU IA 241 83.54 -27.87 -99.89
C GLU IA 241 83.26 -26.38 -99.80
N ASN IA 242 82.62 -25.81 -100.81
CA ASN IA 242 82.42 -24.36 -100.84
C ASN IA 242 81.52 -23.92 -99.70
N ARG IA 243 81.90 -22.81 -99.07
CA ARG IA 243 81.10 -22.20 -98.01
C ARG IA 243 80.21 -21.08 -98.56
N VAL IA 244 79.01 -20.98 -98.03
CA VAL IA 244 78.08 -19.91 -98.41
C VAL IA 244 77.42 -19.30 -97.17
N VAL IA 571 95.28 -19.94 -70.29
CA VAL IA 571 93.87 -20.30 -70.30
C VAL IA 571 93.72 -21.64 -69.60
N TYR IA 572 93.73 -21.60 -68.27
CA TYR IA 572 93.60 -22.80 -67.45
C TYR IA 572 92.47 -23.69 -67.94
N ARG IA 573 92.72 -24.99 -67.94
CA ARG IA 573 91.77 -25.99 -68.39
C ARG IA 573 91.27 -26.81 -67.21
N ILE IA 574 89.95 -27.00 -67.14
CA ILE IA 574 89.37 -27.84 -66.11
C ILE IA 574 89.57 -29.29 -66.54
N PRO IA 575 90.52 -30.01 -65.94
CA PRO IA 575 90.76 -31.39 -66.38
C PRO IA 575 89.50 -32.24 -66.17
N LYS IA 576 89.23 -33.10 -67.15
CA LYS IA 576 88.04 -33.94 -67.12
C LYS IA 576 88.37 -35.26 -66.46
N LYS IA 577 87.56 -35.65 -65.47
CA LYS IA 577 87.85 -36.82 -64.67
C LYS IA 577 88.04 -38.04 -65.57
N SER IA 578 88.92 -38.94 -65.14
CA SER IA 578 89.25 -40.12 -65.93
C SER IA 578 88.03 -41.04 -66.03
N GLN IA 579 88.01 -41.83 -67.10
CA GLN IA 579 86.92 -42.77 -67.30
C GLN IA 579 86.74 -43.68 -66.08
N THR IA 580 87.86 -44.12 -65.49
CA THR IA 580 87.78 -44.98 -64.31
C THR IA 580 87.03 -44.30 -63.18
N GLU IA 581 87.35 -43.02 -62.94
CA GLU IA 581 86.69 -42.29 -61.87
C GLU IA 581 85.22 -42.02 -62.20
N LYS IA 582 84.90 -41.81 -63.47
CA LYS IA 582 83.49 -41.68 -63.85
C LYS IA 582 82.72 -42.94 -63.51
N GLU IA 583 83.28 -44.10 -63.86
CA GLU IA 583 82.60 -45.36 -63.53
C GLU IA 583 82.47 -45.52 -62.02
N ASN IA 584 83.54 -45.24 -61.28
CA ASN IA 584 83.50 -45.42 -59.82
C ASN IA 584 82.46 -44.51 -59.18
N THR IA 585 82.39 -43.25 -59.62
CA THR IA 585 81.40 -42.32 -59.08
C THR IA 585 79.98 -42.69 -59.52
N THR IA 586 79.83 -43.38 -60.64
CA THR IA 586 78.52 -43.89 -61.04
C THR IA 586 78.09 -45.06 -60.15
N THR IA 587 79.03 -45.93 -59.78
CA THR IA 587 78.70 -47.15 -59.03
C THR IA 587 78.45 -46.88 -57.54
N GLU IA 588 78.92 -45.76 -57.01
CA GLU IA 588 78.77 -45.45 -55.60
C GLU IA 588 77.43 -44.80 -55.26
N ARG IA 589 76.48 -44.81 -56.20
CA ARG IA 589 75.16 -44.25 -55.96
C ARG IA 589 74.10 -45.34 -56.04
ZN ZN JA . 29.22 7.30 -3.83
ZN ZN KA . 35.62 53.56 20.93
MG MG LA . -16.45 3.64 18.10
ZN ZN MA . 37.97 14.20 8.60
ZN ZN NA . -20.32 -39.67 -10.58
ZN ZN OA . -20.86 82.44 14.31
ZN ZN PA . -56.38 54.68 25.45
ZN ZN QA . -40.94 -14.58 6.23
ZN ZN RA . -20.05 4.08 -36.81
ZN ZN SA . 34.99 60.80 -39.85
#